data_8SHT
#
_entry.id   8SHT
#
_cell.length_a   1.00
_cell.length_b   1.00
_cell.length_c   1.00
_cell.angle_alpha   90.00
_cell.angle_beta   90.00
_cell.angle_gamma   90.00
#
_symmetry.space_group_name_H-M   'P 1'
#
loop_
_entity.id
_entity.type
_entity.pdbx_description
1 polymer 'T-complex protein 1 subunit alpha'
2 polymer 'T-complex protein 1 subunit beta'
3 polymer 'T-complex protein 1 subunit delta'
4 polymer 'T-complex protein 1 subunit epsilon'
5 polymer 'T-complex protein 1 subunit gamma'
6 polymer 'T-complex protein 1 subunit eta, N-terminally processed'
7 polymer 'T-complex protein 1 subunit theta'
8 polymer 'T-complex protein 1 subunit zeta'
9 polymer 'Phosducin-like protein'
10 polymer 'Guanine nucleotide-binding protein subunit beta-5'
11 non-polymer "ADENOSINE-5'-DIPHOSPHATE"
12 non-polymer 'MAGNESIUM ION'
13 non-polymer 'ALUMINUM FLUORIDE'
14 water water
#
loop_
_entity_poly.entity_id
_entity_poly.type
_entity_poly.pdbx_seq_one_letter_code
_entity_poly.pdbx_strand_id
1 'polypeptide(L)'
;EGPLSVFGDRSTGETIRSQNVMAAASIANIVKSSLGPVGLDKMLVDDIGDVTITNDGATILKLLEVEHPAAKVLCELADL
QDKEVGDGTTSVVIIAAELLKNADELVKQKIHPTSVISGYRLACKEAVRYINENLIVNTDELGRDCLINAAKTSMSSKII
GINGDFFANMVVDAVLAIKYTDIRGQPRYPVNSVNILKAHGRSQMESMLISGYALNCVVGSQGMPKRIVNAKIACLDFSL
QKTKMKLGVQVVITDPEKLDQIRQRESDITKERIQKILATGANVILTTGGIDDMCLKYFVEAGAMAVRRVLKRDLKRIAK
ASGATILSTLANLEGEETFEAAMLGQAEEVVQERICDDELILIKNTKARTSASIILRGANDFMCDEMERSLHDALCVVKR
VLESKSVVPGGGAVEAALSIYLENYATSMGSREQLAIAEFARSLLVIPNTLAVNAAQDSTDLVAKLRAFHNEAQVNPERK
NLKWIGLDLSNGKPRDNKQAGVFEPTIVKVKSLKFATEAAITILRIDDLIKLHPES
;
A,a
2 'polypeptide(L)'
;ASLSLAPVNIFKAGADEERAETARLTSFIGAIAIGDLVKSTLGPKGMDKILLSSGRDASLMVTNDGATILKNIGVDNPAA
KVLVDMSRVQDDEVGDGTTSVTVLAAELLREAESLIAKKIHPQTIIAGWREATKAAREALLSSAVDHGSDEVKFRQDLMN
IAGTTLSSKLLTHHKDHFTKLAVEAVLRLKGSGNLEAIHIIKKLGGSLADSYLDEGFLLDKKIGVNQPKRIENAKILIAN
TGMDTDKIKIFGSRVRVDSTAKVAEIEHAEKEKMKEKVERILKHGINCFINRQLIYNYPEQLFGAAGVMAIEHADFAGVE
RLALVTGGEIASTFDHPELVKLGSCKLIEEVMIGEDKLIHFSGVALGEACTIVLRGATQQILDEAERSLHDALCVLAQTV
KDSRTVYGGGCSEMLMAHAVTQLANRTPGKEAVAMESYAKALRMLPTIIADNAGYDSADLVAQLRAAHSEGNTTAGLDMR
EGTIGDMAILGITESFQVKRQVLLSAAEAAEVILRVDNIIKAAPRK
;
B,b
3 'polypeptide(L)'
;RGKGAYQDRDKPAQIRFSNISAAKAVADAIRTSLGPKGMDKMIQDGKGDVTITNDGATILKQMQVLHPAARMLVELSKAQ
DIEAGDGTTSVVIIAGSLLDSCTKLLQKGIHPTIISESFQKALEKGIEILTDMSRPVELSDRETLLNSATTSLNSKVVSQ
YSSLLSPMSVNAVMKVIDPATATSVDLRDIKIVKKLGGTIDDCELVEGLVLTQKVSNSGITRVEKAKIGLIQFCLSAPKT
DMDNQIVVSDYAQMDRVLREERAYILNLVKQIKKTGCNVLLIQKSILRDALSDLALHFLNKMKIMVIKDIEREDIEFICK
TIGTKPVAHIDQFTADMLGSAELAEEVNLNGSGKLLKITGCASPGKTVTIVVRGSNKLVIEEAERSIHDALCVIRCLVKK
RALIAGGGAPEIELALRLTEYSRTLSGMESYCVRAFADAMEVIPSTLAENAGLNPISTVTELRNRHAQGEKTAGINVRKG
GISNILEELVVQPLLVSVSALTLATETVRSILKIDDVVNT
;
D,d
4 'polypeptide(L)'
;ASMGTLAFDEYGRPFLIIKDQDRKSRLMGLEALKSHIMAAKAVANTMRTSLGPNGLDKMMVDKDGDVTVTNDGATILSMM
DVDHQIAKLMVELSKSQDDEIGDGTTGVVVLAGALLEEAEQLLDRGIHPIRIADGYEQAARVAIEHLDKISDSVLVDIKD
TEPLIQTAKTTLGSKVVNSCHRQMAEIAVNAVLTVADMERRDVDFELIKVEGKVGGRLEDTKLIKGVIVDKDFSHPQMPK
KVEDAKIAILTCPFEPPKPKTKHKLDVTSVEDYKALQKYEKEKFEEMIQQIKETGANLAICQWGFDDEANHLLLQNNLPA
VRWVGGPEIELIAIATGGRIVPRFSELTAEKLGFAGLVQEISFGTTKDKMLVIEQCKNSRAVTIFIRGGNKMIIEEAKRS
LHDALCVIRNLIRDNRVVYGGGAAEISCALAVSQEADKCPTLEQYAMRAFADALEVIPMALSENSGMNPIQTMTEVRARQ
VKEMNPALGIDCLHKGTNDMKQQHVIETLIGKKQQISLATQMVRMILKIDDIRKPGESEE
;
E,e
5 'polypeptide(L)'
;GHRPVLVLSQNTKRESGRKVQSGNINAAKTIADIIRTCLGPKSMMKMLLDPMGGIVMTNDGNAILREIQVQHPAAKSMIE
ISRTQDEEVGDGTTSVIILAGEMLSVAEHFLEQQMHPTVVISAYRKALDDMISTLKKISIPVDISDSDMMLNIINSSITT
KAISRWSSLACNIALDAVKMVQFEENGRKEIDIKKYARVEKIPGGIIEDSCVLRGVMINKDVTHPRMRRYIKNPRIVLLD
SSLEYKKGESQTDIEITREEDFTRILQMEEEYIQQLCEDIIQLKPDVVITEKGISDLAQHYLMRANITAIRRVRKTDNNR
IARACGARIVSRPEELREDDVGTGAGLLEIKKIGDEYFTFITDCKDPKACTILLRGASKEILSEVERNLQDAMQVCRNVL
LDPQLVPGGGASEMAVAHALTEKSKAMTGVEQWPYRAVAQALEVIPRTLIQNCGASTIRLLTSLRAKHTQENCETWGVNG
ETGTLVDMKELGIWEPLAVKLQTYKTAVETAVLLLRIDDIVSGHKKKG
;
G,g
6 'polypeptide(L)'
;MMPTPVILLKEGTDSSQGIPQLVSNISACQVIAEAVRTTLGPRGMDKLIVDGRGKATISNDGATILKLLDVVHPAAKTLV
DIAKSQDAEVGDGTTSVTLLAAEFLKQVKPYVEEGLHPQIIIRAFRTATQLAVNKIKEIAVTVKKADKVEQRKLLEKCAM
TALSSKLISQQKAFFAKMVVDAVMMLDDLLQLKMIGIKKVQGGALEDSQLVAGVAFKKTFSYAGFEMQPKKYHNPKIALL
NVELELKAEKDNAEIRVHTVEDYQAIVDAEWNILYDKLEKIHHSGAKVVLSKLPIGDVATQYFADRDMFCAGRVPEEDLK
RTMMACGGSIQTSVNALSADVLGRCQVFEETQIGGERYNFFTGCPKAKTCTFILRGGAEQFMEETERSLHDAIMIVRRAI
KNDSVVAGGGAIEMELSKYLRDYSRTIPGKQQLLIGAYAKALEIIPRQLCDNAGFDATNILNKLRARHAQGGTWYGVDIN
NEDIADNFEAFVWEPAMVRINALTAASEAACLIVSVDETIKNPRSTVD
;
H,h
7 'polypeptide(L)'
;ALHVPKAPGFAQMLKEGAKHFSGLEEAVYRNIQACKELAQTTRTAYGPNGMNKMVINHLEKLFVTNDAATILRELEVQHP
AAKMIVMASHMQEQEVGDGTNFVLVFAGALLELAEELLRIGLSVSEVIEGYEIACRKAHEILPNLVCCSAKNLRDIDEVS
SLLRTSIMSKQYGNEVFLAKLIAQACVSIFPDSGHFNVDNIRVCKILGSGISSSSVLHGMVFKKETEGDVTSVKDAKIAV
YSCPFDGMITETKGTVLIKTAEELMNFSKGEENLMDAQVKAIADTGANVVVTGGKVADMALHYANKYNIMLVRLNSKWDL
RRLCKTVGATALPRLTPPVLEEMGHCDSVYLSEVGDTQVVVFKHEKEDGAISTIVLRGSTDNLMDDIERAVDDGVNTFKV
LTRDKRLVPGGGATEIELAKQITSYGETCPGLEQYAIKKFAEAFEAIPRALAENSGVKANEVISKLYAVHQEGNKNVGLD
IEAEVPAVKDMLEAGILDTYLGKYWAIKLATNAAVTVLRVDQIIMAKPAGGPKPPSGK
;
Q,q
8 'polypeptide(L)'
;MAAVKTLNPKAEVARAQAALAVNISAARGLQDVLRTNLGPKGTMKMLVSGAGDIKLTKDGNVLLHEMQIQHPTASLIAKV
ATAQDDITGDGTTSNVLIIGELLKQADLYISEGLHPRIITEGFEAAKEKALQFLEEVKVSREMDRETLIDVARTSLRTKV
HAELADVLTEAVVDSILAIKKQDEPIDLFMIEIMEMKHKSETDTSLIRGLVLDHGARHPDMKKRVEDAYILTCNVSLEYE
KTEVNSGFFYKSAEEREKLVKAERKFIEDRVKKIIELKRKVCGDSDKGFVVINQKGIDPFSLDALSKEGIVALRRAKRRN
MERLTLACGGVALNSFDDLSPDCLGHAGLVYEYTLGEEKFTFIEKCNNPRSVTLLIKGPNKHTLTQIKDAVRDGLRAVKN
AIDDGCVVPGAGAVEVAMAEALIKHKPSVKGRAQLGVQAFADALLIIPKVLAQNSGFDLQETLVKIQAEHSESGQLVGVD
LNTGEPMVAAEVGVWDNYCVKKQLLHSCTVIATNILLVDEIMRAGMS
;
Z,z
9 'polypeptide(L)'
;MTTLDDKLLGEKLQYYYSSSEDEDSDHEDKDRGRCAPASSSVPAEAELAGEGISVNTGPKGVINDWRRFKQLETEQREEQ
CREMERLIKKLSMTCRSHLDEEEEQQKQKDLQEKISGKMTLKEFAIMNEDQDDEEFLQQYRKQRMEEMRQQLHKGPQFKQ
VFEISSGEGFLDMIDKEQKSIVIMVHIYEDGIPGTEAMNGCMICLAAEYPAVKFCKVKSSVIGASSQFTRNALPALLIYK
GGELIGNFVRVTDQLGDDFFAVDLEAFLQEFGLLPEKEVLVLTSVRNSATCHSEDSDLEID
;
P
10 'polypeptide(L)'
;MCDQTFLVNVFGSCDKCFKQRALRPVFKKSQQLSYCSTCAEIMATEGLHENETLASLKSEAESLKGKLEEERAKLHDVEL
HQVAERVEALGQFVMKTRRTLKGHGNKVLCMDWCKDKRRIVSSSQDGKVIVWDSFTTNKEHAVTMPCTWVMACAYAPSGC
AIACGGLDNKCSVYPLTFDKNENMAAKKKSVAMHTNYLSACSFTNSDMQILTASGDGTCALWDVESGQLLQSFHGHGADV
LCLDLAPSETGNTFVSGGCDKKAMVWDMRSGQCVQAFETHESDINSVRYYPSGDAFASGSDDATCRLYDLRADREVAIYS
KESIIFGASSVDFSLSGRLLFAGYNDYTINVWDVLKGSRVSILFGHENRVSTLRVSPDGTAFCSGSWDHTLRVWA
;
N
#
loop_
_chem_comp.id
_chem_comp.type
_chem_comp.name
_chem_comp.formula
ADP non-polymer ADENOSINE-5'-DIPHOSPHATE 'C10 H15 N5 O10 P2'
AF3 non-polymer 'ALUMINUM FLUORIDE' 'Al F3'
MG non-polymer 'MAGNESIUM ION' 'Mg 2'
#
# COMPACT_ATOMS: atom_id res chain seq x y z
N GLU A 1 -0.95 -29.76 16.71
CA GLU A 1 0.10 -29.84 17.73
C GLU A 1 -0.34 -30.74 18.89
N GLY A 2 -0.19 -32.04 18.70
CA GLY A 2 -0.51 -32.99 19.74
C GLY A 2 -2.00 -33.28 19.83
N PRO A 3 -2.37 -34.29 20.60
CA PRO A 3 -3.79 -34.65 20.76
C PRO A 3 -4.50 -33.97 21.91
N LEU A 4 -3.80 -33.17 22.72
CA LEU A 4 -4.45 -32.50 23.84
C LEU A 4 -5.53 -31.54 23.36
N SER A 5 -5.25 -30.80 22.28
CA SER A 5 -6.22 -29.93 21.63
C SER A 5 -6.74 -28.85 22.59
N VAL A 6 -5.81 -28.00 23.02
CA VAL A 6 -6.16 -26.81 23.78
C VAL A 6 -5.54 -25.61 23.06
N PHE A 7 -6.15 -24.44 23.28
CA PHE A 7 -5.70 -23.20 22.63
C PHE A 7 -4.80 -22.47 23.61
N GLY A 8 -3.51 -22.72 23.50
CA GLY A 8 -2.53 -22.06 24.35
C GLY A 8 -1.30 -22.93 24.54
N ASP A 9 -0.26 -22.29 25.06
CA ASP A 9 1.01 -22.96 25.29
C ASP A 9 0.96 -23.78 26.58
N ARG A 10 1.86 -24.76 26.67
CA ARG A 10 1.93 -25.63 27.83
C ARG A 10 3.39 -25.90 28.17
N SER A 11 3.71 -25.86 29.46
CA SER A 11 5.04 -26.17 29.96
C SER A 11 4.90 -27.12 31.13
N THR A 12 5.73 -28.17 31.15
CA THR A 12 5.62 -29.22 32.14
C THR A 12 6.98 -29.55 32.74
N GLY A 13 7.00 -29.84 34.04
CA GLY A 13 8.17 -30.37 34.69
C GLY A 13 9.31 -29.39 34.91
N GLU A 14 10.53 -29.86 34.64
CA GLU A 14 11.72 -29.07 34.94
C GLU A 14 11.70 -27.73 34.23
N THR A 15 11.12 -27.66 33.04
CA THR A 15 11.07 -26.39 32.31
C THR A 15 10.31 -25.33 33.09
N ILE A 16 9.08 -25.65 33.52
CA ILE A 16 8.29 -24.67 34.26
C ILE A 16 8.88 -24.43 35.64
N ARG A 17 9.46 -25.45 36.27
CA ARG A 17 10.09 -25.24 37.57
C ARG A 17 11.23 -24.24 37.48
N SER A 18 12.11 -24.43 36.49
CA SER A 18 13.22 -23.51 36.29
C SER A 18 12.74 -22.13 35.89
N GLN A 19 11.65 -22.04 35.11
CA GLN A 19 11.11 -20.73 34.75
C GLN A 19 10.58 -19.99 35.98
N ASN A 20 9.89 -20.69 36.86
CA ASN A 20 9.41 -20.07 38.10
C ASN A 20 10.58 -19.61 38.97
N VAL A 21 11.62 -20.44 39.08
CA VAL A 21 12.80 -20.04 39.84
C VAL A 21 13.46 -18.83 39.21
N MET A 22 13.50 -18.79 37.87
CA MET A 22 13.99 -17.63 37.15
C MET A 22 13.23 -16.37 37.55
N ALA A 23 11.90 -16.43 37.55
CA ALA A 23 11.10 -15.25 37.86
C ALA A 23 11.34 -14.79 39.30
N ALA A 24 11.36 -15.74 40.23
CA ALA A 24 11.60 -15.38 41.62
C ALA A 24 12.99 -14.78 41.82
N ALA A 25 14.00 -15.37 41.19
CA ALA A 25 15.35 -14.85 41.31
C ALA A 25 15.47 -13.46 40.69
N SER A 26 14.75 -13.22 39.58
CA SER A 26 14.76 -11.90 38.97
C SER A 26 14.17 -10.86 39.91
N ILE A 27 13.02 -11.19 40.51
CA ILE A 27 12.41 -10.25 41.46
C ILE A 27 13.34 -9.98 42.63
N ALA A 28 13.99 -11.03 43.14
CA ALA A 28 14.94 -10.83 44.23
C ALA A 28 16.10 -9.95 43.81
N ASN A 29 16.61 -10.16 42.59
CA ASN A 29 17.77 -9.42 42.12
C ASN A 29 17.43 -7.95 41.87
N ILE A 30 16.17 -7.64 41.59
CA ILE A 30 15.80 -6.24 41.42
C ILE A 30 16.06 -5.46 42.70
N VAL A 31 15.68 -6.02 43.85
CA VAL A 31 15.74 -5.30 45.12
C VAL A 31 16.89 -5.73 46.00
N LYS A 32 17.74 -6.65 45.54
CA LYS A 32 18.84 -7.11 46.37
C LYS A 32 19.79 -5.98 46.74
N SER A 33 20.10 -5.11 45.79
CA SER A 33 21.09 -4.06 46.00
C SER A 33 20.59 -2.94 46.92
N SER A 34 19.43 -3.05 47.55
CA SER A 34 18.90 -2.03 48.44
C SER A 34 18.63 -2.60 49.82
N LEU A 35 19.51 -3.48 50.29
CA LEU A 35 19.37 -4.14 51.57
C LEU A 35 20.51 -3.76 52.49
N GLY A 36 20.18 -3.39 53.72
CA GLY A 36 21.19 -3.09 54.72
C GLY A 36 21.66 -1.66 54.66
N PRO A 37 22.42 -1.23 55.67
CA PRO A 37 22.81 0.18 55.78
C PRO A 37 23.61 0.67 54.58
N VAL A 38 24.32 -0.23 53.88
CA VAL A 38 25.12 0.15 52.74
C VAL A 38 24.29 -0.03 51.47
N GLY A 39 22.98 -0.12 51.61
CA GLY A 39 22.11 -0.15 50.45
C GLY A 39 22.00 1.21 49.79
N LEU A 40 21.55 1.20 48.54
CA LEU A 40 21.41 2.42 47.75
C LEU A 40 20.02 2.50 47.16
N ASP A 41 19.48 3.71 47.07
CA ASP A 41 18.13 3.92 46.59
C ASP A 41 18.07 3.71 45.08
N LYS A 42 16.87 3.81 44.52
CA LYS A 42 16.65 3.57 43.10
C LYS A 42 15.73 4.63 42.51
N MET A 43 16.06 5.07 41.30
CA MET A 43 15.15 5.90 40.53
C MET A 43 14.17 5.04 39.76
N LEU A 44 12.91 5.48 39.73
CA LEU A 44 11.87 4.81 38.96
C LEU A 44 11.16 5.87 38.12
N VAL A 45 11.19 5.72 36.81
CA VAL A 45 10.58 6.67 35.88
C VAL A 45 9.32 6.04 35.32
N ASP A 46 8.22 6.81 35.29
CA ASP A 46 6.88 6.28 35.04
C ASP A 46 6.41 6.57 33.63
N ASP A 47 7.31 6.54 32.64
CA ASP A 47 6.97 6.55 31.22
C ASP A 47 6.49 7.94 30.80
N ILE A 48 6.33 8.85 31.77
CA ILE A 48 5.94 10.22 31.46
C ILE A 48 6.87 11.16 32.21
N GLY A 49 8.01 10.65 32.66
CA GLY A 49 8.96 11.45 33.39
C GLY A 49 8.72 11.55 34.88
N ASP A 50 7.71 10.85 35.40
CA ASP A 50 7.47 10.85 36.85
C ASP A 50 8.56 10.06 37.54
N VAL A 51 9.40 10.74 38.31
CA VAL A 51 10.55 10.13 38.95
C VAL A 51 10.20 9.79 40.39
N THR A 52 10.52 8.56 40.79
CA THR A 52 10.36 8.11 42.17
C THR A 52 11.68 7.56 42.65
N ILE A 53 12.18 8.09 43.77
CA ILE A 53 13.42 7.64 44.38
C ILE A 53 13.06 6.93 45.67
N THR A 54 13.46 5.68 45.81
CA THR A 54 13.04 4.91 46.97
C THR A 54 14.01 3.77 47.26
N ASN A 55 14.04 3.38 48.53
CA ASN A 55 14.72 2.19 49.00
C ASN A 55 13.76 1.14 49.52
N ASP A 56 12.47 1.48 49.64
CA ASP A 56 11.48 0.54 50.17
C ASP A 56 11.17 -0.53 49.13
N GLY A 57 11.24 -1.80 49.55
CA GLY A 57 10.98 -2.88 48.61
C GLY A 57 9.54 -2.92 48.13
N ALA A 58 8.59 -2.65 49.03
CA ALA A 58 7.19 -2.71 48.65
C ALA A 58 6.85 -1.70 47.57
N THR A 59 7.36 -0.47 47.70
CA THR A 59 7.11 0.55 46.69
C THR A 59 7.75 0.17 45.37
N ILE A 60 8.98 -0.36 45.41
CA ILE A 60 9.66 -0.75 44.18
C ILE A 60 8.86 -1.83 43.46
N LEU A 61 8.38 -2.83 44.20
CA LEU A 61 7.66 -3.91 43.55
C LEU A 61 6.26 -3.48 43.10
N LYS A 62 5.63 -2.56 43.83
CA LYS A 62 4.32 -2.06 43.42
C LYS A 62 4.42 -1.26 42.14
N LEU A 63 5.45 -0.41 42.02
CA LEU A 63 5.56 0.45 40.85
C LEU A 63 6.01 -0.31 39.60
N LEU A 64 6.62 -1.48 39.76
CA LEU A 64 7.10 -2.24 38.61
C LEU A 64 5.94 -2.90 37.87
N GLU A 65 6.18 -3.17 36.59
CA GLU A 65 5.26 -3.94 35.76
C GLU A 65 5.74 -5.38 35.70
N VAL A 66 4.91 -6.31 36.16
CA VAL A 66 5.28 -7.71 36.30
C VAL A 66 4.29 -8.55 35.50
N GLU A 67 4.81 -9.48 34.71
CA GLU A 67 3.99 -10.35 33.87
C GLU A 67 3.94 -11.79 34.36
N HIS A 68 5.08 -12.36 34.75
CA HIS A 68 5.09 -13.75 35.18
C HIS A 68 4.37 -13.88 36.51
N PRO A 69 3.38 -14.78 36.62
CA PRO A 69 2.61 -14.88 37.87
C PRO A 69 3.44 -15.32 39.06
N ALA A 70 4.49 -16.13 38.85
CA ALA A 70 5.37 -16.48 39.95
C ALA A 70 6.06 -15.26 40.54
N ALA A 71 6.30 -14.25 39.71
CA ALA A 71 6.86 -12.99 40.19
C ALA A 71 5.81 -12.15 40.90
N LYS A 72 4.57 -12.17 40.40
CA LYS A 72 3.47 -11.53 41.09
C LYS A 72 3.27 -12.11 42.48
N VAL A 73 3.53 -13.41 42.65
CA VAL A 73 3.43 -14.00 43.98
C VAL A 73 4.36 -13.28 44.95
N LEU A 74 5.61 -13.04 44.53
CA LEU A 74 6.57 -12.36 45.38
C LEU A 74 6.20 -10.89 45.58
N CYS A 75 5.65 -10.25 44.54
CA CYS A 75 5.23 -8.86 44.67
C CYS A 75 4.15 -8.71 45.73
N GLU A 76 3.07 -9.50 45.62
CA GLU A 76 2.03 -9.47 46.66
C GLU A 76 2.55 -9.97 48.00
N LEU A 77 3.57 -10.83 48.01
CA LEU A 77 4.19 -11.21 49.28
C LEU A 77 4.83 -10.01 49.97
N ALA A 78 5.56 -9.20 49.21
CA ALA A 78 6.14 -7.98 49.75
C ALA A 78 5.06 -7.03 50.22
N ASP A 79 3.99 -6.90 49.44
CA ASP A 79 2.89 -6.02 49.82
C ASP A 79 2.25 -6.48 51.14
N LEU A 80 2.03 -7.79 51.28
CA LEU A 80 1.46 -8.32 52.51
C LEU A 80 2.38 -8.11 53.69
N GLN A 81 3.69 -8.30 53.49
CA GLN A 81 4.64 -8.04 54.57
C GLN A 81 4.61 -6.57 54.99
N ASP A 82 4.51 -5.67 54.01
CA ASP A 82 4.40 -4.24 54.33
C ASP A 82 3.12 -3.95 55.11
N LYS A 83 2.02 -4.58 54.73
CA LYS A 83 0.75 -4.32 55.40
C LYS A 83 0.75 -4.84 56.83
N GLU A 84 1.18 -6.08 57.03
CA GLU A 84 1.02 -6.72 58.33
C GLU A 84 2.15 -6.40 59.31
N VAL A 85 3.29 -5.91 58.82
CA VAL A 85 4.41 -5.60 59.69
C VAL A 85 4.85 -4.15 59.49
N GLY A 86 5.19 -3.81 58.26
CA GLY A 86 5.68 -2.49 57.92
C GLY A 86 7.16 -2.42 57.65
N ASP A 87 7.92 -3.46 58.03
CA ASP A 87 9.36 -3.50 57.81
C ASP A 87 9.74 -4.89 57.30
N GLY A 88 10.99 -5.02 56.89
CA GLY A 88 11.47 -6.30 56.39
C GLY A 88 10.92 -6.69 55.04
N THR A 89 10.52 -5.70 54.23
CA THR A 89 9.88 -6.01 52.95
C THR A 89 10.87 -6.59 51.95
N THR A 90 12.10 -6.08 51.94
CA THR A 90 13.11 -6.64 51.05
C THR A 90 13.57 -8.01 51.52
N SER A 91 13.70 -8.17 52.85
CA SER A 91 14.21 -9.43 53.40
C SER A 91 13.29 -10.59 53.08
N VAL A 92 11.98 -10.39 53.17
CA VAL A 92 11.05 -11.49 52.91
C VAL A 92 11.13 -11.93 51.46
N VAL A 93 11.24 -10.98 50.53
CA VAL A 93 11.35 -11.33 49.12
C VAL A 93 12.64 -12.10 48.87
N ILE A 94 13.74 -11.61 49.43
CA ILE A 94 15.03 -12.29 49.22
C ILE A 94 15.00 -13.70 49.79
N ILE A 95 14.46 -13.84 51.00
CA ILE A 95 14.42 -15.15 51.66
C ILE A 95 13.52 -16.10 50.88
N ALA A 96 12.35 -15.63 50.42
CA ALA A 96 11.47 -16.49 49.66
C ALA A 96 12.12 -16.95 48.36
N ALA A 97 12.80 -16.04 47.65
CA ALA A 97 13.46 -16.41 46.41
C ALA A 97 14.57 -17.42 46.65
N GLU A 98 15.37 -17.22 47.70
CA GLU A 98 16.44 -18.17 47.98
C GLU A 98 15.88 -19.53 48.40
N LEU A 99 14.82 -19.53 49.19
CA LEU A 99 14.16 -20.78 49.56
C LEU A 99 13.67 -21.52 48.33
N LEU A 100 13.04 -20.81 47.41
CA LEU A 100 12.56 -21.44 46.19
C LEU A 100 13.73 -21.99 45.36
N LYS A 101 14.82 -21.22 45.25
CA LYS A 101 15.96 -21.66 44.47
C LYS A 101 16.55 -22.95 45.02
N ASN A 102 16.78 -22.99 46.34
CA ASN A 102 17.38 -24.18 46.93
C ASN A 102 16.41 -25.37 46.90
N ALA A 103 15.12 -25.11 47.08
CA ALA A 103 14.13 -26.18 46.98
C ALA A 103 14.11 -26.78 45.58
N ASP A 104 14.18 -25.93 44.56
CA ASP A 104 14.22 -26.44 43.19
C ASP A 104 15.52 -27.20 42.92
N GLU A 105 16.63 -26.73 43.47
CA GLU A 105 17.88 -27.46 43.32
C GLU A 105 17.78 -28.85 43.94
N LEU A 106 17.12 -28.94 45.11
CA LEU A 106 16.85 -30.24 45.70
C LEU A 106 15.95 -31.09 44.80
N VAL A 107 14.93 -30.47 44.21
CA VAL A 107 13.99 -31.20 43.37
C VAL A 107 14.69 -31.79 42.16
N LYS A 108 15.63 -31.04 41.58
CA LYS A 108 16.34 -31.52 40.40
C LYS A 108 17.14 -32.78 40.70
N GLN A 109 17.43 -33.07 41.97
CA GLN A 109 18.08 -34.31 42.36
C GLN A 109 17.09 -35.44 42.59
N LYS A 110 15.91 -35.36 41.97
CA LYS A 110 14.86 -36.37 42.08
C LYS A 110 14.37 -36.53 43.51
N ILE A 111 14.45 -35.46 44.29
CA ILE A 111 13.80 -35.40 45.60
C ILE A 111 12.38 -34.90 45.37
N HIS A 112 11.41 -35.64 45.87
CA HIS A 112 10.02 -35.31 45.58
C HIS A 112 9.65 -33.98 46.25
N PRO A 113 8.89 -33.13 45.56
CA PRO A 113 8.55 -31.81 46.13
C PRO A 113 7.79 -31.90 47.44
N THR A 114 7.02 -32.96 47.66
CA THR A 114 6.29 -33.09 48.92
C THR A 114 7.23 -33.22 50.10
N SER A 115 8.31 -33.98 49.94
CA SER A 115 9.30 -34.09 51.00
C SER A 115 9.97 -32.75 51.28
N VAL A 116 10.28 -32.01 50.22
CA VAL A 116 10.89 -30.69 50.39
C VAL A 116 9.94 -29.76 51.12
N ILE A 117 8.64 -29.82 50.78
CA ILE A 117 7.66 -28.97 51.44
C ILE A 117 7.53 -29.32 52.91
N SER A 118 7.50 -30.62 53.22
CA SER A 118 7.42 -31.04 54.62
C SER A 118 8.65 -30.58 55.39
N GLY A 119 9.83 -30.72 54.80
CA GLY A 119 11.04 -30.25 55.45
C GLY A 119 11.03 -28.75 55.66
N TYR A 120 10.55 -28.00 54.67
CA TYR A 120 10.46 -26.54 54.82
C TYR A 120 9.51 -26.17 55.95
N ARG A 121 8.36 -26.84 56.04
CA ARG A 121 7.41 -26.54 57.10
C ARG A 121 8.01 -26.84 58.47
N LEU A 122 8.65 -28.00 58.62
CA LEU A 122 9.29 -28.32 59.88
C LEU A 122 10.39 -27.33 60.23
N ALA A 123 11.18 -26.93 59.23
CA ALA A 123 12.26 -25.98 59.47
C ALA A 123 11.71 -24.63 59.91
N CYS A 124 10.62 -24.17 59.26
CA CYS A 124 10.02 -22.90 59.66
C CYS A 124 9.48 -22.96 61.08
N LYS A 125 8.80 -24.05 61.43
CA LYS A 125 8.28 -24.19 62.78
C LYS A 125 9.41 -24.18 63.80
N GLU A 126 10.47 -24.95 63.55
CA GLU A 126 11.59 -25.01 64.48
C GLU A 126 12.32 -23.68 64.57
N ALA A 127 12.45 -22.97 63.45
CA ALA A 127 13.10 -21.67 63.48
C ALA A 127 12.29 -20.68 64.30
N VAL A 128 10.98 -20.67 64.15
CA VAL A 128 10.15 -19.78 64.95
C VAL A 128 10.26 -20.13 66.44
N ARG A 129 10.24 -21.43 66.76
CA ARG A 129 10.38 -21.83 68.15
C ARG A 129 11.73 -21.41 68.72
N TYR A 130 12.80 -21.60 67.96
CA TYR A 130 14.13 -21.22 68.44
C TYR A 130 14.24 -19.72 68.62
N ILE A 131 13.66 -18.94 67.70
CA ILE A 131 13.67 -17.49 67.83
C ILE A 131 12.94 -17.08 69.10
N ASN A 132 11.77 -17.67 69.33
CA ASN A 132 10.99 -17.31 70.51
C ASN A 132 11.62 -17.79 71.80
N GLU A 133 12.49 -18.80 71.76
CA GLU A 133 13.04 -19.36 72.99
C GLU A 133 14.43 -18.85 73.35
N ASN A 134 15.29 -18.59 72.36
CA ASN A 134 16.69 -18.32 72.63
C ASN A 134 17.21 -16.98 72.12
N LEU A 135 16.47 -16.28 71.27
CA LEU A 135 16.98 -15.08 70.61
C LEU A 135 16.00 -13.93 70.77
N ILE A 136 15.52 -13.72 71.99
CA ILE A 136 14.62 -12.62 72.30
C ILE A 136 15.22 -11.78 73.42
N VAL A 137 15.19 -10.46 73.25
CA VAL A 137 15.64 -9.52 74.28
C VAL A 137 14.43 -8.72 74.74
N ASN A 138 14.14 -8.79 76.03
CA ASN A 138 13.00 -8.06 76.57
C ASN A 138 13.31 -6.56 76.62
N THR A 139 12.36 -5.75 76.16
CA THR A 139 12.56 -4.31 76.13
C THR A 139 12.44 -3.68 77.51
N ASP A 140 11.94 -4.41 78.51
CA ASP A 140 11.86 -3.86 79.86
C ASP A 140 13.24 -3.59 80.44
N GLU A 141 14.20 -4.45 80.12
CA GLU A 141 15.56 -4.27 80.64
C GLU A 141 16.18 -2.98 80.13
N LEU A 142 15.99 -2.67 78.84
CA LEU A 142 16.66 -1.55 78.23
C LEU A 142 15.91 -0.23 78.37
N GLY A 143 14.60 -0.28 78.60
CA GLY A 143 13.86 0.96 78.82
C GLY A 143 13.66 1.73 77.53
N ARG A 144 13.73 3.06 77.65
CA ARG A 144 13.46 3.92 76.50
C ARG A 144 14.51 3.77 75.41
N ASP A 145 15.76 3.50 75.79
CA ASP A 145 16.83 3.41 74.80
C ASP A 145 16.57 2.33 73.78
N CYS A 146 15.82 1.28 74.15
CA CYS A 146 15.52 0.21 73.19
C CYS A 146 14.69 0.74 72.03
N LEU A 147 13.67 1.56 72.33
CA LEU A 147 12.84 2.11 71.26
C LEU A 147 13.66 3.00 70.33
N ILE A 148 14.52 3.85 70.90
CA ILE A 148 15.34 4.74 70.09
C ILE A 148 16.28 3.93 69.21
N ASN A 149 16.91 2.89 69.77
CA ASN A 149 17.82 2.07 68.99
C ASN A 149 17.07 1.34 67.88
N ALA A 150 15.87 0.83 68.17
CA ALA A 150 15.09 0.16 67.13
C ALA A 150 14.72 1.12 66.01
N ALA A 151 14.30 2.34 66.36
CA ALA A 151 13.97 3.32 65.34
C ALA A 151 15.19 3.67 64.50
N LYS A 152 16.33 3.89 65.15
CA LYS A 152 17.55 4.26 64.41
C LYS A 152 18.00 3.12 63.51
N THR A 153 17.88 1.88 63.96
CA THR A 153 18.20 0.73 63.12
C THR A 153 17.26 0.66 61.92
N SER A 154 15.96 0.86 62.14
CA SER A 154 15.01 0.81 61.03
C SER A 154 15.25 1.95 60.05
N MET A 155 15.80 3.06 60.50
CA MET A 155 16.04 4.21 59.63
C MET A 155 17.39 4.18 58.94
N SER A 156 18.25 3.22 59.27
CA SER A 156 19.45 3.02 58.47
C SER A 156 19.05 2.56 57.08
N SER A 157 19.95 2.81 56.12
CA SER A 157 19.77 2.55 54.70
C SER A 157 18.80 3.53 54.05
N LYS A 158 18.18 4.42 54.81
CA LYS A 158 17.22 5.36 54.29
C LYS A 158 17.84 6.74 54.16
N ILE A 159 17.13 7.63 53.47
CA ILE A 159 17.62 8.99 53.26
C ILE A 159 17.73 9.78 54.55
N ILE A 160 17.17 9.27 55.64
CA ILE A 160 17.24 9.94 56.94
C ILE A 160 18.16 9.14 57.86
N GLY A 161 19.13 8.44 57.27
CA GLY A 161 20.00 7.56 58.03
C GLY A 161 20.87 8.24 59.07
N ILE A 162 21.80 9.09 58.61
CA ILE A 162 22.76 9.70 59.54
C ILE A 162 22.06 10.65 60.51
N ASN A 163 20.97 11.26 60.09
CA ASN A 163 20.16 12.09 60.98
C ASN A 163 19.27 11.26 61.90
N GLY A 164 19.56 9.97 62.03
CA GLY A 164 18.77 9.12 62.89
C GLY A 164 18.79 9.56 64.34
N ASP A 165 19.90 10.17 64.79
CA ASP A 165 20.00 10.62 66.18
C ASP A 165 18.85 11.57 66.54
N PHE A 166 18.36 12.33 65.57
CA PHE A 166 17.26 13.28 65.74
C PHE A 166 15.93 12.68 65.32
N PHE A 167 15.91 11.96 64.20
CA PHE A 167 14.66 11.39 63.71
C PHE A 167 14.12 10.31 64.64
N ALA A 168 14.99 9.54 65.29
CA ALA A 168 14.52 8.51 66.22
C ALA A 168 13.84 9.15 67.43
N ASN A 169 14.42 10.22 67.96
CA ASN A 169 13.77 10.93 69.05
C ASN A 169 12.41 11.46 68.60
N MET A 170 12.35 12.02 67.39
CA MET A 170 11.08 12.53 66.87
C MET A 170 10.05 11.41 66.78
N VAL A 171 10.43 10.27 66.22
CA VAL A 171 9.50 9.16 66.03
C VAL A 171 9.01 8.64 67.37
N VAL A 172 9.93 8.43 68.31
CA VAL A 172 9.55 7.90 69.61
C VAL A 172 8.61 8.86 70.33
N ASP A 173 8.91 10.16 70.29
CA ASP A 173 8.04 11.13 70.94
C ASP A 173 6.65 11.13 70.32
N ALA A 174 6.57 11.09 68.98
CA ALA A 174 5.26 11.09 68.33
C ALA A 174 4.47 9.84 68.69
N VAL A 175 5.12 8.68 68.65
CA VAL A 175 4.41 7.43 68.91
C VAL A 175 3.93 7.38 70.35
N LEU A 176 4.77 7.82 71.29
CA LEU A 176 4.32 7.89 72.68
C LEU A 176 3.21 8.91 72.87
N ALA A 177 3.20 9.97 72.06
CA ALA A 177 2.16 10.98 72.18
C ALA A 177 0.81 10.44 71.72
N ILE A 178 0.79 9.64 70.65
CA ILE A 178 -0.49 9.17 70.12
C ILE A 178 -0.99 7.94 70.86
N LYS A 179 -0.30 7.56 71.94
CA LYS A 179 -0.72 6.40 72.72
C LYS A 179 -2.04 6.66 73.42
N TYR A 180 -2.93 5.66 73.40
CA TYR A 180 -4.19 5.74 74.11
C TYR A 180 -4.61 4.33 74.52
N THR A 181 -5.22 4.24 75.69
CA THR A 181 -5.65 2.97 76.24
C THR A 181 -7.09 2.65 75.84
N ASP A 182 -7.38 1.36 75.74
CA ASP A 182 -8.72 0.89 75.40
C ASP A 182 -9.19 -0.13 76.43
N ILE A 183 -10.27 -0.86 76.11
CA ILE A 183 -10.73 -1.91 77.00
C ILE A 183 -9.65 -2.97 77.18
N ARG A 184 -9.81 -3.77 78.24
CA ARG A 184 -8.88 -4.81 78.68
C ARG A 184 -7.49 -4.25 78.98
N GLY A 185 -7.36 -2.93 79.00
CA GLY A 185 -6.17 -2.27 79.50
C GLY A 185 -4.94 -2.34 78.62
N GLN A 186 -5.03 -2.96 77.45
CA GLN A 186 -3.86 -3.07 76.59
C GLN A 186 -3.54 -1.71 75.97
N PRO A 187 -2.31 -1.23 76.10
CA PRO A 187 -1.96 0.04 75.42
C PRO A 187 -1.79 -0.16 73.93
N ARG A 188 -2.70 0.42 73.15
CA ARG A 188 -2.68 0.30 71.69
C ARG A 188 -2.21 1.60 71.08
N TYR A 189 -1.34 1.50 70.08
CA TYR A 189 -0.69 2.67 69.49
C TYR A 189 -1.21 2.87 68.07
N PRO A 190 -2.14 3.78 67.84
CA PRO A 190 -2.75 3.96 66.50
C PRO A 190 -1.91 4.82 65.57
N VAL A 191 -0.90 4.19 64.96
CA VAL A 191 -0.16 4.84 63.90
C VAL A 191 -1.11 5.13 62.74
N ASN A 192 -0.71 6.07 61.88
CA ASN A 192 -1.48 6.75 60.85
C ASN A 192 -2.37 7.82 61.45
N SER A 193 -2.44 7.95 62.78
CA SER A 193 -2.94 9.17 63.39
C SER A 193 -1.89 10.26 63.45
N VAL A 194 -0.64 9.91 63.18
CA VAL A 194 0.45 10.89 63.10
C VAL A 194 0.43 11.44 61.69
N ASN A 195 -0.27 12.56 61.51
CA ASN A 195 -0.31 13.20 60.20
C ASN A 195 1.10 13.61 59.78
N ILE A 196 1.46 13.28 58.55
CA ILE A 196 2.79 13.59 58.02
C ILE A 196 2.61 14.55 56.85
N LEU A 197 3.22 15.72 56.95
CA LEU A 197 3.11 16.77 55.95
C LEU A 197 4.46 16.98 55.29
N LYS A 198 4.47 17.07 53.97
CA LYS A 198 5.69 17.25 53.19
C LYS A 198 5.72 18.67 52.63
N ALA A 199 6.87 19.32 52.75
CA ALA A 199 7.04 20.67 52.22
C ALA A 199 8.53 20.91 52.03
N HIS A 200 8.96 21.09 50.79
CA HIS A 200 10.36 21.32 50.51
C HIS A 200 10.80 22.68 51.07
N GLY A 201 12.11 22.86 51.17
CA GLY A 201 12.63 24.05 51.81
C GLY A 201 13.91 23.80 52.57
N ARG A 202 13.88 24.08 53.87
CA ARG A 202 15.06 23.97 54.72
C ARG A 202 15.54 22.52 54.81
N SER A 203 16.66 22.29 55.49
CA SER A 203 17.27 20.97 55.53
C SER A 203 16.42 20.03 56.39
N GLN A 204 16.85 18.76 56.43
CA GLN A 204 16.13 17.75 57.19
C GLN A 204 16.09 18.07 58.68
N MET A 205 17.16 18.66 59.21
CA MET A 205 17.22 18.97 60.63
C MET A 205 16.18 20.01 61.05
N GLU A 206 15.56 20.70 60.10
CA GLU A 206 14.49 21.65 60.39
C GLU A 206 13.11 20.99 60.42
N SER A 207 13.04 19.67 60.27
CA SER A 207 11.75 18.99 60.38
C SER A 207 11.16 19.23 61.76
N MET A 208 9.86 19.48 61.79
CA MET A 208 9.18 19.93 62.99
C MET A 208 8.21 18.86 63.49
N LEU A 209 8.24 18.63 64.80
CA LEU A 209 7.28 17.75 65.46
C LEU A 209 6.25 18.63 66.15
N ILE A 210 5.01 18.57 65.67
CA ILE A 210 3.94 19.41 66.19
C ILE A 210 3.33 18.75 67.42
N SER A 211 3.28 19.49 68.53
CA SER A 211 2.61 19.02 69.74
C SER A 211 1.10 19.27 69.64
N GLY A 212 0.51 18.62 68.64
CA GLY A 212 -0.88 18.83 68.31
C GLY A 212 -1.23 18.16 67.01
N TYR A 213 -1.88 18.89 66.10
CA TYR A 213 -2.22 18.36 64.79
C TYR A 213 -1.99 19.44 63.74
N ALA A 214 -1.70 18.99 62.52
CA ALA A 214 -1.44 19.88 61.39
C ALA A 214 -2.45 19.61 60.29
N LEU A 215 -3.01 20.67 59.74
CA LEU A 215 -3.99 20.58 58.65
C LEU A 215 -3.39 21.16 57.38
N ASN A 216 -3.55 20.45 56.28
CA ASN A 216 -3.13 20.96 54.97
C ASN A 216 -4.24 21.79 54.33
N CYS A 217 -4.77 22.75 55.09
CA CYS A 217 -5.87 23.58 54.65
C CYS A 217 -5.64 25.01 55.15
N VAL A 218 -6.40 25.94 54.57
CA VAL A 218 -6.31 27.35 54.90
C VAL A 218 -7.70 27.86 55.28
N VAL A 219 -7.74 29.07 55.82
CA VAL A 219 -9.02 29.68 56.19
C VAL A 219 -9.81 29.99 54.92
N GLY A 220 -11.14 30.05 55.08
CA GLY A 220 -12.00 30.23 53.92
C GLY A 220 -11.83 31.58 53.25
N SER A 221 -11.77 32.65 54.04
CA SER A 221 -11.71 34.00 53.52
C SER A 221 -10.50 34.73 54.06
N GLN A 222 -9.92 35.59 53.24
CA GLN A 222 -8.74 36.34 53.64
C GLN A 222 -9.06 37.42 54.67
N GLY A 223 -10.34 37.73 54.87
CA GLY A 223 -10.73 38.68 55.88
C GLY A 223 -10.87 38.13 57.27
N MET A 224 -10.61 36.83 57.46
CA MET A 224 -10.70 36.17 58.75
C MET A 224 -9.41 36.36 59.55
N PRO A 225 -9.50 36.31 60.88
CA PRO A 225 -8.28 36.24 61.68
C PRO A 225 -7.54 34.93 61.40
N LYS A 226 -6.22 34.97 61.56
CA LYS A 226 -5.39 33.81 61.27
C LYS A 226 -4.68 33.28 62.51
N ARG A 227 -5.19 33.61 63.70
CA ARG A 227 -4.64 33.08 64.94
C ARG A 227 -5.66 33.23 66.05
N ILE A 228 -5.99 32.13 66.72
CA ILE A 228 -6.92 32.12 67.84
C ILE A 228 -6.18 31.58 69.05
N VAL A 229 -6.26 32.30 70.16
CA VAL A 229 -5.50 31.92 71.36
C VAL A 229 -6.20 30.80 72.11
N ASN A 230 -7.43 31.03 72.57
CA ASN A 230 -8.20 30.00 73.28
C ASN A 230 -9.25 29.46 72.31
N ALA A 231 -8.83 28.50 71.50
CA ALA A 231 -9.70 27.99 70.46
C ALA A 231 -10.85 27.17 71.04
N LYS A 232 -12.04 27.39 70.50
CA LYS A 232 -13.23 26.60 70.80
C LYS A 232 -13.60 25.93 69.48
N ILE A 233 -13.02 24.77 69.22
CA ILE A 233 -13.14 24.11 67.93
C ILE A 233 -14.51 23.44 67.84
N ALA A 234 -15.21 23.68 66.74
CA ALA A 234 -16.49 23.04 66.45
C ALA A 234 -16.34 22.30 65.13
N CYS A 235 -16.40 20.97 65.17
CA CYS A 235 -16.22 20.14 63.99
C CYS A 235 -17.59 19.72 63.47
N LEU A 236 -17.87 20.08 62.22
CA LEU A 236 -19.15 19.78 61.59
C LEU A 236 -18.93 18.95 60.34
N ASP A 237 -19.89 18.08 60.04
CA ASP A 237 -19.81 17.23 58.86
C ASP A 237 -20.62 17.75 57.68
N PHE A 238 -21.60 18.62 57.91
CA PHE A 238 -22.44 19.11 56.86
C PHE A 238 -21.83 20.37 56.23
N SER A 239 -22.53 20.90 55.23
CA SER A 239 -22.08 22.09 54.51
C SER A 239 -22.91 23.31 54.94
N LEU A 240 -22.31 24.48 54.81
CA LEU A 240 -22.96 25.75 55.15
C LEU A 240 -23.11 26.53 53.85
N GLN A 241 -24.23 26.30 53.16
CA GLN A 241 -24.53 26.98 51.91
C GLN A 241 -25.98 27.43 51.95
N LYS A 242 -26.43 28.05 50.86
CA LYS A 242 -27.82 28.42 50.74
C LYS A 242 -28.70 27.18 50.69
N THR A 243 -29.75 27.17 51.49
CA THR A 243 -30.60 25.98 51.60
C THR A 243 -31.27 25.68 50.26
N LYS A 244 -31.35 24.39 49.93
CA LYS A 244 -32.00 23.93 48.71
C LYS A 244 -33.00 22.84 49.08
N MET A 245 -34.20 22.94 48.55
CA MET A 245 -35.22 21.92 48.80
C MET A 245 -34.81 20.59 48.15
N LYS A 246 -35.27 19.50 48.76
CA LYS A 246 -34.87 18.18 48.31
C LYS A 246 -35.53 17.83 46.98
N LEU A 247 -35.26 16.63 46.49
CA LEU A 247 -35.80 16.20 45.21
C LEU A 247 -37.32 16.08 45.26
N GLY A 248 -37.87 15.61 46.38
CA GLY A 248 -39.29 15.42 46.49
C GLY A 248 -40.10 16.63 46.84
N VAL A 249 -39.47 17.81 46.94
CA VAL A 249 -40.14 19.03 47.34
C VAL A 249 -40.07 20.04 46.19
N GLN A 250 -41.21 20.61 45.84
CA GLN A 250 -41.31 21.61 44.78
C GLN A 250 -41.88 22.90 45.34
N VAL A 251 -41.46 24.02 44.76
CA VAL A 251 -41.98 25.33 45.10
C VAL A 251 -42.90 25.75 43.96
N VAL A 252 -44.21 25.74 44.20
CA VAL A 252 -45.20 26.15 43.23
C VAL A 252 -45.90 27.37 43.79
N ILE A 253 -45.76 28.50 43.10
CA ILE A 253 -46.22 29.79 43.58
C ILE A 253 -47.42 30.23 42.75
N THR A 254 -48.54 30.47 43.41
CA THR A 254 -49.72 31.06 42.78
C THR A 254 -49.93 32.50 43.18
N ASP A 255 -49.66 32.85 44.44
CA ASP A 255 -49.68 34.22 44.90
C ASP A 255 -48.28 34.77 44.86
N PRO A 256 -47.99 35.80 44.05
CA PRO A 256 -46.61 36.29 43.94
C PRO A 256 -46.06 36.83 45.25
N GLU A 257 -46.90 37.20 46.20
CA GLU A 257 -46.43 37.86 47.43
C GLU A 257 -45.60 36.94 48.32
N LYS A 258 -45.61 35.63 48.08
CA LYS A 258 -44.85 34.71 48.91
C LYS A 258 -43.44 34.43 48.37
N LEU A 259 -43.15 34.89 47.16
CA LEU A 259 -41.85 34.59 46.55
C LEU A 259 -40.71 35.22 47.34
N ASP A 260 -40.87 36.48 47.76
CA ASP A 260 -39.82 37.15 48.51
C ASP A 260 -39.58 36.46 49.85
N GLN A 261 -40.66 36.06 50.54
CA GLN A 261 -40.50 35.38 51.82
C GLN A 261 -39.78 34.05 51.64
N ILE A 262 -40.13 33.29 50.60
CA ILE A 262 -39.47 32.01 50.36
C ILE A 262 -37.99 32.22 50.06
N ARG A 263 -37.68 33.18 49.18
CA ARG A 263 -36.29 33.44 48.83
C ARG A 263 -35.49 33.96 50.02
N GLN A 264 -36.13 34.68 50.93
CA GLN A 264 -35.44 35.13 52.14
C GLN A 264 -35.14 33.95 53.06
N ARG A 265 -36.14 33.09 53.30
CA ARG A 265 -35.91 31.93 54.15
C ARG A 265 -34.82 31.03 53.58
N GLU A 266 -34.71 30.98 52.24
CA GLU A 266 -33.76 30.10 51.57
C GLU A 266 -32.33 30.34 52.03
N SER A 267 -32.01 31.53 52.52
CA SER A 267 -30.71 31.80 53.14
C SER A 267 -30.80 32.06 54.64
N ASP A 268 -31.97 32.47 55.13
CA ASP A 268 -32.11 32.70 56.56
C ASP A 268 -31.99 31.42 57.35
N ILE A 269 -32.28 30.26 56.75
CA ILE A 269 -32.09 29.00 57.45
C ILE A 269 -30.62 28.80 57.81
N THR A 270 -29.74 28.97 56.82
CA THR A 270 -28.31 28.85 57.07
C THR A 270 -27.82 29.96 58.00
N LYS A 271 -28.40 31.16 57.86
CA LYS A 271 -28.03 32.24 58.76
C LYS A 271 -28.32 31.87 60.21
N GLU A 272 -29.50 31.27 60.46
CA GLU A 272 -29.85 30.89 61.82
C GLU A 272 -28.95 29.77 62.34
N ARG A 273 -28.63 28.80 61.49
CA ARG A 273 -27.72 27.73 61.93
C ARG A 273 -26.37 28.31 62.34
N ILE A 274 -25.80 29.17 61.49
CA ILE A 274 -24.50 29.75 61.79
C ILE A 274 -24.59 30.63 63.03
N GLN A 275 -25.70 31.34 63.20
CA GLN A 275 -25.88 32.19 64.38
C GLN A 275 -25.89 31.37 65.66
N LYS A 276 -26.56 30.22 65.65
CA LYS A 276 -26.54 29.35 66.82
C LYS A 276 -25.12 28.84 67.08
N ILE A 277 -24.44 28.37 66.03
CA ILE A 277 -23.11 27.82 66.21
C ILE A 277 -22.15 28.87 66.76
N LEU A 278 -22.29 30.11 66.31
CA LEU A 278 -21.45 31.18 66.82
C LEU A 278 -21.88 31.64 68.21
N ALA A 279 -23.17 31.53 68.53
CA ALA A 279 -23.65 31.96 69.84
C ALA A 279 -23.19 31.01 70.93
N THR A 280 -22.95 29.74 70.61
CA THR A 280 -22.43 28.85 71.64
C THR A 280 -21.02 29.23 72.08
N GLY A 281 -20.32 30.07 71.34
CA GLY A 281 -19.00 30.53 71.71
C GLY A 281 -17.85 30.00 70.88
N ALA A 282 -18.13 29.32 69.76
CA ALA A 282 -17.07 28.71 68.98
C ALA A 282 -16.19 29.76 68.31
N ASN A 283 -14.88 29.48 68.28
CA ASN A 283 -13.91 30.33 67.59
C ASN A 283 -13.43 29.72 66.28
N VAL A 284 -13.22 28.41 66.24
CA VAL A 284 -12.75 27.71 65.05
C VAL A 284 -13.82 26.74 64.61
N ILE A 285 -14.18 26.79 63.34
CA ILE A 285 -15.22 25.94 62.77
C ILE A 285 -14.63 25.21 61.57
N LEU A 286 -14.55 23.88 61.67
CA LEU A 286 -14.02 23.04 60.62
C LEU A 286 -15.15 22.17 60.07
N THR A 287 -15.29 22.15 58.74
CA THR A 287 -16.35 21.36 58.11
C THR A 287 -15.79 20.62 56.90
N THR A 288 -16.29 19.40 56.68
CA THR A 288 -15.91 18.63 55.52
C THR A 288 -16.55 19.13 54.24
N GLY A 289 -17.69 19.82 54.35
CA GLY A 289 -18.36 20.37 53.18
C GLY A 289 -17.93 21.79 52.90
N GLY A 290 -18.43 22.31 51.77
CA GLY A 290 -18.11 23.66 51.39
C GLY A 290 -18.84 24.69 52.23
N ILE A 291 -18.32 25.91 52.18
CA ILE A 291 -18.92 27.05 52.86
C ILE A 291 -19.16 28.14 51.81
N ASP A 292 -20.38 28.67 51.78
CA ASP A 292 -20.72 29.68 50.78
C ASP A 292 -20.16 31.04 51.20
N ASP A 293 -20.23 31.99 50.27
CA ASP A 293 -19.63 33.30 50.50
C ASP A 293 -20.30 34.04 51.66
N MET A 294 -21.63 34.00 51.73
CA MET A 294 -22.31 34.72 52.79
C MET A 294 -22.01 34.12 54.16
N CYS A 295 -21.90 32.79 54.24
CA CYS A 295 -21.51 32.15 55.49
C CYS A 295 -20.09 32.53 55.89
N LEU A 296 -19.18 32.60 54.92
CA LEU A 296 -17.84 33.06 55.20
C LEU A 296 -17.86 34.49 55.73
N LYS A 297 -18.72 35.33 55.17
CA LYS A 297 -18.84 36.71 55.66
C LYS A 297 -19.38 36.74 57.08
N TYR A 298 -20.32 35.85 57.40
CA TYR A 298 -20.83 35.78 58.76
C TYR A 298 -19.73 35.42 59.74
N PHE A 299 -18.89 34.44 59.37
CA PHE A 299 -17.76 34.07 60.22
C PHE A 299 -16.76 35.22 60.33
N VAL A 300 -16.55 35.95 59.24
CA VAL A 300 -15.66 37.10 59.28
C VAL A 300 -16.16 38.13 60.28
N GLU A 301 -17.45 38.47 60.20
CA GLU A 301 -18.02 39.46 61.12
C GLU A 301 -17.94 38.99 62.56
N ALA A 302 -18.20 37.70 62.79
CA ALA A 302 -18.12 37.18 64.15
C ALA A 302 -16.69 37.08 64.66
N GLY A 303 -15.69 37.26 63.80
CA GLY A 303 -14.31 37.14 64.22
C GLY A 303 -13.83 35.72 64.44
N ALA A 304 -14.49 34.75 63.83
CA ALA A 304 -14.14 33.35 63.99
C ALA A 304 -13.37 32.85 62.77
N MET A 305 -12.86 31.63 62.88
CA MET A 305 -12.09 30.99 61.82
C MET A 305 -12.89 29.84 61.25
N ALA A 306 -12.99 29.79 59.92
CA ALA A 306 -13.76 28.75 59.24
C ALA A 306 -12.89 28.12 58.17
N VAL A 307 -12.81 26.78 58.18
CA VAL A 307 -12.08 26.02 57.19
C VAL A 307 -13.04 25.03 56.54
N ARG A 308 -13.03 25.00 55.21
CA ARG A 308 -13.93 24.15 54.44
C ARG A 308 -13.17 23.01 53.79
N ARG A 309 -13.92 21.98 53.41
CA ARG A 309 -13.37 20.82 52.70
C ARG A 309 -12.26 20.14 53.50
N VAL A 310 -12.42 20.10 54.82
CA VAL A 310 -11.51 19.34 55.66
C VAL A 310 -11.74 17.86 55.46
N LEU A 311 -10.65 17.09 55.34
CA LEU A 311 -10.77 15.66 55.12
C LEU A 311 -11.46 14.98 56.28
N LYS A 312 -12.20 13.92 55.98
CA LYS A 312 -12.98 13.24 57.00
C LYS A 312 -12.09 12.62 58.07
N ARG A 313 -10.99 11.97 57.65
CA ARG A 313 -10.07 11.39 58.62
C ARG A 313 -9.41 12.48 59.45
N ASP A 314 -9.05 13.59 58.82
CA ASP A 314 -8.46 14.71 59.57
C ASP A 314 -9.46 15.26 60.58
N LEU A 315 -10.72 15.40 60.19
CA LEU A 315 -11.73 15.91 61.13
C LEU A 315 -11.94 14.94 62.28
N LYS A 316 -11.95 13.63 61.99
CA LYS A 316 -12.10 12.65 63.04
C LYS A 316 -10.94 12.71 64.02
N ARG A 317 -9.71 12.84 63.51
CA ARG A 317 -8.54 12.95 64.37
C ARG A 317 -8.60 14.22 65.21
N ILE A 318 -9.03 15.33 64.61
CA ILE A 318 -9.16 16.58 65.35
C ILE A 318 -10.18 16.43 66.48
N ALA A 319 -11.32 15.81 66.17
CA ALA A 319 -12.34 15.63 67.19
C ALA A 319 -11.85 14.72 68.31
N LYS A 320 -11.16 13.64 67.97
CA LYS A 320 -10.64 12.74 68.99
C LYS A 320 -9.61 13.43 69.87
N ALA A 321 -8.71 14.22 69.26
CA ALA A 321 -7.65 14.86 70.02
C ALA A 321 -8.19 15.97 70.92
N SER A 322 -9.03 16.84 70.37
CA SER A 322 -9.51 18.01 71.10
C SER A 322 -10.73 17.73 71.94
N GLY A 323 -11.33 16.54 71.83
CA GLY A 323 -12.53 16.23 72.58
C GLY A 323 -13.81 16.74 71.99
N ALA A 324 -13.79 17.22 70.75
CA ALA A 324 -15.00 17.72 70.11
C ALA A 324 -15.91 16.56 69.71
N THR A 325 -17.01 16.90 69.04
CA THR A 325 -17.96 15.89 68.58
C THR A 325 -18.40 16.26 67.17
N ILE A 326 -18.21 15.33 66.22
CA ILE A 326 -18.68 15.55 64.87
C ILE A 326 -20.19 15.59 64.85
N LEU A 327 -20.75 16.59 64.19
CA LEU A 327 -22.20 16.78 64.11
C LEU A 327 -22.61 16.76 62.63
N SER A 328 -23.15 15.63 62.19
CA SER A 328 -23.68 15.56 60.82
C SER A 328 -24.85 16.51 60.63
N THR A 329 -25.72 16.60 61.63
CA THR A 329 -26.86 17.51 61.61
C THR A 329 -27.01 18.16 62.97
N LEU A 330 -27.66 19.33 62.98
CA LEU A 330 -28.03 20.00 64.22
C LEU A 330 -29.45 19.59 64.56
N ALA A 331 -29.59 18.53 65.35
CA ALA A 331 -30.92 18.01 65.67
C ALA A 331 -30.81 17.21 66.96
N ASN A 332 -31.44 17.70 68.02
CA ASN A 332 -31.51 16.97 69.27
C ASN A 332 -32.71 16.02 69.25
N LEU A 333 -32.85 15.24 70.32
CA LEU A 333 -33.94 14.28 70.42
C LEU A 333 -35.29 14.92 70.73
N GLU A 334 -35.36 16.25 70.75
CA GLU A 334 -36.61 16.96 70.97
C GLU A 334 -37.21 17.48 69.67
N GLY A 335 -36.65 17.11 68.52
CA GLY A 335 -37.13 17.60 67.25
C GLY A 335 -36.68 19.00 66.91
N GLU A 336 -35.83 19.61 67.73
CA GLU A 336 -35.39 20.98 67.53
C GLU A 336 -34.05 20.99 66.82
N GLU A 337 -33.46 22.18 66.69
CA GLU A 337 -32.21 22.40 65.98
C GLU A 337 -31.32 23.27 66.87
N THR A 338 -30.53 22.64 67.72
CA THR A 338 -29.75 23.35 68.73
C THR A 338 -28.30 22.89 68.69
N PHE A 339 -27.41 23.79 69.10
CA PHE A 339 -25.98 23.49 69.27
C PHE A 339 -25.60 23.89 70.69
N GLU A 340 -24.94 22.99 71.40
CA GLU A 340 -24.60 23.19 72.80
C GLU A 340 -23.09 23.16 73.00
N ALA A 341 -22.64 23.88 74.03
CA ALA A 341 -21.21 24.07 74.24
C ALA A 341 -20.49 22.79 74.65
N ALA A 342 -21.23 21.76 75.07
CA ALA A 342 -20.60 20.50 75.44
C ALA A 342 -19.98 19.76 74.26
N MET A 343 -20.27 20.18 73.03
CA MET A 343 -19.74 19.54 71.83
C MET A 343 -18.54 20.29 71.26
N LEU A 344 -17.96 21.21 72.03
CA LEU A 344 -16.86 22.03 71.55
C LEU A 344 -15.52 21.44 71.99
N GLY A 345 -14.59 21.30 71.04
CA GLY A 345 -13.23 20.96 71.38
C GLY A 345 -12.41 22.19 71.71
N GLN A 346 -11.31 21.98 72.44
CA GLN A 346 -10.49 23.08 72.90
C GLN A 346 -9.02 22.81 72.61
N ALA A 347 -8.32 23.88 72.23
CA ALA A 347 -6.89 23.81 71.96
C ALA A 347 -6.24 25.11 72.40
N GLU A 348 -4.95 25.05 72.65
CA GLU A 348 -4.23 26.22 73.16
C GLU A 348 -3.86 27.21 72.07
N GLU A 349 -3.99 26.85 70.80
CA GLU A 349 -3.71 27.78 69.70
C GLU A 349 -4.11 27.12 68.38
N VAL A 350 -4.55 27.96 67.45
CA VAL A 350 -4.73 27.58 66.05
C VAL A 350 -4.10 28.68 65.21
N VAL A 351 -3.13 28.30 64.37
CA VAL A 351 -2.29 29.27 63.67
C VAL A 351 -2.30 28.96 62.18
N GLN A 352 -2.27 30.02 61.37
CA GLN A 352 -2.13 29.91 59.92
C GLN A 352 -0.65 30.08 59.58
N GLU A 353 0.13 29.05 59.89
CA GLU A 353 1.57 29.12 59.69
C GLU A 353 1.93 29.00 58.21
N ARG A 354 3.04 29.62 57.84
CA ARG A 354 3.52 29.63 56.46
C ARG A 354 4.75 28.74 56.33
N ILE A 355 4.72 27.84 55.35
CA ILE A 355 5.81 26.88 55.13
C ILE A 355 6.16 26.96 53.64
N CYS A 356 7.18 27.75 53.30
CA CYS A 356 7.74 27.82 51.95
C CYS A 356 6.66 28.19 50.92
N ASP A 357 6.13 29.41 51.07
CA ASP A 357 5.07 29.92 50.19
C ASP A 357 3.89 28.97 50.15
N ASP A 358 3.56 28.39 51.30
CA ASP A 358 2.44 27.47 51.43
C ASP A 358 1.97 27.51 52.87
N GLU A 359 0.72 27.91 53.08
CA GLU A 359 0.17 28.10 54.41
C GLU A 359 -0.63 26.87 54.82
N LEU A 360 -0.42 26.43 56.06
CA LEU A 360 -1.13 25.29 56.62
C LEU A 360 -1.53 25.58 58.05
N ILE A 361 -2.59 24.94 58.50
CA ILE A 361 -3.18 25.22 59.80
C ILE A 361 -2.53 24.34 60.85
N LEU A 362 -2.08 24.95 61.95
CA LEU A 362 -1.49 24.23 63.07
C LEU A 362 -2.41 24.37 64.28
N ILE A 363 -2.84 23.23 64.83
CA ILE A 363 -3.63 23.18 66.05
C ILE A 363 -2.75 22.58 67.14
N LYS A 364 -2.49 23.37 68.18
CA LYS A 364 -1.45 23.04 69.16
C LYS A 364 -2.07 22.81 70.53
N ASN A 365 -1.55 21.79 71.23
CA ASN A 365 -1.90 21.51 72.62
C ASN A 365 -3.40 21.29 72.80
N THR A 366 -3.93 20.34 72.03
CA THR A 366 -5.32 19.95 72.21
C THR A 366 -5.51 19.32 73.58
N LYS A 367 -6.66 19.59 74.19
CA LYS A 367 -6.93 19.08 75.53
C LYS A 367 -7.69 17.76 75.46
N ALA A 368 -7.65 17.03 76.57
CA ALA A 368 -8.33 15.74 76.76
C ALA A 368 -7.65 14.62 75.99
N ARG A 369 -6.65 14.96 75.17
CA ARG A 369 -5.85 13.99 74.44
C ARG A 369 -4.70 14.72 73.77
N THR A 370 -3.57 14.03 73.67
CA THR A 370 -2.38 14.57 73.01
C THR A 370 -2.20 13.87 71.67
N SER A 371 -2.05 14.66 70.62
CA SER A 371 -1.82 14.16 69.28
C SER A 371 -0.44 14.59 68.79
N ALA A 372 -0.09 14.16 67.59
CA ALA A 372 1.22 14.48 67.03
C ALA A 372 1.13 14.54 65.52
N SER A 373 1.82 15.52 64.95
CA SER A 373 1.95 15.63 63.50
C SER A 373 3.40 15.98 63.18
N ILE A 374 3.83 15.61 61.99
CA ILE A 374 5.22 15.77 61.56
C ILE A 374 5.25 16.50 60.23
N ILE A 375 6.07 17.53 60.15
CA ILE A 375 6.29 18.27 58.90
C ILE A 375 7.73 18.02 58.48
N LEU A 376 7.91 17.46 57.29
CA LEU A 376 9.20 17.08 56.78
C LEU A 376 9.69 18.10 55.77
N ARG A 377 10.88 18.64 56.00
CA ARG A 377 11.51 19.60 55.11
C ARG A 377 12.62 18.92 54.33
N GLY A 378 12.60 19.05 53.01
CA GLY A 378 13.57 18.41 52.16
C GLY A 378 14.03 19.34 51.05
N ALA A 379 14.95 18.82 50.22
CA ALA A 379 15.47 19.60 49.12
C ALA A 379 14.43 19.75 48.02
N ASN A 380 13.61 18.74 47.78
CA ASN A 380 12.59 18.78 46.75
C ASN A 380 11.49 17.79 47.11
N ASP A 381 10.56 17.59 46.18
CA ASP A 381 9.43 16.70 46.44
C ASP A 381 9.89 15.25 46.55
N PHE A 382 10.88 14.86 45.73
CA PHE A 382 11.32 13.47 45.72
C PHE A 382 11.89 13.08 47.08
N MET A 383 12.76 13.92 47.61
CA MET A 383 13.37 13.66 48.91
C MET A 383 12.34 13.67 50.02
N CYS A 384 11.34 14.54 49.90
CA CYS A 384 10.26 14.57 50.89
C CYS A 384 9.45 13.28 50.87
N ASP A 385 9.15 12.75 49.68
CA ASP A 385 8.43 11.49 49.59
C ASP A 385 9.23 10.35 50.20
N GLU A 386 10.53 10.31 49.91
CA GLU A 386 11.36 9.28 50.53
C GLU A 386 11.41 9.44 52.04
N MET A 387 11.47 10.69 52.52
CA MET A 387 11.39 10.94 53.95
C MET A 387 10.11 10.39 54.54
N GLU A 388 8.98 10.60 53.86
CA GLU A 388 7.70 10.11 54.38
C GLU A 388 7.70 8.59 54.45
N ARG A 389 8.18 7.92 53.40
CA ARG A 389 8.19 6.46 53.41
C ARG A 389 9.09 5.90 54.51
N SER A 390 10.28 6.48 54.65
CA SER A 390 11.20 6.02 55.69
C SER A 390 10.63 6.29 57.08
N LEU A 391 9.99 7.45 57.26
CA LEU A 391 9.39 7.79 58.54
C LEU A 391 8.25 6.85 58.88
N HIS A 392 7.46 6.46 57.88
CA HIS A 392 6.42 5.47 58.11
C HIS A 392 7.01 4.13 58.52
N ASP A 393 8.11 3.72 57.88
CA ASP A 393 8.78 2.50 58.30
C ASP A 393 9.22 2.58 59.76
N ALA A 394 9.82 3.70 60.15
CA ALA A 394 10.27 3.87 61.53
C ALA A 394 9.10 3.84 62.50
N LEU A 395 8.00 4.49 62.17
CA LEU A 395 6.83 4.49 63.03
C LEU A 395 6.28 3.08 63.21
N CYS A 396 6.21 2.32 62.12
CA CYS A 396 5.73 0.95 62.20
C CYS A 396 6.64 0.11 63.10
N VAL A 397 7.96 0.26 62.94
CA VAL A 397 8.88 -0.52 63.76
C VAL A 397 8.74 -0.17 65.24
N VAL A 398 8.62 1.13 65.55
CA VAL A 398 8.48 1.54 66.93
C VAL A 398 7.16 1.01 67.51
N LYS A 399 6.09 1.04 66.72
CA LYS A 399 4.82 0.52 67.18
C LYS A 399 4.91 -0.98 67.47
N ARG A 400 5.58 -1.73 66.59
CA ARG A 400 5.75 -3.16 66.82
C ARG A 400 6.55 -3.42 68.10
N VAL A 401 7.62 -2.64 68.32
CA VAL A 401 8.43 -2.84 69.52
C VAL A 401 7.62 -2.51 70.77
N LEU A 402 6.79 -1.47 70.71
CA LEU A 402 6.01 -1.09 71.89
C LEU A 402 4.90 -2.09 72.18
N GLU A 403 4.27 -2.63 71.13
CA GLU A 403 3.18 -3.59 71.34
C GLU A 403 3.71 -4.90 71.91
N SER A 404 4.61 -5.56 71.19
CA SER A 404 5.27 -6.77 71.67
C SER A 404 6.66 -6.38 72.16
N LYS A 405 6.96 -6.71 73.41
CA LYS A 405 8.14 -6.20 74.10
C LYS A 405 9.39 -7.04 73.85
N SER A 406 9.45 -7.76 72.74
CA SER A 406 10.60 -8.58 72.40
C SER A 406 11.27 -8.05 71.15
N VAL A 407 12.61 -8.04 71.14
CA VAL A 407 13.39 -7.62 69.99
C VAL A 407 14.45 -8.69 69.74
N VAL A 408 14.99 -8.67 68.52
CA VAL A 408 16.02 -9.62 68.12
C VAL A 408 17.23 -8.84 67.64
N PRO A 409 18.45 -9.38 67.80
CA PRO A 409 19.62 -8.69 67.27
C PRO A 409 19.56 -8.57 65.75
N GLY A 410 20.03 -7.44 65.24
CA GLY A 410 20.03 -7.18 63.81
C GLY A 410 21.32 -7.59 63.14
N GLY A 411 21.44 -7.21 61.88
CA GLY A 411 22.64 -7.50 61.12
C GLY A 411 22.87 -8.96 60.84
N GLY A 412 21.81 -9.74 60.62
CA GLY A 412 21.96 -11.13 60.25
C GLY A 412 22.36 -12.06 61.36
N ALA A 413 22.36 -11.61 62.62
CA ALA A 413 22.70 -12.50 63.72
C ALA A 413 21.69 -13.63 63.85
N VAL A 414 20.40 -13.29 63.76
CA VAL A 414 19.35 -14.30 63.87
C VAL A 414 19.46 -15.29 62.72
N GLU A 415 19.76 -14.80 61.50
CA GLU A 415 19.87 -15.69 60.36
C GLU A 415 21.01 -16.70 60.54
N ALA A 416 22.18 -16.23 61.00
CA ALA A 416 23.30 -17.13 61.20
C ALA A 416 23.02 -18.13 62.31
N ALA A 417 22.44 -17.66 63.43
CA ALA A 417 22.12 -18.56 64.52
C ALA A 417 21.12 -19.63 64.07
N LEU A 418 20.09 -19.22 63.32
CA LEU A 418 19.11 -20.16 62.82
C LEU A 418 19.73 -21.14 61.84
N SER A 419 20.64 -20.67 60.97
CA SER A 419 21.29 -21.58 60.04
C SER A 419 22.07 -22.65 60.78
N ILE A 420 22.86 -22.23 61.78
CA ILE A 420 23.65 -23.21 62.55
C ILE A 420 22.73 -24.19 63.26
N TYR A 421 21.72 -23.68 63.95
CA TYR A 421 20.83 -24.55 64.72
C TYR A 421 20.07 -25.51 63.82
N LEU A 422 19.60 -25.03 62.67
CA LEU A 422 18.80 -25.88 61.79
C LEU A 422 19.68 -26.93 61.10
N GLU A 423 20.90 -26.56 60.70
CA GLU A 423 21.77 -27.56 60.10
C GLU A 423 22.22 -28.59 61.13
N ASN A 424 22.29 -28.22 62.40
CA ASN A 424 22.58 -29.21 63.44
C ASN A 424 21.36 -30.07 63.75
N TYR A 425 20.16 -29.49 63.67
CA TYR A 425 18.93 -30.18 64.03
C TYR A 425 18.41 -31.09 62.92
N ALA A 426 18.76 -30.81 61.67
CA ALA A 426 18.24 -31.59 60.55
C ALA A 426 18.66 -33.05 60.60
N THR A 427 19.75 -33.37 61.30
CA THR A 427 20.28 -34.71 61.34
C THR A 427 19.51 -35.64 62.27
N SER A 428 18.31 -35.23 62.69
CA SER A 428 17.49 -36.03 63.60
C SER A 428 16.12 -36.37 63.04
N MET A 429 15.54 -35.50 62.22
CA MET A 429 14.17 -35.67 61.76
C MET A 429 14.14 -36.13 60.31
N GLY A 430 13.49 -37.27 60.07
CA GLY A 430 13.30 -37.77 58.73
C GLY A 430 14.56 -38.30 58.07
N SER A 431 14.47 -38.50 56.76
CA SER A 431 15.59 -38.94 55.95
C SER A 431 15.88 -38.02 54.79
N ARG A 432 14.84 -37.50 54.12
CA ARG A 432 15.00 -36.45 53.11
C ARG A 432 14.58 -35.09 53.62
N GLU A 433 13.69 -35.06 54.62
CA GLU A 433 13.45 -33.82 55.35
C GLU A 433 14.74 -33.30 55.97
N GLN A 434 15.70 -34.18 56.25
CA GLN A 434 17.02 -33.73 56.65
C GLN A 434 17.62 -32.79 55.60
N LEU A 435 17.61 -33.23 54.33
CA LEU A 435 18.15 -32.40 53.27
C LEU A 435 17.33 -31.13 53.09
N ALA A 436 16.01 -31.23 53.22
CA ALA A 436 15.17 -30.04 53.06
C ALA A 436 15.47 -29.00 54.14
N ILE A 437 15.61 -29.45 55.39
CA ILE A 437 15.91 -28.52 56.48
C ILE A 437 17.32 -27.96 56.33
N ALA A 438 18.26 -28.78 55.85
CA ALA A 438 19.61 -28.26 55.60
C ALA A 438 19.58 -27.16 54.54
N GLU A 439 18.79 -27.36 53.49
CA GLU A 439 18.67 -26.32 52.46
C GLU A 439 17.98 -25.08 53.00
N PHE A 440 17.00 -25.25 53.88
CA PHE A 440 16.37 -24.10 54.53
C PHE A 440 17.40 -23.30 55.33
N ALA A 441 18.23 -24.01 56.11
CA ALA A 441 19.26 -23.34 56.89
C ALA A 441 20.25 -22.62 55.99
N ARG A 442 20.66 -23.26 54.90
CA ARG A 442 21.59 -22.61 53.97
C ARG A 442 20.96 -21.38 53.33
N SER A 443 19.68 -21.48 52.95
CA SER A 443 19.00 -20.34 52.35
C SER A 443 18.86 -19.18 53.32
N LEU A 444 18.79 -19.47 54.62
CA LEU A 444 18.72 -18.39 55.59
C LEU A 444 19.97 -17.52 55.62
N LEU A 445 21.07 -17.97 55.02
CA LEU A 445 22.32 -17.22 55.03
C LEU A 445 22.39 -16.15 53.95
N VAL A 446 21.35 -16.03 53.11
CA VAL A 446 21.38 -15.06 52.02
C VAL A 446 21.31 -13.63 52.53
N ILE A 447 20.80 -13.41 53.74
CA ILE A 447 20.67 -12.05 54.28
C ILE A 447 22.05 -11.52 54.67
N PRO A 448 22.83 -12.18 55.54
CA PRO A 448 24.16 -11.66 55.82
C PRO A 448 25.06 -11.63 54.59
N ASN A 449 24.89 -12.57 53.66
CA ASN A 449 25.67 -12.54 52.43
C ASN A 449 25.37 -11.29 51.62
N THR A 450 24.09 -10.94 51.49
CA THR A 450 23.72 -9.74 50.76
C THR A 450 24.20 -8.49 51.49
N LEU A 451 24.11 -8.48 52.82
CA LEU A 451 24.61 -7.34 53.59
C LEU A 451 26.09 -7.13 53.33
N ALA A 452 26.87 -8.21 53.39
CA ALA A 452 28.32 -8.08 53.17
C ALA A 452 28.63 -7.69 51.73
N VAL A 453 27.89 -8.25 50.77
CA VAL A 453 28.16 -7.95 49.37
C VAL A 453 27.88 -6.48 49.06
N ASN A 454 26.77 -5.95 49.59
CA ASN A 454 26.42 -4.56 49.31
C ASN A 454 27.48 -3.58 49.84
N ALA A 455 28.27 -4.00 50.82
CA ALA A 455 29.31 -3.15 51.38
C ALA A 455 30.65 -3.32 50.68
N ALA A 456 30.71 -4.10 49.61
CA ALA A 456 31.95 -4.37 48.87
C ALA A 456 33.02 -4.92 49.81
N GLN A 457 32.66 -5.94 50.57
CA GLN A 457 33.57 -6.61 51.50
C GLN A 457 33.55 -8.11 51.22
N ASP A 458 34.46 -8.82 51.87
CA ASP A 458 34.58 -10.27 51.68
C ASP A 458 33.40 -10.94 52.36
N SER A 459 32.39 -11.29 51.57
CA SER A 459 31.20 -11.94 52.13
C SER A 459 31.55 -13.31 52.71
N THR A 460 32.39 -14.07 52.02
CA THR A 460 32.70 -15.44 52.47
C THR A 460 33.34 -15.43 53.84
N ASP A 461 34.37 -14.61 54.03
CA ASP A 461 35.07 -14.58 55.32
C ASP A 461 34.15 -14.09 56.43
N LEU A 462 33.37 -13.04 56.16
CA LEU A 462 32.48 -12.50 57.19
C LEU A 462 31.44 -13.52 57.61
N VAL A 463 30.81 -14.18 56.64
CA VAL A 463 29.79 -15.17 56.97
C VAL A 463 30.41 -16.37 57.66
N ALA A 464 31.62 -16.76 57.27
CA ALA A 464 32.30 -17.86 57.94
C ALA A 464 32.58 -17.52 59.39
N LYS A 465 33.04 -16.29 59.66
CA LYS A 465 33.30 -15.89 61.03
C LYS A 465 32.02 -15.83 61.85
N LEU A 466 30.94 -15.32 61.25
CA LEU A 466 29.65 -15.31 61.95
C LEU A 466 29.20 -16.72 62.29
N ARG A 467 29.32 -17.65 61.34
CA ARG A 467 28.90 -19.03 61.58
C ARG A 467 29.77 -19.67 62.66
N ALA A 468 31.06 -19.38 62.65
CA ALA A 468 31.95 -19.92 63.68
C ALA A 468 31.56 -19.40 65.06
N PHE A 469 31.29 -18.09 65.16
CA PHE A 469 30.88 -17.52 66.44
C PHE A 469 29.58 -18.13 66.93
N HIS A 470 28.60 -18.30 66.03
CA HIS A 470 27.30 -18.81 66.45
C HIS A 470 27.38 -20.29 66.81
N ASN A 471 28.19 -21.06 66.08
CA ASN A 471 28.41 -22.46 66.43
C ASN A 471 29.08 -22.58 67.79
N GLU A 472 30.08 -21.73 68.06
CA GLU A 472 30.70 -21.73 69.37
C GLU A 472 29.71 -21.38 70.47
N ALA A 473 28.83 -20.42 70.20
CA ALA A 473 27.81 -20.06 71.17
C ALA A 473 26.85 -21.22 71.43
N GLN A 474 26.46 -21.93 70.38
CA GLN A 474 25.47 -22.99 70.55
C GLN A 474 26.07 -24.23 71.22
N VAL A 475 27.31 -24.58 70.89
CA VAL A 475 27.89 -25.80 71.44
C VAL A 475 28.56 -25.60 72.80
N ASN A 476 28.89 -24.37 73.18
CA ASN A 476 29.53 -24.12 74.46
C ASN A 476 28.57 -23.38 75.38
N PRO A 477 28.12 -23.99 76.47
CA PRO A 477 27.18 -23.30 77.37
C PRO A 477 27.74 -22.03 77.97
N GLU A 478 29.05 -21.94 78.20
CA GLU A 478 29.63 -20.77 78.83
C GLU A 478 29.82 -19.60 77.87
N ARG A 479 29.65 -19.82 76.57
CA ARG A 479 29.75 -18.77 75.57
C ARG A 479 28.39 -18.43 74.97
N LYS A 480 27.35 -18.47 75.82
CA LYS A 480 25.99 -18.24 75.35
C LYS A 480 25.73 -16.77 74.99
N ASN A 481 26.64 -15.87 75.31
CA ASN A 481 26.46 -14.45 75.01
C ASN A 481 26.90 -14.08 73.60
N LEU A 482 27.36 -15.04 72.80
CA LEU A 482 27.76 -14.77 71.43
C LEU A 482 26.61 -14.86 70.45
N LYS A 483 25.39 -15.12 70.91
CA LYS A 483 24.24 -15.14 70.01
C LYS A 483 23.98 -13.79 69.39
N TRP A 484 24.41 -12.70 70.03
CA TRP A 484 24.17 -11.36 69.53
C TRP A 484 25.18 -10.92 68.48
N ILE A 485 26.16 -11.76 68.16
CA ILE A 485 27.20 -11.37 67.20
C ILE A 485 26.56 -11.24 65.83
N GLY A 486 26.69 -10.07 65.22
CA GLY A 486 26.15 -9.79 63.90
C GLY A 486 27.25 -9.29 62.98
N LEU A 487 26.91 -8.28 62.20
CA LEU A 487 27.84 -7.67 61.26
C LEU A 487 27.97 -6.17 61.55
N ASP A 488 29.20 -5.67 61.46
CA ASP A 488 29.48 -4.25 61.53
C ASP A 488 29.93 -3.84 60.13
N LEU A 489 28.98 -3.39 59.32
CA LEU A 489 29.26 -3.13 57.90
C LEU A 489 30.22 -1.98 57.70
N SER A 490 30.31 -1.06 58.67
CA SER A 490 31.25 0.05 58.54
C SER A 490 32.70 -0.45 58.60
N ASN A 491 32.98 -1.38 59.50
CA ASN A 491 34.33 -1.91 59.67
C ASN A 491 34.52 -3.29 59.05
N GLY A 492 33.43 -3.95 58.65
CA GLY A 492 33.55 -5.26 58.03
C GLY A 492 34.09 -6.33 58.95
N LYS A 493 33.60 -6.38 60.19
CA LYS A 493 33.99 -7.42 61.13
C LYS A 493 32.80 -7.75 62.01
N PRO A 494 32.74 -8.95 62.57
CA PRO A 494 31.63 -9.29 63.46
C PRO A 494 31.61 -8.40 64.69
N ARG A 495 30.40 -8.12 65.18
CA ARG A 495 30.21 -7.23 66.31
C ARG A 495 28.98 -7.66 67.09
N ASP A 496 29.03 -7.47 68.40
CA ASP A 496 27.88 -7.77 69.27
C ASP A 496 26.81 -6.71 69.03
N ASN A 497 25.86 -7.02 68.17
CA ASN A 497 24.86 -6.05 67.77
C ASN A 497 23.95 -5.64 68.93
N LYS A 498 23.73 -6.54 69.89
CA LYS A 498 22.91 -6.17 71.05
C LYS A 498 23.58 -5.08 71.86
N GLN A 499 24.90 -5.17 72.05
CA GLN A 499 25.62 -4.11 72.74
C GLN A 499 25.70 -2.84 71.90
N ALA A 500 25.64 -2.97 70.58
CA ALA A 500 25.71 -1.83 69.68
C ALA A 500 24.34 -1.22 69.38
N GLY A 501 23.28 -1.74 70.00
CA GLY A 501 21.96 -1.19 69.79
C GLY A 501 21.39 -1.38 68.40
N VAL A 502 21.63 -2.54 67.79
CA VAL A 502 21.05 -2.86 66.49
C VAL A 502 19.96 -3.90 66.70
N PHE A 503 18.71 -3.44 66.76
CA PHE A 503 17.59 -4.29 67.12
C PHE A 503 16.53 -4.27 66.03
N GLU A 504 15.78 -5.36 65.93
CA GLU A 504 14.58 -5.46 65.13
C GLU A 504 13.49 -6.14 65.96
N PRO A 505 12.23 -5.81 65.71
CA PRO A 505 11.15 -6.51 66.41
C PRO A 505 11.12 -7.98 66.02
N THR A 506 10.78 -8.83 66.98
CA THR A 506 10.70 -10.26 66.71
C THR A 506 9.62 -10.57 65.69
N ILE A 507 8.53 -9.80 65.70
CA ILE A 507 7.44 -10.03 64.77
C ILE A 507 7.91 -9.90 63.33
N VAL A 508 8.87 -9.01 63.06
CA VAL A 508 9.35 -8.82 61.70
C VAL A 508 9.97 -10.12 61.18
N LYS A 509 10.89 -10.69 61.95
CA LYS A 509 11.55 -11.93 61.53
C LYS A 509 10.56 -13.09 61.46
N VAL A 510 9.67 -13.19 62.44
CA VAL A 510 8.74 -14.32 62.47
C VAL A 510 7.82 -14.27 61.26
N LYS A 511 7.22 -13.10 60.99
CA LYS A 511 6.32 -12.96 59.86
C LYS A 511 7.06 -13.14 58.55
N SER A 512 8.29 -12.63 58.45
CA SER A 512 9.07 -12.82 57.23
C SER A 512 9.28 -14.31 56.96
N LEU A 513 9.68 -15.06 58.00
CA LEU A 513 9.91 -16.49 57.82
C LEU A 513 8.63 -17.20 57.41
N LYS A 514 7.52 -16.92 58.09
CA LYS A 514 6.27 -17.61 57.79
C LYS A 514 5.80 -17.31 56.37
N PHE A 515 5.77 -16.02 56.00
CA PHE A 515 5.29 -15.64 54.68
C PHE A 515 6.20 -16.19 53.58
N ALA A 516 7.52 -16.11 53.78
CA ALA A 516 8.44 -16.64 52.79
C ALA A 516 8.26 -18.14 52.62
N THR A 517 8.10 -18.87 53.72
CA THR A 517 7.87 -20.31 53.62
C THR A 517 6.59 -20.61 52.85
N GLU A 518 5.51 -19.88 53.16
CA GLU A 518 4.25 -20.14 52.47
C GLU A 518 4.35 -19.84 50.99
N ALA A 519 5.00 -18.72 50.63
CA ALA A 519 5.16 -18.39 49.21
C ALA A 519 6.02 -19.41 48.49
N ALA A 520 7.11 -19.85 49.13
CA ALA A 520 7.96 -20.86 48.52
C ALA A 520 7.21 -22.16 48.31
N ILE A 521 6.39 -22.57 49.28
CA ILE A 521 5.58 -23.77 49.12
C ILE A 521 4.60 -23.61 47.97
N THR A 522 3.94 -22.45 47.90
CA THR A 522 2.97 -22.21 46.84
C THR A 522 3.61 -22.31 45.47
N ILE A 523 4.78 -21.70 45.29
CA ILE A 523 5.44 -21.78 43.99
C ILE A 523 5.94 -23.19 43.72
N LEU A 524 6.43 -23.88 44.76
CA LEU A 524 6.95 -25.23 44.59
C LEU A 524 5.86 -26.23 44.23
N ARG A 525 4.60 -25.94 44.57
CA ARG A 525 3.52 -26.84 44.20
C ARG A 525 3.32 -26.92 42.70
N ILE A 526 3.70 -25.90 41.95
CA ILE A 526 3.49 -25.86 40.51
C ILE A 526 4.47 -26.80 39.83
N ASP A 527 3.97 -27.65 38.93
CA ASP A 527 4.83 -28.46 38.09
C ASP A 527 4.35 -28.50 36.64
N ASP A 528 3.32 -27.74 36.29
CA ASP A 528 2.79 -27.74 34.93
C ASP A 528 2.05 -26.43 34.73
N LEU A 529 2.24 -25.82 33.57
CA LEU A 529 1.64 -24.53 33.25
C LEU A 529 0.84 -24.63 31.96
N ILE A 530 -0.38 -24.11 31.98
CA ILE A 530 -1.19 -23.95 30.78
C ILE A 530 -1.48 -22.47 30.62
N LYS A 531 -1.03 -21.88 29.52
CA LYS A 531 -1.20 -20.46 29.26
C LYS A 531 -2.09 -20.31 28.03
N LEU A 532 -3.39 -20.13 28.28
CA LEU A 532 -4.33 -19.96 27.18
C LEU A 532 -4.08 -18.64 26.45
N HIS A 533 -4.28 -18.66 25.14
CA HIS A 533 -4.09 -17.46 24.35
C HIS A 533 -5.17 -16.44 24.68
N PRO A 534 -4.84 -15.15 24.70
CA PRO A 534 -5.86 -14.13 25.00
C PRO A 534 -6.95 -14.12 23.95
N GLU A 535 -8.17 -13.79 24.40
CA GLU A 535 -9.33 -13.79 23.52
C GLU A 535 -9.44 -12.52 22.67
N SER A 536 -8.70 -11.47 23.01
CA SER A 536 -8.77 -10.22 22.26
C SER A 536 -7.78 -10.23 21.09
N ALA B 1 -33.39 -20.25 -26.99
CA ALA B 1 -32.24 -19.70 -26.29
C ALA B 1 -32.39 -19.91 -24.79
N SER B 2 -31.36 -19.52 -24.04
CA SER B 2 -31.35 -19.64 -22.58
C SER B 2 -31.23 -18.26 -21.95
N LEU B 3 -31.83 -18.13 -20.76
CA LEU B 3 -31.81 -16.85 -20.08
C LEU B 3 -30.41 -16.51 -19.56
N SER B 4 -29.64 -17.53 -19.19
CA SER B 4 -28.26 -17.30 -18.75
C SER B 4 -27.27 -17.42 -19.91
N LEU B 5 -27.51 -18.34 -20.84
CA LEU B 5 -26.62 -18.54 -21.98
C LEU B 5 -27.10 -17.74 -23.18
N ALA B 6 -27.14 -16.42 -23.00
CA ALA B 6 -27.51 -15.51 -24.06
C ALA B 6 -26.44 -14.44 -24.22
N PRO B 7 -26.26 -13.92 -25.44
CA PRO B 7 -25.23 -12.88 -25.64
C PRO B 7 -25.44 -11.66 -24.76
N VAL B 8 -26.68 -11.26 -24.55
CA VAL B 8 -26.99 -10.17 -23.62
C VAL B 8 -27.24 -10.77 -22.25
N ASN B 9 -26.97 -9.98 -21.21
CA ASN B 9 -27.06 -10.46 -19.83
C ASN B 9 -28.34 -9.91 -19.19
N ILE B 10 -29.19 -10.81 -18.72
CA ILE B 10 -30.41 -10.43 -18.01
C ILE B 10 -30.29 -11.05 -16.63
N PHE B 11 -29.64 -10.32 -15.71
CA PHE B 11 -29.48 -10.61 -14.29
C PHE B 11 -28.70 -9.46 -13.68
N LYS B 12 -28.81 -9.34 -12.36
CA LYS B 12 -27.91 -8.46 -11.62
C LYS B 12 -26.61 -9.19 -11.36
N ALA B 13 -25.68 -8.52 -10.69
CA ALA B 13 -24.42 -9.15 -10.33
C ALA B 13 -24.65 -10.18 -9.23
N GLY B 14 -24.12 -11.39 -9.43
CA GLY B 14 -24.26 -12.45 -8.46
C GLY B 14 -25.52 -13.29 -8.59
N ALA B 15 -26.42 -12.94 -9.51
CA ALA B 15 -27.64 -13.70 -9.73
C ALA B 15 -27.44 -14.65 -10.89
N ASP B 16 -27.85 -15.91 -10.71
CA ASP B 16 -27.65 -16.94 -11.71
C ASP B 16 -28.89 -17.81 -11.78
N GLU B 17 -28.86 -18.80 -12.68
CA GLU B 17 -29.96 -19.74 -12.83
C GLU B 17 -29.42 -21.02 -13.43
N GLU B 18 -30.09 -22.13 -13.12
CA GLU B 18 -29.71 -23.44 -13.60
C GLU B 18 -30.88 -24.06 -14.36
N ARG B 19 -30.62 -24.51 -15.58
CA ARG B 19 -31.65 -25.06 -16.45
C ARG B 19 -31.92 -26.51 -16.05
N ALA B 20 -32.63 -27.24 -16.92
CA ALA B 20 -33.24 -28.52 -16.55
C ALA B 20 -32.23 -29.49 -15.97
N GLU B 21 -31.22 -29.89 -16.75
CA GLU B 21 -30.30 -30.92 -16.30
C GLU B 21 -29.51 -30.45 -15.08
N THR B 22 -29.04 -29.20 -15.08
CA THR B 22 -28.26 -28.70 -13.95
C THR B 22 -29.12 -28.59 -12.69
N ALA B 23 -30.35 -28.08 -12.84
CA ALA B 23 -31.23 -27.96 -11.67
C ALA B 23 -31.55 -29.32 -11.10
N ARG B 24 -31.86 -30.30 -11.96
CA ARG B 24 -32.14 -31.65 -11.48
C ARG B 24 -30.91 -32.24 -10.80
N LEU B 25 -29.73 -32.02 -11.37
CA LEU B 25 -28.50 -32.54 -10.77
C LEU B 25 -28.30 -31.97 -9.38
N THR B 26 -28.44 -30.65 -9.23
CA THR B 26 -28.24 -30.03 -7.93
C THR B 26 -29.28 -30.48 -6.92
N SER B 27 -30.55 -30.57 -7.34
CA SER B 27 -31.61 -31.00 -6.43
C SER B 27 -31.36 -32.42 -5.95
N PHE B 28 -31.03 -33.32 -6.88
CA PHE B 28 -30.78 -34.71 -6.49
C PHE B 28 -29.54 -34.82 -5.62
N ILE B 29 -28.49 -34.06 -5.92
CA ILE B 29 -27.29 -34.10 -5.11
C ILE B 29 -27.60 -33.68 -3.68
N GLY B 30 -28.34 -32.57 -3.52
CA GLY B 30 -28.69 -32.12 -2.19
C GLY B 30 -29.56 -33.11 -1.44
N ALA B 31 -30.56 -33.67 -2.13
CA ALA B 31 -31.45 -34.63 -1.49
C ALA B 31 -30.69 -35.87 -1.04
N ILE B 32 -29.83 -36.41 -1.91
CA ILE B 32 -29.08 -37.60 -1.56
C ILE B 32 -28.10 -37.30 -0.44
N ALA B 33 -27.49 -36.12 -0.45
CA ALA B 33 -26.58 -35.76 0.64
C ALA B 33 -27.31 -35.73 1.97
N ILE B 34 -28.50 -35.10 2.00
CA ILE B 34 -29.26 -35.03 3.24
C ILE B 34 -29.67 -36.43 3.70
N GLY B 35 -30.15 -37.25 2.77
CA GLY B 35 -30.57 -38.60 3.13
C GLY B 35 -29.43 -39.45 3.65
N ASP B 36 -28.27 -39.35 3.02
CA ASP B 36 -27.11 -40.11 3.47
C ASP B 36 -26.62 -39.62 4.82
N LEU B 37 -26.69 -38.30 5.06
CA LEU B 37 -26.28 -37.78 6.36
C LEU B 37 -27.22 -38.27 7.47
N VAL B 38 -28.53 -38.13 7.26
CA VAL B 38 -29.46 -38.45 8.33
C VAL B 38 -29.54 -39.94 8.57
N LYS B 39 -29.39 -40.75 7.53
CA LYS B 39 -29.40 -42.20 7.70
C LYS B 39 -28.15 -42.64 8.46
N SER B 40 -28.06 -43.94 8.73
CA SER B 40 -27.12 -44.56 9.64
C SER B 40 -27.41 -44.22 11.09
N THR B 41 -28.41 -43.37 11.35
CA THR B 41 -28.95 -43.13 12.68
C THR B 41 -30.36 -43.73 12.80
N LEU B 42 -30.63 -44.74 11.98
CA LEU B 42 -31.97 -45.30 11.83
C LEU B 42 -32.00 -46.74 12.34
N GLY B 43 -33.04 -47.08 13.07
CA GLY B 43 -33.24 -48.42 13.56
C GLY B 43 -32.68 -48.64 14.94
N PRO B 44 -32.86 -49.85 15.48
CA PRO B 44 -32.36 -50.14 16.82
C PRO B 44 -30.86 -50.03 16.95
N LYS B 45 -30.12 -50.26 15.86
CA LYS B 45 -28.66 -50.23 15.89
C LYS B 45 -28.09 -48.96 15.29
N GLY B 46 -28.89 -47.91 15.18
CA GLY B 46 -28.38 -46.64 14.69
C GLY B 46 -27.41 -46.00 15.67
N MET B 47 -26.58 -45.11 15.13
CA MET B 47 -25.53 -44.46 15.90
C MET B 47 -25.90 -43.01 16.15
N ASP B 48 -24.97 -42.27 16.75
CA ASP B 48 -25.21 -40.90 17.19
C ASP B 48 -24.27 -39.95 16.46
N LYS B 49 -24.75 -38.73 16.25
CA LYS B 49 -23.98 -37.67 15.61
C LYS B 49 -23.47 -36.70 16.67
N ILE B 50 -22.42 -35.96 16.32
CA ILE B 50 -21.91 -34.87 17.13
C ILE B 50 -22.08 -33.58 16.34
N LEU B 51 -22.72 -32.60 16.95
CA LEU B 51 -22.97 -31.30 16.32
C LEU B 51 -22.15 -30.24 17.04
N LEU B 52 -21.10 -29.76 16.38
CA LEU B 52 -20.27 -28.68 16.89
C LEU B 52 -20.69 -27.37 16.24
N SER B 53 -21.16 -26.42 17.05
CA SER B 53 -21.47 -25.09 16.54
C SER B 53 -20.18 -24.30 16.36
N SER B 54 -20.03 -23.66 15.21
CA SER B 54 -18.89 -22.82 14.93
C SER B 54 -19.08 -21.39 15.43
N GLY B 55 -20.23 -21.09 16.02
CA GLY B 55 -20.51 -19.76 16.51
C GLY B 55 -19.82 -19.48 17.83
N ARG B 56 -20.23 -18.36 18.45
CA ARG B 56 -19.63 -17.95 19.70
C ARG B 56 -19.93 -18.94 20.82
N ASP B 57 -21.13 -19.55 20.79
CA ASP B 57 -21.50 -20.51 21.83
C ASP B 57 -20.60 -21.74 21.80
N ALA B 58 -20.28 -22.23 20.60
CA ALA B 58 -19.56 -23.49 20.42
C ALA B 58 -20.25 -24.62 21.17
N SER B 59 -21.57 -24.67 21.05
CA SER B 59 -22.36 -25.65 21.79
C SER B 59 -22.14 -27.05 21.24
N LEU B 60 -21.89 -27.99 22.14
CA LEU B 60 -21.73 -29.40 21.79
C LEU B 60 -23.04 -30.12 22.01
N MET B 61 -23.43 -30.95 21.05
CA MET B 61 -24.74 -31.60 21.09
C MET B 61 -24.64 -32.93 20.37
N VAL B 62 -24.62 -34.03 21.12
CA VAL B 62 -24.71 -35.36 20.56
C VAL B 62 -26.18 -35.75 20.50
N THR B 63 -26.60 -36.32 19.36
CA THR B 63 -28.02 -36.56 19.15
C THR B 63 -28.23 -37.74 18.21
N ASN B 64 -29.47 -38.22 18.22
CA ASN B 64 -29.92 -39.26 17.31
C ASN B 64 -31.15 -38.85 16.51
N ASP B 65 -31.78 -37.73 16.86
CA ASP B 65 -33.00 -37.31 16.19
C ASP B 65 -32.69 -36.70 14.84
N GLY B 66 -33.45 -37.12 13.82
CA GLY B 66 -33.25 -36.56 12.49
C GLY B 66 -33.58 -35.07 12.42
N ALA B 67 -34.65 -34.66 13.10
CA ALA B 67 -35.02 -33.24 13.10
C ALA B 67 -33.95 -32.39 13.74
N THR B 68 -33.38 -32.86 14.86
CA THR B 68 -32.32 -32.10 15.53
C THR B 68 -31.09 -31.99 14.65
N ILE B 69 -30.72 -33.08 13.97
CA ILE B 69 -29.56 -33.05 13.08
C ILE B 69 -29.78 -32.10 11.92
N LEU B 70 -30.95 -32.17 11.30
CA LEU B 70 -31.21 -31.36 10.11
C LEU B 70 -31.43 -29.90 10.44
N LYS B 71 -31.92 -29.61 11.65
CA LYS B 71 -32.17 -28.22 12.03
C LYS B 71 -30.86 -27.47 12.24
N ASN B 72 -29.92 -28.07 12.96
CA ASN B 72 -28.69 -27.39 13.37
C ASN B 72 -27.56 -27.61 12.38
N ILE B 73 -27.82 -27.38 11.09
CA ILE B 73 -26.79 -27.42 10.06
C ILE B 73 -27.05 -26.30 9.07
N GLY B 74 -25.98 -25.68 8.61
CA GLY B 74 -26.10 -24.65 7.59
C GLY B 74 -26.27 -25.25 6.22
N VAL B 75 -27.48 -25.16 5.67
CA VAL B 75 -27.83 -25.78 4.41
C VAL B 75 -28.03 -24.68 3.36
N ASP B 76 -27.37 -24.84 2.22
CA ASP B 76 -27.52 -23.91 1.11
C ASP B 76 -28.25 -24.50 -0.08
N ASN B 77 -28.33 -25.82 -0.19
CA ASN B 77 -29.04 -26.44 -1.30
C ASN B 77 -30.55 -26.32 -1.08
N PRO B 78 -31.29 -25.68 -1.98
CA PRO B 78 -32.72 -25.47 -1.73
C PRO B 78 -33.54 -26.74 -1.60
N ALA B 79 -33.20 -27.79 -2.34
CA ALA B 79 -33.91 -29.06 -2.18
C ALA B 79 -33.63 -29.66 -0.80
N ALA B 80 -32.39 -29.54 -0.34
CA ALA B 80 -32.07 -29.96 1.02
C ALA B 80 -32.85 -29.12 2.04
N LYS B 81 -33.07 -27.84 1.73
CA LYS B 81 -33.90 -27.02 2.60
C LYS B 81 -35.33 -27.53 2.63
N VAL B 82 -35.85 -27.97 1.49
CA VAL B 82 -37.21 -28.52 1.44
C VAL B 82 -37.29 -29.77 2.31
N LEU B 83 -36.28 -30.64 2.21
CA LEU B 83 -36.29 -31.85 3.04
C LEU B 83 -36.18 -31.51 4.52
N VAL B 84 -35.36 -30.52 4.86
CA VAL B 84 -35.24 -30.10 6.26
C VAL B 84 -36.57 -29.59 6.78
N ASP B 85 -37.26 -28.78 5.98
CA ASP B 85 -38.57 -28.28 6.38
C ASP B 85 -39.56 -29.43 6.54
N MET B 86 -39.51 -30.42 5.65
CA MET B 86 -40.38 -31.58 5.78
C MET B 86 -40.12 -32.32 7.08
N SER B 87 -38.84 -32.51 7.42
CA SER B 87 -38.49 -33.19 8.66
C SER B 87 -38.98 -32.41 9.88
N ARG B 88 -38.81 -31.09 9.85
CA ARG B 88 -39.27 -30.27 10.97
C ARG B 88 -40.79 -30.34 11.12
N VAL B 89 -41.52 -30.29 10.01
CA VAL B 89 -42.97 -30.37 10.08
C VAL B 89 -43.41 -31.75 10.57
N GLN B 90 -42.71 -32.80 10.15
CA GLN B 90 -43.02 -34.13 10.67
C GLN B 90 -42.81 -34.20 12.17
N ASP B 91 -41.71 -33.61 12.65
CA ASP B 91 -41.47 -33.56 14.09
C ASP B 91 -42.57 -32.80 14.81
N ASP B 92 -43.03 -31.69 14.22
CA ASP B 92 -44.11 -30.92 14.83
C ASP B 92 -45.40 -31.71 14.90
N GLU B 93 -45.74 -32.43 13.83
CA GLU B 93 -47.00 -33.15 13.78
C GLU B 93 -47.00 -34.34 14.73
N VAL B 94 -45.95 -35.17 14.67
CA VAL B 94 -45.80 -36.32 15.55
C VAL B 94 -44.35 -36.38 16.02
N GLY B 95 -44.14 -37.09 17.12
CA GLY B 95 -42.83 -37.10 17.74
C GLY B 95 -41.78 -37.81 16.91
N ASP B 96 -42.11 -38.99 16.39
CA ASP B 96 -41.14 -39.84 15.73
C ASP B 96 -41.30 -39.76 14.22
N GLY B 97 -40.54 -40.59 13.51
CA GLY B 97 -40.66 -40.67 12.06
C GLY B 97 -39.93 -39.60 11.28
N THR B 98 -38.95 -38.93 11.88
CA THR B 98 -38.24 -37.88 11.18
C THR B 98 -37.15 -38.45 10.28
N THR B 99 -36.28 -39.29 10.83
CA THR B 99 -35.27 -39.94 10.03
C THR B 99 -35.92 -40.82 8.97
N SER B 100 -37.01 -41.51 9.32
CA SER B 100 -37.68 -42.37 8.36
C SER B 100 -38.20 -41.58 7.17
N VAL B 101 -38.86 -40.44 7.43
CA VAL B 101 -39.42 -39.67 6.33
C VAL B 101 -38.31 -39.05 5.49
N THR B 102 -37.24 -38.58 6.12
CA THR B 102 -36.14 -38.01 5.36
C THR B 102 -35.49 -39.05 4.47
N VAL B 103 -35.24 -40.25 5.00
CA VAL B 103 -34.63 -41.30 4.21
C VAL B 103 -35.55 -41.75 3.09
N LEU B 104 -36.85 -41.85 3.37
CA LEU B 104 -37.80 -42.25 2.33
C LEU B 104 -37.82 -41.23 1.19
N ALA B 105 -37.84 -39.94 1.52
CA ALA B 105 -37.82 -38.92 0.49
C ALA B 105 -36.52 -38.98 -0.32
N ALA B 106 -35.39 -39.16 0.35
CA ALA B 106 -34.12 -39.24 -0.35
C ALA B 106 -34.08 -40.44 -1.29
N GLU B 107 -34.56 -41.60 -0.83
CA GLU B 107 -34.57 -42.78 -1.69
C GLU B 107 -35.52 -42.60 -2.88
N LEU B 108 -36.68 -41.97 -2.64
CA LEU B 108 -37.59 -41.70 -3.75
C LEU B 108 -36.94 -40.77 -4.77
N LEU B 109 -36.21 -39.76 -4.32
CA LEU B 109 -35.56 -38.86 -5.26
C LEU B 109 -34.39 -39.53 -5.98
N ARG B 110 -33.70 -40.46 -5.32
CA ARG B 110 -32.68 -41.24 -6.01
C ARG B 110 -33.29 -42.09 -7.12
N GLU B 111 -34.41 -42.75 -6.82
CA GLU B 111 -35.10 -43.51 -7.84
C GLU B 111 -35.59 -42.60 -8.96
N ALA B 112 -36.01 -41.38 -8.62
CA ALA B 112 -36.42 -40.42 -9.63
C ALA B 112 -35.25 -40.05 -10.54
N GLU B 113 -34.07 -39.86 -9.96
CA GLU B 113 -32.89 -39.57 -10.77
C GLU B 113 -32.58 -40.73 -11.72
N SER B 114 -32.66 -41.96 -11.21
CA SER B 114 -32.43 -43.12 -12.05
C SER B 114 -33.45 -43.19 -13.18
N LEU B 115 -34.72 -42.90 -12.88
CA LEU B 115 -35.76 -42.91 -13.89
C LEU B 115 -35.55 -41.83 -14.94
N ILE B 116 -35.16 -40.63 -14.51
CA ILE B 116 -34.86 -39.55 -15.45
C ILE B 116 -33.71 -39.95 -16.37
N ALA B 117 -32.73 -40.67 -15.82
CA ALA B 117 -31.65 -41.18 -16.67
C ALA B 117 -32.17 -42.16 -17.72
N LYS B 118 -33.36 -42.72 -17.53
CA LYS B 118 -33.97 -43.64 -18.48
C LYS B 118 -34.88 -42.95 -19.49
N LYS B 119 -34.80 -41.62 -19.60
CA LYS B 119 -35.61 -40.84 -20.53
C LYS B 119 -37.10 -41.05 -20.26
N ILE B 120 -37.51 -40.69 -19.05
CA ILE B 120 -38.90 -40.72 -18.63
C ILE B 120 -39.28 -39.32 -18.16
N HIS B 121 -40.36 -38.79 -18.72
CA HIS B 121 -40.81 -37.45 -18.36
C HIS B 121 -41.21 -37.42 -16.89
N PRO B 122 -40.75 -36.45 -16.11
CA PRO B 122 -41.06 -36.45 -14.67
C PRO B 122 -42.54 -36.38 -14.37
N GLN B 123 -43.37 -35.87 -15.28
CA GLN B 123 -44.81 -35.86 -15.04
C GLN B 123 -45.36 -37.28 -14.96
N THR B 124 -44.82 -38.20 -15.78
CA THR B 124 -45.22 -39.60 -15.68
C THR B 124 -44.84 -40.19 -14.33
N ILE B 125 -43.63 -39.87 -13.86
CA ILE B 125 -43.19 -40.37 -12.56
C ILE B 125 -44.11 -39.87 -11.46
N ILE B 126 -44.55 -38.62 -11.56
CA ILE B 126 -45.42 -38.05 -10.53
C ILE B 126 -46.76 -38.78 -10.49
N ALA B 127 -47.35 -39.06 -11.66
CA ALA B 127 -48.62 -39.78 -11.68
C ALA B 127 -48.45 -41.20 -11.15
N GLY B 128 -47.38 -41.88 -11.54
CA GLY B 128 -47.13 -43.21 -11.03
C GLY B 128 -46.95 -43.23 -9.52
N TRP B 129 -46.24 -42.23 -8.99
CA TRP B 129 -46.05 -42.14 -7.54
C TRP B 129 -47.34 -41.80 -6.82
N ARG B 130 -48.21 -40.99 -7.44
CA ARG B 130 -49.50 -40.71 -6.83
C ARG B 130 -50.33 -41.99 -6.71
N GLU B 131 -50.37 -42.78 -7.78
CA GLU B 131 -51.09 -44.05 -7.73
C GLU B 131 -50.48 -44.99 -6.70
N ALA B 132 -49.15 -45.07 -6.66
CA ALA B 132 -48.47 -45.92 -5.70
C ALA B 132 -48.75 -45.48 -4.27
N THR B 133 -48.75 -44.18 -4.02
CA THR B 133 -49.05 -43.67 -2.69
C THR B 133 -50.48 -43.99 -2.29
N LYS B 134 -51.43 -43.86 -3.22
CA LYS B 134 -52.80 -44.23 -2.91
C LYS B 134 -52.91 -45.70 -2.52
N ALA B 135 -52.28 -46.58 -3.32
CA ALA B 135 -52.33 -48.01 -3.02
C ALA B 135 -51.67 -48.34 -1.70
N ALA B 136 -50.50 -47.74 -1.45
CA ALA B 136 -49.78 -48.01 -0.20
C ALA B 136 -50.55 -47.53 1.00
N ARG B 137 -51.17 -46.35 0.91
CA ARG B 137 -51.98 -45.83 2.00
C ARG B 137 -53.17 -46.73 2.27
N GLU B 138 -53.83 -47.20 1.20
CA GLU B 138 -54.95 -48.12 1.40
C GLU B 138 -54.51 -49.40 2.09
N ALA B 139 -53.37 -49.95 1.67
CA ALA B 139 -52.88 -51.18 2.31
C ALA B 139 -52.54 -50.94 3.78
N LEU B 140 -51.86 -49.83 4.08
CA LEU B 140 -51.49 -49.54 5.46
C LEU B 140 -52.71 -49.35 6.33
N LEU B 141 -53.73 -48.66 5.81
CA LEU B 141 -54.98 -48.52 6.56
C LEU B 141 -55.65 -49.87 6.78
N SER B 142 -55.64 -50.73 5.76
CA SER B 142 -56.22 -52.06 5.92
C SER B 142 -55.47 -52.88 6.96
N SER B 143 -54.17 -52.63 7.12
CA SER B 143 -53.37 -53.39 8.06
C SER B 143 -53.50 -52.92 9.50
N ALA B 144 -54.18 -51.81 9.75
CA ALA B 144 -54.25 -51.24 11.09
C ALA B 144 -55.05 -52.15 12.01
N VAL B 145 -54.61 -52.22 13.27
CA VAL B 145 -55.30 -52.98 14.31
C VAL B 145 -55.55 -52.04 15.49
N ASP B 146 -56.73 -52.13 16.08
CA ASP B 146 -57.16 -51.22 17.13
C ASP B 146 -57.43 -52.01 18.40
N HIS B 147 -56.91 -51.51 19.52
CA HIS B 147 -57.07 -52.17 20.82
C HIS B 147 -57.56 -51.19 21.89
N GLY B 148 -58.20 -50.10 21.49
CA GLY B 148 -58.65 -49.11 22.46
C GLY B 148 -59.69 -49.63 23.42
N SER B 149 -60.55 -50.53 22.96
CA SER B 149 -61.63 -51.04 23.81
C SER B 149 -61.07 -51.81 25.00
N ASP B 150 -60.07 -52.65 24.78
CA ASP B 150 -59.50 -53.49 25.83
C ASP B 150 -58.41 -52.70 26.54
N GLU B 151 -58.65 -52.39 27.83
CA GLU B 151 -57.68 -51.59 28.58
C GLU B 151 -56.35 -52.30 28.74
N VAL B 152 -56.39 -53.60 29.04
CA VAL B 152 -55.14 -54.35 29.23
C VAL B 152 -54.38 -54.45 27.91
N LYS B 153 -55.08 -54.76 26.82
CA LYS B 153 -54.42 -54.84 25.53
C LYS B 153 -53.93 -53.48 25.06
N PHE B 154 -54.68 -52.42 25.37
CA PHE B 154 -54.22 -51.08 25.03
C PHE B 154 -52.96 -50.72 25.82
N ARG B 155 -52.90 -51.10 27.10
CA ARG B 155 -51.70 -50.84 27.87
C ARG B 155 -50.51 -51.63 27.32
N GLN B 156 -50.75 -52.89 26.90
CA GLN B 156 -49.68 -53.65 26.28
C GLN B 156 -49.21 -52.98 24.99
N ASP B 157 -50.14 -52.46 24.20
CA ASP B 157 -49.78 -51.75 22.98
C ASP B 157 -48.97 -50.50 23.29
N LEU B 158 -49.34 -49.78 24.36
CA LEU B 158 -48.57 -48.62 24.76
C LEU B 158 -47.15 -49.00 25.17
N MET B 159 -47.01 -50.07 25.96
CA MET B 159 -45.68 -50.58 26.29
C MET B 159 -44.88 -50.86 25.03
N ASN B 160 -45.47 -51.58 24.08
CA ASN B 160 -44.76 -51.97 22.87
C ASN B 160 -44.37 -50.75 22.04
N ILE B 161 -45.26 -49.77 21.94
CA ILE B 161 -44.98 -48.58 21.14
C ILE B 161 -43.87 -47.75 21.78
N ALA B 162 -43.91 -47.61 23.11
CA ALA B 162 -42.84 -46.89 23.79
C ALA B 162 -41.50 -47.61 23.62
N GLY B 163 -41.52 -48.94 23.71
CA GLY B 163 -40.29 -49.70 23.51
C GLY B 163 -39.74 -49.53 22.10
N THR B 164 -40.61 -49.59 21.09
CA THR B 164 -40.16 -49.41 19.72
C THR B 164 -39.61 -48.01 19.50
N THR B 165 -40.27 -46.99 20.07
CA THR B 165 -39.80 -45.62 19.90
C THR B 165 -38.45 -45.41 20.58
N LEU B 166 -38.26 -45.99 21.77
CA LEU B 166 -37.02 -45.79 22.51
C LEU B 166 -35.90 -46.73 22.10
N SER B 167 -36.19 -47.75 21.29
CA SER B 167 -35.19 -48.75 20.96
C SER B 167 -34.03 -48.19 20.15
N SER B 168 -34.19 -47.02 19.54
CA SER B 168 -33.15 -46.43 18.72
C SER B 168 -32.32 -45.38 19.42
N LYS B 169 -32.84 -44.80 20.50
CA LYS B 169 -32.17 -43.70 21.19
C LYS B 169 -31.22 -44.23 22.26
N LEU B 170 -30.60 -43.32 22.99
CA LEU B 170 -29.65 -43.71 24.03
C LEU B 170 -30.34 -44.47 25.16
N LEU B 171 -31.63 -44.23 25.37
CA LEU B 171 -32.36 -44.90 26.45
C LEU B 171 -32.57 -46.38 26.20
N THR B 172 -32.13 -46.92 25.07
CA THR B 172 -32.29 -48.35 24.82
C THR B 172 -31.50 -49.18 25.83
N HIS B 173 -30.56 -48.56 26.55
CA HIS B 173 -29.84 -49.27 27.60
C HIS B 173 -30.78 -49.68 28.73
N HIS B 174 -31.71 -48.80 29.09
CA HIS B 174 -32.67 -49.05 30.17
C HIS B 174 -34.11 -48.99 29.65
N LYS B 175 -34.28 -49.37 28.37
CA LYS B 175 -35.57 -49.40 27.70
C LYS B 175 -36.74 -49.79 28.58
N ASP B 176 -36.62 -50.87 29.36
CA ASP B 176 -37.76 -51.31 30.16
C ASP B 176 -38.16 -50.25 31.19
N HIS B 177 -37.18 -49.78 31.97
CA HIS B 177 -37.45 -48.78 32.98
C HIS B 177 -37.98 -47.49 32.37
N PHE B 178 -37.38 -47.06 31.25
CA PHE B 178 -37.80 -45.80 30.65
C PHE B 178 -39.17 -45.91 29.98
N THR B 179 -39.50 -47.08 29.44
CA THR B 179 -40.84 -47.27 28.89
C THR B 179 -41.89 -47.27 29.98
N LYS B 180 -41.61 -47.92 31.12
CA LYS B 180 -42.53 -47.85 32.25
C LYS B 180 -42.72 -46.40 32.68
N LEU B 181 -41.61 -45.66 32.77
CA LEU B 181 -41.68 -44.25 33.16
C LEU B 181 -42.55 -43.44 32.20
N ALA B 182 -42.29 -43.57 30.90
CA ALA B 182 -43.02 -42.78 29.91
C ALA B 182 -44.49 -43.15 29.88
N VAL B 183 -44.80 -44.44 29.99
CA VAL B 183 -46.20 -44.87 29.95
C VAL B 183 -46.95 -44.36 31.17
N GLU B 184 -46.34 -44.44 32.35
CA GLU B 184 -46.99 -43.88 33.53
C GLU B 184 -47.21 -42.38 33.39
N ALA B 185 -46.20 -41.67 32.89
CA ALA B 185 -46.32 -40.23 32.73
C ALA B 185 -47.44 -39.86 31.76
N VAL B 186 -47.56 -40.59 30.66
CA VAL B 186 -48.62 -40.28 29.69
C VAL B 186 -49.98 -40.65 30.25
N LEU B 187 -50.09 -41.80 30.92
CA LEU B 187 -51.38 -42.20 31.47
C LEU B 187 -51.84 -41.26 32.57
N ARG B 188 -50.93 -40.63 33.29
CA ARG B 188 -51.35 -39.67 34.31
C ARG B 188 -52.01 -38.43 33.72
N LEU B 189 -51.90 -38.19 32.42
CA LEU B 189 -52.56 -37.05 31.80
C LEU B 189 -54.08 -37.23 31.73
N LYS B 190 -54.56 -38.47 31.87
CA LYS B 190 -55.99 -38.76 31.86
C LYS B 190 -56.67 -38.23 30.60
N GLY B 191 -56.06 -38.49 29.45
CA GLY B 191 -56.62 -38.15 28.17
C GLY B 191 -56.28 -36.78 27.66
N SER B 192 -55.79 -35.88 28.51
CA SER B 192 -55.38 -34.57 28.06
C SER B 192 -54.15 -34.67 27.17
N GLY B 193 -54.15 -33.93 26.07
CA GLY B 193 -53.02 -33.92 25.16
C GLY B 193 -51.95 -32.91 25.50
N ASN B 194 -52.06 -32.24 26.65
CA ASN B 194 -51.13 -31.18 27.02
C ASN B 194 -49.79 -31.79 27.40
N LEU B 195 -48.85 -31.80 26.45
CA LEU B 195 -47.50 -32.27 26.75
C LEU B 195 -46.74 -31.29 27.64
N GLU B 196 -47.20 -30.05 27.75
CA GLU B 196 -46.60 -29.10 28.67
C GLU B 196 -46.81 -29.50 30.12
N ALA B 197 -47.82 -30.32 30.40
CA ALA B 197 -48.08 -30.76 31.76
C ALA B 197 -47.03 -31.74 32.27
N ILE B 198 -46.18 -32.25 31.39
CA ILE B 198 -45.10 -33.16 31.77
C ILE B 198 -43.80 -32.37 31.75
N HIS B 199 -43.28 -32.07 32.94
CA HIS B 199 -42.06 -31.29 33.09
C HIS B 199 -40.88 -32.24 33.25
N ILE B 200 -39.85 -32.05 32.43
CA ILE B 200 -38.64 -32.86 32.49
C ILE B 200 -37.55 -32.01 33.13
N ILE B 201 -37.01 -32.49 34.23
CA ILE B 201 -35.97 -31.78 34.98
C ILE B 201 -34.65 -32.53 34.79
N LYS B 202 -33.63 -31.81 34.34
CA LYS B 202 -32.33 -32.40 34.07
C LYS B 202 -31.37 -32.00 35.18
N LYS B 203 -31.00 -32.96 36.02
CA LYS B 203 -30.05 -32.76 37.10
C LYS B 203 -28.81 -33.59 36.82
N LEU B 204 -27.65 -32.92 36.73
CA LEU B 204 -26.42 -33.62 36.44
C LEU B 204 -26.02 -34.54 37.58
N GLY B 205 -25.19 -35.52 37.26
CA GLY B 205 -24.77 -36.51 38.23
C GLY B 205 -25.73 -37.69 38.27
N GLY B 206 -25.28 -38.74 38.95
CA GLY B 206 -26.06 -39.96 39.06
C GLY B 206 -26.09 -40.75 37.78
N SER B 207 -26.64 -41.96 37.87
CA SER B 207 -26.75 -42.84 36.74
C SER B 207 -27.98 -42.51 35.90
N LEU B 208 -27.96 -42.96 34.64
CA LEU B 208 -29.13 -42.79 33.80
C LEU B 208 -30.31 -43.60 34.31
N ALA B 209 -30.05 -44.74 34.95
CA ALA B 209 -31.10 -45.55 35.55
C ALA B 209 -31.66 -44.92 36.82
N ASP B 210 -31.03 -43.87 37.34
CA ASP B 210 -31.54 -43.18 38.52
C ASP B 210 -32.71 -42.28 38.20
N SER B 211 -33.00 -42.04 36.92
CA SER B 211 -34.14 -41.23 36.54
C SER B 211 -35.43 -41.91 36.98
N TYR B 212 -36.41 -41.09 37.38
CA TYR B 212 -37.65 -41.62 37.92
C TYR B 212 -38.78 -40.62 37.65
N LEU B 213 -40.00 -41.13 37.72
CA LEU B 213 -41.20 -40.31 37.65
C LEU B 213 -41.70 -40.08 39.07
N ASP B 214 -41.75 -38.81 39.48
CA ASP B 214 -42.17 -38.49 40.83
C ASP B 214 -43.64 -38.82 41.03
N GLU B 215 -43.95 -39.39 42.20
CA GLU B 215 -45.33 -39.72 42.52
C GLU B 215 -46.20 -38.47 42.68
N GLY B 216 -45.60 -37.31 42.96
CA GLY B 216 -46.35 -36.08 43.07
C GLY B 216 -45.90 -35.04 42.06
N PHE B 217 -45.32 -33.94 42.55
CA PHE B 217 -44.84 -32.88 41.68
C PHE B 217 -43.63 -32.22 42.33
N LEU B 218 -42.80 -31.59 41.50
CA LEU B 218 -41.59 -30.93 41.95
C LEU B 218 -41.52 -29.52 41.38
N LEU B 219 -41.15 -28.56 42.23
CA LEU B 219 -41.02 -27.16 41.85
C LEU B 219 -39.62 -26.68 42.18
N ASP B 220 -39.06 -25.85 41.29
CA ASP B 220 -37.70 -25.34 41.45
C ASP B 220 -37.68 -23.91 41.97
N LYS B 221 -38.61 -23.56 42.86
CA LYS B 221 -38.71 -22.23 43.43
C LYS B 221 -38.28 -22.27 44.89
N LYS B 222 -38.40 -21.11 45.55
CA LYS B 222 -37.94 -20.93 46.91
C LYS B 222 -39.09 -20.51 47.83
N ILE B 223 -38.95 -20.85 49.10
CA ILE B 223 -39.91 -20.47 50.12
C ILE B 223 -39.41 -19.21 50.80
N GLY B 224 -40.34 -18.45 51.38
CA GLY B 224 -39.99 -17.22 52.06
C GLY B 224 -39.12 -17.46 53.29
N VAL B 225 -38.66 -16.34 53.86
CA VAL B 225 -37.67 -16.41 54.92
C VAL B 225 -38.25 -16.97 56.20
N ASN B 226 -39.48 -16.58 56.56
CA ASN B 226 -40.06 -16.97 57.83
C ASN B 226 -41.17 -18.01 57.72
N GLN B 227 -41.61 -18.33 56.51
CA GLN B 227 -42.71 -19.27 56.33
C GLN B 227 -42.26 -20.68 56.64
N PRO B 228 -43.20 -21.57 57.01
CA PRO B 228 -42.83 -22.95 57.34
C PRO B 228 -42.23 -23.68 56.14
N LYS B 229 -41.32 -24.61 56.43
CA LYS B 229 -40.64 -25.39 55.42
C LYS B 229 -41.28 -26.74 55.18
N ARG B 230 -42.39 -27.06 55.84
CA ARG B 230 -43.02 -28.36 55.71
C ARG B 230 -44.48 -28.24 56.14
N ILE B 231 -45.40 -28.57 55.23
CA ILE B 231 -46.82 -28.44 55.49
C ILE B 231 -47.49 -29.78 55.21
N GLU B 232 -48.35 -30.21 56.12
CA GLU B 232 -49.14 -31.43 55.97
C GLU B 232 -50.60 -31.08 55.75
N ASN B 233 -51.25 -31.83 54.86
CA ASN B 233 -52.64 -31.58 54.48
C ASN B 233 -52.81 -30.14 54.00
N ALA B 234 -51.95 -29.75 53.08
CA ALA B 234 -51.92 -28.37 52.60
C ALA B 234 -53.17 -28.03 51.82
N LYS B 235 -53.63 -26.79 51.99
CA LYS B 235 -54.72 -26.22 51.18
C LYS B 235 -54.09 -25.17 50.28
N ILE B 236 -54.01 -25.47 49.00
CA ILE B 236 -53.24 -24.67 48.05
C ILE B 236 -54.13 -23.59 47.45
N LEU B 237 -53.63 -22.36 47.46
CA LEU B 237 -54.22 -21.26 46.71
C LEU B 237 -53.21 -20.79 45.68
N ILE B 238 -53.63 -20.76 44.42
CA ILE B 238 -52.78 -20.37 43.31
C ILE B 238 -53.26 -19.03 42.79
N ALA B 239 -52.35 -18.07 42.67
CA ALA B 239 -52.72 -16.71 42.35
C ALA B 239 -51.86 -16.16 41.22
N ASN B 240 -52.36 -15.09 40.61
CA ASN B 240 -51.66 -14.36 39.56
C ASN B 240 -51.75 -12.86 39.81
N THR B 241 -51.57 -12.45 41.06
CA THR B 241 -51.66 -11.06 41.45
C THR B 241 -50.27 -10.44 41.50
N GLY B 242 -50.24 -9.11 41.53
CA GLY B 242 -48.99 -8.38 41.60
C GLY B 242 -48.23 -8.66 42.87
N MET B 243 -48.80 -8.28 44.00
CA MET B 243 -48.22 -8.51 45.32
C MET B 243 -46.80 -7.93 45.46
N ASP B 244 -46.42 -7.05 44.54
CA ASP B 244 -45.16 -6.33 44.60
C ASP B 244 -45.40 -4.85 44.36
N THR B 245 -45.15 -4.03 45.38
CA THR B 245 -45.47 -2.60 45.40
C THR B 245 -46.78 -2.33 44.66
N ASP B 246 -47.82 -3.07 45.04
CA ASP B 246 -49.07 -3.10 44.31
C ASP B 246 -49.66 -1.70 44.17
N LYS B 247 -49.70 -1.20 42.95
CA LYS B 247 -50.13 0.16 42.67
C LYS B 247 -51.52 0.16 42.06
N ILE B 248 -52.25 1.24 42.31
CA ILE B 248 -53.55 1.42 41.67
C ILE B 248 -53.34 1.52 40.16
N LYS B 249 -54.19 0.83 39.41
CA LYS B 249 -54.04 0.85 37.96
C LYS B 249 -54.44 2.18 37.32
N ILE B 250 -54.73 3.21 38.10
CA ILE B 250 -54.90 4.56 37.56
C ILE B 250 -53.52 5.21 37.49
N PHE B 251 -52.85 5.07 36.36
CA PHE B 251 -51.50 5.56 36.21
C PHE B 251 -51.40 7.06 35.99
N GLY B 252 -52.52 7.76 35.87
CA GLY B 252 -52.48 9.19 35.91
C GLY B 252 -52.48 9.80 37.30
N SER B 253 -52.54 8.95 38.33
CA SER B 253 -52.65 9.42 39.70
C SER B 253 -51.28 9.72 40.30
N ARG B 254 -51.26 10.65 41.25
CA ARG B 254 -50.04 11.05 41.93
C ARG B 254 -50.40 11.59 43.30
N VAL B 255 -49.41 11.66 44.17
CA VAL B 255 -49.58 12.20 45.51
C VAL B 255 -49.02 13.61 45.50
N ARG B 256 -49.90 14.60 45.70
CA ARG B 256 -49.51 16.02 45.71
C ARG B 256 -50.06 16.63 47.00
N VAL B 257 -49.23 16.64 48.04
CA VAL B 257 -49.62 17.19 49.33
C VAL B 257 -48.71 18.36 49.68
N ASP B 258 -48.94 18.98 50.83
CA ASP B 258 -48.20 20.16 51.25
C ASP B 258 -47.32 19.92 52.47
N SER B 259 -47.24 18.69 52.96
CA SER B 259 -46.44 18.40 54.14
C SER B 259 -46.04 16.94 54.14
N THR B 260 -44.87 16.66 54.71
CA THR B 260 -44.38 15.29 54.75
C THR B 260 -45.21 14.39 55.66
N ALA B 261 -45.93 14.97 56.63
CA ALA B 261 -46.81 14.15 57.46
C ALA B 261 -47.88 13.48 56.61
N LYS B 262 -48.41 14.20 55.63
CA LYS B 262 -49.38 13.60 54.71
C LYS B 262 -48.73 12.50 53.89
N VAL B 263 -47.47 12.67 53.51
CA VAL B 263 -46.76 11.62 52.77
C VAL B 263 -46.63 10.36 53.62
N ALA B 264 -46.29 10.53 54.89
CA ALA B 264 -46.21 9.39 55.79
C ALA B 264 -47.56 8.72 55.96
N GLU B 265 -48.63 9.53 56.05
CA GLU B 265 -49.97 8.97 56.14
C GLU B 265 -50.31 8.15 54.90
N ILE B 266 -49.97 8.65 53.72
CA ILE B 266 -50.26 7.91 52.48
C ILE B 266 -49.43 6.64 52.41
N GLU B 267 -48.19 6.68 52.88
CA GLU B 267 -47.37 5.47 52.92
C GLU B 267 -47.98 4.43 53.83
N HIS B 268 -48.44 4.85 55.01
CA HIS B 268 -49.11 3.93 55.92
C HIS B 268 -50.40 3.39 55.29
N ALA B 269 -51.11 4.22 54.54
CA ALA B 269 -52.30 3.76 53.85
C ALA B 269 -51.97 2.69 52.81
N GLU B 270 -50.87 2.88 52.07
CA GLU B 270 -50.44 1.87 51.10
C GLU B 270 -50.12 0.55 51.80
N LYS B 271 -49.36 0.62 52.90
CA LYS B 271 -49.02 -0.60 53.62
C LYS B 271 -50.26 -1.27 54.20
N GLU B 272 -51.22 -0.47 54.67
CA GLU B 272 -52.48 -1.03 55.17
C GLU B 272 -53.27 -1.68 54.03
N LYS B 273 -53.20 -1.11 52.83
CA LYS B 273 -53.86 -1.74 51.68
C LYS B 273 -53.25 -3.10 51.39
N MET B 274 -51.92 -3.19 51.43
CA MET B 274 -51.28 -4.48 51.23
C MET B 274 -51.65 -5.46 52.33
N LYS B 275 -51.75 -4.98 53.58
CA LYS B 275 -52.15 -5.84 54.68
C LYS B 275 -53.56 -6.36 54.49
N GLU B 276 -54.47 -5.50 54.03
CA GLU B 276 -55.84 -5.93 53.78
C GLU B 276 -55.89 -6.92 52.63
N LYS B 277 -55.07 -6.73 51.61
CA LYS B 277 -54.95 -7.72 50.54
C LYS B 277 -54.55 -9.08 51.11
N VAL B 278 -53.51 -9.10 51.95
CA VAL B 278 -53.04 -10.35 52.53
C VAL B 278 -54.13 -10.98 53.40
N GLU B 279 -54.86 -10.15 54.15
CA GLU B 279 -55.96 -10.67 54.97
C GLU B 279 -57.04 -11.29 54.11
N ARG B 280 -57.37 -10.67 52.98
CA ARG B 280 -58.36 -11.24 52.08
C ARG B 280 -57.88 -12.57 51.53
N ILE B 281 -56.59 -12.69 51.20
CA ILE B 281 -56.05 -13.98 50.79
C ILE B 281 -56.19 -15.01 51.90
N LEU B 282 -55.83 -14.63 53.13
CA LEU B 282 -55.88 -15.56 54.25
C LEU B 282 -57.30 -15.96 54.61
N LYS B 283 -58.30 -15.15 54.25
CA LYS B 283 -59.68 -15.49 54.57
C LYS B 283 -60.13 -16.78 53.91
N HIS B 284 -59.43 -17.24 52.87
CA HIS B 284 -59.77 -18.51 52.25
C HIS B 284 -59.45 -19.70 53.14
N GLY B 285 -58.64 -19.51 54.17
CA GLY B 285 -58.25 -20.60 55.04
C GLY B 285 -57.27 -21.54 54.35
N ILE B 286 -56.07 -21.02 54.06
CA ILE B 286 -55.10 -21.74 53.25
C ILE B 286 -53.85 -22.04 54.09
N ASN B 287 -53.09 -23.01 53.62
CA ASN B 287 -51.79 -23.35 54.19
C ASN B 287 -50.63 -22.97 53.30
N CYS B 288 -50.83 -22.92 51.99
CA CYS B 288 -49.80 -22.56 51.04
C CYS B 288 -50.36 -21.55 50.06
N PHE B 289 -49.45 -20.84 49.38
CA PHE B 289 -49.86 -19.78 48.46
C PHE B 289 -48.79 -19.63 47.39
N ILE B 290 -49.11 -20.03 46.16
CA ILE B 290 -48.21 -19.87 45.03
C ILE B 290 -48.70 -18.72 44.18
N ASN B 291 -47.83 -17.74 43.96
CA ASN B 291 -48.14 -16.58 43.14
C ASN B 291 -47.27 -16.59 41.90
N ARG B 292 -47.87 -16.25 40.75
CA ARG B 292 -47.11 -16.23 39.51
C ARG B 292 -46.02 -15.15 39.54
N GLN B 293 -46.35 -13.98 40.06
CA GLN B 293 -45.42 -12.86 40.10
C GLN B 293 -44.62 -12.91 41.40
N LEU B 294 -43.88 -11.85 41.68
CA LEU B 294 -43.07 -11.81 42.88
C LEU B 294 -43.92 -11.50 44.10
N ILE B 295 -43.32 -11.73 45.28
CA ILE B 295 -43.92 -11.38 46.57
C ILE B 295 -42.85 -10.61 47.33
N TYR B 296 -43.09 -9.32 47.55
CA TYR B 296 -42.08 -8.49 48.20
C TYR B 296 -42.00 -8.81 49.68
N ASN B 297 -41.16 -8.06 50.39
CA ASN B 297 -40.83 -8.38 51.77
C ASN B 297 -42.01 -8.19 52.71
N TYR B 298 -42.88 -7.22 52.45
CA TYR B 298 -43.99 -6.99 53.38
C TYR B 298 -45.03 -8.09 53.31
N PRO B 299 -45.60 -8.46 52.15
CA PRO B 299 -46.51 -9.61 52.13
C PRO B 299 -45.84 -10.91 52.54
N GLU B 300 -44.55 -11.07 52.24
CA GLU B 300 -43.82 -12.26 52.69
C GLU B 300 -43.77 -12.32 54.20
N GLN B 301 -43.48 -11.19 54.85
CA GLN B 301 -43.45 -11.16 56.31
C GLN B 301 -44.83 -11.41 56.89
N LEU B 302 -45.87 -10.86 56.26
CA LEU B 302 -47.23 -11.11 56.74
C LEU B 302 -47.58 -12.59 56.65
N PHE B 303 -47.22 -13.23 55.54
CA PHE B 303 -47.47 -14.66 55.39
C PHE B 303 -46.68 -15.48 56.41
N GLY B 304 -45.42 -15.11 56.63
CA GLY B 304 -44.64 -15.79 57.64
C GLY B 304 -45.24 -15.67 59.03
N ALA B 305 -45.73 -14.48 59.37
CA ALA B 305 -46.38 -14.28 60.66
C ALA B 305 -47.68 -15.07 60.74
N ALA B 306 -48.36 -15.26 59.61
CA ALA B 306 -49.60 -16.03 59.58
C ALA B 306 -49.37 -17.52 59.50
N GLY B 307 -48.13 -17.97 59.43
CA GLY B 307 -47.83 -19.39 59.33
C GLY B 307 -48.29 -20.03 58.04
N VAL B 308 -48.09 -19.35 56.92
CA VAL B 308 -48.52 -19.85 55.61
C VAL B 308 -47.32 -19.82 54.68
N MET B 309 -47.04 -20.96 54.04
CA MET B 309 -45.98 -21.03 53.06
C MET B 309 -46.35 -20.22 51.82
N ALA B 310 -45.43 -19.40 51.34
CA ALA B 310 -45.66 -18.53 50.20
C ALA B 310 -44.55 -18.74 49.19
N ILE B 311 -44.87 -19.40 48.07
CA ILE B 311 -43.94 -19.62 46.98
C ILE B 311 -44.13 -18.51 45.95
N GLU B 312 -43.04 -17.84 45.59
CA GLU B 312 -43.11 -16.69 44.71
C GLU B 312 -42.47 -17.00 43.36
N HIS B 313 -42.89 -16.24 42.36
CA HIS B 313 -42.30 -16.25 41.02
C HIS B 313 -42.29 -17.65 40.41
N ALA B 314 -43.47 -18.23 40.30
CA ALA B 314 -43.70 -19.42 39.49
C ALA B 314 -44.31 -18.97 38.18
N ASP B 315 -43.64 -19.30 37.07
CA ASP B 315 -44.07 -18.77 35.77
C ASP B 315 -45.44 -19.28 35.37
N PHE B 316 -45.96 -18.81 34.23
CA PHE B 316 -47.26 -19.25 33.75
C PHE B 316 -47.31 -20.77 33.68
N ALA B 317 -46.25 -21.40 33.17
CA ALA B 317 -46.18 -22.85 33.15
C ALA B 317 -46.24 -23.43 34.55
N GLY B 318 -45.55 -22.80 35.50
CA GLY B 318 -45.56 -23.29 36.86
C GLY B 318 -46.95 -23.31 37.47
N VAL B 319 -47.67 -22.19 37.36
CA VAL B 319 -49.00 -22.14 37.96
C VAL B 319 -49.97 -23.04 37.20
N GLU B 320 -49.82 -23.16 35.88
CA GLU B 320 -50.66 -24.08 35.13
C GLU B 320 -50.46 -25.51 35.60
N ARG B 321 -49.20 -25.92 35.76
CA ARG B 321 -48.91 -27.27 36.21
C ARG B 321 -49.40 -27.50 37.64
N LEU B 322 -49.24 -26.49 38.51
CA LEU B 322 -49.75 -26.62 39.88
C LEU B 322 -51.26 -26.77 39.89
N ALA B 323 -51.97 -25.99 39.06
CA ALA B 323 -53.41 -26.13 39.00
C ALA B 323 -53.82 -27.49 38.46
N LEU B 324 -53.06 -28.01 37.50
CA LEU B 324 -53.38 -29.33 36.97
C LEU B 324 -53.13 -30.44 37.99
N VAL B 325 -52.08 -30.30 38.79
CA VAL B 325 -51.69 -31.38 39.69
C VAL B 325 -52.42 -31.31 41.03
N THR B 326 -52.91 -30.14 41.44
CA THR B 326 -53.58 -29.99 42.71
C THR B 326 -55.07 -29.69 42.60
N GLY B 327 -55.53 -29.21 41.46
CA GLY B 327 -56.94 -28.92 41.27
C GLY B 327 -57.37 -27.53 41.61
N GLY B 328 -56.46 -26.65 42.03
CA GLY B 328 -56.83 -25.30 42.39
C GLY B 328 -57.10 -24.44 41.17
N GLU B 329 -57.63 -23.25 41.44
CA GLU B 329 -57.96 -22.28 40.41
C GLU B 329 -57.05 -21.06 40.54
N ILE B 330 -56.48 -20.62 39.42
CA ILE B 330 -55.57 -19.48 39.41
C ILE B 330 -56.40 -18.22 39.59
N ALA B 331 -56.41 -17.67 40.80
CA ALA B 331 -57.28 -16.57 41.16
C ALA B 331 -56.49 -15.27 41.25
N SER B 332 -56.97 -14.23 40.56
CA SER B 332 -56.38 -12.91 40.63
C SER B 332 -57.21 -11.94 41.47
N THR B 333 -58.34 -12.37 41.99
CA THR B 333 -59.16 -11.57 42.89
C THR B 333 -59.63 -12.45 44.03
N PHE B 334 -59.75 -11.85 45.22
CA PHE B 334 -60.00 -12.62 46.43
C PHE B 334 -61.17 -12.06 47.24
N ASP B 335 -62.17 -11.50 46.56
CA ASP B 335 -63.33 -10.96 47.24
C ASP B 335 -64.46 -11.96 47.38
N HIS B 336 -64.32 -13.15 46.79
CA HIS B 336 -65.31 -14.23 46.90
C HIS B 336 -64.58 -15.52 47.24
N PRO B 337 -64.28 -15.74 48.52
CA PRO B 337 -63.51 -16.93 48.90
C PRO B 337 -64.20 -18.24 48.54
N GLU B 338 -65.54 -18.28 48.59
CA GLU B 338 -66.26 -19.52 48.36
C GLU B 338 -66.34 -19.91 46.89
N LEU B 339 -65.99 -19.02 45.97
CA LEU B 339 -66.06 -19.30 44.55
C LEU B 339 -64.74 -19.82 43.98
N VAL B 340 -63.69 -19.88 44.78
CA VAL B 340 -62.37 -20.31 44.31
C VAL B 340 -62.08 -21.68 44.90
N LYS B 341 -61.79 -22.64 44.04
CA LYS B 341 -61.45 -23.98 44.49
C LYS B 341 -59.97 -24.03 44.85
N LEU B 342 -59.67 -24.60 46.02
CA LEU B 342 -58.31 -24.66 46.53
C LEU B 342 -57.70 -26.02 46.22
N GLY B 343 -56.46 -26.01 45.73
CA GLY B 343 -55.73 -27.25 45.55
C GLY B 343 -55.36 -27.89 46.86
N SER B 344 -55.07 -29.18 46.81
CA SER B 344 -54.75 -29.92 48.02
C SER B 344 -53.73 -31.00 47.71
N CYS B 345 -52.92 -31.32 48.72
CA CYS B 345 -51.95 -32.41 48.63
C CYS B 345 -51.63 -32.87 50.05
N LYS B 346 -51.12 -34.10 50.14
CA LYS B 346 -50.90 -34.70 51.45
C LYS B 346 -49.74 -34.05 52.18
N LEU B 347 -48.68 -33.68 51.47
CA LEU B 347 -47.47 -33.18 52.13
C LEU B 347 -46.69 -32.29 51.18
N ILE B 348 -46.15 -31.20 51.72
CA ILE B 348 -45.23 -30.32 51.01
C ILE B 348 -43.95 -30.24 51.82
N GLU B 349 -42.81 -30.43 51.16
CA GLU B 349 -41.53 -30.40 51.83
C GLU B 349 -40.45 -30.00 50.83
N GLU B 350 -39.24 -29.82 51.36
CA GLU B 350 -38.08 -29.51 50.54
C GLU B 350 -37.20 -30.75 50.44
N VAL B 351 -36.78 -31.07 49.22
CA VAL B 351 -35.97 -32.26 48.97
C VAL B 351 -34.69 -31.83 48.25
N MET B 352 -33.65 -32.65 48.42
CA MET B 352 -32.37 -32.42 47.77
C MET B 352 -32.22 -33.39 46.61
N ILE B 353 -31.99 -32.86 45.42
CA ILE B 353 -31.72 -33.65 44.22
C ILE B 353 -30.38 -33.19 43.69
N GLY B 354 -29.34 -33.98 43.91
CA GLY B 354 -27.99 -33.56 43.59
C GLY B 354 -27.47 -32.58 44.61
N GLU B 355 -27.32 -31.32 44.22
CA GLU B 355 -26.87 -30.27 45.13
C GLU B 355 -27.84 -29.09 45.11
N ASP B 356 -29.09 -29.34 44.75
CA ASP B 356 -30.11 -28.31 44.66
C ASP B 356 -31.31 -28.71 45.50
N LYS B 357 -32.03 -27.71 46.01
CA LYS B 357 -33.20 -27.91 46.84
C LYS B 357 -34.45 -27.61 46.03
N LEU B 358 -35.41 -28.52 46.06
CA LEU B 358 -36.65 -28.38 45.32
C LEU B 358 -37.83 -28.57 46.27
N ILE B 359 -38.94 -27.91 45.95
CA ILE B 359 -40.17 -28.04 46.70
C ILE B 359 -40.93 -29.25 46.18
N HIS B 360 -41.25 -30.18 47.06
CA HIS B 360 -41.87 -31.45 46.69
C HIS B 360 -43.33 -31.45 47.10
N PHE B 361 -44.21 -31.78 46.17
CA PHE B 361 -45.63 -31.97 46.42
C PHE B 361 -45.92 -33.46 46.41
N SER B 362 -46.50 -33.97 47.48
CA SER B 362 -46.75 -35.39 47.62
C SER B 362 -48.22 -35.64 47.94
N GLY B 363 -48.74 -36.76 47.45
CA GLY B 363 -50.13 -37.11 47.66
C GLY B 363 -51.08 -36.10 47.06
N VAL B 364 -50.79 -35.67 45.82
CA VAL B 364 -51.60 -34.65 45.18
C VAL B 364 -53.02 -35.16 44.94
N ALA B 365 -53.94 -34.21 44.74
CA ALA B 365 -55.34 -34.55 44.58
C ALA B 365 -55.63 -35.09 43.18
N LEU B 366 -55.38 -34.29 42.15
CA LEU B 366 -55.65 -34.71 40.78
C LEU B 366 -54.47 -35.48 40.18
N GLY B 367 -53.30 -34.85 40.13
CA GLY B 367 -52.13 -35.50 39.58
C GLY B 367 -52.05 -35.49 38.06
N GLU B 368 -52.87 -34.69 37.39
CA GLU B 368 -52.82 -34.63 35.93
C GLU B 368 -51.72 -33.69 35.47
N ALA B 369 -50.53 -33.89 36.02
CA ALA B 369 -49.32 -33.14 35.64
C ALA B 369 -48.13 -33.84 36.25
N CYS B 370 -47.11 -34.12 35.44
CA CYS B 370 -45.99 -34.94 35.86
C CYS B 370 -44.70 -34.14 35.84
N THR B 371 -43.79 -34.51 36.74
CA THR B 371 -42.42 -34.04 36.71
C THR B 371 -41.50 -35.25 36.62
N ILE B 372 -40.53 -35.19 35.70
CA ILE B 372 -39.60 -36.29 35.47
C ILE B 372 -38.20 -35.78 35.76
N VAL B 373 -37.50 -36.46 36.65
CA VAL B 373 -36.13 -36.11 37.01
C VAL B 373 -35.19 -36.97 36.18
N LEU B 374 -34.31 -36.33 35.43
CA LEU B 374 -33.35 -37.02 34.59
C LEU B 374 -31.96 -36.86 35.19
N ARG B 375 -31.31 -37.98 35.50
CA ARG B 375 -29.96 -38.00 36.03
C ARG B 375 -29.04 -38.63 35.00
N GLY B 376 -27.89 -37.99 34.77
CA GLY B 376 -26.95 -38.47 33.78
C GLY B 376 -25.53 -38.11 34.16
N ALA B 377 -24.59 -38.64 33.38
CA ALA B 377 -23.18 -38.40 33.63
C ALA B 377 -22.63 -37.19 32.90
N THR B 378 -23.29 -36.72 31.85
CA THR B 378 -22.86 -35.54 31.12
C THR B 378 -24.09 -34.73 30.70
N GLN B 379 -23.86 -33.45 30.43
CA GLN B 379 -24.94 -32.59 29.97
C GLN B 379 -25.49 -33.07 28.62
N GLN B 380 -24.61 -33.56 27.75
CA GLN B 380 -25.06 -34.07 26.46
C GLN B 380 -25.94 -35.29 26.64
N ILE B 381 -25.59 -36.18 27.57
CA ILE B 381 -26.43 -37.33 27.88
C ILE B 381 -27.79 -36.88 28.36
N LEU B 382 -27.83 -35.87 29.23
CA LEU B 382 -29.09 -35.35 29.73
C LEU B 382 -29.96 -34.80 28.60
N ASP B 383 -29.34 -34.04 27.69
CA ASP B 383 -30.09 -33.48 26.57
C ASP B 383 -30.64 -34.58 25.67
N GLU B 384 -29.83 -35.59 25.38
CA GLU B 384 -30.31 -36.68 24.52
C GLU B 384 -31.40 -37.48 25.20
N ALA B 385 -31.29 -37.71 26.52
CA ALA B 385 -32.34 -38.40 27.24
C ALA B 385 -33.63 -37.59 27.23
N GLU B 386 -33.52 -36.27 27.38
CA GLU B 386 -34.70 -35.42 27.31
C GLU B 386 -35.36 -35.49 25.94
N ARG B 387 -34.56 -35.47 24.87
CA ARG B 387 -35.12 -35.57 23.53
C ARG B 387 -35.79 -36.92 23.31
N SER B 388 -35.17 -38.00 23.79
CA SER B 388 -35.76 -39.32 23.64
C SER B 388 -37.07 -39.44 24.41
N LEU B 389 -37.10 -38.91 25.63
CA LEU B 389 -38.34 -38.90 26.41
C LEU B 389 -39.41 -38.08 25.71
N HIS B 390 -39.03 -36.95 25.10
CA HIS B 390 -40.00 -36.17 24.36
C HIS B 390 -40.57 -36.96 23.19
N ASP B 391 -39.72 -37.67 22.46
CA ASP B 391 -40.21 -38.49 21.35
C ASP B 391 -41.19 -39.55 21.85
N ALA B 392 -40.81 -40.25 22.92
CA ALA B 392 -41.67 -41.31 23.44
C ALA B 392 -43.00 -40.76 23.92
N LEU B 393 -42.97 -39.64 24.65
CA LEU B 393 -44.21 -39.05 25.15
C LEU B 393 -45.10 -38.56 24.01
N CYS B 394 -44.51 -37.95 22.98
CA CYS B 394 -45.29 -37.49 21.86
C CYS B 394 -45.98 -38.64 21.14
N VAL B 395 -45.24 -39.73 20.89
CA VAL B 395 -45.83 -40.86 20.21
C VAL B 395 -46.90 -41.51 21.08
N LEU B 396 -46.67 -41.59 22.39
CA LEU B 396 -47.66 -42.16 23.29
C LEU B 396 -48.94 -41.33 23.32
N ALA B 397 -48.80 -40.00 23.33
CA ALA B 397 -49.96 -39.13 23.31
C ALA B 397 -50.72 -39.29 22.01
N GLN B 398 -50.01 -39.40 20.88
CA GLN B 398 -50.68 -39.63 19.61
C GLN B 398 -51.43 -40.95 19.61
N THR B 399 -50.82 -41.99 20.19
CA THR B 399 -51.47 -43.29 20.27
C THR B 399 -52.71 -43.23 21.15
N VAL B 400 -52.64 -42.50 22.26
CA VAL B 400 -53.81 -42.34 23.11
C VAL B 400 -54.93 -41.62 22.35
N LYS B 401 -54.57 -40.57 21.60
CA LYS B 401 -55.57 -39.87 20.81
C LYS B 401 -56.15 -40.77 19.72
N ASP B 402 -55.29 -41.50 19.01
CA ASP B 402 -55.71 -42.41 17.94
C ASP B 402 -55.07 -43.76 18.20
N SER B 403 -55.89 -44.75 18.57
CA SER B 403 -55.38 -46.01 19.08
C SER B 403 -55.03 -47.01 17.98
N ARG B 404 -55.20 -46.66 16.71
CA ARG B 404 -54.84 -47.58 15.64
C ARG B 404 -53.33 -47.75 15.58
N THR B 405 -52.88 -49.00 15.52
CA THR B 405 -51.46 -49.32 15.52
C THR B 405 -51.13 -50.19 14.32
N VAL B 406 -49.91 -50.02 13.81
CA VAL B 406 -49.40 -50.82 12.71
C VAL B 406 -48.07 -51.43 13.13
N TYR B 407 -47.74 -52.57 12.53
CA TYR B 407 -46.54 -53.29 12.92
C TYR B 407 -45.30 -52.63 12.30
N GLY B 408 -44.26 -52.47 13.10
CA GLY B 408 -43.02 -51.87 12.67
C GLY B 408 -41.99 -52.90 12.30
N GLY B 409 -40.73 -52.54 12.46
CA GLY B 409 -39.64 -53.44 12.10
C GLY B 409 -39.53 -53.71 10.62
N GLY B 410 -40.04 -52.81 9.77
CA GLY B 410 -40.05 -53.01 8.34
C GLY B 410 -41.27 -53.73 7.81
N CYS B 411 -42.14 -54.23 8.69
CA CYS B 411 -43.33 -54.93 8.23
C CYS B 411 -44.25 -54.01 7.44
N SER B 412 -44.48 -52.80 7.96
CA SER B 412 -45.39 -51.87 7.29
C SER B 412 -44.82 -51.45 5.93
N GLU B 413 -43.53 -51.13 5.88
CA GLU B 413 -42.92 -50.72 4.62
C GLU B 413 -42.99 -51.84 3.60
N MET B 414 -42.67 -53.06 4.01
CA MET B 414 -42.74 -54.18 3.07
C MET B 414 -44.17 -54.44 2.61
N LEU B 415 -45.15 -54.24 3.50
CA LEU B 415 -46.54 -54.47 3.10
C LEU B 415 -47.02 -53.44 2.08
N MET B 416 -46.76 -52.16 2.35
CA MET B 416 -47.13 -51.14 1.36
C MET B 416 -46.36 -51.34 0.06
N ALA B 417 -45.11 -51.78 0.14
CA ALA B 417 -44.34 -52.04 -1.07
C ALA B 417 -44.93 -53.21 -1.85
N HIS B 418 -45.40 -54.25 -1.15
CA HIS B 418 -46.07 -55.35 -1.82
C HIS B 418 -47.34 -54.89 -2.52
N ALA B 419 -48.11 -54.03 -1.86
CA ALA B 419 -49.32 -53.50 -2.50
C ALA B 419 -48.97 -52.68 -3.73
N VAL B 420 -47.92 -51.86 -3.65
CA VAL B 420 -47.51 -51.04 -4.78
C VAL B 420 -47.04 -51.94 -5.93
N THR B 421 -46.30 -52.99 -5.62
CA THR B 421 -45.86 -53.92 -6.66
C THR B 421 -47.05 -54.63 -7.30
N GLN B 422 -48.04 -55.01 -6.50
CA GLN B 422 -49.24 -55.64 -7.06
C GLN B 422 -49.96 -54.68 -8.00
N LEU B 423 -50.03 -53.40 -7.62
CA LEU B 423 -50.63 -52.42 -8.52
C LEU B 423 -49.81 -52.24 -9.80
N ALA B 424 -48.48 -52.25 -9.66
CA ALA B 424 -47.62 -52.02 -10.82
C ALA B 424 -47.67 -53.18 -11.80
N ASN B 425 -47.84 -54.40 -11.31
CA ASN B 425 -47.88 -55.56 -12.20
C ASN B 425 -49.10 -55.55 -13.12
N ARG B 426 -50.11 -54.75 -12.80
CA ARG B 426 -51.32 -54.66 -13.62
C ARG B 426 -51.47 -53.29 -14.27
N THR B 427 -50.38 -52.53 -14.39
CA THR B 427 -50.42 -51.20 -14.96
C THR B 427 -49.54 -51.14 -16.21
N PRO B 428 -50.04 -50.64 -17.33
CA PRO B 428 -49.21 -50.52 -18.53
C PRO B 428 -48.51 -49.17 -18.63
N GLY B 429 -47.37 -49.19 -19.29
CA GLY B 429 -46.60 -47.98 -19.52
C GLY B 429 -45.49 -47.80 -18.50
N LYS B 430 -44.79 -46.67 -18.65
CA LYS B 430 -43.68 -46.35 -17.75
C LYS B 430 -44.16 -46.00 -16.34
N GLU B 431 -45.46 -45.72 -16.18
CA GLU B 431 -46.00 -45.55 -14.83
C GLU B 431 -45.74 -46.78 -13.98
N ALA B 432 -45.77 -47.97 -14.59
CA ALA B 432 -45.43 -49.19 -13.86
C ALA B 432 -44.00 -49.15 -13.37
N VAL B 433 -43.08 -48.64 -14.19
CA VAL B 433 -41.69 -48.54 -13.78
C VAL B 433 -41.54 -47.56 -12.63
N ALA B 434 -42.27 -46.44 -12.69
CA ALA B 434 -42.24 -45.49 -11.57
C ALA B 434 -42.79 -46.12 -10.30
N MET B 435 -43.85 -46.92 -10.42
CA MET B 435 -44.41 -47.60 -9.26
C MET B 435 -43.39 -48.58 -8.68
N GLU B 436 -42.68 -49.30 -9.55
CA GLU B 436 -41.63 -50.19 -9.08
C GLU B 436 -40.52 -49.43 -8.37
N SER B 437 -40.18 -48.23 -8.84
CA SER B 437 -39.20 -47.42 -8.14
C SER B 437 -39.68 -47.02 -6.75
N TYR B 438 -40.97 -46.65 -6.65
CA TYR B 438 -41.57 -46.35 -5.36
C TYR B 438 -41.44 -47.55 -4.42
N ALA B 439 -41.81 -48.72 -4.90
CA ALA B 439 -41.69 -49.94 -4.11
C ALA B 439 -40.24 -50.21 -3.74
N LYS B 440 -39.32 -49.90 -4.64
CA LYS B 440 -37.89 -50.12 -4.36
C LYS B 440 -37.42 -49.23 -3.22
N ALA B 441 -37.86 -47.97 -3.19
CA ALA B 441 -37.51 -47.11 -2.06
C ALA B 441 -38.11 -47.64 -0.76
N LEU B 442 -39.37 -48.09 -0.82
CA LEU B 442 -39.99 -48.65 0.36
C LEU B 442 -39.23 -49.88 0.87
N ARG B 443 -38.72 -50.70 -0.06
CA ARG B 443 -37.85 -51.80 0.33
C ARG B 443 -36.54 -51.29 0.92
N MET B 444 -36.01 -50.20 0.35
CA MET B 444 -34.72 -49.69 0.79
C MET B 444 -34.75 -49.22 2.23
N LEU B 445 -35.92 -48.81 2.71
CA LEU B 445 -36.00 -48.37 4.10
C LEU B 445 -35.61 -49.46 5.10
N PRO B 446 -36.31 -50.61 5.18
CA PRO B 446 -35.82 -51.68 6.07
C PRO B 446 -34.46 -52.22 5.66
N THR B 447 -34.08 -52.09 4.39
CA THR B 447 -32.73 -52.46 4.00
C THR B 447 -31.70 -51.62 4.73
N ILE B 448 -31.95 -50.31 4.85
CA ILE B 448 -31.06 -49.46 5.62
C ILE B 448 -31.12 -49.82 7.10
N ILE B 449 -32.32 -50.15 7.59
CA ILE B 449 -32.45 -50.57 8.99
C ILE B 449 -31.55 -51.77 9.27
N ALA B 450 -31.53 -52.75 8.36
CA ALA B 450 -30.71 -53.93 8.55
C ALA B 450 -29.23 -53.64 8.33
N ASP B 451 -28.91 -52.76 7.38
CA ASP B 451 -27.52 -52.40 7.13
C ASP B 451 -26.90 -51.73 8.35
N ASN B 452 -27.66 -50.89 9.04
CA ASN B 452 -27.13 -50.23 10.23
C ASN B 452 -26.69 -51.25 11.28
N ALA B 453 -27.30 -52.43 11.31
CA ALA B 453 -26.98 -53.44 12.29
C ALA B 453 -25.87 -54.38 11.86
N GLY B 454 -25.41 -54.29 10.61
CA GLY B 454 -24.36 -55.16 10.12
C GLY B 454 -24.83 -56.50 9.60
N TYR B 455 -26.14 -56.76 9.59
CA TYR B 455 -26.65 -58.01 9.08
C TYR B 455 -26.62 -58.03 7.55
N ASP B 456 -26.80 -59.22 6.99
CA ASP B 456 -26.84 -59.39 5.54
C ASP B 456 -28.21 -58.89 5.07
N SER B 457 -28.29 -57.59 4.79
CA SER B 457 -29.58 -56.95 4.56
C SER B 457 -30.25 -57.48 3.30
N ALA B 458 -29.46 -57.87 2.30
CA ALA B 458 -30.05 -58.35 1.05
C ALA B 458 -30.88 -59.60 1.29
N ASP B 459 -30.31 -60.58 1.99
CA ASP B 459 -31.05 -61.82 2.26
C ASP B 459 -32.26 -61.56 3.14
N LEU B 460 -32.11 -60.72 4.16
CA LEU B 460 -33.23 -60.44 5.05
C LEU B 460 -34.37 -59.77 4.30
N VAL B 461 -34.06 -58.80 3.45
CA VAL B 461 -35.09 -58.11 2.69
C VAL B 461 -35.74 -59.05 1.69
N ALA B 462 -34.95 -59.92 1.05
CA ALA B 462 -35.52 -60.91 0.15
C ALA B 462 -36.47 -61.84 0.88
N GLN B 463 -36.08 -62.29 2.07
CA GLN B 463 -36.94 -63.16 2.87
C GLN B 463 -38.23 -62.44 3.26
N LEU B 464 -38.12 -61.17 3.65
CA LEU B 464 -39.32 -60.41 4.02
C LEU B 464 -40.24 -60.24 2.82
N ARG B 465 -39.68 -59.96 1.65
CA ARG B 465 -40.50 -59.82 0.44
C ARG B 465 -41.19 -61.13 0.10
N ALA B 466 -40.46 -62.24 0.19
CA ALA B 466 -41.05 -63.54 -0.10
C ALA B 466 -42.16 -63.88 0.88
N ALA B 467 -41.94 -63.59 2.17
CA ALA B 467 -42.96 -63.87 3.17
C ALA B 467 -44.20 -63.01 2.95
N HIS B 468 -44.01 -61.74 2.60
CA HIS B 468 -45.16 -60.87 2.38
C HIS B 468 -45.92 -61.24 1.11
N SER B 469 -45.21 -61.73 0.09
CA SER B 469 -45.90 -62.20 -1.11
C SER B 469 -46.61 -63.52 -0.86
N GLU B 470 -46.08 -64.34 0.07
CA GLU B 470 -46.71 -65.62 0.37
C GLU B 470 -48.08 -65.43 1.03
N GLY B 471 -48.19 -64.46 1.94
CA GLY B 471 -49.43 -64.22 2.65
C GLY B 471 -49.23 -63.84 4.09
N ASN B 472 -48.02 -64.08 4.61
CA ASN B 472 -47.68 -63.72 5.98
C ASN B 472 -47.50 -62.21 6.06
N THR B 473 -48.53 -61.51 6.53
CA THR B 473 -48.55 -60.06 6.53
C THR B 473 -47.99 -59.44 7.81
N THR B 474 -47.48 -60.25 8.73
CA THR B 474 -46.94 -59.75 9.98
C THR B 474 -45.45 -60.03 10.13
N ALA B 475 -44.79 -60.52 9.07
CA ALA B 475 -43.36 -60.77 9.15
C ALA B 475 -42.57 -59.47 9.19
N GLY B 476 -41.46 -59.49 9.92
CA GLY B 476 -40.63 -58.31 10.06
C GLY B 476 -39.25 -58.68 10.55
N LEU B 477 -38.38 -57.69 10.62
CA LEU B 477 -37.01 -57.90 11.04
C LEU B 477 -36.96 -58.17 12.55
N ASP B 478 -36.18 -59.17 12.93
CA ASP B 478 -35.90 -59.48 14.33
C ASP B 478 -34.46 -59.11 14.58
N MET B 479 -34.24 -57.94 15.18
CA MET B 479 -32.90 -57.41 15.35
C MET B 479 -32.15 -58.02 16.53
N ARG B 480 -32.80 -58.86 17.33
CA ARG B 480 -32.08 -59.55 18.40
C ARG B 480 -31.03 -60.49 17.84
N GLU B 481 -31.37 -61.23 16.78
CA GLU B 481 -30.47 -62.22 16.21
C GLU B 481 -30.29 -62.07 14.70
N GLY B 482 -30.83 -61.02 14.10
CA GLY B 482 -30.62 -60.78 12.69
C GLY B 482 -31.42 -61.65 11.75
N THR B 483 -32.51 -62.24 12.22
CA THR B 483 -33.41 -63.03 11.40
C THR B 483 -34.73 -62.29 11.22
N ILE B 484 -35.66 -62.93 10.53
CA ILE B 484 -37.01 -62.41 10.39
C ILE B 484 -37.90 -63.12 11.40
N GLY B 485 -39.02 -62.48 11.73
CA GLY B 485 -39.92 -63.05 12.72
C GLY B 485 -41.28 -62.37 12.67
N ASP B 486 -42.14 -62.79 13.59
CA ASP B 486 -43.49 -62.26 13.67
C ASP B 486 -43.51 -61.07 14.61
N MET B 487 -43.84 -59.89 14.07
CA MET B 487 -43.88 -58.68 14.87
C MET B 487 -45.02 -58.68 15.88
N ALA B 488 -46.04 -59.51 15.68
CA ALA B 488 -47.14 -59.58 16.65
C ALA B 488 -46.66 -60.17 17.96
N ILE B 489 -45.97 -61.31 17.90
CA ILE B 489 -45.45 -61.93 19.11
C ILE B 489 -44.29 -61.11 19.68
N LEU B 490 -43.38 -60.69 18.82
CA LEU B 490 -42.21 -59.94 19.28
C LEU B 490 -42.57 -58.55 19.80
N GLY B 491 -43.77 -58.06 19.49
CA GLY B 491 -44.23 -56.79 20.03
C GLY B 491 -43.51 -55.55 19.54
N ILE B 492 -43.18 -55.49 18.26
CA ILE B 492 -42.71 -54.25 17.64
C ILE B 492 -43.93 -53.64 16.95
N THR B 493 -44.57 -52.69 17.63
CA THR B 493 -45.73 -52.00 17.10
C THR B 493 -45.47 -50.51 17.09
N GLU B 494 -46.16 -49.80 16.21
CA GLU B 494 -46.01 -48.36 16.08
C GLU B 494 -47.38 -47.74 15.85
N SER B 495 -47.46 -46.44 16.11
CA SER B 495 -48.69 -45.70 15.86
C SER B 495 -48.96 -45.65 14.37
N PHE B 496 -50.21 -45.92 13.98
CA PHE B 496 -50.58 -45.82 12.57
C PHE B 496 -50.45 -44.40 12.05
N GLN B 497 -50.73 -43.42 12.91
CA GLN B 497 -50.60 -42.02 12.50
C GLN B 497 -49.17 -41.69 12.09
N VAL B 498 -48.19 -42.18 12.85
CA VAL B 498 -46.80 -41.87 12.56
C VAL B 498 -46.40 -42.42 11.19
N LYS B 499 -46.71 -43.69 10.95
CA LYS B 499 -46.34 -44.30 9.67
C LYS B 499 -47.06 -43.65 8.50
N ARG B 500 -48.36 -43.38 8.65
CA ARG B 500 -49.10 -42.76 7.57
C ARG B 500 -48.57 -41.36 7.27
N GLN B 501 -48.26 -40.59 8.31
CA GLN B 501 -47.71 -39.25 8.11
C GLN B 501 -46.34 -39.33 7.44
N VAL B 502 -45.51 -40.29 7.85
CA VAL B 502 -44.20 -40.45 7.22
C VAL B 502 -44.35 -40.71 5.73
N LEU B 503 -45.20 -41.68 5.38
CA LEU B 503 -45.39 -42.03 3.98
C LEU B 503 -45.91 -40.85 3.17
N LEU B 504 -46.97 -40.21 3.67
CA LEU B 504 -47.60 -39.12 2.92
C LEU B 504 -46.67 -37.93 2.77
N SER B 505 -45.98 -37.54 3.85
CA SER B 505 -45.08 -36.40 3.78
C SER B 505 -43.91 -36.69 2.85
N ALA B 506 -43.33 -37.89 2.92
CA ALA B 506 -42.22 -38.22 2.04
C ALA B 506 -42.65 -38.18 0.58
N ALA B 507 -43.81 -38.77 0.27
CA ALA B 507 -44.28 -38.76 -1.10
C ALA B 507 -44.56 -37.34 -1.58
N GLU B 508 -45.16 -36.51 -0.72
CA GLU B 508 -45.49 -35.14 -1.10
C GLU B 508 -44.22 -34.32 -1.35
N ALA B 509 -43.22 -34.46 -0.49
CA ALA B 509 -41.98 -33.72 -0.68
C ALA B 509 -41.23 -34.19 -1.92
N ALA B 510 -41.23 -35.50 -2.18
CA ALA B 510 -40.61 -36.00 -3.41
C ALA B 510 -41.30 -35.43 -4.64
N GLU B 511 -42.64 -35.40 -4.62
CA GLU B 511 -43.37 -34.81 -5.74
C GLU B 511 -43.06 -33.33 -5.90
N VAL B 512 -42.96 -32.60 -4.79
CA VAL B 512 -42.68 -31.18 -4.85
C VAL B 512 -41.32 -30.92 -5.47
N ILE B 513 -40.29 -31.65 -5.00
CA ILE B 513 -38.94 -31.43 -5.49
C ILE B 513 -38.81 -31.89 -6.95
N LEU B 514 -39.49 -32.99 -7.31
CA LEU B 514 -39.33 -33.55 -8.64
C LEU B 514 -39.90 -32.63 -9.72
N ARG B 515 -40.87 -31.79 -9.38
CA ARG B 515 -41.49 -30.92 -10.36
C ARG B 515 -40.58 -29.78 -10.82
N VAL B 516 -39.46 -29.57 -10.15
CA VAL B 516 -38.60 -28.42 -10.41
C VAL B 516 -37.69 -28.72 -11.58
N ASP B 517 -37.63 -27.79 -12.53
CA ASP B 517 -36.71 -27.89 -13.65
C ASP B 517 -35.88 -26.62 -13.83
N ASN B 518 -35.89 -25.72 -12.86
CA ASN B 518 -35.16 -24.45 -12.98
C ASN B 518 -35.01 -23.86 -11.60
N ILE B 519 -33.77 -23.57 -11.19
CA ILE B 519 -33.46 -22.97 -9.92
C ILE B 519 -32.88 -21.59 -10.18
N ILE B 520 -33.59 -20.55 -9.76
CA ILE B 520 -33.17 -19.16 -9.97
C ILE B 520 -32.84 -18.57 -8.61
N LYS B 521 -31.62 -18.06 -8.46
CA LYS B 521 -31.15 -17.48 -7.21
C LYS B 521 -30.93 -15.99 -7.40
N ALA B 522 -31.55 -15.19 -6.54
CA ALA B 522 -31.34 -13.75 -6.58
C ALA B 522 -29.96 -13.41 -6.03
N ALA B 523 -29.56 -12.16 -6.23
CA ALA B 523 -28.26 -11.71 -5.75
C ALA B 523 -28.25 -11.71 -4.22
N PRO B 524 -27.31 -12.39 -3.58
CA PRO B 524 -27.30 -12.43 -2.11
C PRO B 524 -26.97 -11.07 -1.52
N ARG B 525 -27.31 -10.92 -0.24
CA ARG B 525 -27.03 -9.67 0.46
C ARG B 525 -25.53 -9.43 0.57
N LYS B 526 -24.76 -10.47 0.81
CA LYS B 526 -23.30 -10.36 0.87
C LYS B 526 -22.72 -10.03 -0.49
N ARG C 1 -21.33 -68.92 3.40
CA ARG C 1 -21.03 -67.77 4.24
C ARG C 1 -19.83 -67.00 3.70
N GLY C 2 -18.65 -67.30 4.23
CA GLY C 2 -17.44 -66.64 3.81
C GLY C 2 -17.29 -65.23 4.36
N LYS C 3 -17.40 -64.24 3.48
CA LYS C 3 -17.24 -62.85 3.88
C LYS C 3 -18.51 -62.32 4.53
N GLY C 4 -18.36 -61.22 5.27
CA GLY C 4 -19.50 -60.54 5.86
C GLY C 4 -19.80 -59.23 5.15
N ALA C 5 -20.39 -58.27 5.88
CA ALA C 5 -20.63 -56.96 5.31
C ALA C 5 -19.31 -56.26 5.01
N TYR C 6 -19.27 -55.54 3.89
CA TYR C 6 -18.02 -54.90 3.48
C TYR C 6 -17.65 -53.75 4.38
N GLN C 7 -18.65 -52.99 4.85
CA GLN C 7 -18.41 -51.76 5.63
C GLN C 7 -17.59 -50.76 4.81
N ASP C 8 -18.22 -50.30 3.73
CA ASP C 8 -17.55 -49.38 2.82
C ASP C 8 -17.15 -48.09 3.51
N ARG C 9 -18.03 -47.54 4.36
CA ARG C 9 -17.73 -46.31 5.06
C ARG C 9 -16.61 -46.53 6.08
N ASP C 10 -15.60 -45.66 6.06
CA ASP C 10 -14.51 -45.71 7.01
C ASP C 10 -14.54 -44.55 7.99
N LYS C 11 -15.37 -43.54 7.77
CA LYS C 11 -15.43 -42.40 8.67
C LYS C 11 -15.79 -42.76 10.11
N PRO C 12 -16.76 -43.66 10.39
CA PRO C 12 -17.05 -43.95 11.80
C PRO C 12 -15.85 -44.45 12.58
N ALA C 13 -15.01 -45.29 11.97
CA ALA C 13 -13.82 -45.77 12.67
C ALA C 13 -12.87 -44.61 12.98
N GLN C 14 -12.69 -43.70 12.02
CA GLN C 14 -11.82 -42.55 12.26
C GLN C 14 -12.37 -41.67 13.38
N ILE C 15 -13.69 -41.46 13.40
CA ILE C 15 -14.30 -40.64 14.43
C ILE C 15 -14.11 -41.28 15.81
N ARG C 16 -14.34 -42.59 15.91
CA ARG C 16 -14.15 -43.28 17.17
C ARG C 16 -12.70 -43.18 17.63
N PHE C 17 -11.75 -43.38 16.70
CA PHE C 17 -10.34 -43.31 17.06
C PHE C 17 -9.95 -41.91 17.53
N SER C 18 -10.47 -40.87 16.86
CA SER C 18 -10.14 -39.51 17.26
C SER C 18 -10.73 -39.18 18.63
N ASN C 19 -11.98 -39.62 18.88
CA ASN C 19 -12.57 -39.40 20.20
C ASN C 19 -11.76 -40.07 21.28
N ILE C 20 -11.37 -41.32 21.04
CA ILE C 20 -10.58 -42.05 22.03
C ILE C 20 -9.23 -41.37 22.25
N SER C 21 -8.58 -40.93 21.17
CA SER C 21 -7.28 -40.28 21.30
C SER C 21 -7.39 -39.00 22.12
N ALA C 22 -8.42 -38.20 21.87
CA ALA C 22 -8.59 -36.96 22.63
C ALA C 22 -8.85 -37.26 24.11
N ALA C 23 -9.72 -38.23 24.40
CA ALA C 23 -9.99 -38.56 25.79
C ALA C 23 -8.75 -39.08 26.50
N LYS C 24 -7.99 -39.95 25.82
CA LYS C 24 -6.77 -40.47 26.41
C LYS C 24 -5.75 -39.36 26.63
N ALA C 25 -5.68 -38.40 25.71
CA ALA C 25 -4.78 -37.27 25.88
C ALA C 25 -5.15 -36.45 27.11
N VAL C 26 -6.44 -36.19 27.31
CA VAL C 26 -6.87 -35.45 28.49
C VAL C 26 -6.53 -36.22 29.76
N ALA C 27 -6.81 -37.53 29.77
CA ALA C 27 -6.50 -38.34 30.94
C ALA C 27 -5.01 -38.32 31.24
N ASP C 28 -4.17 -38.47 30.22
CA ASP C 28 -2.73 -38.45 30.42
C ASP C 28 -2.28 -37.08 30.92
N ALA C 29 -2.90 -36.01 30.43
CA ALA C 29 -2.54 -34.68 30.88
C ALA C 29 -2.81 -34.52 32.37
N ILE C 30 -3.95 -35.05 32.86
CA ILE C 30 -4.29 -34.87 34.27
C ILE C 30 -3.77 -35.99 35.17
N ARG C 31 -3.13 -37.02 34.61
CA ARG C 31 -2.60 -38.10 35.45
C ARG C 31 -1.55 -37.61 36.43
N THR C 32 -0.76 -36.59 36.07
CA THR C 32 0.35 -36.16 36.90
C THR C 32 -0.11 -35.61 38.25
N SER C 33 -1.37 -35.18 38.35
CA SER C 33 -1.89 -34.54 39.56
C SER C 33 -2.77 -35.46 40.38
N LEU C 34 -2.42 -36.75 40.48
CA LEU C 34 -3.22 -37.74 41.17
C LEU C 34 -2.46 -38.28 42.37
N GLY C 35 -3.16 -38.39 43.51
CA GLY C 35 -2.61 -39.05 44.67
C GLY C 35 -1.92 -38.11 45.64
N PRO C 36 -1.51 -38.66 46.79
CA PRO C 36 -0.82 -37.82 47.78
C PRO C 36 0.47 -37.23 47.26
N LYS C 37 1.14 -37.91 46.34
CA LYS C 37 2.31 -37.37 45.67
C LYS C 37 1.95 -36.66 44.38
N GLY C 38 0.67 -36.56 44.04
CA GLY C 38 0.26 -35.77 42.89
C GLY C 38 0.60 -34.31 43.09
N MET C 39 0.81 -33.62 41.97
CA MET C 39 1.45 -32.32 42.02
C MET C 39 0.50 -31.30 41.40
N ASP C 40 0.48 -30.08 41.95
CA ASP C 40 -0.48 -29.08 41.50
C ASP C 40 -0.16 -28.57 40.10
N LYS C 41 -1.20 -28.15 39.39
CA LYS C 41 -1.09 -27.53 38.08
C LYS C 41 -1.17 -26.02 38.22
N MET C 42 -1.19 -25.33 37.07
CA MET C 42 -1.23 -23.88 37.07
C MET C 42 -1.76 -23.43 35.71
N ILE C 43 -2.90 -22.76 35.69
CA ILE C 43 -3.58 -22.38 34.46
C ILE C 43 -3.76 -20.87 34.47
N GLN C 44 -3.11 -20.19 33.54
CA GLN C 44 -3.27 -18.75 33.37
C GLN C 44 -4.34 -18.49 32.32
N ASP C 45 -5.40 -17.79 32.71
CA ASP C 45 -6.54 -17.60 31.83
C ASP C 45 -6.18 -16.68 30.67
N GLY C 46 -7.10 -16.61 29.70
CA GLY C 46 -6.88 -15.74 28.55
C GLY C 46 -6.76 -14.28 28.92
N LYS C 47 -7.59 -13.83 29.87
CA LYS C 47 -7.53 -12.44 30.31
C LYS C 47 -6.35 -12.16 31.24
N GLY C 48 -5.62 -13.19 31.66
CA GLY C 48 -4.51 -13.03 32.56
C GLY C 48 -4.76 -13.49 33.98
N ASP C 49 -5.96 -13.97 34.28
CA ASP C 49 -6.23 -14.50 35.61
C ASP C 49 -5.46 -15.81 35.77
N VAL C 50 -4.97 -16.04 36.99
CA VAL C 50 -4.11 -17.18 37.28
C VAL C 50 -4.75 -18.01 38.39
N THR C 51 -4.74 -19.33 38.21
CA THR C 51 -5.23 -20.25 39.23
C THR C 51 -4.23 -21.39 39.40
N ILE C 52 -4.06 -21.84 40.63
CA ILE C 52 -3.22 -22.98 40.97
C ILE C 52 -4.11 -23.99 41.67
N THR C 53 -4.21 -25.20 41.10
CA THR C 53 -5.18 -26.14 41.62
C THR C 53 -4.75 -27.57 41.36
N ASN C 54 -5.16 -28.45 42.28
CA ASN C 54 -5.06 -29.89 42.11
C ASN C 54 -6.41 -30.53 41.84
N ASP C 55 -7.49 -29.78 41.94
CA ASP C 55 -8.82 -30.32 41.70
C ASP C 55 -9.00 -30.67 40.22
N GLY C 56 -9.42 -31.89 39.95
CA GLY C 56 -9.58 -32.33 38.57
C GLY C 56 -10.67 -31.56 37.83
N ALA C 57 -11.80 -31.34 38.49
CA ALA C 57 -12.90 -30.61 37.84
C ALA C 57 -12.48 -29.19 37.50
N THR C 58 -11.79 -28.51 38.43
CA THR C 58 -11.34 -27.15 38.16
C THR C 58 -10.27 -27.14 37.06
N ILE C 59 -9.38 -28.12 37.06
CA ILE C 59 -8.36 -28.20 36.01
C ILE C 59 -9.01 -28.35 34.65
N LEU C 60 -10.00 -29.23 34.55
CA LEU C 60 -10.68 -29.44 33.27
C LEU C 60 -11.47 -28.21 32.85
N LYS C 61 -12.15 -27.55 33.79
CA LYS C 61 -12.95 -26.38 33.42
C LYS C 61 -12.06 -25.22 32.99
N GLN C 62 -10.96 -24.98 33.71
CA GLN C 62 -10.18 -23.77 33.48
C GLN C 62 -9.56 -23.77 32.08
N MET C 63 -9.01 -24.89 31.65
CA MET C 63 -8.43 -24.97 30.32
C MET C 63 -9.52 -25.28 29.29
N GLN C 64 -9.59 -24.46 28.25
CA GLN C 64 -10.68 -24.53 27.27
C GLN C 64 -10.35 -25.61 26.24
N VAL C 65 -10.65 -26.85 26.61
CA VAL C 65 -10.48 -27.97 25.69
C VAL C 65 -11.50 -27.82 24.56
N LEU C 66 -11.08 -28.19 23.34
CA LEU C 66 -11.88 -27.98 22.15
C LEU C 66 -12.48 -29.25 21.58
N HIS C 67 -11.81 -30.38 21.69
CA HIS C 67 -12.33 -31.61 21.11
C HIS C 67 -13.59 -32.05 21.85
N PRO C 68 -14.61 -32.54 21.13
CA PRO C 68 -15.86 -32.92 21.81
C PRO C 68 -15.70 -33.96 22.89
N ALA C 69 -14.80 -34.94 22.70
CA ALA C 69 -14.57 -35.93 23.74
C ALA C 69 -14.02 -35.29 25.00
N ALA C 70 -13.14 -34.30 24.84
CA ALA C 70 -12.61 -33.58 26.01
C ALA C 70 -13.71 -32.81 26.72
N ARG C 71 -14.63 -32.20 25.97
CA ARG C 71 -15.75 -31.51 26.59
C ARG C 71 -16.64 -32.49 27.35
N MET C 72 -16.88 -33.67 26.78
CA MET C 72 -17.66 -34.68 27.49
C MET C 72 -16.94 -35.13 28.76
N LEU C 73 -15.61 -35.24 28.71
CA LEU C 73 -14.86 -35.57 29.92
C LEU C 73 -14.99 -34.47 30.97
N VAL C 74 -14.99 -33.21 30.53
CA VAL C 74 -15.17 -32.09 31.46
C VAL C 74 -16.53 -32.19 32.14
N GLU C 75 -17.58 -32.46 31.35
CA GLU C 75 -18.91 -32.61 31.92
C GLU C 75 -18.98 -33.80 32.86
N LEU C 76 -18.27 -34.88 32.52
CA LEU C 76 -18.22 -36.04 33.40
C LEU C 76 -17.58 -35.69 34.75
N SER C 77 -16.50 -34.94 34.71
CA SER C 77 -15.86 -34.50 35.95
C SER C 77 -16.77 -33.61 36.76
N LYS C 78 -17.50 -32.70 36.09
CA LYS C 78 -18.46 -31.86 36.78
C LYS C 78 -19.55 -32.69 37.44
N ALA C 79 -20.06 -33.71 36.73
CA ALA C 79 -21.09 -34.56 37.30
C ALA C 79 -20.57 -35.34 38.51
N GLN C 80 -19.34 -35.84 38.43
CA GLN C 80 -18.76 -36.53 39.58
C GLN C 80 -18.61 -35.59 40.77
N ASP C 81 -18.20 -34.34 40.50
CA ASP C 81 -18.11 -33.35 41.56
C ASP C 81 -19.48 -33.07 42.19
N ILE C 82 -20.53 -33.00 41.36
CA ILE C 82 -21.87 -32.75 41.87
C ILE C 82 -22.34 -33.91 42.74
N GLU C 83 -22.16 -35.14 42.25
CA GLU C 83 -22.68 -36.30 42.98
C GLU C 83 -21.87 -36.58 44.24
N ALA C 84 -20.55 -36.53 44.15
CA ALA C 84 -19.69 -36.88 45.27
C ALA C 84 -18.87 -35.70 45.77
N GLY C 85 -18.15 -35.02 44.89
CA GLY C 85 -17.27 -33.93 45.27
C GLY C 85 -15.81 -34.33 45.41
N ASP C 86 -15.52 -35.61 45.55
CA ASP C 86 -14.16 -36.12 45.56
C ASP C 86 -14.03 -37.22 44.54
N GLY C 87 -12.83 -37.38 44.00
CA GLY C 87 -12.61 -38.32 42.92
C GLY C 87 -12.84 -37.77 41.54
N THR C 88 -12.87 -36.45 41.39
CA THR C 88 -13.06 -35.84 40.07
C THR C 88 -11.90 -36.10 39.14
N THR C 89 -10.72 -36.44 39.67
CA THR C 89 -9.58 -36.77 38.84
C THR C 89 -9.53 -38.26 38.49
N SER C 90 -9.94 -39.12 39.42
CA SER C 90 -9.91 -40.56 39.16
C SER C 90 -10.90 -40.94 38.06
N VAL C 91 -12.06 -40.31 38.03
CA VAL C 91 -13.09 -40.69 37.08
C VAL C 91 -12.65 -40.41 35.65
N VAL C 92 -12.00 -39.27 35.43
CA VAL C 92 -11.51 -38.94 34.10
C VAL C 92 -10.44 -39.93 33.66
N ILE C 93 -9.55 -40.32 34.57
CA ILE C 93 -8.53 -41.31 34.25
C ILE C 93 -9.18 -42.64 33.90
N ILE C 94 -10.21 -43.03 34.65
CA ILE C 94 -10.91 -44.29 34.37
C ILE C 94 -11.53 -44.25 32.98
N ALA C 95 -12.20 -43.15 32.65
CA ALA C 95 -12.83 -43.04 31.34
C ALA C 95 -11.80 -43.08 30.22
N GLY C 96 -10.70 -42.35 30.38
CA GLY C 96 -9.66 -42.36 29.37
C GLY C 96 -9.05 -43.73 29.17
N SER C 97 -8.80 -44.45 30.27
CA SER C 97 -8.25 -45.79 30.15
C SER C 97 -9.25 -46.76 29.51
N LEU C 98 -10.53 -46.61 29.83
CA LEU C 98 -11.55 -47.44 29.19
C LEU C 98 -11.55 -47.24 27.68
N LEU C 99 -11.51 -45.97 27.25
CA LEU C 99 -11.49 -45.72 25.81
C LEU C 99 -10.19 -46.20 25.18
N ASP C 100 -9.07 -46.08 25.90
CA ASP C 100 -7.81 -46.59 25.38
C ASP C 100 -7.87 -48.10 25.16
N SER C 101 -8.54 -48.81 26.06
CA SER C 101 -8.78 -50.24 25.83
C SER C 101 -9.70 -50.46 24.63
N CYS C 102 -10.74 -49.64 24.50
CA CYS C 102 -11.63 -49.75 23.35
C CYS C 102 -10.89 -49.57 22.04
N THR C 103 -9.76 -48.86 22.05
CA THR C 103 -8.96 -48.75 20.83
C THR C 103 -8.60 -50.12 20.27
N LYS C 104 -7.85 -50.90 21.05
CA LYS C 104 -7.46 -52.23 20.61
C LYS C 104 -8.66 -53.15 20.46
N LEU C 105 -9.70 -52.96 21.28
CA LEU C 105 -10.88 -53.80 21.15
C LEU C 105 -11.57 -53.60 19.80
N LEU C 106 -11.67 -52.36 19.35
CA LEU C 106 -12.21 -52.07 18.03
C LEU C 106 -11.27 -52.57 16.94
N GLN C 107 -9.96 -52.42 17.14
CA GLN C 107 -9.01 -52.89 16.14
C GLN C 107 -9.10 -54.41 15.97
N LYS C 108 -9.45 -55.14 17.02
CA LYS C 108 -9.61 -56.58 16.90
C LYS C 108 -10.86 -56.97 16.12
N GLY C 109 -11.74 -56.03 15.81
CA GLY C 109 -12.91 -56.33 15.01
C GLY C 109 -14.14 -56.66 15.84
N ILE C 110 -14.49 -55.78 16.78
CA ILE C 110 -15.64 -55.95 17.65
C ILE C 110 -16.55 -54.74 17.50
N HIS C 111 -17.84 -55.00 17.31
CA HIS C 111 -18.79 -53.92 17.16
C HIS C 111 -18.88 -53.11 18.44
N PRO C 112 -18.99 -51.77 18.33
CA PRO C 112 -19.02 -50.94 19.55
C PRO C 112 -20.16 -51.26 20.50
N THR C 113 -21.31 -51.70 19.97
CA THR C 113 -22.44 -52.03 20.85
C THR C 113 -22.11 -53.22 21.75
N ILE C 114 -21.40 -54.21 21.21
CA ILE C 114 -20.95 -55.34 22.02
C ILE C 114 -20.02 -54.86 23.13
N ILE C 115 -19.12 -53.94 22.78
CA ILE C 115 -18.21 -53.38 23.78
C ILE C 115 -18.98 -52.67 24.88
N SER C 116 -19.99 -51.89 24.50
CA SER C 116 -20.78 -51.16 25.50
C SER C 116 -21.54 -52.11 26.41
N GLU C 117 -22.15 -53.16 25.85
CA GLU C 117 -22.87 -54.12 26.66
C GLU C 117 -21.94 -54.85 27.63
N SER C 118 -20.77 -55.25 27.13
CA SER C 118 -19.80 -55.92 27.99
C SER C 118 -19.30 -54.98 29.09
N PHE C 119 -19.12 -53.71 28.76
CA PHE C 119 -18.71 -52.73 29.76
C PHE C 119 -19.78 -52.57 30.82
N GLN C 120 -21.06 -52.58 30.42
CA GLN C 120 -22.13 -52.52 31.40
C GLN C 120 -22.12 -53.73 32.33
N LYS C 121 -21.92 -54.93 31.77
CA LYS C 121 -21.83 -56.13 32.59
C LYS C 121 -20.67 -56.02 33.57
N ALA C 122 -19.50 -55.57 33.09
CA ALA C 122 -18.34 -55.42 33.95
C ALA C 122 -18.61 -54.38 35.03
N LEU C 123 -19.31 -53.30 34.70
CA LEU C 123 -19.64 -52.29 35.68
C LEU C 123 -20.55 -52.84 36.77
N GLU C 124 -21.54 -53.64 36.39
CA GLU C 124 -22.41 -54.25 37.39
C GLU C 124 -21.62 -55.17 38.32
N LYS C 125 -20.75 -56.00 37.73
CA LYS C 125 -19.93 -56.89 38.57
C LYS C 125 -19.01 -56.08 39.47
N GLY C 126 -18.43 -54.99 38.95
CA GLY C 126 -17.55 -54.18 39.77
C GLY C 126 -18.26 -53.47 40.90
N ILE C 127 -19.50 -53.03 40.65
CA ILE C 127 -20.30 -52.45 41.73
C ILE C 127 -20.56 -53.49 42.80
N GLU C 128 -20.86 -54.73 42.39
CA GLU C 128 -21.03 -55.80 43.36
C GLU C 128 -19.76 -55.99 44.19
N ILE C 129 -18.61 -56.01 43.52
CA ILE C 129 -17.34 -56.24 44.20
C ILE C 129 -17.06 -55.13 45.20
N LEU C 130 -17.22 -53.88 44.76
CA LEU C 130 -16.95 -52.74 45.64
C LEU C 130 -17.88 -52.72 46.84
N THR C 131 -19.17 -52.99 46.61
CA THR C 131 -20.11 -53.03 47.73
C THR C 131 -19.77 -54.17 48.68
N ASP C 132 -19.21 -55.27 48.17
CA ASP C 132 -18.76 -56.34 49.05
C ASP C 132 -17.52 -55.92 49.84
N MET C 133 -16.67 -55.07 49.26
CA MET C 133 -15.48 -54.61 49.97
C MET C 133 -15.83 -53.77 51.18
N SER C 134 -16.81 -52.87 51.04
CA SER C 134 -17.00 -51.81 52.01
C SER C 134 -17.49 -52.36 53.35
N ARG C 135 -17.27 -51.57 54.39
CA ARG C 135 -17.70 -51.87 55.74
C ARG C 135 -18.53 -50.70 56.27
N PRO C 136 -19.53 -50.99 57.11
CA PRO C 136 -20.42 -49.93 57.58
C PRO C 136 -19.71 -48.99 58.55
N VAL C 137 -20.23 -47.77 58.62
CA VAL C 137 -19.73 -46.75 59.54
C VAL C 137 -20.90 -46.14 60.31
N GLU C 138 -20.57 -45.53 61.44
CA GLU C 138 -21.53 -44.80 62.26
C GLU C 138 -21.05 -43.36 62.38
N LEU C 139 -21.96 -42.41 62.18
CA LEU C 139 -21.58 -41.01 62.25
C LEU C 139 -21.12 -40.60 63.65
N SER C 140 -21.50 -41.36 64.68
CA SER C 140 -20.99 -41.09 66.01
C SER C 140 -19.49 -41.33 66.10
N ASP C 141 -18.97 -42.27 65.30
CA ASP C 141 -17.54 -42.57 65.27
C ASP C 141 -16.79 -41.42 64.62
N ARG C 142 -16.18 -40.57 65.44
CA ARG C 142 -15.49 -39.40 64.91
C ARG C 142 -14.16 -39.75 64.26
N GLU C 143 -13.52 -40.82 64.70
CA GLU C 143 -12.19 -41.16 64.17
C GLU C 143 -12.26 -41.51 62.69
N THR C 144 -13.29 -42.25 62.28
CA THR C 144 -13.44 -42.59 60.87
C THR C 144 -13.64 -41.34 60.03
N LEU C 145 -14.46 -40.40 60.51
CA LEU C 145 -14.68 -39.16 59.79
C LEU C 145 -13.39 -38.36 59.67
N LEU C 146 -12.62 -38.30 60.76
CA LEU C 146 -11.34 -37.58 60.73
C LEU C 146 -10.38 -38.23 59.73
N ASN C 147 -10.33 -39.56 59.72
CA ASN C 147 -9.45 -40.25 58.78
C ASN C 147 -9.87 -40.00 57.34
N SER C 148 -11.18 -40.01 57.07
CA SER C 148 -11.65 -39.74 55.73
C SER C 148 -11.31 -38.31 55.29
N ALA C 149 -11.50 -37.34 56.19
CA ALA C 149 -11.17 -35.96 55.85
C ALA C 149 -9.68 -35.80 55.59
N THR C 150 -8.84 -36.41 56.44
CA THR C 150 -7.39 -36.32 56.24
C THR C 150 -6.98 -36.98 54.93
N THR C 151 -7.58 -38.13 54.61
CA THR C 151 -7.28 -38.79 53.34
C THR C 151 -7.66 -37.91 52.16
N SER C 152 -8.81 -37.24 52.26
CA SER C 152 -9.20 -36.32 51.20
C SER C 152 -8.22 -35.16 51.07
N LEU C 153 -7.69 -34.70 52.20
CA LEU C 153 -6.79 -33.55 52.20
C LEU C 153 -5.33 -33.90 51.95
N ASN C 154 -4.99 -35.19 51.87
CA ASN C 154 -3.58 -35.56 51.67
C ASN C 154 -3.04 -35.06 50.35
N SER C 155 -3.85 -35.11 49.29
CA SER C 155 -3.36 -34.82 47.95
C SER C 155 -3.33 -33.34 47.62
N LYS C 156 -3.84 -32.49 48.50
CA LYS C 156 -3.94 -31.06 48.22
C LYS C 156 -2.75 -30.31 48.81
N VAL C 157 -2.67 -29.02 48.49
CA VAL C 157 -1.60 -28.19 49.01
C VAL C 157 -1.68 -28.07 50.51
N VAL C 158 -2.90 -28.07 51.07
CA VAL C 158 -3.08 -27.99 52.51
C VAL C 158 -3.05 -29.42 53.03
N SER C 159 -1.84 -29.92 53.22
CA SER C 159 -1.61 -31.22 53.81
C SER C 159 -0.82 -31.16 55.12
N GLN C 160 0.05 -30.17 55.27
CA GLN C 160 0.69 -29.92 56.55
C GLN C 160 -0.27 -29.27 57.54
N TYR C 161 -1.32 -28.64 57.03
CA TYR C 161 -2.36 -28.04 57.87
C TYR C 161 -3.54 -28.98 58.08
N SER C 162 -3.44 -30.22 57.60
CA SER C 162 -4.57 -31.14 57.69
C SER C 162 -4.97 -31.39 59.14
N SER C 163 -4.00 -31.40 60.05
CA SER C 163 -4.31 -31.59 61.47
C SER C 163 -5.19 -30.46 62.00
N LEU C 164 -5.23 -29.32 61.32
CA LEU C 164 -6.11 -28.21 61.68
C LEU C 164 -7.39 -28.19 60.86
N LEU C 165 -7.32 -28.55 59.58
CA LEU C 165 -8.47 -28.42 58.69
C LEU C 165 -9.42 -29.60 58.76
N SER C 166 -8.92 -30.83 58.86
CA SER C 166 -9.82 -31.98 58.90
C SER C 166 -10.76 -31.97 60.09
N PRO C 167 -10.32 -31.70 61.33
CA PRO C 167 -11.32 -31.53 62.41
C PRO C 167 -12.25 -30.36 62.15
N MET C 168 -11.75 -29.29 61.52
CA MET C 168 -12.62 -28.16 61.20
C MET C 168 -13.74 -28.58 60.26
N SER C 169 -13.41 -29.33 59.20
CA SER C 169 -14.43 -29.77 58.26
C SER C 169 -15.40 -30.75 58.90
N VAL C 170 -14.88 -31.67 59.72
CA VAL C 170 -15.75 -32.63 60.39
C VAL C 170 -16.75 -31.90 61.30
N ASN C 171 -16.25 -30.95 62.08
CA ASN C 171 -17.13 -30.17 62.95
C ASN C 171 -18.12 -29.35 62.14
N ALA C 172 -17.67 -28.76 61.03
CA ALA C 172 -18.56 -27.94 60.22
C ALA C 172 -19.71 -28.77 59.66
N VAL C 173 -19.43 -29.99 59.22
CA VAL C 173 -20.51 -30.83 58.72
C VAL C 173 -21.41 -31.28 59.87
N MET C 174 -20.82 -31.65 61.01
CA MET C 174 -21.61 -32.19 62.11
C MET C 174 -22.52 -31.14 62.73
N LYS C 175 -22.14 -29.86 62.67
CA LYS C 175 -22.92 -28.81 63.30
C LYS C 175 -24.12 -28.37 62.48
N VAL C 176 -24.17 -28.72 61.19
CA VAL C 176 -25.24 -28.26 60.31
C VAL C 176 -26.24 -29.34 59.97
N ILE C 177 -26.10 -30.54 60.54
CA ILE C 177 -27.00 -31.64 60.26
C ILE C 177 -27.38 -32.33 61.57
N ASP C 178 -28.43 -33.15 61.49
CA ASP C 178 -28.83 -33.98 62.61
C ASP C 178 -28.27 -35.38 62.38
N PRO C 179 -27.31 -35.85 63.19
CA PRO C 179 -26.68 -37.14 62.90
C PRO C 179 -27.64 -38.31 62.88
N ALA C 180 -28.70 -38.29 63.70
CA ALA C 180 -29.60 -39.42 63.80
C ALA C 180 -30.67 -39.45 62.71
N THR C 181 -30.88 -38.36 62.00
CA THR C 181 -31.98 -38.32 61.05
C THR C 181 -31.57 -37.90 59.64
N ALA C 182 -30.63 -36.97 59.52
CA ALA C 182 -30.33 -36.39 58.21
C ALA C 182 -29.74 -37.43 57.27
N THR C 183 -30.26 -37.46 56.05
CA THR C 183 -29.74 -38.32 54.99
C THR C 183 -29.00 -37.55 53.91
N SER C 184 -28.85 -36.24 54.06
CA SER C 184 -28.11 -35.43 53.12
C SER C 184 -27.66 -34.15 53.81
N VAL C 185 -26.64 -33.52 53.25
CA VAL C 185 -26.06 -32.31 53.80
C VAL C 185 -26.15 -31.21 52.76
N ASP C 186 -26.71 -30.06 53.16
CA ASP C 186 -26.75 -28.88 52.29
C ASP C 186 -25.52 -28.05 52.58
N LEU C 187 -24.54 -28.10 51.68
CA LEU C 187 -23.30 -27.38 51.88
C LEU C 187 -23.46 -25.87 51.78
N ARG C 188 -24.61 -25.39 51.30
CA ARG C 188 -24.88 -23.96 51.33
C ARG C 188 -25.06 -23.44 52.75
N ASP C 189 -25.34 -24.33 53.71
CA ASP C 189 -25.42 -23.94 55.11
C ASP C 189 -24.07 -23.66 55.72
N ILE C 190 -22.97 -23.98 55.03
CA ILE C 190 -21.62 -23.70 55.49
C ILE C 190 -21.07 -22.56 54.65
N LYS C 191 -20.98 -21.37 55.24
CA LYS C 191 -20.48 -20.20 54.54
C LYS C 191 -18.97 -20.12 54.70
N ILE C 192 -18.28 -19.87 53.59
CA ILE C 192 -16.83 -19.78 53.57
C ILE C 192 -16.45 -18.34 53.25
N VAL C 193 -15.61 -17.75 54.11
CA VAL C 193 -15.16 -16.37 53.95
C VAL C 193 -13.65 -16.40 53.69
N LYS C 194 -13.23 -15.80 52.59
CA LYS C 194 -11.83 -15.75 52.21
C LYS C 194 -11.29 -14.35 52.52
N LYS C 195 -10.29 -14.28 53.39
CA LYS C 195 -9.65 -13.03 53.76
C LYS C 195 -8.15 -13.14 53.52
N LEU C 196 -7.61 -12.22 52.72
CA LEU C 196 -6.19 -12.18 52.48
C LEU C 196 -5.44 -11.80 53.75
N GLY C 197 -4.22 -12.28 53.87
CA GLY C 197 -3.39 -12.01 55.03
C GLY C 197 -3.22 -13.23 55.91
N GLY C 198 -2.17 -13.19 56.73
CA GLY C 198 -1.89 -14.31 57.60
C GLY C 198 -1.49 -15.54 56.81
N THR C 199 -1.57 -16.68 57.47
CA THR C 199 -1.29 -17.98 56.87
C THR C 199 -2.51 -18.87 57.00
N ILE C 200 -2.42 -20.08 56.43
CA ILE C 200 -3.51 -21.02 56.51
C ILE C 200 -3.71 -21.52 57.94
N ASP C 201 -2.70 -21.36 58.80
CA ASP C 201 -2.85 -21.71 60.20
C ASP C 201 -3.86 -20.83 60.92
N ASP C 202 -4.24 -19.70 60.33
CA ASP C 202 -5.19 -18.78 60.94
C ASP C 202 -6.63 -19.09 60.59
N CYS C 203 -6.89 -20.18 59.88
CA CYS C 203 -8.26 -20.56 59.56
C CYS C 203 -9.05 -20.81 60.84
N GLU C 204 -10.27 -20.31 60.88
CA GLU C 204 -11.10 -20.36 62.07
C GLU C 204 -12.51 -20.76 61.70
N LEU C 205 -13.12 -21.61 62.54
CA LEU C 205 -14.52 -22.00 62.40
C LEU C 205 -15.34 -21.16 63.35
N VAL C 206 -16.12 -20.24 62.80
CA VAL C 206 -16.95 -19.33 63.61
C VAL C 206 -18.32 -19.96 63.79
N GLU C 207 -18.75 -20.05 65.05
CA GLU C 207 -20.04 -20.65 65.36
C GLU C 207 -21.21 -19.70 65.11
N GLY C 208 -20.94 -18.43 64.83
CA GLY C 208 -22.00 -17.47 64.62
C GLY C 208 -22.07 -16.97 63.19
N LEU C 209 -22.26 -15.66 63.02
CA LEU C 209 -22.41 -15.03 61.72
C LEU C 209 -21.25 -14.08 61.48
N VAL C 210 -20.68 -14.14 60.27
CA VAL C 210 -19.57 -13.28 59.88
C VAL C 210 -20.03 -12.48 58.66
N LEU C 211 -19.94 -11.15 58.77
CA LEU C 211 -20.35 -10.24 57.71
C LEU C 211 -19.16 -9.42 57.25
N THR C 212 -19.05 -9.24 55.94
CA THR C 212 -17.98 -8.41 55.37
C THR C 212 -18.36 -6.93 55.31
N GLN C 213 -19.60 -6.58 55.62
CA GLN C 213 -19.98 -5.18 55.65
C GLN C 213 -19.35 -4.48 56.85
N LYS C 214 -19.11 -3.19 56.70
CA LYS C 214 -18.49 -2.39 57.74
C LYS C 214 -19.56 -1.67 58.55
N VAL C 215 -19.24 -1.42 59.82
CA VAL C 215 -20.15 -0.71 60.71
C VAL C 215 -20.10 0.78 60.38
N SER C 216 -21.27 1.36 60.12
CA SER C 216 -21.34 2.77 59.77
C SER C 216 -21.04 3.68 60.96
N ASN C 217 -21.17 3.16 62.18
CA ASN C 217 -20.93 3.97 63.38
C ASN C 217 -19.44 4.23 63.58
N SER C 218 -19.15 5.34 64.24
CA SER C 218 -17.80 5.66 64.68
C SER C 218 -17.80 5.68 66.21
N GLY C 219 -16.91 4.89 66.81
CA GLY C 219 -16.84 4.79 68.25
C GLY C 219 -17.61 3.65 68.86
N ILE C 220 -18.52 3.03 68.11
CA ILE C 220 -19.27 1.86 68.57
C ILE C 220 -18.86 0.69 67.67
N THR C 221 -18.08 -0.24 68.23
CA THR C 221 -17.66 -1.42 67.50
C THR C 221 -17.83 -2.72 68.27
N ARG C 222 -18.01 -2.67 69.58
CA ARG C 222 -18.21 -3.87 70.39
C ARG C 222 -19.50 -3.73 71.17
N VAL C 223 -20.34 -4.76 71.12
CA VAL C 223 -21.61 -4.79 71.83
C VAL C 223 -21.74 -6.13 72.53
N GLU C 224 -21.97 -6.10 73.84
CA GLU C 224 -22.21 -7.30 74.62
C GLU C 224 -23.69 -7.42 74.94
N LYS C 225 -24.17 -8.67 74.95
CA LYS C 225 -25.61 -8.95 75.07
C LYS C 225 -26.39 -8.22 73.99
N ALA C 226 -25.99 -8.45 72.73
CA ALA C 226 -26.59 -7.76 71.61
C ALA C 226 -28.02 -8.22 71.37
N LYS C 227 -28.80 -7.35 70.73
CA LYS C 227 -30.17 -7.64 70.31
C LYS C 227 -30.28 -7.24 68.84
N ILE C 228 -29.93 -8.15 67.95
CA ILE C 228 -29.86 -7.85 66.52
C ILE C 228 -31.26 -7.87 65.92
N GLY C 229 -31.51 -6.97 64.99
CA GLY C 229 -32.76 -6.97 64.24
C GLY C 229 -32.58 -6.57 62.80
N LEU C 230 -33.07 -7.40 61.88
CA LEU C 230 -33.02 -7.05 60.47
C LEU C 230 -34.06 -6.00 60.13
N ILE C 231 -33.71 -5.12 59.21
CA ILE C 231 -34.62 -4.08 58.72
C ILE C 231 -34.66 -4.20 57.21
N GLN C 232 -35.88 -4.30 56.66
CA GLN C 232 -36.06 -4.36 55.22
C GLN C 232 -36.76 -3.13 54.67
N PHE C 233 -37.12 -2.17 55.52
CA PHE C 233 -37.61 -0.88 55.08
C PHE C 233 -36.48 0.15 55.16
N CYS C 234 -36.82 1.41 54.87
CA CYS C 234 -35.84 2.47 54.76
C CYS C 234 -36.04 3.50 55.86
N LEU C 235 -34.93 3.93 56.47
CA LEU C 235 -34.95 5.01 57.45
C LEU C 235 -34.54 6.31 56.76
N SER C 236 -35.47 6.86 55.99
CA SER C 236 -35.24 8.10 55.27
C SER C 236 -36.54 8.89 55.25
N ALA C 237 -36.58 9.93 54.40
CA ALA C 237 -37.78 10.73 54.27
C ALA C 237 -38.91 9.86 53.70
N PRO C 238 -40.15 10.14 54.09
CA PRO C 238 -41.27 9.33 53.59
C PRO C 238 -41.36 9.41 52.07
N LYS C 239 -41.67 8.26 51.46
CA LYS C 239 -41.68 8.16 50.00
C LYS C 239 -42.67 7.06 49.62
N THR C 240 -43.86 7.46 49.21
CA THR C 240 -44.87 6.50 48.82
C THR C 240 -44.49 5.85 47.49
N ASP C 241 -45.05 4.65 47.26
CA ASP C 241 -44.78 3.94 46.01
C ASP C 241 -45.31 4.72 44.82
N MET C 242 -46.48 5.31 44.95
CA MET C 242 -47.00 6.20 43.92
C MET C 242 -46.13 7.45 43.83
N ASP C 243 -46.13 8.06 42.65
CA ASP C 243 -45.38 9.29 42.45
C ASP C 243 -45.84 10.35 43.44
N ASN C 244 -44.89 10.95 44.15
CA ASN C 244 -45.20 11.89 45.21
C ASN C 244 -44.31 13.12 45.10
N GLN C 245 -44.88 14.26 45.48
CA GLN C 245 -44.13 15.50 45.58
C GLN C 245 -44.86 16.42 46.55
N ILE C 246 -44.12 17.38 47.09
CA ILE C 246 -44.65 18.35 48.03
C ILE C 246 -44.61 19.73 47.40
N VAL C 247 -45.75 20.40 47.37
CA VAL C 247 -45.86 21.74 46.80
C VAL C 247 -45.75 22.76 47.93
N VAL C 248 -44.85 23.70 47.78
CA VAL C 248 -44.61 24.74 48.78
C VAL C 248 -45.12 26.06 48.21
N SER C 249 -46.14 26.63 48.85
CA SER C 249 -46.69 27.90 48.45
C SER C 249 -46.45 29.01 49.46
N ASP C 250 -45.94 28.68 50.64
CA ASP C 250 -45.71 29.64 51.71
C ASP C 250 -44.32 29.41 52.31
N TYR C 251 -43.75 30.47 52.87
CA TYR C 251 -42.41 30.36 53.45
C TYR C 251 -42.42 29.49 54.69
N ALA C 252 -43.52 29.48 55.45
CA ALA C 252 -43.61 28.63 56.63
C ALA C 252 -43.56 27.15 56.27
N GLN C 253 -44.06 26.78 55.09
CA GLN C 253 -44.11 25.39 54.70
C GLN C 253 -42.71 24.79 54.58
N MET C 254 -41.70 25.61 54.30
CA MET C 254 -40.34 25.09 54.16
C MET C 254 -39.83 24.51 55.47
N ASP C 255 -39.78 25.35 56.51
CA ASP C 255 -39.31 24.84 57.79
C ASP C 255 -40.31 23.87 58.40
N ARG C 256 -41.59 23.96 58.05
CA ARG C 256 -42.53 22.92 58.48
C ARG C 256 -42.16 21.56 57.90
N VAL C 257 -41.80 21.54 56.60
CA VAL C 257 -41.39 20.29 55.97
C VAL C 257 -40.13 19.75 56.62
N LEU C 258 -39.15 20.62 56.86
CA LEU C 258 -37.92 20.18 57.50
C LEU C 258 -38.18 19.61 58.89
N ARG C 259 -38.98 20.32 59.68
CA ARG C 259 -39.28 19.87 61.04
C ARG C 259 -40.05 18.55 61.02
N GLU C 260 -40.99 18.40 60.10
CA GLU C 260 -41.79 17.18 60.06
C GLU C 260 -40.96 15.99 59.59
N GLU C 261 -40.03 16.22 58.66
CA GLU C 261 -39.11 15.14 58.29
C GLU C 261 -38.25 14.73 59.47
N ARG C 262 -37.76 15.72 60.22
CA ARG C 262 -36.98 15.41 61.43
C ARG C 262 -37.81 14.59 62.41
N ALA C 263 -39.07 15.00 62.63
CA ALA C 263 -39.93 14.28 63.57
C ALA C 263 -40.23 12.87 63.10
N TYR C 264 -40.44 12.69 61.80
CA TYR C 264 -40.70 11.36 61.26
C TYR C 264 -39.51 10.44 61.45
N ILE C 265 -38.31 10.92 61.13
CA ILE C 265 -37.12 10.10 61.31
C ILE C 265 -36.91 9.79 62.79
N LEU C 266 -37.09 10.79 63.65
CA LEU C 266 -36.92 10.57 65.08
C LEU C 266 -37.92 9.56 65.62
N ASN C 267 -39.16 9.62 65.13
CA ASN C 267 -40.15 8.64 65.56
C ASN C 267 -39.78 7.23 65.11
N LEU C 268 -39.28 7.10 63.88
CA LEU C 268 -38.82 5.79 63.42
C LEU C 268 -37.72 5.25 64.33
N VAL C 269 -36.73 6.09 64.63
CA VAL C 269 -35.60 5.64 65.43
C VAL C 269 -36.05 5.33 66.86
N LYS C 270 -36.98 6.12 67.39
CA LYS C 270 -37.50 5.85 68.73
C LYS C 270 -38.26 4.54 68.78
N GLN C 271 -39.06 4.25 67.75
CA GLN C 271 -39.75 2.97 67.69
C GLN C 271 -38.75 1.83 67.64
N ILE C 272 -37.68 1.99 66.87
CA ILE C 272 -36.65 0.95 66.81
C ILE C 272 -36.00 0.76 68.18
N LYS C 273 -35.68 1.86 68.87
CA LYS C 273 -34.95 1.78 70.13
C LYS C 273 -35.80 1.23 71.26
N LYS C 274 -37.10 1.53 71.26
CA LYS C 274 -37.96 1.12 72.37
C LYS C 274 -38.02 -0.38 72.54
N THR C 275 -37.66 -1.15 71.50
CA THR C 275 -37.71 -2.61 71.57
C THR C 275 -36.48 -3.21 72.22
N GLY C 276 -35.52 -2.40 72.64
CA GLY C 276 -34.28 -2.90 73.20
C GLY C 276 -33.21 -3.22 72.19
N CYS C 277 -33.47 -3.02 70.91
CA CYS C 277 -32.48 -3.30 69.88
C CYS C 277 -31.26 -2.39 70.06
N ASN C 278 -30.08 -2.98 69.90
CA ASN C 278 -28.83 -2.23 69.94
C ASN C 278 -27.90 -2.52 68.77
N VAL C 279 -28.15 -3.57 68.00
CA VAL C 279 -27.45 -3.82 66.75
C VAL C 279 -28.49 -3.91 65.65
N LEU C 280 -28.32 -3.13 64.59
CA LEU C 280 -29.30 -3.02 63.53
C LEU C 280 -28.65 -3.38 62.20
N LEU C 281 -29.22 -4.38 61.52
CA LEU C 281 -28.81 -4.73 60.16
C LEU C 281 -29.89 -4.26 59.20
N ILE C 282 -29.48 -3.47 58.21
CA ILE C 282 -30.40 -2.88 57.24
C ILE C 282 -30.15 -3.53 55.88
N GLN C 283 -31.22 -4.05 55.28
CA GLN C 283 -31.11 -4.66 53.97
C GLN C 283 -30.77 -3.61 52.92
N LYS C 284 -29.94 -4.00 51.96
CA LYS C 284 -29.55 -3.09 50.89
C LYS C 284 -30.78 -2.64 50.12
N SER C 285 -30.90 -1.33 49.92
CA SER C 285 -32.08 -0.74 49.30
C SER C 285 -31.67 0.06 48.07
N ILE C 286 -32.40 -0.14 46.98
CA ILE C 286 -32.25 0.65 45.77
C ILE C 286 -33.57 1.38 45.55
N LEU C 287 -33.49 2.55 44.92
CA LEU C 287 -34.59 3.47 44.62
C LEU C 287 -35.05 4.23 45.86
N ARG C 288 -34.49 3.95 47.04
CA ARG C 288 -34.77 4.73 48.23
C ARG C 288 -33.58 4.62 49.17
N ASP C 289 -33.25 5.74 49.83
CA ASP C 289 -32.12 5.78 50.75
C ASP C 289 -32.40 4.88 51.94
N ALA C 290 -31.62 3.81 52.08
CA ALA C 290 -31.81 2.89 53.19
C ALA C 290 -31.53 3.56 54.52
N LEU C 291 -30.47 4.35 54.60
CA LEU C 291 -30.06 5.00 55.84
C LEU C 291 -29.72 6.45 55.56
N SER C 292 -30.61 7.36 55.97
CA SER C 292 -30.36 8.78 55.82
C SER C 292 -29.35 9.24 56.87
N ASP C 293 -28.81 10.44 56.66
CA ASP C 293 -27.87 11.01 57.61
C ASP C 293 -28.52 11.26 58.96
N LEU C 294 -29.76 11.76 58.96
CA LEU C 294 -30.46 11.98 60.21
C LEU C 294 -30.70 10.67 60.95
N ALA C 295 -31.08 9.62 60.22
CA ALA C 295 -31.31 8.33 60.86
C ALA C 295 -30.03 7.79 61.49
N LEU C 296 -28.91 7.89 60.77
CA LEU C 296 -27.64 7.43 61.33
C LEU C 296 -27.25 8.25 62.55
N HIS C 297 -27.44 9.56 62.50
CA HIS C 297 -27.12 10.41 63.64
C HIS C 297 -27.95 10.05 64.85
N PHE C 298 -29.25 9.86 64.66
CA PHE C 298 -30.12 9.52 65.78
C PHE C 298 -29.80 8.15 66.34
N LEU C 299 -29.51 7.17 65.47
CA LEU C 299 -29.15 5.84 65.95
C LEU C 299 -27.84 5.88 66.72
N ASN C 300 -26.86 6.66 66.24
CA ASN C 300 -25.61 6.81 66.98
C ASN C 300 -25.84 7.46 68.34
N LYS C 301 -26.68 8.49 68.39
CA LYS C 301 -26.93 9.17 69.65
C LYS C 301 -27.65 8.28 70.66
N MET C 302 -28.34 7.24 70.20
CA MET C 302 -29.01 6.30 71.09
C MET C 302 -28.21 5.02 71.30
N LYS C 303 -26.94 5.01 70.89
CA LYS C 303 -26.02 3.90 71.16
C LYS C 303 -26.52 2.59 70.53
N ILE C 304 -26.76 2.64 69.22
CA ILE C 304 -27.21 1.50 68.46
C ILE C 304 -26.24 1.28 67.31
N MET C 305 -25.66 0.08 67.23
CA MET C 305 -24.78 -0.25 66.12
C MET C 305 -25.60 -0.42 64.85
N VAL C 306 -25.13 0.18 63.75
CA VAL C 306 -25.83 0.14 62.48
C VAL C 306 -24.93 -0.49 61.43
N ILE C 307 -25.43 -1.52 60.76
CA ILE C 307 -24.77 -2.14 59.63
C ILE C 307 -25.75 -2.14 58.46
N LYS C 308 -25.39 -1.50 57.37
CA LYS C 308 -26.25 -1.37 56.21
C LYS C 308 -25.69 -2.17 55.04
N ASP C 309 -26.38 -2.07 53.91
CA ASP C 309 -25.99 -2.76 52.67
C ASP C 309 -25.88 -4.26 52.88
N ILE C 310 -26.93 -4.84 53.48
CA ILE C 310 -27.03 -6.28 53.63
C ILE C 310 -27.68 -6.86 52.38
N GLU C 311 -27.00 -7.81 51.75
CA GLU C 311 -27.48 -8.35 50.49
C GLU C 311 -28.76 -9.16 50.70
N ARG C 312 -29.60 -9.17 49.67
CA ARG C 312 -30.87 -9.89 49.76
C ARG C 312 -30.66 -11.39 49.88
N GLU C 313 -29.70 -11.93 49.14
CA GLU C 313 -29.45 -13.37 49.18
C GLU C 313 -28.90 -13.83 50.53
N ASP C 314 -28.44 -12.91 51.37
CA ASP C 314 -27.93 -13.25 52.69
C ASP C 314 -29.01 -13.22 53.77
N ILE C 315 -30.24 -12.83 53.43
CA ILE C 315 -31.28 -12.68 54.43
C ILE C 315 -31.64 -14.03 55.03
N GLU C 316 -31.86 -15.03 54.18
CA GLU C 316 -32.20 -16.36 54.68
C GLU C 316 -31.08 -16.93 55.55
N PHE C 317 -29.84 -16.77 55.12
CA PHE C 317 -28.71 -17.27 55.90
C PHE C 317 -28.61 -16.59 57.25
N ILE C 318 -28.77 -15.26 57.29
CA ILE C 318 -28.69 -14.53 58.55
C ILE C 318 -29.83 -14.93 59.48
N CYS C 319 -31.05 -15.05 58.94
CA CYS C 319 -32.19 -15.45 59.75
C CYS C 319 -31.98 -16.84 60.33
N LYS C 320 -31.48 -17.77 59.53
CA LYS C 320 -31.21 -19.11 60.05
C LYS C 320 -30.10 -19.10 61.09
N THR C 321 -29.10 -18.23 60.91
CA THR C 321 -27.94 -18.21 61.80
C THR C 321 -28.29 -17.62 63.16
N ILE C 322 -28.71 -16.36 63.20
CA ILE C 322 -28.89 -15.66 64.46
C ILE C 322 -30.35 -15.65 64.90
N GLY C 323 -31.23 -16.35 64.20
CA GLY C 323 -32.62 -16.46 64.62
C GLY C 323 -33.35 -15.14 64.65
N THR C 324 -33.15 -14.30 63.65
CA THR C 324 -33.79 -12.99 63.57
C THR C 324 -34.84 -13.01 62.48
N LYS C 325 -36.08 -12.71 62.86
CA LYS C 325 -37.15 -12.58 61.87
C LYS C 325 -37.09 -11.20 61.23
N PRO C 326 -36.99 -11.10 59.91
CA PRO C 326 -36.89 -9.78 59.29
C PRO C 326 -38.17 -8.98 59.44
N VAL C 327 -38.03 -7.67 59.47
CA VAL C 327 -39.14 -6.74 59.63
C VAL C 327 -39.20 -5.86 58.39
N ALA C 328 -40.38 -5.81 57.77
CA ALA C 328 -40.56 -5.03 56.55
C ALA C 328 -41.35 -3.75 56.74
N HIS C 329 -41.96 -3.55 57.91
CA HIS C 329 -42.66 -2.30 58.20
C HIS C 329 -42.59 -2.04 59.70
N ILE C 330 -42.53 -0.76 60.05
CA ILE C 330 -42.23 -0.35 61.42
C ILE C 330 -43.27 -0.83 62.42
N ASP C 331 -44.52 -1.03 61.99
CA ASP C 331 -45.56 -1.44 62.92
C ASP C 331 -45.25 -2.80 63.53
N GLN C 332 -44.74 -3.74 62.72
CA GLN C 332 -44.48 -5.10 63.18
C GLN C 332 -43.14 -5.25 63.88
N PHE C 333 -42.34 -4.20 63.95
CA PHE C 333 -41.03 -4.27 64.61
C PHE C 333 -41.25 -4.31 66.11
N THR C 334 -41.17 -5.50 66.70
CA THR C 334 -41.35 -5.69 68.13
C THR C 334 -40.18 -6.49 68.68
N ALA C 335 -40.16 -6.64 70.01
CA ALA C 335 -39.06 -7.33 70.68
C ALA C 335 -38.98 -8.80 70.32
N ASP C 336 -40.07 -9.39 69.81
CA ASP C 336 -40.06 -10.79 69.45
C ASP C 336 -39.39 -11.06 68.10
N MET C 337 -39.11 -10.04 67.32
CA MET C 337 -38.45 -10.18 66.03
C MET C 337 -36.93 -10.08 66.13
N LEU C 338 -36.39 -9.86 67.33
CA LEU C 338 -34.97 -9.69 67.52
C LEU C 338 -34.30 -11.02 67.81
N GLY C 339 -33.01 -11.11 67.49
CA GLY C 339 -32.23 -12.30 67.80
C GLY C 339 -31.15 -12.02 68.81
N SER C 340 -31.32 -12.57 70.01
CA SER C 340 -30.35 -12.32 71.09
C SER C 340 -29.02 -13.00 70.79
N ALA C 341 -27.93 -12.29 71.08
CA ALA C 341 -26.60 -12.82 70.90
C ALA C 341 -25.74 -12.44 72.10
N GLU C 342 -24.72 -13.27 72.36
CA GLU C 342 -23.85 -13.03 73.50
C GLU C 342 -22.86 -11.90 73.23
N LEU C 343 -22.37 -11.80 71.99
CA LEU C 343 -21.39 -10.77 71.65
C LEU C 343 -21.42 -10.54 70.14
N ALA C 344 -21.32 -9.27 69.75
CA ALA C 344 -21.28 -8.89 68.35
C ALA C 344 -20.30 -7.73 68.22
N GLU C 345 -19.10 -8.01 67.73
CA GLU C 345 -18.04 -7.02 67.64
C GLU C 345 -17.43 -7.04 66.24
N GLU C 346 -16.69 -5.99 65.94
CA GLU C 346 -15.95 -5.86 64.69
C GLU C 346 -14.47 -6.01 64.98
N VAL C 347 -13.83 -6.98 64.32
CA VAL C 347 -12.42 -7.24 64.53
C VAL C 347 -11.66 -6.82 63.27
N ASN C 348 -10.37 -6.56 63.46
CA ASN C 348 -9.48 -6.20 62.36
C ASN C 348 -8.44 -7.31 62.20
N LEU C 349 -8.22 -7.73 60.96
CA LEU C 349 -7.34 -8.85 60.67
C LEU C 349 -5.89 -8.40 60.48
N ASN C 350 -5.40 -7.65 61.46
CA ASN C 350 -4.01 -7.18 61.50
C ASN C 350 -3.66 -6.44 60.21
N GLY C 351 -4.46 -5.41 59.91
CA GLY C 351 -4.20 -4.56 58.78
C GLY C 351 -4.59 -5.14 57.44
N SER C 352 -5.24 -6.30 57.41
CA SER C 352 -5.67 -6.93 56.16
C SER C 352 -7.17 -6.78 55.92
N GLY C 353 -7.85 -5.97 56.71
CA GLY C 353 -9.28 -5.75 56.57
C GLY C 353 -9.97 -5.84 57.90
N LYS C 354 -11.30 -5.82 57.87
CA LYS C 354 -12.11 -5.91 59.07
C LYS C 354 -13.24 -6.89 58.85
N LEU C 355 -13.60 -7.61 59.92
CA LEU C 355 -14.69 -8.57 59.90
C LEU C 355 -15.60 -8.33 61.09
N LEU C 356 -16.90 -8.46 60.87
CA LEU C 356 -17.90 -8.33 61.92
C LEU C 356 -18.39 -9.72 62.29
N LYS C 357 -18.05 -10.17 63.49
CA LYS C 357 -18.37 -11.52 63.94
C LYS C 357 -19.38 -11.46 65.07
N ILE C 358 -20.49 -12.18 64.91
CA ILE C 358 -21.51 -12.29 65.95
C ILE C 358 -21.47 -13.70 66.52
N THR C 359 -20.70 -13.89 67.57
CA THR C 359 -20.47 -15.21 68.15
C THR C 359 -21.30 -15.36 69.42
N GLY C 360 -21.99 -16.49 69.53
CA GLY C 360 -22.84 -16.76 70.67
C GLY C 360 -24.26 -16.34 70.37
N CYS C 361 -25.16 -17.32 70.24
CA CYS C 361 -26.53 -17.03 69.87
C CYS C 361 -27.48 -17.87 70.73
N ALA C 362 -28.65 -17.30 71.01
CA ALA C 362 -29.65 -18.04 71.78
C ALA C 362 -30.14 -19.26 71.02
N SER C 363 -30.33 -19.13 69.71
CA SER C 363 -30.81 -20.21 68.86
C SER C 363 -29.83 -20.42 67.71
N PRO C 364 -28.70 -21.08 67.97
CA PRO C 364 -27.71 -21.33 66.90
C PRO C 364 -28.16 -22.46 65.98
N GLY C 365 -29.00 -22.12 65.02
CA GLY C 365 -29.64 -23.12 64.21
C GLY C 365 -28.90 -23.57 62.97
N LYS C 366 -28.17 -24.68 63.10
CA LYS C 366 -27.64 -25.46 61.97
C LYS C 366 -26.97 -24.57 60.92
N THR C 367 -25.90 -23.89 61.34
CA THR C 367 -25.17 -23.01 60.45
C THR C 367 -23.81 -22.68 61.05
N VAL C 368 -22.76 -22.82 60.24
CA VAL C 368 -21.40 -22.48 60.65
C VAL C 368 -20.74 -21.66 59.55
N THR C 369 -19.71 -20.94 59.93
CA THR C 369 -18.93 -20.12 59.00
C THR C 369 -17.45 -20.46 59.15
N ILE C 370 -16.76 -20.55 58.02
CA ILE C 370 -15.34 -20.87 57.97
C ILE C 370 -14.59 -19.71 57.36
N VAL C 371 -13.58 -19.22 58.06
CA VAL C 371 -12.76 -18.10 57.59
C VAL C 371 -11.44 -18.67 57.09
N VAL C 372 -11.18 -18.52 55.79
CA VAL C 372 -9.97 -19.04 55.16
C VAL C 372 -9.02 -17.87 54.93
N ARG C 373 -7.79 -18.02 55.41
CA ARG C 373 -6.78 -16.98 55.31
C ARG C 373 -5.49 -17.56 54.76
N GLY C 374 -4.76 -16.74 54.01
CA GLY C 374 -3.51 -17.19 53.41
C GLY C 374 -2.64 -16.03 53.02
N SER C 375 -1.41 -16.36 52.59
CA SER C 375 -0.45 -15.33 52.23
C SER C 375 -0.82 -14.65 50.92
N ASN C 376 -1.22 -15.42 49.92
CA ASN C 376 -1.59 -14.87 48.62
C ASN C 376 -2.93 -15.45 48.20
N LYS C 377 -3.50 -14.86 47.14
CA LYS C 377 -4.84 -15.23 46.72
C LYS C 377 -4.91 -16.67 46.23
N LEU C 378 -3.89 -17.12 45.50
CA LEU C 378 -3.93 -18.45 44.89
C LEU C 378 -4.05 -19.54 45.95
N VAL C 379 -3.24 -19.44 47.01
CA VAL C 379 -3.28 -20.46 48.05
C VAL C 379 -4.61 -20.39 48.80
N ILE C 380 -5.20 -19.20 48.92
CA ILE C 380 -6.51 -19.08 49.56
C ILE C 380 -7.57 -19.80 48.73
N GLU C 381 -7.56 -19.60 47.41
CA GLU C 381 -8.52 -20.28 46.56
C GLU C 381 -8.34 -21.79 46.63
N GLU C 382 -7.08 -22.25 46.62
CA GLU C 382 -6.86 -23.70 46.67
C GLU C 382 -7.25 -24.28 48.02
N ALA C 383 -7.01 -23.54 49.11
CA ALA C 383 -7.46 -24.00 50.42
C ALA C 383 -8.98 -24.06 50.48
N GLU C 384 -9.66 -23.10 49.87
CA GLU C 384 -11.11 -23.14 49.80
C GLU C 384 -11.58 -24.39 49.05
N ARG C 385 -10.96 -24.68 47.91
CA ARG C 385 -11.34 -25.85 47.15
C ARG C 385 -11.09 -27.14 47.92
N SER C 386 -9.96 -27.21 48.64
CA SER C 386 -9.64 -28.42 49.40
C SER C 386 -10.60 -28.60 50.58
N ILE C 387 -10.94 -27.51 51.27
CA ILE C 387 -11.93 -27.59 52.34
C ILE C 387 -13.27 -28.04 51.79
N HIS C 388 -13.64 -27.55 50.61
CA HIS C 388 -14.88 -28.00 49.98
C HIS C 388 -14.82 -29.48 49.66
N ASP C 389 -13.66 -29.97 49.22
CA ASP C 389 -13.51 -31.40 48.96
C ASP C 389 -13.70 -32.22 50.23
N ALA C 390 -13.11 -31.75 51.35
CA ALA C 390 -13.28 -32.47 52.61
C ALA C 390 -14.74 -32.47 53.04
N LEU C 391 -15.42 -31.33 52.91
CA LEU C 391 -16.83 -31.27 53.26
C LEU C 391 -17.65 -32.19 52.38
N CYS C 392 -17.31 -32.29 51.10
CA CYS C 392 -18.02 -33.20 50.21
C CYS C 392 -17.76 -34.66 50.57
N VAL C 393 -16.56 -34.97 51.06
CA VAL C 393 -16.28 -36.34 51.51
C VAL C 393 -17.15 -36.67 52.71
N ILE C 394 -17.24 -35.76 53.68
CA ILE C 394 -18.11 -36.02 54.82
C ILE C 394 -19.57 -36.10 54.39
N ARG C 395 -19.96 -35.30 53.38
CA ARG C 395 -21.30 -35.39 52.84
C ARG C 395 -21.56 -36.77 52.24
N CYS C 396 -20.59 -37.30 51.50
CA CYS C 396 -20.72 -38.64 50.95
C CYS C 396 -20.87 -39.68 52.05
N LEU C 397 -20.10 -39.54 53.13
CA LEU C 397 -20.24 -40.45 54.25
C LEU C 397 -21.63 -40.36 54.87
N VAL C 398 -22.18 -39.13 54.93
CA VAL C 398 -23.53 -38.95 55.47
C VAL C 398 -24.56 -39.64 54.57
N LYS C 399 -24.43 -39.44 53.25
CA LYS C 399 -25.41 -40.01 52.32
C LYS C 399 -25.41 -41.53 52.35
N LYS C 400 -24.22 -42.13 52.20
CA LYS C 400 -24.08 -43.58 52.12
C LYS C 400 -23.08 -44.01 53.19
N ARG C 401 -23.58 -44.68 54.24
CA ARG C 401 -22.74 -45.08 55.37
C ARG C 401 -21.99 -46.35 55.03
N ALA C 402 -20.97 -46.19 54.18
CA ALA C 402 -20.10 -47.28 53.79
C ALA C 402 -18.70 -46.73 53.56
N LEU C 403 -17.71 -47.42 54.09
CA LEU C 403 -16.32 -47.01 53.97
C LEU C 403 -15.50 -48.10 53.29
N ILE C 404 -14.59 -47.69 52.41
CA ILE C 404 -13.75 -48.60 51.65
C ILE C 404 -12.32 -48.13 51.75
N ALA C 405 -11.39 -49.08 51.75
CA ALA C 405 -9.98 -48.75 51.82
C ALA C 405 -9.54 -48.00 50.57
N GLY C 406 -8.42 -47.28 50.68
CA GLY C 406 -7.93 -46.50 49.56
C GLY C 406 -6.52 -46.87 49.16
N GLY C 407 -5.83 -45.95 48.50
CA GLY C 407 -4.47 -46.20 48.06
C GLY C 407 -4.34 -47.27 47.00
N GLY C 408 -5.31 -47.34 46.08
CA GLY C 408 -5.26 -48.29 44.99
C GLY C 408 -5.78 -49.67 45.29
N ALA C 409 -6.15 -49.96 46.54
CA ALA C 409 -6.69 -51.27 46.87
C ALA C 409 -7.98 -51.59 46.13
N PRO C 410 -9.00 -50.72 46.12
CA PRO C 410 -10.23 -51.08 45.39
C PRO C 410 -9.98 -51.31 43.91
N GLU C 411 -9.09 -50.54 43.28
CA GLU C 411 -8.85 -50.72 41.85
C GLU C 411 -8.13 -52.03 41.57
N ILE C 412 -7.15 -52.40 42.40
CA ILE C 412 -6.45 -53.67 42.21
C ILE C 412 -7.41 -54.84 42.39
N GLU C 413 -8.22 -54.79 43.45
CA GLU C 413 -9.16 -55.89 43.66
C GLU C 413 -10.17 -55.94 42.54
N LEU C 414 -10.60 -54.78 42.05
CA LEU C 414 -11.54 -54.72 40.93
C LEU C 414 -10.93 -55.37 39.70
N ALA C 415 -9.67 -55.03 39.40
CA ALA C 415 -9.01 -55.61 38.24
C ALA C 415 -8.89 -57.12 38.36
N LEU C 416 -8.47 -57.61 39.52
CA LEU C 416 -8.31 -59.05 39.71
C LEU C 416 -9.64 -59.78 39.56
N ARG C 417 -10.66 -59.32 40.28
CA ARG C 417 -11.95 -60.00 40.26
C ARG C 417 -12.60 -59.91 38.89
N LEU C 418 -12.43 -58.79 38.18
CA LEU C 418 -13.02 -58.66 36.86
C LEU C 418 -12.26 -59.50 35.83
N THR C 419 -10.95 -59.68 36.00
CA THR C 419 -10.23 -60.62 35.15
C THR C 419 -10.76 -62.03 35.36
N GLU C 420 -10.97 -62.42 36.61
CA GLU C 420 -11.56 -63.74 36.87
C GLU C 420 -12.94 -63.87 36.26
N TYR C 421 -13.76 -62.83 36.40
CA TYR C 421 -15.11 -62.85 35.83
C TYR C 421 -15.07 -62.97 34.31
N SER C 422 -14.13 -62.27 33.67
CA SER C 422 -13.98 -62.38 32.22
C SER C 422 -13.57 -63.79 31.83
N ARG C 423 -12.67 -64.41 32.59
CA ARG C 423 -12.33 -65.79 32.35
C ARG C 423 -13.55 -66.70 32.52
N THR C 424 -14.49 -66.31 33.38
CA THR C 424 -15.72 -67.08 33.53
C THR C 424 -16.67 -66.89 32.34
N LEU C 425 -16.44 -65.87 31.51
CA LEU C 425 -17.39 -65.50 30.47
C LEU C 425 -16.85 -65.75 29.07
N SER C 426 -16.30 -66.94 28.84
CA SER C 426 -15.72 -67.29 27.56
C SER C 426 -16.62 -66.88 26.39
N GLY C 427 -16.03 -66.19 25.42
CA GLY C 427 -16.77 -65.67 24.29
C GLY C 427 -15.99 -64.54 23.65
N MET C 428 -16.72 -63.66 22.97
CA MET C 428 -16.11 -62.46 22.41
C MET C 428 -16.22 -61.27 23.35
N GLU C 429 -17.15 -61.31 24.31
CA GLU C 429 -17.24 -60.27 25.32
C GLU C 429 -16.23 -60.46 26.45
N SER C 430 -15.65 -61.66 26.56
CA SER C 430 -14.63 -61.88 27.58
C SER C 430 -13.42 -60.98 27.35
N TYR C 431 -13.07 -60.74 26.07
CA TYR C 431 -11.99 -59.81 25.78
C TYR C 431 -12.33 -58.41 26.26
N CYS C 432 -13.58 -57.98 26.06
CA CYS C 432 -13.98 -56.66 26.51
C CYS C 432 -13.93 -56.54 28.03
N VAL C 433 -14.38 -57.58 28.74
CA VAL C 433 -14.35 -57.53 30.20
C VAL C 433 -12.91 -57.53 30.72
N ARG C 434 -12.05 -58.32 30.08
CA ARG C 434 -10.64 -58.32 30.48
C ARG C 434 -9.99 -56.97 30.20
N ALA C 435 -10.37 -56.32 29.10
CA ALA C 435 -9.90 -54.97 28.83
C ALA C 435 -10.40 -54.00 29.90
N PHE C 436 -11.64 -54.16 30.33
CA PHE C 436 -12.16 -53.33 31.41
C PHE C 436 -11.32 -53.49 32.68
N ALA C 437 -10.99 -54.74 33.03
CA ALA C 437 -10.17 -54.97 34.21
C ALA C 437 -8.78 -54.35 34.06
N ASP C 438 -8.16 -54.53 32.88
CA ASP C 438 -6.84 -53.96 32.67
C ASP C 438 -6.88 -52.44 32.70
N ALA C 439 -7.99 -51.84 32.28
CA ALA C 439 -8.13 -50.39 32.37
C ALA C 439 -8.28 -49.94 33.81
N MET C 440 -9.06 -50.67 34.61
CA MET C 440 -9.13 -50.36 36.03
C MET C 440 -7.79 -50.54 36.72
N GLU C 441 -6.89 -51.33 36.14
CA GLU C 441 -5.55 -51.45 36.71
C GLU C 441 -4.68 -50.18 36.53
N VAL C 442 -5.19 -49.02 36.10
CA VAL C 442 -4.32 -47.89 35.78
C VAL C 442 -4.11 -46.96 36.96
N ILE C 443 -5.11 -46.78 37.82
CA ILE C 443 -4.98 -45.84 38.94
C ILE C 443 -3.86 -46.22 39.89
N PRO C 444 -3.72 -47.48 40.33
CA PRO C 444 -2.55 -47.81 41.14
C PRO C 444 -1.23 -47.60 40.42
N SER C 445 -1.20 -47.81 39.11
CA SER C 445 0.02 -47.53 38.35
C SER C 445 0.36 -46.05 38.38
N THR C 446 -0.65 -45.19 38.24
CA THR C 446 -0.40 -43.75 38.34
C THR C 446 0.05 -43.36 39.74
N LEU C 447 -0.52 -43.99 40.76
CA LEU C 447 -0.09 -43.73 42.13
C LEU C 447 1.37 -44.12 42.33
N ALA C 448 1.76 -45.27 41.80
CA ALA C 448 3.15 -45.71 41.91
C ALA C 448 4.08 -44.78 41.16
N GLU C 449 3.69 -44.34 39.96
CA GLU C 449 4.51 -43.41 39.20
C GLU C 449 4.68 -42.08 39.94
N ASN C 450 3.59 -41.53 40.48
CA ASN C 450 3.69 -40.26 41.18
C ASN C 450 4.49 -40.38 42.47
N ALA C 451 4.36 -41.52 43.15
CA ALA C 451 5.11 -41.73 44.39
C ALA C 451 6.60 -41.92 44.15
N GLY C 452 7.03 -42.10 42.90
CA GLY C 452 8.42 -42.36 42.61
C GLY C 452 8.83 -43.81 42.67
N LEU C 453 7.90 -44.72 42.95
CA LEU C 453 8.20 -46.15 42.96
C LEU C 453 8.19 -46.70 41.55
N ASN C 454 8.67 -47.93 41.41
CA ASN C 454 8.63 -48.62 40.12
C ASN C 454 7.21 -49.07 39.84
N PRO C 455 6.58 -48.61 38.75
CA PRO C 455 5.16 -48.94 38.56
C PRO C 455 4.88 -50.42 38.35
N ILE C 456 5.65 -51.08 37.48
CA ILE C 456 5.35 -52.47 37.14
C ILE C 456 5.49 -53.36 38.36
N SER C 457 6.61 -53.25 39.07
CA SER C 457 6.86 -54.11 40.23
C SER C 457 5.86 -53.83 41.33
N THR C 458 5.55 -52.56 41.58
CA THR C 458 4.60 -52.21 42.63
C THR C 458 3.21 -52.73 42.31
N VAL C 459 2.77 -52.56 41.06
CA VAL C 459 1.43 -53.01 40.67
C VAL C 459 1.32 -54.53 40.74
N THR C 460 2.36 -55.24 40.26
CA THR C 460 2.28 -56.69 40.31
C THR C 460 2.37 -57.19 41.75
N GLU C 461 3.11 -56.48 42.61
CA GLU C 461 3.12 -56.84 44.03
C GLU C 461 1.74 -56.65 44.65
N LEU C 462 1.07 -55.53 44.33
CA LEU C 462 -0.28 -55.32 44.82
C LEU C 462 -1.22 -56.42 44.34
N ARG C 463 -1.13 -56.79 43.06
CA ARG C 463 -1.99 -57.84 42.54
C ARG C 463 -1.73 -59.18 43.23
N ASN C 464 -0.47 -59.52 43.44
CA ASN C 464 -0.15 -60.77 44.13
C ASN C 464 -0.67 -60.76 45.56
N ARG C 465 -0.49 -59.65 46.28
CA ARG C 465 -0.95 -59.57 47.65
C ARG C 465 -2.47 -59.66 47.73
N HIS C 466 -3.17 -59.02 46.80
CA HIS C 466 -4.63 -59.13 46.77
C HIS C 466 -5.07 -60.55 46.46
N ALA C 467 -4.37 -61.22 45.53
CA ALA C 467 -4.70 -62.61 45.24
C ALA C 467 -4.44 -63.51 46.43
N GLN C 468 -3.46 -63.16 47.27
CA GLN C 468 -3.14 -63.97 48.44
C GLN C 468 -4.23 -63.93 49.50
N GLY C 469 -5.18 -63.00 49.42
CA GLY C 469 -6.27 -62.97 50.35
C GLY C 469 -6.52 -61.62 50.99
N GLU C 470 -5.46 -60.88 51.28
CA GLU C 470 -5.60 -59.58 51.92
C GLU C 470 -6.06 -58.55 50.89
N LYS C 471 -7.26 -58.01 51.08
CA LYS C 471 -7.83 -57.06 50.14
C LYS C 471 -7.61 -55.61 50.54
N THR C 472 -7.19 -55.34 51.77
CA THR C 472 -6.88 -53.98 52.21
C THR C 472 -5.38 -53.72 52.10
N ALA C 473 -4.86 -53.91 50.90
CA ALA C 473 -3.45 -53.65 50.60
C ALA C 473 -3.36 -52.59 49.52
N GLY C 474 -2.56 -51.55 49.78
CA GLY C 474 -2.51 -50.43 48.87
C GLY C 474 -1.14 -49.78 48.85
N ILE C 475 -1.05 -48.71 48.07
CA ILE C 475 0.21 -47.97 47.94
C ILE C 475 0.51 -47.26 49.25
N ASN C 476 1.70 -47.51 49.80
CA ASN C 476 2.14 -46.87 51.04
C ASN C 476 3.26 -45.90 50.68
N VAL C 477 2.89 -44.65 50.44
CA VAL C 477 3.89 -43.63 50.09
C VAL C 477 4.80 -43.34 51.27
N ARG C 478 4.27 -43.38 52.49
CA ARG C 478 5.11 -43.15 53.67
C ARG C 478 6.15 -44.25 53.82
N LYS C 479 5.72 -45.51 53.71
CA LYS C 479 6.64 -46.63 53.82
C LYS C 479 7.48 -46.82 52.56
N GLY C 480 6.97 -46.40 51.42
CA GLY C 480 7.67 -46.63 50.17
C GLY C 480 7.54 -48.02 49.62
N GLY C 481 6.46 -48.71 49.93
CA GLY C 481 6.24 -50.06 49.45
C GLY C 481 4.77 -50.41 49.46
N ILE C 482 4.47 -51.68 49.66
CA ILE C 482 3.11 -52.19 49.72
C ILE C 482 2.84 -52.71 51.12
N SER C 483 1.74 -52.26 51.72
CA SER C 483 1.38 -52.66 53.07
C SER C 483 -0.12 -52.51 53.23
N ASN C 484 -0.63 -53.02 54.35
CA ASN C 484 -2.04 -52.87 54.67
C ASN C 484 -2.37 -51.39 54.83
N ILE C 485 -3.17 -50.85 53.90
CA ILE C 485 -3.37 -49.41 53.84
C ILE C 485 -4.22 -48.91 55.01
N LEU C 486 -4.92 -49.79 55.71
CA LEU C 486 -5.67 -49.36 56.88
C LEU C 486 -4.76 -48.99 58.03
N GLU C 487 -3.49 -49.41 58.00
CA GLU C 487 -2.54 -48.97 59.01
C GLU C 487 -2.22 -47.49 58.87
N GLU C 488 -2.22 -46.97 57.64
CA GLU C 488 -1.95 -45.57 57.38
C GLU C 488 -3.21 -44.70 57.44
N LEU C 489 -4.36 -45.29 57.79
CA LEU C 489 -5.62 -44.57 57.91
C LEU C 489 -5.98 -43.87 56.61
N VAL C 490 -5.86 -44.60 55.50
CA VAL C 490 -6.22 -44.09 54.18
C VAL C 490 -7.53 -44.73 53.77
N VAL C 491 -8.65 -44.04 54.03
CA VAL C 491 -9.98 -44.56 53.73
C VAL C 491 -10.76 -43.47 53.00
N GLN C 492 -11.74 -43.91 52.22
CA GLN C 492 -12.62 -43.02 51.48
C GLN C 492 -14.01 -43.63 51.45
N PRO C 493 -15.06 -42.82 51.33
CA PRO C 493 -16.41 -43.38 51.25
C PRO C 493 -16.60 -44.20 49.99
N LEU C 494 -17.43 -45.25 50.10
CA LEU C 494 -17.69 -46.12 48.96
C LEU C 494 -18.41 -45.40 47.84
N LEU C 495 -19.20 -44.38 48.17
CA LEU C 495 -19.95 -43.64 47.16
C LEU C 495 -19.03 -43.03 46.12
N VAL C 496 -17.84 -42.60 46.53
CA VAL C 496 -16.91 -41.99 45.57
C VAL C 496 -16.54 -42.98 44.47
N SER C 497 -16.13 -44.19 44.87
CA SER C 497 -15.73 -45.19 43.88
C SER C 497 -16.92 -45.66 43.05
N VAL C 498 -18.07 -45.87 43.69
CA VAL C 498 -19.24 -46.34 42.96
C VAL C 498 -19.65 -45.33 41.92
N SER C 499 -19.73 -44.06 42.30
CA SER C 499 -20.09 -43.00 41.37
C SER C 499 -19.06 -42.88 40.26
N ALA C 500 -17.77 -42.98 40.60
CA ALA C 500 -16.74 -42.90 39.58
C ALA C 500 -16.94 -43.98 38.53
N LEU C 501 -17.11 -45.23 38.96
CA LEU C 501 -17.33 -46.31 38.01
C LEU C 501 -18.57 -46.07 37.16
N THR C 502 -19.69 -45.74 37.80
CA THR C 502 -20.95 -45.63 37.07
C THR C 502 -20.88 -44.51 36.04
N LEU C 503 -20.41 -43.34 36.46
CA LEU C 503 -20.35 -42.20 35.56
C LEU C 503 -19.35 -42.43 34.43
N ALA C 504 -18.19 -43.01 34.74
CA ALA C 504 -17.21 -43.28 33.70
C ALA C 504 -17.76 -44.27 32.68
N THR C 505 -18.43 -45.32 33.15
CA THR C 505 -18.98 -46.32 32.24
C THR C 505 -20.06 -45.72 31.34
N GLU C 506 -20.95 -44.91 31.93
CA GLU C 506 -22.01 -44.30 31.11
C GLU C 506 -21.42 -43.34 30.09
N THR C 507 -20.43 -42.54 30.49
CA THR C 507 -19.80 -41.64 29.53
C THR C 507 -19.11 -42.41 28.41
N VAL C 508 -18.45 -43.51 28.75
CA VAL C 508 -17.77 -44.32 27.74
C VAL C 508 -18.78 -44.91 26.77
N ARG C 509 -19.90 -45.42 27.29
CA ARG C 509 -20.93 -45.97 26.41
C ARG C 509 -21.51 -44.90 25.49
N SER C 510 -21.79 -43.71 26.03
CA SER C 510 -22.32 -42.63 25.21
C SER C 510 -21.34 -42.24 24.11
N ILE C 511 -20.05 -42.17 24.45
CA ILE C 511 -19.03 -41.86 23.44
C ILE C 511 -18.97 -42.96 22.39
N LEU C 512 -19.07 -44.22 22.83
CA LEU C 512 -19.01 -45.34 21.89
C LEU C 512 -20.18 -45.33 20.92
N LYS C 513 -21.35 -44.85 21.34
CA LYS C 513 -22.49 -44.83 20.43
C LYS C 513 -22.31 -43.84 19.29
N ILE C 514 -21.34 -42.94 19.38
CA ILE C 514 -21.13 -41.91 18.37
C ILE C 514 -20.33 -42.48 17.21
N ASP C 515 -20.69 -42.07 15.98
CA ASP C 515 -19.93 -42.50 14.81
C ASP C 515 -19.71 -41.40 13.79
N ASP C 516 -20.07 -40.16 14.07
CA ASP C 516 -19.91 -39.11 13.09
C ASP C 516 -19.96 -37.75 13.78
N VAL C 517 -19.25 -36.79 13.20
CA VAL C 517 -19.19 -35.41 13.70
C VAL C 517 -19.68 -34.49 12.59
N VAL C 518 -20.64 -33.64 12.93
CA VAL C 518 -21.22 -32.69 11.98
C VAL C 518 -20.92 -31.28 12.48
N ASN C 519 -20.49 -30.42 11.56
CA ASN C 519 -20.16 -29.03 11.88
C ASN C 519 -21.34 -28.14 11.53
N THR C 520 -21.80 -27.36 12.51
CA THR C 520 -22.92 -26.47 12.30
C THR C 520 -22.46 -25.10 11.80
N ALA D 1 -20.83 1.97 -30.66
CA ALA D 1 -21.92 1.12 -30.18
C ALA D 1 -22.17 1.33 -28.69
N SER D 2 -21.30 2.12 -28.06
CA SER D 2 -21.41 2.41 -26.64
C SER D 2 -20.53 3.62 -26.33
N MET D 3 -20.40 3.93 -25.03
CA MET D 3 -19.56 5.02 -24.50
C MET D 3 -19.73 6.33 -25.29
N GLY D 4 -20.92 6.54 -25.85
CA GLY D 4 -21.18 7.77 -26.57
C GLY D 4 -20.33 7.91 -27.83
N THR D 5 -20.03 9.16 -28.18
CA THR D 5 -19.22 9.49 -29.34
C THR D 5 -17.87 10.02 -28.89
N LEU D 6 -16.81 9.59 -29.56
CA LEU D 6 -15.44 9.96 -29.23
C LEU D 6 -14.91 10.91 -30.30
N ALA D 7 -15.18 12.20 -30.12
CA ALA D 7 -14.61 13.24 -30.96
C ALA D 7 -13.76 14.22 -30.17
N PHE D 8 -14.27 14.72 -29.05
N PHE D 8 -14.27 14.72 -29.05
CA PHE D 8 -13.58 15.58 -28.10
CA PHE D 8 -13.56 15.58 -28.10
C PHE D 8 -13.32 16.98 -28.65
C PHE D 8 -13.32 16.98 -28.65
N ASP D 9 -13.54 17.16 -29.96
CA ASP D 9 -13.58 18.50 -30.59
C ASP D 9 -13.82 18.41 -32.08
N GLU D 10 -13.95 19.57 -32.72
CA GLU D 10 -13.62 19.75 -34.12
C GLU D 10 -12.30 20.49 -34.31
N TYR D 11 -11.72 21.05 -33.24
CA TYR D 11 -10.52 21.88 -33.31
C TYR D 11 -9.39 21.39 -32.41
N GLY D 12 -9.70 20.95 -31.19
CA GLY D 12 -8.69 20.53 -30.24
C GLY D 12 -9.03 20.86 -28.80
N ARG D 13 -9.95 21.80 -28.60
CA ARG D 13 -10.41 22.18 -27.29
C ARG D 13 -11.39 21.14 -26.74
N PRO D 14 -11.58 21.08 -25.42
CA PRO D 14 -12.48 20.07 -24.85
C PRO D 14 -13.92 20.25 -25.33
N PHE D 15 -14.64 19.12 -25.41
CA PHE D 15 -16.01 19.07 -25.93
C PHE D 15 -16.82 18.16 -25.02
N LEU D 16 -17.45 18.73 -24.00
CA LEU D 16 -18.29 17.99 -23.07
C LEU D 16 -19.73 18.45 -23.21
N ILE D 17 -20.63 17.50 -23.45
CA ILE D 17 -22.04 17.79 -23.65
C ILE D 17 -22.88 17.28 -22.48
N ILE D 18 -22.65 16.04 -22.06
CA ILE D 18 -23.45 15.38 -21.03
C ILE D 18 -22.54 15.02 -19.88
N LYS D 19 -23.02 15.21 -18.66
CA LYS D 19 -22.24 14.87 -17.48
C LYS D 19 -21.89 13.39 -17.49
N ASP D 20 -20.62 13.08 -17.23
CA ASP D 20 -20.11 11.72 -17.22
C ASP D 20 -20.44 10.98 -18.52
N GLN D 21 -20.27 11.68 -19.64
CA GLN D 21 -20.54 11.06 -20.94
C GLN D 21 -19.54 9.97 -21.26
N ASP D 22 -18.40 9.91 -20.56
CA ASP D 22 -17.44 8.84 -20.78
C ASP D 22 -17.90 7.53 -20.17
N ARG D 23 -18.76 7.56 -19.16
CA ARG D 23 -19.23 6.37 -18.47
C ARG D 23 -20.70 6.09 -18.74
N LYS D 24 -21.20 6.52 -19.89
CA LYS D 24 -22.59 6.32 -20.29
C LYS D 24 -22.64 5.61 -21.64
N SER D 25 -23.44 4.55 -21.72
CA SER D 25 -23.60 3.77 -22.93
C SER D 25 -24.80 4.25 -23.72
N ARG D 26 -24.90 3.78 -24.96
CA ARG D 26 -26.02 4.14 -25.82
C ARG D 26 -26.15 3.11 -26.93
N LEU D 27 -27.39 2.75 -27.26
CA LEU D 27 -27.68 1.85 -28.36
C LEU D 27 -28.56 2.58 -29.37
N MET D 28 -28.32 2.28 -30.65
CA MET D 28 -28.92 3.03 -31.75
C MET D 28 -29.61 2.11 -32.74
N GLY D 29 -30.79 2.53 -33.19
CA GLY D 29 -31.42 1.90 -34.33
C GLY D 29 -31.78 0.45 -34.09
N LEU D 30 -31.64 -0.35 -35.15
CA LEU D 30 -32.10 -1.73 -35.14
C LEU D 30 -31.36 -2.60 -34.13
N GLU D 31 -30.15 -2.21 -33.73
CA GLU D 31 -29.42 -3.00 -32.74
C GLU D 31 -30.13 -3.01 -31.40
N ALA D 32 -30.71 -1.87 -31.01
CA ALA D 32 -31.48 -1.82 -29.78
C ALA D 32 -32.69 -2.75 -29.85
N LEU D 33 -33.40 -2.74 -30.98
CA LEU D 33 -34.53 -3.64 -31.14
C LEU D 33 -34.09 -5.10 -31.08
N LYS D 34 -32.95 -5.41 -31.70
CA LYS D 34 -32.46 -6.78 -31.67
C LYS D 34 -32.14 -7.22 -30.24
N SER D 35 -31.46 -6.36 -29.48
CA SER D 35 -31.15 -6.70 -28.09
C SER D 35 -32.40 -6.87 -27.25
N HIS D 36 -33.37 -5.97 -27.42
CA HIS D 36 -34.62 -6.07 -26.66
C HIS D 36 -35.37 -7.35 -27.00
N ILE D 37 -35.45 -7.67 -28.30
CA ILE D 37 -36.13 -8.89 -28.73
C ILE D 37 -35.41 -10.12 -28.18
N MET D 38 -34.08 -10.08 -28.13
CA MET D 38 -33.33 -11.21 -27.59
C MET D 38 -33.61 -11.39 -26.10
N ALA D 39 -33.63 -10.30 -25.34
CA ALA D 39 -33.92 -10.40 -23.91
C ALA D 39 -35.34 -10.92 -23.67
N ALA D 40 -36.31 -10.38 -24.40
CA ALA D 40 -37.69 -10.83 -24.24
C ALA D 40 -37.85 -12.29 -24.65
N LYS D 41 -37.15 -12.70 -25.71
CA LYS D 41 -37.20 -14.09 -26.13
C LYS D 41 -36.62 -15.00 -25.07
N ALA D 42 -35.51 -14.60 -24.45
CA ALA D 42 -34.94 -15.40 -23.36
C ALA D 42 -35.91 -15.54 -22.21
N VAL D 43 -36.55 -14.45 -21.81
CA VAL D 43 -37.50 -14.50 -20.70
C VAL D 43 -38.67 -15.41 -21.04
N ALA D 44 -39.22 -15.26 -22.25
CA ALA D 44 -40.38 -16.06 -22.64
C ALA D 44 -40.01 -17.53 -22.78
N ASN D 45 -38.83 -17.84 -23.29
CA ASN D 45 -38.41 -19.23 -23.40
C ASN D 45 -38.19 -19.85 -22.03
N THR D 46 -37.70 -19.05 -21.08
CA THR D 46 -37.61 -19.54 -19.70
C THR D 46 -39.00 -19.83 -19.13
N MET D 47 -39.95 -18.93 -19.38
CA MET D 47 -41.26 -19.06 -18.75
C MET D 47 -42.18 -20.04 -19.45
N ARG D 48 -41.88 -20.45 -20.69
CA ARG D 48 -42.81 -21.28 -21.44
C ARG D 48 -42.85 -22.71 -20.96
N THR D 49 -41.82 -23.17 -20.24
CA THR D 49 -41.81 -24.57 -19.80
C THR D 49 -42.82 -24.82 -18.69
N SER D 50 -43.31 -23.77 -18.03
CA SER D 50 -44.26 -23.90 -16.93
C SER D 50 -45.69 -23.66 -17.40
N LEU D 51 -46.03 -24.11 -18.60
CA LEU D 51 -47.33 -23.85 -19.21
C LEU D 51 -48.08 -25.16 -19.37
N GLY D 52 -49.29 -25.22 -18.81
CA GLY D 52 -50.15 -26.36 -19.01
C GLY D 52 -50.11 -27.36 -17.87
N PRO D 53 -50.94 -28.40 -17.95
CA PRO D 53 -50.95 -29.42 -16.89
C PRO D 53 -49.62 -30.12 -16.73
N ASN D 54 -48.89 -30.33 -17.82
CA ASN D 54 -47.58 -30.96 -17.77
C ASN D 54 -46.46 -29.95 -17.56
N GLY D 55 -46.78 -28.74 -17.10
CA GLY D 55 -45.76 -27.76 -16.83
C GLY D 55 -44.93 -28.13 -15.61
N LEU D 56 -43.72 -27.59 -15.57
CA LEU D 56 -42.77 -27.87 -14.50
C LEU D 56 -42.56 -26.61 -13.67
N ASP D 57 -42.35 -26.81 -12.37
CA ASP D 57 -42.24 -25.70 -11.44
C ASP D 57 -40.87 -25.05 -11.52
N LYS D 58 -40.79 -23.84 -11.00
CA LYS D 58 -39.53 -23.11 -10.84
C LYS D 58 -39.25 -22.92 -9.36
N MET D 59 -38.01 -23.15 -8.96
CA MET D 59 -37.60 -23.04 -7.56
C MET D 59 -36.82 -21.74 -7.41
N MET D 60 -37.46 -20.73 -6.85
CA MET D 60 -36.90 -19.40 -6.72
C MET D 60 -36.29 -19.22 -5.34
N VAL D 61 -35.05 -18.73 -5.30
CA VAL D 61 -34.33 -18.45 -4.05
C VAL D 61 -34.07 -16.95 -4.01
N ASP D 62 -34.53 -16.31 -2.95
CA ASP D 62 -34.37 -14.86 -2.81
C ASP D 62 -33.00 -14.55 -2.23
N LYS D 63 -32.77 -13.29 -1.87
CA LYS D 63 -31.47 -12.88 -1.36
C LYS D 63 -31.19 -13.41 0.04
N ASP D 64 -32.22 -13.86 0.77
CA ASP D 64 -32.05 -14.36 2.12
C ASP D 64 -31.90 -15.87 2.18
N GLY D 65 -31.88 -16.55 1.05
CA GLY D 65 -31.78 -17.99 1.03
C GLY D 65 -33.09 -18.73 1.14
N ASP D 66 -34.21 -18.02 1.27
CA ASP D 66 -35.51 -18.68 1.35
C ASP D 66 -35.90 -19.27 0.01
N VAL D 67 -36.65 -20.37 0.05
CA VAL D 67 -37.00 -21.14 -1.13
C VAL D 67 -38.49 -20.97 -1.40
N THR D 68 -38.83 -20.80 -2.68
CA THR D 68 -40.23 -20.65 -3.11
C THR D 68 -40.44 -21.51 -4.36
N VAL D 69 -40.90 -22.73 -4.17
CA VAL D 69 -41.24 -23.60 -5.28
C VAL D 69 -42.61 -23.21 -5.80
N THR D 70 -42.68 -22.81 -7.06
CA THR D 70 -43.93 -22.26 -7.57
C THR D 70 -44.05 -22.51 -9.07
N ASN D 71 -45.30 -22.44 -9.55
CA ASN D 71 -45.61 -22.49 -10.97
C ASN D 71 -46.19 -21.17 -11.48
N ASP D 72 -46.67 -20.31 -10.58
CA ASP D 72 -47.28 -19.05 -10.98
C ASP D 72 -46.27 -18.17 -11.70
N GLY D 73 -46.57 -17.83 -12.96
CA GLY D 73 -45.64 -17.06 -13.75
C GLY D 73 -45.39 -15.68 -13.18
N ALA D 74 -46.44 -15.02 -12.70
CA ALA D 74 -46.28 -13.68 -12.13
C ALA D 74 -45.37 -13.71 -10.91
N THR D 75 -45.53 -14.70 -10.03
CA THR D 75 -44.66 -14.81 -8.88
C THR D 75 -43.23 -15.09 -9.30
N ILE D 76 -43.04 -15.97 -10.29
CA ILE D 76 -41.69 -16.29 -10.76
C ILE D 76 -41.01 -15.04 -11.28
N LEU D 77 -41.70 -14.26 -12.08
CA LEU D 77 -41.10 -13.06 -12.64
C LEU D 77 -40.90 -11.98 -11.59
N SER D 78 -41.81 -11.89 -10.61
CA SER D 78 -41.64 -10.92 -9.54
C SER D 78 -40.41 -11.21 -8.69
N MET D 79 -40.19 -12.49 -8.37
CA MET D 79 -39.03 -12.84 -7.56
C MET D 79 -37.73 -12.94 -8.35
N MET D 80 -37.79 -12.82 -9.67
CA MET D 80 -36.59 -12.90 -10.49
C MET D 80 -35.83 -11.59 -10.45
N ASP D 81 -34.51 -11.69 -10.32
CA ASP D 81 -33.66 -10.52 -10.12
C ASP D 81 -33.07 -10.05 -11.45
N VAL D 82 -33.96 -9.57 -12.31
CA VAL D 82 -33.55 -9.09 -13.62
C VAL D 82 -32.86 -7.75 -13.51
N ASP D 83 -32.12 -7.38 -14.55
CA ASP D 83 -31.46 -6.09 -14.63
C ASP D 83 -31.80 -5.41 -15.95
N HIS D 84 -32.06 -6.21 -16.98
CA HIS D 84 -32.43 -5.67 -18.29
C HIS D 84 -33.77 -4.95 -18.20
N GLN D 85 -33.85 -3.80 -18.87
CA GLN D 85 -35.08 -2.99 -18.79
C GLN D 85 -36.25 -3.72 -19.43
N ILE D 86 -36.03 -4.39 -20.56
CA ILE D 86 -37.11 -5.11 -21.22
C ILE D 86 -37.58 -6.28 -20.36
N ALA D 87 -36.67 -6.92 -19.62
CA ALA D 87 -37.09 -7.95 -18.69
C ALA D 87 -37.99 -7.38 -17.60
N LYS D 88 -37.65 -6.19 -17.10
CA LYS D 88 -38.52 -5.53 -16.12
C LYS D 88 -39.87 -5.20 -16.73
N LEU D 89 -39.90 -4.81 -18.01
CA LEU D 89 -41.17 -4.57 -18.68
C LEU D 89 -42.00 -5.85 -18.77
N MET D 90 -41.35 -6.98 -19.06
CA MET D 90 -42.05 -8.25 -19.09
C MET D 90 -42.61 -8.61 -17.72
N VAL D 91 -41.81 -8.38 -16.67
CA VAL D 91 -42.28 -8.62 -15.31
C VAL D 91 -43.49 -7.77 -14.99
N GLU D 92 -43.46 -6.50 -15.38
CA GLU D 92 -44.59 -5.61 -15.16
C GLU D 92 -45.81 -6.07 -15.92
N LEU D 93 -45.62 -6.57 -17.14
CA LEU D 93 -46.73 -7.11 -17.93
C LEU D 93 -47.37 -8.29 -17.22
N SER D 94 -46.54 -9.21 -16.71
CA SER D 94 -47.07 -10.35 -15.98
C SER D 94 -47.82 -9.93 -14.73
N LYS D 95 -47.27 -8.95 -14.00
CA LYS D 95 -47.94 -8.46 -12.80
C LYS D 95 -49.27 -7.78 -13.14
N SER D 96 -49.32 -7.06 -14.26
CA SER D 96 -50.57 -6.44 -14.69
C SER D 96 -51.61 -7.51 -15.03
N GLN D 97 -51.19 -8.58 -15.71
CA GLN D 97 -52.12 -9.66 -15.99
C GLN D 97 -52.62 -10.31 -14.70
N ASP D 98 -51.73 -10.48 -13.72
CA ASP D 98 -52.14 -11.01 -12.43
C ASP D 98 -53.16 -10.09 -11.76
N ASP D 99 -52.92 -8.79 -11.80
CA ASP D 99 -53.79 -7.83 -11.13
C ASP D 99 -55.18 -7.80 -11.77
N GLU D 100 -55.23 -7.65 -13.09
CA GLU D 100 -56.51 -7.44 -13.76
C GLU D 100 -57.36 -8.71 -13.78
N ILE D 101 -56.74 -9.86 -14.00
CA ILE D 101 -57.45 -11.12 -14.19
C ILE D 101 -57.15 -12.12 -13.08
N GLY D 102 -55.88 -12.30 -12.76
CA GLY D 102 -55.47 -13.28 -11.79
C GLY D 102 -55.11 -14.63 -12.34
N ASP D 103 -55.34 -14.88 -13.62
CA ASP D 103 -54.98 -16.12 -14.27
C ASP D 103 -54.33 -15.81 -15.62
N GLY D 104 -53.56 -16.76 -16.12
CA GLY D 104 -52.87 -16.57 -17.38
C GLY D 104 -51.69 -15.66 -17.31
N THR D 105 -51.00 -15.60 -16.16
CA THR D 105 -49.81 -14.77 -16.04
C THR D 105 -48.62 -15.34 -16.80
N THR D 106 -48.70 -16.58 -17.25
CA THR D 106 -47.64 -17.16 -18.07
C THR D 106 -47.94 -17.05 -19.56
N GLY D 107 -49.22 -17.10 -19.94
CA GLY D 107 -49.58 -16.99 -21.34
C GLY D 107 -49.22 -15.64 -21.93
N VAL D 108 -49.35 -14.58 -21.14
CA VAL D 108 -49.02 -13.24 -21.64
C VAL D 108 -47.54 -13.15 -22.00
N VAL D 109 -46.67 -13.69 -21.13
CA VAL D 109 -45.24 -13.58 -21.36
C VAL D 109 -44.84 -14.39 -22.59
N VAL D 110 -45.36 -15.62 -22.72
CA VAL D 110 -45.04 -16.45 -23.88
C VAL D 110 -45.55 -15.79 -25.15
N LEU D 111 -46.77 -15.23 -25.11
CA LEU D 111 -47.33 -14.59 -26.28
C LEU D 111 -46.50 -13.37 -26.69
N ALA D 112 -46.07 -12.56 -25.72
CA ALA D 112 -45.25 -11.40 -26.04
C ALA D 112 -43.91 -11.82 -26.61
N GLY D 113 -43.31 -12.87 -26.04
CA GLY D 113 -42.04 -13.36 -26.56
C GLY D 113 -42.17 -13.85 -27.99
N ALA D 114 -43.23 -14.61 -28.28
CA ALA D 114 -43.44 -15.09 -29.64
C ALA D 114 -43.69 -13.93 -30.60
N LEU D 115 -44.47 -12.94 -30.16
CA LEU D 115 -44.73 -11.78 -31.00
C LEU D 115 -43.44 -11.04 -31.35
N LEU D 116 -42.58 -10.84 -30.35
CA LEU D 116 -41.32 -10.17 -30.63
C LEU D 116 -40.38 -11.03 -31.47
N GLU D 117 -40.43 -12.35 -31.29
CA GLU D 117 -39.63 -13.24 -32.13
C GLU D 117 -40.03 -13.13 -33.59
N GLU D 118 -41.34 -13.10 -33.86
CA GLU D 118 -41.79 -12.93 -35.24
C GLU D 118 -41.44 -11.54 -35.76
N ALA D 119 -41.59 -10.52 -34.91
CA ALA D 119 -41.24 -9.16 -35.31
C ALA D 119 -39.77 -9.04 -35.65
N GLU D 120 -38.92 -9.89 -35.05
CA GLU D 120 -37.49 -9.85 -35.37
C GLU D 120 -37.25 -10.16 -36.84
N GLN D 121 -37.80 -11.28 -37.32
CA GLN D 121 -37.62 -11.64 -38.73
C GLN D 121 -38.43 -10.73 -39.64
N LEU D 122 -39.49 -10.10 -39.14
CA LEU D 122 -40.16 -9.08 -39.93
C LEU D 122 -39.27 -7.86 -40.12
N LEU D 123 -38.58 -7.44 -39.06
CA LEU D 123 -37.67 -6.30 -39.16
C LEU D 123 -36.47 -6.61 -40.04
N ASP D 124 -36.00 -7.86 -40.02
CA ASP D 124 -34.88 -8.23 -40.88
C ASP D 124 -35.18 -8.02 -42.35
N ARG D 125 -36.44 -7.98 -42.73
CA ARG D 125 -36.84 -7.79 -44.12
C ARG D 125 -37.13 -6.33 -44.47
N GLY D 126 -36.90 -5.41 -43.53
CA GLY D 126 -36.97 -3.99 -43.83
C GLY D 126 -38.28 -3.30 -43.50
N ILE D 127 -39.18 -3.94 -42.76
CA ILE D 127 -40.44 -3.31 -42.39
C ILE D 127 -40.22 -2.40 -41.20
N HIS D 128 -40.80 -1.21 -41.25
CA HIS D 128 -40.70 -0.28 -40.14
C HIS D 128 -41.39 -0.87 -38.91
N PRO D 129 -40.80 -0.72 -37.72
CA PRO D 129 -41.41 -1.32 -36.52
C PRO D 129 -42.81 -0.80 -36.22
N ILE D 130 -43.09 0.47 -36.54
CA ILE D 130 -44.43 1.00 -36.30
C ILE D 130 -45.46 0.28 -37.17
N ARG D 131 -45.07 -0.08 -38.39
CA ARG D 131 -45.97 -0.86 -39.23
C ARG D 131 -46.25 -2.22 -38.61
N ILE D 132 -45.22 -2.84 -38.02
CA ILE D 132 -45.41 -4.12 -37.33
C ILE D 132 -46.38 -3.96 -36.17
N ALA D 133 -46.23 -2.87 -35.41
CA ALA D 133 -47.13 -2.63 -34.28
C ALA D 133 -48.56 -2.41 -34.76
N ASP D 134 -48.74 -1.68 -35.86
CA ASP D 134 -50.08 -1.46 -36.40
C ASP D 134 -50.71 -2.76 -36.86
N GLY D 135 -49.93 -3.60 -37.56
CA GLY D 135 -50.45 -4.90 -37.96
C GLY D 135 -50.82 -5.77 -36.78
N TYR D 136 -49.98 -5.74 -35.75
CA TYR D 136 -50.29 -6.50 -34.53
C TYR D 136 -51.58 -6.01 -33.90
N GLU D 137 -51.78 -4.69 -33.85
CA GLU D 137 -53.01 -4.15 -33.28
C GLU D 137 -54.23 -4.58 -34.08
N GLN D 138 -54.14 -4.50 -35.41
CA GLN D 138 -55.26 -4.93 -36.25
C GLN D 138 -55.58 -6.40 -36.03
N ALA D 139 -54.54 -7.25 -36.00
CA ALA D 139 -54.76 -8.68 -35.78
C ALA D 139 -55.32 -8.94 -34.39
N ALA D 140 -54.90 -8.17 -33.39
CA ALA D 140 -55.45 -8.33 -32.05
C ALA D 140 -56.92 -7.96 -32.01
N ARG D 141 -57.31 -6.90 -32.73
CA ARG D 141 -58.72 -6.56 -32.82
C ARG D 141 -59.51 -7.70 -33.46
N VAL D 142 -58.98 -8.27 -34.54
CA VAL D 142 -59.66 -9.38 -35.20
C VAL D 142 -59.79 -10.57 -34.25
N ALA D 143 -58.72 -10.87 -33.51
CA ALA D 143 -58.75 -12.00 -32.59
C ALA D 143 -59.74 -11.78 -31.46
N ILE D 144 -59.82 -10.55 -30.95
CA ILE D 144 -60.79 -10.26 -29.89
C ILE D 144 -62.21 -10.40 -30.40
N GLU D 145 -62.47 -9.93 -31.62
CA GLU D 145 -63.79 -10.11 -32.21
C GLU D 145 -64.12 -11.60 -32.36
N HIS D 146 -63.15 -12.40 -32.81
CA HIS D 146 -63.38 -13.83 -32.95
C HIS D 146 -63.65 -14.48 -31.59
N LEU D 147 -62.91 -14.07 -30.56
CA LEU D 147 -63.13 -14.60 -29.22
C LEU D 147 -64.53 -14.29 -28.73
N ASP D 148 -65.01 -13.06 -28.96
CA ASP D 148 -66.39 -12.75 -28.62
C ASP D 148 -67.36 -13.60 -29.43
N LYS D 149 -67.04 -13.86 -30.69
CA LYS D 149 -67.94 -14.64 -31.54
C LYS D 149 -68.07 -16.07 -31.05
N ILE D 150 -66.97 -16.70 -30.65
CA ILE D 150 -66.96 -18.11 -30.29
C ILE D 150 -67.16 -18.33 -28.79
N SER D 151 -67.50 -17.29 -28.05
CA SER D 151 -67.66 -17.42 -26.61
C SER D 151 -68.92 -18.21 -26.27
N ASP D 152 -68.92 -18.79 -25.08
CA ASP D 152 -70.06 -19.55 -24.57
C ASP D 152 -70.36 -19.12 -23.14
N SER D 153 -71.65 -19.13 -22.80
CA SER D 153 -72.12 -18.64 -21.52
C SER D 153 -72.34 -19.80 -20.55
N VAL D 154 -72.15 -19.51 -19.26
CA VAL D 154 -72.34 -20.48 -18.20
C VAL D 154 -73.24 -19.89 -17.12
N LEU D 155 -73.85 -20.77 -16.33
CA LEU D 155 -74.73 -20.38 -15.25
C LEU D 155 -73.92 -20.19 -13.97
N VAL D 156 -74.13 -19.06 -13.30
CA VAL D 156 -73.28 -18.66 -12.18
C VAL D 156 -74.18 -18.62 -10.94
N ASP D 157 -75.17 -19.50 -10.92
CA ASP D 157 -76.08 -19.57 -9.77
C ASP D 157 -75.56 -20.56 -8.74
N ILE D 158 -76.02 -20.37 -7.50
CA ILE D 158 -75.58 -21.23 -6.40
C ILE D 158 -76.15 -22.64 -6.52
N LYS D 159 -77.35 -22.77 -7.09
CA LYS D 159 -77.99 -24.08 -7.15
C LYS D 159 -77.22 -25.05 -8.04
N ASP D 160 -76.66 -24.56 -9.15
CA ASP D 160 -75.87 -25.39 -10.07
C ASP D 160 -74.48 -24.79 -10.17
N THR D 161 -73.50 -25.49 -9.60
CA THR D 161 -72.12 -25.01 -9.58
C THR D 161 -71.18 -25.83 -10.46
N GLU D 162 -71.72 -26.73 -11.27
CA GLU D 162 -70.86 -27.58 -12.10
C GLU D 162 -69.99 -26.79 -13.08
N PRO D 163 -70.52 -25.83 -13.86
CA PRO D 163 -69.61 -25.05 -14.71
C PRO D 163 -68.55 -24.30 -13.93
N LEU D 164 -68.89 -23.75 -12.77
CA LEU D 164 -67.91 -23.05 -11.96
C LEU D 164 -66.84 -23.99 -11.43
N ILE D 165 -67.26 -25.17 -10.97
CA ILE D 165 -66.29 -26.16 -10.48
C ILE D 165 -65.39 -26.61 -11.61
N GLN D 166 -65.94 -26.78 -12.81
CA GLN D 166 -65.12 -27.17 -13.96
C GLN D 166 -64.11 -26.10 -14.30
N THR D 167 -64.53 -24.82 -14.28
CA THR D 167 -63.59 -23.74 -14.55
C THR D 167 -62.48 -23.69 -13.51
N ALA D 168 -62.85 -23.84 -12.23
CA ALA D 168 -61.84 -23.83 -11.18
C ALA D 168 -60.88 -25.02 -11.32
N LYS D 169 -61.41 -26.19 -11.70
CA LYS D 169 -60.56 -27.34 -11.95
C LYS D 169 -59.59 -27.08 -13.09
N THR D 170 -60.08 -26.47 -14.17
CA THR D 170 -59.21 -26.14 -15.29
C THR D 170 -58.10 -25.19 -14.85
N THR D 171 -58.45 -24.21 -14.02
CA THR D 171 -57.45 -23.28 -13.52
C THR D 171 -56.41 -24.01 -12.65
N LEU D 172 -56.86 -24.90 -11.78
CA LEU D 172 -55.98 -25.56 -10.82
C LEU D 172 -55.24 -26.75 -11.41
N GLY D 173 -55.56 -27.16 -12.64
CA GLY D 173 -54.94 -28.36 -13.20
C GLY D 173 -53.42 -28.30 -13.23
N SER D 174 -52.87 -27.14 -13.56
CA SER D 174 -51.42 -27.00 -13.69
C SER D 174 -50.70 -26.93 -12.34
N LYS D 175 -51.42 -26.65 -11.26
CA LYS D 175 -50.80 -26.45 -9.96
C LYS D 175 -50.59 -27.78 -9.23
N VAL D 176 -49.79 -27.73 -8.16
CA VAL D 176 -49.47 -28.92 -7.40
C VAL D 176 -50.67 -29.49 -6.65
N VAL D 177 -51.75 -28.73 -6.54
CA VAL D 177 -52.92 -29.16 -5.78
C VAL D 177 -53.82 -30.03 -6.66
N ASN D 178 -53.32 -30.43 -7.83
CA ASN D 178 -54.12 -31.29 -8.70
C ASN D 178 -54.41 -32.64 -8.05
N SER D 179 -53.68 -33.00 -6.98
CA SER D 179 -54.02 -34.18 -6.22
C SER D 179 -55.38 -34.04 -5.55
N CYS D 180 -55.62 -32.89 -4.91
CA CYS D 180 -56.91 -32.57 -4.30
C CYS D 180 -57.77 -31.70 -5.21
N HIS D 181 -57.50 -31.73 -6.51
CA HIS D 181 -58.12 -30.92 -7.55
C HIS D 181 -59.59 -30.59 -7.33
N ARG D 182 -60.45 -31.60 -7.18
CA ARG D 182 -61.88 -31.31 -7.11
C ARG D 182 -62.25 -30.67 -5.78
N GLN D 183 -61.62 -31.12 -4.69
CA GLN D 183 -61.89 -30.49 -3.39
C GLN D 183 -61.47 -29.03 -3.39
N MET D 184 -60.29 -28.74 -3.96
CA MET D 184 -59.83 -27.36 -4.03
C MET D 184 -60.76 -26.52 -4.89
N ALA D 185 -61.18 -27.04 -6.03
CA ALA D 185 -62.11 -26.31 -6.89
C ALA D 185 -63.42 -26.04 -6.18
N GLU D 186 -63.95 -27.06 -5.48
CA GLU D 186 -65.22 -26.89 -4.79
C GLU D 186 -65.13 -25.85 -3.68
N ILE D 187 -64.05 -25.87 -2.89
CA ILE D 187 -63.94 -24.91 -1.81
C ILE D 187 -63.73 -23.50 -2.37
N ALA D 188 -63.00 -23.37 -3.47
CA ALA D 188 -62.84 -22.06 -4.09
C ALA D 188 -64.17 -21.51 -4.59
N VAL D 189 -64.95 -22.36 -5.27
CA VAL D 189 -66.24 -21.93 -5.78
C VAL D 189 -67.17 -21.52 -4.64
N ASN D 190 -67.22 -22.34 -3.58
CA ASN D 190 -68.08 -22.04 -2.45
C ASN D 190 -67.64 -20.77 -1.76
N ALA D 191 -66.33 -20.56 -1.61
CA ALA D 191 -65.85 -19.35 -0.96
C ALA D 191 -66.21 -18.11 -1.75
N VAL D 192 -66.04 -18.14 -3.08
CA VAL D 192 -66.38 -16.97 -3.88
C VAL D 192 -67.88 -16.73 -3.86
N LEU D 193 -68.68 -17.77 -4.01
CA LEU D 193 -70.13 -17.60 -4.06
C LEU D 193 -70.69 -17.13 -2.73
N THR D 194 -70.13 -17.58 -1.61
CA THR D 194 -70.65 -17.18 -0.31
C THR D 194 -70.48 -15.69 -0.07
N VAL D 195 -69.32 -15.13 -0.42
CA VAL D 195 -69.06 -13.72 -0.22
C VAL D 195 -68.99 -13.00 -1.56
N ALA D 196 -70.11 -12.45 -2.00
CA ALA D 196 -70.18 -11.75 -3.27
C ALA D 196 -71.46 -10.95 -3.34
N ASP D 197 -71.40 -9.78 -3.97
CA ASP D 197 -72.60 -9.00 -4.24
C ASP D 197 -73.16 -9.54 -5.55
N MET D 198 -74.19 -10.38 -5.45
CA MET D 198 -74.54 -11.30 -6.51
C MET D 198 -75.11 -10.64 -7.75
N GLU D 199 -75.52 -9.37 -7.69
CA GLU D 199 -76.08 -8.70 -8.87
C GLU D 199 -74.96 -8.28 -9.82
N ARG D 200 -74.17 -9.28 -10.23
CA ARG D 200 -73.03 -9.11 -11.14
C ARG D 200 -72.03 -8.09 -10.63
N ARG D 201 -72.10 -7.76 -9.35
CA ARG D 201 -71.21 -6.76 -8.76
C ARG D 201 -69.89 -7.42 -8.37
N ASP D 202 -69.08 -6.71 -7.60
CA ASP D 202 -67.73 -7.14 -7.30
C ASP D 202 -67.71 -8.21 -6.21
N VAL D 203 -66.57 -8.88 -6.11
CA VAL D 203 -66.28 -9.83 -5.03
C VAL D 203 -65.12 -9.25 -4.23
N ASP D 204 -65.37 -8.98 -2.94
CA ASP D 204 -64.37 -8.36 -2.08
C ASP D 204 -63.53 -9.45 -1.44
N PHE D 205 -62.24 -9.50 -1.81
CA PHE D 205 -61.35 -10.53 -1.30
C PHE D 205 -60.94 -10.29 0.14
N GLU D 206 -61.22 -9.12 0.70
CA GLU D 206 -60.96 -8.89 2.12
C GLU D 206 -61.89 -9.70 3.00
N LEU D 207 -62.99 -10.20 2.46
CA LEU D 207 -63.89 -11.08 3.18
C LEU D 207 -63.48 -12.54 3.12
N ILE D 208 -62.47 -12.87 2.32
CA ILE D 208 -61.93 -14.23 2.24
C ILE D 208 -60.58 -14.22 2.95
N LYS D 209 -60.47 -15.02 4.00
CA LYS D 209 -59.24 -15.15 4.76
C LYS D 209 -58.57 -16.45 4.41
N VAL D 210 -57.30 -16.38 4.04
CA VAL D 210 -56.50 -17.55 3.66
C VAL D 210 -55.43 -17.74 4.72
N GLU D 211 -55.46 -18.89 5.39
CA GLU D 211 -54.50 -19.23 6.42
C GLU D 211 -53.85 -20.57 6.10
N GLY D 212 -52.60 -20.72 6.53
CA GLY D 212 -51.87 -21.95 6.33
C GLY D 212 -51.10 -22.38 7.56
N LYS D 213 -51.33 -23.59 8.03
CA LYS D 213 -50.62 -24.15 9.16
C LYS D 213 -49.98 -25.47 8.76
N VAL D 214 -48.70 -25.62 9.07
CA VAL D 214 -47.99 -26.85 8.71
C VAL D 214 -48.57 -28.03 9.48
N GLY D 215 -48.26 -29.23 8.99
CA GLY D 215 -48.78 -30.45 9.57
C GLY D 215 -50.05 -30.91 8.88
N GLY D 216 -50.50 -32.09 9.27
CA GLY D 216 -51.67 -32.66 8.62
C GLY D 216 -51.36 -33.06 7.19
N ARG D 217 -52.41 -33.04 6.37
CA ARG D 217 -52.29 -33.40 4.96
C ARG D 217 -52.97 -32.32 4.13
N LEU D 218 -52.58 -32.25 2.85
CA LEU D 218 -53.19 -31.28 1.95
C LEU D 218 -54.68 -31.54 1.79
N GLU D 219 -55.12 -32.79 1.90
CA GLU D 219 -56.53 -33.10 1.81
C GLU D 219 -57.32 -32.57 2.99
N ASP D 220 -56.64 -32.19 4.07
CA ASP D 220 -57.32 -31.64 5.24
C ASP D 220 -57.71 -30.17 5.06
N THR D 221 -57.30 -29.55 3.97
CA THR D 221 -57.72 -28.18 3.68
C THR D 221 -59.24 -28.12 3.58
N LYS D 222 -59.83 -27.15 4.26
CA LYS D 222 -61.28 -27.05 4.34
C LYS D 222 -61.69 -25.58 4.30
N LEU D 223 -62.94 -25.37 3.93
CA LEU D 223 -63.54 -24.03 3.92
C LEU D 223 -64.44 -23.89 5.15
N ILE D 224 -64.11 -22.95 6.02
CA ILE D 224 -64.87 -22.69 7.23
C ILE D 224 -65.75 -21.48 6.98
N LYS D 225 -67.06 -21.66 7.09
CA LYS D 225 -68.01 -20.57 6.91
C LYS D 225 -68.07 -19.71 8.18
N GLY D 226 -66.91 -19.17 8.53
CA GLY D 226 -66.76 -18.35 9.71
C GLY D 226 -65.40 -17.70 9.75
N VAL D 227 -64.80 -17.62 10.93
CA VAL D 227 -63.46 -17.05 11.09
C VAL D 227 -62.64 -17.98 11.97
N ILE D 228 -61.40 -18.23 11.56
CA ILE D 228 -60.43 -18.95 12.38
C ILE D 228 -59.37 -17.96 12.83
N VAL D 229 -59.16 -17.89 14.14
CA VAL D 229 -58.35 -16.85 14.76
C VAL D 229 -57.12 -17.49 15.38
N ASP D 230 -55.96 -16.88 15.14
CA ASP D 230 -54.69 -17.40 15.66
C ASP D 230 -54.48 -16.94 17.11
N LYS D 231 -55.48 -17.20 17.94
CA LYS D 231 -55.45 -16.86 19.35
C LYS D 231 -56.03 -18.02 20.15
N ASP D 232 -56.25 -17.80 21.44
CA ASP D 232 -56.87 -18.78 22.30
C ASP D 232 -57.44 -18.06 23.51
N PHE D 233 -58.17 -18.80 24.33
CA PHE D 233 -58.77 -18.21 25.52
C PHE D 233 -57.68 -17.72 26.47
N SER D 234 -57.96 -16.61 27.16
CA SER D 234 -56.93 -15.93 27.93
C SER D 234 -56.52 -16.73 29.16
N HIS D 235 -57.44 -16.93 30.08
CA HIS D 235 -57.16 -17.76 31.25
C HIS D 235 -57.09 -19.22 30.83
N PRO D 236 -56.08 -19.97 31.31
CA PRO D 236 -55.93 -21.36 30.87
C PRO D 236 -56.97 -22.32 31.43
N GLN D 237 -58.00 -21.84 32.12
CA GLN D 237 -58.96 -22.72 32.77
C GLN D 237 -60.39 -22.52 32.31
N MET D 238 -60.66 -21.62 31.36
CA MET D 238 -62.03 -21.61 30.88
C MET D 238 -62.22 -22.73 29.86
N PRO D 239 -63.45 -23.18 29.66
CA PRO D 239 -63.67 -24.31 28.73
C PRO D 239 -63.22 -23.98 27.32
N LYS D 240 -62.69 -25.01 26.64
CA LYS D 240 -62.22 -24.87 25.27
C LYS D 240 -63.34 -24.93 24.26
N LYS D 241 -64.56 -25.28 24.66
CA LYS D 241 -65.68 -25.46 23.76
C LYS D 241 -66.86 -24.63 24.24
N VAL D 242 -67.40 -23.80 23.35
CA VAL D 242 -68.58 -23.01 23.64
C VAL D 242 -69.58 -23.25 22.51
N GLU D 243 -70.82 -23.58 22.89
CA GLU D 243 -71.89 -23.84 21.94
C GLU D 243 -72.99 -22.81 22.09
N ASP D 244 -73.59 -22.43 20.95
CA ASP D 244 -74.61 -21.39 20.92
C ASP D 244 -74.09 -20.10 21.56
N ALA D 245 -72.84 -19.76 21.26
CA ALA D 245 -72.19 -18.63 21.89
C ALA D 245 -72.82 -17.32 21.43
N LYS D 246 -73.04 -16.42 22.38
CA LYS D 246 -73.49 -15.06 22.10
C LYS D 246 -72.27 -14.15 22.31
N ILE D 247 -71.63 -13.78 21.21
CA ILE D 247 -70.33 -13.14 21.27
C ILE D 247 -70.48 -11.64 21.45
N ALA D 248 -69.72 -11.08 22.38
CA ALA D 248 -69.66 -9.65 22.60
C ALA D 248 -68.32 -9.15 22.07
N ILE D 249 -68.35 -8.43 20.96
CA ILE D 249 -67.14 -7.92 20.33
C ILE D 249 -66.88 -6.52 20.86
N LEU D 250 -65.71 -6.34 21.47
CA LEU D 250 -65.37 -5.09 22.14
C LEU D 250 -63.99 -4.62 21.69
N THR D 251 -63.84 -3.30 21.56
CA THR D 251 -62.57 -2.68 21.24
C THR D 251 -62.05 -1.82 22.39
N CYS D 252 -62.53 -2.07 23.60
CA CYS D 252 -62.07 -1.35 24.78
C CYS D 252 -61.32 -2.31 25.68
N PRO D 253 -60.06 -2.03 26.03
CA PRO D 253 -59.35 -2.92 26.94
C PRO D 253 -60.05 -2.98 28.29
N PHE D 254 -60.07 -4.17 28.89
CA PHE D 254 -60.76 -4.38 30.17
C PHE D 254 -59.90 -3.84 31.31
N GLU D 255 -59.66 -2.54 31.26
CA GLU D 255 -58.84 -1.81 32.20
C GLU D 255 -59.56 -0.57 32.65
N PRO D 256 -59.18 0.02 33.79
CA PRO D 256 -59.80 1.27 34.23
C PRO D 256 -59.64 2.35 33.19
N PRO D 257 -60.64 3.22 33.05
CA PRO D 257 -60.61 4.21 31.96
C PRO D 257 -59.43 5.16 32.08
N LYS D 258 -58.95 5.61 30.92
CA LYS D 258 -57.82 6.54 30.85
C LYS D 258 -58.14 7.65 29.86
N PRO D 259 -58.26 8.89 30.30
CA PRO D 259 -58.46 9.99 29.35
C PRO D 259 -57.29 10.11 28.39
N LYS D 260 -57.61 10.44 27.13
CA LYS D 260 -56.55 10.61 26.14
C LYS D 260 -55.71 11.84 26.44
N THR D 261 -56.34 12.93 26.89
CA THR D 261 -55.61 14.15 27.21
C THR D 261 -54.69 13.93 28.40
N LYS D 262 -53.58 14.65 28.41
CA LYS D 262 -52.63 14.58 29.52
C LYS D 262 -53.34 14.93 30.83
N HIS D 263 -53.48 13.94 31.71
CA HIS D 263 -54.32 14.07 32.90
C HIS D 263 -53.51 13.73 34.14
N LYS D 264 -53.75 14.49 35.20
CA LYS D 264 -53.17 14.21 36.51
C LYS D 264 -54.29 14.11 37.53
N LEU D 265 -54.32 13.01 38.28
CA LEU D 265 -55.29 12.82 39.35
C LEU D 265 -54.57 12.99 40.68
N ASP D 266 -54.87 14.09 41.37
CA ASP D 266 -54.16 14.44 42.59
C ASP D 266 -54.75 13.67 43.76
N VAL D 267 -53.92 12.93 44.48
CA VAL D 267 -54.31 12.25 45.72
C VAL D 267 -53.74 13.06 46.87
N THR D 268 -54.62 13.62 47.69
CA THR D 268 -54.21 14.59 48.70
C THR D 268 -54.44 14.14 50.13
N SER D 269 -55.04 12.97 50.35
CA SER D 269 -55.30 12.49 51.70
C SER D 269 -55.54 10.99 51.66
N VAL D 270 -55.59 10.39 52.84
CA VAL D 270 -55.81 8.95 52.95
C VAL D 270 -57.20 8.59 52.42
N GLU D 271 -58.19 9.45 52.67
CA GLU D 271 -59.53 9.21 52.15
C GLU D 271 -59.52 9.18 50.63
N ASP D 272 -58.71 10.05 50.01
CA ASP D 272 -58.59 10.04 48.55
C ASP D 272 -58.01 8.73 48.06
N TYR D 273 -56.99 8.21 48.76
CA TYR D 273 -56.41 6.93 48.38
C TYR D 273 -57.42 5.79 48.49
N LYS D 274 -58.18 5.77 49.59
CA LYS D 274 -59.19 4.73 49.75
C LYS D 274 -60.26 4.84 48.67
N ALA D 275 -60.68 6.07 48.35
CA ALA D 275 -61.67 6.27 47.30
C ALA D 275 -61.14 5.82 45.94
N LEU D 276 -59.86 6.09 45.65
CA LEU D 276 -59.27 5.65 44.40
C LEU D 276 -59.23 4.13 44.30
N GLN D 277 -58.82 3.46 45.37
CA GLN D 277 -58.79 2.00 45.35
C GLN D 277 -60.19 1.42 45.17
N LYS D 278 -61.17 1.96 45.90
CA LYS D 278 -62.54 1.51 45.74
C LYS D 278 -63.03 1.77 44.32
N TYR D 279 -62.63 2.89 43.72
CA TYR D 279 -63.03 3.20 42.36
C TYR D 279 -62.48 2.16 41.39
N GLU D 280 -61.21 1.79 41.54
CA GLU D 280 -60.62 0.76 40.67
C GLU D 280 -61.39 -0.55 40.80
N LYS D 281 -61.61 -1.00 42.03
CA LYS D 281 -62.30 -2.27 42.24
C LYS D 281 -63.72 -2.23 41.68
N GLU D 282 -64.43 -1.12 41.92
CA GLU D 282 -65.79 -0.98 41.44
C GLU D 282 -65.85 -0.92 39.92
N LYS D 283 -64.86 -0.30 39.28
CA LYS D 283 -64.85 -0.27 37.82
C LYS D 283 -64.65 -1.68 37.25
N PHE D 284 -63.75 -2.46 37.84
CA PHE D 284 -63.59 -3.85 37.39
C PHE D 284 -64.91 -4.60 37.50
N GLU D 285 -65.53 -4.58 38.69
CA GLU D 285 -66.76 -5.33 38.88
C GLU D 285 -67.88 -4.80 37.99
N GLU D 286 -67.96 -3.48 37.82
CA GLU D 286 -69.02 -2.88 37.03
C GLU D 286 -68.91 -3.26 35.57
N MET D 287 -67.70 -3.23 35.01
CA MET D 287 -67.55 -3.62 33.61
C MET D 287 -67.84 -5.10 33.40
N ILE D 288 -67.41 -5.96 34.35
CA ILE D 288 -67.73 -7.37 34.20
C ILE D 288 -69.24 -7.60 34.28
N GLN D 289 -69.91 -6.93 35.22
CA GLN D 289 -71.35 -7.07 35.34
C GLN D 289 -72.06 -6.53 34.10
N GLN D 290 -71.57 -5.43 33.53
CA GLN D 290 -72.18 -4.88 32.32
C GLN D 290 -72.06 -5.87 31.17
N ILE D 291 -70.91 -6.53 31.03
CA ILE D 291 -70.79 -7.56 30.01
C ILE D 291 -71.77 -8.71 30.29
N LYS D 292 -71.89 -9.11 31.55
CA LYS D 292 -72.72 -10.27 31.90
C LYS D 292 -74.21 -9.97 31.70
N GLU D 293 -74.64 -8.73 31.89
CA GLU D 293 -76.06 -8.42 31.88
C GLU D 293 -76.70 -8.66 30.51
N THR D 294 -75.94 -8.49 29.44
CA THR D 294 -76.48 -8.66 28.09
C THR D 294 -76.78 -10.11 27.76
N GLY D 295 -76.37 -11.05 28.59
CA GLY D 295 -76.58 -12.45 28.30
C GLY D 295 -75.53 -13.09 27.42
N ALA D 296 -74.38 -12.43 27.24
CA ALA D 296 -73.33 -12.97 26.40
C ALA D 296 -72.70 -14.20 27.02
N ASN D 297 -72.27 -15.13 26.18
CA ASN D 297 -71.54 -16.31 26.61
C ASN D 297 -70.04 -16.22 26.33
N LEU D 298 -69.62 -15.27 25.50
CA LEU D 298 -68.23 -15.16 25.09
C LEU D 298 -67.90 -13.70 24.88
N ALA D 299 -66.67 -13.33 25.21
CA ALA D 299 -66.19 -11.96 25.06
C ALA D 299 -64.95 -11.96 24.18
N ILE D 300 -64.93 -11.07 23.18
CA ILE D 300 -63.80 -10.93 22.28
C ILE D 300 -63.33 -9.48 22.35
N CYS D 301 -62.11 -9.28 22.84
CA CYS D 301 -61.53 -7.96 22.93
C CYS D 301 -60.56 -7.74 21.79
N GLN D 302 -59.85 -6.61 21.82
CA GLN D 302 -58.88 -6.30 20.78
C GLN D 302 -57.56 -5.87 21.40
N TRP D 303 -57.62 -5.29 22.61
CA TRP D 303 -56.45 -4.68 23.22
C TRP D 303 -55.97 -5.41 24.47
N GLY D 304 -56.49 -6.59 24.74
CA GLY D 304 -56.02 -7.34 25.89
C GLY D 304 -56.49 -6.77 27.22
N PHE D 305 -56.22 -7.48 28.31
CA PHE D 305 -56.68 -7.06 29.62
C PHE D 305 -55.86 -7.72 30.71
N ASP D 306 -56.00 -7.17 31.92
CA ASP D 306 -55.13 -7.48 33.04
C ASP D 306 -55.66 -8.67 33.85
N ASP D 307 -55.08 -8.89 35.03
CA ASP D 307 -55.33 -10.11 35.77
C ASP D 307 -56.71 -10.10 36.43
N GLU D 308 -57.11 -8.97 37.01
CA GLU D 308 -58.41 -8.90 37.69
C GLU D 308 -59.54 -9.15 36.71
N ALA D 309 -59.47 -8.54 35.53
CA ALA D 309 -60.49 -8.77 34.51
C ALA D 309 -60.51 -10.22 34.08
N ASN D 310 -59.34 -10.83 33.91
CA ASN D 310 -59.27 -12.23 33.51
C ASN D 310 -59.93 -13.13 34.54
N HIS D 311 -59.62 -12.92 35.82
CA HIS D 311 -60.18 -13.79 36.84
C HIS D 311 -61.67 -13.55 37.01
N LEU D 312 -62.12 -12.30 36.87
CA LEU D 312 -63.55 -12.04 36.93
C LEU D 312 -64.29 -12.69 35.77
N LEU D 313 -63.69 -12.68 34.57
CA LEU D 313 -64.30 -13.34 33.43
C LEU D 313 -64.38 -14.84 33.65
N LEU D 314 -63.32 -15.43 34.19
CA LEU D 314 -63.34 -16.87 34.48
C LEU D 314 -64.37 -17.18 35.56
N GLN D 315 -64.48 -16.33 36.57
CA GLN D 315 -65.37 -16.61 37.70
C GLN D 315 -66.83 -16.59 37.28
N ASN D 316 -67.20 -15.66 36.41
CA ASN D 316 -68.59 -15.49 36.00
C ASN D 316 -68.95 -16.34 34.78
N ASN D 317 -68.16 -17.36 34.47
CA ASN D 317 -68.41 -18.26 33.35
C ASN D 317 -68.52 -17.49 32.03
N LEU D 318 -67.51 -16.65 31.77
CA LEU D 318 -67.44 -15.86 30.55
C LEU D 318 -66.12 -16.12 29.86
N PRO D 319 -66.06 -17.15 29.00
CA PRO D 319 -64.85 -17.36 28.20
C PRO D 319 -64.54 -16.13 27.37
N ALA D 320 -63.26 -15.79 27.27
CA ALA D 320 -62.85 -14.57 26.58
C ALA D 320 -61.54 -14.79 25.85
N VAL D 321 -61.40 -14.09 24.74
CA VAL D 321 -60.18 -14.07 23.94
C VAL D 321 -59.72 -12.63 23.79
N ARG D 322 -58.44 -12.39 23.97
CA ARG D 322 -57.88 -11.06 24.00
C ARG D 322 -56.90 -10.86 22.84
N TRP D 323 -56.59 -9.58 22.58
CA TRP D 323 -55.60 -9.18 21.60
C TRP D 323 -55.94 -9.69 20.20
N VAL D 324 -57.23 -9.84 19.90
CA VAL D 324 -57.65 -10.18 18.56
C VAL D 324 -57.42 -8.99 17.64
N GLY D 325 -56.82 -9.25 16.49
CA GLY D 325 -56.48 -8.17 15.58
C GLY D 325 -57.70 -7.47 15.02
N GLY D 326 -57.47 -6.27 14.49
CA GLY D 326 -58.52 -5.46 13.93
C GLY D 326 -59.26 -6.11 12.78
N PRO D 327 -58.52 -6.57 11.77
CA PRO D 327 -59.19 -7.32 10.68
C PRO D 327 -59.93 -8.54 11.16
N GLU D 328 -59.37 -9.27 12.12
CA GLU D 328 -60.08 -10.43 12.67
C GLU D 328 -61.33 -10.00 13.42
N ILE D 329 -61.26 -8.87 14.13
CA ILE D 329 -62.43 -8.35 14.81
C ILE D 329 -63.54 -8.03 13.82
N GLU D 330 -63.16 -7.37 12.71
CA GLU D 330 -64.13 -7.04 11.67
C GLU D 330 -64.73 -8.30 11.06
N LEU D 331 -63.89 -9.30 10.78
CA LEU D 331 -64.39 -10.53 10.18
C LEU D 331 -65.33 -11.27 11.13
N ILE D 332 -64.99 -11.30 12.42
CA ILE D 332 -65.86 -11.95 13.40
C ILE D 332 -67.20 -11.22 13.48
N ALA D 333 -67.17 -9.89 13.50
CA ALA D 333 -68.41 -9.13 13.54
C ALA D 333 -69.26 -9.38 12.30
N ILE D 334 -68.62 -9.46 11.14
CA ILE D 334 -69.36 -9.71 9.90
C ILE D 334 -69.98 -11.10 9.93
N ALA D 335 -69.20 -12.11 10.32
CA ALA D 335 -69.68 -13.48 10.28
C ALA D 335 -70.77 -13.73 11.30
N THR D 336 -70.60 -13.25 12.52
CA THR D 336 -71.56 -13.52 13.58
C THR D 336 -72.78 -12.63 13.53
N GLY D 337 -72.80 -11.62 12.66
CA GLY D 337 -73.95 -10.74 12.58
C GLY D 337 -74.12 -9.81 13.76
N GLY D 338 -73.04 -9.53 14.49
CA GLY D 338 -73.08 -8.65 15.64
C GLY D 338 -72.31 -7.37 15.39
N ARG D 339 -72.71 -6.30 16.07
CA ARG D 339 -72.05 -5.02 15.92
C ARG D 339 -70.77 -4.97 16.75
N ILE D 340 -69.94 -3.98 16.47
CA ILE D 340 -68.71 -3.75 17.21
C ILE D 340 -68.97 -2.65 18.22
N VAL D 341 -68.70 -2.93 19.48
CA VAL D 341 -69.03 -2.04 20.59
C VAL D 341 -67.74 -1.42 21.10
N PRO D 342 -67.64 -0.09 21.20
CA PRO D 342 -66.40 0.54 21.64
C PRO D 342 -66.25 0.72 23.13
N ARG D 343 -67.31 0.56 23.92
CA ARG D 343 -67.19 0.64 25.37
C ARG D 343 -68.34 -0.13 26.01
N PHE D 344 -68.14 -0.51 27.28
CA PHE D 344 -69.07 -1.41 27.94
C PHE D 344 -70.45 -0.79 28.08
N SER D 345 -70.52 0.53 28.30
CA SER D 345 -71.80 1.18 28.53
C SER D 345 -72.73 1.08 27.33
N GLU D 346 -72.18 0.90 26.13
CA GLU D 346 -72.99 0.77 24.92
C GLU D 346 -73.34 -0.67 24.59
N LEU D 347 -72.96 -1.62 25.42
CA LEU D 347 -73.19 -3.04 25.15
C LEU D 347 -74.65 -3.37 25.42
N THR D 348 -75.36 -3.86 24.40
CA THR D 348 -76.74 -4.28 24.52
C THR D 348 -76.89 -5.68 23.96
N ALA D 349 -78.05 -6.28 24.21
CA ALA D 349 -78.30 -7.64 23.74
C ALA D 349 -78.32 -7.71 22.22
N GLU D 350 -78.89 -6.68 21.57
CA GLU D 350 -79.02 -6.71 20.12
C GLU D 350 -77.69 -6.60 19.40
N LYS D 351 -76.64 -6.16 20.08
CA LYS D 351 -75.33 -6.00 19.46
C LYS D 351 -74.47 -7.25 19.59
N LEU D 352 -74.98 -8.32 20.17
CA LEU D 352 -74.22 -9.55 20.34
C LEU D 352 -74.33 -10.42 19.10
N GLY D 353 -73.19 -10.84 18.57
CA GLY D 353 -73.19 -11.81 17.50
C GLY D 353 -73.52 -13.20 18.00
N PHE D 354 -73.87 -14.07 17.06
CA PHE D 354 -74.22 -15.45 17.37
C PHE D 354 -73.30 -16.40 16.62
N ALA D 355 -72.87 -17.46 17.30
CA ALA D 355 -72.04 -18.49 16.70
C ALA D 355 -72.46 -19.84 17.25
N GLY D 356 -72.70 -20.80 16.35
CA GLY D 356 -73.14 -22.10 16.78
C GLY D 356 -72.10 -22.84 17.60
N LEU D 357 -70.82 -22.67 17.27
CA LEU D 357 -69.76 -23.37 17.96
C LEU D 357 -68.48 -22.56 17.89
N VAL D 358 -67.82 -22.38 19.03
CA VAL D 358 -66.49 -21.79 19.11
C VAL D 358 -65.59 -22.80 19.83
N GLN D 359 -64.49 -23.16 19.20
CA GLN D 359 -63.64 -24.22 19.72
C GLN D 359 -62.18 -23.83 19.62
N GLU D 360 -61.37 -24.41 20.50
CA GLU D 360 -59.92 -24.24 20.47
C GLU D 360 -59.29 -25.50 19.88
N ILE D 361 -58.46 -25.31 18.85
CA ILE D 361 -57.92 -26.40 18.05
C ILE D 361 -56.45 -26.58 18.38
N SER D 362 -56.06 -27.82 18.65
CA SER D 362 -54.67 -28.20 18.81
C SER D 362 -54.13 -28.79 17.52
N PHE D 363 -52.81 -28.81 17.40
CA PHE D 363 -52.14 -29.23 16.17
C PHE D 363 -51.01 -30.21 16.48
N GLY D 364 -51.30 -31.20 17.31
CA GLY D 364 -50.33 -32.21 17.65
C GLY D 364 -49.37 -31.79 18.74
N THR D 365 -48.10 -32.15 18.58
CA THR D 365 -47.08 -31.85 19.59
C THR D 365 -46.42 -30.51 19.30
N THR D 366 -47.23 -29.46 19.33
CA THR D 366 -46.78 -28.14 18.92
C THR D 366 -47.06 -27.02 19.92
N LYS D 367 -47.93 -27.24 20.91
CA LYS D 367 -48.28 -26.29 21.96
C LYS D 367 -49.04 -25.08 21.44
N ASP D 368 -49.24 -24.97 20.12
CA ASP D 368 -49.92 -23.82 19.55
C ASP D 368 -51.42 -24.09 19.45
N LYS D 369 -52.20 -23.04 19.66
CA LYS D 369 -53.66 -23.13 19.59
C LYS D 369 -54.19 -21.99 18.75
N MET D 370 -55.22 -22.27 17.95
CA MET D 370 -55.95 -21.25 17.23
C MET D 370 -57.44 -21.46 17.42
N LEU D 371 -58.17 -20.35 17.53
CA LEU D 371 -59.60 -20.38 17.81
C LEU D 371 -60.39 -20.33 16.51
N VAL D 372 -61.44 -21.13 16.44
CA VAL D 372 -62.28 -21.23 15.24
C VAL D 372 -63.71 -20.89 15.63
N ILE D 373 -64.35 -20.02 14.86
CA ILE D 373 -65.74 -19.62 15.05
C ILE D 373 -66.50 -20.02 13.80
N GLU D 374 -67.51 -20.88 13.97
CA GLU D 374 -68.23 -21.44 12.83
C GLU D 374 -69.69 -21.60 13.21
N GLN D 375 -70.45 -22.24 12.32
CA GLN D 375 -71.88 -22.51 12.51
C GLN D 375 -72.65 -21.22 12.78
N CYS D 376 -72.34 -20.18 12.02
CA CYS D 376 -73.10 -18.94 12.08
C CYS D 376 -74.42 -19.11 11.34
N LYS D 377 -75.22 -18.04 11.31
CA LYS D 377 -76.51 -18.12 10.62
C LYS D 377 -76.34 -17.88 9.12
N ASN D 378 -75.91 -16.68 8.75
CA ASN D 378 -75.76 -16.29 7.34
C ASN D 378 -74.43 -15.59 7.14
N SER D 379 -73.36 -16.21 7.66
CA SER D 379 -72.04 -15.59 7.67
C SER D 379 -71.63 -15.10 6.30
N ARG D 380 -71.46 -13.78 6.18
CA ARG D 380 -70.99 -13.14 4.96
C ARG D 380 -69.48 -13.03 4.90
N ALA D 381 -68.77 -13.92 5.61
CA ALA D 381 -67.32 -13.94 5.58
C ALA D 381 -66.86 -15.37 5.80
N VAL D 382 -65.90 -15.82 5.00
CA VAL D 382 -65.40 -17.19 5.07
C VAL D 382 -63.89 -17.16 5.18
N THR D 383 -63.34 -18.27 5.64
CA THR D 383 -61.90 -18.45 5.74
C THR D 383 -61.50 -19.80 5.16
N ILE D 384 -60.34 -19.83 4.53
CA ILE D 384 -59.79 -21.04 3.93
C ILE D 384 -58.58 -21.46 4.74
N PHE D 385 -58.64 -22.64 5.34
CA PHE D 385 -57.59 -23.16 6.20
C PHE D 385 -56.82 -24.23 5.42
N ILE D 386 -55.56 -23.95 5.11
CA ILE D 386 -54.74 -24.81 4.29
C ILE D 386 -53.75 -25.57 5.18
N ARG D 387 -53.68 -26.88 5.00
CA ARG D 387 -52.75 -27.73 5.71
C ARG D 387 -51.83 -28.42 4.70
N GLY D 388 -50.62 -28.73 5.14
CA GLY D 388 -49.66 -29.37 4.25
C GLY D 388 -48.52 -29.98 5.02
N GLY D 389 -47.64 -30.66 4.28
CA GLY D 389 -46.48 -31.30 4.86
C GLY D 389 -45.25 -30.43 4.98
N ASN D 390 -45.25 -29.27 4.33
CA ASN D 390 -44.15 -28.31 4.45
C ASN D 390 -44.65 -26.95 3.99
N LYS D 391 -43.92 -25.91 4.37
CA LYS D 391 -44.38 -24.55 4.11
C LYS D 391 -44.36 -24.21 2.62
N MET D 392 -43.49 -24.87 1.84
CA MET D 392 -43.43 -24.60 0.41
C MET D 392 -44.74 -24.95 -0.27
N ILE D 393 -45.26 -26.16 -0.02
CA ILE D 393 -46.52 -26.54 -0.63
C ILE D 393 -47.66 -25.73 -0.06
N ILE D 394 -47.55 -25.24 1.17
CA ILE D 394 -48.60 -24.38 1.72
C ILE D 394 -48.66 -23.06 0.96
N GLU D 395 -47.49 -22.45 0.69
CA GLU D 395 -47.48 -21.22 -0.10
C GLU D 395 -48.00 -21.47 -1.51
N GLU D 396 -47.58 -22.58 -2.12
CA GLU D 396 -48.05 -22.88 -3.47
C GLU D 396 -49.55 -23.10 -3.50
N ALA D 397 -50.09 -23.79 -2.50
CA ALA D 397 -51.54 -23.97 -2.41
C ALA D 397 -52.23 -22.64 -2.18
N LYS D 398 -51.62 -21.74 -1.40
CA LYS D 398 -52.19 -20.42 -1.21
C LYS D 398 -52.35 -19.69 -2.54
N ARG D 399 -51.29 -19.65 -3.34
CA ARG D 399 -51.37 -18.91 -4.59
C ARG D 399 -52.26 -19.62 -5.62
N SER D 400 -52.27 -20.97 -5.61
CA SER D 400 -53.17 -21.69 -6.51
C SER D 400 -54.63 -21.42 -6.15
N LEU D 401 -54.96 -21.44 -4.85
CA LEU D 401 -56.32 -21.13 -4.44
C LEU D 401 -56.67 -19.69 -4.76
N HIS D 402 -55.70 -18.78 -4.65
CA HIS D 402 -55.95 -17.40 -5.05
C HIS D 402 -56.26 -17.32 -6.55
N ASP D 403 -55.54 -18.10 -7.36
CA ASP D 403 -55.83 -18.14 -8.80
C ASP D 403 -57.26 -18.62 -9.05
N ALA D 404 -57.67 -19.68 -8.33
CA ALA D 404 -59.03 -20.19 -8.51
C ALA D 404 -60.07 -19.16 -8.08
N LEU D 405 -59.83 -18.49 -6.95
CA LEU D 405 -60.75 -17.46 -6.49
C LEU D 405 -60.86 -16.33 -7.50
N CYS D 406 -59.73 -15.91 -8.05
CA CYS D 406 -59.76 -14.85 -9.05
C CYS D 406 -60.52 -15.28 -10.31
N VAL D 407 -60.35 -16.53 -10.71
CA VAL D 407 -61.07 -17.02 -11.89
C VAL D 407 -62.58 -17.02 -11.65
N ILE D 408 -63.00 -17.48 -10.47
CA ILE D 408 -64.44 -17.46 -10.18
C ILE D 408 -64.94 -16.03 -10.07
N ARG D 409 -64.11 -15.11 -9.56
CA ARG D 409 -64.47 -13.70 -9.55
C ARG D 409 -64.69 -13.18 -10.96
N ASN D 410 -63.81 -13.55 -11.89
CA ASN D 410 -63.96 -13.13 -13.27
C ASN D 410 -65.23 -13.71 -13.88
N LEU D 411 -65.57 -14.95 -13.51
CA LEU D 411 -66.83 -15.53 -13.95
C LEU D 411 -68.02 -14.74 -13.41
N ILE D 412 -67.91 -14.27 -12.15
CA ILE D 412 -68.95 -13.42 -11.58
C ILE D 412 -69.09 -12.14 -12.39
N ARG D 413 -67.96 -11.51 -12.72
CA ARG D 413 -67.99 -10.27 -13.48
C ARG D 413 -68.54 -10.47 -14.88
N ASP D 414 -68.12 -11.55 -15.55
CA ASP D 414 -68.59 -11.87 -16.89
C ASP D 414 -68.74 -13.38 -17.01
N ASN D 415 -69.88 -13.83 -17.54
CA ASN D 415 -70.24 -15.23 -17.54
C ASN D 415 -69.93 -15.93 -18.86
N ARG D 416 -69.12 -15.33 -19.71
CA ARG D 416 -68.77 -15.92 -21.00
C ARG D 416 -67.44 -16.64 -20.90
N VAL D 417 -67.38 -17.87 -21.40
CA VAL D 417 -66.19 -18.69 -21.34
C VAL D 417 -65.79 -19.11 -22.74
N VAL D 418 -64.50 -19.36 -22.93
CA VAL D 418 -63.95 -19.87 -24.18
C VAL D 418 -63.13 -21.11 -23.86
N TYR D 419 -63.37 -22.18 -24.59
CA TYR D 419 -62.74 -23.46 -24.27
C TYR D 419 -61.24 -23.39 -24.54
N GLY D 420 -60.46 -23.79 -23.55
CA GLY D 420 -59.02 -23.65 -23.61
C GLY D 420 -58.32 -24.85 -24.21
N GLY D 421 -57.18 -25.23 -23.63
CA GLY D 421 -56.40 -26.32 -24.18
C GLY D 421 -55.74 -26.02 -25.50
N GLY D 422 -55.69 -24.75 -25.89
CA GLY D 422 -55.13 -24.36 -27.17
C GLY D 422 -56.15 -24.07 -28.24
N ALA D 423 -57.41 -24.46 -28.04
CA ALA D 423 -58.42 -24.29 -29.07
C ALA D 423 -58.68 -22.81 -29.36
N ALA D 424 -58.74 -21.98 -28.32
CA ALA D 424 -59.13 -20.58 -28.49
C ALA D 424 -58.16 -19.85 -29.40
N GLU D 425 -56.87 -19.91 -29.10
CA GLU D 425 -55.91 -19.16 -29.90
C GLU D 425 -55.64 -19.83 -31.25
N ILE D 426 -55.90 -21.14 -31.38
CA ILE D 426 -55.84 -21.76 -32.69
C ILE D 426 -56.94 -21.19 -33.59
N SER D 427 -58.16 -21.10 -33.07
CA SER D 427 -59.24 -20.50 -33.84
C SER D 427 -58.95 -19.02 -34.12
N CYS D 428 -58.37 -18.32 -33.15
CA CYS D 428 -58.01 -16.92 -33.36
C CYS D 428 -56.99 -16.77 -34.47
N ALA D 429 -55.97 -17.64 -34.49
CA ALA D 429 -54.97 -17.60 -35.55
C ALA D 429 -55.59 -17.91 -36.91
N LEU D 430 -56.53 -18.86 -36.94
CA LEU D 430 -57.22 -19.14 -38.19
C LEU D 430 -58.00 -17.92 -38.68
N ALA D 431 -58.70 -17.24 -37.77
CA ALA D 431 -59.46 -16.05 -38.15
C ALA D 431 -58.53 -14.94 -38.63
N VAL D 432 -57.40 -14.75 -37.96
CA VAL D 432 -56.44 -13.73 -38.36
C VAL D 432 -55.88 -14.05 -39.74
N SER D 433 -55.54 -15.32 -40.00
CA SER D 433 -55.04 -15.70 -41.31
C SER D 433 -56.09 -15.47 -42.39
N GLN D 434 -57.35 -15.79 -42.09
CA GLN D 434 -58.42 -15.53 -43.05
C GLN D 434 -58.56 -14.05 -43.34
N GLU D 435 -58.46 -13.22 -42.30
CA GLU D 435 -58.58 -11.78 -42.51
C GLU D 435 -57.38 -11.21 -43.27
N ALA D 436 -56.20 -11.79 -43.08
CA ALA D 436 -55.01 -11.26 -43.75
C ALA D 436 -55.08 -11.45 -45.25
N ASP D 437 -55.76 -12.49 -45.73
CA ASP D 437 -55.87 -12.71 -47.17
C ASP D 437 -56.63 -11.58 -47.85
N LYS D 438 -57.73 -11.13 -47.24
CA LYS D 438 -58.49 -10.02 -47.80
C LYS D 438 -57.79 -8.68 -47.60
N CYS D 439 -56.88 -8.60 -46.65
CA CYS D 439 -56.17 -7.38 -46.32
C CYS D 439 -55.09 -7.08 -47.35
N PRO D 440 -54.76 -5.79 -47.57
CA PRO D 440 -53.63 -5.44 -48.45
C PRO D 440 -52.34 -6.12 -48.04
N THR D 441 -51.36 -6.11 -48.95
CA THR D 441 -50.19 -6.97 -48.81
C THR D 441 -49.27 -6.51 -47.69
N LEU D 442 -49.10 -5.20 -47.51
CA LEU D 442 -47.97 -4.70 -46.72
C LEU D 442 -48.08 -5.12 -45.26
N GLU D 443 -49.25 -4.94 -44.65
CA GLU D 443 -49.45 -5.37 -43.26
C GLU D 443 -49.95 -6.80 -43.15
N GLN D 444 -50.17 -7.47 -44.29
CA GLN D 444 -50.47 -8.89 -44.27
C GLN D 444 -49.35 -9.68 -43.59
N TYR D 445 -48.10 -9.24 -43.76
CA TYR D 445 -46.99 -9.93 -43.10
C TYR D 445 -47.09 -9.82 -41.59
N ALA D 446 -47.43 -8.64 -41.09
CA ALA D 446 -47.61 -8.47 -39.65
C ALA D 446 -48.77 -9.31 -39.14
N MET D 447 -49.86 -9.37 -39.91
CA MET D 447 -50.99 -10.23 -39.52
C MET D 447 -50.58 -11.70 -39.46
N ARG D 448 -49.83 -12.17 -40.46
CA ARG D 448 -49.37 -13.55 -40.46
C ARG D 448 -48.45 -13.82 -39.27
N ALA D 449 -47.57 -12.86 -38.96
CA ALA D 449 -46.69 -13.02 -37.80
C ALA D 449 -47.49 -13.09 -36.51
N PHE D 450 -48.56 -12.28 -36.40
CA PHE D 450 -49.40 -12.34 -35.21
C PHE D 450 -50.09 -13.69 -35.10
N ALA D 451 -50.55 -14.23 -36.23
CA ALA D 451 -51.16 -15.57 -36.20
C ALA D 451 -50.16 -16.62 -35.76
N ASP D 452 -48.95 -16.57 -36.31
CA ASP D 452 -47.93 -17.55 -35.93
C ASP D 452 -47.53 -17.41 -34.47
N ALA D 453 -47.57 -16.18 -33.93
CA ALA D 453 -47.28 -15.98 -32.52
C ALA D 453 -48.42 -16.50 -31.65
N LEU D 454 -49.67 -16.35 -32.11
CA LEU D 454 -50.78 -16.95 -31.40
C LEU D 454 -50.66 -18.47 -31.36
N GLU D 455 -50.13 -19.06 -32.42
CA GLU D 455 -50.04 -20.51 -32.49
C GLU D 455 -48.89 -21.08 -31.68
N VAL D 456 -48.28 -20.33 -30.76
CA VAL D 456 -47.20 -20.89 -29.96
C VAL D 456 -47.72 -21.56 -28.70
N ILE D 457 -48.86 -21.10 -28.17
CA ILE D 457 -49.41 -21.72 -26.95
C ILE D 457 -49.77 -23.17 -27.16
N PRO D 458 -50.49 -23.57 -28.23
CA PRO D 458 -50.70 -25.01 -28.44
C PRO D 458 -49.41 -25.78 -28.66
N MET D 459 -48.44 -25.17 -29.33
CA MET D 459 -47.16 -25.86 -29.54
C MET D 459 -46.42 -26.06 -28.22
N ALA D 460 -46.44 -25.04 -27.35
CA ALA D 460 -45.82 -25.20 -26.04
C ALA D 460 -46.55 -26.25 -25.21
N LEU D 461 -47.89 -26.27 -25.29
CA LEU D 461 -48.65 -27.27 -24.57
C LEU D 461 -48.29 -28.67 -25.04
N SER D 462 -48.19 -28.87 -26.35
CA SER D 462 -47.81 -30.18 -26.88
C SER D 462 -46.39 -30.56 -26.48
N GLU D 463 -45.46 -29.61 -26.55
CA GLU D 463 -44.08 -29.91 -26.19
C GLU D 463 -43.95 -30.30 -24.72
N ASN D 464 -44.65 -29.58 -23.84
CA ASN D 464 -44.58 -29.92 -22.42
C ASN D 464 -45.18 -31.29 -22.14
N SER D 465 -46.09 -31.76 -22.99
CA SER D 465 -46.71 -33.07 -22.83
C SER D 465 -45.94 -34.17 -23.56
N GLY D 466 -44.80 -33.85 -24.16
CA GLY D 466 -44.00 -34.83 -24.84
C GLY D 466 -44.38 -35.07 -26.29
N MET D 467 -45.57 -34.65 -26.69
CA MET D 467 -46.02 -34.86 -28.06
C MET D 467 -45.25 -33.95 -29.02
N ASN D 468 -45.27 -34.32 -30.29
CA ASN D 468 -44.57 -33.54 -31.30
C ASN D 468 -45.34 -32.24 -31.54
N PRO D 469 -44.71 -31.08 -31.37
CA PRO D 469 -45.47 -29.82 -31.47
C PRO D 469 -46.07 -29.56 -32.84
N ILE D 470 -45.23 -29.56 -33.88
CA ILE D 470 -45.70 -29.12 -35.19
C ILE D 470 -46.76 -30.05 -35.75
N GLN D 471 -46.55 -31.37 -35.63
CA GLN D 471 -47.51 -32.31 -36.19
C GLN D 471 -48.85 -32.22 -35.49
N THR D 472 -48.85 -32.22 -34.16
CA THR D 472 -50.10 -32.15 -33.41
C THR D 472 -50.83 -30.83 -33.68
N MET D 473 -50.10 -29.71 -33.67
CA MET D 473 -50.72 -28.43 -33.91
C MET D 473 -51.33 -28.37 -35.31
N THR D 474 -50.59 -28.87 -36.31
CA THR D 474 -51.09 -28.85 -37.68
C THR D 474 -52.32 -29.72 -37.84
N GLU D 475 -52.31 -30.92 -37.25
CA GLU D 475 -53.47 -31.80 -37.40
C GLU D 475 -54.68 -31.25 -36.65
N VAL D 476 -54.47 -30.62 -35.51
CA VAL D 476 -55.59 -30.01 -34.79
C VAL D 476 -56.16 -28.83 -35.58
N ARG D 477 -55.27 -28.02 -36.18
CA ARG D 477 -55.74 -26.92 -37.02
C ARG D 477 -56.51 -27.43 -38.22
N ALA D 478 -56.03 -28.51 -38.84
CA ALA D 478 -56.73 -29.09 -39.98
C ALA D 478 -58.11 -29.61 -39.57
N ARG D 479 -58.19 -30.27 -38.42
CA ARG D 479 -59.49 -30.72 -37.93
C ARG D 479 -60.42 -29.56 -37.64
N GLN D 480 -59.89 -28.47 -37.07
CA GLN D 480 -60.71 -27.30 -36.81
C GLN D 480 -61.23 -26.69 -38.10
N VAL D 481 -60.41 -26.67 -39.14
CA VAL D 481 -60.85 -26.13 -40.42
C VAL D 481 -61.89 -27.04 -41.08
N LYS D 482 -61.67 -28.36 -41.01
CA LYS D 482 -62.54 -29.29 -41.73
C LYS D 482 -63.97 -29.26 -41.21
N GLU D 483 -64.14 -29.40 -39.90
CA GLU D 483 -65.44 -29.27 -39.25
C GLU D 483 -65.44 -28.05 -38.36
N MET D 484 -66.52 -27.28 -38.42
CA MET D 484 -66.57 -26.00 -37.71
C MET D 484 -66.71 -26.23 -36.22
N ASN D 485 -65.63 -26.70 -35.59
CA ASN D 485 -65.60 -26.99 -34.16
C ASN D 485 -64.37 -26.32 -33.56
N PRO D 486 -64.50 -25.08 -33.12
CA PRO D 486 -63.35 -24.36 -32.53
C PRO D 486 -62.99 -24.79 -31.12
N ALA D 487 -63.52 -25.91 -30.63
CA ALA D 487 -63.22 -26.41 -29.29
C ALA D 487 -62.13 -27.48 -29.31
N LEU D 488 -61.53 -27.75 -30.46
CA LEU D 488 -60.49 -28.78 -30.55
C LEU D 488 -59.15 -28.20 -30.15
N GLY D 489 -58.49 -28.87 -29.20
CA GLY D 489 -57.22 -28.37 -28.69
C GLY D 489 -56.17 -29.45 -28.53
N ILE D 490 -55.13 -29.17 -27.75
CA ILE D 490 -54.02 -30.08 -27.56
C ILE D 490 -54.34 -31.04 -26.41
N ASP D 491 -54.39 -32.33 -26.71
CA ASP D 491 -54.74 -33.35 -25.73
C ASP D 491 -53.56 -33.53 -24.77
N CYS D 492 -53.43 -32.59 -23.83
CA CYS D 492 -52.30 -32.60 -22.93
C CYS D 492 -52.37 -33.78 -21.95
N LEU D 493 -53.57 -34.18 -21.56
CA LEU D 493 -53.73 -35.26 -20.60
C LEU D 493 -53.89 -36.62 -21.26
N HIS D 494 -53.85 -36.68 -22.59
CA HIS D 494 -53.96 -37.95 -23.32
C HIS D 494 -55.25 -38.68 -22.97
N LYS D 495 -56.36 -37.94 -23.02
CA LYS D 495 -57.67 -38.51 -22.72
C LYS D 495 -58.32 -39.17 -23.93
N GLY D 496 -57.64 -39.18 -25.08
CA GLY D 496 -58.13 -39.85 -26.26
C GLY D 496 -58.92 -38.98 -27.21
N THR D 497 -59.31 -37.78 -26.81
CA THR D 497 -60.07 -36.88 -27.66
C THR D 497 -59.49 -35.48 -27.57
N ASN D 498 -59.64 -34.72 -28.65
CA ASN D 498 -59.18 -33.34 -28.72
C ASN D 498 -60.28 -32.34 -28.40
N ASP D 499 -61.48 -32.80 -28.09
CA ASP D 499 -62.61 -31.90 -27.85
C ASP D 499 -62.56 -31.41 -26.41
N MET D 500 -62.17 -30.14 -26.23
CA MET D 500 -62.09 -29.58 -24.89
C MET D 500 -63.47 -29.38 -24.28
N LYS D 501 -64.50 -29.16 -25.10
CA LYS D 501 -65.85 -29.07 -24.57
C LYS D 501 -66.26 -30.38 -23.92
N GLN D 502 -65.93 -31.50 -24.56
CA GLN D 502 -66.19 -32.80 -23.95
C GLN D 502 -65.28 -33.06 -22.77
N GLN D 503 -64.03 -32.60 -22.85
CA GLN D 503 -63.08 -32.75 -21.75
C GLN D 503 -63.32 -31.75 -20.63
N HIS D 504 -64.19 -30.76 -20.83
CA HIS D 504 -64.48 -29.74 -19.84
C HIS D 504 -63.23 -28.95 -19.45
N VAL D 505 -62.51 -28.48 -20.46
CA VAL D 505 -61.40 -27.55 -20.27
C VAL D 505 -61.93 -26.18 -20.65
N ILE D 506 -62.09 -25.31 -19.64
CA ILE D 506 -62.83 -24.07 -19.79
C ILE D 506 -61.97 -22.92 -19.30
N GLU D 507 -61.93 -21.84 -20.08
CA GLU D 507 -61.22 -20.63 -19.72
C GLU D 507 -62.14 -19.43 -19.91
N THR D 508 -62.00 -18.44 -19.02
CA THR D 508 -62.85 -17.25 -19.10
C THR D 508 -62.50 -16.43 -20.33
N LEU D 509 -63.54 -15.91 -20.98
CA LEU D 509 -63.32 -15.08 -22.17
C LEU D 509 -62.57 -13.81 -21.82
N ILE D 510 -62.90 -13.19 -20.69
CA ILE D 510 -62.23 -11.95 -20.30
C ILE D 510 -60.75 -12.19 -20.06
N GLY D 511 -60.39 -13.37 -19.54
CA GLY D 511 -58.98 -13.66 -19.34
C GLY D 511 -58.20 -13.73 -20.65
N LYS D 512 -58.76 -14.42 -21.65
CA LYS D 512 -58.10 -14.50 -22.95
C LYS D 512 -58.02 -13.13 -23.62
N LYS D 513 -59.10 -12.35 -23.54
CA LYS D 513 -59.08 -11.03 -24.13
C LYS D 513 -58.03 -10.14 -23.46
N GLN D 514 -57.93 -10.21 -22.14
CA GLN D 514 -56.92 -9.44 -21.44
C GLN D 514 -55.51 -9.91 -21.82
N GLN D 515 -55.32 -11.22 -21.94
CA GLN D 515 -54.03 -11.73 -22.37
C GLN D 515 -53.62 -11.13 -23.71
N ILE D 516 -54.51 -11.23 -24.69
CA ILE D 516 -54.18 -10.75 -26.04
C ILE D 516 -53.93 -9.25 -26.03
N SER D 517 -54.81 -8.51 -25.35
CA SER D 517 -54.68 -7.05 -25.34
C SER D 517 -53.38 -6.62 -24.67
N LEU D 518 -53.09 -7.14 -23.47
CA LEU D 518 -51.89 -6.74 -22.77
C LEU D 518 -50.63 -7.12 -23.54
N ALA D 519 -50.60 -8.33 -24.12
CA ALA D 519 -49.46 -8.72 -24.91
C ALA D 519 -49.26 -7.79 -26.09
N THR D 520 -50.34 -7.44 -26.79
CA THR D 520 -50.22 -6.57 -27.95
C THR D 520 -49.71 -5.18 -27.56
N GLN D 521 -50.26 -4.60 -26.51
CA GLN D 521 -49.82 -3.26 -26.12
C GLN D 521 -48.37 -3.26 -25.63
N MET D 522 -47.98 -4.28 -24.86
CA MET D 522 -46.59 -4.34 -24.41
C MET D 522 -45.63 -4.55 -25.58
N VAL D 523 -46.02 -5.37 -26.55
CA VAL D 523 -45.16 -5.58 -27.72
C VAL D 523 -45.04 -4.28 -28.51
N ARG D 524 -46.15 -3.54 -28.66
CA ARG D 524 -46.08 -2.26 -29.34
C ARG D 524 -45.17 -1.29 -28.60
N MET D 525 -45.27 -1.25 -27.27
CA MET D 525 -44.45 -0.34 -26.49
C MET D 525 -42.97 -0.68 -26.60
N ILE D 526 -42.65 -1.98 -26.59
CA ILE D 526 -41.25 -2.40 -26.72
C ILE D 526 -40.73 -2.10 -28.12
N LEU D 527 -41.56 -2.32 -29.14
CA LEU D 527 -41.13 -2.08 -30.51
C LEU D 527 -40.85 -0.61 -30.79
N LYS D 528 -41.41 0.30 -30.00
CA LYS D 528 -41.25 1.73 -30.25
C LYS D 528 -40.00 2.31 -29.62
N ILE D 529 -39.25 1.53 -28.84
CA ILE D 529 -38.04 2.01 -28.20
C ILE D 529 -36.86 1.75 -29.12
N ASP D 530 -36.17 2.82 -29.52
CA ASP D 530 -35.00 2.71 -30.37
C ASP D 530 -33.72 3.21 -29.72
N ASP D 531 -33.78 3.77 -28.52
CA ASP D 531 -32.59 4.25 -27.82
C ASP D 531 -32.56 3.69 -26.41
N ILE D 532 -31.34 3.39 -25.97
CA ILE D 532 -31.05 3.05 -24.58
C ILE D 532 -29.93 3.97 -24.12
N ARG D 533 -30.05 4.49 -22.91
CA ARG D 533 -29.07 5.42 -22.36
C ARG D 533 -28.67 5.01 -20.95
N LYS D 534 -28.32 3.74 -20.79
CA LYS D 534 -27.86 3.24 -19.50
C LYS D 534 -26.60 3.99 -19.09
N PRO D 535 -26.44 4.28 -17.79
CA PRO D 535 -25.23 4.94 -17.29
C PRO D 535 -24.02 4.00 -17.31
N GLY E 1 2.60 -17.12 16.04
CA GLY E 1 2.33 -16.53 17.34
C GLY E 1 3.38 -16.88 18.37
N HIS E 2 2.93 -17.45 19.50
CA HIS E 2 3.80 -17.84 20.61
C HIS E 2 4.66 -16.67 21.08
N ARG E 3 3.96 -15.68 21.64
CA ARG E 3 4.62 -14.47 22.11
C ARG E 3 5.62 -14.83 23.20
N PRO E 4 6.76 -14.13 23.27
CA PRO E 4 7.79 -14.50 24.24
C PRO E 4 7.32 -14.30 25.67
N VAL E 5 7.83 -15.14 26.57
CA VAL E 5 7.53 -15.07 27.99
C VAL E 5 8.69 -14.39 28.70
N LEU E 6 8.37 -13.46 29.59
CA LEU E 6 9.40 -12.71 30.29
C LEU E 6 8.81 -12.17 31.59
N VAL E 7 9.71 -11.84 32.53
CA VAL E 7 9.29 -11.53 33.88
C VAL E 7 8.58 -10.18 33.94
N LEU E 8 9.29 -9.12 33.59
CA LEU E 8 8.70 -7.80 33.57
C LEU E 8 8.05 -7.53 32.22
N SER E 9 7.40 -6.38 32.10
CA SER E 9 6.76 -6.02 30.85
C SER E 9 7.81 -5.71 29.80
N GLN E 10 7.33 -5.30 28.62
CA GLN E 10 8.25 -4.84 27.60
C GLN E 10 8.73 -3.43 27.91
N ASN E 11 9.77 -3.01 27.17
CA ASN E 11 10.31 -1.65 27.24
C ASN E 11 10.55 -1.15 28.65
N THR E 12 10.87 -2.06 29.58
CA THR E 12 11.26 -1.67 30.93
C THR E 12 12.79 -1.68 31.05
N LYS E 13 13.39 -0.66 30.45
CA LYS E 13 14.85 -0.55 30.44
C LYS E 13 15.39 -0.39 31.86
N ARG E 14 16.54 -1.01 32.11
CA ARG E 14 17.16 -0.98 33.42
C ARG E 14 18.66 -0.73 33.27
N GLU E 15 19.21 0.06 34.20
CA GLU E 15 20.64 0.35 34.25
C GLU E 15 21.11 0.19 35.69
N SER E 16 22.40 -0.06 35.85
CA SER E 16 22.96 -0.24 37.18
C SER E 16 24.47 -0.06 37.12
N GLY E 17 25.05 0.19 38.29
CA GLY E 17 26.49 0.23 38.44
C GLY E 17 27.06 1.64 38.43
N ARG E 18 28.33 1.72 38.05
CA ARG E 18 29.03 3.00 37.99
C ARG E 18 28.44 3.89 36.89
N LYS E 19 27.86 3.30 35.85
CA LYS E 19 27.30 4.09 34.76
C LYS E 19 26.18 5.00 35.26
N VAL E 20 25.34 4.50 36.16
CA VAL E 20 24.24 5.30 36.68
C VAL E 20 24.76 6.51 37.44
N GLN E 21 25.74 6.29 38.32
CA GLN E 21 26.30 7.39 39.10
C GLN E 21 26.98 8.41 38.20
N SER E 22 27.76 7.94 37.23
CA SER E 22 28.44 8.86 36.32
C SER E 22 27.43 9.66 35.50
N GLY E 23 26.36 9.02 35.03
CA GLY E 23 25.35 9.73 34.28
C GLY E 23 24.62 10.76 35.12
N ASN E 24 24.30 10.41 36.37
CA ASN E 24 23.63 11.37 37.25
C ASN E 24 24.51 12.60 37.49
N ILE E 25 25.79 12.37 37.79
CA ILE E 25 26.68 13.49 38.06
C ILE E 25 26.89 14.32 36.80
N ASN E 26 26.97 13.68 35.64
CA ASN E 26 27.13 14.41 34.38
C ASN E 26 25.89 15.26 34.08
N ALA E 27 24.71 14.71 34.33
CA ALA E 27 23.48 15.48 34.11
C ALA E 27 23.43 16.70 35.04
N ALA E 28 23.80 16.51 36.31
CA ALA E 28 23.83 17.65 37.22
C ALA E 28 24.84 18.70 36.78
N LYS E 29 26.02 18.25 36.33
CA LYS E 29 27.03 19.21 35.86
C LYS E 29 26.57 19.95 34.62
N THR E 30 25.86 19.26 33.72
CA THR E 30 25.32 19.94 32.54
C THR E 30 24.28 20.98 32.93
N ILE E 31 23.40 20.64 33.87
CA ILE E 31 22.44 21.63 34.37
C ILE E 31 23.18 22.84 34.94
N ALA E 32 24.24 22.60 35.70
CA ALA E 32 25.02 23.71 36.25
C ALA E 32 25.63 24.56 35.13
N ASP E 33 26.21 23.90 34.13
CA ASP E 33 26.85 24.60 33.03
C ASP E 33 25.87 25.40 32.20
N ILE E 34 24.59 25.03 32.22
CA ILE E 34 23.59 25.79 31.47
C ILE E 34 23.53 27.23 31.96
N ILE E 35 23.55 27.44 33.27
CA ILE E 35 23.38 28.76 33.87
C ILE E 35 24.63 29.25 34.58
N ARG E 36 25.77 28.58 34.35
CA ARG E 36 27.02 29.02 34.98
C ARG E 36 27.35 30.48 34.67
N THR E 37 27.00 30.97 33.48
CA THR E 37 27.40 32.29 33.05
C THR E 37 26.46 33.40 33.51
N CYS E 38 25.42 33.08 34.27
CA CYS E 38 24.45 34.06 34.74
C CYS E 38 24.65 34.41 36.21
N LEU E 39 25.88 34.47 36.68
CA LEU E 39 26.20 34.74 38.08
C LEU E 39 27.11 35.96 38.17
N GLY E 40 26.78 36.88 39.07
CA GLY E 40 27.60 38.04 39.30
C GLY E 40 27.03 39.30 38.68
N PRO E 41 27.63 40.45 39.01
CA PRO E 41 27.13 41.72 38.45
C PRO E 41 27.33 41.86 36.95
N LYS E 42 28.20 41.06 36.35
CA LYS E 42 28.48 41.13 34.92
C LYS E 42 27.88 39.96 34.17
N SER E 43 26.70 39.51 34.59
CA SER E 43 26.03 38.41 33.93
C SER E 43 25.46 38.86 32.58
N MET E 44 25.30 37.89 31.69
CA MET E 44 24.75 38.12 30.36
C MET E 44 23.35 37.52 30.30
N MET E 45 22.41 38.29 29.78
CA MET E 45 21.03 37.84 29.71
C MET E 45 20.88 36.71 28.68
N LYS E 46 19.84 35.90 28.88
CA LYS E 46 19.56 34.78 28.00
C LYS E 46 18.15 34.89 27.45
N MET E 47 17.98 34.50 26.19
CA MET E 47 16.69 34.57 25.52
C MET E 47 16.07 33.17 25.48
N LEU E 48 14.85 33.05 25.99
CA LEU E 48 14.16 31.78 26.07
C LEU E 48 12.92 31.84 25.20
N LEU E 49 12.73 30.83 24.36
CA LEU E 49 11.60 30.77 23.44
C LEU E 49 10.53 29.86 24.06
N ASP E 50 9.44 30.47 24.48
CA ASP E 50 8.35 29.72 25.07
C ASP E 50 7.72 28.79 24.03
N PRO E 51 7.33 27.57 24.41
CA PRO E 51 6.69 26.68 23.44
C PRO E 51 5.42 27.25 22.83
N MET E 52 4.71 28.13 23.53
CA MET E 52 3.48 28.71 23.02
C MET E 52 3.71 29.96 22.19
N GLY E 53 4.96 30.40 22.04
CA GLY E 53 5.30 31.55 21.23
C GLY E 53 5.88 32.73 21.97
N GLY E 54 5.90 32.72 23.31
CA GLY E 54 6.44 33.83 24.05
C GLY E 54 7.96 33.82 24.07
N ILE E 55 8.53 34.91 24.58
CA ILE E 55 9.96 35.08 24.71
C ILE E 55 10.27 35.53 26.12
N VAL E 56 11.22 34.85 26.76
CA VAL E 56 11.64 35.16 28.12
C VAL E 56 13.09 35.59 28.06
N MET E 57 13.32 36.90 27.93
CA MET E 57 14.67 37.46 27.92
C MET E 57 15.02 37.79 29.36
N THR E 58 15.66 36.82 30.03
CA THR E 58 15.83 36.89 31.47
C THR E 58 17.28 36.63 31.86
N ASN E 59 17.54 36.79 33.16
CA ASN E 59 18.84 36.53 33.75
C ASN E 59 18.76 35.67 35.00
N ASP E 60 17.58 35.54 35.61
CA ASP E 60 17.44 34.73 36.82
C ASP E 60 17.62 33.25 36.50
N GLY E 61 18.29 32.54 37.40
CA GLY E 61 18.55 31.13 37.17
C GLY E 61 17.29 30.27 37.18
N ASN E 62 16.38 30.55 38.11
CA ASN E 62 15.20 29.71 38.26
C ASN E 62 14.30 29.78 37.03
N ALA E 63 14.12 30.98 36.47
CA ALA E 63 13.29 31.11 35.27
C ALA E 63 13.89 30.35 34.10
N ILE E 64 15.20 30.48 33.91
CA ILE E 64 15.87 29.76 32.83
C ILE E 64 15.71 28.26 33.01
N LEU E 65 15.88 27.77 34.24
CA LEU E 65 15.80 26.34 34.48
C LEU E 65 14.38 25.82 34.32
N ARG E 66 13.39 26.62 34.70
CA ARG E 66 12.00 26.19 34.58
C ARG E 66 11.44 26.34 33.18
N GLU E 67 12.10 27.10 32.31
CA GLU E 67 11.64 27.25 30.94
C GLU E 67 12.16 26.17 30.00
N ILE E 68 12.99 25.25 30.49
CA ILE E 68 13.55 24.20 29.65
C ILE E 68 13.01 22.85 30.12
N GLN E 69 13.03 21.89 29.20
CA GLN E 69 12.52 20.55 29.45
C GLN E 69 13.63 19.54 29.30
N VAL E 70 13.71 18.61 30.25
CA VAL E 70 14.75 17.60 30.29
C VAL E 70 14.13 16.23 30.48
N GLN E 71 14.87 15.21 30.06
CA GLN E 71 14.44 13.82 30.22
C GLN E 71 15.17 13.09 31.34
N HIS E 72 16.43 13.42 31.58
CA HIS E 72 17.19 12.73 32.61
C HIS E 72 16.64 13.07 33.99
N PRO E 73 16.34 12.08 34.82
CA PRO E 73 15.77 12.37 36.16
C PRO E 73 16.67 13.22 37.04
N ALA E 74 18.00 13.11 36.91
CA ALA E 74 18.88 13.95 37.71
C ALA E 74 18.70 15.42 37.36
N ALA E 75 18.55 15.72 36.07
CA ALA E 75 18.26 17.10 35.67
C ALA E 75 16.94 17.57 36.24
N LYS E 76 15.94 16.68 36.29
CA LYS E 76 14.67 17.03 36.90
C LYS E 76 14.84 17.36 38.38
N SER E 77 15.66 16.58 39.09
CA SER E 77 15.93 16.88 40.49
C SER E 77 16.61 18.23 40.64
N MET E 78 17.54 18.56 39.73
CA MET E 78 18.19 19.87 39.78
C MET E 78 17.18 20.99 39.57
N ILE E 79 16.27 20.83 38.62
CA ILE E 79 15.23 21.83 38.41
C ILE E 79 14.37 21.98 39.66
N GLU E 80 14.02 20.86 40.29
CA GLU E 80 13.21 20.91 41.48
C GLU E 80 13.90 21.65 42.62
N ILE E 81 15.20 21.40 42.82
CA ILE E 81 15.90 22.12 43.88
C ILE E 81 16.03 23.59 43.55
N SER E 82 16.19 23.94 42.26
CA SER E 82 16.21 25.35 41.90
C SER E 82 14.89 26.02 42.24
N ARG E 83 13.78 25.36 41.93
CA ARG E 83 12.47 25.92 42.29
C ARG E 83 12.30 26.02 43.80
N THR E 84 12.78 25.02 44.54
CA THR E 84 12.71 25.05 46.00
C THR E 84 13.45 26.25 46.56
N GLN E 85 14.69 26.47 46.07
CA GLN E 85 15.46 27.62 46.54
C GLN E 85 14.76 28.93 46.17
N ASP E 86 14.21 29.01 44.96
CA ASP E 86 13.53 30.22 44.54
C ASP E 86 12.32 30.53 45.43
N GLU E 87 11.54 29.50 45.77
CA GLU E 87 10.33 29.73 46.56
C GLU E 87 10.66 30.00 48.02
N GLU E 88 11.66 29.29 48.57
CA GLU E 88 11.91 29.37 50.01
C GLU E 88 12.39 30.75 50.43
N VAL E 89 13.41 31.27 49.76
CA VAL E 89 14.04 32.51 50.21
C VAL E 89 13.83 33.62 49.19
N GLY E 90 13.70 33.28 47.92
CA GLY E 90 13.42 34.27 46.91
C GLY E 90 14.48 34.44 45.85
N ASP E 91 15.75 34.39 46.25
CA ASP E 91 16.84 34.51 45.30
C ASP E 91 17.92 33.51 45.70
N GLY E 92 19.10 33.64 45.09
CA GLY E 92 20.12 32.62 45.24
C GLY E 92 19.88 31.37 44.43
N THR E 93 19.07 31.46 43.37
CA THR E 93 18.68 30.27 42.63
C THR E 93 19.78 29.75 41.74
N THR E 94 20.58 30.64 41.14
CA THR E 94 21.64 30.17 40.27
C THR E 94 22.92 29.81 41.04
N SER E 95 23.04 30.23 42.29
CA SER E 95 24.19 29.83 43.09
C SER E 95 24.05 28.40 43.59
N VAL E 96 22.85 28.00 43.99
CA VAL E 96 22.66 26.67 44.55
C VAL E 96 22.89 25.59 43.50
N ILE E 97 22.49 25.86 42.25
CA ILE E 97 22.71 24.89 41.18
C ILE E 97 24.19 24.67 40.96
N ILE E 98 24.95 25.76 40.91
CA ILE E 98 26.40 25.65 40.71
C ILE E 98 27.04 24.92 41.87
N LEU E 99 26.62 25.24 43.10
CA LEU E 99 27.20 24.58 44.27
C LEU E 99 26.91 23.09 44.27
N ALA E 100 25.66 22.70 43.96
CA ALA E 100 25.33 21.28 43.92
C ALA E 100 26.11 20.56 42.82
N GLY E 101 26.23 21.18 41.65
CA GLY E 101 27.00 20.56 40.59
C GLY E 101 28.45 20.36 40.97
N GLU E 102 29.06 21.37 41.62
CA GLU E 102 30.45 21.23 42.02
C GLU E 102 30.62 20.16 43.09
N MET E 103 29.68 20.09 44.04
CA MET E 103 29.77 19.06 45.08
C MET E 103 29.65 17.66 44.49
N LEU E 104 28.73 17.47 43.53
CA LEU E 104 28.64 16.18 42.88
C LEU E 104 29.89 15.87 42.07
N SER E 105 30.46 16.89 41.41
CA SER E 105 31.68 16.68 40.65
C SER E 105 32.82 16.22 41.54
N VAL E 106 32.97 16.83 42.71
CA VAL E 106 34.04 16.40 43.61
C VAL E 106 33.71 15.09 44.33
N ALA E 107 32.43 14.71 44.40
CA ALA E 107 32.09 13.40 44.94
C ALA E 107 32.38 12.27 43.96
N GLU E 108 32.28 12.55 42.65
CA GLU E 108 32.59 11.53 41.66
C GLU E 108 34.01 11.01 41.82
N HIS E 109 34.95 11.88 42.18
CA HIS E 109 36.33 11.47 42.37
C HIS E 109 36.45 10.34 43.40
N PHE E 110 35.81 10.52 44.56
CA PHE E 110 35.84 9.46 45.56
C PHE E 110 35.01 8.26 45.15
N LEU E 111 33.95 8.49 44.38
CA LEU E 111 33.14 7.37 43.91
C LEU E 111 33.98 6.42 43.05
N GLU E 112 34.86 6.98 42.22
CA GLU E 112 35.72 6.15 41.37
C GLU E 112 36.85 5.47 42.14
N GLN E 113 37.06 5.82 43.41
CA GLN E 113 38.20 5.32 44.18
C GLN E 113 37.75 4.36 45.29
N GLN E 114 36.79 3.49 44.97
CA GLN E 114 36.36 2.41 45.88
C GLN E 114 35.83 2.94 47.21
N MET E 115 35.25 4.13 47.20
CA MET E 115 34.64 4.71 48.39
C MET E 115 33.14 4.57 48.27
N HIS E 116 32.51 3.96 49.27
CA HIS E 116 31.07 3.77 49.23
C HIS E 116 30.37 5.11 49.39
N PRO E 117 29.25 5.33 48.70
CA PRO E 117 28.57 6.64 48.78
C PRO E 117 28.11 7.01 50.18
N THR E 118 27.86 6.04 51.05
CA THR E 118 27.40 6.37 52.40
C THR E 118 28.46 7.13 53.18
N VAL E 119 29.74 6.76 53.02
CA VAL E 119 30.81 7.50 53.67
C VAL E 119 30.87 8.93 53.17
N VAL E 120 30.74 9.10 51.85
CA VAL E 120 30.74 10.44 51.27
C VAL E 120 29.56 11.25 51.80
N ILE E 121 28.40 10.62 51.95
CA ILE E 121 27.22 11.32 52.43
C ILE E 121 27.40 11.74 53.89
N SER E 122 27.99 10.87 54.71
CA SER E 122 28.26 11.23 56.10
C SER E 122 29.21 12.42 56.18
N ALA E 123 30.26 12.40 55.35
CA ALA E 123 31.19 13.53 55.31
C ALA E 123 30.48 14.79 54.85
N TYR E 124 29.58 14.67 53.87
CA TYR E 124 28.83 15.84 53.40
C TYR E 124 27.96 16.42 54.51
N ARG E 125 27.32 15.56 55.29
CA ARG E 125 26.47 16.06 56.37
C ARG E 125 27.30 16.74 57.46
N LYS E 126 28.45 16.16 57.81
CA LYS E 126 29.34 16.82 58.76
C LYS E 126 29.77 18.18 58.24
N ALA E 127 30.15 18.23 56.96
CA ALA E 127 30.55 19.50 56.36
C ALA E 127 29.42 20.51 56.38
N LEU E 128 28.19 20.07 56.09
CA LEU E 128 27.06 20.98 56.10
C LEU E 128 26.82 21.57 57.48
N ASP E 129 26.88 20.73 58.52
CA ASP E 129 26.72 21.25 59.88
C ASP E 129 27.80 22.27 60.20
N ASP E 130 29.04 21.98 59.82
CA ASP E 130 30.11 22.94 60.10
C ASP E 130 29.96 24.23 59.30
N MET E 131 29.46 24.14 58.06
CA MET E 131 29.18 25.37 57.31
C MET E 131 28.11 26.20 58.00
N ILE E 132 27.06 25.55 58.50
CA ILE E 132 26.02 26.30 59.21
C ILE E 132 26.61 27.00 60.41
N SER E 133 27.43 26.29 61.18
CA SER E 133 28.04 26.89 62.37
C SER E 133 28.94 28.07 62.00
N THR E 134 29.77 27.91 60.96
CA THR E 134 30.67 28.98 60.57
C THR E 134 29.90 30.20 60.06
N LEU E 135 28.86 29.97 59.26
CA LEU E 135 28.06 31.07 58.75
C LEU E 135 27.40 31.84 59.88
N LYS E 136 26.84 31.12 60.85
CA LYS E 136 26.26 31.81 62.00
C LYS E 136 27.32 32.52 62.82
N LYS E 137 28.56 32.04 62.79
CA LYS E 137 29.63 32.69 63.54
C LYS E 137 30.05 34.00 62.90
N ILE E 138 30.18 34.03 61.57
CA ILE E 138 30.74 35.20 60.89
C ILE E 138 29.68 36.23 60.51
N SER E 139 28.43 36.01 60.88
CA SER E 139 27.38 36.96 60.53
C SER E 139 27.48 38.23 61.36
N ILE E 140 26.78 39.27 60.91
CA ILE E 140 26.73 40.54 61.63
C ILE E 140 25.28 40.98 61.76
N PRO E 141 24.93 41.72 62.81
CA PRO E 141 23.53 42.14 62.99
C PRO E 141 23.21 43.40 62.20
N VAL E 142 21.91 43.61 62.00
CA VAL E 142 21.38 44.77 61.30
C VAL E 142 20.17 45.29 62.06
N ASP E 143 20.10 46.61 62.24
CA ASP E 143 18.92 47.25 62.80
C ASP E 143 17.99 47.65 61.68
N ILE E 144 16.79 47.05 61.64
CA ILE E 144 15.85 47.28 60.56
C ILE E 144 15.29 48.69 60.56
N SER E 145 15.46 49.45 61.64
CA SER E 145 14.98 50.82 61.67
C SER E 145 15.71 51.68 60.65
N ASP E 146 17.02 51.48 60.50
CA ASP E 146 17.82 52.27 59.58
C ASP E 146 17.41 51.98 58.15
N SER E 147 16.87 52.98 57.46
CA SER E 147 16.45 52.79 56.07
C SER E 147 17.65 52.71 55.13
N ASP E 148 18.73 53.43 55.44
CA ASP E 148 19.89 53.42 54.56
C ASP E 148 20.49 52.01 54.44
N MET E 149 20.62 51.31 55.57
CA MET E 149 21.20 49.97 55.52
C MET E 149 20.28 49.01 54.77
N MET E 150 18.97 49.14 54.95
CA MET E 150 18.03 48.29 54.21
C MET E 150 18.13 48.54 52.71
N LEU E 151 18.21 49.81 52.31
CA LEU E 151 18.37 50.13 50.90
C LEU E 151 19.67 49.59 50.36
N ASN E 152 20.75 49.66 51.15
CA ASN E 152 22.02 49.11 50.72
C ASN E 152 21.94 47.60 50.54
N ILE E 153 21.23 46.91 51.43
CA ILE E 153 21.05 45.47 51.29
C ILE E 153 20.31 45.13 50.01
N ILE E 154 19.21 45.86 49.75
CA ILE E 154 18.44 45.60 48.54
C ILE E 154 19.28 45.88 47.30
N ASN E 155 20.07 46.95 47.33
CA ASN E 155 20.93 47.27 46.20
C ASN E 155 21.95 46.18 45.96
N SER E 156 22.60 45.70 47.03
CA SER E 156 23.53 44.58 46.88
C SER E 156 22.83 43.35 46.34
N SER E 157 21.54 43.21 46.62
CA SER E 157 20.79 42.09 46.05
C SER E 157 20.50 42.27 44.57
N ILE E 158 20.32 43.51 44.11
CA ILE E 158 19.85 43.76 42.75
C ILE E 158 20.92 44.34 41.86
N THR E 159 22.17 44.40 42.31
CA THR E 159 23.24 44.86 41.42
C THR E 159 23.51 43.87 40.28
N THR E 160 23.11 42.62 40.44
CA THR E 160 23.36 41.59 39.45
C THR E 160 22.25 41.45 38.43
N LYS E 161 21.21 42.29 38.49
CA LYS E 161 20.06 42.20 37.62
C LYS E 161 20.07 43.35 36.61
N ALA E 162 19.11 43.29 35.69
CA ALA E 162 18.98 44.34 34.68
C ALA E 162 18.56 45.66 35.31
N ILE E 163 17.88 45.61 36.45
CA ILE E 163 17.40 46.83 37.11
C ILE E 163 18.50 47.58 37.85
N SER E 164 19.74 47.10 37.79
CA SER E 164 20.84 47.77 38.48
C SER E 164 21.02 49.20 38.01
N ARG E 165 20.58 49.53 36.79
CA ARG E 165 20.72 50.90 36.31
C ARG E 165 19.85 51.85 37.10
N TRP E 166 18.62 51.45 37.41
CA TRP E 166 17.70 52.23 38.24
C TRP E 166 17.63 51.70 39.66
N SER E 167 18.66 50.99 40.09
CA SER E 167 18.80 50.44 41.44
C SER E 167 18.24 51.31 42.56
N SER E 168 18.50 52.62 42.54
CA SER E 168 17.98 53.47 43.62
C SER E 168 16.46 53.46 43.65
N LEU E 169 15.84 53.72 42.50
CA LEU E 169 14.38 53.72 42.43
C LEU E 169 13.82 52.33 42.74
N ALA E 170 14.47 51.29 42.23
CA ALA E 170 14.00 49.93 42.48
C ALA E 170 14.05 49.59 43.97
N CYS E 171 15.15 49.97 44.64
CA CYS E 171 15.28 49.72 46.07
C CYS E 171 14.23 50.48 46.86
N ASN E 172 13.99 51.74 46.50
CA ASN E 172 12.97 52.51 47.20
C ASN E 172 11.59 51.86 47.01
N ILE E 173 11.28 51.44 45.78
CA ILE E 173 9.99 50.82 45.52
C ILE E 173 9.83 49.54 46.33
N ALA E 174 10.84 48.67 46.30
CA ALA E 174 10.76 47.40 47.00
C ALA E 174 10.64 47.60 48.50
N LEU E 175 11.45 48.50 49.06
CA LEU E 175 11.40 48.75 50.49
C LEU E 175 10.06 49.30 50.92
N ASP E 176 9.54 50.29 50.17
CA ASP E 176 8.24 50.86 50.52
C ASP E 176 7.15 49.82 50.43
N ALA E 177 7.16 49.00 49.37
CA ALA E 177 6.13 47.96 49.23
C ALA E 177 6.18 46.97 50.37
N VAL E 178 7.39 46.51 50.74
CA VAL E 178 7.50 45.51 51.80
C VAL E 178 7.07 46.10 53.14
N LYS E 179 7.53 47.32 53.45
CA LYS E 179 7.14 47.93 54.72
C LYS E 179 5.65 48.21 54.77
N MET E 180 5.03 48.52 53.62
CA MET E 180 3.60 48.77 53.60
C MET E 180 2.81 47.47 53.78
N VAL E 181 3.26 46.39 53.15
CA VAL E 181 2.53 45.12 53.24
C VAL E 181 2.58 44.56 54.65
N GLN E 182 3.64 44.84 55.40
CA GLN E 182 3.83 44.24 56.72
C GLN E 182 2.62 44.50 57.61
N PHE E 183 2.15 43.44 58.27
CA PHE E 183 0.89 43.47 58.98
C PHE E 183 0.98 42.56 60.20
N GLU E 184 0.14 42.85 61.20
CA GLU E 184 0.13 42.07 62.43
C GLU E 184 -1.26 42.08 63.03
N GLU E 185 -1.77 40.90 63.38
CA GLU E 185 -3.08 40.77 63.99
C GLU E 185 -3.08 39.53 64.89
N ASN E 186 -3.75 39.65 66.03
CA ASN E 186 -3.89 38.55 66.99
C ASN E 186 -2.53 38.03 67.46
N GLY E 187 -1.52 38.91 67.46
CA GLY E 187 -0.19 38.50 67.85
C GLY E 187 0.58 37.72 66.81
N ARG E 188 0.09 37.69 65.57
CA ARG E 188 0.74 36.95 64.49
C ARG E 188 1.22 37.94 63.45
N LYS E 189 2.54 38.16 63.41
CA LYS E 189 3.11 39.02 62.38
C LYS E 189 2.98 38.37 61.01
N GLU E 190 2.81 39.19 59.99
CA GLU E 190 2.55 38.69 58.64
C GLU E 190 3.13 39.64 57.62
N ILE E 191 3.91 39.09 56.68
CA ILE E 191 4.39 39.84 55.51
C ILE E 191 4.02 38.99 54.30
N ASP E 192 2.85 39.25 53.72
CA ASP E 192 2.36 38.49 52.58
C ASP E 192 2.45 39.38 51.34
N ILE E 193 3.62 39.35 50.70
CA ILE E 193 3.83 40.16 49.52
C ILE E 193 3.31 39.49 48.25
N LYS E 194 3.05 38.19 48.29
CA LYS E 194 2.54 37.51 47.11
C LYS E 194 1.06 37.78 46.87
N LYS E 195 0.34 38.24 47.87
CA LYS E 195 -1.08 38.54 47.75
C LYS E 195 -1.40 40.02 47.85
N TYR E 196 -0.71 40.77 48.69
CA TYR E 196 -1.04 42.16 48.96
C TYR E 196 0.03 43.12 48.43
N ALA E 197 0.90 42.66 47.54
CA ALA E 197 1.86 43.51 46.85
C ALA E 197 1.79 43.13 45.37
N ARG E 198 0.89 43.77 44.64
CA ARG E 198 0.63 43.42 43.26
C ARG E 198 1.44 44.29 42.33
N VAL E 199 1.97 43.68 41.28
CA VAL E 199 2.75 44.37 40.26
C VAL E 199 1.91 44.42 38.99
N GLU E 200 1.55 45.62 38.56
CA GLU E 200 0.77 45.82 37.34
C GLU E 200 1.68 46.46 36.30
N LYS E 201 1.82 45.80 35.15
CA LYS E 201 2.73 46.24 34.10
C LYS E 201 1.92 46.86 32.96
N ILE E 202 2.15 48.14 32.70
CA ILE E 202 1.54 48.85 31.59
C ILE E 202 2.65 49.28 30.64
N PRO E 203 2.83 48.58 29.53
CA PRO E 203 3.93 48.90 28.62
C PRO E 203 3.82 50.32 28.08
N GLY E 204 4.97 50.96 27.91
CA GLY E 204 5.05 52.33 27.45
C GLY E 204 5.60 53.25 28.53
N GLY E 205 5.70 54.52 28.18
CA GLY E 205 6.27 55.47 29.10
C GLY E 205 7.75 55.21 29.32
N ILE E 206 8.24 55.65 30.47
CA ILE E 206 9.62 55.46 30.87
C ILE E 206 9.65 54.79 32.23
N ILE E 207 10.64 53.92 32.42
CA ILE E 207 10.75 53.18 33.68
C ILE E 207 11.01 54.11 34.85
N GLU E 208 11.61 55.28 34.62
CA GLU E 208 11.81 56.24 35.69
C GLU E 208 10.49 56.74 36.26
N ASP E 209 9.39 56.58 35.53
CA ASP E 209 8.08 56.98 36.01
C ASP E 209 7.36 55.89 36.80
N SER E 210 7.92 54.69 36.85
CA SER E 210 7.32 53.62 37.64
C SER E 210 7.41 53.94 39.12
N CYS E 211 6.34 53.65 39.85
CA CYS E 211 6.27 54.00 41.26
C CYS E 211 5.37 53.02 41.99
N VAL E 212 5.53 52.97 43.31
CA VAL E 212 4.66 52.19 44.18
C VAL E 212 3.55 53.10 44.68
N LEU E 213 2.31 52.64 44.56
CA LEU E 213 1.15 53.45 44.90
C LEU E 213 0.75 53.25 46.35
N ARG E 214 0.29 54.34 46.97
CA ARG E 214 -0.27 54.25 48.32
C ARG E 214 -1.72 53.80 48.23
N GLY E 215 -1.96 52.69 47.54
CA GLY E 215 -3.30 52.21 47.30
C GLY E 215 -3.28 51.08 46.29
N VAL E 216 -4.32 50.97 45.47
CA VAL E 216 -4.41 49.93 44.45
C VAL E 216 -4.86 50.55 43.14
N MET E 217 -4.54 49.86 42.05
CA MET E 217 -4.98 50.25 40.72
C MET E 217 -5.48 49.02 39.99
N ILE E 218 -6.67 49.12 39.39
CA ILE E 218 -7.27 48.00 38.67
C ILE E 218 -7.73 48.47 37.31
N ASN E 219 -7.77 47.54 36.36
CA ASN E 219 -8.18 47.84 34.99
C ASN E 219 -9.71 47.77 34.89
N LYS E 220 -10.36 48.75 35.49
CA LYS E 220 -11.81 48.80 35.54
C LYS E 220 -12.28 50.22 35.31
N ASP E 221 -13.54 50.34 34.89
CA ASP E 221 -14.17 51.61 34.58
C ASP E 221 -15.55 51.65 35.23
N VAL E 222 -16.11 52.86 35.30
CA VAL E 222 -17.47 53.01 35.84
C VAL E 222 -18.45 52.26 34.97
N THR E 223 -19.48 51.68 35.60
CA THR E 223 -20.50 50.98 34.84
C THR E 223 -21.29 51.95 33.96
N HIS E 224 -21.62 53.12 34.49
CA HIS E 224 -22.36 54.12 33.75
C HIS E 224 -21.54 55.39 33.61
N PRO E 225 -21.54 56.04 32.44
CA PRO E 225 -20.71 57.23 32.26
C PRO E 225 -21.08 58.39 33.17
N ARG E 226 -22.32 58.47 33.65
CA ARG E 226 -22.72 59.60 34.48
C ARG E 226 -22.07 59.57 35.85
N MET E 227 -21.53 58.42 36.28
CA MET E 227 -20.89 58.34 37.58
C MET E 227 -19.63 59.20 37.62
N ARG E 228 -19.34 59.72 38.80
CA ARG E 228 -18.16 60.55 38.98
C ARG E 228 -16.89 59.73 38.79
N ARG E 229 -15.94 60.26 38.04
CA ARG E 229 -14.64 59.63 37.85
C ARG E 229 -13.57 60.19 38.77
N TYR E 230 -13.93 61.10 39.68
CA TYR E 230 -12.94 61.74 40.56
C TYR E 230 -13.65 62.13 41.85
N ILE E 231 -13.40 61.38 42.91
CA ILE E 231 -13.95 61.66 44.23
C ILE E 231 -12.79 61.89 45.18
N LYS E 232 -12.84 62.98 45.94
CA LYS E 232 -11.70 63.37 46.76
C LYS E 232 -11.53 62.42 47.94
N ASN E 233 -12.53 62.33 48.81
CA ASN E 233 -12.47 61.49 50.01
C ASN E 233 -13.64 60.52 49.98
N PRO E 234 -13.49 59.37 49.32
CA PRO E 234 -14.62 58.46 49.15
C PRO E 234 -14.79 57.49 50.30
N ARG E 235 -16.04 57.11 50.52
CA ARG E 235 -16.40 56.05 51.46
C ARG E 235 -16.75 54.81 50.64
N ILE E 236 -15.95 53.75 50.81
CA ILE E 236 -15.99 52.60 49.93
C ILE E 236 -16.78 51.48 50.59
N VAL E 237 -17.67 50.85 49.82
CA VAL E 237 -18.40 49.66 50.24
C VAL E 237 -18.04 48.55 49.27
N LEU E 238 -17.53 47.45 49.80
CA LEU E 238 -17.09 46.31 48.99
C LEU E 238 -18.10 45.19 49.10
N LEU E 239 -18.47 44.62 47.95
CA LEU E 239 -19.41 43.50 47.91
C LEU E 239 -18.82 42.39 47.07
N ASP E 240 -19.21 41.15 47.40
CA ASP E 240 -18.86 39.99 46.61
C ASP E 240 -20.10 39.24 46.13
N SER E 241 -21.25 39.92 46.10
CA SER E 241 -22.51 39.32 45.70
C SER E 241 -23.18 40.21 44.67
N SER E 242 -23.88 39.59 43.72
CA SER E 242 -24.50 40.31 42.63
C SER E 242 -25.54 41.30 43.16
N LEU E 243 -25.64 42.44 42.49
CA LEU E 243 -26.70 43.41 42.72
C LEU E 243 -27.84 43.25 41.72
N GLU E 244 -28.06 42.02 41.26
CA GLU E 244 -29.06 41.69 40.25
C GLU E 244 -30.18 40.90 40.89
N TYR E 245 -31.17 40.55 40.09
CA TYR E 245 -32.23 39.63 40.49
C TYR E 245 -31.95 38.27 39.85
N LYS E 246 -31.73 37.26 40.69
CA LYS E 246 -31.32 35.95 40.24
C LYS E 246 -32.28 34.88 40.75
N LYS E 247 -32.21 33.71 40.12
CA LYS E 247 -33.04 32.59 40.52
C LYS E 247 -32.52 31.95 41.80
N GLY E 248 -33.44 31.40 42.58
CA GLY E 248 -33.05 30.66 43.77
C GLY E 248 -32.59 29.26 43.45
N GLU E 249 -32.02 28.61 44.46
CA GLU E 249 -31.55 27.24 44.27
C GLU E 249 -32.69 26.23 44.23
N SER E 250 -33.74 26.47 45.01
CA SER E 250 -34.91 25.60 44.95
C SER E 250 -35.56 25.68 43.58
N GLN E 251 -36.08 24.55 43.11
CA GLN E 251 -36.72 24.50 41.79
C GLN E 251 -38.09 25.16 41.86
N THR E 252 -38.05 26.50 41.94
CA THR E 252 -39.27 27.28 42.03
C THR E 252 -40.01 27.28 40.70
N ASP E 253 -41.31 27.55 40.78
CA ASP E 253 -42.14 27.63 39.59
C ASP E 253 -43.40 28.41 39.95
N ILE E 254 -43.91 29.17 38.97
CA ILE E 254 -45.08 30.00 39.18
C ILE E 254 -46.21 29.45 38.31
N GLU E 255 -47.45 29.82 38.66
CA GLU E 255 -48.63 29.44 37.89
C GLU E 255 -49.54 30.66 37.84
N ILE E 256 -49.52 31.36 36.71
CA ILE E 256 -50.26 32.60 36.55
C ILE E 256 -51.62 32.31 35.97
N THR E 257 -52.67 32.69 36.71
CA THR E 257 -54.04 32.59 36.23
C THR E 257 -54.78 33.93 36.23
N ARG E 258 -54.19 34.97 36.82
CA ARG E 258 -54.79 36.30 36.85
C ARG E 258 -54.06 37.21 35.88
N GLU E 259 -54.76 38.27 35.45
CA GLU E 259 -54.20 39.18 34.46
C GLU E 259 -53.03 39.97 35.01
N GLU E 260 -53.13 40.43 36.26
CA GLU E 260 -52.16 41.36 36.81
C GLU E 260 -50.95 40.68 37.44
N ASP E 261 -50.92 39.35 37.48
CA ASP E 261 -49.84 38.66 38.20
C ASP E 261 -48.50 38.82 37.48
N PHE E 262 -48.50 38.85 36.15
CA PHE E 262 -47.25 39.01 35.41
C PHE E 262 -46.60 40.36 35.70
N THR E 263 -47.37 41.44 35.55
CA THR E 263 -46.85 42.76 35.85
C THR E 263 -46.50 42.88 37.32
N ARG E 264 -47.27 42.24 38.19
CA ARG E 264 -46.95 42.27 39.62
C ARG E 264 -45.60 41.62 39.89
N ILE E 265 -45.31 40.50 39.24
CA ILE E 265 -44.03 39.83 39.43
C ILE E 265 -42.89 40.69 38.93
N LEU E 266 -43.05 41.30 37.75
CA LEU E 266 -41.99 42.17 37.23
C LEU E 266 -41.75 43.37 38.14
N GLN E 267 -42.83 43.97 38.65
CA GLN E 267 -42.69 45.08 39.57
C GLN E 267 -42.05 44.63 40.88
N MET E 268 -42.31 43.40 41.33
CA MET E 268 -41.65 42.90 42.53
C MET E 268 -40.15 42.72 42.29
N GLU E 269 -39.76 42.29 41.09
CA GLU E 269 -38.33 42.22 40.78
C GLU E 269 -37.70 43.60 40.87
N GLU E 270 -38.34 44.59 40.25
CA GLU E 270 -37.81 45.96 40.31
C GLU E 270 -37.76 46.46 41.75
N GLU E 271 -38.77 46.14 42.55
CA GLU E 271 -38.81 46.58 43.93
C GLU E 271 -37.71 45.91 44.76
N TYR E 272 -37.41 44.65 44.48
CA TYR E 272 -36.31 43.98 45.17
C TYR E 272 -34.98 44.65 44.84
N ILE E 273 -34.77 45.00 43.57
CA ILE E 273 -33.55 45.71 43.19
C ILE E 273 -33.48 47.05 43.92
N GLN E 274 -34.60 47.78 43.96
CA GLN E 274 -34.63 49.06 44.65
C GLN E 274 -34.35 48.90 46.14
N GLN E 275 -34.87 47.84 46.74
CA GLN E 275 -34.64 47.61 48.17
C GLN E 275 -33.16 47.33 48.44
N LEU E 276 -32.52 46.53 47.59
CA LEU E 276 -31.08 46.29 47.75
C LEU E 276 -30.31 47.59 47.65
N CYS E 277 -30.64 48.41 46.64
CA CYS E 277 -29.93 49.67 46.46
C CYS E 277 -30.16 50.61 47.64
N GLU E 278 -31.38 50.63 48.18
CA GLU E 278 -31.67 51.48 49.33
C GLU E 278 -30.92 51.01 50.57
N ASP E 279 -30.82 49.69 50.76
CA ASP E 279 -30.03 49.17 51.87
C ASP E 279 -28.57 49.58 51.73
N ILE E 280 -28.04 49.57 50.51
CA ILE E 280 -26.67 50.03 50.30
C ILE E 280 -26.55 51.52 50.61
N ILE E 281 -27.52 52.31 50.12
CA ILE E 281 -27.46 53.76 50.28
C ILE E 281 -27.58 54.16 51.74
N GLN E 282 -28.23 53.33 52.56
CA GLN E 282 -28.44 53.67 53.97
C GLN E 282 -27.13 54.04 54.67
N LEU E 283 -26.04 53.39 54.30
CA LEU E 283 -24.73 53.71 54.87
C LEU E 283 -24.13 54.99 54.29
N LYS E 284 -24.75 55.55 53.25
CA LYS E 284 -24.28 56.76 52.57
C LYS E 284 -22.85 56.60 52.06
N PRO E 285 -22.58 55.67 51.15
CA PRO E 285 -21.22 55.53 50.63
C PRO E 285 -20.99 56.39 49.41
N ASP E 286 -19.77 56.40 48.89
CA ASP E 286 -19.43 57.13 47.68
C ASP E 286 -19.10 56.23 46.50
N VAL E 287 -18.46 55.09 46.75
CA VAL E 287 -18.14 54.13 45.70
C VAL E 287 -18.52 52.73 46.18
N VAL E 288 -19.14 51.96 45.29
CA VAL E 288 -19.53 50.59 45.58
C VAL E 288 -18.81 49.68 44.59
N ILE E 289 -18.07 48.70 45.10
CA ILE E 289 -17.30 47.78 44.30
C ILE E 289 -17.84 46.38 44.51
N THR E 290 -18.18 45.70 43.42
CA THR E 290 -18.82 44.40 43.47
C THR E 290 -18.05 43.41 42.62
N GLU E 291 -17.92 42.18 43.12
CA GLU E 291 -17.23 41.15 42.35
C GLU E 291 -18.07 40.67 41.18
N LYS E 292 -19.39 40.59 41.37
CA LYS E 292 -20.30 40.09 40.35
C LYS E 292 -21.03 41.27 39.69
N GLY E 293 -21.91 40.94 38.76
CA GLY E 293 -22.55 41.97 37.96
C GLY E 293 -23.47 42.86 38.76
N ILE E 294 -23.64 44.07 38.25
CA ILE E 294 -24.58 45.05 38.80
C ILE E 294 -25.60 45.38 37.71
N SER E 295 -26.87 45.18 38.01
CA SER E 295 -27.91 45.40 37.02
C SER E 295 -28.02 46.89 36.67
N ASP E 296 -28.55 47.15 35.47
CA ASP E 296 -28.68 48.52 35.01
C ASP E 296 -29.61 49.33 35.91
N LEU E 297 -30.71 48.73 36.34
CA LEU E 297 -31.62 49.41 37.27
C LEU E 297 -30.91 49.71 38.58
N ALA E 298 -30.06 48.79 39.05
CA ALA E 298 -29.26 49.06 40.24
C ALA E 298 -28.33 50.22 40.01
N GLN E 299 -27.73 50.31 38.81
CA GLN E 299 -26.87 51.45 38.50
C GLN E 299 -27.64 52.75 38.54
N HIS E 300 -28.87 52.76 38.01
CA HIS E 300 -29.69 53.97 38.07
C HIS E 300 -29.99 54.35 39.52
N TYR E 301 -30.38 53.36 40.34
CA TYR E 301 -30.71 53.65 41.73
C TYR E 301 -29.50 54.13 42.50
N LEU E 302 -28.30 53.65 42.14
CA LEU E 302 -27.09 54.12 42.82
C LEU E 302 -26.71 55.52 42.37
N MET E 303 -26.82 55.81 41.07
CA MET E 303 -26.51 57.15 40.59
C MET E 303 -27.50 58.17 41.15
N ARG E 304 -28.73 57.76 41.42
CA ARG E 304 -29.69 58.68 42.04
C ARG E 304 -29.21 59.16 43.40
N ALA E 305 -28.30 58.41 44.04
CA ALA E 305 -27.70 58.80 45.30
C ALA E 305 -26.26 59.29 45.14
N ASN E 306 -25.82 59.52 43.90
CA ASN E 306 -24.47 59.98 43.61
C ASN E 306 -23.42 59.00 44.14
N ILE E 307 -23.45 57.79 43.59
CA ILE E 307 -22.53 56.72 43.98
C ILE E 307 -21.88 56.17 42.72
N THR E 308 -20.56 55.98 42.77
CA THR E 308 -19.81 55.41 41.67
C THR E 308 -19.70 53.90 41.86
N ALA E 309 -20.01 53.14 40.82
CA ALA E 309 -20.04 51.68 40.90
C ALA E 309 -19.05 51.08 39.89
N ILE E 310 -18.32 50.07 40.34
CA ILE E 310 -17.45 49.27 39.48
C ILE E 310 -18.05 47.88 39.38
N ARG E 311 -18.19 47.38 38.15
CA ARG E 311 -19.11 46.28 37.91
C ARG E 311 -18.57 44.96 38.43
N ARG E 312 -17.46 44.47 37.87
CA ARG E 312 -16.98 43.12 38.14
C ARG E 312 -15.49 43.16 38.43
N VAL E 313 -15.12 42.80 39.66
CA VAL E 313 -13.73 42.81 40.10
C VAL E 313 -13.35 41.41 40.56
N ARG E 314 -12.07 41.09 40.47
CA ARG E 314 -11.58 39.78 40.87
C ARG E 314 -11.48 39.69 42.39
N LYS E 315 -11.37 38.45 42.87
CA LYS E 315 -11.28 38.19 44.31
C LYS E 315 -10.03 38.83 44.91
N THR E 316 -8.87 38.61 44.27
CA THR E 316 -7.62 39.13 44.80
C THR E 316 -7.60 40.65 44.79
N ASP E 317 -8.10 41.26 43.72
CA ASP E 317 -8.17 42.71 43.66
C ASP E 317 -9.08 43.27 44.76
N ASN E 318 -10.22 42.60 45.00
CA ASN E 318 -11.11 43.06 46.06
C ASN E 318 -10.46 42.93 47.42
N ASN E 319 -9.71 41.85 47.65
CA ASN E 319 -8.99 41.71 48.92
C ASN E 319 -7.95 42.80 49.07
N ARG E 320 -7.25 43.13 47.99
CA ARG E 320 -6.26 44.22 48.04
C ARG E 320 -6.93 45.55 48.36
N ILE E 321 -8.08 45.82 47.74
CA ILE E 321 -8.81 47.05 48.04
C ILE E 321 -9.23 47.08 49.50
N ALA E 322 -9.72 45.94 50.02
CA ALA E 322 -10.14 45.88 51.40
C ALA E 322 -8.99 46.18 52.34
N ARG E 323 -7.83 45.61 52.08
CA ARG E 323 -6.68 45.88 52.94
C ARG E 323 -6.19 47.32 52.79
N ALA E 324 -6.25 47.87 51.59
CA ALA E 324 -5.74 49.21 51.35
C ALA E 324 -6.59 50.27 52.01
N CYS E 325 -7.90 50.22 51.80
CA CYS E 325 -8.80 51.26 52.29
C CYS E 325 -9.48 50.90 53.61
N GLY E 326 -9.15 49.75 54.20
CA GLY E 326 -9.73 49.38 55.47
C GLY E 326 -11.16 48.90 55.43
N ALA E 327 -11.69 48.61 54.24
CA ALA E 327 -13.04 48.12 54.13
C ALA E 327 -13.11 46.63 54.47
N ARG E 328 -14.33 46.13 54.59
CA ARG E 328 -14.57 44.72 54.83
C ARG E 328 -15.61 44.23 53.82
N ILE E 329 -15.30 43.14 53.13
CA ILE E 329 -16.18 42.64 52.08
C ILE E 329 -17.39 41.97 52.72
N VAL E 330 -18.58 42.33 52.25
CA VAL E 330 -19.82 41.75 52.73
C VAL E 330 -20.62 41.24 51.54
N SER E 331 -21.52 40.30 51.81
CA SER E 331 -22.34 39.67 50.77
C SER E 331 -23.76 40.21 50.75
N ARG E 332 -24.45 40.18 51.89
CA ARG E 332 -25.82 40.67 51.98
C ARG E 332 -25.80 42.12 52.44
N PRO E 333 -26.21 43.07 51.61
CA PRO E 333 -26.17 44.48 52.03
C PRO E 333 -27.04 44.78 53.23
N GLU E 334 -28.06 43.96 53.51
CA GLU E 334 -28.83 44.15 54.73
C GLU E 334 -27.99 43.96 55.99
N GLU E 335 -26.88 43.24 55.88
CA GLU E 335 -25.95 43.05 56.99
C GLU E 335 -24.87 44.11 57.04
N LEU E 336 -24.91 45.10 56.15
CA LEU E 336 -23.87 46.12 56.09
C LEU E 336 -23.86 46.96 57.36
N ARG E 337 -22.68 47.15 57.93
CA ARG E 337 -22.50 47.94 59.14
C ARG E 337 -21.56 49.10 58.86
N GLU E 338 -21.43 49.98 59.86
CA GLU E 338 -20.55 51.13 59.71
C GLU E 338 -19.09 50.71 59.58
N ASP E 339 -18.69 49.67 60.31
CA ASP E 339 -17.30 49.23 60.25
C ASP E 339 -16.93 48.72 58.87
N ASP E 340 -17.86 48.02 58.21
CA ASP E 340 -17.57 47.48 56.89
C ASP E 340 -17.34 48.58 55.85
N VAL E 341 -17.91 49.77 56.07
CA VAL E 341 -17.71 50.86 55.14
C VAL E 341 -16.25 51.31 55.19
N GLY E 342 -15.62 51.36 54.02
CA GLY E 342 -14.21 51.65 53.97
C GLY E 342 -13.86 53.12 53.89
N THR E 343 -13.51 53.71 55.02
CA THR E 343 -12.96 55.05 55.08
C THR E 343 -11.47 54.96 55.35
N GLY E 344 -10.70 55.75 54.62
CA GLY E 344 -9.25 55.68 54.71
C GLY E 344 -8.59 55.86 53.37
N ALA E 345 -9.34 55.64 52.29
CA ALA E 345 -8.84 55.97 50.96
C ALA E 345 -8.83 57.48 50.78
N GLY E 346 -7.71 58.00 50.31
CA GLY E 346 -7.56 59.44 50.20
C GLY E 346 -7.93 60.04 48.87
N LEU E 347 -8.19 59.21 47.86
CA LEU E 347 -8.58 59.70 46.55
C LEU E 347 -9.00 58.51 45.69
N LEU E 348 -10.04 58.71 44.89
CA LEU E 348 -10.41 57.79 43.82
C LEU E 348 -10.41 58.56 42.52
N GLU E 349 -9.58 58.14 41.57
CA GLU E 349 -9.45 58.80 40.29
C GLU E 349 -9.40 57.75 39.20
N ILE E 350 -10.24 57.92 38.19
CA ILE E 350 -10.30 57.00 37.06
C ILE E 350 -9.76 57.75 35.85
N LYS E 351 -8.53 57.44 35.47
CA LYS E 351 -7.85 58.11 34.38
C LYS E 351 -7.58 57.14 33.24
N LYS E 352 -7.35 57.69 32.06
CA LYS E 352 -7.11 56.91 30.86
C LYS E 352 -5.61 56.84 30.59
N ILE E 353 -5.07 55.63 30.55
CA ILE E 353 -3.67 55.39 30.22
C ILE E 353 -3.65 54.69 28.87
N GLY E 354 -3.09 55.35 27.86
CA GLY E 354 -3.15 54.83 26.51
C GLY E 354 -4.57 54.81 25.99
N ASP E 355 -5.14 53.61 25.86
CA ASP E 355 -6.51 53.45 25.41
C ASP E 355 -7.35 52.65 26.40
N GLU E 356 -6.96 52.66 27.67
CA GLU E 356 -7.66 51.89 28.71
C GLU E 356 -7.94 52.78 29.90
N TYR E 357 -9.02 52.45 30.62
CA TYR E 357 -9.38 53.14 31.84
C TYR E 357 -8.87 52.35 33.03
N PHE E 358 -8.17 53.04 33.94
CA PHE E 358 -7.63 52.41 35.14
C PHE E 358 -8.18 53.16 36.36
N THR E 359 -8.61 52.39 37.36
CA THR E 359 -9.20 52.95 38.57
C THR E 359 -8.16 53.01 39.66
N PHE E 360 -7.91 54.21 40.17
CA PHE E 360 -6.92 54.44 41.21
C PHE E 360 -7.62 54.71 42.54
N ILE E 361 -7.21 53.99 43.58
CA ILE E 361 -7.73 54.21 44.92
C ILE E 361 -6.56 54.64 45.80
N THR E 362 -5.62 55.37 45.20
CA THR E 362 -4.37 55.73 45.86
C THR E 362 -4.61 56.79 46.93
N ASP E 363 -3.52 57.28 47.51
CA ASP E 363 -3.49 58.32 48.54
C ASP E 363 -4.12 57.84 49.84
N CYS E 364 -4.17 56.53 50.06
CA CYS E 364 -4.69 56.01 51.31
C CYS E 364 -3.78 56.38 52.48
N LYS E 365 -4.37 56.46 53.66
CA LYS E 365 -3.61 56.66 54.89
C LYS E 365 -3.44 55.31 55.58
N ASP E 366 -2.20 54.89 55.75
CA ASP E 366 -1.84 53.60 56.32
C ASP E 366 -2.54 52.45 55.61
N PRO E 367 -2.21 52.18 54.36
CA PRO E 367 -2.75 51.00 53.68
C PRO E 367 -1.90 49.77 53.95
N LYS E 368 -2.56 48.61 53.88
CA LYS E 368 -1.88 47.34 54.08
C LYS E 368 -1.75 46.55 52.78
N ALA E 369 -1.98 47.19 51.64
CA ALA E 369 -1.76 46.58 50.34
C ALA E 369 -1.38 47.68 49.36
N CYS E 370 -0.60 47.31 48.34
CA CYS E 370 -0.08 48.28 47.40
C CYS E 370 -0.03 47.67 46.00
N THR E 371 -0.10 48.54 45.00
CA THR E 371 0.06 48.16 43.60
C THR E 371 1.32 48.82 43.07
N ILE E 372 2.26 48.01 42.58
CA ILE E 372 3.48 48.51 42.00
C ILE E 372 3.24 48.70 40.50
N LEU E 373 3.22 49.95 40.06
CA LEU E 373 2.91 50.28 38.68
C LEU E 373 4.22 50.35 37.89
N LEU E 374 4.39 49.42 36.96
CA LEU E 374 5.60 49.34 36.15
C LEU E 374 5.28 49.80 34.74
N ARG E 375 6.01 50.82 34.27
CA ARG E 375 5.80 51.39 32.94
C ARG E 375 7.15 51.44 32.24
N GLY E 376 7.39 50.46 31.36
CA GLY E 376 8.68 50.36 30.70
C GLY E 376 8.62 50.28 29.19
N ALA E 377 9.66 49.69 28.60
CA ALA E 377 9.77 49.66 27.14
C ALA E 377 8.70 48.77 26.52
N SER E 378 8.55 47.54 27.02
CA SER E 378 7.63 46.59 26.42
C SER E 378 7.29 45.51 27.45
N LYS E 379 6.61 44.46 26.99
CA LYS E 379 6.12 43.44 27.91
C LYS E 379 7.25 42.61 28.49
N GLU E 380 8.24 42.23 27.67
CA GLU E 380 9.32 41.39 28.15
C GLU E 380 10.22 42.15 29.12
N ILE E 381 10.53 43.41 28.80
CA ILE E 381 11.33 44.23 29.71
C ILE E 381 10.63 44.37 31.05
N LEU E 382 9.31 44.61 31.02
CA LEU E 382 8.56 44.74 32.25
C LEU E 382 8.48 43.42 33.01
N SER E 383 8.43 42.29 32.30
CA SER E 383 8.47 41.00 33.00
C SER E 383 9.79 40.81 33.72
N GLU E 384 10.91 41.17 33.08
CA GLU E 384 12.20 41.08 33.75
C GLU E 384 12.28 42.02 34.94
N VAL E 385 11.74 43.24 34.79
CA VAL E 385 11.72 44.18 35.90
C VAL E 385 10.89 43.64 37.05
N GLU E 386 9.77 42.98 36.74
CA GLU E 386 8.94 42.37 37.76
C GLU E 386 9.68 41.27 38.49
N ARG E 387 10.44 40.44 37.75
CA ARG E 387 11.24 39.41 38.40
C ARG E 387 12.29 40.02 39.33
N ASN E 388 12.95 41.08 38.88
CA ASN E 388 13.94 41.74 39.73
C ASN E 388 13.29 42.33 40.98
N LEU E 389 12.11 42.94 40.83
CA LEU E 389 11.42 43.48 41.98
C LEU E 389 10.99 42.37 42.94
N GLN E 390 10.60 41.21 42.41
CA GLN E 390 10.29 40.07 43.25
C GLN E 390 11.51 39.64 44.06
N ASP E 391 12.68 39.58 43.41
CA ASP E 391 13.91 39.25 44.12
C ASP E 391 14.17 40.26 45.23
N ALA E 392 14.04 41.55 44.93
CA ALA E 392 14.30 42.58 45.92
C ALA E 392 13.34 42.48 47.10
N MET E 393 12.05 42.28 46.82
CA MET E 393 11.07 42.20 47.90
C MET E 393 11.29 40.96 48.76
N GLN E 394 11.64 39.83 48.14
CA GLN E 394 11.92 38.63 48.91
C GLN E 394 13.14 38.82 49.81
N VAL E 395 14.18 39.47 49.29
CA VAL E 395 15.36 39.74 50.11
C VAL E 395 15.00 40.67 51.27
N CYS E 396 14.18 41.69 51.01
CA CYS E 396 13.76 42.59 52.07
C CYS E 396 12.99 41.85 53.15
N ARG E 397 12.07 40.96 52.75
CA ARG E 397 11.33 40.19 53.74
C ARG E 397 12.25 39.29 54.55
N ASN E 398 13.21 38.64 53.87
CA ASN E 398 14.14 37.77 54.58
C ASN E 398 14.96 38.54 55.59
N VAL E 399 15.40 39.75 55.22
CA VAL E 399 16.15 40.57 56.16
C VAL E 399 15.28 40.99 57.33
N LEU E 400 14.02 41.35 57.06
CA LEU E 400 13.12 41.75 58.13
C LEU E 400 12.88 40.60 59.12
N LEU E 401 12.72 39.39 58.61
CA LEU E 401 12.51 38.25 59.50
C LEU E 401 13.79 37.84 60.20
N ASP E 402 14.92 37.86 59.48
CA ASP E 402 16.21 37.51 60.05
C ASP E 402 17.19 38.65 59.80
N PRO E 403 17.57 39.42 60.83
CA PRO E 403 18.37 40.62 60.61
C PRO E 403 19.86 40.36 60.46
N GLN E 404 20.25 39.11 60.23
CA GLN E 404 21.67 38.77 60.12
C GLN E 404 22.15 38.94 58.68
N LEU E 405 23.42 39.33 58.55
CA LEU E 405 24.04 39.55 57.25
C LEU E 405 25.40 38.88 57.21
N VAL E 406 25.77 38.42 56.02
CA VAL E 406 27.07 37.79 55.79
C VAL E 406 27.69 38.44 54.55
N PRO E 407 29.02 38.50 54.45
CA PRO E 407 29.64 39.13 53.29
C PRO E 407 29.37 38.36 52.00
N GLY E 408 29.27 39.10 50.91
CA GLY E 408 29.01 38.54 49.61
C GLY E 408 30.25 38.49 48.74
N GLY E 409 30.02 38.27 47.45
CA GLY E 409 31.11 38.22 46.48
C GLY E 409 32.11 37.11 46.72
N GLY E 410 31.67 35.99 47.28
CA GLY E 410 32.54 34.88 47.55
C GLY E 410 33.30 34.94 48.85
N ALA E 411 33.22 36.06 49.58
CA ALA E 411 33.93 36.15 50.85
C ALA E 411 33.41 35.13 51.85
N SER E 412 32.09 34.95 51.92
CA SER E 412 31.53 33.93 52.80
C SER E 412 31.97 32.54 52.37
N GLU E 413 31.97 32.27 51.07
CA GLU E 413 32.41 30.96 50.58
C GLU E 413 33.84 30.68 51.01
N MET E 414 34.74 31.65 50.81
CA MET E 414 36.14 31.45 51.14
C MET E 414 36.34 31.31 52.65
N ALA E 415 35.63 32.12 53.44
CA ALA E 415 35.76 32.04 54.89
C ALA E 415 35.30 30.68 55.41
N VAL E 416 34.14 30.21 54.93
CA VAL E 416 33.64 28.91 55.35
C VAL E 416 34.57 27.80 54.88
N ALA E 417 35.10 27.92 53.66
CA ALA E 417 36.03 26.92 53.17
C ALA E 417 37.28 26.85 54.04
N HIS E 418 37.81 28.01 54.44
CA HIS E 418 38.99 28.02 55.29
C HIS E 418 38.69 27.42 56.66
N ALA E 419 37.52 27.74 57.23
CA ALA E 419 37.17 27.17 58.52
C ALA E 419 37.02 25.66 58.44
N LEU E 420 36.37 25.17 57.37
CA LEU E 420 36.22 23.73 57.18
C LEU E 420 37.58 23.05 57.02
N THR E 421 38.48 23.66 56.24
CA THR E 421 39.80 23.08 56.04
C THR E 421 40.59 23.05 57.35
N GLU E 422 40.48 24.09 58.16
CA GLU E 422 41.15 24.10 59.45
C GLU E 422 40.59 23.02 60.37
N LYS E 423 39.27 22.84 60.36
CA LYS E 423 38.67 21.82 61.22
C LYS E 423 38.98 20.41 60.72
N SER E 424 39.23 20.25 59.42
CA SER E 424 39.47 18.92 58.87
C SER E 424 40.76 18.32 59.39
N LYS E 425 41.77 19.15 59.67
CA LYS E 425 43.06 18.63 60.13
C LYS E 425 42.94 17.90 61.47
N ALA E 426 41.90 18.21 62.26
CA ALA E 426 41.71 17.49 63.51
C ALA E 426 41.36 16.03 63.27
N MET E 427 40.55 15.76 62.25
CA MET E 427 40.12 14.40 61.98
C MET E 427 41.28 13.53 61.51
N THR E 428 41.15 12.23 61.72
CA THR E 428 42.15 11.26 61.29
C THR E 428 41.55 10.06 60.56
N GLY E 429 40.24 10.01 60.38
CA GLY E 429 39.60 8.90 59.70
C GLY E 429 39.70 9.03 58.19
N VAL E 430 38.96 8.15 57.52
CA VAL E 430 38.94 8.17 56.06
C VAL E 430 37.96 9.21 55.53
N GLU E 431 37.04 9.69 56.36
CA GLU E 431 36.05 10.67 55.92
C GLU E 431 36.62 12.06 55.73
N GLN E 432 37.88 12.30 56.11
CA GLN E 432 38.45 13.63 56.01
C GLN E 432 38.59 14.09 54.56
N TRP E 433 38.90 13.16 53.64
CA TRP E 433 39.14 13.57 52.26
C TRP E 433 37.90 14.13 51.59
N PRO E 434 36.73 13.47 51.62
CA PRO E 434 35.53 14.14 51.06
C PRO E 434 35.14 15.40 51.81
N TYR E 435 35.40 15.46 53.11
CA TYR E 435 35.16 16.66 53.89
C TYR E 435 35.95 17.85 53.32
N ARG E 436 37.25 17.67 53.16
CA ARG E 436 38.08 18.70 52.55
C ARG E 436 37.66 18.98 51.11
N ALA E 437 37.24 17.95 50.39
CA ALA E 437 36.80 18.16 49.01
C ALA E 437 35.59 19.09 48.94
N VAL E 438 34.63 18.89 49.84
CA VAL E 438 33.47 19.80 49.89
C VAL E 438 33.92 21.19 50.30
N ALA E 439 34.83 21.27 51.28
CA ALA E 439 35.34 22.57 51.69
C ALA E 439 35.93 23.34 50.50
N GLN E 440 36.77 22.68 49.72
CA GLN E 440 37.37 23.35 48.56
C GLN E 440 36.34 23.61 47.47
N ALA E 441 35.41 22.67 47.26
CA ALA E 441 34.39 22.83 46.23
C ALA E 441 33.46 24.00 46.52
N LEU E 442 33.35 24.41 47.79
CA LEU E 442 32.57 25.58 48.12
C LEU E 442 33.10 26.84 47.46
N GLU E 443 34.35 26.83 47.01
CA GLU E 443 35.01 27.99 46.41
C GLU E 443 34.59 28.23 44.96
N VAL E 444 33.56 27.56 44.47
CA VAL E 444 33.19 27.73 43.07
C VAL E 444 32.58 29.10 42.82
N ILE E 445 31.91 29.67 43.82
CA ILE E 445 31.27 30.97 43.63
C ILE E 445 32.27 32.08 43.32
N PRO E 446 33.33 32.29 44.11
CA PRO E 446 34.31 33.32 43.71
C PRO E 446 34.97 33.02 42.39
N ARG E 447 35.22 31.75 42.08
CA ARG E 447 35.82 31.39 40.80
C ARG E 447 34.87 31.75 39.65
N THR E 448 33.58 31.49 39.82
CA THR E 448 32.62 31.85 38.79
C THR E 448 32.52 33.36 38.63
N LEU E 449 32.55 34.10 39.74
CA LEU E 449 32.54 35.56 39.66
C LEU E 449 33.75 36.08 38.90
N ILE E 450 34.93 35.51 39.19
CA ILE E 450 36.14 35.93 38.49
C ILE E 450 36.06 35.59 37.01
N GLN E 451 35.58 34.38 36.69
CA GLN E 451 35.47 33.97 35.30
C GLN E 451 34.52 34.88 34.51
N ASN E 452 33.37 35.22 35.10
CA ASN E 452 32.44 36.11 34.43
C ASN E 452 33.00 37.52 34.34
N CYS E 453 33.81 37.95 35.32
CA CYS E 453 34.40 39.27 35.27
C CYS E 453 35.43 39.40 34.15
N GLY E 454 35.95 38.28 33.64
CA GLY E 454 36.93 38.30 32.59
C GLY E 454 38.38 38.32 33.04
N ALA E 455 38.62 38.38 34.35
CA ALA E 455 39.98 38.40 34.86
C ALA E 455 40.55 36.99 34.96
N SER E 456 41.84 36.90 35.23
CA SER E 456 42.50 35.61 35.42
C SER E 456 42.00 34.94 36.69
N THR E 457 41.82 33.62 36.62
CA THR E 457 41.20 32.87 37.70
C THR E 457 42.20 32.31 38.70
N ILE E 458 43.26 31.67 38.21
CA ILE E 458 44.12 30.89 39.09
C ILE E 458 44.87 31.79 40.07
N ARG E 459 45.49 32.86 39.57
CA ARG E 459 46.29 33.71 40.45
C ARG E 459 45.40 34.51 41.39
N LEU E 460 44.26 35.00 40.90
CA LEU E 460 43.34 35.75 41.75
C LEU E 460 42.79 34.86 42.86
N LEU E 461 42.41 33.63 42.53
CA LEU E 461 41.89 32.72 43.55
C LEU E 461 42.98 32.33 44.55
N THR E 462 44.20 32.12 44.07
CA THR E 462 45.29 31.80 44.99
C THR E 462 45.55 32.96 45.94
N SER E 463 45.56 34.18 45.43
CA SER E 463 45.77 35.35 46.29
C SER E 463 44.63 35.52 47.29
N LEU E 464 43.39 35.28 46.84
CA LEU E 464 42.24 35.37 47.75
C LEU E 464 42.34 34.33 48.86
N ARG E 465 42.71 33.10 48.53
CA ARG E 465 42.87 32.07 49.54
C ARG E 465 43.99 32.43 50.52
N ALA E 466 45.11 32.95 49.99
CA ALA E 466 46.21 33.35 50.86
C ALA E 466 45.78 34.47 51.80
N LYS E 467 44.99 35.43 51.29
CA LYS E 467 44.46 36.48 52.14
C LYS E 467 43.55 35.90 53.23
N HIS E 468 42.72 34.93 52.86
CA HIS E 468 41.82 34.32 53.84
C HIS E 468 42.57 33.48 54.86
N THR E 469 43.79 33.05 54.56
CA THR E 469 44.56 32.31 55.56
C THR E 469 45.03 33.21 56.70
N GLN E 470 44.88 34.52 56.59
CA GLN E 470 45.28 35.44 57.66
C GLN E 470 44.19 35.49 58.72
N GLU E 471 44.34 36.37 59.71
CA GLU E 471 43.48 36.32 60.88
C GLU E 471 42.13 37.02 60.64
N ASN E 472 42.15 38.32 60.41
CA ASN E 472 40.93 39.10 60.26
C ASN E 472 40.64 39.40 58.78
N CYS E 473 40.39 38.35 58.01
CA CYS E 473 40.10 38.50 56.59
C CYS E 473 38.88 37.70 56.19
N GLU E 474 37.90 37.58 57.09
CA GLU E 474 36.68 36.84 56.77
C GLU E 474 35.81 37.57 55.76
N THR E 475 36.01 38.87 55.59
CA THR E 475 35.17 39.68 54.70
C THR E 475 35.90 40.12 53.44
N TRP E 476 36.87 39.34 52.98
CA TRP E 476 37.64 39.66 51.78
C TRP E 476 37.08 38.87 50.61
N GLY E 477 36.57 39.58 49.61
CA GLY E 477 36.01 38.94 48.44
C GLY E 477 36.64 39.42 47.15
N VAL E 478 35.86 39.41 46.07
CA VAL E 478 36.33 39.82 44.76
C VAL E 478 35.34 40.80 44.15
N ASN E 479 35.86 41.84 43.50
CA ASN E 479 35.01 42.69 42.67
C ASN E 479 34.54 41.90 41.46
N GLY E 480 33.23 41.84 41.26
CA GLY E 480 32.70 41.14 40.11
C GLY E 480 32.75 41.93 38.83
N GLU E 481 33.22 43.17 38.88
CA GLU E 481 33.26 44.04 37.71
C GLU E 481 34.63 44.62 37.42
N THR E 482 35.58 44.55 38.35
CA THR E 482 36.93 45.00 38.10
C THR E 482 37.98 43.90 38.25
N GLY E 483 37.61 42.74 38.77
CA GLY E 483 38.55 41.63 38.91
C GLY E 483 39.68 41.89 39.88
N THR E 484 39.40 42.48 41.03
CA THR E 484 40.41 42.74 42.04
C THR E 484 39.84 42.39 43.41
N LEU E 485 40.69 41.83 44.27
CA LEU E 485 40.28 41.54 45.64
C LEU E 485 40.01 42.84 46.38
N VAL E 486 38.99 42.81 47.23
CA VAL E 486 38.58 44.01 47.97
C VAL E 486 37.91 43.58 49.27
N ASP E 487 38.15 44.34 50.33
CA ASP E 487 37.42 44.14 51.57
C ASP E 487 35.97 44.55 51.37
N MET E 488 35.05 43.70 51.79
CA MET E 488 33.63 43.98 51.59
C MET E 488 33.02 44.80 52.70
N LYS E 489 33.80 45.14 53.73
CA LYS E 489 33.41 46.23 54.61
C LYS E 489 33.48 47.57 53.89
N GLU E 490 34.24 47.65 52.80
CA GLU E 490 34.39 48.84 51.99
C GLU E 490 33.49 48.84 50.77
N LEU E 491 33.47 47.73 50.02
CA LEU E 491 32.59 47.64 48.85
C LEU E 491 31.13 47.67 49.26
N GLY E 492 30.80 47.01 50.38
CA GLY E 492 29.45 47.05 50.90
C GLY E 492 28.51 46.02 50.33
N ILE E 493 29.02 44.93 49.76
CA ILE E 493 28.18 43.87 49.22
C ILE E 493 27.89 42.91 50.37
N TRP E 494 26.66 42.95 50.88
CA TRP E 494 26.20 42.07 51.93
C TRP E 494 24.87 41.46 51.52
N GLU E 495 24.63 40.23 51.97
CA GLU E 495 23.43 39.51 51.61
C GLU E 495 22.91 38.75 52.82
N PRO E 496 21.60 38.47 52.87
CA PRO E 496 21.01 37.91 54.08
C PRO E 496 21.61 36.56 54.45
N LEU E 497 21.69 36.31 55.76
CA LEU E 497 22.15 35.01 56.24
C LEU E 497 21.20 33.89 55.83
N ALA E 498 19.90 34.18 55.79
CA ALA E 498 18.94 33.14 55.43
C ALA E 498 19.17 32.63 54.02
N VAL E 499 19.47 33.53 53.08
CA VAL E 499 19.68 33.12 51.69
C VAL E 499 20.90 32.21 51.59
N LYS E 500 22.00 32.59 52.25
CA LYS E 500 23.21 31.77 52.21
C LYS E 500 22.99 30.42 52.87
N LEU E 501 22.31 30.41 54.02
CA LEU E 501 22.04 29.16 54.72
C LEU E 501 21.21 28.23 53.84
N GLN E 502 20.16 28.77 53.23
CA GLN E 502 19.31 27.95 52.36
C GLN E 502 20.09 27.45 51.16
N THR E 503 20.94 28.29 50.58
CA THR E 503 21.75 27.86 49.44
C THR E 503 22.63 26.67 49.80
N TYR E 504 23.38 26.78 50.90
CA TYR E 504 24.26 25.70 51.30
C TYR E 504 23.48 24.44 51.64
N LYS E 505 22.37 24.60 52.38
CA LYS E 505 21.57 23.43 52.76
C LYS E 505 21.03 22.72 51.54
N THR E 506 20.43 23.46 50.61
CA THR E 506 19.86 22.85 49.42
C THR E 506 20.92 22.18 48.58
N ALA E 507 22.09 22.82 48.43
CA ALA E 507 23.16 22.21 47.64
C ALA E 507 23.62 20.90 48.25
N VAL E 508 23.86 20.89 49.56
CA VAL E 508 24.36 19.68 50.20
C VAL E 508 23.32 18.57 50.16
N GLU E 509 22.05 18.91 50.40
CA GLU E 509 21.02 17.89 50.40
C GLU E 509 20.78 17.34 49.00
N THR E 510 20.89 18.19 47.97
CA THR E 510 20.79 17.70 46.60
C THR E 510 21.94 16.75 46.27
N ALA E 511 23.15 17.11 46.71
CA ALA E 511 24.28 16.22 46.48
C ALA E 511 24.06 14.87 47.17
N VAL E 512 23.56 14.90 48.41
CA VAL E 512 23.29 13.66 49.14
C VAL E 512 22.24 12.83 48.40
N LEU E 513 21.16 13.48 47.96
CA LEU E 513 20.08 12.77 47.30
C LEU E 513 20.56 12.12 46.01
N LEU E 514 21.35 12.84 45.21
CA LEU E 514 21.83 12.25 43.97
C LEU E 514 22.92 11.21 44.21
N LEU E 515 23.63 11.31 45.33
CA LEU E 515 24.65 10.31 45.63
C LEU E 515 24.04 8.99 46.12
N ARG E 516 22.89 9.07 46.80
CA ARG E 516 22.25 7.86 47.31
C ARG E 516 21.72 6.95 46.20
N ILE E 517 21.60 7.44 44.98
CA ILE E 517 20.83 6.77 43.93
C ILE E 517 21.70 5.79 43.16
N ASP E 518 21.10 4.65 42.82
CA ASP E 518 21.71 3.65 41.95
C ASP E 518 20.58 2.84 41.32
N ASP E 519 20.91 2.10 40.25
CA ASP E 519 19.98 1.17 39.61
C ASP E 519 18.72 1.89 39.12
N ILE E 520 18.92 2.77 38.15
CA ILE E 520 17.79 3.47 37.52
C ILE E 520 16.92 2.47 36.79
N VAL E 521 15.62 2.54 37.05
CA VAL E 521 14.61 1.70 36.38
C VAL E 521 13.61 2.62 35.70
N SER E 522 13.32 2.35 34.43
CA SER E 522 12.44 3.21 33.67
C SER E 522 11.68 2.39 32.63
N GLY E 523 10.55 2.95 32.18
CA GLY E 523 9.76 2.37 31.11
C GLY E 523 8.38 1.92 31.54
N HIS E 524 8.22 1.57 32.81
CA HIS E 524 6.95 1.02 33.28
C HIS E 524 5.84 2.07 33.24
N LYS E 525 4.62 1.60 32.99
CA LYS E 525 3.46 2.47 32.88
C LYS E 525 2.88 2.76 34.26
N LYS E 526 2.38 3.98 34.42
CA LYS E 526 1.72 4.40 35.66
C LYS E 526 0.59 3.46 36.04
N MET F 1 2.28 32.01 -23.67
CA MET F 1 2.05 32.29 -22.26
C MET F 1 3.28 32.04 -21.40
N MET F 2 3.31 32.72 -20.27
CA MET F 2 4.43 32.72 -19.34
C MET F 2 3.94 32.39 -17.95
N PRO F 3 4.82 31.95 -17.05
CA PRO F 3 4.39 31.63 -15.68
C PRO F 3 3.66 32.76 -14.97
N THR F 4 4.07 34.01 -15.18
CA THR F 4 3.40 35.17 -14.60
C THR F 4 3.27 35.00 -13.09
N PRO F 5 4.36 35.22 -12.33
CA PRO F 5 4.44 34.77 -10.92
C PRO F 5 3.17 34.90 -10.10
N VAL F 6 2.34 35.91 -10.37
CA VAL F 6 1.01 36.03 -9.79
C VAL F 6 0.01 35.93 -10.92
N ILE F 7 -0.82 34.89 -10.88
CA ILE F 7 -1.78 34.62 -11.95
C ILE F 7 -3.00 35.51 -11.77
N LEU F 8 -3.65 35.85 -12.89
CA LEU F 8 -4.78 36.77 -12.84
C LEU F 8 -6.01 36.09 -12.24
N LEU F 9 -6.49 35.03 -12.88
CA LEU F 9 -7.66 34.31 -12.42
C LEU F 9 -7.21 33.08 -11.60
N LYS F 10 -8.19 32.36 -11.06
CA LYS F 10 -7.87 31.15 -10.32
C LYS F 10 -7.20 30.12 -11.22
N GLU F 11 -6.27 29.36 -10.65
CA GLU F 11 -5.63 28.29 -11.40
C GLU F 11 -6.67 27.23 -11.77
N GLY F 12 -6.65 26.80 -13.02
CA GLY F 12 -7.63 25.88 -13.54
C GLY F 12 -8.78 26.51 -14.27
N THR F 13 -8.79 27.83 -14.43
CA THR F 13 -9.84 28.49 -15.19
C THR F 13 -9.65 28.22 -16.68
N ASP F 14 -10.72 27.80 -17.35
CA ASP F 14 -10.70 27.45 -18.76
C ASP F 14 -11.40 28.54 -19.56
N SER F 15 -10.75 29.01 -20.61
CA SER F 15 -11.29 30.06 -21.47
C SER F 15 -11.18 29.65 -22.93
N SER F 16 -12.26 29.81 -23.67
CA SER F 16 -12.29 29.58 -25.11
C SER F 16 -12.81 30.85 -25.78
N GLN F 17 -12.20 31.21 -26.91
CA GLN F 17 -12.51 32.48 -27.53
C GLN F 17 -12.34 32.38 -29.04
N GLY F 18 -13.23 33.02 -29.78
CA GLY F 18 -13.10 33.15 -31.21
C GLY F 18 -14.10 32.27 -31.96
N ILE F 19 -13.87 32.17 -33.28
CA ILE F 19 -14.74 31.36 -34.12
C ILE F 19 -14.78 29.90 -33.68
N PRO F 20 -13.66 29.26 -33.31
CA PRO F 20 -13.76 27.86 -32.87
C PRO F 20 -14.73 27.65 -31.72
N GLN F 21 -14.79 28.59 -30.77
CA GLN F 21 -15.73 28.44 -29.66
C GLN F 21 -17.17 28.45 -30.17
N LEU F 22 -17.49 29.36 -31.09
CA LEU F 22 -18.86 29.44 -31.60
C LEU F 22 -19.22 28.22 -32.43
N VAL F 23 -18.29 27.72 -33.25
CA VAL F 23 -18.61 26.53 -34.03
C VAL F 23 -18.72 25.30 -33.13
N SER F 24 -17.95 25.26 -32.03
CA SER F 24 -18.14 24.18 -31.06
C SER F 24 -19.50 24.27 -30.41
N ASN F 25 -19.97 25.48 -30.11
CA ASN F 25 -21.33 25.64 -29.60
C ASN F 25 -22.36 25.12 -30.59
N ILE F 26 -22.18 25.44 -31.87
CA ILE F 26 -23.11 24.98 -32.89
C ILE F 26 -23.10 23.46 -32.96
N SER F 27 -21.92 22.85 -32.88
CA SER F 27 -21.82 21.39 -32.91
C SER F 27 -22.51 20.77 -31.70
N ALA F 28 -22.37 21.39 -30.52
CA ALA F 28 -23.05 20.89 -29.33
C ALA F 28 -24.56 20.95 -29.51
N CYS F 29 -25.07 22.04 -30.09
CA CYS F 29 -26.50 22.13 -30.37
C CYS F 29 -26.94 21.07 -31.36
N GLN F 30 -26.08 20.78 -32.36
CA GLN F 30 -26.38 19.70 -33.29
C GLN F 30 -26.50 18.37 -32.57
N VAL F 31 -25.60 18.11 -31.62
CA VAL F 31 -25.65 16.87 -30.85
C VAL F 31 -26.95 16.79 -30.05
N ILE F 32 -27.34 17.91 -29.43
CA ILE F 32 -28.57 17.92 -28.65
C ILE F 32 -29.78 17.63 -29.54
N ALA F 33 -29.83 18.24 -30.71
CA ALA F 33 -30.93 17.96 -31.63
C ALA F 33 -30.93 16.49 -32.07
N GLU F 34 -29.75 15.95 -32.38
CA GLU F 34 -29.66 14.55 -32.77
C GLU F 34 -30.16 13.64 -31.67
N ALA F 35 -30.01 14.04 -30.41
CA ALA F 35 -30.48 13.22 -29.30
C ALA F 35 -32.01 13.06 -29.30
N VAL F 36 -32.74 13.87 -30.06
CA VAL F 36 -34.20 13.84 -30.03
C VAL F 36 -34.83 13.81 -31.42
N ARG F 37 -34.02 13.77 -32.48
CA ARG F 37 -34.59 13.84 -33.84
C ARG F 37 -35.67 12.79 -34.07
N THR F 38 -35.37 11.53 -33.78
CA THR F 38 -36.21 10.42 -34.22
C THR F 38 -37.49 10.26 -33.40
N THR F 39 -37.83 11.23 -32.55
CA THR F 39 -39.08 11.21 -31.80
C THR F 39 -40.15 12.10 -32.42
N LEU F 40 -39.95 12.54 -33.66
CA LEU F 40 -40.84 13.50 -34.30
C LEU F 40 -41.64 12.81 -35.39
N GLY F 41 -42.95 13.02 -35.39
CA GLY F 41 -43.81 12.51 -36.43
C GLY F 41 -44.60 11.29 -35.99
N PRO F 42 -45.59 10.90 -36.79
CA PRO F 42 -46.35 9.69 -36.48
C PRO F 42 -45.51 8.42 -36.47
N ARG F 43 -44.37 8.43 -37.15
CA ARG F 43 -43.46 7.29 -37.15
C ARG F 43 -42.30 7.47 -36.17
N GLY F 44 -42.40 8.42 -35.25
CA GLY F 44 -41.35 8.62 -34.29
C GLY F 44 -41.25 7.47 -33.30
N MET F 45 -40.10 7.37 -32.65
CA MET F 45 -39.81 6.29 -31.73
C MET F 45 -39.55 6.84 -30.33
N ASP F 46 -39.80 5.99 -29.34
CA ASP F 46 -39.57 6.37 -27.95
C ASP F 46 -38.11 6.19 -27.57
N LYS F 47 -37.70 6.88 -26.51
CA LYS F 47 -36.36 6.79 -25.97
C LYS F 47 -36.42 6.31 -24.54
N LEU F 48 -35.50 5.42 -24.18
CA LEU F 48 -35.41 4.87 -22.83
C LEU F 48 -34.17 5.44 -22.16
N ILE F 49 -34.37 6.15 -21.06
CA ILE F 49 -33.29 6.76 -20.30
C ILE F 49 -33.31 6.20 -18.89
N VAL F 50 -32.15 5.72 -18.43
CA VAL F 50 -32.00 5.15 -17.10
C VAL F 50 -31.12 6.09 -16.28
N ASP F 51 -31.59 6.45 -15.09
CA ASP F 51 -30.83 7.31 -14.20
C ASP F 51 -29.88 6.47 -13.34
N GLY F 52 -29.18 7.13 -12.43
CA GLY F 52 -28.25 6.42 -11.56
C GLY F 52 -28.93 5.42 -10.66
N ARG F 53 -30.14 5.73 -10.20
CA ARG F 53 -30.87 4.83 -9.31
C ARG F 53 -31.35 3.57 -10.01
N GLY F 54 -31.27 3.51 -11.34
CA GLY F 54 -31.72 2.36 -12.10
C GLY F 54 -33.13 2.47 -12.64
N LYS F 55 -33.87 3.51 -12.27
CA LYS F 55 -35.20 3.71 -12.80
C LYS F 55 -35.14 4.06 -14.29
N ALA F 56 -36.08 3.55 -15.06
CA ALA F 56 -36.13 3.77 -16.50
C ALA F 56 -37.28 4.70 -16.83
N THR F 57 -36.99 5.72 -17.63
CA THR F 57 -38.01 6.64 -18.12
C THR F 57 -38.11 6.47 -19.64
N ILE F 58 -39.32 6.18 -20.11
CA ILE F 58 -39.59 5.97 -21.53
C ILE F 58 -40.52 7.06 -21.99
N SER F 59 -40.11 7.82 -23.00
CA SER F 59 -40.89 8.97 -23.41
C SER F 59 -40.71 9.25 -24.89
N ASN F 60 -41.73 9.87 -25.48
CA ASN F 60 -41.66 10.42 -26.83
C ASN F 60 -41.66 11.93 -26.82
N ASP F 61 -41.64 12.56 -25.64
CA ASP F 61 -41.70 14.01 -25.51
C ASP F 61 -40.29 14.57 -25.50
N GLY F 62 -40.06 15.59 -26.33
CA GLY F 62 -38.73 16.18 -26.41
C GLY F 62 -38.30 16.81 -25.10
N ALA F 63 -39.22 17.52 -24.44
CA ALA F 63 -38.88 18.18 -23.18
C ALA F 63 -38.46 17.17 -22.12
N THR F 64 -39.20 16.06 -22.01
CA THR F 64 -38.87 15.04 -21.02
C THR F 64 -37.51 14.43 -21.29
N ILE F 65 -37.24 14.08 -22.55
CA ILE F 65 -35.95 13.49 -22.89
C ILE F 65 -34.82 14.46 -22.60
N LEU F 66 -34.98 15.72 -22.96
CA LEU F 66 -33.93 16.70 -22.72
C LEU F 66 -33.71 16.92 -21.23
N LYS F 67 -34.78 16.95 -20.44
CA LYS F 67 -34.62 17.12 -19.00
C LYS F 67 -33.91 15.92 -18.39
N LEU F 68 -34.23 14.71 -18.84
CA LEU F 68 -33.60 13.52 -18.27
C LEU F 68 -32.11 13.45 -18.61
N LEU F 69 -31.68 14.09 -19.69
CA LEU F 69 -30.27 14.18 -19.99
C LEU F 69 -29.58 15.16 -19.05
N ASP F 70 -28.34 14.83 -18.68
CA ASP F 70 -27.55 15.70 -17.80
C ASP F 70 -26.66 16.59 -18.65
N VAL F 71 -27.31 17.49 -19.39
CA VAL F 71 -26.61 18.39 -20.29
C VAL F 71 -25.82 19.40 -19.47
N VAL F 72 -24.51 19.45 -19.69
CA VAL F 72 -23.64 20.37 -18.97
C VAL F 72 -22.98 21.41 -19.87
N HIS F 73 -23.08 21.26 -21.18
CA HIS F 73 -22.51 22.26 -22.08
C HIS F 73 -23.28 23.56 -21.95
N PRO F 74 -22.61 24.69 -21.70
CA PRO F 74 -23.35 25.95 -21.52
C PRO F 74 -24.18 26.34 -22.73
N ALA F 75 -23.68 26.10 -23.94
CA ALA F 75 -24.44 26.44 -25.13
C ALA F 75 -25.57 25.44 -25.39
N ALA F 76 -25.31 24.16 -25.12
CA ALA F 76 -26.32 23.13 -25.38
C ALA F 76 -27.52 23.27 -24.45
N LYS F 77 -27.29 23.73 -23.21
CA LYS F 77 -28.39 23.87 -22.26
C LYS F 77 -29.46 24.86 -22.73
N THR F 78 -29.11 25.75 -23.66
CA THR F 78 -30.11 26.68 -24.17
C THR F 78 -31.21 25.95 -24.92
N LEU F 79 -30.86 24.88 -25.65
CA LEU F 79 -31.87 24.10 -26.33
C LEU F 79 -32.84 23.45 -25.35
N VAL F 80 -32.31 22.89 -24.26
CA VAL F 80 -33.17 22.31 -23.23
C VAL F 80 -34.05 23.39 -22.61
N ASP F 81 -33.48 24.58 -22.37
CA ASP F 81 -34.25 25.66 -21.77
C ASP F 81 -35.39 26.10 -22.68
N ILE F 82 -35.13 26.22 -23.98
CA ILE F 82 -36.21 26.64 -24.89
C ILE F 82 -37.22 25.52 -25.07
N ALA F 83 -36.81 24.26 -25.00
CA ALA F 83 -37.77 23.17 -25.05
C ALA F 83 -38.70 23.21 -23.84
N LYS F 84 -38.14 23.46 -22.66
CA LYS F 84 -38.97 23.59 -21.46
C LYS F 84 -39.87 24.81 -21.56
N SER F 85 -39.37 25.90 -22.14
CA SER F 85 -40.19 27.09 -22.32
C SER F 85 -41.37 26.82 -23.25
N GLN F 86 -41.13 26.10 -24.35
CA GLN F 86 -42.21 25.74 -25.25
C GLN F 86 -43.21 24.82 -24.55
N ASP F 87 -42.72 23.88 -23.74
CA ASP F 87 -43.62 23.01 -22.99
C ASP F 87 -44.49 23.82 -22.04
N ALA F 88 -43.91 24.82 -21.37
CA ALA F 88 -44.66 25.62 -20.42
C ALA F 88 -45.69 26.50 -21.12
N GLU F 89 -45.28 27.18 -22.19
CA GLU F 89 -46.17 28.13 -22.84
C GLU F 89 -47.26 27.45 -23.65
N VAL F 90 -46.90 26.39 -24.38
CA VAL F 90 -47.81 25.73 -25.31
C VAL F 90 -48.12 24.30 -24.88
N GLY F 91 -47.09 23.49 -24.65
CA GLY F 91 -47.25 22.10 -24.29
C GLY F 91 -46.93 21.12 -25.40
N ASP F 92 -46.91 21.57 -26.65
CA ASP F 92 -46.52 20.74 -27.78
C ASP F 92 -45.54 21.51 -28.63
N GLY F 93 -44.75 20.78 -29.41
CA GLY F 93 -43.68 21.36 -30.19
C GLY F 93 -42.32 21.33 -29.53
N THR F 94 -42.16 20.55 -28.46
CA THR F 94 -40.89 20.52 -27.74
C THR F 94 -39.76 19.91 -28.56
N THR F 95 -40.08 19.12 -29.58
CA THR F 95 -39.06 18.62 -30.49
C THR F 95 -38.80 19.58 -31.63
N SER F 96 -39.87 20.24 -32.12
CA SER F 96 -39.72 21.17 -33.23
C SER F 96 -38.83 22.35 -32.86
N VAL F 97 -38.94 22.84 -31.63
CA VAL F 97 -38.13 23.98 -31.21
C VAL F 97 -36.65 23.63 -31.29
N THR F 98 -36.27 22.49 -30.73
CA THR F 98 -34.86 22.10 -30.73
C THR F 98 -34.36 21.83 -32.14
N LEU F 99 -35.17 21.12 -32.94
CA LEU F 99 -34.75 20.86 -34.32
C LEU F 99 -34.56 22.15 -35.10
N LEU F 100 -35.50 23.08 -34.96
CA LEU F 100 -35.40 24.34 -35.70
C LEU F 100 -34.20 25.16 -35.25
N ALA F 101 -33.95 25.23 -33.94
CA ALA F 101 -32.83 26.02 -33.45
C ALA F 101 -31.51 25.43 -33.92
N ALA F 102 -31.34 24.12 -33.79
CA ALA F 102 -30.11 23.51 -34.23
C ALA F 102 -29.94 23.62 -35.74
N GLU F 103 -31.04 23.56 -36.49
CA GLU F 103 -30.92 23.68 -37.94
C GLU F 103 -30.57 25.10 -38.35
N PHE F 104 -31.10 26.10 -37.64
CA PHE F 104 -30.68 27.48 -37.85
C PHE F 104 -29.17 27.61 -37.64
N LEU F 105 -28.68 27.07 -36.53
CA LEU F 105 -27.25 27.18 -36.23
C LEU F 105 -26.42 26.45 -37.27
N LYS F 106 -26.86 25.26 -37.70
CA LYS F 106 -26.13 24.52 -38.72
C LYS F 106 -26.10 25.29 -40.03
N GLN F 107 -27.21 25.93 -40.39
CA GLN F 107 -27.27 26.68 -41.64
C GLN F 107 -26.33 27.88 -41.61
N VAL F 108 -26.24 28.57 -40.48
CA VAL F 108 -25.38 29.75 -40.42
C VAL F 108 -23.94 29.43 -40.05
N LYS F 109 -23.63 28.18 -39.70
CA LYS F 109 -22.24 27.84 -39.40
C LYS F 109 -21.27 28.12 -40.54
N PRO F 110 -21.56 27.80 -41.82
CA PRO F 110 -20.60 28.14 -42.88
C PRO F 110 -20.30 29.62 -42.97
N TYR F 111 -21.30 30.48 -42.76
CA TYR F 111 -21.03 31.92 -42.79
C TYR F 111 -20.27 32.38 -41.56
N VAL F 112 -20.48 31.71 -40.42
CA VAL F 112 -19.68 32.00 -39.23
C VAL F 112 -18.22 31.68 -39.50
N GLU F 113 -17.95 30.54 -40.14
CA GLU F 113 -16.57 30.10 -40.33
C GLU F 113 -15.77 31.08 -41.18
N GLU F 114 -16.43 31.81 -42.09
CA GLU F 114 -15.72 32.78 -42.93
C GLU F 114 -15.74 34.18 -42.33
N GLY F 115 -15.83 34.31 -41.02
CA GLY F 115 -15.64 35.58 -40.36
C GLY F 115 -16.76 36.58 -40.48
N LEU F 116 -17.99 36.13 -40.73
CA LEU F 116 -19.11 37.05 -40.74
C LEU F 116 -19.40 37.57 -39.35
N HIS F 117 -19.76 38.84 -39.25
CA HIS F 117 -20.02 39.45 -37.95
C HIS F 117 -21.32 38.88 -37.37
N PRO F 118 -21.31 38.38 -36.13
CA PRO F 118 -22.52 37.75 -35.59
C PRO F 118 -23.72 38.68 -35.49
N GLN F 119 -23.50 39.99 -35.36
CA GLN F 119 -24.63 40.90 -35.27
C GLN F 119 -25.46 40.90 -36.55
N ILE F 120 -24.82 40.71 -37.70
CA ILE F 120 -25.55 40.64 -38.95
C ILE F 120 -26.46 39.42 -38.97
N ILE F 121 -25.94 38.28 -38.51
CA ILE F 121 -26.75 37.06 -38.44
C ILE F 121 -27.90 37.24 -37.47
N ILE F 122 -27.65 37.91 -36.34
CA ILE F 122 -28.71 38.15 -35.36
C ILE F 122 -29.81 39.01 -35.95
N ARG F 123 -29.43 40.09 -36.65
CA ARG F 123 -30.43 40.95 -37.27
C ARG F 123 -31.22 40.20 -38.33
N ALA F 124 -30.55 39.36 -39.11
CA ALA F 124 -31.25 38.57 -40.12
C ALA F 124 -32.24 37.61 -39.48
N PHE F 125 -31.85 36.95 -38.39
CA PHE F 125 -32.77 36.07 -37.69
C PHE F 125 -33.97 36.84 -37.15
N ARG F 126 -33.73 38.01 -36.57
CA ARG F 126 -34.84 38.80 -36.04
C ARG F 126 -35.82 39.18 -37.13
N THR F 127 -35.31 39.66 -38.27
CA THR F 127 -36.17 40.06 -39.37
C THR F 127 -36.96 38.87 -39.91
N ALA F 128 -36.27 37.75 -40.12
CA ALA F 128 -36.93 36.57 -40.66
C ALA F 128 -38.00 36.05 -39.71
N THR F 129 -37.71 36.03 -38.41
CA THR F 129 -38.69 35.56 -37.44
C THR F 129 -39.90 36.47 -37.38
N GLN F 130 -39.68 37.79 -37.40
CA GLN F 130 -40.82 38.71 -37.39
C GLN F 130 -41.69 38.50 -38.62
N LEU F 131 -41.07 38.37 -39.79
CA LEU F 131 -41.84 38.17 -41.01
C LEU F 131 -42.58 36.84 -40.98
N ALA F 132 -41.94 35.78 -40.47
CA ALA F 132 -42.59 34.47 -40.42
C ALA F 132 -43.79 34.49 -39.47
N VAL F 133 -43.64 35.14 -38.30
CA VAL F 133 -44.76 35.22 -37.37
C VAL F 133 -45.91 36.02 -37.98
N ASN F 134 -45.58 37.12 -38.66
CA ASN F 134 -46.63 37.89 -39.33
C ASN F 134 -47.33 37.07 -40.40
N LYS F 135 -46.57 36.30 -41.17
CA LYS F 135 -47.19 35.45 -42.19
C LYS F 135 -48.09 34.39 -41.56
N ILE F 136 -47.65 33.78 -40.46
CA ILE F 136 -48.47 32.78 -39.78
C ILE F 136 -49.77 33.39 -39.31
N LYS F 137 -49.69 34.58 -38.68
CA LYS F 137 -50.90 35.23 -38.21
C LYS F 137 -51.79 35.65 -39.36
N GLU F 138 -51.21 35.94 -40.52
CA GLU F 138 -52.00 36.35 -41.68
C GLU F 138 -52.75 35.18 -42.30
N ILE F 139 -52.09 34.03 -42.46
CA ILE F 139 -52.65 32.94 -43.24
C ILE F 139 -53.31 31.88 -42.38
N ALA F 140 -53.28 32.00 -41.06
CA ALA F 140 -53.94 31.03 -40.20
C ALA F 140 -55.44 31.05 -40.42
N VAL F 141 -56.04 29.87 -40.46
CA VAL F 141 -57.46 29.73 -40.77
C VAL F 141 -58.26 29.80 -39.48
N THR F 142 -59.25 30.69 -39.45
CA THR F 142 -60.16 30.83 -38.33
C THR F 142 -61.59 30.89 -38.84
N VAL F 143 -62.51 30.36 -38.05
CA VAL F 143 -63.93 30.36 -38.36
C VAL F 143 -64.65 31.21 -37.32
N LYS F 144 -65.26 32.31 -37.76
CA LYS F 144 -65.98 33.21 -36.87
C LYS F 144 -67.48 32.93 -36.95
N LYS F 145 -67.87 31.74 -36.49
CA LYS F 145 -69.26 31.31 -36.50
C LYS F 145 -69.81 30.97 -35.13
N ALA F 146 -68.95 30.66 -34.15
CA ALA F 146 -69.39 30.28 -32.80
C ALA F 146 -70.34 29.09 -32.86
N ASP F 147 -70.09 28.17 -33.78
CA ASP F 147 -70.90 26.96 -33.92
C ASP F 147 -70.36 25.90 -32.97
N LYS F 148 -71.26 25.31 -32.17
CA LYS F 148 -70.82 24.32 -31.19
C LYS F 148 -70.25 23.08 -31.85
N VAL F 149 -70.92 22.57 -32.89
CA VAL F 149 -70.47 21.35 -33.54
C VAL F 149 -69.15 21.58 -34.29
N GLU F 150 -69.03 22.72 -34.97
CA GLU F 150 -67.79 23.02 -35.67
C GLU F 150 -66.63 23.21 -34.70
N GLN F 151 -66.87 23.90 -33.59
CA GLN F 151 -65.82 24.08 -32.59
C GLN F 151 -65.42 22.75 -31.98
N ARG F 152 -66.40 21.88 -31.70
CA ARG F 152 -66.08 20.56 -31.18
C ARG F 152 -65.25 19.76 -32.18
N LYS F 153 -65.60 19.82 -33.46
CA LYS F 153 -64.83 19.11 -34.47
C LYS F 153 -63.41 19.65 -34.57
N LEU F 154 -63.25 20.98 -34.48
CA LEU F 154 -61.92 21.57 -34.50
C LEU F 154 -61.09 21.09 -33.31
N LEU F 155 -61.71 21.06 -32.13
CA LEU F 155 -61.02 20.56 -30.94
C LEU F 155 -60.59 19.12 -31.13
N GLU F 156 -61.50 18.28 -31.65
CA GLU F 156 -61.17 16.87 -31.82
C GLU F 156 -60.05 16.68 -32.82
N LYS F 157 -60.08 17.42 -33.93
CA LYS F 157 -59.02 17.30 -34.93
C LYS F 157 -57.68 17.75 -34.37
N CYS F 158 -57.66 18.86 -33.62
CA CYS F 158 -56.41 19.30 -33.01
C CYS F 158 -55.89 18.26 -32.02
N ALA F 159 -56.77 17.68 -31.21
CA ALA F 159 -56.34 16.66 -30.26
C ALA F 159 -55.80 15.42 -30.96
N MET F 160 -56.47 14.99 -32.04
CA MET F 160 -55.99 13.83 -32.78
C MET F 160 -54.62 14.10 -33.39
N THR F 161 -54.42 15.31 -33.94
CA THR F 161 -53.11 15.64 -34.50
C THR F 161 -52.05 15.67 -33.41
N ALA F 162 -52.39 16.18 -32.23
CA ALA F 162 -51.42 16.23 -31.14
C ALA F 162 -51.10 14.83 -30.61
N LEU F 163 -52.04 13.90 -30.69
CA LEU F 163 -51.83 12.56 -30.15
C LEU F 163 -51.26 11.58 -31.16
N SER F 164 -51.26 11.90 -32.45
CA SER F 164 -50.87 10.91 -33.44
C SER F 164 -49.35 10.84 -33.60
N SER F 165 -48.64 10.77 -32.49
CA SER F 165 -47.22 10.42 -32.51
C SER F 165 -46.80 9.58 -31.32
N LYS F 166 -47.72 9.21 -30.44
CA LYS F 166 -47.43 8.53 -29.18
C LYS F 166 -47.93 7.09 -29.26
N LEU F 167 -47.66 6.32 -28.20
CA LEU F 167 -48.08 4.93 -28.19
C LEU F 167 -49.59 4.77 -28.08
N ILE F 168 -50.32 5.83 -27.82
CA ILE F 168 -51.77 5.80 -27.81
C ILE F 168 -52.36 6.30 -29.14
N SER F 169 -51.54 6.35 -30.20
CA SER F 169 -52.03 6.83 -31.48
C SER F 169 -53.03 5.87 -32.12
N GLN F 170 -52.99 4.58 -31.76
CA GLN F 170 -53.96 3.64 -32.31
C GLN F 170 -55.36 3.96 -31.84
N GLN F 171 -55.50 4.36 -30.58
CA GLN F 171 -56.78 4.79 -30.00
C GLN F 171 -56.87 6.30 -29.89
N LYS F 172 -56.31 7.00 -30.88
CA LYS F 172 -56.23 8.45 -30.80
C LYS F 172 -57.61 9.10 -30.91
N ALA F 173 -58.51 8.53 -31.70
CA ALA F 173 -59.87 9.08 -31.77
C ALA F 173 -60.56 8.97 -30.42
N PHE F 174 -60.47 7.80 -29.79
CA PHE F 174 -61.06 7.58 -28.47
C PHE F 174 -60.50 8.57 -27.46
N PHE F 175 -59.18 8.68 -27.39
CA PHE F 175 -58.56 9.55 -26.40
C PHE F 175 -58.80 11.02 -26.70
N ALA F 176 -58.87 11.40 -27.98
CA ALA F 176 -59.16 12.78 -28.32
C ALA F 176 -60.58 13.16 -27.93
N LYS F 177 -61.54 12.26 -28.17
CA LYS F 177 -62.91 12.54 -27.73
C LYS F 177 -62.96 12.66 -26.21
N MET F 178 -62.25 11.78 -25.50
CA MET F 178 -62.21 11.88 -24.04
C MET F 178 -61.62 13.21 -23.59
N VAL F 179 -60.51 13.63 -24.21
CA VAL F 179 -59.85 14.85 -23.80
C VAL F 179 -60.73 16.07 -24.06
N VAL F 180 -61.34 16.12 -25.24
CA VAL F 180 -62.22 17.24 -25.56
C VAL F 180 -63.41 17.29 -24.60
N ASP F 181 -64.00 16.12 -24.30
CA ASP F 181 -65.09 16.10 -23.34
C ASP F 181 -64.64 16.58 -21.97
N ALA F 182 -63.43 16.19 -21.56
CA ALA F 182 -62.93 16.60 -20.25
C ALA F 182 -62.71 18.10 -20.18
N VAL F 183 -62.16 18.70 -21.25
CA VAL F 183 -61.74 20.10 -21.17
C VAL F 183 -62.95 21.03 -21.09
N MET F 184 -63.98 20.79 -21.91
CA MET F 184 -65.11 21.72 -21.97
C MET F 184 -65.87 21.81 -20.66
N MET F 185 -65.72 20.83 -19.76
CA MET F 185 -66.41 20.92 -18.48
C MET F 185 -65.70 21.83 -17.48
N LEU F 186 -64.45 22.21 -17.75
CA LEU F 186 -63.79 23.22 -16.92
C LEU F 186 -64.48 24.56 -17.12
N ASP F 187 -64.54 25.35 -16.03
CA ASP F 187 -65.47 26.48 -16.02
C ASP F 187 -64.93 27.71 -16.75
N ASP F 188 -63.88 28.33 -16.22
CA ASP F 188 -63.32 29.51 -16.89
C ASP F 188 -61.80 29.57 -16.90
N LEU F 189 -61.11 28.94 -15.95
CA LEU F 189 -59.66 29.05 -15.86
C LEU F 189 -58.93 27.87 -16.47
N LEU F 190 -59.64 26.79 -16.78
CA LEU F 190 -59.06 25.60 -17.40
C LEU F 190 -57.86 25.09 -16.58
N GLN F 191 -58.04 25.04 -15.27
CA GLN F 191 -56.96 24.63 -14.38
C GLN F 191 -56.65 23.16 -14.57
N LEU F 192 -55.37 22.84 -14.71
CA LEU F 192 -54.95 21.45 -14.92
C LEU F 192 -55.20 20.61 -13.67
N LYS F 193 -55.16 21.22 -12.48
CA LYS F 193 -55.40 20.47 -11.26
C LYS F 193 -56.86 20.06 -11.10
N MET F 194 -57.76 20.58 -11.94
CA MET F 194 -59.15 20.16 -11.93
C MET F 194 -59.42 18.98 -12.84
N ILE F 195 -58.39 18.43 -13.47
CA ILE F 195 -58.52 17.22 -14.28
C ILE F 195 -57.62 16.17 -13.64
N GLY F 196 -58.18 15.36 -12.76
CA GLY F 196 -57.42 14.30 -12.14
C GLY F 196 -57.06 13.22 -13.14
N ILE F 197 -55.88 12.62 -12.94
CA ILE F 197 -55.39 11.55 -13.79
C ILE F 197 -54.97 10.41 -12.89
N LYS F 198 -55.74 9.32 -12.89
CA LYS F 198 -55.45 8.15 -12.09
C LYS F 198 -54.91 7.05 -12.98
N LYS F 199 -53.81 6.43 -12.56
CA LYS F 199 -53.17 5.36 -13.30
C LYS F 199 -53.32 4.07 -12.52
N VAL F 200 -53.95 3.07 -13.12
CA VAL F 200 -54.20 1.78 -12.50
C VAL F 200 -53.61 0.70 -13.39
N GLN F 201 -52.73 -0.11 -12.82
CA GLN F 201 -52.09 -1.17 -13.58
C GLN F 201 -53.10 -2.25 -13.96
N GLY F 202 -52.83 -2.92 -15.08
CA GLY F 202 -53.72 -3.95 -15.57
C GLY F 202 -54.86 -3.39 -16.38
N GLY F 203 -55.22 -4.06 -17.47
CA GLY F 203 -56.27 -3.61 -18.33
C GLY F 203 -55.73 -3.06 -19.65
N ALA F 204 -56.59 -3.08 -20.66
CA ALA F 204 -56.23 -2.56 -21.97
C ALA F 204 -56.37 -1.05 -22.01
N LEU F 205 -55.81 -0.44 -23.05
CA LEU F 205 -55.92 1.00 -23.21
C LEU F 205 -57.38 1.43 -23.40
N GLU F 206 -58.14 0.66 -24.17
CA GLU F 206 -59.55 0.97 -24.39
C GLU F 206 -60.39 0.84 -23.13
N ASP F 207 -59.87 0.21 -22.08
CA ASP F 207 -60.59 0.10 -20.83
C ASP F 207 -60.54 1.38 -20.01
N SER F 208 -59.64 2.32 -20.34
CA SER F 208 -59.58 3.57 -19.63
C SER F 208 -60.86 4.36 -19.81
N GLN F 209 -61.27 5.09 -18.78
CA GLN F 209 -62.54 5.79 -18.77
C GLN F 209 -62.35 7.19 -18.24
N LEU F 210 -63.25 8.09 -18.64
CA LEU F 210 -63.32 9.44 -18.13
C LEU F 210 -64.54 9.53 -17.22
N VAL F 211 -64.31 9.74 -15.94
CA VAL F 211 -65.39 9.79 -14.95
C VAL F 211 -65.92 11.21 -14.89
N ALA F 212 -67.20 11.38 -15.23
CA ALA F 212 -67.87 12.68 -15.12
C ALA F 212 -68.20 12.93 -13.64
N GLY F 213 -67.14 13.17 -12.87
CA GLY F 213 -67.24 13.29 -11.44
C GLY F 213 -65.88 13.30 -10.79
N VAL F 214 -65.68 12.48 -9.77
CA VAL F 214 -64.39 12.36 -9.11
C VAL F 214 -64.21 10.92 -8.64
N ALA F 215 -63.00 10.41 -8.78
CA ALA F 215 -62.67 9.06 -8.35
C ALA F 215 -61.29 9.05 -7.71
N PHE F 216 -61.16 8.34 -6.59
CA PHE F 216 -59.87 8.22 -5.92
C PHE F 216 -59.80 6.89 -5.21
N LYS F 217 -58.58 6.45 -4.92
CA LYS F 217 -58.36 5.15 -4.33
C LYS F 217 -58.83 5.12 -2.87
N LYS F 218 -59.25 3.94 -2.43
CA LYS F 218 -59.62 3.76 -1.03
C LYS F 218 -58.43 4.03 -0.12
N THR F 219 -58.67 4.74 0.97
CA THR F 219 -57.60 5.32 1.78
C THR F 219 -57.60 4.72 3.18
N PHE F 220 -56.87 3.61 3.34
CA PHE F 220 -56.50 3.05 4.64
C PHE F 220 -57.70 2.96 5.59
N SER F 221 -58.63 2.09 5.22
CA SER F 221 -59.80 1.86 6.04
C SER F 221 -59.43 1.24 7.37
N TYR F 222 -60.23 1.54 8.39
CA TYR F 222 -60.05 0.99 9.72
C TYR F 222 -60.99 -0.19 9.94
N ALA F 223 -60.99 -0.72 11.16
CA ALA F 223 -61.86 -1.83 11.50
C ALA F 223 -63.32 -1.40 11.44
N GLY F 224 -64.18 -2.30 10.97
CA GLY F 224 -65.58 -1.99 10.79
C GLY F 224 -65.92 -1.28 9.50
N PHE F 225 -64.93 -1.02 8.65
CA PHE F 225 -65.22 -0.36 7.36
C PHE F 225 -65.98 -1.30 6.44
N GLU F 226 -65.64 -2.58 6.44
CA GLU F 226 -66.29 -3.53 5.53
C GLU F 226 -67.75 -3.76 5.87
N MET F 227 -68.21 -3.29 7.03
CA MET F 227 -69.61 -3.40 7.41
C MET F 227 -70.46 -2.26 6.87
N GLN F 228 -69.84 -1.24 6.29
CA GLN F 228 -70.58 -0.12 5.72
C GLN F 228 -71.15 -0.49 4.36
N PRO F 229 -72.30 0.04 3.99
CA PRO F 229 -72.79 -0.12 2.62
C PRO F 229 -71.88 0.59 1.64
N LYS F 230 -71.79 0.03 0.43
CA LYS F 230 -70.84 0.51 -0.56
C LYS F 230 -71.51 1.04 -1.82
N LYS F 231 -72.78 1.45 -1.73
CA LYS F 231 -73.47 2.03 -2.87
C LYS F 231 -74.68 2.80 -2.36
N TYR F 232 -74.78 4.07 -2.74
CA TYR F 232 -75.90 4.92 -2.40
C TYR F 232 -76.46 5.57 -3.66
N HIS F 233 -77.79 5.64 -3.75
CA HIS F 233 -78.43 6.02 -5.00
C HIS F 233 -78.80 7.50 -5.06
N ASN F 234 -78.70 8.25 -3.95
CA ASN F 234 -78.78 9.70 -3.90
C ASN F 234 -78.11 10.21 -2.63
N PRO F 235 -76.80 10.02 -2.48
CA PRO F 235 -76.15 10.39 -1.22
C PRO F 235 -75.84 11.87 -1.14
N LYS F 236 -75.86 12.39 0.09
CA LYS F 236 -75.37 13.72 0.39
C LYS F 236 -73.99 13.58 1.03
N ILE F 237 -73.04 14.36 0.55
CA ILE F 237 -71.64 14.19 0.90
C ILE F 237 -71.22 15.29 1.87
N ALA F 238 -70.61 14.91 2.98
CA ALA F 238 -70.15 15.85 4.00
C ALA F 238 -68.64 15.98 3.86
N LEU F 239 -68.20 16.90 3.00
CA LEU F 239 -66.79 17.18 2.86
C LEU F 239 -66.29 17.89 4.10
N LEU F 240 -65.27 17.33 4.74
CA LEU F 240 -64.82 17.80 6.04
C LEU F 240 -63.31 17.91 6.08
N ASN F 241 -62.82 18.78 6.97
CA ASN F 241 -61.42 18.82 7.36
C ASN F 241 -61.42 18.75 8.89
N VAL F 242 -61.53 17.53 9.41
CA VAL F 242 -61.74 17.29 10.83
C VAL F 242 -61.15 15.93 11.18
N GLU F 243 -60.45 15.86 12.30
CA GLU F 243 -59.89 14.61 12.81
C GLU F 243 -60.89 13.99 13.78
N LEU F 244 -61.58 12.95 13.33
CA LEU F 244 -62.67 12.33 14.09
C LEU F 244 -62.14 11.09 14.81
N GLU F 245 -61.50 11.31 15.95
CA GLU F 245 -61.07 10.21 16.80
C GLU F 245 -60.81 10.74 18.20
N LEU F 246 -60.78 9.82 19.16
CA LEU F 246 -60.44 10.18 20.53
C LEU F 246 -58.99 10.64 20.59
N LYS F 247 -58.78 11.84 21.10
CA LYS F 247 -57.44 12.42 21.19
C LYS F 247 -57.48 13.52 22.24
N ALA F 248 -56.29 13.98 22.62
CA ALA F 248 -56.19 15.11 23.53
C ALA F 248 -56.90 16.32 22.92
N GLU F 249 -57.63 17.06 23.75
CA GLU F 249 -58.37 18.21 23.25
C GLU F 249 -57.45 19.23 22.61
N LYS F 250 -56.31 19.49 23.25
CA LYS F 250 -55.27 20.32 22.65
C LYS F 250 -53.92 19.81 23.12
N ASP F 251 -52.89 20.16 22.35
CA ASP F 251 -51.56 19.64 22.62
C ASP F 251 -51.05 20.09 23.99
N ASN F 252 -51.26 21.35 24.34
CA ASN F 252 -50.83 21.88 25.62
C ASN F 252 -51.87 21.70 26.72
N ALA F 253 -53.03 21.13 26.41
CA ALA F 253 -54.08 20.96 27.40
C ALA F 253 -53.68 19.95 28.45
N GLU F 254 -53.96 20.28 29.71
CA GLU F 254 -53.71 19.38 30.83
C GLU F 254 -54.93 19.38 31.75
N ILE F 255 -55.25 18.21 32.27
CA ILE F 255 -56.40 18.02 33.14
C ILE F 255 -55.89 17.75 34.55
N ARG F 256 -56.38 18.53 35.51
CA ARG F 256 -56.01 18.38 36.92
C ARG F 256 -57.27 18.19 37.74
N VAL F 257 -57.48 16.98 38.25
CA VAL F 257 -58.63 16.66 39.07
C VAL F 257 -58.16 15.95 40.33
N HIS F 258 -58.98 16.03 41.37
CA HIS F 258 -58.66 15.42 42.65
C HIS F 258 -59.82 14.58 43.17
N THR F 259 -60.65 14.07 42.26
CA THR F 259 -61.78 13.24 42.62
C THR F 259 -62.01 12.20 41.55
N VAL F 260 -62.36 10.98 41.96
CA VAL F 260 -62.66 9.93 41.00
C VAL F 260 -63.93 10.28 40.21
N GLU F 261 -64.87 10.99 40.84
CA GLU F 261 -66.04 11.45 40.12
C GLU F 261 -65.65 12.36 38.96
N ASP F 262 -64.72 13.29 39.20
CA ASP F 262 -64.25 14.15 38.13
C ASP F 262 -63.47 13.37 37.10
N TYR F 263 -62.75 12.32 37.51
CA TYR F 263 -62.06 11.46 36.56
C TYR F 263 -63.05 10.81 35.59
N GLN F 264 -64.11 10.20 36.13
CA GLN F 264 -65.14 9.59 35.29
C GLN F 264 -65.82 10.64 34.43
N ALA F 265 -66.07 11.83 34.98
CA ALA F 265 -66.69 12.90 34.21
C ALA F 265 -65.81 13.31 33.05
N ILE F 266 -64.49 13.37 33.26
CA ILE F 266 -63.57 13.74 32.19
C ILE F 266 -63.58 12.69 31.08
N VAL F 267 -63.54 11.41 31.46
CA VAL F 267 -63.58 10.35 30.45
C VAL F 267 -64.88 10.44 29.65
N ASP F 268 -66.01 10.59 30.35
CA ASP F 268 -67.30 10.73 29.68
C ASP F 268 -67.33 11.98 28.81
N ALA F 269 -66.64 13.05 29.23
CA ALA F 269 -66.64 14.28 28.46
C ALA F 269 -65.88 14.10 27.15
N GLU F 270 -64.76 13.40 27.18
CA GLU F 270 -64.04 13.11 25.93
C GLU F 270 -64.91 12.27 24.99
N TRP F 271 -65.51 11.22 25.53
CA TRP F 271 -66.39 10.39 24.71
C TRP F 271 -67.56 11.20 24.15
N ASN F 272 -68.11 12.10 24.97
CA ASN F 272 -69.24 12.91 24.53
C ASN F 272 -68.84 13.94 23.49
N ILE F 273 -67.62 14.47 23.57
CA ILE F 273 -67.14 15.37 22.53
C ILE F 273 -67.08 14.64 21.19
N LEU F 274 -66.46 13.46 21.19
CA LEU F 274 -66.38 12.70 19.94
C LEU F 274 -67.78 12.34 19.42
N TYR F 275 -68.65 11.88 20.32
CA TYR F 275 -69.98 11.48 19.89
C TYR F 275 -70.82 12.67 19.46
N ASP F 276 -70.57 13.86 20.01
CA ASP F 276 -71.29 15.05 19.59
C ASP F 276 -70.87 15.46 18.19
N LYS F 277 -69.57 15.40 17.89
CA LYS F 277 -69.13 15.63 16.52
C LYS F 277 -69.79 14.65 15.57
N LEU F 278 -69.77 13.36 15.93
CA LEU F 278 -70.33 12.34 15.05
C LEU F 278 -71.84 12.52 14.88
N GLU F 279 -72.55 12.88 15.95
CA GLU F 279 -73.99 13.07 15.87
C GLU F 279 -74.34 14.29 15.04
N LYS F 280 -73.56 15.37 15.17
CA LYS F 280 -73.78 16.54 14.34
C LYS F 280 -73.58 16.20 12.87
N ILE F 281 -72.58 15.37 12.57
CA ILE F 281 -72.38 14.93 11.19
C ILE F 281 -73.57 14.09 10.73
N HIS F 282 -74.03 13.17 11.57
CA HIS F 282 -75.08 12.23 11.18
C HIS F 282 -76.42 12.94 10.95
N HIS F 283 -76.76 13.90 11.81
CA HIS F 283 -78.06 14.55 11.71
C HIS F 283 -78.15 15.52 10.54
N SER F 284 -77.05 15.81 9.87
CA SER F 284 -77.09 16.68 8.71
C SER F 284 -77.74 16.02 7.49
N GLY F 285 -78.00 14.72 7.55
CA GLY F 285 -78.57 13.99 6.44
C GLY F 285 -77.56 13.38 5.49
N ALA F 286 -76.28 13.67 5.68
CA ALA F 286 -75.25 13.12 4.79
C ALA F 286 -75.14 11.62 4.97
N LYS F 287 -74.80 10.93 3.87
CA LYS F 287 -74.55 9.50 3.89
C LYS F 287 -73.13 9.13 3.54
N VAL F 288 -72.36 10.02 2.93
CA VAL F 288 -70.96 9.79 2.62
C VAL F 288 -70.14 10.86 3.32
N VAL F 289 -69.13 10.43 4.08
CA VAL F 289 -68.30 11.34 4.87
C VAL F 289 -66.87 11.23 4.36
N LEU F 290 -66.31 12.35 3.95
CA LEU F 290 -64.93 12.43 3.49
C LEU F 290 -64.21 13.49 4.31
N SER F 291 -63.02 13.15 4.82
CA SER F 291 -62.25 14.05 5.66
C SER F 291 -60.80 14.09 5.20
N LYS F 292 -60.22 15.28 5.21
CA LYS F 292 -58.79 15.42 4.94
C LYS F 292 -57.97 14.79 6.06
N LEU F 293 -58.40 14.99 7.30
CA LEU F 293 -57.74 14.45 8.48
C LEU F 293 -58.22 13.02 8.75
N PRO F 294 -57.46 12.26 9.52
CA PRO F 294 -57.83 10.86 9.75
C PRO F 294 -59.18 10.72 10.44
N ILE F 295 -59.89 9.66 10.09
CA ILE F 295 -61.15 9.27 10.73
C ILE F 295 -60.88 8.00 11.51
N GLY F 296 -61.08 8.06 12.83
CA GLY F 296 -60.71 6.96 13.69
C GLY F 296 -61.61 5.76 13.52
N ASP F 297 -61.15 4.63 14.08
CA ASP F 297 -61.92 3.39 13.99
C ASP F 297 -63.23 3.50 14.75
N VAL F 298 -63.26 4.23 15.86
CA VAL F 298 -64.49 4.43 16.60
C VAL F 298 -65.51 5.17 15.73
N ALA F 299 -65.06 6.21 15.04
CA ALA F 299 -65.94 6.93 14.13
C ALA F 299 -66.40 6.04 12.98
N THR F 300 -65.50 5.21 12.47
CA THR F 300 -65.87 4.29 11.39
C THR F 300 -66.97 3.33 11.85
N GLN F 301 -66.83 2.76 13.05
CA GLN F 301 -67.84 1.85 13.56
C GLN F 301 -69.15 2.59 13.84
N TYR F 302 -69.07 3.80 14.35
CA TYR F 302 -70.27 4.60 14.59
C TYR F 302 -71.01 4.84 13.27
N PHE F 303 -70.29 5.19 12.22
CA PHE F 303 -70.92 5.41 10.92
C PHE F 303 -71.49 4.11 10.36
N ALA F 304 -70.77 3.00 10.52
CA ALA F 304 -71.26 1.72 10.04
C ALA F 304 -72.56 1.33 10.74
N ASP F 305 -72.68 1.65 12.03
CA ASP F 305 -73.91 1.36 12.75
C ASP F 305 -75.09 2.15 12.18
N ARG F 306 -74.82 3.32 11.59
CA ARG F 306 -75.86 4.15 11.00
C ARG F 306 -75.98 3.93 9.49
N ASP F 307 -75.25 2.97 8.93
CA ASP F 307 -75.25 2.70 7.49
C ASP F 307 -74.80 3.93 6.70
N MET F 308 -73.60 4.39 7.02
CA MET F 308 -73.01 5.55 6.37
C MET F 308 -71.58 5.22 5.98
N PHE F 309 -71.07 5.94 4.98
CA PHE F 309 -69.75 5.69 4.41
C PHE F 309 -68.78 6.76 4.92
N CYS F 310 -67.59 6.33 5.31
CA CYS F 310 -66.55 7.23 5.79
C CYS F 310 -65.26 6.94 5.04
N ALA F 311 -64.44 7.99 4.89
CA ALA F 311 -63.15 7.85 4.23
C ALA F 311 -62.24 8.95 4.73
N GLY F 312 -61.27 8.59 5.57
CA GLY F 312 -60.32 9.56 6.10
C GLY F 312 -59.05 9.63 5.29
N ARG F 313 -58.24 10.65 5.60
CA ARG F 313 -56.95 10.87 4.94
C ARG F 313 -57.09 11.02 3.43
N VAL F 314 -58.21 11.55 2.97
CA VAL F 314 -58.39 11.80 1.54
C VAL F 314 -57.44 12.93 1.12
N PRO F 315 -56.73 12.80 -0.01
CA PRO F 315 -55.81 13.86 -0.42
C PRO F 315 -56.55 15.17 -0.66
N GLU F 316 -55.83 16.28 -0.42
CA GLU F 316 -56.43 17.60 -0.54
C GLU F 316 -56.89 17.87 -1.96
N GLU F 317 -56.11 17.46 -2.96
CA GLU F 317 -56.51 17.65 -4.34
C GLU F 317 -57.81 16.90 -4.64
N ASP F 318 -57.94 15.68 -4.13
CA ASP F 318 -59.14 14.90 -4.36
C ASP F 318 -60.35 15.52 -3.67
N LEU F 319 -60.15 16.08 -2.47
CA LEU F 319 -61.25 16.77 -1.81
C LEU F 319 -61.68 18.01 -2.59
N LYS F 320 -60.72 18.79 -3.08
CA LYS F 320 -61.07 19.96 -3.88
C LYS F 320 -61.82 19.56 -5.14
N ARG F 321 -61.37 18.49 -5.79
CA ARG F 321 -62.05 18.01 -7.00
C ARG F 321 -63.45 17.52 -6.67
N THR F 322 -63.62 16.82 -5.55
CA THR F 322 -64.94 16.37 -5.14
C THR F 322 -65.86 17.54 -4.84
N MET F 323 -65.34 18.57 -4.17
CA MET F 323 -66.14 19.75 -3.89
C MET F 323 -66.58 20.44 -5.17
N MET F 324 -65.66 20.59 -6.12
CA MET F 324 -66.01 21.23 -7.39
C MET F 324 -67.03 20.40 -8.16
N ALA F 325 -66.91 19.07 -8.10
CA ALA F 325 -67.83 18.22 -8.86
C ALA F 325 -69.22 18.18 -8.23
N CYS F 326 -69.29 18.15 -6.90
CA CYS F 326 -70.57 17.94 -6.23
C CYS F 326 -71.30 19.24 -5.91
N GLY F 327 -70.58 20.25 -5.41
CA GLY F 327 -71.19 21.53 -5.10
C GLY F 327 -71.24 21.88 -3.62
N GLY F 328 -70.66 21.06 -2.75
CA GLY F 328 -70.62 21.36 -1.33
C GLY F 328 -69.53 22.35 -0.99
N SER F 329 -68.97 22.21 0.21
CA SER F 329 -67.88 23.05 0.64
C SER F 329 -67.11 22.32 1.74
N ILE F 330 -65.79 22.42 1.69
CA ILE F 330 -64.96 21.78 2.71
C ILE F 330 -65.15 22.50 4.03
N GLN F 331 -65.44 21.74 5.08
CA GLN F 331 -65.77 22.30 6.38
C GLN F 331 -64.72 21.89 7.41
N THR F 332 -64.21 22.86 8.15
CA THR F 332 -63.33 22.59 9.27
C THR F 332 -64.08 22.51 10.60
N SER F 333 -65.31 23.01 10.64
CA SER F 333 -66.17 22.94 11.82
C SER F 333 -67.46 22.23 11.44
N VAL F 334 -67.93 21.35 12.33
CA VAL F 334 -69.16 20.60 12.11
C VAL F 334 -70.36 21.24 12.80
N ASN F 335 -70.21 22.47 13.30
CA ASN F 335 -71.30 23.10 14.03
C ASN F 335 -72.45 23.49 13.11
N ALA F 336 -72.13 23.98 11.92
CA ALA F 336 -73.14 24.41 10.95
C ALA F 336 -72.97 23.59 9.68
N LEU F 337 -73.59 22.41 9.66
CA LEU F 337 -73.60 21.55 8.48
C LEU F 337 -74.93 21.69 7.75
N SER F 338 -75.16 22.89 7.23
CA SER F 338 -76.40 23.17 6.52
C SER F 338 -76.40 22.45 5.16
N ALA F 339 -77.58 22.45 4.53
CA ALA F 339 -77.72 21.80 3.24
C ALA F 339 -76.89 22.48 2.15
N ASP F 340 -76.46 23.72 2.37
CA ASP F 340 -75.69 24.45 1.37
C ASP F 340 -74.22 24.07 1.36
N VAL F 341 -73.72 23.36 2.38
CA VAL F 341 -72.33 22.95 2.45
C VAL F 341 -72.17 21.45 2.25
N LEU F 342 -73.21 20.77 1.78
CA LEU F 342 -73.17 19.34 1.55
C LEU F 342 -73.27 19.07 0.05
N GLY F 343 -72.30 18.33 -0.49
CA GLY F 343 -72.34 17.98 -1.88
C GLY F 343 -73.37 16.91 -2.18
N ARG F 344 -73.77 16.84 -3.45
CA ARG F 344 -74.76 15.87 -3.89
C ARG F 344 -74.31 15.26 -5.21
N CYS F 345 -74.39 13.94 -5.29
CA CYS F 345 -74.09 13.21 -6.52
C CYS F 345 -75.17 12.17 -6.75
N GLN F 346 -75.36 11.80 -8.01
CA GLN F 346 -76.42 10.86 -8.34
C GLN F 346 -76.13 9.47 -7.80
N VAL F 347 -74.92 8.96 -8.05
CA VAL F 347 -74.56 7.62 -7.62
C VAL F 347 -73.16 7.64 -7.03
N PHE F 348 -73.01 7.07 -5.84
CA PHE F 348 -71.71 6.78 -5.26
C PHE F 348 -71.54 5.29 -5.14
N GLU F 349 -70.35 4.79 -5.48
CA GLU F 349 -70.12 3.36 -5.50
C GLU F 349 -68.62 3.09 -5.34
N GLU F 350 -68.30 2.04 -4.58
CA GLU F 350 -66.93 1.57 -4.45
C GLU F 350 -66.77 0.30 -5.27
N THR F 351 -65.93 0.36 -6.30
CA THR F 351 -65.69 -0.77 -7.18
C THR F 351 -64.21 -1.12 -7.17
N GLN F 352 -63.90 -2.28 -7.75
CA GLN F 352 -62.53 -2.76 -7.86
C GLN F 352 -62.05 -2.57 -9.29
N ILE F 353 -60.85 -2.00 -9.43
CA ILE F 353 -60.25 -1.74 -10.73
C ILE F 353 -58.86 -2.36 -10.71
N GLY F 354 -58.73 -3.57 -11.22
CA GLY F 354 -57.43 -4.19 -11.40
C GLY F 354 -56.64 -4.37 -10.12
N GLY F 355 -57.27 -4.90 -9.07
CA GLY F 355 -56.58 -5.12 -7.83
C GLY F 355 -56.52 -3.93 -6.90
N GLU F 356 -57.24 -2.85 -7.21
CA GLU F 356 -57.33 -1.70 -6.33
C GLU F 356 -58.79 -1.30 -6.19
N ARG F 357 -59.14 -0.79 -5.01
CA ARG F 357 -60.49 -0.34 -4.73
C ARG F 357 -60.57 1.17 -4.93
N TYR F 358 -61.56 1.61 -5.70
CA TYR F 358 -61.74 3.01 -6.02
C TYR F 358 -63.15 3.45 -5.64
N ASN F 359 -63.27 4.69 -5.22
CA ASN F 359 -64.55 5.30 -4.90
C ASN F 359 -64.99 6.18 -6.06
N PHE F 360 -66.23 6.02 -6.49
CA PHE F 360 -66.76 6.72 -7.66
C PHE F 360 -67.88 7.66 -7.24
N PHE F 361 -67.79 8.92 -7.67
CA PHE F 361 -68.83 9.92 -7.46
C PHE F 361 -69.31 10.34 -8.84
N THR F 362 -70.27 9.59 -9.39
CA THR F 362 -70.76 9.82 -10.74
C THR F 362 -72.14 10.44 -10.70
N GLY F 363 -72.58 10.91 -11.87
CA GLY F 363 -73.89 11.51 -12.01
C GLY F 363 -73.98 12.97 -11.63
N CYS F 364 -72.86 13.63 -11.36
CA CYS F 364 -72.90 15.04 -11.02
C CYS F 364 -73.27 15.86 -12.25
N PRO F 365 -74.36 16.61 -12.23
CA PRO F 365 -74.80 17.31 -13.44
C PRO F 365 -74.07 18.62 -13.68
N LYS F 366 -73.63 19.27 -12.60
CA LYS F 366 -72.95 20.56 -12.69
C LYS F 366 -71.47 20.44 -12.35
N ALA F 367 -70.89 19.25 -12.57
CA ALA F 367 -69.50 19.04 -12.25
C ALA F 367 -68.59 19.88 -13.14
N LYS F 368 -67.59 20.52 -12.53
CA LYS F 368 -66.60 21.30 -13.24
C LYS F 368 -65.28 20.58 -13.41
N THR F 369 -65.21 19.31 -13.00
CA THR F 369 -63.96 18.55 -13.01
C THR F 369 -64.18 17.21 -13.68
N CYS F 370 -63.07 16.49 -13.87
CA CYS F 370 -63.07 15.16 -14.46
C CYS F 370 -62.03 14.32 -13.74
N THR F 371 -61.93 13.06 -14.14
CA THR F 371 -60.92 12.17 -13.59
C THR F 371 -60.64 11.07 -14.61
N PHE F 372 -59.49 11.16 -15.28
CA PHE F 372 -59.06 10.07 -16.15
C PHE F 372 -58.56 8.91 -15.31
N ILE F 373 -59.06 7.72 -15.61
CA ILE F 373 -58.58 6.49 -15.00
C ILE F 373 -57.87 5.71 -16.10
N LEU F 374 -56.54 5.83 -16.15
CA LEU F 374 -55.76 5.25 -17.23
C LEU F 374 -55.36 3.82 -16.89
N ARG F 375 -55.70 2.89 -17.77
CA ARG F 375 -55.33 1.50 -17.62
C ARG F 375 -54.16 1.17 -18.55
N GLY F 376 -53.23 0.36 -18.05
CA GLY F 376 -52.07 0.00 -18.83
C GLY F 376 -51.34 -1.16 -18.19
N GLY F 377 -50.52 -1.81 -18.99
CA GLY F 377 -49.80 -2.99 -18.55
C GLY F 377 -48.50 -2.74 -17.83
N ALA F 378 -48.04 -1.49 -17.72
CA ALA F 378 -46.78 -1.20 -17.06
C ALA F 378 -46.81 0.22 -16.50
N GLU F 379 -45.90 0.48 -15.57
CA GLU F 379 -45.83 1.80 -14.95
C GLU F 379 -45.45 2.86 -15.97
N GLN F 380 -44.37 2.62 -16.73
CA GLN F 380 -43.95 3.59 -17.74
C GLN F 380 -44.98 3.70 -18.86
N PHE F 381 -45.71 2.62 -19.14
CA PHE F 381 -46.81 2.68 -20.09
C PHE F 381 -47.82 3.74 -19.67
N MET F 382 -48.26 3.69 -18.41
CA MET F 382 -49.24 4.65 -17.91
C MET F 382 -48.65 6.05 -17.82
N GLU F 383 -47.36 6.16 -17.47
CA GLU F 383 -46.73 7.47 -17.42
C GLU F 383 -46.70 8.13 -18.80
N GLU F 384 -46.35 7.35 -19.84
CA GLU F 384 -46.32 7.92 -21.18
C GLU F 384 -47.72 8.23 -21.68
N THR F 385 -48.70 7.40 -21.33
CA THR F 385 -50.09 7.72 -21.66
C THR F 385 -50.51 9.04 -21.02
N GLU F 386 -50.13 9.24 -19.76
CA GLU F 386 -50.46 10.50 -19.08
C GLU F 386 -49.76 11.68 -19.76
N ARG F 387 -48.51 11.51 -20.17
CA ARG F 387 -47.80 12.59 -20.85
C ARG F 387 -48.48 12.95 -22.17
N SER F 388 -48.88 11.94 -22.95
CA SER F 388 -49.56 12.21 -24.20
C SER F 388 -50.90 12.92 -23.96
N LEU F 389 -51.65 12.46 -22.96
CA LEU F 389 -52.92 13.11 -22.64
C LEU F 389 -52.70 14.54 -22.16
N HIS F 390 -51.59 14.78 -21.45
CA HIS F 390 -51.27 16.15 -21.04
C HIS F 390 -51.01 17.03 -22.24
N ASP F 391 -50.26 16.53 -23.22
CA ASP F 391 -50.03 17.28 -24.45
C ASP F 391 -51.36 17.62 -25.13
N ALA F 392 -52.23 16.62 -25.26
CA ALA F 392 -53.53 16.84 -25.90
C ALA F 392 -54.36 17.85 -25.13
N ILE F 393 -54.34 17.77 -23.79
CA ILE F 393 -55.13 18.68 -22.97
C ILE F 393 -54.64 20.11 -23.14
N MET F 394 -53.32 20.30 -23.14
CA MET F 394 -52.79 21.65 -23.34
C MET F 394 -53.17 22.20 -24.72
N ILE F 395 -53.07 21.36 -25.76
CA ILE F 395 -53.49 21.81 -27.08
C ILE F 395 -54.95 22.21 -27.09
N VAL F 396 -55.82 21.40 -26.48
CA VAL F 396 -57.24 21.70 -26.49
C VAL F 396 -57.53 22.98 -25.71
N ARG F 397 -56.85 23.19 -24.59
CA ARG F 397 -57.05 24.42 -23.83
C ARG F 397 -56.63 25.65 -24.63
N ARG F 398 -55.46 25.58 -25.29
CA ARG F 398 -55.02 26.70 -26.11
C ARG F 398 -55.99 26.94 -27.25
N ALA F 399 -56.56 25.88 -27.81
CA ALA F 399 -57.57 26.04 -28.86
C ALA F 399 -58.82 26.72 -28.32
N ILE F 400 -59.21 26.38 -27.09
CA ILE F 400 -60.32 27.09 -26.44
C ILE F 400 -60.02 28.57 -26.34
N LYS F 401 -58.77 28.92 -26.01
CA LYS F 401 -58.41 30.33 -25.90
C LYS F 401 -58.58 31.04 -27.24
N ASN F 402 -58.15 30.42 -28.33
CA ASN F 402 -58.34 31.01 -29.66
C ASN F 402 -58.30 29.90 -30.70
N ASP F 403 -59.33 29.85 -31.55
CA ASP F 403 -59.46 28.79 -32.55
C ASP F 403 -58.88 29.25 -33.88
N SER F 404 -57.55 29.31 -33.92
CA SER F 404 -56.79 29.64 -35.12
C SER F 404 -55.88 28.46 -35.43
N VAL F 405 -56.09 27.84 -36.59
CA VAL F 405 -55.43 26.58 -36.90
C VAL F 405 -54.67 26.70 -38.21
N VAL F 406 -53.60 25.89 -38.32
CA VAL F 406 -52.83 25.74 -39.54
C VAL F 406 -52.58 24.25 -39.76
N ALA F 407 -52.32 23.90 -41.00
CA ALA F 407 -52.09 22.50 -41.35
C ALA F 407 -50.67 22.08 -40.98
N GLY F 408 -50.56 20.86 -40.44
CA GLY F 408 -49.28 20.31 -40.04
C GLY F 408 -48.62 19.52 -41.16
N GLY F 409 -47.70 18.65 -40.77
CA GLY F 409 -46.94 17.89 -41.75
C GLY F 409 -45.92 18.71 -42.50
N GLY F 410 -45.50 19.84 -41.94
CA GLY F 410 -44.55 20.71 -42.60
C GLY F 410 -45.14 21.66 -43.60
N ALA F 411 -46.46 21.62 -43.82
CA ALA F 411 -47.08 22.48 -44.82
C ALA F 411 -46.93 23.95 -44.44
N ILE F 412 -47.18 24.28 -43.17
CA ILE F 412 -47.03 25.66 -42.72
C ILE F 412 -45.58 26.12 -42.88
N GLU F 413 -44.62 25.26 -42.58
CA GLU F 413 -43.23 25.65 -42.68
C GLU F 413 -42.75 25.68 -44.12
N MET F 414 -43.31 24.84 -45.00
CA MET F 414 -43.02 25.00 -46.42
C MET F 414 -43.54 26.33 -46.95
N GLU F 415 -44.75 26.71 -46.56
CA GLU F 415 -45.27 28.02 -46.98
C GLU F 415 -44.41 29.15 -46.44
N LEU F 416 -43.99 29.04 -45.18
CA LEU F 416 -43.13 30.06 -44.59
C LEU F 416 -41.79 30.13 -45.31
N SER F 417 -41.22 28.97 -45.65
CA SER F 417 -39.94 28.96 -46.37
C SER F 417 -40.09 29.60 -47.74
N LYS F 418 -41.17 29.30 -48.45
CA LYS F 418 -41.39 29.92 -49.75
C LYS F 418 -41.51 31.43 -49.62
N TYR F 419 -42.30 31.89 -48.64
CA TYR F 419 -42.47 33.32 -48.45
C TYR F 419 -41.16 34.01 -48.09
N LEU F 420 -40.39 33.39 -47.20
CA LEU F 420 -39.13 34.00 -46.78
C LEU F 420 -38.11 34.01 -47.92
N ARG F 421 -38.07 32.96 -48.73
CA ARG F 421 -37.18 32.94 -49.87
C ARG F 421 -37.56 34.01 -50.88
N ASP F 422 -38.86 34.16 -51.14
CA ASP F 422 -39.31 35.19 -52.07
C ASP F 422 -38.96 36.58 -51.54
N TYR F 423 -39.12 36.80 -50.24
CA TYR F 423 -38.74 38.09 -49.66
C TYR F 423 -37.24 38.32 -49.78
N SER F 424 -36.45 37.31 -49.45
CA SER F 424 -34.99 37.46 -49.48
C SER F 424 -34.47 37.67 -50.88
N ARG F 425 -35.20 37.21 -51.89
CA ARG F 425 -34.77 37.45 -53.25
C ARG F 425 -34.92 38.91 -53.68
N THR F 426 -35.34 39.81 -52.78
CA THR F 426 -35.58 41.21 -53.10
C THR F 426 -34.90 42.13 -52.08
N ILE F 427 -33.69 41.78 -51.65
CA ILE F 427 -32.92 42.61 -50.73
C ILE F 427 -31.48 42.65 -51.21
N PRO F 428 -30.70 43.66 -50.75
CA PRO F 428 -29.41 43.96 -51.41
C PRO F 428 -28.47 42.77 -51.58
N GLY F 429 -28.41 41.86 -50.62
CA GLY F 429 -27.63 40.65 -50.85
C GLY F 429 -26.84 40.10 -49.69
N LYS F 430 -26.42 40.95 -48.76
CA LYS F 430 -25.75 40.43 -47.57
C LYS F 430 -26.75 39.74 -46.65
N GLN F 431 -27.90 40.37 -46.43
CA GLN F 431 -28.97 39.73 -45.67
C GLN F 431 -29.68 38.66 -46.49
N GLN F 432 -29.53 38.69 -47.81
CA GLN F 432 -30.20 37.71 -48.66
C GLN F 432 -29.72 36.30 -48.35
N LEU F 433 -28.41 36.11 -48.22
CA LEU F 433 -27.88 34.79 -47.92
C LEU F 433 -28.39 34.27 -46.59
N LEU F 434 -28.42 35.14 -45.57
CA LEU F 434 -28.84 34.70 -44.25
C LEU F 434 -30.33 34.38 -44.20
N ILE F 435 -31.16 35.22 -44.83
CA ILE F 435 -32.59 34.93 -44.84
C ILE F 435 -32.89 33.68 -45.66
N GLY F 436 -32.15 33.47 -46.74
CA GLY F 436 -32.28 32.22 -47.49
C GLY F 436 -31.87 31.02 -46.67
N ALA F 437 -30.82 31.17 -45.86
CA ALA F 437 -30.42 30.09 -44.96
C ALA F 437 -31.51 29.80 -43.94
N TYR F 438 -32.15 30.84 -43.42
CA TYR F 438 -33.28 30.67 -42.51
C TYR F 438 -34.41 29.91 -43.19
N ALA F 439 -34.75 30.30 -44.41
CA ALA F 439 -35.83 29.65 -45.15
C ALA F 439 -35.50 28.18 -45.42
N LYS F 440 -34.24 27.89 -45.77
CA LYS F 440 -33.84 26.51 -45.99
C LYS F 440 -33.86 25.72 -44.69
N ALA F 441 -33.49 26.35 -43.59
CA ALA F 441 -33.55 25.69 -42.29
C ALA F 441 -34.97 25.36 -41.89
N LEU F 442 -35.94 26.15 -42.35
CA LEU F 442 -37.34 25.89 -42.06
C LEU F 442 -37.82 24.58 -42.68
N GLU F 443 -36.97 23.92 -43.45
CA GLU F 443 -37.32 22.67 -44.14
C GLU F 443 -36.91 21.43 -43.37
N ILE F 444 -36.39 21.57 -42.15
CA ILE F 444 -35.88 20.41 -41.42
C ILE F 444 -37.03 19.50 -41.01
N ILE F 445 -38.16 20.07 -40.62
CA ILE F 445 -39.25 19.26 -40.05
C ILE F 445 -39.85 18.29 -41.08
N PRO F 446 -40.24 18.71 -42.28
CA PRO F 446 -40.72 17.70 -43.25
C PRO F 446 -39.65 16.69 -43.62
N ARG F 447 -38.39 17.11 -43.71
CA ARG F 447 -37.31 16.18 -43.99
C ARG F 447 -37.16 15.18 -42.85
N GLN F 448 -37.27 15.63 -41.61
CA GLN F 448 -37.19 14.70 -40.48
C GLN F 448 -38.37 13.76 -40.46
N LEU F 449 -39.56 14.24 -40.82
CA LEU F 449 -40.73 13.37 -40.92
C LEU F 449 -40.48 12.27 -41.94
N CYS F 450 -39.99 12.64 -43.12
CA CYS F 450 -39.72 11.64 -44.15
C CYS F 450 -38.64 10.66 -43.70
N ASP F 451 -37.59 11.15 -43.04
CA ASP F 451 -36.51 10.28 -42.60
C ASP F 451 -37.00 9.31 -41.54
N ASN F 452 -37.79 9.77 -40.58
CA ASN F 452 -38.34 8.88 -39.55
C ASN F 452 -39.27 7.84 -40.18
N ALA F 453 -40.11 8.27 -41.13
CA ALA F 453 -40.98 7.33 -41.81
C ALA F 453 -40.21 6.37 -42.70
N GLY F 454 -38.95 6.67 -43.02
CA GLY F 454 -38.17 5.82 -43.88
C GLY F 454 -38.31 6.09 -45.36
N PHE F 455 -38.77 7.27 -45.75
CA PHE F 455 -39.03 7.58 -47.14
C PHE F 455 -37.75 8.09 -47.79
N ASP F 456 -37.86 8.58 -49.01
CA ASP F 456 -36.79 9.35 -49.64
C ASP F 456 -37.10 10.83 -49.43
N ALA F 457 -36.35 11.47 -48.54
CA ALA F 457 -36.69 12.84 -48.15
C ALA F 457 -36.61 13.80 -49.33
N THR F 458 -35.59 13.65 -50.18
CA THR F 458 -35.35 14.64 -51.22
C THR F 458 -36.51 14.73 -52.20
N ASN F 459 -37.10 13.59 -52.57
CA ASN F 459 -38.21 13.61 -53.51
C ASN F 459 -39.42 14.33 -52.93
N ILE F 460 -39.74 14.06 -51.66
CA ILE F 460 -40.88 14.72 -51.03
C ILE F 460 -40.60 16.22 -50.88
N LEU F 461 -39.37 16.58 -50.52
CA LEU F 461 -39.00 17.99 -50.45
C LEU F 461 -39.20 18.68 -51.80
N ASN F 462 -38.75 18.04 -52.88
CA ASN F 462 -38.89 18.63 -54.20
C ASN F 462 -40.35 18.77 -54.59
N LYS F 463 -41.16 17.73 -54.33
CA LYS F 463 -42.58 17.80 -54.66
C LYS F 463 -43.28 18.90 -53.86
N LEU F 464 -42.97 19.00 -52.57
CA LEU F 464 -43.58 20.05 -51.75
C LEU F 464 -43.17 21.43 -52.22
N ARG F 465 -41.90 21.61 -52.55
CA ARG F 465 -41.44 22.90 -53.07
C ARG F 465 -42.16 23.27 -54.36
N ALA F 466 -42.27 22.30 -55.28
CA ALA F 466 -42.93 22.56 -56.55
C ALA F 466 -44.41 22.89 -56.34
N ARG F 467 -45.08 22.18 -55.45
CA ARG F 467 -46.50 22.41 -55.25
C ARG F 467 -46.75 23.74 -54.55
N HIS F 468 -45.92 24.10 -53.57
CA HIS F 468 -46.08 25.38 -52.89
C HIS F 468 -45.77 26.54 -53.84
N ALA F 469 -44.76 26.40 -54.68
CA ALA F 469 -44.41 27.47 -55.62
C ALA F 469 -45.54 27.71 -56.62
N GLN F 470 -46.13 26.65 -57.14
CA GLN F 470 -47.16 26.76 -58.16
C GLN F 470 -48.55 27.00 -57.59
N GLY F 471 -48.66 27.34 -56.30
CA GLY F 471 -49.94 27.56 -55.69
C GLY F 471 -50.37 26.40 -54.80
N GLY F 472 -50.73 26.71 -53.57
CA GLY F 472 -51.11 25.70 -52.59
C GLY F 472 -50.42 25.94 -51.27
N THR F 473 -51.20 26.05 -50.20
CA THR F 473 -50.68 26.47 -48.91
C THR F 473 -50.52 25.32 -47.92
N TRP F 474 -51.47 24.40 -47.88
CA TRP F 474 -51.52 23.38 -46.84
C TRP F 474 -51.11 22.01 -47.36
N TYR F 475 -50.13 21.96 -48.25
CA TYR F 475 -49.63 20.70 -48.78
C TYR F 475 -48.44 20.27 -47.94
N GLY F 476 -48.59 19.15 -47.23
CA GLY F 476 -47.54 18.65 -46.38
C GLY F 476 -47.12 17.23 -46.73
N VAL F 477 -46.69 16.47 -45.73
CA VAL F 477 -46.22 15.11 -45.92
C VAL F 477 -47.34 14.13 -45.58
N ASP F 478 -47.67 13.26 -46.52
CA ASP F 478 -48.65 12.20 -46.30
C ASP F 478 -47.88 10.92 -45.99
N ILE F 479 -47.90 10.51 -44.73
CA ILE F 479 -47.07 9.39 -44.29
C ILE F 479 -47.58 8.08 -44.86
N ASN F 480 -48.90 7.86 -44.79
CA ASN F 480 -49.43 6.56 -45.19
C ASN F 480 -49.29 6.32 -46.70
N ASN F 481 -49.45 7.36 -47.50
CA ASN F 481 -49.41 7.22 -48.95
C ASN F 481 -48.02 7.44 -49.54
N GLU F 482 -47.01 7.72 -48.72
CA GLU F 482 -45.65 7.94 -49.19
C GLU F 482 -45.59 9.07 -50.22
N ASP F 483 -46.43 10.09 -50.01
CA ASP F 483 -46.59 11.14 -51.00
C ASP F 483 -46.95 12.42 -50.25
N ILE F 484 -47.44 13.43 -50.98
CA ILE F 484 -47.87 14.68 -50.39
C ILE F 484 -49.39 14.80 -50.56
N ALA F 485 -49.99 15.61 -49.70
CA ALA F 485 -51.43 15.78 -49.73
C ALA F 485 -51.79 17.12 -49.07
N ASP F 486 -53.01 17.57 -49.34
CA ASP F 486 -53.52 18.79 -48.73
C ASP F 486 -53.84 18.52 -47.26
N ASN F 487 -52.90 18.82 -46.37
CA ASN F 487 -53.03 18.44 -44.97
C ASN F 487 -54.19 19.13 -44.28
N PHE F 488 -54.61 20.31 -44.78
CA PHE F 488 -55.81 20.94 -44.21
C PHE F 488 -57.04 20.09 -44.46
N GLU F 489 -57.17 19.54 -45.66
CA GLU F 489 -58.28 18.64 -45.95
C GLU F 489 -58.08 17.27 -45.33
N ALA F 490 -56.86 16.94 -44.92
CA ALA F 490 -56.58 15.71 -44.21
C ALA F 490 -56.73 15.85 -42.70
N PHE F 491 -57.19 17.01 -42.24
CA PHE F 491 -57.45 17.26 -40.82
C PHE F 491 -56.20 17.07 -39.97
N VAL F 492 -55.04 17.44 -40.53
CA VAL F 492 -53.80 17.53 -39.76
C VAL F 492 -53.70 18.99 -39.32
N TRP F 493 -54.33 19.30 -38.19
CA TRP F 493 -54.51 20.68 -37.75
C TRP F 493 -53.66 20.96 -36.51
N GLU F 494 -53.10 22.16 -36.45
CA GLU F 494 -52.34 22.63 -35.31
C GLU F 494 -52.79 24.03 -34.94
N PRO F 495 -52.85 24.36 -33.66
CA PRO F 495 -53.04 25.76 -33.28
C PRO F 495 -51.89 26.61 -33.79
N ALA F 496 -52.20 27.81 -34.26
CA ALA F 496 -51.18 28.68 -34.81
C ALA F 496 -50.15 29.08 -33.75
N MET F 497 -50.58 29.21 -32.50
CA MET F 497 -49.67 29.63 -31.45
C MET F 497 -48.55 28.64 -31.24
N VAL F 498 -48.77 27.37 -31.56
CA VAL F 498 -47.71 26.37 -31.41
C VAL F 498 -46.53 26.71 -32.30
N ARG F 499 -46.80 26.94 -33.59
CA ARG F 499 -45.73 27.28 -34.52
C ARG F 499 -45.18 28.67 -34.23
N ILE F 500 -46.05 29.61 -33.82
CA ILE F 500 -45.57 30.95 -33.50
C ILE F 500 -44.54 30.90 -32.39
N ASN F 501 -44.88 30.21 -31.30
CA ASN F 501 -43.97 30.13 -30.16
C ASN F 501 -42.74 29.30 -30.50
N ALA F 502 -42.91 28.25 -31.31
CA ALA F 502 -41.75 27.46 -31.72
C ALA F 502 -40.75 28.31 -32.48
N LEU F 503 -41.22 29.07 -33.47
CA LEU F 503 -40.32 29.92 -34.22
C LEU F 503 -39.70 30.99 -33.35
N THR F 504 -40.49 31.62 -32.46
CA THR F 504 -39.95 32.66 -31.60
C THR F 504 -38.85 32.11 -30.70
N ALA F 505 -39.11 30.99 -30.03
CA ALA F 505 -38.12 30.41 -29.12
C ALA F 505 -36.89 29.95 -29.87
N ALA F 506 -37.06 29.31 -31.04
CA ALA F 506 -35.90 28.84 -31.79
C ALA F 506 -35.04 30.02 -32.24
N SER F 507 -35.67 31.08 -32.73
CA SER F 507 -34.91 32.26 -33.14
C SER F 507 -34.18 32.90 -31.96
N GLU F 508 -34.85 33.01 -30.82
CA GLU F 508 -34.20 33.60 -29.65
C GLU F 508 -33.01 32.75 -29.21
N ALA F 509 -33.15 31.43 -29.20
CA ALA F 509 -32.04 30.57 -28.83
C ALA F 509 -30.89 30.69 -29.81
N ALA F 510 -31.19 30.73 -31.11
CA ALA F 510 -30.14 30.86 -32.11
C ALA F 510 -29.40 32.19 -31.95
N CYS F 511 -30.13 33.27 -31.73
CA CYS F 511 -29.50 34.58 -31.56
C CYS F 511 -28.64 34.59 -30.29
N LEU F 512 -29.14 34.00 -29.20
CA LEU F 512 -28.35 33.95 -27.98
C LEU F 512 -27.07 33.15 -28.15
N ILE F 513 -27.16 32.01 -28.84
CA ILE F 513 -25.96 31.20 -29.07
C ILE F 513 -24.97 31.95 -29.94
N VAL F 514 -25.46 32.60 -31.00
CA VAL F 514 -24.57 33.30 -31.92
C VAL F 514 -23.91 34.50 -31.24
N SER F 515 -24.62 35.17 -30.34
CA SER F 515 -24.12 36.39 -29.73
C SER F 515 -22.95 36.18 -28.78
N VAL F 516 -22.62 34.95 -28.42
CA VAL F 516 -21.56 34.67 -27.47
C VAL F 516 -20.26 34.39 -28.22
N ASP F 517 -19.19 35.03 -27.78
CA ASP F 517 -17.89 34.85 -28.41
C ASP F 517 -16.84 34.22 -27.49
N GLU F 518 -17.12 34.08 -26.20
CA GLU F 518 -16.12 33.57 -25.28
C GLU F 518 -16.81 32.89 -24.11
N THR F 519 -16.30 31.74 -23.72
CA THR F 519 -16.81 30.97 -22.59
C THR F 519 -15.73 30.83 -21.53
N ILE F 520 -16.06 31.18 -20.30
CA ILE F 520 -15.13 31.10 -19.17
C ILE F 520 -15.74 30.18 -18.12
N LYS F 521 -14.96 29.21 -17.65
CA LYS F 521 -15.41 28.25 -16.64
C LYS F 521 -14.49 28.37 -15.43
N ASN F 522 -15.01 28.91 -14.34
CA ASN F 522 -14.24 28.99 -13.11
C ASN F 522 -14.09 27.59 -12.50
N PRO F 523 -12.98 27.34 -11.80
CA PRO F 523 -12.79 26.02 -11.19
C PRO F 523 -13.86 25.74 -10.13
N ARG F 524 -14.25 24.48 -10.06
CA ARG F 524 -15.28 24.07 -9.11
C ARG F 524 -14.79 24.22 -7.68
N SER F 525 -15.70 24.59 -6.79
CA SER F 525 -15.40 24.78 -5.38
C SER F 525 -16.02 23.66 -4.55
N THR F 526 -15.33 23.29 -3.48
CA THR F 526 -15.74 22.20 -2.58
C THR F 526 -15.97 20.91 -3.37
N VAL F 527 -14.88 20.44 -3.99
CA VAL F 527 -14.96 19.25 -4.83
C VAL F 527 -15.23 18.00 -3.99
N ASP F 528 -14.65 17.94 -2.79
CA ASP F 528 -14.77 16.77 -1.90
C ASP F 528 -14.36 15.48 -2.60
N ALA G 1 28.75 25.19 -4.31
CA ALA G 1 28.97 25.78 -5.62
C ALA G 1 27.87 25.36 -6.58
N LEU G 2 26.76 24.89 -6.02
CA LEU G 2 25.63 24.44 -6.84
C LEU G 2 24.29 24.93 -6.31
N HIS G 3 24.28 25.83 -5.33
CA HIS G 3 23.04 26.36 -4.79
C HIS G 3 23.26 27.78 -4.31
N VAL G 4 22.29 28.66 -4.61
CA VAL G 4 22.34 30.06 -4.22
C VAL G 4 21.52 30.21 -2.94
N PRO G 5 22.14 30.51 -1.80
CA PRO G 5 21.37 30.64 -0.57
C PRO G 5 20.56 31.93 -0.54
N LYS G 6 19.56 31.95 0.33
CA LYS G 6 18.77 33.15 0.52
C LYS G 6 19.61 34.24 1.16
N ALA G 7 19.37 35.48 0.75
CA ALA G 7 20.14 36.60 1.27
C ALA G 7 19.83 36.79 2.75
N PRO G 8 20.83 37.18 3.56
CA PRO G 8 20.55 37.46 4.97
C PRO G 8 19.62 38.65 5.11
N GLY G 9 18.75 38.58 6.13
CA GLY G 9 17.80 39.65 6.36
C GLY G 9 16.38 39.24 6.09
N PHE G 10 15.63 40.10 5.38
CA PHE G 10 14.21 39.86 5.17
C PHE G 10 13.95 38.59 4.38
N ALA G 11 14.89 38.19 3.51
CA ALA G 11 14.69 36.99 2.71
C ALA G 11 14.60 35.75 3.59
N GLN G 12 15.47 35.65 4.60
CA GLN G 12 15.47 34.47 5.45
C GLN G 12 14.32 34.50 6.46
N MET G 13 13.96 35.68 6.96
CA MET G 13 12.90 35.80 7.95
C MET G 13 11.51 35.62 7.36
N LEU G 14 11.37 35.69 6.04
CA LEU G 14 10.06 35.55 5.41
C LEU G 14 9.51 34.14 5.65
N LYS G 15 8.19 34.06 5.77
CA LYS G 15 7.54 32.78 5.98
C LYS G 15 7.63 31.92 4.71
N GLU G 16 7.39 30.62 4.89
CA GLU G 16 7.63 29.67 3.80
C GLU G 16 6.69 29.92 2.63
N GLY G 17 5.42 30.15 2.90
CA GLY G 17 4.45 30.34 1.83
C GLY G 17 4.27 31.74 1.33
N ALA G 18 4.98 32.71 1.91
CA ALA G 18 4.76 34.10 1.57
C ALA G 18 5.48 34.47 0.28
N LYS G 19 5.20 35.67 -0.22
CA LYS G 19 5.83 36.22 -1.40
C LYS G 19 6.10 37.70 -1.19
N HIS G 20 7.27 38.14 -1.60
CA HIS G 20 7.66 39.55 -1.48
C HIS G 20 8.11 40.06 -2.83
N PHE G 21 7.49 41.15 -3.29
CA PHE G 21 7.85 41.80 -4.54
C PHE G 21 8.22 43.25 -4.26
N SER G 22 9.41 43.65 -4.69
CA SER G 22 9.87 45.01 -4.48
C SER G 22 10.50 45.54 -5.76
N GLY G 23 10.39 46.84 -5.95
CA GLY G 23 10.98 47.51 -7.09
C GLY G 23 10.04 47.63 -8.28
N LEU G 24 10.46 48.47 -9.22
CA LEU G 24 9.64 48.74 -10.40
C LEU G 24 9.32 47.46 -11.16
N GLU G 25 10.36 46.82 -11.71
CA GLU G 25 10.20 45.70 -12.62
C GLU G 25 9.60 44.46 -11.96
N GLU G 26 9.55 44.42 -10.63
CA GLU G 26 9.00 43.26 -9.94
C GLU G 26 7.61 43.51 -9.36
N ALA G 27 7.24 44.76 -9.10
CA ALA G 27 5.91 45.05 -8.56
C ALA G 27 5.06 45.88 -9.51
N VAL G 28 5.54 47.03 -9.94
CA VAL G 28 4.67 47.96 -10.67
C VAL G 28 4.36 47.43 -12.06
N TYR G 29 5.38 46.90 -12.75
CA TYR G 29 5.15 46.36 -14.08
C TYR G 29 4.24 45.14 -14.03
N ARG G 30 4.40 44.29 -13.01
CA ARG G 30 3.52 43.14 -12.87
C ARG G 30 2.07 43.57 -12.62
N ASN G 31 1.88 44.58 -11.76
CA ASN G 31 0.53 45.07 -11.51
C ASN G 31 -0.08 45.66 -12.78
N ILE G 32 0.71 46.42 -13.54
CA ILE G 32 0.21 47.01 -14.78
C ILE G 32 -0.16 45.91 -15.76
N GLN G 33 0.67 44.86 -15.85
CA GLN G 33 0.36 43.75 -16.74
C GLN G 33 -0.93 43.06 -16.34
N ALA G 34 -1.13 42.83 -15.05
CA ALA G 34 -2.35 42.18 -14.60
C ALA G 34 -3.58 43.03 -14.91
N CYS G 35 -3.49 44.33 -14.67
CA CYS G 35 -4.63 45.21 -14.96
C CYS G 35 -4.91 45.25 -16.46
N LYS G 36 -3.86 45.31 -17.27
CA LYS G 36 -4.04 45.29 -18.72
C LYS G 36 -4.70 44.00 -19.18
N GLU G 37 -4.30 42.86 -18.59
CA GLU G 37 -4.92 41.60 -18.95
C GLU G 37 -6.39 41.57 -18.57
N LEU G 38 -6.73 42.08 -17.38
CA LEU G 38 -8.14 42.15 -16.98
C LEU G 38 -8.95 43.01 -17.95
N ALA G 39 -8.41 44.18 -18.30
CA ALA G 39 -9.09 45.04 -19.26
C ALA G 39 -9.24 44.35 -20.61
N GLN G 40 -8.24 43.59 -21.02
CA GLN G 40 -8.33 42.85 -22.27
C GLN G 40 -9.44 41.80 -22.21
N THR G 41 -9.57 41.12 -21.07
CA THR G 41 -10.63 40.12 -20.93
C THR G 41 -11.99 40.77 -21.04
N THR G 42 -12.17 41.96 -20.45
CA THR G 42 -13.49 42.58 -20.44
C THR G 42 -13.77 43.44 -21.67
N ARG G 43 -12.75 43.75 -22.48
CA ARG G 43 -12.88 44.76 -23.52
C ARG G 43 -13.91 44.40 -24.58
N THR G 44 -13.93 43.14 -25.03
CA THR G 44 -14.68 42.78 -26.22
C THR G 44 -16.19 42.96 -26.07
N ALA G 45 -16.69 43.15 -24.86
CA ALA G 45 -18.12 43.34 -24.64
C ALA G 45 -18.53 44.80 -24.66
N TYR G 46 -17.61 45.72 -24.95
CA TYR G 46 -17.90 47.14 -24.89
C TYR G 46 -18.68 47.59 -26.11
N GLY G 47 -19.66 48.47 -25.89
CA GLY G 47 -20.40 49.09 -26.96
C GLY G 47 -21.61 48.30 -27.41
N PRO G 48 -22.41 48.88 -28.31
CA PRO G 48 -23.58 48.16 -28.83
C PRO G 48 -23.22 46.88 -29.55
N ASN G 49 -22.10 46.84 -30.24
CA ASN G 49 -21.65 45.65 -30.93
C ASN G 49 -20.86 44.71 -30.04
N GLY G 50 -20.94 44.89 -28.72
CA GLY G 50 -20.28 43.98 -27.81
C GLY G 50 -20.92 42.61 -27.83
N MET G 51 -20.13 41.61 -27.50
CA MET G 51 -20.56 40.22 -27.53
C MET G 51 -20.74 39.70 -26.10
N ASN G 52 -21.83 38.98 -25.88
CA ASN G 52 -22.07 38.39 -24.57
C ASN G 52 -21.03 37.33 -24.26
N LYS G 53 -20.84 37.07 -22.97
CA LYS G 53 -19.86 36.12 -22.50
C LYS G 53 -20.53 35.10 -21.59
N MET G 54 -20.28 33.82 -21.86
CA MET G 54 -20.79 32.74 -21.02
C MET G 54 -19.79 32.50 -19.89
N VAL G 55 -20.19 32.82 -18.65
CA VAL G 55 -19.32 32.71 -17.49
C VAL G 55 -19.94 31.72 -16.52
N ILE G 56 -19.15 30.72 -16.12
CA ILE G 56 -19.57 29.71 -15.16
C ILE G 56 -18.82 29.95 -13.86
N ASN G 57 -19.55 30.24 -12.79
CA ASN G 57 -18.92 30.47 -11.50
C ASN G 57 -18.62 29.14 -10.83
N HIS G 58 -18.10 29.21 -9.60
CA HIS G 58 -17.69 28.01 -8.89
C HIS G 58 -18.88 27.11 -8.52
N LEU G 59 -20.10 27.63 -8.59
CA LEU G 59 -21.30 26.86 -8.27
C LEU G 59 -22.02 26.37 -9.52
N GLU G 60 -21.35 26.37 -10.66
CA GLU G 60 -21.87 25.90 -11.95
C GLU G 60 -23.04 26.73 -12.46
N LYS G 61 -23.35 27.86 -11.83
CA LYS G 61 -24.38 28.74 -12.35
C LYS G 61 -23.89 29.40 -13.63
N LEU G 62 -24.80 29.56 -14.60
CA LEU G 62 -24.45 30.03 -15.93
C LEU G 62 -24.91 31.47 -16.09
N PHE G 63 -23.97 32.36 -16.42
CA PHE G 63 -24.26 33.75 -16.73
C PHE G 63 -23.83 34.03 -18.15
N VAL G 64 -24.75 34.57 -18.95
CA VAL G 64 -24.44 35.07 -20.28
C VAL G 64 -24.87 36.53 -20.33
N THR G 65 -23.91 37.42 -20.56
CA THR G 65 -24.17 38.85 -20.51
C THR G 65 -22.98 39.59 -21.10
N ASN G 66 -23.20 40.87 -21.39
CA ASN G 66 -22.15 41.78 -21.80
C ASN G 66 -22.01 42.95 -20.82
N ASP G 67 -22.53 42.79 -19.60
CA ASP G 67 -22.38 43.78 -18.55
C ASP G 67 -21.05 43.57 -17.85
N ALA G 68 -20.19 44.59 -17.86
CA ALA G 68 -18.82 44.42 -17.35
C ALA G 68 -18.83 44.11 -15.85
N ALA G 69 -19.68 44.78 -15.08
CA ALA G 69 -19.70 44.57 -13.64
C ALA G 69 -20.09 43.14 -13.31
N THR G 70 -21.09 42.59 -14.00
CA THR G 70 -21.50 41.21 -13.75
C THR G 70 -20.39 40.23 -14.10
N ILE G 71 -19.69 40.47 -15.22
CA ILE G 71 -18.59 39.60 -15.60
C ILE G 71 -17.49 39.61 -14.56
N LEU G 72 -17.14 40.80 -14.07
CA LEU G 72 -16.11 40.89 -13.03
C LEU G 72 -16.57 40.21 -11.75
N ARG G 73 -17.84 40.37 -11.38
CA ARG G 73 -18.35 39.75 -10.16
C ARG G 73 -18.30 38.24 -10.25
N GLU G 74 -18.69 37.68 -11.40
CA GLU G 74 -18.69 36.23 -11.54
C GLU G 74 -17.29 35.66 -11.73
N LEU G 75 -16.41 36.40 -12.39
CA LEU G 75 -15.02 35.96 -12.52
C LEU G 75 -14.35 35.93 -11.17
N GLU G 76 -13.48 34.93 -10.97
CA GLU G 76 -12.76 34.80 -9.71
C GLU G 76 -11.38 35.45 -9.87
N VAL G 77 -11.38 36.78 -9.78
CA VAL G 77 -10.14 37.54 -9.92
C VAL G 77 -9.27 37.31 -8.70
N GLN G 78 -7.99 37.05 -8.92
CA GLN G 78 -7.06 36.74 -7.85
C GLN G 78 -5.94 37.77 -7.68
N HIS G 79 -5.53 38.44 -8.73
CA HIS G 79 -4.45 39.41 -8.62
C HIS G 79 -4.92 40.64 -7.86
N PRO G 80 -4.18 41.11 -6.85
CA PRO G 80 -4.65 42.24 -6.04
C PRO G 80 -4.87 43.53 -6.83
N ALA G 81 -4.04 43.82 -7.82
CA ALA G 81 -4.23 45.04 -8.61
C ALA G 81 -5.49 44.95 -9.45
N ALA G 82 -5.70 43.81 -10.11
CA ALA G 82 -6.97 43.59 -10.80
C ALA G 82 -8.13 43.63 -9.84
N LYS G 83 -7.93 43.16 -8.61
CA LYS G 83 -8.98 43.27 -7.59
C LYS G 83 -9.31 44.72 -7.31
N MET G 84 -8.29 45.58 -7.21
CA MET G 84 -8.52 47.00 -6.96
C MET G 84 -9.28 47.64 -8.12
N ILE G 85 -8.92 47.29 -9.35
CA ILE G 85 -9.65 47.79 -10.51
C ILE G 85 -11.10 47.32 -10.47
N VAL G 86 -11.32 46.07 -10.06
CA VAL G 86 -12.67 45.54 -9.95
C VAL G 86 -13.46 46.29 -8.89
N MET G 87 -12.83 46.63 -7.76
CA MET G 87 -13.50 47.41 -6.73
C MET G 87 -13.87 48.79 -7.25
N ALA G 88 -12.99 49.42 -8.03
CA ALA G 88 -13.34 50.71 -8.64
C ALA G 88 -14.53 50.57 -9.58
N SER G 89 -14.55 49.50 -10.38
CA SER G 89 -15.68 49.27 -11.28
C SER G 89 -16.98 49.08 -10.51
N HIS G 90 -16.94 48.30 -9.43
CA HIS G 90 -18.13 48.07 -8.63
C HIS G 90 -18.59 49.36 -7.94
N MET G 91 -17.63 50.20 -7.53
CA MET G 91 -18.00 51.50 -6.97
C MET G 91 -18.71 52.35 -8.01
N GLN G 92 -18.23 52.31 -9.25
CA GLN G 92 -18.93 53.03 -10.32
C GLN G 92 -20.33 52.49 -10.53
N GLU G 93 -20.47 51.16 -10.51
CA GLU G 93 -21.80 50.55 -10.67
C GLU G 93 -22.74 50.97 -9.55
N GLN G 94 -22.25 50.97 -8.32
CA GLN G 94 -23.10 51.35 -7.19
C GLN G 94 -23.48 52.83 -7.24
N GLU G 95 -22.52 53.70 -7.59
CA GLU G 95 -22.76 55.13 -7.53
C GLU G 95 -23.66 55.60 -8.66
N VAL G 96 -23.46 55.08 -9.87
CA VAL G 96 -24.15 55.56 -11.06
C VAL G 96 -25.05 54.50 -11.67
N GLY G 97 -24.54 53.29 -11.82
CA GLY G 97 -25.29 52.20 -12.43
C GLY G 97 -24.87 51.85 -13.83
N ASP G 98 -24.04 52.67 -14.48
CA ASP G 98 -23.55 52.38 -15.82
C ASP G 98 -22.16 52.98 -15.97
N GLY G 99 -21.42 52.46 -16.94
CA GLY G 99 -20.08 52.93 -17.20
C GLY G 99 -18.97 52.10 -16.59
N THR G 100 -19.26 50.88 -16.12
CA THR G 100 -18.22 50.04 -15.52
C THR G 100 -17.15 49.67 -16.55
N ASN G 101 -17.58 49.27 -17.75
CA ASN G 101 -16.62 48.93 -18.79
C ASN G 101 -15.77 50.12 -19.18
N PHE G 102 -16.34 51.33 -19.14
CA PHE G 102 -15.55 52.53 -19.32
C PHE G 102 -14.47 52.63 -18.26
N VAL G 103 -14.82 52.31 -17.00
CA VAL G 103 -13.84 52.36 -15.92
C VAL G 103 -12.69 51.40 -16.19
N LEU G 104 -13.03 50.17 -16.58
CA LEU G 104 -11.97 49.19 -16.85
C LEU G 104 -11.09 49.63 -18.01
N VAL G 105 -11.71 50.07 -19.11
CA VAL G 105 -10.95 50.43 -20.30
C VAL G 105 -10.02 51.60 -20.00
N PHE G 106 -10.56 52.63 -19.33
CA PHE G 106 -9.76 53.81 -19.03
C PHE G 106 -8.63 53.48 -18.06
N ALA G 107 -8.91 52.67 -17.04
CA ALA G 107 -7.86 52.29 -16.10
C ALA G 107 -6.76 51.49 -16.79
N GLY G 108 -7.14 50.55 -17.65
CA GLY G 108 -6.13 49.77 -18.36
C GLY G 108 -5.29 50.62 -19.28
N ALA G 109 -5.93 51.54 -20.03
CA ALA G 109 -5.17 52.43 -20.89
C ALA G 109 -4.22 53.32 -20.09
N LEU G 110 -4.71 53.87 -18.97
CA LEU G 110 -3.87 54.71 -18.14
C LEU G 110 -2.67 53.95 -17.61
N LEU G 111 -2.88 52.71 -17.17
CA LEU G 111 -1.76 51.94 -16.62
C LEU G 111 -0.78 51.51 -17.70
N GLU G 112 -1.27 51.18 -18.90
CA GLU G 112 -0.37 50.86 -20.00
C GLU G 112 0.51 52.06 -20.35
N LEU G 113 -0.10 53.24 -20.48
CA LEU G 113 0.68 54.42 -20.81
C LEU G 113 1.59 54.83 -19.65
N ALA G 114 1.18 54.53 -18.41
CA ALA G 114 2.06 54.77 -17.27
C ALA G 114 3.29 53.87 -17.34
N GLU G 115 3.10 52.61 -17.73
CA GLU G 115 4.25 51.72 -17.91
C GLU G 115 5.17 52.26 -19.00
N GLU G 116 4.59 52.74 -20.10
CA GLU G 116 5.41 53.34 -21.15
C GLU G 116 6.20 54.53 -20.64
N LEU G 117 5.54 55.41 -19.88
CA LEU G 117 6.22 56.59 -19.34
C LEU G 117 7.33 56.20 -18.37
N LEU G 118 7.09 55.20 -17.53
CA LEU G 118 8.12 54.74 -16.62
C LEU G 118 9.30 54.14 -17.38
N ARG G 119 9.03 53.46 -18.49
CA ARG G 119 10.13 52.88 -19.26
C ARG G 119 10.94 53.96 -19.97
N ILE G 120 10.29 55.02 -20.44
CA ILE G 120 11.03 56.08 -21.14
C ILE G 120 11.79 57.00 -20.20
N GLY G 121 11.75 56.75 -18.89
CA GLY G 121 12.60 57.45 -17.95
C GLY G 121 11.89 58.33 -16.93
N LEU G 122 10.57 58.43 -16.95
CA LEU G 122 9.89 59.23 -15.94
C LEU G 122 9.80 58.46 -14.62
N SER G 123 9.50 59.19 -13.55
CA SER G 123 9.31 58.60 -12.24
C SER G 123 7.82 58.41 -11.96
N VAL G 124 7.53 57.54 -10.99
CA VAL G 124 6.14 57.24 -10.65
C VAL G 124 5.42 58.47 -10.14
N SER G 125 6.09 59.25 -9.29
CA SER G 125 5.45 60.44 -8.71
C SER G 125 5.13 61.46 -9.79
N GLU G 126 6.02 61.64 -10.76
CA GLU G 126 5.76 62.59 -11.84
C GLU G 126 4.57 62.14 -12.69
N VAL G 127 4.49 60.85 -12.99
CA VAL G 127 3.36 60.34 -13.75
C VAL G 127 2.06 60.54 -12.97
N ILE G 128 2.09 60.29 -11.67
CA ILE G 128 0.90 60.46 -10.84
C ILE G 128 0.46 61.92 -10.84
N GLU G 129 1.42 62.83 -10.68
CA GLU G 129 1.10 64.25 -10.66
C GLU G 129 0.51 64.71 -11.99
N GLY G 130 1.11 64.26 -13.10
CA GLY G 130 0.56 64.62 -14.40
C GLY G 130 -0.83 64.06 -14.61
N TYR G 131 -1.07 62.82 -14.18
CA TYR G 131 -2.39 62.23 -14.31
C TYR G 131 -3.42 63.00 -13.50
N GLU G 132 -3.06 63.41 -12.28
CA GLU G 132 -4.00 64.17 -11.46
C GLU G 132 -4.29 65.53 -12.08
N ILE G 133 -3.26 66.21 -12.61
CA ILE G 133 -3.48 67.49 -13.26
C ILE G 133 -4.40 67.32 -14.46
N ALA G 134 -4.17 66.28 -15.26
CA ALA G 134 -5.00 66.06 -16.44
C ALA G 134 -6.43 65.69 -16.05
N CYS G 135 -6.59 64.95 -14.95
CA CYS G 135 -7.94 64.63 -14.48
C CYS G 135 -8.68 65.88 -14.05
N ARG G 136 -8.00 66.78 -13.33
CA ARG G 136 -8.62 68.05 -12.96
C ARG G 136 -9.00 68.85 -14.20
N LYS G 137 -8.11 68.88 -15.19
CA LYS G 137 -8.42 69.60 -16.43
C LYS G 137 -9.62 68.99 -17.14
N ALA G 138 -9.70 67.66 -17.16
CA ALA G 138 -10.82 67.00 -17.81
C ALA G 138 -12.13 67.29 -17.08
N HIS G 139 -12.10 67.30 -15.75
CA HIS G 139 -13.30 67.64 -15.00
C HIS G 139 -13.70 69.09 -15.25
N GLU G 140 -12.72 69.97 -15.44
CA GLU G 140 -13.03 71.34 -15.83
C GLU G 140 -13.69 71.40 -17.20
N ILE G 141 -13.16 70.65 -18.17
CA ILE G 141 -13.62 70.75 -19.54
C ILE G 141 -15.00 70.11 -19.72
N LEU G 142 -15.28 69.04 -18.98
CA LEU G 142 -16.49 68.26 -19.21
C LEU G 142 -17.79 69.07 -19.21
N PRO G 143 -18.05 70.01 -18.30
CA PRO G 143 -19.29 70.77 -18.38
C PRO G 143 -19.47 71.54 -19.67
N ASN G 144 -18.37 71.93 -20.32
CA ASN G 144 -18.48 72.67 -21.58
C ASN G 144 -18.92 71.80 -22.74
N LEU G 145 -18.91 70.48 -22.59
CA LEU G 145 -19.29 69.57 -23.66
C LEU G 145 -20.75 69.14 -23.61
N VAL G 146 -21.52 69.67 -22.65
CA VAL G 146 -22.93 69.29 -22.53
C VAL G 146 -23.68 69.82 -23.75
N CYS G 147 -24.32 68.90 -24.49
CA CYS G 147 -25.01 69.27 -25.72
C CYS G 147 -26.47 69.60 -25.49
N CYS G 148 -27.13 68.91 -24.57
CA CYS G 148 -28.55 69.14 -24.32
C CYS G 148 -28.89 68.62 -22.92
N SER G 149 -30.13 68.85 -22.51
CA SER G 149 -30.61 68.40 -21.22
C SER G 149 -31.95 67.70 -21.38
N ALA G 150 -32.35 66.96 -20.34
CA ALA G 150 -33.60 66.20 -20.40
C ALA G 150 -34.80 67.13 -20.50
N LYS G 151 -34.86 68.15 -19.64
CA LYS G 151 -35.84 69.23 -19.65
C LYS G 151 -37.28 68.75 -19.49
N ASN G 152 -37.47 67.44 -19.35
CA ASN G 152 -38.79 66.87 -19.08
C ASN G 152 -38.66 65.40 -18.70
N LEU G 153 -39.27 65.00 -17.59
CA LEU G 153 -39.23 63.62 -17.14
C LEU G 153 -40.62 63.03 -16.93
N ARG G 154 -41.67 63.76 -17.28
CA ARG G 154 -43.03 63.24 -17.20
C ARG G 154 -43.58 62.84 -18.55
N ASP G 155 -42.74 62.81 -19.59
CA ASP G 155 -43.15 62.48 -20.94
C ASP G 155 -42.63 61.10 -21.31
N ILE G 156 -43.53 60.24 -21.80
CA ILE G 156 -43.13 58.88 -22.17
C ILE G 156 -42.14 58.91 -23.33
N ASP G 157 -42.42 59.74 -24.34
CA ASP G 157 -41.59 59.75 -25.54
C ASP G 157 -40.18 60.24 -25.25
N GLU G 158 -40.06 61.38 -24.57
CA GLU G 158 -38.75 61.95 -24.30
C GLU G 158 -37.92 61.03 -23.41
N VAL G 159 -38.55 60.46 -22.38
CA VAL G 159 -37.82 59.55 -21.49
C VAL G 159 -37.38 58.30 -22.24
N SER G 160 -38.24 57.80 -23.14
CA SER G 160 -37.87 56.64 -23.94
C SER G 160 -36.67 56.96 -24.82
N SER G 161 -36.67 58.13 -25.45
CA SER G 161 -35.54 58.52 -26.28
C SER G 161 -34.27 58.65 -25.45
N LEU G 162 -34.39 59.19 -24.24
CA LEU G 162 -33.22 59.34 -23.38
C LEU G 162 -32.65 58.00 -22.95
N LEU G 163 -33.53 57.04 -22.62
CA LEU G 163 -33.09 55.74 -22.14
C LEU G 163 -32.71 54.78 -23.25
N ARG G 164 -33.06 55.10 -24.51
CA ARG G 164 -32.70 54.23 -25.62
C ARG G 164 -31.18 54.07 -25.74
N THR G 165 -30.44 55.17 -25.58
CA THR G 165 -28.98 55.08 -25.62
C THR G 165 -28.46 54.22 -24.49
N SER G 166 -29.02 54.37 -23.29
CA SER G 166 -28.55 53.61 -22.15
C SER G 166 -28.76 52.12 -22.33
N ILE G 167 -29.92 51.71 -22.83
CA ILE G 167 -30.23 50.29 -22.98
C ILE G 167 -30.10 49.83 -24.44
N MET G 168 -29.33 50.55 -25.24
CA MET G 168 -28.95 50.06 -26.57
C MET G 168 -27.61 49.35 -26.55
N SER G 169 -26.72 49.69 -25.61
CA SER G 169 -25.47 48.97 -25.48
C SER G 169 -25.73 47.49 -25.16
N LYS G 170 -26.63 47.23 -24.23
CA LYS G 170 -27.15 45.89 -24.00
C LYS G 170 -28.44 45.73 -24.81
N GLN G 171 -28.64 44.55 -25.36
CA GLN G 171 -29.79 44.27 -26.23
C GLN G 171 -29.85 45.27 -27.38
N TYR G 172 -28.82 45.24 -28.22
CA TYR G 172 -28.70 46.21 -29.31
C TYR G 172 -29.82 46.05 -30.32
N GLY G 173 -30.20 44.80 -30.63
CA GLY G 173 -31.16 44.58 -31.70
C GLY G 173 -32.51 45.20 -31.43
N ASN G 174 -33.03 45.02 -30.22
CA ASN G 174 -34.36 45.49 -29.85
C ASN G 174 -34.25 46.37 -28.61
N GLU G 175 -34.06 47.67 -28.83
CA GLU G 175 -33.94 48.63 -27.74
C GLU G 175 -35.11 49.61 -27.65
N VAL G 176 -35.81 49.84 -28.75
CA VAL G 176 -36.95 50.76 -28.72
C VAL G 176 -38.06 50.21 -27.84
N PHE G 177 -38.38 48.92 -27.98
CA PHE G 177 -39.45 48.33 -27.18
C PHE G 177 -39.12 48.38 -25.70
N LEU G 178 -37.89 47.99 -25.33
CA LEU G 178 -37.48 48.04 -23.93
C LEU G 178 -37.44 49.48 -23.43
N ALA G 179 -37.03 50.41 -24.30
CA ALA G 179 -37.03 51.82 -23.90
C ALA G 179 -38.44 52.28 -23.57
N LYS G 180 -39.42 51.94 -24.42
CA LYS G 180 -40.80 52.32 -24.14
C LYS G 180 -41.29 51.69 -22.84
N LEU G 181 -41.00 50.40 -22.64
CA LEU G 181 -41.44 49.73 -21.42
C LEU G 181 -40.87 50.39 -20.18
N ILE G 182 -39.56 50.59 -20.13
CA ILE G 182 -38.93 51.16 -18.95
C ILE G 182 -39.37 52.61 -18.76
N ALA G 183 -39.56 53.35 -19.86
CA ALA G 183 -40.04 54.72 -19.74
C ALA G 183 -41.42 54.77 -19.11
N GLN G 184 -42.33 53.90 -19.55
CA GLN G 184 -43.67 53.87 -18.95
C GLN G 184 -43.58 53.50 -17.48
N ALA G 185 -42.78 52.49 -17.15
CA ALA G 185 -42.68 52.04 -15.76
C ALA G 185 -42.12 53.13 -14.87
N CYS G 186 -41.09 53.85 -15.35
CA CYS G 186 -40.47 54.89 -14.55
C CYS G 186 -41.33 56.15 -14.47
N VAL G 187 -42.15 56.41 -15.48
CA VAL G 187 -43.00 57.60 -15.45
C VAL G 187 -44.21 57.38 -14.56
N SER G 188 -44.69 56.14 -14.45
CA SER G 188 -45.75 55.86 -13.47
C SER G 188 -45.29 56.22 -12.06
N ILE G 189 -44.13 55.72 -11.67
CA ILE G 189 -43.40 56.12 -10.46
C ILE G 189 -42.81 57.49 -10.75
N PHE G 190 -42.11 58.09 -9.77
CA PHE G 190 -41.58 59.45 -9.85
C PHE G 190 -42.71 60.48 -9.81
N PRO G 191 -43.34 60.63 -8.64
CA PRO G 191 -44.45 61.58 -8.50
C PRO G 191 -44.00 63.03 -8.48
N ASP G 192 -44.92 63.92 -8.10
CA ASP G 192 -44.62 65.35 -8.07
C ASP G 192 -43.38 65.65 -7.24
N SER G 193 -43.17 64.89 -6.16
CA SER G 193 -41.93 65.02 -5.41
C SER G 193 -40.75 64.58 -6.26
N GLY G 194 -39.66 65.34 -6.20
CA GLY G 194 -38.54 65.10 -7.09
C GLY G 194 -37.80 63.80 -6.83
N HIS G 195 -38.00 63.20 -5.66
CA HIS G 195 -37.27 61.98 -5.33
C HIS G 195 -37.83 60.79 -6.09
N PHE G 196 -36.94 59.99 -6.69
CA PHE G 196 -37.30 58.80 -7.43
C PHE G 196 -36.56 57.61 -6.84
N ASN G 197 -37.28 56.53 -6.58
CA ASN G 197 -36.71 55.35 -5.94
C ASN G 197 -36.52 54.25 -6.97
N VAL G 198 -35.28 53.78 -7.11
CA VAL G 198 -35.00 52.66 -8.01
C VAL G 198 -35.68 51.39 -7.52
N ASP G 199 -35.76 51.21 -6.21
CA ASP G 199 -36.34 49.99 -5.64
C ASP G 199 -37.81 49.85 -6.02
N ASN G 200 -38.52 50.96 -6.23
CA ASN G 200 -39.94 50.90 -6.50
C ASN G 200 -40.27 50.23 -7.84
N ILE G 201 -39.30 50.13 -8.75
CA ILE G 201 -39.52 49.45 -10.02
C ILE G 201 -39.28 47.96 -9.81
N ARG G 202 -40.31 47.15 -10.03
CA ARG G 202 -40.25 45.72 -9.81
C ARG G 202 -40.19 44.98 -11.14
N VAL G 203 -39.51 43.83 -11.14
CA VAL G 203 -39.33 43.01 -12.33
C VAL G 203 -39.76 41.59 -11.99
N CYS G 204 -40.69 41.05 -12.78
CA CYS G 204 -41.14 39.67 -12.65
C CYS G 204 -40.76 38.90 -13.91
N LYS G 205 -40.08 37.77 -13.73
CA LYS G 205 -39.57 36.98 -14.85
C LYS G 205 -40.40 35.71 -14.98
N ILE G 206 -41.20 35.64 -16.04
CA ILE G 206 -42.04 34.48 -16.33
C ILE G 206 -41.63 33.91 -17.68
N LEU G 207 -41.41 32.60 -17.72
CA LEU G 207 -40.90 31.90 -18.89
C LEU G 207 -42.00 31.62 -19.90
N GLY G 208 -41.68 31.71 -21.18
CA GLY G 208 -42.51 31.10 -22.20
C GLY G 208 -42.83 31.83 -23.49
N SER G 209 -42.97 33.14 -23.48
CA SER G 209 -43.59 33.83 -24.61
C SER G 209 -42.66 34.79 -25.34
N GLY G 210 -41.35 34.76 -25.07
CA GLY G 210 -40.45 35.67 -25.74
C GLY G 210 -40.54 37.09 -25.22
N ILE G 211 -39.42 37.83 -25.27
CA ILE G 211 -39.38 39.13 -24.64
C ILE G 211 -40.27 40.16 -25.33
N SER G 212 -40.70 39.88 -26.56
CA SER G 212 -41.58 40.81 -27.26
C SER G 212 -42.97 40.86 -26.64
N SER G 213 -43.33 39.88 -25.82
CA SER G 213 -44.65 39.83 -25.18
C SER G 213 -44.63 40.42 -23.79
N SER G 214 -43.51 40.98 -23.35
CA SER G 214 -43.42 41.59 -22.03
C SER G 214 -44.26 42.85 -21.98
N SER G 215 -44.64 43.23 -20.75
CA SER G 215 -45.45 44.42 -20.55
C SER G 215 -45.20 44.95 -19.14
N VAL G 216 -45.79 46.11 -18.86
CA VAL G 216 -45.67 46.76 -17.56
C VAL G 216 -47.03 46.80 -16.90
N LEU G 217 -47.07 46.48 -15.62
CA LEU G 217 -48.30 46.43 -14.84
C LEU G 217 -48.24 47.47 -13.72
N HIS G 218 -49.31 48.23 -13.57
CA HIS G 218 -49.39 49.25 -12.52
C HIS G 218 -49.82 48.58 -11.22
N GLY G 219 -48.89 47.84 -10.62
CA GLY G 219 -49.15 47.14 -9.39
C GLY G 219 -48.06 46.16 -9.03
N MET G 220 -48.43 45.01 -8.47
CA MET G 220 -47.49 43.98 -8.08
C MET G 220 -47.98 42.62 -8.56
N VAL G 221 -47.03 41.75 -8.89
CA VAL G 221 -47.30 40.38 -9.28
C VAL G 221 -46.52 39.45 -8.35
N PHE G 222 -47.23 38.49 -7.76
CA PHE G 222 -46.62 37.50 -6.87
C PHE G 222 -46.83 36.12 -7.45
N LYS G 223 -45.75 35.33 -7.53
CA LYS G 223 -45.82 33.96 -8.03
C LYS G 223 -46.28 33.05 -6.90
N LYS G 224 -47.56 33.16 -6.56
CA LYS G 224 -48.15 32.43 -5.46
C LYS G 224 -49.54 31.99 -5.86
N GLU G 225 -50.33 31.52 -4.88
CA GLU G 225 -51.66 31.05 -5.13
C GLU G 225 -52.52 31.31 -3.89
N THR G 226 -53.80 31.56 -4.11
CA THR G 226 -54.70 31.86 -3.01
C THR G 226 -54.93 30.64 -2.14
N GLU G 227 -55.12 30.88 -0.84
CA GLU G 227 -55.38 29.81 0.10
C GLU G 227 -56.86 29.47 0.25
N GLY G 228 -57.74 30.28 -0.33
CA GLY G 228 -59.17 30.05 -0.17
C GLY G 228 -59.90 29.76 -1.47
N ASP G 229 -61.23 29.68 -1.39
CA ASP G 229 -62.02 29.43 -2.60
C ASP G 229 -62.13 30.68 -3.47
N VAL G 230 -62.14 31.87 -2.87
CA VAL G 230 -62.26 33.10 -3.65
C VAL G 230 -60.94 33.36 -4.35
N THR G 231 -61.01 33.64 -5.66
CA THR G 231 -59.83 33.86 -6.46
C THR G 231 -59.85 35.16 -7.26
N SER G 232 -60.92 35.96 -7.16
CA SER G 232 -61.02 37.17 -7.95
C SER G 232 -61.88 38.18 -7.21
N VAL G 233 -61.38 39.40 -7.07
CA VAL G 233 -62.09 40.50 -6.44
C VAL G 233 -62.02 41.71 -7.36
N LYS G 234 -63.11 42.46 -7.43
CA LYS G 234 -63.22 43.56 -8.39
C LYS G 234 -63.00 44.94 -7.77
N ASP G 235 -63.29 45.10 -6.48
CA ASP G 235 -63.15 46.38 -5.77
C ASP G 235 -62.44 46.16 -4.45
N ALA G 236 -61.30 45.47 -4.51
CA ALA G 236 -60.61 44.97 -3.33
C ALA G 236 -60.44 46.05 -2.26
N LYS G 237 -60.56 45.63 -1.00
CA LYS G 237 -60.42 46.46 0.19
C LYS G 237 -59.38 45.85 1.12
N ILE G 238 -58.21 45.58 0.55
CA ILE G 238 -57.19 44.75 1.18
C ILE G 238 -56.88 45.23 2.60
N ALA G 239 -56.76 44.29 3.52
CA ALA G 239 -56.28 44.52 4.87
C ALA G 239 -55.06 43.65 5.09
N VAL G 240 -53.97 44.25 5.57
CA VAL G 240 -52.68 43.58 5.67
C VAL G 240 -52.35 43.38 7.14
N TYR G 241 -52.02 42.14 7.51
CA TYR G 241 -51.62 41.79 8.86
C TYR G 241 -50.25 41.14 8.83
N SER G 242 -49.32 41.65 9.62
CA SER G 242 -48.02 41.01 9.73
C SER G 242 -48.09 39.74 10.58
N CYS G 243 -49.06 39.67 11.48
CA CYS G 243 -49.23 38.50 12.33
C CYS G 243 -49.82 37.35 11.53
N PRO G 244 -49.62 36.11 11.98
CA PRO G 244 -50.27 34.97 11.31
C PRO G 244 -51.78 35.07 11.40
N PHE G 245 -52.45 34.57 10.37
CA PHE G 245 -53.92 34.55 10.33
C PHE G 245 -54.42 33.42 11.24
N ASP G 246 -54.22 33.63 12.54
CA ASP G 246 -54.56 32.63 13.54
C ASP G 246 -54.78 33.34 14.87
N GLY G 247 -55.45 32.64 15.78
CA GLY G 247 -55.65 33.16 17.11
C GLY G 247 -54.34 33.42 17.83
N MET G 248 -54.18 34.64 18.35
CA MET G 248 -52.94 35.01 19.01
C MET G 248 -52.79 34.24 20.33
N ILE G 249 -51.54 33.94 20.66
CA ILE G 249 -51.21 33.13 21.84
C ILE G 249 -50.17 33.85 22.68
N THR G 250 -50.11 33.46 23.95
CA THR G 250 -49.17 34.07 24.88
C THR G 250 -47.73 33.81 24.45
N GLU G 251 -46.87 34.79 24.69
CA GLU G 251 -45.46 34.65 24.37
C GLU G 251 -44.68 33.91 25.44
N THR G 252 -45.23 33.75 26.65
CA THR G 252 -44.48 33.10 27.71
C THR G 252 -44.57 31.58 27.60
N LYS G 253 -45.77 31.04 27.80
CA LYS G 253 -46.05 29.62 27.65
C LYS G 253 -47.54 29.40 27.83
N GLY G 254 -48.10 28.48 27.05
CA GLY G 254 -49.53 28.18 27.10
C GLY G 254 -49.78 26.82 27.72
N THR G 255 -50.79 26.76 28.58
CA THR G 255 -51.20 25.50 29.19
C THR G 255 -52.69 25.60 29.51
N VAL G 256 -53.52 24.87 28.74
CA VAL G 256 -54.95 24.86 28.98
C VAL G 256 -55.21 23.99 30.21
N LEU G 257 -55.50 24.64 31.34
CA LEU G 257 -55.72 23.93 32.60
C LEU G 257 -57.20 23.61 32.70
N ILE G 258 -57.56 22.36 32.45
CA ILE G 258 -58.94 21.89 32.55
C ILE G 258 -59.14 21.26 33.91
N LYS G 259 -60.20 21.66 34.60
CA LYS G 259 -60.50 21.15 35.92
C LYS G 259 -61.89 20.52 36.04
N THR G 260 -62.76 20.72 35.06
CA THR G 260 -64.09 20.12 35.07
C THR G 260 -64.42 19.65 33.66
N ALA G 261 -65.39 18.73 33.57
CA ALA G 261 -65.82 18.22 32.28
C ALA G 261 -66.44 19.30 31.41
N GLU G 262 -67.18 20.23 32.03
CA GLU G 262 -67.83 21.29 31.26
C GLU G 262 -66.81 22.16 30.53
N GLU G 263 -65.72 22.51 31.20
CA GLU G 263 -64.67 23.29 30.55
C GLU G 263 -64.05 22.51 29.40
N LEU G 264 -63.83 21.21 29.59
CA LEU G 264 -63.26 20.39 28.52
C LEU G 264 -64.18 20.35 27.31
N MET G 265 -65.49 20.25 27.54
CA MET G 265 -66.42 20.21 26.42
C MET G 265 -66.58 21.58 25.76
N ASN G 266 -66.39 22.66 26.51
CA ASN G 266 -66.65 23.99 25.99
C ASN G 266 -65.43 24.68 25.39
N PHE G 267 -64.22 24.18 25.66
CA PHE G 267 -63.02 24.90 25.26
C PHE G 267 -62.95 25.08 23.74
N SER G 268 -63.05 23.99 22.99
CA SER G 268 -62.90 24.09 21.54
C SER G 268 -64.04 24.88 20.91
N LYS G 269 -65.26 24.69 21.40
CA LYS G 269 -66.40 25.44 20.88
C LYS G 269 -66.20 26.94 21.10
N GLY G 270 -65.76 27.33 22.29
CA GLY G 270 -65.50 28.73 22.55
C GLY G 270 -64.37 29.28 21.70
N GLU G 271 -63.33 28.47 21.49
CA GLU G 271 -62.21 28.92 20.67
C GLU G 271 -62.64 29.19 19.24
N GLU G 272 -63.41 28.26 18.66
CA GLU G 272 -63.85 28.46 17.28
C GLU G 272 -64.89 29.58 17.19
N ASN G 273 -65.71 29.76 18.22
CA ASN G 273 -66.62 30.90 18.22
C ASN G 273 -65.86 32.22 18.24
N LEU G 274 -64.79 32.29 19.04
CA LEU G 274 -63.97 33.49 19.07
C LEU G 274 -63.31 33.75 17.72
N MET G 275 -62.80 32.69 17.07
CA MET G 275 -62.20 32.85 15.75
C MET G 275 -63.22 33.35 14.74
N ASP G 276 -64.42 32.78 14.76
CA ASP G 276 -65.47 33.22 13.85
C ASP G 276 -65.85 34.67 14.11
N ALA G 277 -65.92 35.06 15.38
CA ALA G 277 -66.25 36.45 15.71
C ALA G 277 -65.18 37.40 15.19
N GLN G 278 -63.91 37.03 15.35
CA GLN G 278 -62.82 37.87 14.85
C GLN G 278 -62.89 38.01 13.33
N VAL G 279 -63.11 36.90 12.63
CA VAL G 279 -63.14 36.96 11.17
C VAL G 279 -64.35 37.75 10.68
N LYS G 280 -65.50 37.59 11.35
CA LYS G 280 -66.68 38.36 10.96
C LYS G 280 -66.50 39.84 11.24
N ALA G 281 -65.83 40.19 12.35
CA ALA G 281 -65.53 41.58 12.63
C ALA G 281 -64.62 42.16 11.56
N ILE G 282 -63.64 41.39 11.10
CA ILE G 282 -62.80 41.84 9.99
C ILE G 282 -63.63 42.05 8.73
N ALA G 283 -64.52 41.09 8.44
CA ALA G 283 -65.30 41.16 7.20
C ALA G 283 -66.31 42.29 7.22
N ASP G 284 -66.81 42.66 8.39
CA ASP G 284 -67.85 43.69 8.49
C ASP G 284 -67.35 45.08 8.12
N THR G 285 -66.04 45.27 8.03
CA THR G 285 -65.48 46.55 7.62
C THR G 285 -65.42 46.71 6.11
N GLY G 286 -65.90 45.73 5.35
CA GLY G 286 -65.83 45.77 3.91
C GLY G 286 -64.59 45.16 3.31
N ALA G 287 -63.64 44.72 4.13
CA ALA G 287 -62.41 44.12 3.64
C ALA G 287 -62.72 42.78 2.98
N ASN G 288 -62.61 42.73 1.65
CA ASN G 288 -62.85 41.51 0.90
C ASN G 288 -61.56 40.79 0.52
N VAL G 289 -60.40 41.34 0.88
CA VAL G 289 -59.11 40.71 0.64
C VAL G 289 -58.29 40.83 1.91
N VAL G 290 -57.67 39.73 2.31
CA VAL G 290 -56.80 39.70 3.49
C VAL G 290 -55.45 39.16 3.07
N VAL G 291 -54.39 39.89 3.42
CA VAL G 291 -53.02 39.48 3.15
C VAL G 291 -52.30 39.33 4.49
N THR G 292 -51.67 38.18 4.69
CA THR G 292 -50.99 37.88 5.94
C THR G 292 -49.55 37.49 5.67
N GLY G 293 -48.70 37.71 6.68
CA GLY G 293 -47.31 37.37 6.62
C GLY G 293 -46.92 36.09 7.32
N GLY G 294 -47.88 35.41 7.94
CA GLY G 294 -47.59 34.18 8.65
C GLY G 294 -48.48 33.04 8.21
N LYS G 295 -48.50 31.97 8.98
CA LYS G 295 -49.30 30.80 8.63
C LYS G 295 -50.79 31.12 8.68
N VAL G 296 -51.56 30.34 7.94
CA VAL G 296 -53.01 30.49 7.86
C VAL G 296 -53.64 29.31 8.61
N ALA G 297 -54.35 29.63 9.68
CA ALA G 297 -55.01 28.60 10.47
C ALA G 297 -56.14 27.95 9.67
N ASP G 298 -56.40 26.68 9.97
CA ASP G 298 -57.47 25.95 9.27
C ASP G 298 -58.83 26.56 9.58
N MET G 299 -59.10 26.85 10.85
CA MET G 299 -60.37 27.45 11.22
C MET G 299 -60.51 28.85 10.66
N ALA G 300 -59.42 29.63 10.70
CA ALA G 300 -59.44 30.96 10.11
C ALA G 300 -59.70 30.88 8.61
N LEU G 301 -59.08 29.92 7.93
CA LEU G 301 -59.32 29.75 6.50
C LEU G 301 -60.77 29.37 6.23
N HIS G 302 -61.33 28.48 7.05
CA HIS G 302 -62.72 28.07 6.86
C HIS G 302 -63.67 29.25 7.03
N TYR G 303 -63.45 30.05 8.07
CA TYR G 303 -64.36 31.17 8.30
C TYR G 303 -64.14 32.30 7.31
N ALA G 304 -62.94 32.41 6.75
CA ALA G 304 -62.71 33.37 5.67
C ALA G 304 -63.42 32.92 4.41
N ASN G 305 -63.39 31.61 4.12
CA ASN G 305 -64.16 31.09 3.00
C ASN G 305 -65.65 31.31 3.20
N LYS G 306 -66.11 31.18 4.45
CA LYS G 306 -67.53 31.38 4.73
C LYS G 306 -67.99 32.80 4.42
N TYR G 307 -67.12 33.78 4.60
CA TYR G 307 -67.47 35.18 4.39
C TYR G 307 -66.98 35.73 3.06
N ASN G 308 -66.52 34.87 2.16
CA ASN G 308 -66.08 35.26 0.81
C ASN G 308 -64.97 36.31 0.89
N ILE G 309 -63.86 35.92 1.50
CA ILE G 309 -62.69 36.78 1.66
C ILE G 309 -61.51 36.09 1.00
N MET G 310 -60.81 36.82 0.13
CA MET G 310 -59.65 36.28 -0.54
C MET G 310 -58.44 36.31 0.39
N LEU G 311 -57.72 35.19 0.47
CA LEU G 311 -56.57 35.04 1.35
C LEU G 311 -55.31 34.91 0.52
N VAL G 312 -54.30 35.73 0.83
CA VAL G 312 -52.99 35.67 0.20
C VAL G 312 -51.96 35.67 1.31
N ARG G 313 -51.00 34.75 1.24
CA ARG G 313 -49.96 34.62 2.26
C ARG G 313 -48.63 35.05 1.65
N LEU G 314 -48.16 36.23 2.05
CA LEU G 314 -46.88 36.76 1.60
C LEU G 314 -45.84 36.49 2.69
N ASN G 315 -45.09 35.41 2.53
CA ASN G 315 -44.13 35.03 3.54
C ASN G 315 -43.01 36.07 3.68
N SER G 316 -42.52 36.60 2.56
CA SER G 316 -41.43 37.55 2.60
C SER G 316 -41.89 38.88 3.18
N LYS G 317 -41.12 39.42 4.11
CA LYS G 317 -41.46 40.71 4.70
C LYS G 317 -41.23 41.85 3.72
N TRP G 318 -40.25 41.72 2.82
CA TRP G 318 -40.05 42.72 1.79
C TRP G 318 -41.27 42.82 0.87
N ASP G 319 -41.83 41.67 0.50
CA ASP G 319 -43.04 41.67 -0.32
C ASP G 319 -44.19 42.32 0.43
N LEU G 320 -44.29 42.05 1.73
CA LEU G 320 -45.34 42.67 2.53
C LEU G 320 -45.21 44.19 2.55
N ARG G 321 -43.98 44.68 2.74
CA ARG G 321 -43.76 46.13 2.74
C ARG G 321 -44.08 46.74 1.39
N ARG G 322 -43.66 46.08 0.30
CA ARG G 322 -43.92 46.60 -1.03
C ARG G 322 -45.42 46.61 -1.32
N LEU G 323 -46.14 45.57 -0.91
CA LEU G 323 -47.59 45.55 -1.10
C LEU G 323 -48.26 46.65 -0.29
N CYS G 324 -47.82 46.88 0.94
CA CYS G 324 -48.37 47.96 1.74
C CYS G 324 -48.15 49.30 1.06
N LYS G 325 -46.96 49.51 0.49
CA LYS G 325 -46.70 50.74 -0.25
C LYS G 325 -47.61 50.86 -1.47
N THR G 326 -47.77 49.76 -2.21
CA THR G 326 -48.54 49.81 -3.46
C THR G 326 -50.01 50.08 -3.20
N VAL G 327 -50.63 49.30 -2.31
CA VAL G 327 -52.07 49.41 -2.09
C VAL G 327 -52.40 50.69 -1.36
N GLY G 328 -51.61 51.05 -0.35
CA GLY G 328 -51.91 52.20 0.47
C GLY G 328 -52.41 51.79 1.84
N ALA G 329 -52.00 50.62 2.29
CA ALA G 329 -52.38 50.07 3.58
C ALA G 329 -51.20 50.08 4.53
N THR G 330 -51.51 49.89 5.81
CA THR G 330 -50.51 49.80 6.86
C THR G 330 -50.61 48.44 7.53
N ALA G 331 -49.47 47.82 7.79
CA ALA G 331 -49.45 46.51 8.41
C ALA G 331 -49.99 46.58 9.83
N LEU G 332 -50.80 45.60 10.21
CA LEU G 332 -51.39 45.54 11.54
C LEU G 332 -50.75 44.41 12.33
N PRO G 333 -50.05 44.71 13.43
CA PRO G 333 -49.41 43.64 14.20
C PRO G 333 -50.39 42.68 14.85
N ARG G 334 -51.65 43.06 15.01
CA ARG G 334 -52.67 42.20 15.58
C ARG G 334 -53.74 41.93 14.54
N LEU G 335 -54.70 41.06 14.90
CA LEU G 335 -55.75 40.64 13.99
C LEU G 335 -57.02 41.49 14.15
N THR G 336 -56.88 42.71 14.64
CA THR G 336 -58.03 43.60 14.80
C THR G 336 -58.53 44.05 13.42
N PRO G 337 -59.82 44.32 13.30
CA PRO G 337 -60.35 44.87 12.04
C PRO G 337 -59.71 46.21 11.71
N PRO G 338 -59.43 46.47 10.44
CA PRO G 338 -58.74 47.72 10.09
C PRO G 338 -59.68 48.90 10.05
N VAL G 339 -59.19 50.04 10.56
CA VAL G 339 -59.92 51.30 10.48
C VAL G 339 -59.86 51.80 9.05
N LEU G 340 -60.63 52.85 8.75
CA LEU G 340 -60.79 53.30 7.37
C LEU G 340 -59.46 53.67 6.73
N GLU G 341 -58.59 54.37 7.47
CA GLU G 341 -57.32 54.80 6.89
C GLU G 341 -56.38 53.63 6.66
N GLU G 342 -56.43 52.61 7.53
CA GLU G 342 -55.52 51.47 7.41
C GLU G 342 -55.92 50.50 6.30
N MET G 343 -57.18 50.52 5.85
CA MET G 343 -57.65 49.57 4.86
C MET G 343 -57.24 50.04 3.48
N GLY G 344 -56.20 49.45 2.93
CA GLY G 344 -55.77 49.80 1.59
C GLY G 344 -56.75 49.35 0.54
N HIS G 345 -56.74 50.06 -0.59
CA HIS G 345 -57.68 49.81 -1.67
C HIS G 345 -56.91 49.57 -2.96
N CYS G 346 -57.29 48.52 -3.69
CA CYS G 346 -56.74 48.21 -4.99
C CYS G 346 -57.88 48.04 -5.98
N ASP G 347 -57.61 48.35 -7.24
CA ASP G 347 -58.67 48.39 -8.24
C ASP G 347 -59.07 47.00 -8.72
N SER G 348 -58.20 46.00 -8.58
CA SER G 348 -58.54 44.63 -8.94
C SER G 348 -57.51 43.65 -8.41
N VAL G 349 -57.97 42.55 -7.83
CA VAL G 349 -57.11 41.47 -7.38
C VAL G 349 -57.68 40.16 -7.89
N TYR G 350 -56.85 39.35 -8.54
CA TYR G 350 -57.33 38.12 -9.15
C TYR G 350 -56.18 37.12 -9.26
N LEU G 351 -56.55 35.86 -9.37
CA LEU G 351 -55.61 34.77 -9.61
C LEU G 351 -55.59 34.47 -11.11
N SER G 352 -54.39 34.41 -11.68
CA SER G 352 -54.24 34.16 -13.11
C SER G 352 -53.06 33.26 -13.35
N GLU G 353 -53.03 32.66 -14.54
CA GLU G 353 -51.92 31.81 -14.98
C GLU G 353 -51.24 32.47 -16.16
N VAL G 354 -49.93 32.71 -16.03
CA VAL G 354 -49.12 33.26 -17.10
C VAL G 354 -48.09 32.21 -17.48
N GLY G 355 -48.15 31.76 -18.73
CA GLY G 355 -47.33 30.64 -19.14
C GLY G 355 -47.79 29.37 -18.46
N ASP G 356 -47.00 28.89 -17.48
CA ASP G 356 -47.39 27.74 -16.68
C ASP G 356 -47.34 28.02 -15.19
N THR G 357 -47.22 29.30 -14.80
CA THR G 357 -47.10 29.68 -13.40
C THR G 357 -48.34 30.43 -12.96
N GLN G 358 -48.93 30.00 -11.85
CA GLN G 358 -50.05 30.73 -11.25
C GLN G 358 -49.51 31.96 -10.55
N VAL G 359 -50.13 33.11 -10.81
CA VAL G 359 -49.70 34.38 -10.23
C VAL G 359 -50.90 35.08 -9.61
N VAL G 360 -50.60 35.92 -8.62
CA VAL G 360 -51.60 36.76 -7.97
C VAL G 360 -51.28 38.21 -8.32
N VAL G 361 -52.27 38.92 -8.84
CA VAL G 361 -52.07 40.23 -9.44
C VAL G 361 -52.85 41.26 -8.65
N PHE G 362 -52.16 42.31 -8.21
CA PHE G 362 -52.78 43.50 -7.63
C PHE G 362 -52.65 44.61 -8.67
N LYS G 363 -53.75 44.98 -9.31
CA LYS G 363 -53.72 45.84 -10.48
C LYS G 363 -54.45 47.15 -10.19
N HIS G 364 -53.81 48.26 -10.55
CA HIS G 364 -54.43 49.58 -10.50
C HIS G 364 -54.78 50.00 -11.92
N GLU G 365 -56.04 50.37 -12.14
CA GLU G 365 -56.46 50.82 -13.46
C GLU G 365 -55.78 52.13 -13.84
N LYS G 366 -55.65 53.06 -12.90
CA LYS G 366 -54.98 54.32 -13.16
C LYS G 366 -53.49 54.09 -13.39
N GLU G 367 -52.89 54.95 -14.20
CA GLU G 367 -51.47 54.85 -14.54
C GLU G 367 -50.59 55.55 -13.51
N ASP G 368 -50.80 55.23 -12.25
CA ASP G 368 -50.04 55.82 -11.15
C ASP G 368 -49.83 54.77 -10.08
N GLY G 369 -49.37 55.21 -8.91
CA GLY G 369 -49.09 54.31 -7.82
C GLY G 369 -47.64 54.39 -7.38
N ALA G 370 -47.34 53.90 -6.18
CA ALA G 370 -45.98 53.99 -5.65
C ALA G 370 -45.05 52.96 -6.30
N ILE G 371 -45.58 51.83 -6.74
CA ILE G 371 -44.77 50.73 -7.25
C ILE G 371 -45.32 50.28 -8.59
N SER G 372 -44.43 50.07 -9.55
CA SER G 372 -44.77 49.54 -10.86
C SER G 372 -43.99 48.26 -11.11
N THR G 373 -44.58 47.34 -11.87
CA THR G 373 -44.01 46.04 -12.11
C THR G 373 -43.87 45.80 -13.61
N ILE G 374 -42.70 45.34 -14.02
CA ILE G 374 -42.44 44.94 -15.40
C ILE G 374 -42.35 43.43 -15.43
N VAL G 375 -43.30 42.77 -16.08
CA VAL G 375 -43.27 41.33 -16.26
C VAL G 375 -42.52 41.03 -17.54
N LEU G 376 -41.47 40.22 -17.44
CA LEU G 376 -40.63 39.87 -18.57
C LEU G 376 -40.90 38.45 -19.01
N ARG G 377 -41.23 38.28 -20.29
CA ARG G 377 -41.36 36.96 -20.89
C ARG G 377 -40.06 36.61 -21.61
N GLY G 378 -39.94 35.34 -21.96
CA GLY G 378 -38.75 34.88 -22.65
C GLY G 378 -38.75 33.38 -22.81
N SER G 379 -37.81 32.91 -23.63
CA SER G 379 -37.66 31.49 -23.90
C SER G 379 -36.52 30.86 -23.11
N THR G 380 -35.78 31.65 -22.32
CA THR G 380 -34.67 31.13 -21.54
C THR G 380 -34.52 31.99 -20.30
N ASP G 381 -34.15 31.34 -19.19
CA ASP G 381 -33.94 32.09 -17.95
C ASP G 381 -32.77 33.06 -18.07
N ASN G 382 -31.70 32.64 -18.78
CA ASN G 382 -30.54 33.51 -18.96
C ASN G 382 -30.90 34.76 -19.75
N LEU G 383 -31.72 34.60 -20.80
CA LEU G 383 -32.13 35.76 -21.59
C LEU G 383 -32.92 36.74 -20.74
N MET G 384 -33.85 36.25 -19.92
CA MET G 384 -34.61 37.17 -19.07
C MET G 384 -33.72 37.81 -18.02
N ASP G 385 -32.70 37.09 -17.53
CA ASP G 385 -31.75 37.71 -16.61
C ASP G 385 -31.01 38.86 -17.27
N ASP G 386 -30.59 38.66 -18.52
CA ASP G 386 -29.93 39.74 -19.24
C ASP G 386 -30.86 40.92 -19.47
N ILE G 387 -32.13 40.64 -19.80
CA ILE G 387 -33.11 41.71 -19.98
C ILE G 387 -33.34 42.44 -18.67
N GLU G 388 -33.33 41.72 -17.55
CA GLU G 388 -33.47 42.35 -16.24
C GLU G 388 -32.28 43.25 -15.94
N ARG G 389 -31.07 42.81 -16.32
CA ARG G 389 -29.91 43.68 -16.16
C ARG G 389 -30.04 44.94 -17.00
N ALA G 390 -30.55 44.80 -18.23
CA ALA G 390 -30.77 45.97 -19.07
C ALA G 390 -31.81 46.91 -18.44
N VAL G 391 -32.86 46.35 -17.85
CA VAL G 391 -33.87 47.14 -17.17
C VAL G 391 -33.26 47.89 -16.00
N ASP G 392 -32.39 47.22 -15.25
CA ASP G 392 -31.70 47.89 -14.15
C ASP G 392 -30.86 49.04 -14.65
N ASP G 393 -30.14 48.84 -15.77
CA ASP G 393 -29.34 49.92 -16.34
C ASP G 393 -30.22 51.10 -16.75
N GLY G 394 -31.36 50.81 -17.38
CA GLY G 394 -32.26 51.89 -17.79
C GLY G 394 -32.83 52.65 -16.60
N VAL G 395 -33.23 51.94 -15.55
CA VAL G 395 -33.78 52.61 -14.38
C VAL G 395 -32.71 53.43 -13.68
N ASN G 396 -31.48 52.92 -13.62
CA ASN G 396 -30.39 53.70 -13.03
C ASN G 396 -30.10 54.95 -13.86
N THR G 397 -30.19 54.83 -15.19
CA THR G 397 -30.02 56.01 -16.04
C THR G 397 -31.12 57.04 -15.76
N PHE G 398 -32.36 56.57 -15.59
CA PHE G 398 -33.44 57.50 -15.24
C PHE G 398 -33.17 58.18 -13.90
N LYS G 399 -32.68 57.42 -12.92
CA LYS G 399 -32.35 58.00 -11.62
C LYS G 399 -31.26 59.06 -11.75
N VAL G 400 -30.23 58.77 -12.54
CA VAL G 400 -29.16 59.74 -12.76
C VAL G 400 -29.72 60.99 -13.43
N LEU G 401 -30.60 60.82 -14.42
CA LEU G 401 -31.22 61.96 -15.08
C LEU G 401 -32.01 62.81 -14.09
N THR G 402 -32.70 62.16 -13.15
CA THR G 402 -33.39 62.90 -12.11
C THR G 402 -32.41 63.69 -11.25
N ARG G 403 -31.27 63.08 -10.92
CA ARG G 403 -30.26 63.77 -10.13
C ARG G 403 -29.64 64.93 -10.91
N ASP G 404 -29.20 64.66 -12.14
CA ASP G 404 -28.60 65.68 -13.00
C ASP G 404 -29.14 65.51 -14.40
N LYS G 405 -29.57 66.61 -15.02
CA LYS G 405 -30.25 66.57 -16.30
C LYS G 405 -29.31 66.77 -17.49
N ARG G 406 -28.02 66.99 -17.26
CA ARG G 406 -27.11 67.30 -18.35
C ARG G 406 -26.64 66.03 -19.07
N LEU G 407 -26.42 66.16 -20.37
CA LEU G 407 -26.05 65.04 -21.23
C LEU G 407 -24.88 65.43 -22.11
N VAL G 408 -24.08 64.44 -22.49
CA VAL G 408 -22.94 64.66 -23.38
C VAL G 408 -23.03 63.69 -24.55
N PRO G 409 -22.50 64.03 -25.72
CA PRO G 409 -22.58 63.10 -26.86
C PRO G 409 -21.82 61.80 -26.58
N GLY G 410 -22.35 60.72 -27.11
CA GLY G 410 -21.76 59.40 -26.94
C GLY G 410 -21.00 58.94 -28.15
N GLY G 411 -20.68 57.64 -28.17
CA GLY G 411 -19.95 57.04 -29.26
C GLY G 411 -18.56 57.59 -29.45
N GLY G 412 -17.90 57.94 -28.35
CA GLY G 412 -16.54 58.43 -28.41
C GLY G 412 -16.39 59.90 -28.75
N ALA G 413 -17.49 60.62 -28.99
CA ALA G 413 -17.39 62.04 -29.29
C ALA G 413 -16.84 62.81 -28.10
N THR G 414 -17.41 62.57 -26.91
CA THR G 414 -16.93 63.24 -25.71
C THR G 414 -15.49 62.85 -25.41
N GLU G 415 -15.16 61.56 -25.55
CA GLU G 415 -13.79 61.13 -25.28
C GLU G 415 -12.80 61.76 -26.24
N ILE G 416 -13.14 61.82 -27.52
CA ILE G 416 -12.25 62.43 -28.50
C ILE G 416 -12.06 63.91 -28.22
N GLU G 417 -13.16 64.62 -27.90
CA GLU G 417 -13.04 66.03 -27.60
C GLU G 417 -12.20 66.27 -26.35
N LEU G 418 -12.39 65.44 -25.32
CA LEU G 418 -11.59 65.55 -24.12
C LEU G 418 -10.11 65.30 -24.41
N ALA G 419 -9.83 64.29 -25.23
CA ALA G 419 -8.45 64.00 -25.59
C ALA G 419 -7.82 65.17 -26.33
N LYS G 420 -8.55 65.75 -27.27
CA LYS G 420 -8.02 66.89 -28.03
C LYS G 420 -7.75 68.07 -27.12
N GLN G 421 -8.70 68.39 -26.25
CA GLN G 421 -8.54 69.56 -25.39
C GLN G 421 -7.40 69.36 -24.38
N ILE G 422 -7.28 68.16 -23.81
CA ILE G 422 -6.22 67.91 -22.85
C ILE G 422 -4.87 67.89 -23.53
N THR G 423 -4.80 67.36 -24.75
CA THR G 423 -3.55 67.42 -25.51
C THR G 423 -3.15 68.86 -25.80
N SER G 424 -4.12 69.69 -26.19
CA SER G 424 -3.83 71.09 -26.45
C SER G 424 -3.35 71.79 -25.19
N TYR G 425 -3.97 71.49 -24.05
CA TYR G 425 -3.55 72.11 -22.79
C TYR G 425 -2.15 71.64 -22.38
N GLY G 426 -1.84 70.37 -22.59
CA GLY G 426 -0.58 69.83 -22.10
C GLY G 426 0.63 70.39 -22.81
N GLU G 427 0.46 70.85 -24.06
CA GLU G 427 1.58 71.46 -24.77
C GLU G 427 1.98 72.79 -24.15
N THR G 428 1.01 73.53 -23.61
CA THR G 428 1.33 74.78 -22.94
C THR G 428 2.06 74.59 -21.62
N CYS G 429 2.02 73.39 -21.07
CA CYS G 429 2.62 73.13 -19.76
C CYS G 429 4.07 72.71 -19.94
N PRO G 430 5.03 73.44 -19.40
CA PRO G 430 6.43 72.99 -19.41
C PRO G 430 6.66 71.98 -18.30
N GLY G 431 7.92 71.57 -18.16
CA GLY G 431 8.27 70.58 -17.16
C GLY G 431 7.99 69.17 -17.63
N LEU G 432 8.20 68.23 -16.71
CA LEU G 432 8.05 66.81 -17.05
C LEU G 432 6.61 66.32 -16.97
N GLU G 433 5.68 67.15 -16.51
CA GLU G 433 4.28 66.74 -16.45
C GLU G 433 3.60 66.73 -17.81
N GLN G 434 4.20 67.35 -18.82
CA GLN G 434 3.58 67.38 -20.15
C GLN G 434 3.44 65.99 -20.71
N TYR G 435 4.43 65.13 -20.50
CA TYR G 435 4.36 63.76 -21.01
C TYR G 435 3.19 63.01 -20.38
N ALA G 436 3.04 63.12 -19.06
CA ALA G 436 1.94 62.45 -18.38
C ALA G 436 0.59 63.00 -18.81
N ILE G 437 0.49 64.32 -18.98
CA ILE G 437 -0.77 64.91 -19.42
C ILE G 437 -1.13 64.44 -20.82
N LYS G 438 -0.15 64.41 -21.73
CA LYS G 438 -0.41 63.94 -23.09
C LYS G 438 -0.81 62.48 -23.09
N LYS G 439 -0.17 61.65 -22.27
CA LYS G 439 -0.54 60.24 -22.19
C LYS G 439 -1.95 60.07 -21.63
N PHE G 440 -2.31 60.88 -20.63
CA PHE G 440 -3.67 60.83 -20.10
C PHE G 440 -4.68 61.19 -21.18
N ALA G 441 -4.38 62.21 -21.97
CA ALA G 441 -5.25 62.57 -23.08
C ALA G 441 -5.36 61.43 -24.09
N GLU G 442 -4.23 60.80 -24.43
CA GLU G 442 -4.24 59.70 -25.39
C GLU G 442 -5.03 58.51 -24.87
N ALA G 443 -5.04 58.31 -23.55
CA ALA G 443 -5.79 57.19 -22.98
C ALA G 443 -7.27 57.23 -23.31
N PHE G 444 -7.82 58.41 -23.61
CA PHE G 444 -9.22 58.51 -23.99
C PHE G 444 -9.49 57.88 -25.36
N GLU G 445 -8.45 57.67 -26.18
CA GLU G 445 -8.64 57.06 -27.47
C GLU G 445 -9.10 55.61 -27.38
N ALA G 446 -8.93 54.97 -26.22
CA ALA G 446 -9.29 53.57 -26.09
C ALA G 446 -10.78 53.33 -26.17
N ILE G 447 -11.60 54.35 -25.94
CA ILE G 447 -13.05 54.20 -26.04
C ILE G 447 -13.47 54.14 -27.50
N PRO G 448 -13.16 55.15 -28.34
CA PRO G 448 -13.49 55.00 -29.76
C PRO G 448 -12.77 53.84 -30.41
N ARG G 449 -11.55 53.52 -29.97
CA ARG G 449 -10.84 52.37 -30.51
C ARG G 449 -11.57 51.07 -30.20
N ALA G 450 -12.04 50.93 -28.96
CA ALA G 450 -12.80 49.74 -28.60
C ALA G 450 -14.11 49.66 -29.38
N LEU G 451 -14.79 50.80 -29.55
CA LEU G 451 -16.02 50.81 -30.32
C LEU G 451 -15.77 50.38 -31.76
N ALA G 452 -14.71 50.92 -32.37
CA ALA G 452 -14.40 50.56 -33.75
C ALA G 452 -14.01 49.09 -33.87
N GLU G 453 -13.23 48.58 -32.92
CA GLU G 453 -12.85 47.17 -32.96
C GLU G 453 -14.07 46.27 -32.83
N ASN G 454 -14.99 46.60 -31.92
CA ASN G 454 -16.18 45.78 -31.74
C ASN G 454 -17.10 45.86 -32.95
N SER G 455 -17.21 47.03 -33.56
CA SER G 455 -18.08 47.18 -34.72
C SER G 455 -17.52 46.47 -35.96
N GLY G 456 -16.27 46.00 -35.92
CA GLY G 456 -15.71 45.29 -37.03
C GLY G 456 -15.03 46.14 -38.08
N VAL G 457 -14.69 47.39 -37.76
CA VAL G 457 -14.05 48.29 -38.70
C VAL G 457 -12.63 48.57 -38.22
N LYS G 458 -11.86 49.26 -39.06
CA LYS G 458 -10.50 49.63 -38.73
C LYS G 458 -10.49 50.81 -37.78
N ALA G 459 -9.76 50.68 -36.68
CA ALA G 459 -9.82 51.69 -35.63
C ALA G 459 -9.04 52.95 -35.99
N ASN G 460 -7.91 52.80 -36.69
CA ASN G 460 -7.03 53.93 -36.94
C ASN G 460 -7.67 54.97 -37.84
N GLU G 461 -8.32 54.53 -38.93
CA GLU G 461 -9.01 55.46 -39.80
C GLU G 461 -10.16 56.16 -39.07
N VAL G 462 -10.88 55.43 -38.22
CA VAL G 462 -11.96 56.04 -37.46
C VAL G 462 -11.41 57.14 -36.54
N ILE G 463 -10.30 56.85 -35.86
CA ILE G 463 -9.73 57.82 -34.93
C ILE G 463 -9.20 59.04 -35.69
N SER G 464 -8.55 58.81 -36.84
CA SER G 464 -8.05 59.94 -37.63
C SER G 464 -9.21 60.80 -38.13
N LYS G 465 -10.30 60.18 -38.58
CA LYS G 465 -11.46 60.94 -39.00
C LYS G 465 -12.05 61.74 -37.84
N LEU G 466 -12.11 61.12 -36.66
CA LEU G 466 -12.65 61.82 -35.50
C LEU G 466 -11.80 63.03 -35.16
N TYR G 467 -10.48 62.88 -35.16
CA TYR G 467 -9.59 64.01 -34.91
C TYR G 467 -9.76 65.09 -35.98
N ALA G 468 -9.86 64.71 -37.25
CA ALA G 468 -10.01 65.69 -38.31
C ALA G 468 -11.29 66.50 -38.12
N VAL G 469 -12.40 65.81 -37.86
CA VAL G 469 -13.68 66.51 -37.73
C VAL G 469 -13.70 67.38 -36.48
N HIS G 470 -13.14 66.89 -35.37
CA HIS G 470 -13.11 67.69 -34.15
C HIS G 470 -12.18 68.88 -34.29
N GLN G 471 -11.11 68.74 -35.06
CA GLN G 471 -10.25 69.88 -35.38
C GLN G 471 -10.99 70.89 -36.25
N GLU G 472 -11.87 70.42 -37.13
CA GLU G 472 -12.67 71.34 -37.94
C GLU G 472 -13.57 72.19 -37.06
N GLY G 473 -14.10 71.63 -35.98
CA GLY G 473 -14.90 72.40 -35.05
C GLY G 473 -16.26 71.78 -34.73
N ASN G 474 -16.42 70.50 -34.99
CA ASN G 474 -17.66 69.77 -34.70
C ASN G 474 -17.42 68.91 -33.47
N LYS G 475 -18.04 69.29 -32.35
CA LYS G 475 -17.83 68.61 -31.08
C LYS G 475 -18.81 67.47 -30.83
N ASN G 476 -19.81 67.29 -31.70
CA ASN G 476 -20.85 66.29 -31.52
C ASN G 476 -20.77 65.21 -32.60
N VAL G 477 -19.56 64.83 -32.98
CA VAL G 477 -19.34 63.85 -34.04
C VAL G 477 -18.63 62.65 -33.45
N GLY G 478 -19.17 61.46 -33.71
CA GLY G 478 -18.58 60.24 -33.20
C GLY G 478 -18.74 59.07 -34.15
N LEU G 479 -18.43 57.86 -33.68
CA LEU G 479 -18.45 56.69 -34.53
C LEU G 479 -19.86 56.35 -34.98
N ASP G 480 -19.99 55.96 -36.24
CA ASP G 480 -21.26 55.51 -36.82
C ASP G 480 -21.16 54.00 -37.01
N ILE G 481 -21.79 53.26 -36.11
CA ILE G 481 -21.70 51.80 -36.17
C ILE G 481 -22.53 51.21 -37.29
N GLU G 482 -23.46 51.98 -37.86
CA GLU G 482 -24.28 51.49 -38.97
C GLU G 482 -23.63 51.75 -40.32
N ALA G 483 -22.38 51.31 -40.47
CA ALA G 483 -21.65 51.47 -41.71
C ALA G 483 -20.58 50.40 -41.80
N GLU G 484 -20.49 49.73 -42.94
CA GLU G 484 -19.47 48.70 -43.13
C GLU G 484 -18.08 49.29 -43.33
N VAL G 485 -18.00 50.55 -43.75
CA VAL G 485 -16.72 51.23 -43.95
C VAL G 485 -16.50 52.16 -42.76
N PRO G 486 -15.26 52.39 -42.32
CA PRO G 486 -15.02 53.38 -41.27
C PRO G 486 -15.59 54.74 -41.60
N ALA G 487 -16.57 55.20 -40.83
CA ALA G 487 -17.22 56.47 -41.08
C ALA G 487 -17.69 57.06 -39.75
N VAL G 488 -17.89 58.37 -39.75
CA VAL G 488 -18.35 59.09 -38.58
C VAL G 488 -19.55 59.95 -38.96
N LYS G 489 -20.33 60.32 -37.95
CA LYS G 489 -21.51 61.15 -38.19
C LYS G 489 -21.84 61.89 -36.90
N ASP G 490 -22.61 62.98 -37.06
CA ASP G 490 -23.09 63.71 -35.91
C ASP G 490 -23.98 62.83 -35.06
N MET G 491 -23.78 62.88 -33.74
CA MET G 491 -24.51 62.01 -32.83
C MET G 491 -25.41 62.79 -31.87
N LEU G 492 -25.48 64.11 -32.01
CA LEU G 492 -26.54 64.86 -31.33
C LEU G 492 -27.87 64.65 -32.03
N GLU G 493 -27.87 64.67 -33.37
CA GLU G 493 -29.10 64.43 -34.12
C GLU G 493 -29.53 62.98 -34.01
N ALA G 494 -28.58 62.05 -33.97
CA ALA G 494 -28.91 60.64 -33.84
C ALA G 494 -29.50 60.31 -32.48
N GLY G 495 -29.36 61.20 -31.50
CA GLY G 495 -29.91 60.96 -30.19
C GLY G 495 -29.12 60.02 -29.31
N ILE G 496 -27.87 59.76 -29.65
CA ILE G 496 -27.01 58.89 -28.85
C ILE G 496 -26.26 59.77 -27.86
N LEU G 497 -26.73 59.77 -26.61
CA LEU G 497 -26.20 60.66 -25.60
C LEU G 497 -25.89 59.89 -24.32
N ASP G 498 -24.90 60.37 -23.58
CA ASP G 498 -24.51 59.79 -22.31
C ASP G 498 -24.71 60.81 -21.20
N THR G 499 -25.05 60.32 -20.02
CA THR G 499 -25.28 61.21 -18.88
C THR G 499 -23.98 61.87 -18.45
N TYR G 500 -24.07 63.15 -18.10
CA TYR G 500 -22.88 63.87 -17.64
C TYR G 500 -22.34 63.28 -16.34
N LEU G 501 -23.23 62.95 -15.41
CA LEU G 501 -22.78 62.39 -14.13
C LEU G 501 -22.06 61.06 -14.33
N GLY G 502 -22.54 60.24 -15.26
CA GLY G 502 -21.89 58.96 -15.51
C GLY G 502 -20.46 59.13 -15.97
N LYS G 503 -20.25 60.01 -16.96
CA LYS G 503 -18.89 60.27 -17.44
C LYS G 503 -18.02 60.88 -16.34
N TYR G 504 -18.57 61.83 -15.59
CA TYR G 504 -17.80 62.48 -14.53
C TYR G 504 -17.32 61.47 -13.51
N TRP G 505 -18.24 60.65 -12.99
CA TRP G 505 -17.87 59.67 -11.98
C TRP G 505 -16.95 58.58 -12.55
N ALA G 506 -17.19 58.18 -13.80
CA ALA G 506 -16.33 57.17 -14.41
C ALA G 506 -14.90 57.67 -14.54
N ILE G 507 -14.73 58.89 -15.01
CA ILE G 507 -13.39 59.46 -15.14
C ILE G 507 -12.73 59.58 -13.77
N LYS G 508 -13.47 60.09 -12.79
CA LYS G 508 -12.91 60.26 -11.45
C LYS G 508 -12.44 58.94 -10.87
N LEU G 509 -13.31 57.92 -10.92
CA LEU G 509 -12.98 56.64 -10.31
C LEU G 509 -11.87 55.92 -11.07
N ALA G 510 -11.88 56.01 -12.40
CA ALA G 510 -10.82 55.37 -13.18
C ALA G 510 -9.47 56.00 -12.89
N THR G 511 -9.41 57.34 -12.85
CA THR G 511 -8.16 58.00 -12.53
C THR G 511 -7.70 57.66 -11.12
N ASN G 512 -8.63 57.63 -10.16
CA ASN G 512 -8.26 57.30 -8.79
C ASN G 512 -7.70 55.88 -8.71
N ALA G 513 -8.33 54.93 -9.38
CA ALA G 513 -7.84 53.55 -9.37
C ALA G 513 -6.47 53.45 -10.01
N ALA G 514 -6.27 54.12 -11.14
CA ALA G 514 -4.98 54.06 -11.82
C ALA G 514 -3.87 54.65 -10.95
N VAL G 515 -4.14 55.81 -10.33
CA VAL G 515 -3.13 56.44 -9.50
C VAL G 515 -2.84 55.58 -8.27
N THR G 516 -3.88 55.01 -7.66
CA THR G 516 -3.68 54.17 -6.49
C THR G 516 -2.85 52.93 -6.83
N VAL G 517 -3.10 52.33 -7.99
CA VAL G 517 -2.30 51.18 -8.41
C VAL G 517 -0.87 51.60 -8.67
N LEU G 518 -0.67 52.77 -9.27
CA LEU G 518 0.69 53.24 -9.53
C LEU G 518 1.44 53.54 -8.25
N ARG G 519 0.74 53.97 -7.19
CA ARG G 519 1.42 54.39 -5.97
C ARG G 519 2.06 53.22 -5.24
N VAL G 520 1.55 52.00 -5.44
CA VAL G 520 2.09 50.85 -4.74
C VAL G 520 3.48 50.54 -5.24
N ASP G 521 4.42 50.33 -4.33
CA ASP G 521 5.80 50.03 -4.68
C ASP G 521 6.28 48.67 -4.21
N GLN G 522 5.80 48.18 -3.07
CA GLN G 522 6.17 46.88 -2.55
C GLN G 522 4.92 46.08 -2.25
N ILE G 523 5.01 44.76 -2.47
CA ILE G 523 3.92 43.83 -2.20
C ILE G 523 4.43 42.72 -1.30
N ILE G 524 3.70 42.45 -0.22
CA ILE G 524 4.01 41.35 0.69
C ILE G 524 2.74 40.52 0.80
N MET G 525 2.73 39.36 0.14
CA MET G 525 1.55 38.51 0.10
C MET G 525 1.70 37.37 1.09
N ALA G 526 0.72 37.24 1.97
CA ALA G 526 0.71 36.12 2.90
C ALA G 526 0.41 34.82 2.17
N LYS G 527 0.76 33.71 2.81
CA LYS G 527 0.50 32.41 2.22
C LYS G 527 -1.01 32.20 2.10
N PRO G 528 -1.51 31.81 0.92
CA PRO G 528 -2.96 31.68 0.76
C PRO G 528 -3.56 30.68 1.73
N ALA G 529 -4.75 31.01 2.24
CA ALA G 529 -5.42 30.21 3.25
C ALA G 529 -6.45 29.28 2.60
N GLY G 530 -6.49 28.05 3.07
CA GLY G 530 -7.45 27.08 2.59
C GLY G 530 -8.67 26.95 3.49
N GLY G 531 -8.88 27.96 4.34
CA GLY G 531 -9.97 27.94 5.29
C GLY G 531 -11.32 28.12 4.61
N PRO G 532 -12.40 27.84 5.35
CA PRO G 532 -13.76 27.94 4.81
C PRO G 532 -14.34 29.36 4.84
N LYS G 533 -13.54 30.33 4.39
CA LYS G 533 -13.89 31.74 4.25
C LYS G 533 -14.10 32.42 5.60
N PRO G 534 -13.74 33.70 5.73
CA PRO G 534 -14.05 34.42 6.95
C PRO G 534 -15.56 34.63 7.09
N PRO G 535 -16.06 34.73 8.32
CA PRO G 535 -17.51 34.92 8.52
C PRO G 535 -17.98 36.36 8.35
N SER G 536 -17.16 37.25 7.78
CA SER G 536 -17.58 38.64 7.60
C SER G 536 -18.65 38.76 6.52
N GLY G 537 -18.55 37.95 5.47
CA GLY G 537 -19.48 38.01 4.36
C GLY G 537 -20.75 37.22 4.53
N LYS G 538 -20.96 36.59 5.68
CA LYS G 538 -22.16 35.80 5.96
C LYS G 538 -22.35 34.69 4.93
N ALA H 2 26.14 21.47 22.02
CA ALA H 2 25.95 22.28 23.22
C ALA H 2 25.41 21.44 24.38
N ALA H 3 25.57 21.95 25.59
CA ALA H 3 25.08 21.24 26.77
C ALA H 3 23.56 21.10 26.74
N VAL H 4 22.86 22.15 26.30
CA VAL H 4 21.41 22.09 26.21
C VAL H 4 20.99 21.02 25.22
N LYS H 5 21.65 20.95 24.06
CA LYS H 5 21.36 19.90 23.10
C LYS H 5 21.66 18.52 23.68
N THR H 6 22.70 18.41 24.51
CA THR H 6 22.98 17.15 25.19
C THR H 6 21.82 16.74 26.09
N LEU H 7 21.29 17.70 26.86
CA LEU H 7 20.16 17.41 27.74
C LEU H 7 18.88 17.22 26.93
N ASN H 8 18.62 18.11 25.98
CA ASN H 8 17.42 18.05 25.14
C ASN H 8 17.85 17.94 23.68
N PRO H 9 17.79 16.75 23.08
CA PRO H 9 18.33 16.59 21.72
C PRO H 9 17.65 17.46 20.68
N LYS H 10 16.34 17.66 20.79
CA LYS H 10 15.61 18.45 19.80
C LYS H 10 15.47 19.91 20.22
N ALA H 11 16.59 20.51 20.60
CA ALA H 11 16.63 21.91 21.01
C ALA H 11 17.54 22.70 20.08
N GLU H 12 17.19 23.97 19.88
CA GLU H 12 17.95 24.87 19.01
C GLU H 12 18.63 25.92 19.88
N VAL H 13 19.95 26.03 19.76
CA VAL H 13 20.75 26.91 20.60
C VAL H 13 21.71 27.71 19.72
N ALA H 14 21.81 29.00 20.00
CA ALA H 14 22.83 29.87 19.41
C ALA H 14 23.55 30.57 20.55
N ARG H 15 24.87 30.54 20.55
CA ARG H 15 25.67 30.96 21.68
C ARG H 15 26.66 32.06 21.31
N ALA H 16 26.68 33.12 22.13
CA ALA H 16 27.71 34.17 22.09
C ALA H 16 27.69 34.85 20.73
N GLN H 17 28.75 34.75 19.93
CA GLN H 17 28.80 35.43 18.65
C GLN H 17 27.66 35.00 17.74
N ALA H 18 27.25 33.74 17.83
CA ALA H 18 26.09 33.29 17.05
C ALA H 18 24.83 34.03 17.46
N ALA H 19 24.62 34.20 18.77
CA ALA H 19 23.46 34.94 19.24
C ALA H 19 23.49 36.38 18.78
N LEU H 20 24.65 37.03 18.91
CA LEU H 20 24.77 38.41 18.47
C LEU H 20 24.53 38.55 16.97
N ALA H 21 25.09 37.63 16.19
CA ALA H 21 24.90 37.68 14.74
C ALA H 21 23.44 37.49 14.38
N VAL H 22 22.76 36.55 15.02
CA VAL H 22 21.35 36.31 14.74
C VAL H 22 20.52 37.56 15.05
N ASN H 23 20.72 38.14 16.24
CA ASN H 23 19.93 39.30 16.63
C ASN H 23 20.20 40.48 15.72
N ILE H 24 21.47 40.74 15.41
CA ILE H 24 21.80 41.90 14.59
C ILE H 24 21.31 41.70 13.16
N SER H 25 21.38 40.47 12.64
CA SER H 25 20.85 40.21 11.31
C SER H 25 19.35 40.44 11.25
N ALA H 26 18.62 39.99 12.28
CA ALA H 26 17.18 40.22 12.29
C ALA H 26 16.86 41.72 12.36
N ALA H 27 17.57 42.45 13.21
CA ALA H 27 17.34 43.89 13.33
C ALA H 27 17.66 44.59 12.02
N ARG H 28 18.75 44.20 11.36
CA ARG H 28 19.12 44.82 10.09
C ARG H 28 18.09 44.51 9.01
N GLY H 29 17.54 43.29 9.01
CA GLY H 29 16.50 42.98 8.04
C GLY H 29 15.26 43.84 8.25
N LEU H 30 14.83 43.97 9.50
CA LEU H 30 13.69 44.83 9.80
C LEU H 30 13.96 46.27 9.37
N GLN H 31 15.17 46.76 9.66
CA GLN H 31 15.53 48.12 9.27
C GLN H 31 15.53 48.28 7.75
N ASP H 32 16.03 47.27 7.03
CA ASP H 32 16.05 47.34 5.58
C ASP H 32 14.64 47.40 5.02
N VAL H 33 13.71 46.64 5.60
CA VAL H 33 12.34 46.68 5.12
C VAL H 33 11.70 48.03 5.41
N LEU H 34 11.91 48.57 6.61
CA LEU H 34 11.20 49.77 7.02
C LEU H 34 11.94 51.07 6.70
N ARG H 35 13.10 51.00 6.02
CA ARG H 35 13.75 52.24 5.59
C ARG H 35 12.87 53.04 4.65
N THR H 36 12.20 52.37 3.73
CA THR H 36 11.39 53.03 2.71
C THR H 36 10.09 53.62 3.24
N ASN H 37 9.88 53.67 4.56
CA ASN H 37 8.66 54.24 5.11
C ASN H 37 8.85 55.64 5.68
N LEU H 38 10.06 55.99 6.09
CA LEU H 38 10.29 57.25 6.77
C LEU H 38 10.04 58.43 5.84
N GLY H 39 9.38 59.45 6.38
CA GLY H 39 9.19 60.70 5.67
C GLY H 39 7.97 60.69 4.78
N PRO H 40 7.51 61.88 4.38
CA PRO H 40 6.38 61.97 3.45
C PRO H 40 6.68 61.37 2.09
N LYS H 41 7.95 61.24 1.72
CA LYS H 41 8.33 60.72 0.41
C LYS H 41 8.48 59.20 0.40
N GLY H 42 8.03 58.53 1.45
CA GLY H 42 8.09 57.08 1.48
C GLY H 42 7.14 56.45 0.49
N THR H 43 7.26 55.13 0.36
CA THR H 43 6.50 54.36 -0.62
C THR H 43 5.44 53.52 0.07
N MET H 44 4.25 53.49 -0.52
CA MET H 44 3.16 52.68 0.00
C MET H 44 3.44 51.20 -0.22
N LYS H 45 2.91 50.37 0.67
CA LYS H 45 3.08 48.93 0.59
C LYS H 45 1.71 48.26 0.48
N MET H 46 1.63 47.25 -0.38
CA MET H 46 0.42 46.45 -0.53
C MET H 46 0.53 45.21 0.34
N LEU H 47 -0.41 45.05 1.26
CA LEU H 47 -0.40 43.94 2.21
C LEU H 47 -1.62 43.08 1.93
N VAL H 48 -1.41 41.91 1.32
CA VAL H 48 -2.48 40.98 1.00
C VAL H 48 -2.54 39.94 2.10
N SER H 49 -3.70 39.81 2.74
CA SER H 49 -3.86 38.85 3.82
C SER H 49 -3.95 37.44 3.27
N GLY H 50 -4.13 36.48 4.19
CA GLY H 50 -4.28 35.10 3.77
C GLY H 50 -5.57 34.81 3.05
N ALA H 51 -6.61 35.60 3.29
CA ALA H 51 -7.89 35.46 2.62
C ALA H 51 -8.01 36.31 1.37
N GLY H 52 -7.00 37.13 1.07
CA GLY H 52 -7.02 37.99 -0.09
C GLY H 52 -7.38 39.44 0.18
N ASP H 53 -7.55 39.83 1.43
CA ASP H 53 -7.86 41.22 1.75
C ASP H 53 -6.66 42.10 1.46
N ILE H 54 -6.88 43.20 0.76
CA ILE H 54 -5.81 44.12 0.38
C ILE H 54 -5.71 45.21 1.43
N LYS H 55 -4.48 45.65 1.70
CA LYS H 55 -4.22 46.64 2.74
C LYS H 55 -3.07 47.54 2.26
N LEU H 56 -3.41 48.74 1.82
CA LEU H 56 -2.40 49.74 1.45
C LEU H 56 -2.11 50.60 2.67
N THR H 57 -0.84 50.64 3.09
CA THR H 57 -0.51 51.36 4.31
C THR H 57 0.93 51.85 4.24
N LYS H 58 1.25 52.77 5.15
CA LYS H 58 2.58 53.28 5.34
C LYS H 58 3.00 53.31 6.80
N ASP H 59 2.08 52.99 7.72
CA ASP H 59 2.38 53.00 9.15
C ASP H 59 3.39 51.92 9.47
N GLY H 60 4.33 52.25 10.37
CA GLY H 60 5.34 51.29 10.77
C GLY H 60 4.77 50.10 11.53
N ASN H 61 3.87 50.36 12.47
CA ASN H 61 3.30 49.27 13.27
C ASN H 61 2.46 48.34 12.42
N VAL H 62 1.64 48.90 11.52
CA VAL H 62 0.81 48.07 10.65
C VAL H 62 1.68 47.21 9.76
N LEU H 63 2.72 47.81 9.17
CA LEU H 63 3.64 47.03 8.34
C LEU H 63 4.30 45.92 9.14
N LEU H 64 4.77 46.24 10.35
CA LEU H 64 5.40 45.23 11.18
C LEU H 64 4.46 44.08 11.48
N HIS H 65 3.19 44.39 11.78
CA HIS H 65 2.23 43.34 12.05
C HIS H 65 1.83 42.56 10.79
N GLU H 66 2.05 43.13 9.60
CA GLU H 66 1.64 42.47 8.37
C GLU H 66 2.81 42.09 7.48
N MET H 67 3.93 41.68 8.07
CA MET H 67 4.95 40.92 7.37
C MET H 67 5.00 39.51 7.92
N GLN H 68 5.07 38.53 7.03
CA GLN H 68 5.10 37.12 7.42
C GLN H 68 6.49 36.80 7.97
N ILE H 69 6.69 37.15 9.24
CA ILE H 69 7.98 37.03 9.91
C ILE H 69 7.81 36.14 11.13
N GLN H 70 8.79 35.27 11.36
CA GLN H 70 8.78 34.33 12.48
C GLN H 70 10.13 34.35 13.20
N HIS H 71 10.62 35.55 13.51
CA HIS H 71 11.90 35.68 14.17
C HIS H 71 11.72 36.20 15.60
N PRO H 72 12.52 35.69 16.55
CA PRO H 72 12.36 36.16 17.95
C PRO H 72 12.71 37.63 18.13
N THR H 73 13.86 38.08 17.60
CA THR H 73 14.21 39.49 17.73
C THR H 73 13.20 40.37 17.03
N ALA H 74 12.65 39.90 15.91
CA ALA H 74 11.56 40.62 15.26
C ALA H 74 10.35 40.74 16.18
N SER H 75 10.06 39.67 16.93
CA SER H 75 8.95 39.74 17.89
C SER H 75 9.22 40.77 18.98
N LEU H 76 10.46 40.80 19.51
CA LEU H 76 10.79 41.78 20.54
C LEU H 76 10.64 43.19 20.03
N ILE H 77 11.17 43.47 18.83
CA ILE H 77 11.09 44.81 18.27
C ILE H 77 9.64 45.16 17.95
N ALA H 78 8.86 44.18 17.51
CA ALA H 78 7.44 44.42 17.25
C ALA H 78 6.69 44.78 18.52
N LYS H 79 7.00 44.10 19.62
CA LYS H 79 6.37 44.45 20.89
C LYS H 79 6.75 45.86 21.33
N VAL H 80 8.02 46.22 21.16
CA VAL H 80 8.45 47.57 21.53
C VAL H 80 7.70 48.61 20.70
N ALA H 81 7.60 48.37 19.39
CA ALA H 81 6.89 49.29 18.52
C ALA H 81 5.40 49.34 18.85
N THR H 82 4.81 48.21 19.23
CA THR H 82 3.41 48.19 19.64
C THR H 82 3.19 49.05 20.87
N ALA H 83 4.06 48.93 21.86
CA ALA H 83 3.95 49.78 23.04
C ALA H 83 4.09 51.26 22.67
N GLN H 84 5.06 51.57 21.80
CA GLN H 84 5.23 52.93 21.31
C GLN H 84 3.94 53.45 20.68
N ASP H 85 3.35 52.66 19.79
CA ASP H 85 2.15 53.09 19.09
C ASP H 85 0.98 53.27 20.05
N ASP H 86 0.80 52.34 20.98
CA ASP H 86 -0.33 52.42 21.89
C ASP H 86 -0.21 53.63 22.82
N ILE H 87 0.99 53.93 23.30
CA ILE H 87 1.13 55.02 24.27
C ILE H 87 1.21 56.38 23.57
N THR H 88 2.14 56.53 22.64
CA THR H 88 2.37 57.82 22.01
C THR H 88 1.54 58.02 20.76
N GLY H 89 1.48 57.02 19.88
CA GLY H 89 0.73 57.13 18.65
C GLY H 89 1.55 57.40 17.42
N ASP H 90 2.88 57.50 17.54
CA ASP H 90 3.74 57.75 16.39
C ASP H 90 5.15 57.30 16.73
N GLY H 91 6.02 57.31 15.72
CA GLY H 91 7.41 56.99 15.93
C GLY H 91 7.78 55.53 15.87
N THR H 92 6.92 54.67 15.32
CA THR H 92 7.24 53.25 15.25
C THR H 92 8.31 52.97 14.20
N THR H 93 8.19 53.58 13.03
CA THR H 93 9.22 53.40 12.00
C THR H 93 10.56 53.93 12.47
N SER H 94 10.57 55.12 13.08
CA SER H 94 11.80 55.66 13.64
C SER H 94 12.32 54.76 14.76
N ASN H 95 11.41 54.16 15.52
CA ASN H 95 11.82 53.22 16.57
C ASN H 95 12.62 52.07 15.97
N VAL H 96 12.06 51.42 14.95
CA VAL H 96 12.73 50.28 14.33
C VAL H 96 14.05 50.71 13.72
N LEU H 97 14.06 51.85 13.02
CA LEU H 97 15.29 52.31 12.39
C LEU H 97 16.37 52.58 13.42
N ILE H 98 16.02 53.23 14.53
CA ILE H 98 17.03 53.58 15.53
C ILE H 98 17.54 52.33 16.23
N ILE H 99 16.65 51.37 16.52
CA ILE H 99 17.11 50.13 17.15
C ILE H 99 18.08 49.41 16.22
N GLY H 100 17.72 49.29 14.94
CA GLY H 100 18.59 48.60 14.00
C GLY H 100 19.93 49.29 13.83
N GLU H 101 19.92 50.62 13.75
CA GLU H 101 21.18 51.35 13.59
C GLU H 101 22.03 51.30 14.85
N LEU H 102 21.39 51.32 16.04
CA LEU H 102 22.15 51.15 17.27
C LEU H 102 22.84 49.80 17.29
N LEU H 103 22.11 48.74 16.92
CA LEU H 103 22.72 47.41 16.90
C LEU H 103 23.85 47.33 15.88
N LYS H 104 23.66 47.93 14.70
CA LYS H 104 24.70 47.90 13.68
C LYS H 104 25.94 48.65 14.14
N GLN H 105 25.77 49.84 14.72
CA GLN H 105 26.92 50.61 15.19
C GLN H 105 27.63 49.88 16.31
N ALA H 106 26.88 49.24 17.21
CA ALA H 106 27.50 48.47 18.29
C ALA H 106 28.30 47.30 17.72
N ASP H 107 27.73 46.59 16.74
CA ASP H 107 28.45 45.48 16.12
C ASP H 107 29.69 45.95 15.39
N LEU H 108 29.67 47.18 14.87
CA LEU H 108 30.84 47.72 14.18
C LEU H 108 32.04 47.82 15.11
N TYR H 109 31.82 47.91 16.42
CA TYR H 109 32.90 47.91 17.40
C TYR H 109 33.11 46.57 18.08
N ILE H 110 32.04 45.80 18.26
CA ILE H 110 32.15 44.49 18.91
C ILE H 110 32.96 43.52 18.04
N SER H 111 32.86 43.65 16.72
CA SER H 111 33.54 42.73 15.82
C SER H 111 35.06 42.77 15.98
N GLU H 112 35.60 43.83 16.58
CA GLU H 112 37.03 43.93 16.87
C GLU H 112 37.35 43.59 18.32
N GLY H 113 36.62 42.64 18.90
CA GLY H 113 36.92 42.14 20.23
C GLY H 113 36.42 42.97 21.38
N LEU H 114 35.71 44.06 21.13
CA LEU H 114 35.19 44.87 22.22
C LEU H 114 34.02 44.16 22.90
N HIS H 115 34.00 44.22 24.23
CA HIS H 115 32.93 43.59 24.99
C HIS H 115 31.66 44.43 24.92
N PRO H 116 30.49 43.81 24.80
CA PRO H 116 29.24 44.59 24.68
C PRO H 116 28.93 45.42 25.91
N ARG H 117 29.46 45.07 27.09
CA ARG H 117 29.13 45.82 28.29
C ARG H 117 29.62 47.26 28.20
N ILE H 118 30.81 47.47 27.65
CA ILE H 118 31.32 48.82 27.47
C ILE H 118 30.42 49.61 26.53
N ILE H 119 29.97 48.97 25.45
CA ILE H 119 29.07 49.62 24.51
C ILE H 119 27.78 50.02 25.20
N THR H 120 27.23 49.14 26.05
CA THR H 120 26.00 49.46 26.75
C THR H 120 26.20 50.60 27.74
N GLU H 121 27.35 50.65 28.42
CA GLU H 121 27.62 51.76 29.31
C GLU H 121 27.70 53.07 28.55
N GLY H 122 28.37 53.06 27.40
CA GLY H 122 28.39 54.24 26.55
C GLY H 122 27.00 54.63 26.08
N PHE H 123 26.16 53.63 25.77
CA PHE H 123 24.78 53.90 25.38
C PHE H 123 24.03 54.60 26.49
N GLU H 124 24.21 54.14 27.73
CA GLU H 124 23.53 54.76 28.87
C GLU H 124 23.96 56.21 29.04
N ALA H 125 25.28 56.46 29.00
CA ALA H 125 25.77 57.82 29.15
C ALA H 125 25.26 58.72 28.03
N ALA H 126 25.31 58.23 26.79
CA ALA H 126 24.84 59.01 25.65
C ALA H 126 23.34 59.28 25.75
N LYS H 127 22.57 58.29 26.21
CA LYS H 127 21.14 58.50 26.37
C LYS H 127 20.84 59.56 27.41
N GLU H 128 21.58 59.56 28.52
CA GLU H 128 21.39 60.60 29.52
C GLU H 128 21.70 61.97 28.94
N LYS H 129 22.82 62.10 28.24
CA LYS H 129 23.18 63.39 27.65
C LYS H 129 22.17 63.82 26.60
N ALA H 130 21.67 62.87 25.80
CA ALA H 130 20.69 63.19 24.78
C ALA H 130 19.36 63.63 25.38
N LEU H 131 18.95 63.00 26.48
CA LEU H 131 17.73 63.44 27.16
C LEU H 131 17.89 64.85 27.70
N GLN H 132 19.06 65.15 28.29
CA GLN H 132 19.31 66.51 28.75
C GLN H 132 19.25 67.51 27.60
N PHE H 133 19.86 67.16 26.47
CA PHE H 133 19.86 68.06 25.32
C PHE H 133 18.46 68.25 24.76
N LEU H 134 17.67 67.18 24.71
CA LEU H 134 16.29 67.28 24.24
C LEU H 134 15.48 68.19 25.14
N GLU H 135 15.64 68.05 26.46
CA GLU H 135 14.98 68.97 27.37
C GLU H 135 15.44 70.40 27.14
N GLU H 136 16.70 70.58 26.75
CA GLU H 136 17.19 71.94 26.49
C GLU H 136 16.68 72.51 25.18
N VAL H 137 16.33 71.65 24.21
CA VAL H 137 16.07 72.12 22.85
C VAL H 137 14.58 72.23 22.53
N LYS H 138 13.70 71.73 23.39
CA LYS H 138 12.27 71.76 23.12
C LYS H 138 11.77 73.21 23.07
N VAL H 139 10.75 73.43 22.24
CA VAL H 139 10.19 74.76 22.00
C VAL H 139 8.87 74.86 22.74
N SER H 140 8.86 75.59 23.84
CA SER H 140 7.63 75.79 24.62
C SER H 140 6.78 76.85 23.95
N ARG H 141 5.61 76.45 23.46
CA ARG H 141 4.75 77.33 22.68
C ARG H 141 3.32 77.19 23.16
N GLU H 142 2.58 78.29 23.10
CA GLU H 142 1.14 78.24 23.31
C GLU H 142 0.48 77.55 22.11
N MET H 143 -0.38 76.57 22.40
CA MET H 143 -0.95 75.73 21.34
C MET H 143 -2.19 76.40 20.78
N ASP H 144 -1.99 77.24 19.77
CA ASP H 144 -3.08 77.86 19.05
C ASP H 144 -3.48 76.96 17.88
N ARG H 145 -4.37 77.45 17.01
CA ARG H 145 -4.85 76.62 15.91
C ARG H 145 -3.76 76.35 14.88
N GLU H 146 -2.94 77.35 14.58
CA GLU H 146 -1.94 77.19 13.52
C GLU H 146 -0.88 76.18 13.90
N THR H 147 -0.41 76.20 15.14
CA THR H 147 0.63 75.25 15.56
C THR H 147 0.10 73.82 15.54
N LEU H 148 -1.13 73.61 16.03
CA LEU H 148 -1.72 72.28 15.99
C LEU H 148 -1.94 71.82 14.55
N ILE H 149 -2.32 72.76 13.68
CA ILE H 149 -2.47 72.42 12.26
C ILE H 149 -1.14 71.99 11.68
N ASP H 150 -0.05 72.69 12.05
CA ASP H 150 1.26 72.31 11.56
C ASP H 150 1.66 70.92 12.03
N VAL H 151 1.38 70.60 13.30
CA VAL H 151 1.71 69.27 13.83
C VAL H 151 0.90 68.20 13.10
N ALA H 152 -0.41 68.42 12.95
CA ALA H 152 -1.25 67.47 12.25
C ALA H 152 -0.81 67.30 10.81
N ARG H 153 -0.29 68.37 10.18
CA ARG H 153 0.22 68.26 8.83
C ARG H 153 1.48 67.42 8.79
N THR H 154 2.42 67.69 9.69
CA THR H 154 3.65 66.91 9.73
C THR H 154 3.39 65.44 9.99
N SER H 155 2.24 65.10 10.58
CA SER H 155 1.89 63.68 10.69
C SER H 155 1.17 63.15 9.44
N LEU H 156 0.10 63.81 9.03
CA LEU H 156 -0.75 63.26 7.98
C LEU H 156 -0.06 63.25 6.62
N ARG H 157 0.73 64.30 6.31
CA ARG H 157 1.46 64.31 5.05
C ARG H 157 2.38 63.10 4.94
N THR H 158 2.97 62.68 6.05
CA THR H 158 3.75 61.45 6.05
C THR H 158 2.86 60.22 6.02
N LYS H 159 1.60 60.32 6.43
CA LYS H 159 0.75 59.14 6.38
C LYS H 159 0.00 58.95 5.07
N VAL H 160 -0.51 60.02 4.46
CA VAL H 160 -1.39 59.90 3.29
C VAL H 160 -0.98 60.92 2.24
N HIS H 161 -1.77 60.95 1.17
CA HIS H 161 -1.59 61.88 0.06
C HIS H 161 -1.62 63.33 0.55
N ALA H 162 -1.04 64.22 -0.26
CA ALA H 162 -0.87 65.62 0.17
C ALA H 162 -2.22 66.31 0.37
N GLU H 163 -3.11 66.24 -0.62
CA GLU H 163 -4.38 66.96 -0.51
C GLU H 163 -5.28 66.31 0.54
N LEU H 164 -5.31 64.97 0.57
CA LEU H 164 -6.06 64.29 1.61
C LEU H 164 -5.53 64.64 2.99
N ALA H 165 -4.21 64.74 3.14
CA ALA H 165 -3.64 65.16 4.41
C ALA H 165 -4.05 66.58 4.75
N ASP H 166 -4.10 67.46 3.74
CA ASP H 166 -4.52 68.83 3.99
C ASP H 166 -5.95 68.89 4.52
N VAL H 167 -6.83 68.07 3.96
CA VAL H 167 -8.21 68.01 4.46
C VAL H 167 -8.24 67.43 5.88
N LEU H 168 -7.52 66.33 6.09
CA LEU H 168 -7.54 65.66 7.38
C LEU H 168 -6.95 66.52 8.49
N THR H 169 -6.04 67.44 8.14
CA THR H 169 -5.50 68.34 9.14
C THR H 169 -6.59 69.21 9.74
N GLU H 170 -7.35 69.88 8.87
CA GLU H 170 -8.47 70.69 9.36
C GLU H 170 -9.46 69.84 10.14
N ALA H 171 -9.80 68.66 9.60
CA ALA H 171 -10.76 67.80 10.28
C ALA H 171 -10.30 67.45 11.69
N VAL H 172 -9.07 66.94 11.80
CA VAL H 172 -8.55 66.46 13.09
C VAL H 172 -8.38 67.62 14.07
N VAL H 173 -7.83 68.74 13.61
CA VAL H 173 -7.59 69.87 14.52
C VAL H 173 -8.91 70.41 15.04
N ASP H 174 -9.90 70.58 14.16
CA ASP H 174 -11.19 71.09 14.61
C ASP H 174 -11.88 70.10 15.54
N SER H 175 -11.77 68.79 15.24
CA SER H 175 -12.38 67.80 16.12
C SER H 175 -11.75 67.83 17.51
N ILE H 176 -10.43 67.93 17.59
CA ILE H 176 -9.77 67.97 18.88
C ILE H 176 -10.14 69.23 19.64
N LEU H 177 -10.12 70.38 18.96
CA LEU H 177 -10.48 71.64 19.62
C LEU H 177 -11.95 71.67 20.01
N ALA H 178 -12.79 70.82 19.41
CA ALA H 178 -14.20 70.82 19.75
C ALA H 178 -14.46 70.13 21.09
N ILE H 179 -13.70 69.06 21.38
CA ILE H 179 -13.93 68.29 22.60
C ILE H 179 -12.97 68.65 23.71
N LYS H 180 -12.05 69.60 23.49
CA LYS H 180 -11.03 69.93 24.47
C LYS H 180 -11.59 70.94 25.46
N LYS H 181 -11.57 70.59 26.74
CA LYS H 181 -11.95 71.49 27.81
C LYS H 181 -10.70 72.02 28.50
N GLN H 182 -10.89 73.11 29.24
CA GLN H 182 -9.76 73.78 29.88
C GLN H 182 -9.16 72.91 30.97
N ASP H 183 -7.82 72.84 30.99
CA ASP H 183 -7.02 72.08 31.95
C ASP H 183 -7.62 70.71 32.27
N GLU H 184 -8.10 70.01 31.26
CA GLU H 184 -8.70 68.70 31.45
C GLU H 184 -8.15 67.74 30.41
N PRO H 185 -7.81 66.51 30.81
CA PRO H 185 -7.27 65.54 29.85
C PRO H 185 -8.26 65.24 28.74
N ILE H 186 -7.72 65.03 27.54
CA ILE H 186 -8.54 64.79 26.36
C ILE H 186 -8.94 63.32 26.31
N ASP H 187 -10.23 63.07 26.17
CA ASP H 187 -10.77 61.71 26.04
C ASP H 187 -11.00 61.44 24.55
N LEU H 188 -10.14 60.64 23.95
CA LEU H 188 -10.26 60.35 22.53
C LEU H 188 -11.42 59.40 22.23
N PHE H 189 -12.03 58.79 23.24
CA PHE H 189 -13.23 58.00 23.02
C PHE H 189 -14.42 58.84 22.60
N MET H 190 -14.35 60.17 22.74
CA MET H 190 -15.46 61.04 22.40
C MET H 190 -15.38 61.57 20.97
N ILE H 191 -14.42 61.10 20.19
CA ILE H 191 -14.33 61.40 18.77
C ILE H 191 -14.64 60.11 18.03
N GLU H 192 -15.87 59.96 17.59
CA GLU H 192 -16.28 58.76 16.88
C GLU H 192 -15.80 58.81 15.44
N ILE H 193 -15.27 57.68 14.96
CA ILE H 193 -14.81 57.55 13.59
C ILE H 193 -15.78 56.64 12.85
N MET H 194 -16.46 57.19 11.85
CA MET H 194 -17.42 56.44 11.05
C MET H 194 -16.92 56.36 9.61
N GLU H 195 -17.22 55.26 8.95
CA GLU H 195 -16.74 55.00 7.59
C GLU H 195 -17.93 54.64 6.71
N MET H 196 -18.28 55.53 5.78
CA MET H 196 -19.14 55.18 4.66
C MET H 196 -18.30 55.06 3.39
N LYS H 197 -18.83 54.35 2.42
CA LYS H 197 -18.07 53.90 1.26
C LYS H 197 -18.74 54.32 -0.04
N HIS H 198 -19.12 55.58 -0.15
CA HIS H 198 -19.84 56.00 -1.35
C HIS H 198 -19.20 57.18 -2.07
N LYS H 199 -18.62 58.13 -1.33
CA LYS H 199 -18.06 59.32 -1.95
C LYS H 199 -16.55 59.19 -2.10
N SER H 200 -15.93 60.27 -2.58
CA SER H 200 -14.49 60.29 -2.79
C SER H 200 -13.75 60.44 -1.47
N GLU H 201 -12.46 60.15 -1.50
CA GLU H 201 -11.65 60.16 -0.28
C GLU H 201 -11.46 61.56 0.30
N THR H 202 -11.59 62.60 -0.52
CA THR H 202 -11.43 63.96 -0.04
C THR H 202 -12.72 64.53 0.55
N ASP H 203 -13.79 63.75 0.58
CA ASP H 203 -15.07 64.19 1.15
C ASP H 203 -15.15 63.93 2.64
N THR H 204 -14.11 63.38 3.26
CA THR H 204 -14.09 63.22 4.71
C THR H 204 -14.23 64.58 5.39
N SER H 205 -15.13 64.65 6.36
CA SER H 205 -15.45 65.91 7.02
C SER H 205 -15.69 65.67 8.49
N LEU H 206 -15.93 66.74 9.22
CA LEU H 206 -16.22 66.70 10.65
C LEU H 206 -17.65 67.14 10.88
N ILE H 207 -18.43 66.31 11.56
CA ILE H 207 -19.81 66.63 11.92
C ILE H 207 -19.84 66.97 13.41
N ARG H 208 -20.39 68.14 13.72
CA ARG H 208 -20.48 68.60 15.11
C ARG H 208 -21.65 67.89 15.82
N GLY H 209 -21.53 66.57 15.87
CA GLY H 209 -22.54 65.71 16.46
C GLY H 209 -22.15 64.26 16.39
N LEU H 210 -23.08 63.37 16.06
CA LEU H 210 -22.79 61.96 15.92
C LEU H 210 -23.42 61.41 14.65
N VAL H 211 -22.83 60.33 14.15
CA VAL H 211 -23.40 59.54 13.06
C VAL H 211 -23.54 58.11 13.56
N LEU H 212 -24.76 57.59 13.55
CA LEU H 212 -25.05 56.27 14.07
C LEU H 212 -25.22 55.30 12.91
N ASP H 213 -24.52 54.16 12.99
CA ASP H 213 -24.53 53.18 11.91
C ASP H 213 -25.85 52.44 11.79
N HIS H 214 -26.77 52.61 12.74
CA HIS H 214 -28.09 52.00 12.68
C HIS H 214 -29.15 53.08 12.55
N GLY H 215 -30.19 52.80 11.76
CA GLY H 215 -31.26 53.72 11.54
C GLY H 215 -32.58 53.26 12.13
N ALA H 216 -33.63 53.97 11.76
CA ALA H 216 -34.98 53.63 12.22
C ALA H 216 -35.42 52.30 11.63
N ARG H 217 -36.09 51.49 12.45
CA ARG H 217 -36.47 50.14 12.07
C ARG H 217 -37.97 49.98 11.85
N HIS H 218 -38.69 51.09 11.68
CA HIS H 218 -40.10 51.06 11.35
C HIS H 218 -40.33 52.00 10.17
N PRO H 219 -40.99 51.55 9.11
CA PRO H 219 -41.07 52.38 7.89
C PRO H 219 -41.86 53.67 8.07
N ASP H 220 -42.69 53.80 9.09
CA ASP H 220 -43.56 54.94 9.24
C ASP H 220 -42.97 56.07 10.08
N MET H 221 -41.80 55.87 10.69
CA MET H 221 -41.19 56.95 11.44
C MET H 221 -40.53 57.96 10.51
N LYS H 222 -40.43 59.19 10.98
CA LYS H 222 -39.93 60.29 10.15
C LYS H 222 -38.48 60.05 9.76
N LYS H 223 -38.15 60.45 8.53
CA LYS H 223 -36.78 60.37 8.03
C LYS H 223 -36.00 61.65 8.25
N ARG H 224 -36.64 62.70 8.76
CA ARG H 224 -35.97 63.99 8.97
C ARG H 224 -36.77 64.77 9.99
N VAL H 225 -36.15 65.07 11.14
CA VAL H 225 -36.76 65.83 12.21
C VAL H 225 -35.96 67.11 12.39
N GLU H 226 -36.64 68.25 12.36
CA GLU H 226 -35.93 69.53 12.39
C GLU H 226 -35.47 69.89 13.80
N ASP H 227 -36.40 70.08 14.72
CA ASP H 227 -36.09 70.42 16.10
C ASP H 227 -36.40 69.20 16.96
N ALA H 228 -35.36 68.53 17.43
CA ALA H 228 -35.48 67.22 18.04
C ALA H 228 -35.14 67.28 19.53
N TYR H 229 -35.98 66.64 20.34
CA TYR H 229 -35.68 66.39 21.75
C TYR H 229 -35.07 65.01 21.85
N ILE H 230 -33.76 64.95 22.05
CA ILE H 230 -33.06 63.67 22.08
C ILE H 230 -33.26 63.01 23.43
N LEU H 231 -33.73 61.77 23.42
CA LEU H 231 -33.94 60.99 24.63
C LEU H 231 -32.99 59.80 24.60
N THR H 232 -31.97 59.84 25.46
CA THR H 232 -30.97 58.78 25.54
C THR H 232 -31.33 57.88 26.70
N CYS H 233 -31.70 56.63 26.41
CA CYS H 233 -32.20 55.71 27.42
C CYS H 233 -31.53 54.35 27.27
N ASN H 234 -31.47 53.62 28.37
CA ASN H 234 -30.94 52.26 28.43
C ASN H 234 -31.97 51.33 29.05
N VAL H 235 -33.21 51.44 28.57
CA VAL H 235 -34.33 50.68 29.11
C VAL H 235 -34.86 49.76 28.02
N SER H 236 -35.04 48.49 28.36
CA SER H 236 -35.54 47.52 27.39
C SER H 236 -37.01 47.76 27.11
N LEU H 237 -37.35 47.95 25.84
CA LEU H 237 -38.73 48.18 25.43
C LEU H 237 -39.33 46.98 24.69
N GLU H 238 -38.69 45.82 24.77
CA GLU H 238 -39.20 44.60 24.18
C GLU H 238 -39.67 43.65 25.28
N TYR H 239 -40.41 42.62 24.87
CA TYR H 239 -40.92 41.65 25.82
C TYR H 239 -39.78 40.91 26.51
N GLU H 240 -39.88 40.78 27.82
CA GLU H 240 -38.89 40.07 28.62
C GLU H 240 -39.60 39.06 29.51
N LYS H 241 -39.12 37.82 29.48
CA LYS H 241 -39.75 36.76 30.26
C LYS H 241 -39.44 36.94 31.75
N THR H 242 -40.31 36.36 32.57
CA THR H 242 -40.10 36.38 34.01
C THR H 242 -38.88 35.55 34.38
N GLU H 243 -38.09 36.07 35.33
CA GLU H 243 -36.88 35.39 35.75
C GLU H 243 -37.15 34.06 36.44
N VAL H 244 -38.37 33.82 36.90
CA VAL H 244 -38.62 32.71 37.81
C VAL H 244 -39.57 31.70 37.16
N ASN H 245 -39.50 31.58 35.83
CA ASN H 245 -40.20 30.52 35.09
C ASN H 245 -41.71 30.58 35.36
N SER H 246 -42.32 31.66 34.87
CA SER H 246 -43.70 31.96 35.26
C SER H 246 -44.69 31.01 34.60
N GLY H 247 -44.80 31.03 33.27
CA GLY H 247 -45.79 30.22 32.60
C GLY H 247 -47.21 30.71 32.80
N PHE H 248 -48.11 30.39 31.87
CA PHE H 248 -49.51 30.81 31.93
C PHE H 248 -50.43 29.59 31.97
N PHE H 249 -51.55 29.74 32.67
CA PHE H 249 -52.55 28.68 32.79
C PHE H 249 -53.93 29.29 32.62
N TYR H 250 -54.66 28.86 31.59
CA TYR H 250 -55.99 29.35 31.31
C TYR H 250 -56.92 28.17 31.05
N LYS H 251 -58.22 28.47 30.91
CA LYS H 251 -59.22 27.44 30.70
C LYS H 251 -60.14 27.71 29.53
N SER H 252 -59.95 28.79 28.78
CA SER H 252 -60.81 29.11 27.65
C SER H 252 -60.08 30.09 26.74
N ALA H 253 -60.66 30.30 25.56
CA ALA H 253 -60.05 31.24 24.61
C ALA H 253 -60.12 32.67 25.12
N GLU H 254 -61.21 33.03 25.80
CA GLU H 254 -61.33 34.38 26.34
C GLU H 254 -60.25 34.67 27.37
N GLU H 255 -59.98 33.70 28.25
CA GLU H 255 -58.90 33.88 29.22
C GLU H 255 -57.56 33.96 28.53
N ARG H 256 -57.35 33.19 27.46
CA ARG H 256 -56.09 33.28 26.73
C ARG H 256 -55.92 34.67 26.12
N GLU H 257 -56.98 35.23 25.56
CA GLU H 257 -56.88 36.59 25.00
C GLU H 257 -56.62 37.61 26.10
N LYS H 258 -57.27 37.45 27.25
CA LYS H 258 -57.03 38.36 28.37
C LYS H 258 -55.59 38.29 28.83
N LEU H 259 -55.04 37.09 28.94
CA LEU H 259 -53.65 36.94 29.36
C LEU H 259 -52.69 37.48 28.31
N VAL H 260 -53.02 37.34 27.03
CA VAL H 260 -52.20 37.92 25.98
C VAL H 260 -52.17 39.44 26.12
N LYS H 261 -53.35 40.04 26.32
CA LYS H 261 -53.43 41.48 26.48
C LYS H 261 -52.85 41.96 27.81
N ALA H 262 -52.66 41.05 28.76
CA ALA H 262 -52.15 41.44 30.08
C ALA H 262 -50.64 41.33 30.20
N GLU H 263 -50.00 40.46 29.42
CA GLU H 263 -48.56 40.28 29.55
C GLU H 263 -47.77 41.44 28.97
N ARG H 264 -48.38 42.25 28.11
CA ARG H 264 -47.71 43.39 27.51
C ARG H 264 -47.87 44.67 28.32
N LYS H 265 -48.57 44.61 29.46
CA LYS H 265 -48.86 45.83 30.22
C LYS H 265 -47.58 46.45 30.78
N PHE H 266 -46.60 45.63 31.17
CA PHE H 266 -45.40 46.16 31.78
C PHE H 266 -44.63 47.06 30.81
N ILE H 267 -44.39 46.56 29.60
CA ILE H 267 -43.69 47.37 28.59
C ILE H 267 -44.55 48.54 28.15
N GLU H 268 -45.86 48.32 28.04
CA GLU H 268 -46.77 49.40 27.65
C GLU H 268 -46.73 50.54 28.65
N ASP H 269 -46.48 50.24 29.94
CA ASP H 269 -46.38 51.31 30.93
C ASP H 269 -45.22 52.24 30.63
N ARG H 270 -44.05 51.67 30.31
CA ARG H 270 -42.89 52.49 30.00
C ARG H 270 -43.07 53.24 28.68
N VAL H 271 -43.67 52.58 27.68
CA VAL H 271 -43.95 53.27 26.42
C VAL H 271 -44.91 54.43 26.65
N LYS H 272 -45.92 54.22 27.51
CA LYS H 272 -46.86 55.28 27.82
C LYS H 272 -46.19 56.42 28.56
N LYS H 273 -45.23 56.11 29.44
CA LYS H 273 -44.47 57.16 30.10
C LYS H 273 -43.70 58.00 29.08
N ILE H 274 -43.06 57.34 28.12
CA ILE H 274 -42.34 58.07 27.07
C ILE H 274 -43.30 58.93 26.28
N ILE H 275 -44.47 58.38 25.92
CA ILE H 275 -45.46 59.14 25.14
C ILE H 275 -45.93 60.35 25.92
N GLU H 276 -46.19 60.19 27.22
CA GLU H 276 -46.65 61.31 28.03
C GLU H 276 -45.59 62.39 28.13
N LEU H 277 -44.33 62.00 28.30
CA LEU H 277 -43.26 63.00 28.33
C LEU H 277 -43.18 63.74 27.00
N LYS H 278 -43.28 63.02 25.89
CA LYS H 278 -43.23 63.67 24.58
C LYS H 278 -44.39 64.64 24.41
N ARG H 279 -45.59 64.25 24.82
CA ARG H 279 -46.74 65.13 24.72
C ARG H 279 -46.56 66.37 25.58
N LYS H 280 -45.99 66.20 26.78
CA LYS H 280 -45.80 67.33 27.67
C LYS H 280 -44.78 68.32 27.12
N VAL H 281 -43.63 67.82 26.65
CA VAL H 281 -42.57 68.71 26.21
C VAL H 281 -42.94 69.40 24.90
N CYS H 282 -43.61 68.69 23.99
CA CYS H 282 -44.01 69.27 22.70
C CYS H 282 -45.43 68.81 22.40
N GLY H 283 -46.40 69.66 22.70
CA GLY H 283 -47.79 69.35 22.47
C GLY H 283 -48.27 69.61 21.06
N ASP H 284 -47.39 70.07 20.16
CA ASP H 284 -47.78 70.34 18.79
C ASP H 284 -46.85 69.62 17.83
N SER H 285 -46.96 69.92 16.53
CA SER H 285 -46.10 69.35 15.51
C SER H 285 -44.88 70.21 15.23
N ASP H 286 -44.65 71.24 16.04
CA ASP H 286 -43.52 72.15 15.79
C ASP H 286 -42.19 71.41 15.92
N LYS H 287 -42.00 70.71 17.03
CA LYS H 287 -40.74 70.06 17.32
C LYS H 287 -40.81 68.57 17.02
N GLY H 288 -39.74 67.85 17.35
CA GLY H 288 -39.67 66.43 17.13
C GLY H 288 -39.07 65.73 18.33
N PHE H 289 -39.29 64.42 18.39
CA PHE H 289 -38.82 63.58 19.48
C PHE H 289 -38.03 62.42 18.92
N VAL H 290 -36.84 62.19 19.47
CA VAL H 290 -35.98 61.09 19.05
C VAL H 290 -35.63 60.26 20.28
N VAL H 291 -35.83 58.95 20.19
CA VAL H 291 -35.53 58.02 21.27
C VAL H 291 -34.40 57.11 20.82
N ILE H 292 -33.27 57.18 21.52
CA ILE H 292 -32.12 56.32 21.24
C ILE H 292 -31.97 55.36 22.42
N ASN H 293 -32.12 54.07 22.15
CA ASN H 293 -32.13 53.05 23.19
C ASN H 293 -30.97 52.10 22.99
N GLN H 294 -30.23 51.84 24.08
CA GLN H 294 -29.19 50.83 24.02
C GLN H 294 -29.78 49.43 23.92
N LYS H 295 -30.92 49.19 24.56
CA LYS H 295 -31.59 47.91 24.49
C LYS H 295 -32.59 47.90 23.33
N GLY H 296 -33.09 46.70 23.02
CA GLY H 296 -33.93 46.54 21.85
C GLY H 296 -35.34 47.06 22.07
N ILE H 297 -36.05 47.21 20.95
CA ILE H 297 -37.45 47.64 20.94
C ILE H 297 -38.22 46.69 20.06
N ASP H 298 -39.23 46.02 20.64
CA ASP H 298 -40.03 45.07 19.88
C ASP H 298 -40.98 45.81 18.94
N PRO H 299 -41.50 45.13 17.92
CA PRO H 299 -42.36 45.82 16.94
C PRO H 299 -43.57 46.51 17.53
N PHE H 300 -44.19 45.95 18.58
CA PHE H 300 -45.37 46.58 19.16
C PHE H 300 -45.04 47.95 19.73
N SER H 301 -43.93 48.05 20.47
CA SER H 301 -43.52 49.34 21.01
C SER H 301 -43.13 50.31 19.91
N LEU H 302 -42.48 49.80 18.85
CA LEU H 302 -42.13 50.67 17.73
C LEU H 302 -43.37 51.25 17.07
N ASP H 303 -44.39 50.42 16.86
CA ASP H 303 -45.63 50.91 16.26
C ASP H 303 -46.32 51.91 17.18
N ALA H 304 -46.36 51.63 18.48
CA ALA H 304 -46.99 52.55 19.42
C ALA H 304 -46.26 53.90 19.43
N LEU H 305 -44.93 53.87 19.35
CA LEU H 305 -44.16 55.11 19.35
C LEU H 305 -44.36 55.88 18.05
N SER H 306 -44.30 55.19 16.91
CA SER H 306 -44.49 55.84 15.63
C SER H 306 -45.90 56.39 15.46
N LYS H 307 -46.88 55.84 16.18
CA LYS H 307 -48.22 56.41 16.15
C LYS H 307 -48.24 57.84 16.69
N GLU H 308 -47.28 58.21 17.53
CA GLU H 308 -47.20 59.54 18.12
C GLU H 308 -46.15 60.41 17.46
N GLY H 309 -45.64 60.00 16.30
CA GLY H 309 -44.62 60.78 15.61
C GLY H 309 -43.30 60.83 16.33
N ILE H 310 -42.82 59.70 16.83
CA ILE H 310 -41.56 59.61 17.56
C ILE H 310 -40.61 58.72 16.78
N VAL H 311 -39.38 59.19 16.58
CA VAL H 311 -38.35 58.42 15.92
C VAL H 311 -37.60 57.65 16.99
N ALA H 312 -37.51 56.33 16.84
CA ALA H 312 -36.93 55.46 17.84
C ALA H 312 -35.78 54.67 17.23
N LEU H 313 -34.62 54.72 17.88
CA LEU H 313 -33.46 53.94 17.48
C LEU H 313 -33.12 52.96 18.59
N ARG H 314 -32.85 51.72 18.23
CA ARG H 314 -32.60 50.66 19.19
C ARG H 314 -31.21 50.06 18.97
N ARG H 315 -30.71 49.42 20.03
CA ARG H 315 -29.43 48.71 20.00
C ARG H 315 -28.28 49.65 19.62
N ALA H 316 -28.22 50.79 20.31
CA ALA H 316 -27.12 51.72 20.12
C ALA H 316 -25.87 51.23 20.85
N LYS H 317 -24.72 51.74 20.42
CA LYS H 317 -23.45 51.37 21.04
C LYS H 317 -23.39 51.85 22.48
N ARG H 318 -22.66 51.11 23.31
CA ARG H 318 -22.56 51.45 24.72
C ARG H 318 -21.88 52.80 24.93
N ARG H 319 -20.79 53.05 24.18
CA ARG H 319 -20.12 54.35 24.27
C ARG H 319 -20.98 55.47 23.72
N ASN H 320 -21.94 55.15 22.85
CA ASN H 320 -22.82 56.18 22.32
C ASN H 320 -23.68 56.81 23.40
N MET H 321 -23.89 56.13 24.53
CA MET H 321 -24.58 56.77 25.65
C MET H 321 -23.84 58.01 26.11
N GLU H 322 -22.55 57.85 26.43
CA GLU H 322 -21.74 58.99 26.86
C GLU H 322 -21.60 60.00 25.74
N ARG H 323 -21.40 59.53 24.50
CA ARG H 323 -21.21 60.46 23.39
C ARG H 323 -22.45 61.32 23.19
N LEU H 324 -23.64 60.73 23.26
CA LEU H 324 -24.87 61.48 23.04
C LEU H 324 -25.17 62.39 24.23
N THR H 325 -24.87 61.94 25.44
CA THR H 325 -25.06 62.83 26.59
C THR H 325 -24.16 64.06 26.49
N LEU H 326 -22.92 63.87 26.05
CA LEU H 326 -22.01 65.01 25.95
C LEU H 326 -22.36 65.92 24.78
N ALA H 327 -22.82 65.34 23.66
CA ALA H 327 -23.10 66.15 22.48
C ALA H 327 -24.46 66.82 22.57
N CYS H 328 -25.53 66.02 22.66
CA CYS H 328 -26.87 66.59 22.71
C CYS H 328 -27.10 67.37 24.00
N GLY H 329 -26.59 66.87 25.12
CA GLY H 329 -26.72 67.55 26.38
C GLY H 329 -27.74 66.97 27.34
N GLY H 330 -28.28 65.79 27.05
CA GLY H 330 -29.26 65.16 27.91
C GLY H 330 -28.62 64.34 29.01
N VAL H 331 -29.43 63.46 29.60
CA VAL H 331 -28.99 62.57 30.66
C VAL H 331 -29.38 61.15 30.28
N ALA H 332 -28.41 60.24 30.29
CA ALA H 332 -28.71 58.84 30.01
C ALA H 332 -29.52 58.24 31.16
N LEU H 333 -30.61 57.56 30.81
CA LEU H 333 -31.52 57.01 31.79
C LEU H 333 -31.51 55.50 31.71
N ASN H 334 -31.28 54.84 32.84
CA ASN H 334 -31.42 53.39 32.92
C ASN H 334 -32.82 52.95 33.30
N SER H 335 -33.69 53.89 33.65
CA SER H 335 -35.08 53.58 33.97
C SER H 335 -35.92 54.84 33.79
N PHE H 336 -37.20 54.64 33.51
CA PHE H 336 -38.16 55.74 33.37
C PHE H 336 -38.93 55.99 34.66
N ASP H 337 -38.34 55.67 35.80
CA ASP H 337 -39.03 55.83 37.08
C ASP H 337 -39.40 57.29 37.32
N ASP H 338 -38.43 58.20 37.18
CA ASP H 338 -38.67 59.63 37.34
C ASP H 338 -37.95 60.33 36.19
N LEU H 339 -38.65 60.50 35.07
CA LEU H 339 -38.12 61.18 33.90
C LEU H 339 -38.78 62.54 33.78
N SER H 340 -37.96 63.56 33.53
CA SER H 340 -38.37 64.95 33.53
C SER H 340 -37.89 65.59 32.24
N PRO H 341 -38.53 66.69 31.81
CA PRO H 341 -38.08 67.35 30.57
C PRO H 341 -36.62 67.77 30.59
N ASP H 342 -36.04 68.01 31.76
CA ASP H 342 -34.63 68.37 31.83
C ASP H 342 -33.70 67.22 31.45
N CYS H 343 -34.22 66.00 31.35
CA CYS H 343 -33.42 64.85 30.97
C CYS H 343 -33.29 64.68 29.46
N LEU H 344 -33.90 65.57 28.68
CA LEU H 344 -33.91 65.45 27.21
C LEU H 344 -32.81 66.31 26.61
N GLY H 345 -31.96 65.69 25.79
CA GLY H 345 -31.03 66.45 25.00
C GLY H 345 -31.71 67.10 23.81
N HIS H 346 -31.04 68.11 23.26
CA HIS H 346 -31.59 68.89 22.15
C HIS H 346 -30.61 68.88 20.99
N ALA H 347 -31.11 68.59 19.80
CA ALA H 347 -30.33 68.60 18.57
C ALA H 347 -31.07 69.39 17.51
N GLY H 348 -30.34 70.21 16.77
CA GLY H 348 -30.95 71.08 15.79
C GLY H 348 -31.27 70.44 14.46
N LEU H 349 -30.87 69.19 14.24
CA LEU H 349 -31.23 68.46 13.03
C LEU H 349 -30.95 66.98 13.19
N VAL H 350 -31.95 66.14 12.96
CA VAL H 350 -31.80 64.69 12.98
C VAL H 350 -32.44 64.14 11.72
N TYR H 351 -31.63 63.45 10.91
CA TYR H 351 -32.13 62.85 9.69
C TYR H 351 -31.40 61.53 9.45
N GLU H 352 -31.96 60.71 8.58
CA GLU H 352 -31.42 59.39 8.27
C GLU H 352 -30.91 59.38 6.84
N TYR H 353 -29.69 58.88 6.67
CA TYR H 353 -29.07 58.72 5.36
C TYR H 353 -28.88 57.22 5.13
N THR H 354 -29.44 56.71 4.03
CA THR H 354 -29.31 55.30 3.68
C THR H 354 -28.28 55.14 2.57
N LEU H 355 -27.48 54.07 2.68
CA LEU H 355 -26.45 53.78 1.69
C LEU H 355 -26.45 52.27 1.45
N GLY H 356 -26.91 51.86 0.27
CA GLY H 356 -26.98 50.45 -0.02
C GLY H 356 -27.99 49.77 0.89
N GLU H 357 -27.55 48.74 1.59
CA GLU H 357 -28.40 47.95 2.45
C GLU H 357 -28.40 48.45 3.90
N GLU H 358 -27.55 49.41 4.24
CA GLU H 358 -27.42 49.91 5.59
C GLU H 358 -27.78 51.39 5.66
N LYS H 359 -28.32 51.80 6.81
CA LYS H 359 -28.81 53.15 7.02
C LYS H 359 -27.98 53.84 8.08
N PHE H 360 -27.81 55.15 7.94
CA PHE H 360 -27.07 55.97 8.88
C PHE H 360 -27.93 57.12 9.36
N THR H 361 -27.83 57.44 10.65
CA THR H 361 -28.58 58.53 11.25
C THR H 361 -27.63 59.64 11.65
N PHE H 362 -27.96 60.87 11.27
CA PHE H 362 -27.13 62.04 11.55
C PHE H 362 -27.80 62.88 12.63
N ILE H 363 -26.99 63.31 13.61
CA ILE H 363 -27.46 64.17 14.68
C ILE H 363 -26.54 65.38 14.69
N GLU H 364 -26.98 66.47 14.06
CA GLU H 364 -26.15 67.65 13.86
C GLU H 364 -26.78 68.87 14.54
N LYS H 365 -26.13 70.01 14.34
CA LYS H 365 -26.61 71.31 14.83
C LYS H 365 -26.83 71.29 16.34
N CYS H 366 -25.93 70.65 17.07
CA CYS H 366 -25.97 70.71 18.52
C CYS H 366 -25.49 72.09 19.00
N ASN H 367 -25.77 72.38 20.26
CA ASN H 367 -25.41 73.69 20.80
C ASN H 367 -23.90 73.85 20.92
N ASN H 368 -23.25 73.03 21.73
CA ASN H 368 -21.80 73.01 21.86
C ASN H 368 -21.36 71.59 22.11
N PRO H 369 -21.28 70.77 21.06
CA PRO H 369 -20.99 69.34 21.24
C PRO H 369 -19.60 69.12 21.79
N ARG H 370 -19.54 68.48 22.95
CA ARG H 370 -18.27 68.04 23.54
C ARG H 370 -17.85 66.68 23.02
N SER H 371 -18.62 66.08 22.12
CA SER H 371 -18.26 64.84 21.46
C SER H 371 -18.68 64.93 20.00
N VAL H 372 -17.70 64.90 19.10
CA VAL H 372 -17.97 65.04 17.67
C VAL H 372 -17.62 63.74 16.98
N THR H 373 -17.87 63.66 15.67
CA THR H 373 -17.59 62.46 14.91
C THR H 373 -16.81 62.82 13.65
N LEU H 374 -15.97 61.88 13.21
CA LEU H 374 -15.21 62.01 11.99
C LEU H 374 -15.77 61.03 10.97
N LEU H 375 -16.18 61.54 9.81
CA LEU H 375 -16.86 60.75 8.80
C LEU H 375 -15.87 60.42 7.70
N ILE H 376 -15.37 59.19 7.70
CA ILE H 376 -14.42 58.74 6.68
C ILE H 376 -15.21 58.29 5.46
N LYS H 377 -14.91 58.88 4.30
CA LYS H 377 -15.55 58.54 3.05
C LYS H 377 -14.50 58.15 2.02
N GLY H 378 -14.82 57.16 1.20
CA GLY H 378 -13.90 56.69 0.19
C GLY H 378 -14.53 55.67 -0.73
N PRO H 379 -13.87 55.36 -1.83
CA PRO H 379 -14.41 54.36 -2.77
C PRO H 379 -13.94 52.94 -2.53
N ASN H 380 -13.02 52.72 -1.59
CA ASN H 380 -12.47 51.39 -1.36
C ASN H 380 -12.39 51.12 0.14
N LYS H 381 -12.40 49.84 0.49
CA LYS H 381 -12.22 49.46 1.88
C LYS H 381 -10.82 49.79 2.37
N HIS H 382 -9.81 49.52 1.55
CA HIS H 382 -8.43 49.82 1.95
C HIS H 382 -8.21 51.32 2.08
N THR H 383 -8.85 52.12 1.23
CA THR H 383 -8.77 53.57 1.38
C THR H 383 -9.34 54.01 2.72
N LEU H 384 -10.49 53.45 3.11
CA LEU H 384 -11.08 53.80 4.40
C LEU H 384 -10.17 53.38 5.55
N THR H 385 -9.58 52.20 5.47
CA THR H 385 -8.68 51.75 6.53
C THR H 385 -7.46 52.65 6.64
N GLN H 386 -6.88 53.02 5.48
CA GLN H 386 -5.71 53.90 5.50
C GLN H 386 -6.05 55.26 6.08
N ILE H 387 -7.19 55.84 5.70
CA ILE H 387 -7.58 57.12 6.25
C ILE H 387 -7.85 57.01 7.74
N LYS H 388 -8.44 55.90 8.18
CA LYS H 388 -8.68 55.71 9.61
C LYS H 388 -7.37 55.66 10.39
N ASP H 389 -6.38 54.93 9.89
CA ASP H 389 -5.08 54.89 10.55
C ASP H 389 -4.44 56.27 10.57
N ALA H 390 -4.53 56.99 9.45
CA ALA H 390 -3.94 58.33 9.37
C ALA H 390 -4.58 59.27 10.39
N VAL H 391 -5.92 59.25 10.49
CA VAL H 391 -6.56 60.16 11.43
C VAL H 391 -6.30 59.74 12.86
N ARG H 392 -6.12 58.44 13.12
CA ARG H 392 -5.69 58.02 14.44
C ARG H 392 -4.33 58.61 14.80
N ASP H 393 -3.39 58.52 13.87
CA ASP H 393 -2.07 59.09 14.12
C ASP H 393 -2.14 60.61 14.30
N GLY H 394 -2.96 61.28 13.49
CA GLY H 394 -3.09 62.72 13.63
C GLY H 394 -3.70 63.14 14.95
N LEU H 395 -4.74 62.43 15.39
CA LEU H 395 -5.35 62.71 16.67
C LEU H 395 -4.36 62.50 17.81
N ARG H 396 -3.58 61.41 17.75
CA ARG H 396 -2.56 61.19 18.76
C ARG H 396 -1.54 62.32 18.76
N ALA H 397 -1.11 62.77 17.58
CA ALA H 397 -0.12 63.82 17.50
C ALA H 397 -0.64 65.13 18.10
N VAL H 398 -1.88 65.50 17.76
CA VAL H 398 -2.44 66.74 18.28
C VAL H 398 -2.65 66.64 19.79
N LYS H 399 -3.12 65.49 20.27
CA LYS H 399 -3.30 65.32 21.71
C LYS H 399 -1.98 65.42 22.45
N ASN H 400 -0.93 64.80 21.91
CA ASN H 400 0.38 64.91 22.54
C ASN H 400 0.89 66.35 22.52
N ALA H 401 0.66 67.06 21.41
CA ALA H 401 1.09 68.45 21.33
C ALA H 401 0.37 69.31 22.36
N ILE H 402 -0.91 69.05 22.58
CA ILE H 402 -1.64 69.83 23.58
C ILE H 402 -1.17 69.47 24.99
N ASP H 403 -0.98 68.17 25.26
CA ASP H 403 -0.63 67.74 26.61
C ASP H 403 0.72 68.30 27.04
N ASP H 404 1.70 68.31 26.13
CA ASP H 404 3.01 68.86 26.42
C ASP H 404 3.06 70.31 25.94
N GLY H 405 3.37 71.23 26.85
CA GLY H 405 3.41 72.63 26.49
C GLY H 405 4.53 72.97 25.52
N CYS H 406 5.22 71.96 25.02
CA CYS H 406 6.39 72.14 24.17
C CYS H 406 6.28 71.24 22.94
N VAL H 407 6.92 71.68 21.86
CA VAL H 407 7.02 70.91 20.63
C VAL H 407 8.48 70.97 20.16
N VAL H 408 8.87 69.98 19.36
CA VAL H 408 10.25 69.77 18.97
C VAL H 408 10.35 69.92 17.46
N PRO H 409 11.31 70.67 16.94
CA PRO H 409 11.48 70.76 15.49
C PRO H 409 11.79 69.40 14.88
N GLY H 410 11.24 69.15 13.69
CA GLY H 410 11.35 67.88 13.03
C GLY H 410 12.35 67.89 11.90
N ALA H 411 12.09 67.06 10.89
CA ALA H 411 12.94 66.93 9.70
C ALA H 411 14.36 66.49 10.03
N GLY H 412 14.54 65.83 11.18
CA GLY H 412 15.85 65.32 11.55
C GLY H 412 16.80 66.35 12.15
N ALA H 413 16.36 67.59 12.32
CA ALA H 413 17.25 68.61 12.87
C ALA H 413 17.66 68.27 14.30
N VAL H 414 16.71 67.83 15.11
CA VAL H 414 17.01 67.52 16.51
C VAL H 414 17.97 66.34 16.58
N GLU H 415 17.88 65.40 15.64
CA GLU H 415 18.80 64.27 15.63
C GLU H 415 20.22 64.71 15.34
N VAL H 416 20.40 65.60 14.36
CA VAL H 416 21.74 66.12 14.05
C VAL H 416 22.29 66.90 15.23
N ALA H 417 21.46 67.73 15.86
CA ALA H 417 21.91 68.49 17.01
C ALA H 417 22.32 67.59 18.16
N MET H 418 21.53 66.54 18.44
CA MET H 418 21.91 65.57 19.46
C MET H 418 23.21 64.88 19.11
N ALA H 419 23.39 64.53 17.84
CA ALA H 419 24.63 63.86 17.43
C ALA H 419 25.83 64.74 17.71
N GLU H 420 25.77 66.02 17.32
CA GLU H 420 26.92 66.89 17.54
C GLU H 420 27.12 67.15 19.03
N ALA H 421 26.04 67.28 19.80
CA ALA H 421 26.18 67.48 21.24
C ALA H 421 26.82 66.27 21.89
N LEU H 422 26.43 65.07 21.47
CA LEU H 422 27.04 63.85 22.01
C LEU H 422 28.51 63.76 21.64
N ILE H 423 28.86 64.11 20.41
CA ILE H 423 30.26 64.08 20.00
C ILE H 423 31.07 65.07 20.83
N LYS H 424 30.51 66.25 21.08
CA LYS H 424 31.20 67.23 21.91
C LYS H 424 31.35 66.74 23.34
N HIS H 425 30.34 66.06 23.87
CA HIS H 425 30.37 65.56 25.24
C HIS H 425 31.24 64.33 25.40
N LYS H 426 31.55 63.65 24.30
CA LYS H 426 32.29 62.37 24.37
C LYS H 426 33.58 62.42 25.18
N PRO H 427 34.44 63.44 25.06
CA PRO H 427 35.67 63.42 25.88
C PRO H 427 35.41 63.38 27.37
N SER H 428 34.28 63.90 27.84
CA SER H 428 33.97 63.89 29.26
C SER H 428 33.70 62.49 29.80
N VAL H 429 33.49 61.50 28.93
CA VAL H 429 33.21 60.15 29.38
C VAL H 429 34.51 59.45 29.72
N LYS H 430 34.47 58.60 30.75
CA LYS H 430 35.65 57.88 31.20
C LYS H 430 35.70 56.50 30.57
N GLY H 431 36.92 56.01 30.36
CA GLY H 431 37.10 54.67 29.83
C GLY H 431 36.79 54.58 28.35
N ARG H 432 36.47 53.35 27.93
CA ARG H 432 36.18 53.06 26.53
C ARG H 432 34.71 53.25 26.18
N ALA H 433 33.91 53.80 27.10
CA ALA H 433 32.52 54.10 26.80
C ALA H 433 32.36 55.20 25.76
N GLN H 434 33.45 55.90 25.43
CA GLN H 434 33.41 56.84 24.33
C GLN H 434 33.03 56.16 23.02
N LEU H 435 33.43 54.91 22.84
CA LEU H 435 33.02 54.16 21.67
C LEU H 435 31.50 53.97 21.65
N GLY H 436 30.92 53.64 22.79
CA GLY H 436 29.47 53.53 22.87
C GLY H 436 28.78 54.86 22.59
N VAL H 437 29.35 55.95 23.11
CA VAL H 437 28.78 57.27 22.85
C VAL H 437 28.80 57.59 21.36
N GLN H 438 29.93 57.32 20.70
CA GLN H 438 30.03 57.54 19.27
C GLN H 438 29.04 56.68 18.50
N ALA H 439 28.90 55.41 18.90
CA ALA H 439 27.93 54.54 18.25
C ALA H 439 26.51 55.07 18.42
N PHE H 440 26.18 55.57 19.61
CA PHE H 440 24.85 56.10 19.85
C PHE H 440 24.59 57.34 19.00
N ALA H 441 25.58 58.22 18.88
CA ALA H 441 25.42 59.41 18.06
C ALA H 441 25.23 59.04 16.59
N ASP H 442 26.07 58.13 16.09
CA ASP H 442 25.93 57.71 14.69
C ASP H 442 24.62 56.98 14.45
N ALA H 443 24.08 56.31 15.48
CA ALA H 443 22.77 55.68 15.34
C ALA H 443 21.66 56.72 15.30
N LEU H 444 21.76 57.76 16.13
CA LEU H 444 20.78 58.84 16.05
C LEU H 444 20.82 59.52 14.70
N LEU H 445 21.99 59.56 14.07
CA LEU H 445 22.10 60.21 12.75
C LEU H 445 21.36 59.46 11.65
N ILE H 446 20.66 58.36 11.95
CA ILE H 446 20.04 57.57 10.89
C ILE H 446 18.84 58.31 10.28
N ILE H 447 18.14 59.12 11.07
CA ILE H 447 16.91 59.75 10.57
C ILE H 447 17.19 60.70 9.41
N PRO H 448 18.12 61.66 9.50
CA PRO H 448 18.41 62.47 8.31
C PRO H 448 18.95 61.65 7.15
N LYS H 449 19.73 60.62 7.44
CA LYS H 449 20.24 59.74 6.39
C LYS H 449 19.09 59.12 5.60
N VAL H 450 18.14 58.51 6.31
CA VAL H 450 17.04 57.84 5.64
C VAL H 450 16.13 58.85 4.95
N LEU H 451 15.93 60.03 5.55
CA LEU H 451 15.13 61.06 4.90
C LEU H 451 15.74 61.47 3.57
N ALA H 452 17.05 61.74 3.56
CA ALA H 452 17.72 62.12 2.33
C ALA H 452 17.69 60.99 1.31
N GLN H 453 17.91 59.76 1.77
CA GLN H 453 17.90 58.62 0.84
C GLN H 453 16.54 58.43 0.20
N ASN H 454 15.46 58.54 0.97
CA ASN H 454 14.12 58.41 0.41
C ASN H 454 13.81 59.57 -0.52
N SER H 455 14.30 60.77 -0.20
CA SER H 455 14.07 61.92 -1.06
C SER H 455 14.80 61.79 -2.40
N GLY H 456 15.76 60.88 -2.51
CA GLY H 456 16.47 60.67 -3.74
C GLY H 456 17.88 61.23 -3.79
N PHE H 457 18.39 61.77 -2.69
CA PHE H 457 19.74 62.30 -2.63
C PHE H 457 20.68 61.23 -2.07
N ASP H 458 21.92 61.63 -1.79
CA ASP H 458 22.91 60.73 -1.21
C ASP H 458 23.07 61.05 0.28
N LEU H 459 23.27 60.00 1.06
CA LEU H 459 23.34 60.15 2.52
C LEU H 459 24.51 61.04 2.93
N GLN H 460 25.70 60.74 2.41
CA GLN H 460 26.91 61.37 2.93
C GLN H 460 26.92 62.87 2.66
N GLU H 461 26.70 63.28 1.41
CA GLU H 461 26.81 64.69 1.07
C GLU H 461 25.74 65.52 1.75
N THR H 462 24.49 65.04 1.73
CA THR H 462 23.42 65.77 2.40
C THR H 462 23.67 65.88 3.89
N LEU H 463 24.12 64.78 4.52
CA LEU H 463 24.36 64.80 5.95
C LEU H 463 25.49 65.74 6.32
N VAL H 464 26.58 65.74 5.54
CA VAL H 464 27.68 66.64 5.88
C VAL H 464 27.29 68.08 5.63
N LYS H 465 26.45 68.34 4.61
CA LYS H 465 25.93 69.69 4.43
C LYS H 465 25.11 70.14 5.63
N ILE H 466 24.23 69.26 6.12
CA ILE H 466 23.41 69.59 7.27
C ILE H 466 24.28 69.88 8.49
N GLN H 467 25.28 69.02 8.73
CA GLN H 467 26.13 69.18 9.89
C GLN H 467 26.97 70.45 9.79
N ALA H 468 27.51 70.75 8.61
CA ALA H 468 28.27 71.98 8.43
C ALA H 468 27.41 73.21 8.65
N GLU H 469 26.18 73.19 8.13
CA GLU H 469 25.29 74.32 8.34
C GLU H 469 24.94 74.49 9.81
N HIS H 470 24.71 73.39 10.51
CA HIS H 470 24.37 73.49 11.94
C HIS H 470 25.54 73.99 12.75
N SER H 471 26.75 73.46 12.49
CA SER H 471 27.91 73.91 13.24
C SER H 471 28.25 75.36 12.96
N GLU H 472 28.10 75.79 11.70
CA GLU H 472 28.48 77.15 11.34
C GLU H 472 27.58 78.18 11.99
N SER H 473 26.28 77.90 12.09
CA SER H 473 25.32 78.88 12.57
C SER H 473 24.70 78.55 13.92
N GLY H 474 24.58 77.27 14.27
CA GLY H 474 23.98 76.87 15.52
C GLY H 474 22.48 76.68 15.48
N GLN H 475 21.84 76.90 14.33
CA GLN H 475 20.40 76.72 14.23
C GLN H 475 20.04 75.24 14.12
N LEU H 476 18.77 74.95 14.36
CA LEU H 476 18.23 73.59 14.22
C LEU H 476 17.82 73.40 12.76
N VAL H 477 18.77 72.96 11.94
CA VAL H 477 18.56 72.81 10.51
C VAL H 477 18.25 71.36 10.20
N GLY H 478 17.18 71.13 9.45
CA GLY H 478 16.79 69.79 9.05
C GLY H 478 17.11 69.49 7.60
N VAL H 479 16.34 68.59 7.00
CA VAL H 479 16.55 68.18 5.62
C VAL H 479 15.36 68.64 4.78
N ASP H 480 15.63 69.38 3.73
CA ASP H 480 14.60 69.82 2.78
C ASP H 480 14.42 68.71 1.75
N LEU H 481 13.28 68.04 1.80
CA LEU H 481 13.07 66.87 0.96
C LEU H 481 12.89 67.19 -0.51
N ASN H 482 12.76 68.47 -0.87
CA ASN H 482 12.61 68.86 -2.26
C ASN H 482 13.92 69.30 -2.90
N THR H 483 14.84 69.87 -2.12
CA THR H 483 16.11 70.34 -2.65
C THR H 483 17.34 69.68 -2.02
N GLY H 484 17.21 69.10 -0.84
CA GLY H 484 18.35 68.51 -0.16
C GLY H 484 19.21 69.49 0.59
N GLU H 485 18.88 70.78 0.56
CA GLU H 485 19.65 71.79 1.25
C GLU H 485 19.19 71.91 2.70
N PRO H 486 20.04 72.44 3.58
CA PRO H 486 19.60 72.67 4.96
C PRO H 486 18.44 73.64 5.03
N MET H 487 17.56 73.40 6.00
CA MET H 487 16.34 74.16 6.14
C MET H 487 15.98 74.24 7.62
N VAL H 488 15.45 75.39 8.03
CA VAL H 488 15.04 75.59 9.42
C VAL H 488 13.66 74.98 9.59
N ALA H 489 13.60 73.82 10.26
CA ALA H 489 12.32 73.14 10.44
C ALA H 489 11.36 73.98 11.28
N ALA H 490 11.88 74.69 12.28
CA ALA H 490 11.03 75.52 13.12
C ALA H 490 10.37 76.64 12.32
N GLU H 491 11.12 77.24 11.40
CA GLU H 491 10.57 78.35 10.61
C GLU H 491 9.48 77.87 9.66
N VAL H 492 9.69 76.70 9.02
CA VAL H 492 8.74 76.21 8.02
C VAL H 492 7.63 75.37 8.64
N GLY H 493 7.58 75.27 9.97
CA GLY H 493 6.49 74.55 10.61
C GLY H 493 6.53 73.05 10.47
N VAL H 494 7.72 72.46 10.50
CA VAL H 494 7.86 71.00 10.55
C VAL H 494 8.12 70.64 12.01
N TRP H 495 7.09 70.17 12.69
CA TRP H 495 7.14 69.92 14.13
C TRP H 495 6.97 68.44 14.41
N ASP H 496 7.59 68.00 15.50
CA ASP H 496 7.44 66.64 15.99
C ASP H 496 7.20 66.68 17.50
N ASN H 497 6.49 65.68 18.00
CA ASN H 497 6.08 65.68 19.40
C ASN H 497 7.27 65.40 20.32
N TYR H 498 7.38 66.19 21.38
CA TYR H 498 8.46 66.03 22.34
C TYR H 498 8.38 64.68 23.05
N CYS H 499 7.17 64.29 23.46
CA CYS H 499 7.00 62.99 24.13
C CYS H 499 7.39 61.85 23.22
N VAL H 500 7.12 61.97 21.92
CA VAL H 500 7.48 60.92 20.97
C VAL H 500 8.99 60.74 20.94
N LYS H 501 9.73 61.86 20.87
CA LYS H 501 11.19 61.76 20.87
C LYS H 501 11.72 61.18 22.18
N LYS H 502 11.16 61.61 23.31
CA LYS H 502 11.62 61.09 24.59
C LYS H 502 11.38 59.58 24.69
N GLN H 503 10.18 59.14 24.29
CA GLN H 503 9.89 57.71 24.31
C GLN H 503 10.78 56.96 23.35
N LEU H 504 11.05 57.54 22.18
CA LEU H 504 11.96 56.92 21.22
C LEU H 504 13.32 56.67 21.86
N LEU H 505 13.91 57.72 22.44
CA LEU H 505 15.23 57.57 23.05
C LEU H 505 15.21 56.50 24.14
N HIS H 506 14.25 56.59 25.06
CA HIS H 506 14.23 55.66 26.19
C HIS H 506 14.06 54.22 25.71
N SER H 507 13.03 53.96 24.90
CA SER H 507 12.74 52.59 24.49
C SER H 507 13.85 52.02 23.61
N CYS H 508 14.36 52.81 22.66
CA CYS H 508 15.41 52.30 21.78
C CYS H 508 16.66 51.97 22.58
N THR H 509 17.08 52.85 23.49
CA THR H 509 18.26 52.57 24.29
C THR H 509 18.06 51.33 25.15
N VAL H 510 16.89 51.19 25.78
CA VAL H 510 16.66 50.06 26.67
C VAL H 510 16.69 48.75 25.87
N ILE H 511 16.01 48.71 24.74
CA ILE H 511 15.92 47.46 23.98
C ILE H 511 17.25 47.11 23.36
N ALA H 512 17.99 48.11 22.86
CA ALA H 512 19.31 47.83 22.31
C ALA H 512 20.26 47.32 23.39
N THR H 513 20.22 47.94 24.56
CA THR H 513 21.06 47.48 25.67
C THR H 513 20.73 46.05 26.06
N ASN H 514 19.44 45.71 26.10
CA ASN H 514 19.07 44.36 26.50
C ASN H 514 19.42 43.33 25.44
N ILE H 515 19.28 43.68 24.16
CA ILE H 515 19.62 42.74 23.10
C ILE H 515 21.13 42.52 23.03
N LEU H 516 21.92 43.59 23.18
CA LEU H 516 23.37 43.46 23.07
C LEU H 516 23.93 42.54 24.14
N LEU H 517 23.29 42.49 25.32
CA LEU H 517 23.79 41.66 26.41
C LEU H 517 23.29 40.23 26.34
N VAL H 518 22.50 39.88 25.34
CA VAL H 518 22.03 38.51 25.17
C VAL H 518 23.10 37.70 24.46
N ASP H 519 23.51 36.58 25.06
CA ASP H 519 24.53 35.72 24.49
C ASP H 519 24.05 34.30 24.24
N GLU H 520 22.74 34.05 24.31
CA GLU H 520 22.23 32.71 24.09
C GLU H 520 20.73 32.76 23.82
N ILE H 521 20.31 32.15 22.72
CA ILE H 521 18.90 31.92 22.44
C ILE H 521 18.65 30.42 22.53
N MET H 522 17.71 30.02 23.37
CA MET H 522 17.38 28.62 23.58
C MET H 522 15.90 28.37 23.33
N ARG H 523 15.62 27.26 22.64
CA ARG H 523 14.26 26.77 22.42
C ARG H 523 14.25 25.32 22.89
N ALA H 524 14.03 25.11 24.19
CA ALA H 524 14.12 23.79 24.79
C ALA H 524 12.91 23.50 25.67
N GLY H 525 11.75 24.08 25.34
CA GLY H 525 10.56 23.83 26.12
C GLY H 525 9.80 22.58 25.75
N MET H 526 10.19 21.90 24.68
CA MET H 526 9.48 20.70 24.23
C MET H 526 10.12 19.45 24.80
N PRO I 3 -23.18 -10.60 -29.11
CA PRO I 3 -23.58 -11.49 -30.20
C PRO I 3 -22.50 -11.65 -31.26
N LEU I 4 -21.92 -10.54 -31.71
CA LEU I 4 -20.85 -10.62 -32.71
C LEU I 4 -19.58 -11.20 -32.13
N SER I 5 -19.32 -10.97 -30.83
CA SER I 5 -18.20 -11.54 -30.08
C SER I 5 -16.85 -11.03 -30.55
N VAL I 6 -16.81 -10.00 -31.41
CA VAL I 6 -15.55 -9.42 -31.82
C VAL I 6 -14.94 -8.67 -30.65
N PHE I 7 -13.66 -8.93 -30.37
CA PHE I 7 -12.97 -8.29 -29.26
C PHE I 7 -12.46 -6.93 -29.72
N GLY I 8 -13.31 -5.92 -29.58
CA GLY I 8 -12.94 -4.58 -29.98
C GLY I 8 -14.13 -3.65 -29.93
N ASP I 9 -13.95 -2.48 -30.53
CA ASP I 9 -14.98 -1.46 -30.61
C ASP I 9 -15.48 -1.37 -32.04
N ARG I 10 -16.81 -1.40 -32.20
CA ARG I 10 -17.43 -1.33 -33.52
C ARG I 10 -18.34 -0.12 -33.58
N SER I 11 -17.97 0.86 -34.39
CA SER I 11 -18.79 2.03 -34.66
C SER I 11 -19.17 2.02 -36.13
N THR I 12 -20.46 2.24 -36.42
CA THR I 12 -20.97 2.07 -37.77
C THR I 12 -21.90 3.21 -38.14
N GLY I 13 -21.98 3.47 -39.44
CA GLY I 13 -22.98 4.39 -39.95
C GLY I 13 -22.60 5.85 -39.75
N GLU I 14 -23.62 6.66 -39.43
CA GLU I 14 -23.42 8.09 -39.32
C GLU I 14 -22.41 8.44 -38.25
N THR I 15 -22.29 7.62 -37.20
CA THR I 15 -21.31 7.90 -36.16
C THR I 15 -19.90 7.91 -36.74
N ILE I 16 -19.52 6.84 -37.45
CA ILE I 16 -18.17 6.79 -38.00
C ILE I 16 -18.00 7.78 -39.14
N ARG I 17 -19.06 8.04 -39.91
CA ARG I 17 -18.93 9.04 -40.96
C ARG I 17 -18.63 10.42 -40.38
N SER I 18 -19.36 10.81 -39.33
CA SER I 18 -19.12 12.08 -38.68
C SER I 18 -17.75 12.11 -38.02
N GLN I 19 -17.31 10.98 -37.45
CA GLN I 19 -15.99 10.93 -36.83
C GLN I 19 -14.88 11.13 -37.87
N ASN I 20 -15.02 10.48 -39.03
CA ASN I 20 -14.03 10.65 -40.09
C ASN I 20 -14.00 12.09 -40.58
N VAL I 21 -15.18 12.69 -40.77
CA VAL I 21 -15.23 14.07 -41.23
C VAL I 21 -14.65 15.01 -40.17
N MET I 22 -14.89 14.70 -38.90
CA MET I 22 -14.29 15.48 -37.82
C MET I 22 -12.78 15.42 -37.87
N ALA I 23 -12.21 14.23 -38.08
CA ALA I 23 -10.77 14.10 -38.14
C ALA I 23 -10.20 14.88 -39.32
N ALA I 24 -10.84 14.77 -40.49
CA ALA I 24 -10.38 15.50 -41.66
C ALA I 24 -10.46 17.01 -41.42
N ALA I 25 -11.55 17.48 -40.81
CA ALA I 25 -11.71 18.90 -40.54
C ALA I 25 -10.67 19.39 -39.54
N SER I 26 -10.35 18.57 -38.54
CA SER I 26 -9.32 18.97 -37.58
C SER I 26 -7.96 19.09 -38.25
N ILE I 27 -7.62 18.14 -39.12
CA ILE I 27 -6.36 18.24 -39.85
C ILE I 27 -6.34 19.48 -40.73
N ALA I 28 -7.47 19.78 -41.37
CA ALA I 28 -7.56 20.98 -42.19
C ALA I 28 -7.33 22.22 -41.33
N ASN I 29 -8.07 22.35 -40.22
CA ASN I 29 -7.94 23.51 -39.35
C ASN I 29 -6.55 23.64 -38.76
N ILE I 30 -5.79 22.55 -38.69
CA ILE I 30 -4.42 22.64 -38.20
C ILE I 30 -3.60 23.57 -39.09
N VAL I 31 -3.79 23.49 -40.41
CA VAL I 31 -2.95 24.20 -41.37
C VAL I 31 -3.68 25.31 -42.12
N LYS I 32 -4.98 25.51 -41.85
CA LYS I 32 -5.73 26.52 -42.58
C LYS I 32 -5.18 27.92 -42.39
N SER I 33 -4.46 28.19 -41.30
CA SER I 33 -3.96 29.52 -41.03
C SER I 33 -2.63 29.81 -41.71
N SER I 34 -2.10 28.88 -42.49
CA SER I 34 -0.82 29.04 -43.17
C SER I 34 -1.01 29.01 -44.69
N LEU I 35 -2.05 29.68 -45.18
CA LEU I 35 -2.36 29.70 -46.60
C LEU I 35 -2.36 31.13 -47.10
N GLY I 36 -1.67 31.37 -48.22
CA GLY I 36 -1.66 32.66 -48.86
C GLY I 36 -0.66 33.61 -48.26
N PRO I 37 -0.41 34.73 -48.95
CA PRO I 37 0.64 35.65 -48.51
C PRO I 37 0.44 36.21 -47.12
N VAL I 38 -0.80 36.26 -46.64
CA VAL I 38 -1.09 36.76 -45.31
C VAL I 38 -1.08 35.61 -44.31
N GLY I 39 -0.59 34.45 -44.75
CA GLY I 39 -0.41 33.35 -43.83
C GLY I 39 0.75 33.56 -42.89
N LEU I 40 0.75 32.81 -41.80
CA LEU I 40 1.78 32.94 -40.78
C LEU I 40 2.36 31.57 -40.45
N ASP I 41 3.63 31.58 -40.06
CA ASP I 41 4.33 30.33 -39.78
C ASP I 41 3.87 29.74 -38.45
N LYS I 42 4.25 28.50 -38.22
CA LYS I 42 3.92 27.79 -36.99
C LYS I 42 5.20 27.28 -36.34
N MET I 43 5.19 27.22 -35.02
CA MET I 43 6.33 26.77 -34.24
C MET I 43 5.99 25.44 -33.61
N LEU I 44 6.78 24.41 -33.90
CA LEU I 44 6.53 23.06 -33.41
C LEU I 44 7.66 22.67 -32.46
N VAL I 45 7.29 22.21 -31.27
CA VAL I 45 8.24 21.85 -30.23
C VAL I 45 8.05 20.38 -29.89
N ASP I 46 9.14 19.62 -29.94
CA ASP I 46 9.10 18.21 -29.56
C ASP I 46 9.19 18.08 -28.05
N ASP I 47 9.09 16.84 -27.55
CA ASP I 47 9.29 16.61 -26.13
C ASP I 47 10.75 16.76 -25.73
N ILE I 48 11.68 16.51 -26.65
CA ILE I 48 13.09 16.78 -26.40
C ILE I 48 13.33 18.28 -26.24
N GLY I 49 12.53 19.11 -26.91
CA GLY I 49 12.70 20.55 -26.87
C GLY I 49 13.12 21.16 -28.19
N ASP I 50 13.27 20.38 -29.26
CA ASP I 50 13.65 20.94 -30.55
C ASP I 50 12.55 21.83 -31.09
N VAL I 51 12.95 22.91 -31.78
CA VAL I 51 12.02 23.91 -32.30
C VAL I 51 12.12 23.91 -33.81
N THR I 52 10.97 23.85 -34.48
CA THR I 52 10.90 23.83 -35.94
C THR I 52 9.86 24.88 -36.37
N ILE I 53 10.33 26.07 -36.69
CA ILE I 53 9.47 27.12 -37.21
C ILE I 53 9.28 26.88 -38.70
N THR I 54 8.04 26.68 -39.12
CA THR I 54 7.79 26.33 -40.51
C THR I 54 6.43 26.82 -40.96
N ASN I 55 6.28 26.92 -42.28
CA ASN I 55 5.02 27.22 -42.93
C ASN I 55 4.57 26.12 -43.89
N ASP I 56 5.49 25.26 -44.33
CA ASP I 56 5.15 24.19 -45.25
C ASP I 56 4.13 23.25 -44.63
N GLY I 57 3.06 22.97 -45.37
CA GLY I 57 2.03 22.08 -44.85
C GLY I 57 2.50 20.65 -44.69
N ALA I 58 3.28 20.16 -45.65
CA ALA I 58 3.78 18.79 -45.58
C ALA I 58 4.66 18.59 -44.35
N THR I 59 5.54 19.55 -44.08
CA THR I 59 6.40 19.45 -42.90
C THR I 59 5.59 19.43 -41.62
N ILE I 60 4.60 20.31 -41.51
CA ILE I 60 3.77 20.37 -40.31
C ILE I 60 3.04 19.05 -40.10
N LEU I 61 2.44 18.52 -41.17
CA LEU I 61 1.68 17.28 -41.03
C LEU I 61 2.58 16.09 -40.80
N LYS I 62 3.84 16.16 -41.25
CA LYS I 62 4.78 15.06 -41.01
C LYS I 62 5.30 15.07 -39.58
N LEU I 63 5.51 16.26 -39.01
CA LEU I 63 6.04 16.33 -37.66
C LEU I 63 5.00 15.98 -36.60
N LEU I 64 3.71 16.19 -36.89
CA LEU I 64 2.67 15.97 -35.90
C LEU I 64 2.51 14.48 -35.61
N GLU I 65 1.94 14.19 -34.44
CA GLU I 65 1.58 12.83 -34.05
C GLU I 65 0.08 12.66 -34.28
N VAL I 66 -0.27 11.75 -35.18
CA VAL I 66 -1.66 11.56 -35.61
C VAL I 66 -2.03 10.10 -35.39
N GLU I 67 -3.20 9.86 -34.81
CA GLU I 67 -3.65 8.51 -34.50
C GLU I 67 -4.88 8.08 -35.29
N HIS I 68 -5.76 9.00 -35.67
CA HIS I 68 -6.95 8.63 -36.40
C HIS I 68 -6.60 8.29 -37.85
N PRO I 69 -7.01 7.13 -38.36
CA PRO I 69 -6.64 6.77 -39.74
C PRO I 69 -7.16 7.74 -40.78
N ALA I 70 -8.37 8.27 -40.60
CA ALA I 70 -8.91 9.23 -41.56
C ALA I 70 -8.12 10.52 -41.59
N ALA I 71 -7.34 10.80 -40.55
CA ALA I 71 -6.44 11.94 -40.52
C ALA I 71 -5.07 11.58 -41.09
N LYS I 72 -4.60 10.37 -40.79
CA LYS I 72 -3.37 9.88 -41.40
C LYS I 72 -3.48 9.87 -42.92
N VAL I 73 -4.69 9.65 -43.45
CA VAL I 73 -4.88 9.65 -44.90
C VAL I 73 -4.54 11.02 -45.48
N LEU I 74 -5.06 12.08 -44.86
CA LEU I 74 -4.74 13.42 -45.34
C LEU I 74 -3.27 13.76 -45.12
N CYS I 75 -2.68 13.26 -44.04
CA CYS I 75 -1.26 13.51 -43.81
C CYS I 75 -0.41 12.91 -44.93
N GLU I 76 -0.64 11.64 -45.26
CA GLU I 76 0.12 11.05 -46.36
C GLU I 76 -0.27 11.63 -47.71
N LEU I 77 -1.49 12.16 -47.82
CA LEU I 77 -1.88 12.87 -49.04
C LEU I 77 -1.01 14.11 -49.23
N ALA I 78 -0.81 14.87 -48.15
CA ALA I 78 0.08 16.03 -48.22
C ALA I 78 1.50 15.61 -48.55
N ASP I 79 1.95 14.51 -47.93
CA ASP I 79 3.30 14.03 -48.23
C ASP I 79 3.45 13.66 -49.70
N LEU I 80 2.46 12.98 -50.26
CA LEU I 80 2.51 12.59 -51.67
C LEU I 80 2.49 13.80 -52.58
N GLN I 81 1.63 14.79 -52.27
CA GLN I 81 1.59 16.00 -53.07
C GLN I 81 2.93 16.72 -53.04
N ASP I 82 3.58 16.74 -51.87
CA ASP I 82 4.92 17.31 -51.79
C ASP I 82 5.90 16.51 -52.64
N LYS I 83 5.79 15.18 -52.63
CA LYS I 83 6.73 14.35 -53.37
C LYS I 83 6.62 14.56 -54.88
N GLU I 84 5.40 14.51 -55.42
CA GLU I 84 5.25 14.54 -56.87
C GLU I 84 5.16 15.95 -57.43
N VAL I 85 4.95 16.97 -56.60
CA VAL I 85 4.89 18.34 -57.10
C VAL I 85 5.86 19.22 -56.33
N GLY I 86 5.71 19.27 -55.01
CA GLY I 86 6.53 20.12 -54.17
C GLY I 86 5.85 21.40 -53.71
N ASP I 87 4.72 21.75 -54.31
CA ASP I 87 3.98 22.96 -53.94
C ASP I 87 2.51 22.63 -53.81
N GLY I 88 1.81 23.45 -53.05
CA GLY I 88 0.39 23.24 -52.84
C GLY I 88 0.04 22.14 -51.87
N THR I 89 0.92 21.87 -50.90
CA THR I 89 0.64 20.82 -49.93
C THR I 89 -0.48 21.21 -48.97
N THR I 90 -0.61 22.49 -48.65
CA THR I 90 -1.71 22.94 -47.79
C THR I 90 -3.04 22.96 -48.56
N SER I 91 -2.99 23.43 -49.81
CA SER I 91 -4.21 23.57 -50.59
C SER I 91 -4.87 22.22 -50.84
N VAL I 92 -4.08 21.19 -51.12
CA VAL I 92 -4.66 19.88 -51.40
C VAL I 92 -5.34 19.33 -50.15
N VAL I 93 -4.73 19.52 -48.98
CA VAL I 93 -5.33 19.04 -47.73
C VAL I 93 -6.64 19.78 -47.46
N ILE I 94 -6.63 21.10 -47.64
CA ILE I 94 -7.83 21.88 -47.38
C ILE I 94 -8.95 21.47 -48.33
N ILE I 95 -8.61 21.30 -49.62
CA ILE I 95 -9.61 20.92 -50.61
C ILE I 95 -10.19 19.54 -50.30
N ALA I 96 -9.32 18.59 -49.94
CA ALA I 96 -9.80 17.24 -49.63
C ALA I 96 -10.71 17.26 -48.42
N ALA I 97 -10.34 17.99 -47.38
CA ALA I 97 -11.17 18.05 -46.18
C ALA I 97 -12.53 18.69 -46.47
N GLU I 98 -12.54 19.77 -47.24
CA GLU I 98 -13.82 20.41 -47.59
C GLU I 98 -14.67 19.50 -48.46
N LEU I 99 -14.04 18.77 -49.39
CA LEU I 99 -14.78 17.82 -50.21
C LEU I 99 -15.42 16.75 -49.35
N LEU I 100 -14.67 16.22 -48.39
CA LEU I 100 -15.22 15.21 -47.49
C LEU I 100 -16.37 15.78 -46.66
N LYS I 101 -16.22 17.02 -46.18
CA LYS I 101 -17.26 17.64 -45.37
C LYS I 101 -18.55 17.77 -46.16
N ASN I 102 -18.48 18.32 -47.37
CA ASN I 102 -19.69 18.50 -48.16
C ASN I 102 -20.26 17.15 -48.63
N ALA I 103 -19.40 16.17 -48.90
CA ALA I 103 -19.91 14.84 -49.27
C ALA I 103 -20.67 14.21 -48.11
N ASP I 104 -20.16 14.34 -46.89
CA ASP I 104 -20.87 13.83 -45.73
C ASP I 104 -22.19 14.57 -45.55
N GLU I 105 -22.18 15.90 -45.74
CA GLU I 105 -23.42 16.66 -45.65
C GLU I 105 -24.45 16.14 -46.65
N LEU I 106 -24.02 15.83 -47.88
CA LEU I 106 -24.93 15.25 -48.87
C LEU I 106 -25.41 13.88 -48.43
N VAL I 107 -24.52 13.06 -47.87
CA VAL I 107 -24.89 11.72 -47.45
C VAL I 107 -25.95 11.76 -46.37
N LYS I 108 -25.82 12.69 -45.42
CA LYS I 108 -26.79 12.79 -44.34
C LYS I 108 -28.18 13.16 -44.82
N GLN I 109 -28.31 13.65 -46.05
CA GLN I 109 -29.61 13.87 -46.68
C GLN I 109 -30.10 12.65 -47.45
N LYS I 110 -29.63 11.46 -47.07
CA LYS I 110 -30.03 10.20 -47.69
C LYS I 110 -29.67 10.14 -49.17
N ILE I 111 -28.56 10.78 -49.55
CA ILE I 111 -27.99 10.63 -50.87
C ILE I 111 -26.91 9.56 -50.76
N HIS I 112 -27.04 8.51 -51.57
CA HIS I 112 -26.16 7.35 -51.42
C HIS I 112 -24.72 7.73 -51.72
N PRO I 113 -23.75 7.20 -50.97
CA PRO I 113 -22.35 7.58 -51.20
C PRO I 113 -21.84 7.23 -52.58
N THR I 114 -22.39 6.20 -53.23
CA THR I 114 -21.94 5.86 -54.58
C THR I 114 -22.27 6.98 -55.57
N SER I 115 -23.46 7.57 -55.44
CA SER I 115 -23.83 8.68 -56.32
C SER I 115 -22.92 9.88 -56.06
N VAL I 116 -22.60 10.15 -54.79
CA VAL I 116 -21.71 11.26 -54.46
C VAL I 116 -20.34 11.01 -55.06
N ILE I 117 -19.85 9.78 -55.00
CA ILE I 117 -18.53 9.45 -55.55
C ILE I 117 -18.53 9.63 -57.06
N SER I 118 -19.60 9.16 -57.74
CA SER I 118 -19.69 9.33 -59.18
C SER I 118 -19.72 10.81 -59.56
N GLY I 119 -20.49 11.60 -58.83
CA GLY I 119 -20.53 13.03 -59.08
C GLY I 119 -19.18 13.70 -58.86
N TYR I 120 -18.47 13.29 -57.80
CA TYR I 120 -17.15 13.85 -57.56
C TYR I 120 -16.18 13.48 -58.67
N ARG I 121 -16.24 12.24 -59.16
CA ARG I 121 -15.36 11.85 -60.25
C ARG I 121 -15.64 12.65 -61.51
N LEU I 122 -16.92 12.80 -61.86
CA LEU I 122 -17.27 13.58 -63.04
C LEU I 122 -16.85 15.04 -62.88
N ALA I 123 -17.06 15.61 -61.69
CA ALA I 123 -16.69 16.99 -61.45
C ALA I 123 -15.19 17.19 -61.55
N CYS I 124 -14.41 16.27 -61.00
CA CYS I 124 -12.96 16.38 -61.08
C CYS I 124 -12.47 16.28 -62.51
N LYS I 125 -13.01 15.32 -63.27
CA LYS I 125 -12.60 15.18 -64.67
C LYS I 125 -12.94 16.42 -65.47
N GLU I 126 -14.15 16.95 -65.29
CA GLU I 126 -14.55 18.13 -66.04
C GLU I 126 -13.77 19.37 -65.60
N ALA I 127 -13.43 19.47 -64.31
CA ALA I 127 -12.63 20.59 -63.85
C ALA I 127 -11.23 20.55 -64.46
N VAL I 128 -10.63 19.37 -64.51
CA VAL I 128 -9.32 19.24 -65.14
C VAL I 128 -9.40 19.61 -66.62
N ARG I 129 -10.44 19.13 -67.31
CA ARG I 129 -10.61 19.46 -68.73
C ARG I 129 -10.78 20.97 -68.93
N TYR I 130 -11.60 21.61 -68.08
CA TYR I 130 -11.82 23.04 -68.20
C TYR I 130 -10.55 23.83 -67.93
N ILE I 131 -9.76 23.41 -66.93
CA ILE I 131 -8.49 24.06 -66.66
C ILE I 131 -7.57 23.95 -67.87
N ASN I 132 -7.48 22.75 -68.45
CA ASN I 132 -6.57 22.54 -69.57
C ASN I 132 -7.02 23.28 -70.82
N GLU I 133 -8.33 23.49 -70.99
CA GLU I 133 -8.84 24.10 -72.21
C GLU I 133 -9.05 25.60 -72.12
N ASN I 134 -9.17 26.17 -70.92
CA ASN I 134 -9.56 27.57 -70.82
C ASN I 134 -8.64 28.39 -69.91
N LEU I 135 -8.07 27.76 -68.88
CA LEU I 135 -7.41 28.49 -67.81
C LEU I 135 -5.92 28.20 -67.75
N ILE I 136 -5.27 28.09 -68.91
CA ILE I 136 -3.83 27.93 -68.99
C ILE I 136 -3.25 29.00 -69.88
N VAL I 137 -2.09 29.52 -69.51
CA VAL I 137 -1.38 30.53 -70.27
C VAL I 137 -0.05 29.92 -70.72
N ASN I 138 0.21 29.94 -72.02
CA ASN I 138 1.47 29.44 -72.53
C ASN I 138 2.60 30.40 -72.11
N THR I 139 3.67 29.83 -71.57
CA THR I 139 4.78 30.62 -71.06
C THR I 139 5.79 30.98 -72.15
N ASP I 140 5.59 30.52 -73.38
CA ASP I 140 6.54 30.82 -74.44
C ASP I 140 6.61 32.30 -74.75
N GLU I 141 5.45 32.98 -74.78
CA GLU I 141 5.42 34.39 -75.11
C GLU I 141 5.70 35.28 -73.90
N LEU I 142 5.65 34.74 -72.69
CA LEU I 142 5.90 35.56 -71.50
C LEU I 142 7.39 35.86 -71.33
N GLY I 143 8.25 34.89 -71.63
CA GLY I 143 9.69 35.07 -71.49
C GLY I 143 10.17 34.74 -70.10
N ARG I 144 11.31 35.36 -69.74
CA ARG I 144 11.91 35.11 -68.44
C ARG I 144 11.09 35.69 -67.29
N ASP I 145 10.24 36.68 -67.57
CA ASP I 145 9.45 37.28 -66.50
C ASP I 145 8.49 36.28 -65.88
N CYS I 146 8.02 35.30 -66.65
CA CYS I 146 7.11 34.30 -66.11
C CYS I 146 7.79 33.47 -65.02
N LEU I 147 9.03 33.08 -65.24
CA LEU I 147 9.75 32.31 -64.23
C LEU I 147 9.94 33.11 -62.95
N ILE I 148 10.31 34.38 -63.08
CA ILE I 148 10.51 35.23 -61.92
C ILE I 148 9.21 35.40 -61.16
N ASN I 149 8.11 35.64 -61.87
CA ASN I 149 6.81 35.81 -61.22
C ASN I 149 6.36 34.52 -60.54
N ALA I 150 6.58 33.38 -61.18
CA ALA I 150 6.21 32.11 -60.56
C ALA I 150 7.02 31.86 -59.30
N ALA I 151 8.32 32.14 -59.33
CA ALA I 151 9.15 31.96 -58.14
C ALA I 151 8.72 32.90 -57.03
N LYS I 152 8.43 34.16 -57.37
CA LYS I 152 7.99 35.11 -56.36
C LYS I 152 6.66 34.70 -55.74
N THR I 153 5.72 34.23 -56.56
CA THR I 153 4.45 33.75 -56.03
C THR I 153 4.66 32.53 -55.13
N SER I 154 5.57 31.64 -55.52
CA SER I 154 5.86 30.48 -54.68
C SER I 154 6.44 30.90 -53.34
N MET I 155 7.32 31.89 -53.33
CA MET I 155 7.98 32.31 -52.10
C MET I 155 7.14 33.28 -51.27
N SER I 156 6.03 33.78 -51.80
CA SER I 156 5.11 34.52 -50.97
C SER I 156 4.58 33.61 -49.86
N SER I 157 4.34 34.21 -48.70
CA SER I 157 3.94 33.48 -47.48
C SER I 157 5.07 32.65 -46.92
N LYS I 158 6.31 33.08 -47.13
CA LYS I 158 7.49 32.40 -46.61
C LYS I 158 8.40 33.43 -45.94
N ILE I 159 9.39 32.92 -45.21
CA ILE I 159 10.37 33.78 -44.56
C ILE I 159 11.20 34.58 -45.56
N ILE I 160 11.12 34.24 -46.84
CA ILE I 160 11.86 34.92 -47.88
C ILE I 160 10.92 35.64 -48.85
N GLY I 161 9.67 35.88 -48.42
CA GLY I 161 8.70 36.48 -49.33
C GLY I 161 9.03 37.90 -49.72
N ILE I 162 9.42 38.73 -48.75
CA ILE I 162 9.68 40.13 -49.04
C ILE I 162 10.92 40.29 -49.90
N ASN I 163 11.93 39.45 -49.69
CA ASN I 163 13.15 39.45 -50.49
C ASN I 163 12.99 38.68 -51.79
N GLY I 164 11.75 38.51 -52.24
CA GLY I 164 11.49 37.75 -53.45
C GLY I 164 12.16 38.33 -54.68
N ASP I 165 12.25 39.66 -54.76
CA ASP I 165 12.84 40.31 -55.94
C ASP I 165 14.24 39.78 -56.24
N PHE I 166 14.97 39.38 -55.20
CA PHE I 166 16.32 38.86 -55.28
C PHE I 166 16.37 37.33 -55.22
N PHE I 167 15.53 36.73 -54.38
CA PHE I 167 15.52 35.28 -54.26
C PHE I 167 14.99 34.61 -55.52
N ALA I 168 14.04 35.24 -56.21
CA ALA I 168 13.55 34.67 -57.47
C ALA I 168 14.63 34.65 -58.53
N ASN I 169 15.43 35.72 -58.61
CA ASN I 169 16.56 35.71 -59.53
C ASN I 169 17.55 34.62 -59.16
N MET I 170 17.84 34.47 -57.86
CA MET I 170 18.72 33.38 -57.43
C MET I 170 18.17 32.02 -57.85
N VAL I 171 16.88 31.78 -57.61
CA VAL I 171 16.30 30.48 -57.91
C VAL I 171 16.32 30.21 -59.41
N VAL I 172 15.95 31.21 -60.21
CA VAL I 172 15.91 31.02 -61.66
C VAL I 172 17.30 30.74 -62.20
N ASP I 173 18.30 31.49 -61.74
CA ASP I 173 19.66 31.24 -62.19
C ASP I 173 20.15 29.86 -61.77
N ALA I 174 19.84 29.45 -60.54
CA ALA I 174 20.26 28.13 -60.08
C ALA I 174 19.62 27.03 -60.90
N VAL I 175 18.32 27.17 -61.21
CA VAL I 175 17.64 26.13 -61.99
C VAL I 175 18.19 26.10 -63.41
N LEU I 176 18.37 27.26 -64.04
CA LEU I 176 18.90 27.27 -65.40
C LEU I 176 20.35 26.81 -65.46
N ALA I 177 21.06 26.84 -64.34
CA ALA I 177 22.44 26.37 -64.34
C ALA I 177 22.51 24.86 -64.53
N ILE I 178 21.57 24.11 -63.95
CA ILE I 178 21.63 22.66 -63.94
C ILE I 178 20.79 22.07 -65.08
N LYS I 179 20.38 22.92 -66.02
CA LYS I 179 19.56 22.46 -67.13
C LYS I 179 20.34 21.49 -68.00
N TYR I 180 19.68 20.40 -68.40
CA TYR I 180 20.27 19.45 -69.34
C TYR I 180 19.16 18.87 -70.21
N THR I 181 19.55 18.34 -71.36
CA THR I 181 18.64 17.66 -72.27
C THR I 181 19.03 16.20 -72.39
N ASP I 182 18.03 15.33 -72.31
CA ASP I 182 18.22 13.89 -72.43
C ASP I 182 17.82 13.46 -73.84
N ILE I 183 17.74 12.14 -74.04
CA ILE I 183 17.21 11.63 -75.30
C ILE I 183 15.77 12.11 -75.49
N ARG I 184 15.30 12.06 -76.73
CA ARG I 184 14.03 12.60 -77.19
C ARG I 184 14.01 14.12 -77.17
N GLY I 185 15.15 14.76 -76.94
CA GLY I 185 15.21 16.21 -76.95
C GLY I 185 14.35 16.88 -75.89
N GLN I 186 14.27 16.30 -74.70
CA GLN I 186 13.46 16.85 -73.64
C GLN I 186 14.36 17.57 -72.65
N PRO I 187 14.24 18.89 -72.51
CA PRO I 187 15.05 19.59 -71.49
C PRO I 187 14.59 19.25 -70.09
N ARG I 188 15.39 18.46 -69.38
CA ARG I 188 15.08 18.05 -68.02
C ARG I 188 15.87 18.90 -67.03
N TYR I 189 15.21 19.28 -65.93
CA TYR I 189 15.82 20.15 -64.93
C TYR I 189 15.92 19.39 -63.62
N PRO I 190 17.07 18.77 -63.33
CA PRO I 190 17.21 17.93 -62.14
C PRO I 190 17.42 18.74 -60.87
N VAL I 191 16.36 19.40 -60.42
CA VAL I 191 16.38 20.01 -59.09
C VAL I 191 16.63 18.91 -58.06
N ASN I 192 17.16 19.32 -56.91
CA ASN I 192 17.77 18.51 -55.84
C ASN I 192 19.20 18.16 -56.19
N SER I 193 19.70 18.56 -57.36
CA SER I 193 21.12 18.53 -57.63
C SER I 193 21.80 19.84 -57.26
N VAL I 194 21.04 20.82 -56.79
CA VAL I 194 21.59 22.08 -56.31
C VAL I 194 21.79 21.94 -54.80
N ASN I 195 23.05 21.85 -54.39
CA ASN I 195 23.37 21.68 -52.97
C ASN I 195 22.99 22.94 -52.21
N ILE I 196 22.16 22.78 -51.18
CA ILE I 196 21.73 23.89 -50.34
C ILE I 196 22.54 23.81 -49.05
N LEU I 197 23.38 24.83 -48.82
CA LEU I 197 24.20 24.90 -47.63
C LEU I 197 23.65 26.00 -46.72
N LYS I 198 23.54 25.69 -45.44
CA LYS I 198 23.01 26.62 -44.45
C LYS I 198 24.11 27.05 -43.49
N ALA I 199 24.09 28.31 -43.12
CA ALA I 199 25.05 28.84 -42.15
C ALA I 199 24.52 30.17 -41.63
N HIS I 200 24.35 30.29 -40.32
CA HIS I 200 23.89 31.54 -39.76
C HIS I 200 25.00 32.59 -39.86
N GLY I 201 24.62 33.85 -39.68
CA GLY I 201 25.56 34.93 -39.87
C GLY I 201 24.92 36.18 -40.41
N ARG I 202 25.38 36.63 -41.58
CA ARG I 202 24.89 37.86 -42.19
C ARG I 202 23.41 37.74 -42.54
N SER I 203 22.83 38.84 -43.03
CA SER I 203 21.40 38.86 -43.31
C SER I 203 21.07 37.95 -44.49
N GLN I 204 19.78 37.88 -44.81
CA GLN I 204 19.32 37.04 -45.91
C GLN I 204 19.92 37.49 -47.24
N MET I 205 20.04 38.81 -47.44
CA MET I 205 20.51 39.34 -48.71
C MET I 205 21.97 38.99 -49.01
N GLU I 206 22.72 38.51 -48.03
CA GLU I 206 24.08 38.06 -48.25
C GLU I 206 24.17 36.59 -48.64
N SER I 207 23.03 35.92 -48.83
CA SER I 207 23.04 34.56 -49.33
C SER I 207 23.67 34.53 -50.71
N MET I 208 24.54 33.55 -50.93
CA MET I 208 25.35 33.49 -52.14
C MET I 208 24.91 32.33 -53.01
N LEU I 209 24.82 32.59 -54.31
CA LEU I 209 24.63 31.55 -55.31
C LEU I 209 26.00 31.22 -55.91
N ILE I 210 26.47 30.00 -55.69
CA ILE I 210 27.80 29.60 -56.09
C ILE I 210 27.74 29.07 -57.52
N SER I 211 28.51 29.70 -58.41
CA SER I 211 28.66 29.20 -59.78
C SER I 211 29.71 28.11 -59.78
N GLY I 212 29.28 26.91 -59.39
CA GLY I 212 30.16 25.79 -59.21
C GLY I 212 29.55 24.76 -58.28
N TYR I 213 30.28 24.35 -57.26
CA TYR I 213 29.75 23.45 -56.24
C TYR I 213 30.36 23.80 -54.90
N ALA I 214 29.61 23.50 -53.83
CA ALA I 214 30.02 23.79 -52.47
C ALA I 214 30.00 22.51 -51.65
N LEU I 215 31.09 22.22 -50.97
CA LEU I 215 31.21 21.05 -50.12
C LEU I 215 31.22 21.48 -48.66
N ASN I 216 30.44 20.78 -47.84
CA ASN I 216 30.44 21.02 -46.39
C ASN I 216 31.51 20.17 -45.72
N CYS I 217 32.74 20.31 -46.19
CA CYS I 217 33.87 19.59 -45.63
C CYS I 217 35.15 20.36 -45.93
N VAL I 218 36.15 20.17 -45.08
CA VAL I 218 37.40 20.90 -45.16
C VAL I 218 38.53 19.95 -45.53
N VAL I 219 39.70 20.52 -45.82
CA VAL I 219 40.85 19.71 -46.16
C VAL I 219 41.27 18.88 -44.94
N GLY I 220 41.82 17.69 -45.22
CA GLY I 220 42.13 16.77 -44.14
C GLY I 220 43.24 17.27 -43.22
N SER I 221 44.31 17.81 -43.79
CA SER I 221 45.48 18.20 -43.04
C SER I 221 45.72 19.70 -43.18
N GLN I 222 46.27 20.31 -42.12
CA GLN I 222 46.53 21.74 -42.11
C GLN I 222 47.75 22.13 -42.94
N GLY I 223 48.54 21.16 -43.41
CA GLY I 223 49.69 21.49 -44.21
C GLY I 223 49.41 21.71 -45.67
N MET I 224 48.28 21.21 -46.18
CA MET I 224 47.97 21.39 -47.59
C MET I 224 47.52 22.83 -47.86
N PRO I 225 47.77 23.33 -49.06
CA PRO I 225 47.28 24.67 -49.41
C PRO I 225 45.77 24.70 -49.44
N LYS I 226 45.22 25.87 -49.13
CA LYS I 226 43.78 26.07 -49.09
C LYS I 226 43.23 26.73 -50.34
N ARG I 227 44.02 26.81 -51.40
CA ARG I 227 43.56 27.41 -52.65
C ARG I 227 44.38 26.85 -53.80
N ILE I 228 43.71 26.26 -54.78
CA ILE I 228 44.34 25.77 -56.01
C ILE I 228 43.69 26.49 -57.18
N VAL I 229 44.53 27.07 -58.04
CA VAL I 229 44.00 27.88 -59.13
C VAL I 229 43.51 26.99 -60.27
N ASN I 230 44.40 26.23 -60.89
CA ASN I 230 44.04 25.34 -61.98
C ASN I 230 43.91 23.93 -61.42
N ALA I 231 42.73 23.63 -60.88
CA ALA I 231 42.52 22.38 -60.17
C ALA I 231 42.39 21.22 -61.13
N LYS I 232 42.93 20.07 -60.73
CA LYS I 232 42.75 18.80 -61.42
C LYS I 232 42.11 17.85 -60.43
N ILE I 233 40.78 17.83 -60.42
CA ILE I 233 40.05 17.07 -59.40
C ILE I 233 40.14 15.59 -59.72
N ALA I 234 40.52 14.80 -58.72
CA ALA I 234 40.55 13.34 -58.81
C ALA I 234 39.52 12.78 -57.84
N CYS I 235 38.47 12.17 -58.37
CA CYS I 235 37.40 11.61 -57.55
C CYS I 235 37.65 10.13 -57.35
N LEU I 236 37.74 9.71 -56.09
CA LEU I 236 38.02 8.32 -55.74
C LEU I 236 36.94 7.81 -54.81
N ASP I 237 36.70 6.50 -54.86
CA ASP I 237 35.66 5.86 -54.07
C ASP I 237 36.24 4.78 -53.16
N PHE I 238 37.50 4.93 -52.76
CA PHE I 238 38.13 3.97 -51.87
C PHE I 238 38.96 4.71 -50.84
N SER I 239 39.19 4.04 -49.71
CA SER I 239 39.97 4.63 -48.63
C SER I 239 41.46 4.54 -48.94
N LEU I 240 42.18 5.61 -48.64
CA LEU I 240 43.64 5.65 -48.79
C LEU I 240 44.24 5.48 -47.41
N GLN I 241 44.44 4.22 -47.01
CA GLN I 241 44.98 3.88 -45.70
C GLN I 241 46.03 2.79 -45.88
N LYS I 242 46.53 2.29 -44.76
CA LYS I 242 47.46 1.18 -44.79
C LYS I 242 46.74 -0.07 -45.28
N THR I 243 47.37 -0.80 -46.19
CA THR I 243 46.76 -1.99 -46.76
C THR I 243 46.57 -3.06 -45.69
N LYS I 244 45.44 -3.75 -45.75
CA LYS I 244 45.14 -4.85 -44.85
C LYS I 244 44.64 -6.03 -45.68
N MET I 245 45.22 -7.20 -45.44
CA MET I 245 44.82 -8.37 -46.19
C MET I 245 43.41 -8.79 -45.81
N LYS I 246 42.70 -9.35 -46.78
CA LYS I 246 41.28 -9.66 -46.61
C LYS I 246 41.12 -10.81 -45.60
N LEU I 247 39.85 -11.14 -45.32
CA LEU I 247 39.57 -12.17 -44.33
C LEU I 247 40.07 -13.54 -44.77
N GLY I 248 40.10 -13.80 -46.08
CA GLY I 248 40.55 -15.08 -46.56
C GLY I 248 42.05 -15.26 -46.61
N VAL I 249 42.82 -14.22 -46.32
CA VAL I 249 44.27 -14.25 -46.39
C VAL I 249 44.84 -14.06 -44.99
N GLN I 250 45.80 -14.89 -44.63
CA GLN I 250 46.43 -14.86 -43.31
C GLN I 250 47.93 -14.96 -43.49
N VAL I 251 48.67 -14.18 -42.71
CA VAL I 251 50.13 -14.15 -42.80
C VAL I 251 50.70 -15.06 -41.73
N VAL I 252 51.47 -16.06 -42.15
CA VAL I 252 52.17 -16.97 -41.26
C VAL I 252 53.64 -16.92 -41.61
N ILE I 253 54.48 -16.56 -40.64
CA ILE I 253 55.90 -16.33 -40.87
C ILE I 253 56.68 -17.48 -40.25
N THR I 254 57.49 -18.16 -41.06
CA THR I 254 58.40 -19.17 -40.57
C THR I 254 59.86 -18.73 -40.60
N ASP I 255 60.21 -17.77 -41.45
CA ASP I 255 61.54 -17.20 -41.49
C ASP I 255 61.48 -15.75 -41.01
N PRO I 256 62.14 -15.39 -39.92
CA PRO I 256 62.00 -14.03 -39.38
C PRO I 256 62.46 -12.93 -40.32
N GLU I 257 63.27 -13.24 -41.33
CA GLU I 257 63.84 -12.21 -42.19
C GLU I 257 62.82 -11.58 -43.12
N LYS I 258 61.61 -12.11 -43.22
CA LYS I 258 60.61 -11.60 -44.15
C LYS I 258 59.59 -10.67 -43.49
N LEU I 259 59.55 -10.60 -42.16
CA LEU I 259 58.54 -9.81 -41.48
C LEU I 259 58.68 -8.32 -41.78
N ASP I 260 59.92 -7.83 -41.80
CA ASP I 260 60.15 -6.41 -42.09
C ASP I 260 59.69 -6.06 -43.50
N GLN I 261 59.98 -6.92 -44.48
CA GLN I 261 59.54 -6.68 -45.84
C GLN I 261 58.02 -6.70 -45.94
N ILE I 262 57.39 -7.63 -45.23
CA ILE I 262 55.93 -7.69 -45.21
C ILE I 262 55.35 -6.37 -44.70
N ARG I 263 55.85 -5.92 -43.55
CA ARG I 263 55.36 -4.69 -42.95
C ARG I 263 55.63 -3.48 -43.84
N GLN I 264 56.78 -3.48 -44.54
CA GLN I 264 57.09 -2.39 -45.44
C GLN I 264 56.09 -2.33 -46.60
N ARG I 265 55.88 -3.47 -47.26
CA ARG I 265 54.92 -3.50 -48.37
C ARG I 265 53.53 -3.10 -47.92
N GLU I 266 53.19 -3.41 -46.66
CA GLU I 266 51.85 -3.11 -46.13
C GLU I 266 51.45 -1.66 -46.34
N SER I 267 52.41 -0.73 -46.26
CA SER I 267 52.15 0.67 -46.55
C SER I 267 52.70 1.13 -47.89
N ASP I 268 53.72 0.44 -48.42
CA ASP I 268 54.25 0.81 -49.73
C ASP I 268 53.24 0.62 -50.84
N ILE I 269 52.26 -0.29 -50.68
CA ILE I 269 51.22 -0.44 -51.70
C ILE I 269 50.44 0.87 -51.86
N THR I 270 49.97 1.41 -50.74
CA THR I 270 49.25 2.67 -50.76
C THR I 270 50.15 3.82 -51.19
N LYS I 271 51.43 3.77 -50.80
CA LYS I 271 52.38 4.77 -51.26
C LYS I 271 52.45 4.79 -52.78
N GLU I 272 52.56 3.62 -53.41
CA GLU I 272 52.63 3.55 -54.86
C GLU I 272 51.34 4.03 -55.51
N ARG I 273 50.19 3.66 -54.93
CA ARG I 273 48.93 4.15 -55.48
C ARG I 273 48.87 5.66 -55.49
N ILE I 274 49.20 6.28 -54.35
CA ILE I 274 49.18 7.74 -54.27
C ILE I 274 50.23 8.35 -55.19
N GLN I 275 51.38 7.70 -55.33
CA GLN I 275 52.40 8.21 -56.23
C GLN I 275 51.89 8.26 -57.67
N LYS I 276 51.17 7.23 -58.09
CA LYS I 276 50.56 7.26 -59.43
C LYS I 276 49.54 8.38 -59.53
N ILE I 277 48.67 8.49 -58.52
CA ILE I 277 47.62 9.52 -58.53
C ILE I 277 48.23 10.91 -58.69
N LEU I 278 49.30 11.19 -57.96
CA LEU I 278 49.93 12.50 -58.02
C LEU I 278 50.84 12.67 -59.22
N ALA I 279 51.36 11.57 -59.79
CA ALA I 279 52.21 11.66 -60.96
C ALA I 279 51.42 11.89 -62.23
N THR I 280 50.12 11.56 -62.23
CA THR I 280 49.33 11.92 -63.41
C THR I 280 49.10 13.42 -63.53
N GLY I 281 49.39 14.20 -62.50
CA GLY I 281 49.20 15.63 -62.52
C GLY I 281 48.07 16.17 -61.68
N ALA I 282 47.47 15.34 -60.82
CA ALA I 282 46.31 15.75 -60.06
C ALA I 282 46.66 16.82 -59.03
N ASN I 283 45.68 17.65 -58.70
CA ASN I 283 45.82 18.70 -57.70
C ASN I 283 44.87 18.54 -56.52
N VAL I 284 43.61 18.22 -56.77
CA VAL I 284 42.61 18.04 -55.74
C VAL I 284 42.12 16.61 -55.79
N ILE I 285 42.12 15.93 -54.64
CA ILE I 285 41.72 14.54 -54.55
C ILE I 285 40.59 14.42 -53.53
N LEU I 286 39.44 13.94 -53.98
CA LEU I 286 38.27 13.75 -53.14
C LEU I 286 37.97 12.26 -53.06
N THR I 287 37.82 11.75 -51.85
CA THR I 287 37.55 10.33 -51.64
C THR I 287 36.40 10.15 -50.65
N THR I 288 35.54 9.17 -50.92
CA THR I 288 34.46 8.87 -50.00
C THR I 288 34.99 8.22 -48.74
N GLY I 289 36.05 7.43 -48.83
CA GLY I 289 36.64 6.79 -47.69
C GLY I 289 37.57 7.71 -46.93
N GLY I 290 38.18 7.15 -45.88
CA GLY I 290 39.06 7.91 -45.04
C GLY I 290 40.49 7.95 -45.53
N ILE I 291 41.26 8.89 -44.99
CA ILE I 291 42.68 9.03 -45.27
C ILE I 291 43.41 9.15 -43.95
N ASP I 292 44.46 8.35 -43.76
CA ASP I 292 45.23 8.40 -42.55
C ASP I 292 46.37 9.40 -42.69
N ASP I 293 47.21 9.50 -41.65
CA ASP I 293 48.21 10.56 -41.59
C ASP I 293 49.30 10.39 -42.63
N MET I 294 49.67 9.15 -42.96
CA MET I 294 50.75 8.94 -43.92
C MET I 294 50.38 9.48 -45.30
N CYS I 295 49.20 9.15 -45.79
CA CYS I 295 48.76 9.64 -47.08
C CYS I 295 48.55 11.15 -47.06
N LEU I 296 48.04 11.67 -45.93
CA LEU I 296 47.89 13.11 -45.80
C LEU I 296 49.24 13.81 -45.91
N LYS I 297 50.29 13.23 -45.32
CA LYS I 297 51.62 13.81 -45.45
C LYS I 297 52.14 13.68 -46.88
N TYR I 298 51.82 12.60 -47.57
CA TYR I 298 52.17 12.48 -48.97
C TYR I 298 51.57 13.63 -49.78
N PHE I 299 50.28 13.90 -49.56
CA PHE I 299 49.62 14.99 -50.28
C PHE I 299 50.19 16.35 -49.87
N VAL I 300 50.53 16.50 -48.58
CA VAL I 300 51.12 17.76 -48.11
C VAL I 300 52.44 18.01 -48.83
N GLU I 301 53.29 16.99 -48.92
CA GLU I 301 54.56 17.14 -49.61
C GLU I 301 54.36 17.42 -51.09
N ALA I 302 53.37 16.77 -51.70
CA ALA I 302 53.09 17.03 -53.12
C ALA I 302 52.50 18.41 -53.36
N GLY I 303 52.09 19.13 -52.31
CA GLY I 303 51.46 20.42 -52.48
C GLY I 303 50.10 20.35 -53.16
N ALA I 304 49.29 19.38 -52.77
CA ALA I 304 47.99 19.14 -53.37
C ALA I 304 46.91 19.19 -52.29
N MET I 305 45.66 18.98 -52.70
CA MET I 305 44.53 18.90 -51.80
C MET I 305 44.05 17.46 -51.67
N ALA I 306 43.58 17.10 -50.47
CA ALA I 306 43.02 15.79 -50.22
C ALA I 306 41.88 15.94 -49.23
N VAL I 307 40.67 15.59 -49.65
CA VAL I 307 39.48 15.71 -48.83
C VAL I 307 38.90 14.32 -48.62
N ARG I 308 38.64 13.97 -47.37
CA ARG I 308 38.14 12.65 -47.01
C ARG I 308 36.69 12.75 -46.55
N ARG I 309 36.03 11.60 -46.54
CA ARG I 309 34.64 11.46 -46.09
C ARG I 309 33.70 12.34 -46.90
N VAL I 310 33.99 12.53 -48.18
CA VAL I 310 33.07 13.26 -49.05
C VAL I 310 31.84 12.40 -49.33
N LEU I 311 30.66 13.01 -49.24
CA LEU I 311 29.43 12.28 -49.45
C LEU I 311 29.37 11.72 -50.87
N LYS I 312 28.79 10.54 -51.01
CA LYS I 312 28.76 9.88 -52.32
C LYS I 312 27.97 10.69 -53.34
N ARG I 313 26.83 11.23 -52.94
CA ARG I 313 26.05 12.05 -53.86
C ARG I 313 26.80 13.33 -54.23
N ASP I 314 27.45 13.97 -53.25
CA ASP I 314 28.25 15.15 -53.54
C ASP I 314 29.39 14.81 -54.49
N LEU I 315 30.06 13.68 -54.27
CA LEU I 315 31.15 13.28 -55.13
C LEU I 315 30.68 13.00 -56.55
N LYS I 316 29.51 12.35 -56.67
CA LYS I 316 28.95 12.10 -58.00
C LYS I 316 28.62 13.41 -58.71
N ARG I 317 28.03 14.36 -58.00
CA ARG I 317 27.71 15.65 -58.61
C ARG I 317 28.98 16.36 -59.05
N ILE I 318 30.01 16.35 -58.22
CA ILE I 318 31.26 17.01 -58.58
C ILE I 318 31.90 16.35 -59.80
N ALA I 319 31.92 15.01 -59.81
CA ALA I 319 32.52 14.31 -60.93
C ALA I 319 31.78 14.58 -62.23
N LYS I 320 30.44 14.60 -62.18
CA LYS I 320 29.68 14.85 -63.39
C LYS I 320 29.81 16.30 -63.84
N ALA I 321 29.94 17.24 -62.89
CA ALA I 321 30.05 18.64 -63.26
C ALA I 321 31.42 18.96 -63.83
N SER I 322 32.48 18.40 -63.25
CA SER I 322 33.84 18.70 -63.66
C SER I 322 34.39 17.74 -64.71
N GLY I 323 33.62 16.73 -65.10
CA GLY I 323 34.08 15.78 -66.08
C GLY I 323 34.93 14.64 -65.55
N ALA I 324 35.20 14.61 -64.24
CA ALA I 324 35.96 13.51 -63.67
C ALA I 324 35.13 12.24 -63.63
N THR I 325 35.81 11.10 -63.51
CA THR I 325 35.18 9.80 -63.45
C THR I 325 35.46 9.17 -62.09
N ILE I 326 34.41 8.68 -61.44
CA ILE I 326 34.58 7.98 -60.16
C ILE I 326 35.34 6.69 -60.38
N LEU I 327 36.36 6.46 -59.55
CA LEU I 327 37.17 5.25 -59.63
C LEU I 327 37.13 4.55 -58.27
N SER I 328 36.34 3.48 -58.18
CA SER I 328 36.33 2.68 -56.98
C SER I 328 37.60 1.87 -56.80
N THR I 329 38.41 1.74 -57.86
CA THR I 329 39.66 1.01 -57.79
C THR I 329 40.54 1.44 -58.95
N LEU I 330 41.84 1.20 -58.81
CA LEU I 330 42.81 1.50 -59.86
C LEU I 330 43.20 0.18 -60.54
N ALA I 331 42.36 -0.24 -61.48
CA ALA I 331 42.58 -1.48 -62.21
C ALA I 331 42.09 -1.31 -63.63
N ASN I 332 42.99 -1.51 -64.60
CA ASN I 332 42.61 -1.43 -66.00
C ASN I 332 42.31 -2.82 -66.55
N LEU I 333 41.89 -2.86 -67.82
CA LEU I 333 41.58 -4.14 -68.46
C LEU I 333 42.83 -4.95 -68.75
N GLU I 334 44.02 -4.38 -68.58
CA GLU I 334 45.27 -5.11 -68.74
C GLU I 334 45.68 -5.86 -67.48
N GLY I 335 44.88 -5.78 -66.41
CA GLY I 335 45.24 -6.43 -65.18
C GLY I 335 46.32 -5.75 -64.39
N GLU I 336 46.52 -4.45 -64.61
CA GLU I 336 47.55 -3.68 -63.94
C GLU I 336 46.92 -2.68 -62.97
N GLU I 337 47.76 -1.84 -62.40
CA GLU I 337 47.37 -0.82 -61.42
C GLU I 337 47.78 0.53 -61.98
N THR I 338 46.86 1.19 -62.68
CA THR I 338 47.19 2.41 -63.39
C THR I 338 46.13 3.49 -63.12
N PHE I 339 46.48 4.73 -63.46
CA PHE I 339 45.58 5.86 -63.34
C PHE I 339 45.90 6.82 -64.48
N GLU I 340 44.95 7.00 -65.39
CA GLU I 340 45.17 7.85 -66.55
C GLU I 340 44.74 9.29 -66.26
N ALA I 341 45.30 10.22 -67.02
CA ALA I 341 44.97 11.63 -66.86
C ALA I 341 43.58 11.96 -67.37
N ALA I 342 42.98 11.08 -68.18
CA ALA I 342 41.63 11.31 -68.67
C ALA I 342 40.58 11.20 -67.57
N MET I 343 40.95 10.70 -66.40
CA MET I 343 40.03 10.56 -65.28
C MET I 343 40.00 11.80 -64.38
N LEU I 344 40.71 12.86 -64.77
CA LEU I 344 40.81 14.06 -63.96
C LEU I 344 39.79 15.09 -64.41
N GLY I 345 39.05 15.65 -63.47
CA GLY I 345 38.19 16.77 -63.75
C GLY I 345 38.90 18.09 -63.53
N GLN I 346 38.41 19.13 -64.21
CA GLN I 346 39.04 20.43 -64.20
C GLN I 346 38.05 21.49 -63.73
N ALA I 347 38.49 22.35 -62.83
CA ALA I 347 37.71 23.49 -62.37
C ALA I 347 38.57 24.73 -62.38
N GLU I 348 37.94 25.87 -62.66
CA GLU I 348 38.69 27.12 -62.79
C GLU I 348 39.32 27.57 -61.48
N GLU I 349 38.82 27.09 -60.34
CA GLU I 349 39.37 27.45 -59.04
C GLU I 349 38.75 26.57 -57.97
N VAL I 350 39.55 26.18 -56.99
CA VAL I 350 39.07 25.46 -55.82
C VAL I 350 39.64 26.14 -54.58
N VAL I 351 38.75 26.65 -53.71
CA VAL I 351 39.14 27.42 -52.55
C VAL I 351 38.46 26.84 -51.31
N GLN I 352 38.92 27.29 -50.16
CA GLN I 352 38.31 26.99 -48.87
C GLN I 352 38.01 28.30 -48.18
N GLU I 353 36.74 28.66 -48.10
CA GLU I 353 36.31 29.94 -47.57
C GLU I 353 35.81 29.79 -46.14
N ARG I 354 35.97 30.85 -45.36
CA ARG I 354 35.47 30.89 -43.99
C ARG I 354 34.07 31.51 -43.98
N ILE I 355 33.12 30.80 -43.37
CA ILE I 355 31.73 31.23 -43.32
C ILE I 355 31.29 31.16 -41.86
N CYS I 356 31.35 32.29 -41.15
CA CYS I 356 30.87 32.42 -39.78
C CYS I 356 31.58 31.42 -38.86
N ASP I 357 32.89 31.63 -38.72
CA ASP I 357 33.76 30.82 -37.87
C ASP I 357 33.77 29.35 -38.27
N ASP I 358 33.43 29.07 -39.53
CA ASP I 358 33.50 27.72 -40.05
C ASP I 358 33.93 27.79 -41.51
N GLU I 359 34.46 26.68 -42.00
CA GLU I 359 35.05 26.65 -43.33
C GLU I 359 34.38 25.59 -44.19
N LEU I 360 34.24 25.88 -45.47
CA LEU I 360 33.71 24.95 -46.45
C LEU I 360 34.49 25.11 -47.75
N ILE I 361 34.55 24.04 -48.53
CA ILE I 361 35.35 24.01 -49.74
C ILE I 361 34.45 24.37 -50.92
N LEU I 362 34.90 25.34 -51.72
CA LEU I 362 34.17 25.82 -52.88
C LEU I 362 34.88 25.37 -54.14
N ILE I 363 34.23 24.49 -54.90
CA ILE I 363 34.72 24.09 -56.22
C ILE I 363 34.07 25.03 -57.22
N LYS I 364 34.86 25.96 -57.77
CA LYS I 364 34.33 27.13 -58.45
C LYS I 364 34.56 27.02 -59.95
N ASN I 365 33.48 27.20 -60.72
CA ASN I 365 33.53 27.28 -62.18
C ASN I 365 34.12 26.00 -62.80
N THR I 366 33.41 24.90 -62.59
CA THR I 366 33.77 23.65 -63.23
C THR I 366 33.52 23.74 -64.74
N LYS I 367 34.27 22.95 -65.49
CA LYS I 367 34.14 22.92 -66.95
C LYS I 367 33.45 21.63 -67.38
N ALA I 368 33.04 21.63 -68.65
CA ALA I 368 32.33 20.52 -69.30
C ALA I 368 30.90 20.38 -68.80
N ARG I 369 30.54 21.17 -67.78
CA ARG I 369 29.18 21.22 -67.25
C ARG I 369 29.12 22.34 -66.23
N THR I 370 27.96 22.98 -66.14
CA THR I 370 27.73 24.05 -65.17
C THR I 370 26.84 23.54 -64.06
N SER I 371 27.30 23.68 -62.82
CA SER I 371 26.52 23.33 -61.64
C SER I 371 26.36 24.57 -60.77
N ALA I 372 25.49 24.45 -59.76
CA ALA I 372 25.20 25.55 -58.88
C ALA I 372 24.97 25.06 -57.47
N SER I 373 25.23 25.95 -56.50
CA SER I 373 24.94 25.68 -55.11
C SER I 373 24.54 26.99 -54.44
N ILE I 374 23.74 26.89 -53.38
CA ILE I 374 23.19 28.05 -52.69
C ILE I 374 23.61 27.98 -51.24
N ILE I 375 24.23 29.05 -50.75
CA ILE I 375 24.57 29.20 -49.34
C ILE I 375 23.60 30.20 -48.73
N LEU I 376 22.84 29.75 -47.74
CA LEU I 376 21.80 30.56 -47.12
C LEU I 376 22.31 31.10 -45.79
N ARG I 377 22.31 32.42 -45.66
CA ARG I 377 22.71 33.09 -44.43
C ARG I 377 21.48 33.61 -43.72
N GLY I 378 21.35 33.27 -42.44
CA GLY I 378 20.19 33.65 -41.66
C GLY I 378 20.59 34.08 -40.26
N ALA I 379 19.58 34.43 -39.47
CA ALA I 379 19.81 34.88 -38.11
C ALA I 379 20.12 33.72 -37.17
N ASN I 380 19.51 32.56 -37.40
CA ASN I 380 19.73 31.40 -36.56
C ASN I 380 19.36 30.14 -37.34
N ASP I 381 19.46 28.99 -36.67
CA ASP I 381 19.26 27.71 -37.34
C ASP I 381 17.82 27.55 -37.84
N PHE I 382 16.84 27.94 -37.03
CA PHE I 382 15.44 27.78 -37.41
C PHE I 382 15.12 28.60 -38.65
N MET I 383 15.63 29.83 -38.69
CA MET I 383 15.41 30.67 -39.86
C MET I 383 16.03 30.06 -41.10
N CYS I 384 17.24 29.51 -40.97
CA CYS I 384 17.90 28.87 -42.11
C CYS I 384 17.11 27.66 -42.59
N ASP I 385 16.56 26.87 -41.67
CA ASP I 385 15.70 25.75 -42.06
C ASP I 385 14.51 26.23 -42.86
N GLU I 386 13.84 27.29 -42.40
CA GLU I 386 12.68 27.79 -43.12
C GLU I 386 13.07 28.33 -44.49
N MET I 387 14.20 29.03 -44.58
CA MET I 387 14.69 29.48 -45.88
C MET I 387 14.95 28.29 -46.81
N GLU I 388 15.54 27.22 -46.28
CA GLU I 388 15.82 26.06 -47.12
C GLU I 388 14.54 25.43 -47.64
N ARG I 389 13.54 25.29 -46.78
CA ARG I 389 12.26 24.70 -47.20
C ARG I 389 11.59 25.57 -48.27
N SER I 390 11.53 26.88 -48.03
CA SER I 390 10.91 27.78 -48.99
C SER I 390 11.69 27.80 -50.31
N LEU I 391 13.02 27.74 -50.23
CA LEU I 391 13.85 27.72 -51.42
C LEU I 391 13.61 26.46 -52.23
N HIS I 392 13.47 25.31 -51.55
CA HIS I 392 13.16 24.07 -52.26
C HIS I 392 11.80 24.15 -52.92
N ASP I 393 10.81 24.75 -52.24
CA ASP I 393 9.51 24.93 -52.86
C ASP I 393 9.61 25.79 -54.12
N ALA I 394 10.36 26.88 -54.06
CA ALA I 394 10.52 27.74 -55.21
C ALA I 394 11.23 27.02 -56.36
N LEU I 395 12.26 26.24 -56.04
CA LEU I 395 12.96 25.49 -57.07
C LEU I 395 12.03 24.48 -57.74
N CYS I 396 11.21 23.79 -56.95
CA CYS I 396 10.27 22.84 -57.51
C CYS I 396 9.25 23.55 -58.42
N VAL I 397 8.78 24.72 -58.00
CA VAL I 397 7.81 25.46 -58.83
C VAL I 397 8.45 25.87 -60.15
N VAL I 398 9.70 26.37 -60.09
CA VAL I 398 10.38 26.78 -61.31
C VAL I 398 10.60 25.58 -62.23
N LYS I 399 10.97 24.43 -61.66
CA LYS I 399 11.16 23.23 -62.47
C LYS I 399 9.86 22.82 -63.14
N ARG I 400 8.74 22.86 -62.41
CA ARG I 400 7.45 22.51 -63.01
C ARG I 400 7.10 23.46 -64.13
N VAL I 401 7.33 24.77 -63.93
CA VAL I 401 7.01 25.74 -64.97
C VAL I 401 7.88 25.53 -66.20
N LEU I 402 9.15 25.17 -66.00
CA LEU I 402 10.06 25.00 -67.12
C LEU I 402 9.79 23.72 -67.89
N GLU I 403 9.40 22.64 -67.21
CA GLU I 403 9.12 21.39 -67.90
C GLU I 403 7.82 21.47 -68.69
N SER I 404 6.72 21.70 -68.00
CA SER I 404 5.43 21.96 -68.65
C SER I 404 5.24 23.47 -68.74
N LYS I 405 5.09 23.98 -69.95
CA LYS I 405 5.14 25.41 -70.21
C LYS I 405 3.79 26.09 -70.05
N SER I 406 2.91 25.52 -69.22
CA SER I 406 1.60 26.10 -68.94
C SER I 406 1.52 26.53 -67.49
N VAL I 407 1.01 27.73 -67.25
CA VAL I 407 0.79 28.25 -65.90
C VAL I 407 -0.65 28.73 -65.80
N VAL I 408 -1.12 28.86 -64.57
CA VAL I 408 -2.49 29.29 -64.30
C VAL I 408 -2.47 30.53 -63.43
N PRO I 409 -3.47 31.40 -63.51
CA PRO I 409 -3.53 32.54 -62.60
C PRO I 409 -3.70 32.09 -61.15
N GLY I 410 -3.07 32.84 -60.24
CA GLY I 410 -3.14 32.54 -58.83
C GLY I 410 -4.20 33.35 -58.11
N GLY I 411 -4.15 33.28 -56.79
CA GLY I 411 -5.06 34.04 -55.94
C GLY I 411 -6.51 33.59 -56.05
N GLY I 412 -6.76 32.30 -56.20
CA GLY I 412 -8.11 31.79 -56.21
C GLY I 412 -8.89 32.04 -57.48
N ALA I 413 -8.25 32.55 -58.53
CA ALA I 413 -8.95 32.74 -59.79
C ALA I 413 -9.40 31.41 -60.38
N VAL I 414 -8.52 30.42 -60.38
CA VAL I 414 -8.85 29.11 -60.92
C VAL I 414 -9.99 28.48 -60.12
N GLU I 415 -9.93 28.58 -58.79
CA GLU I 415 -10.98 27.99 -57.97
C GLU I 415 -12.33 28.63 -58.24
N ALA I 416 -12.38 29.96 -58.33
CA ALA I 416 -13.65 30.63 -58.59
C ALA I 416 -14.19 30.29 -59.97
N ALA I 417 -13.33 30.30 -60.99
CA ALA I 417 -13.77 29.95 -62.33
C ALA I 417 -14.30 28.51 -62.38
N LEU I 418 -13.59 27.59 -61.72
CA LEU I 418 -14.03 26.21 -61.68
C LEU I 418 -15.36 26.08 -60.95
N SER I 419 -15.53 26.80 -59.85
CA SER I 419 -16.78 26.73 -59.11
C SER I 419 -17.95 27.19 -59.98
N ILE I 420 -17.78 28.31 -60.68
CA ILE I 420 -18.85 28.82 -61.53
C ILE I 420 -19.15 27.83 -62.66
N TYR I 421 -18.09 27.35 -63.32
CA TYR I 421 -18.29 26.47 -64.47
C TYR I 421 -18.94 25.16 -64.06
N LEU I 422 -18.50 24.57 -62.94
CA LEU I 422 -19.07 23.31 -62.50
C LEU I 422 -20.49 23.48 -61.98
N GLU I 423 -20.78 24.61 -61.33
CA GLU I 423 -22.15 24.88 -60.92
C GLU I 423 -23.07 24.98 -62.14
N ASN I 424 -22.59 25.62 -63.21
CA ASN I 424 -23.37 25.67 -64.44
C ASN I 424 -23.52 24.29 -65.07
N TYR I 425 -22.44 23.51 -65.09
CA TYR I 425 -22.42 22.23 -65.80
C TYR I 425 -23.16 21.12 -65.07
N ALA I 426 -23.31 21.23 -63.75
CA ALA I 426 -23.95 20.15 -62.99
C ALA I 426 -25.40 19.94 -63.41
N THR I 427 -26.06 20.99 -63.91
CA THR I 427 -27.47 20.88 -64.28
C THR I 427 -27.70 20.01 -65.50
N SER I 428 -26.65 19.65 -66.25
CA SER I 428 -26.80 18.87 -67.47
C SER I 428 -26.45 17.40 -67.30
N MET I 429 -26.18 16.95 -66.08
CA MET I 429 -25.77 15.56 -65.85
C MET I 429 -26.48 15.00 -64.63
N GLY I 430 -27.14 13.86 -64.81
CA GLY I 430 -27.71 13.09 -63.71
C GLY I 430 -28.73 13.80 -62.84
N SER I 431 -29.16 13.14 -61.77
CA SER I 431 -30.11 13.70 -60.82
C SER I 431 -29.50 13.93 -59.45
N ARG I 432 -28.91 12.89 -58.85
CA ARG I 432 -28.22 13.02 -57.58
C ARG I 432 -26.76 13.39 -57.76
N GLU I 433 -26.11 12.83 -58.78
CA GLU I 433 -24.76 13.26 -59.11
C GLU I 433 -24.71 14.72 -59.53
N GLN I 434 -25.83 15.28 -59.98
CA GLN I 434 -25.91 16.72 -60.17
C GLN I 434 -25.68 17.46 -58.85
N LEU I 435 -26.34 16.99 -57.78
CA LEU I 435 -26.10 17.57 -56.47
C LEU I 435 -24.67 17.35 -56.03
N ALA I 436 -24.10 16.17 -56.32
CA ALA I 436 -22.71 15.92 -55.96
C ALA I 436 -21.77 16.89 -56.66
N ILE I 437 -21.99 17.16 -57.95
CA ILE I 437 -21.14 18.08 -58.68
C ILE I 437 -21.33 19.51 -58.17
N ALA I 438 -22.56 19.87 -57.83
CA ALA I 438 -22.79 21.20 -57.25
C ALA I 438 -22.04 21.36 -55.94
N GLU I 439 -22.05 20.33 -55.10
CA GLU I 439 -21.31 20.40 -53.84
C GLU I 439 -19.80 20.41 -54.07
N PHE I 440 -19.33 19.71 -55.10
CA PHE I 440 -17.91 19.79 -55.46
C PHE I 440 -17.54 21.22 -55.84
N ALA I 441 -18.37 21.86 -56.66
CA ALA I 441 -18.11 23.24 -57.05
C ALA I 441 -18.11 24.16 -55.85
N ARG I 442 -19.06 23.98 -54.93
CA ARG I 442 -19.09 24.79 -53.72
C ARG I 442 -17.84 24.56 -52.88
N SER I 443 -17.41 23.30 -52.74
CA SER I 443 -16.25 22.98 -51.93
C SER I 443 -14.97 23.58 -52.51
N LEU I 444 -14.91 23.70 -53.84
CA LEU I 444 -13.73 24.29 -54.46
C LEU I 444 -13.51 25.74 -54.03
N LEU I 445 -14.53 26.40 -53.49
CA LEU I 445 -14.44 27.81 -53.11
C LEU I 445 -13.77 28.03 -51.77
N VAL I 446 -13.29 26.99 -51.10
CA VAL I 446 -12.68 27.17 -49.79
C VAL I 446 -11.37 27.94 -49.89
N ILE I 447 -10.60 27.73 -50.96
CA ILE I 447 -9.29 28.38 -51.08
C ILE I 447 -9.40 29.90 -51.10
N PRO I 448 -10.19 30.52 -51.98
CA PRO I 448 -10.32 31.99 -51.90
C PRO I 448 -10.91 32.45 -50.58
N ASN I 449 -11.83 31.68 -50.00
CA ASN I 449 -12.38 32.05 -48.70
C ASN I 449 -11.31 32.06 -47.63
N THR I 450 -10.44 31.05 -47.62
CA THR I 450 -9.34 31.01 -46.64
C THR I 450 -8.35 32.14 -46.88
N LEU I 451 -8.06 32.43 -48.16
CA LEU I 451 -7.16 33.54 -48.46
C LEU I 451 -7.73 34.85 -47.93
N ALA I 452 -9.03 35.09 -48.12
CA ALA I 452 -9.64 36.31 -47.61
C ALA I 452 -9.67 36.33 -46.09
N VAL I 453 -9.99 35.20 -45.46
CA VAL I 453 -10.12 35.16 -44.01
C VAL I 453 -8.77 35.43 -43.34
N ASN I 454 -7.70 34.81 -43.85
CA ASN I 454 -6.39 34.98 -43.24
C ASN I 454 -5.94 36.43 -43.26
N ALA I 455 -6.45 37.22 -44.20
CA ALA I 455 -6.11 38.63 -44.29
C ALA I 455 -7.05 39.52 -43.49
N ALA I 456 -8.00 38.93 -42.76
CA ALA I 456 -8.98 39.67 -41.96
C ALA I 456 -9.77 40.65 -42.83
N GLN I 457 -10.11 40.22 -44.04
CA GLN I 457 -10.94 41.00 -44.94
C GLN I 457 -12.36 40.42 -44.97
N ASP I 458 -13.26 41.14 -45.64
CA ASP I 458 -14.63 40.66 -45.78
C ASP I 458 -14.66 39.49 -46.76
N SER I 459 -14.57 38.26 -46.24
CA SER I 459 -14.46 37.10 -47.11
C SER I 459 -15.71 36.93 -47.97
N THR I 460 -16.89 37.08 -47.37
CA THR I 460 -18.13 36.85 -48.11
C THR I 460 -18.26 37.83 -49.27
N ASP I 461 -18.11 39.13 -48.99
CA ASP I 461 -18.26 40.13 -50.03
C ASP I 461 -17.20 40.01 -51.10
N LEU I 462 -15.95 39.77 -50.70
CA LEU I 462 -14.86 39.67 -51.67
C LEU I 462 -15.04 38.46 -52.58
N VAL I 463 -15.39 37.31 -52.00
CA VAL I 463 -15.64 36.13 -52.82
C VAL I 463 -16.86 36.32 -53.70
N ALA I 464 -17.88 37.03 -53.21
CA ALA I 464 -19.04 37.31 -54.05
C ALA I 464 -18.66 38.17 -55.25
N LYS I 465 -17.82 39.18 -55.03
CA LYS I 465 -17.36 40.01 -56.15
C LYS I 465 -16.54 39.19 -57.14
N LEU I 466 -15.66 38.31 -56.63
CA LEU I 466 -14.88 37.46 -57.51
C LEU I 466 -15.78 36.54 -58.34
N ARG I 467 -16.78 35.95 -57.69
CA ARG I 467 -17.71 35.07 -58.39
C ARG I 467 -18.52 35.83 -59.42
N ALA I 468 -18.93 37.06 -59.10
CA ALA I 468 -19.64 37.87 -60.07
C ALA I 468 -18.77 38.17 -61.29
N PHE I 469 -17.49 38.51 -61.05
CA PHE I 469 -16.58 38.76 -62.16
C PHE I 469 -16.44 37.52 -63.04
N HIS I 470 -16.24 36.36 -62.42
CA HIS I 470 -16.05 35.15 -63.23
C HIS I 470 -17.33 34.72 -63.92
N ASN I 471 -18.49 34.91 -63.29
CA ASN I 471 -19.76 34.62 -63.94
C ASN I 471 -19.98 35.51 -65.16
N GLU I 472 -19.64 36.81 -65.03
CA GLU I 472 -19.72 37.69 -66.17
C GLU I 472 -18.76 37.26 -67.27
N ALA I 473 -17.56 36.82 -66.89
CA ALA I 473 -16.59 36.35 -67.88
C ALA I 473 -17.11 35.13 -68.63
N GLN I 474 -17.73 34.19 -67.92
CA GLN I 474 -18.20 32.97 -68.57
C GLN I 474 -19.45 33.23 -69.41
N VAL I 475 -20.38 34.03 -68.90
CA VAL I 475 -21.63 34.27 -69.61
C VAL I 475 -21.37 35.11 -70.86
N ASN I 476 -20.65 36.22 -70.70
CA ASN I 476 -20.39 37.11 -71.82
C ASN I 476 -19.17 36.62 -72.59
N PRO I 477 -19.30 36.27 -73.87
CA PRO I 477 -18.10 35.87 -74.64
C PRO I 477 -17.08 36.98 -74.78
N GLU I 478 -17.53 38.24 -74.88
CA GLU I 478 -16.60 39.34 -75.09
C GLU I 478 -15.86 39.74 -73.83
N ARG I 479 -16.44 39.49 -72.65
CA ARG I 479 -15.76 39.76 -71.38
C ARG I 479 -14.92 38.59 -70.90
N LYS I 480 -14.44 37.75 -71.83
CA LYS I 480 -13.67 36.57 -71.48
C LYS I 480 -12.34 36.90 -70.83
N ASN I 481 -11.89 38.16 -70.90
CA ASN I 481 -10.62 38.54 -70.30
C ASN I 481 -10.64 38.53 -68.77
N LEU I 482 -11.81 38.37 -68.15
CA LEU I 482 -11.91 38.40 -66.70
C LEU I 482 -11.57 37.08 -66.03
N LYS I 483 -11.18 36.05 -66.79
CA LYS I 483 -10.80 34.79 -66.19
C LYS I 483 -9.61 34.92 -65.26
N TRP I 484 -8.79 35.94 -65.43
CA TRP I 484 -7.60 36.14 -64.62
C TRP I 484 -7.87 36.93 -63.34
N ILE I 485 -9.12 37.32 -63.10
CA ILE I 485 -9.43 38.15 -61.94
C ILE I 485 -9.29 37.30 -60.67
N GLY I 486 -8.33 37.67 -59.83
CA GLY I 486 -8.09 36.97 -58.58
C GLY I 486 -8.00 37.94 -57.41
N LEU I 487 -7.86 37.37 -56.23
CA LEU I 487 -7.83 38.17 -55.00
C LEU I 487 -6.50 38.89 -54.87
N ASP I 488 -6.56 40.11 -54.33
CA ASP I 488 -5.38 40.90 -53.97
C ASP I 488 -5.49 41.17 -52.48
N LEU I 489 -4.93 40.28 -51.67
CA LEU I 489 -5.09 40.35 -50.22
C LEU I 489 -4.34 41.53 -49.60
N SER I 490 -3.41 42.15 -50.32
CA SER I 490 -2.75 43.34 -49.79
C SER I 490 -3.74 44.48 -49.60
N ASN I 491 -4.67 44.65 -50.54
CA ASN I 491 -5.69 45.67 -50.46
C ASN I 491 -7.10 45.11 -50.27
N GLY I 492 -7.28 43.80 -50.38
CA GLY I 492 -8.59 43.20 -50.22
C GLY I 492 -9.58 43.56 -51.30
N LYS I 493 -9.17 43.55 -52.56
CA LYS I 493 -10.04 43.82 -53.69
C LYS I 493 -9.66 42.92 -54.84
N PRO I 494 -10.61 42.61 -55.73
CA PRO I 494 -10.27 41.77 -56.89
C PRO I 494 -9.28 42.48 -57.79
N ARG I 495 -8.46 41.67 -58.47
CA ARG I 495 -7.41 42.20 -59.33
C ARG I 495 -7.06 41.16 -60.38
N ASP I 496 -6.79 41.62 -61.60
CA ASP I 496 -6.36 40.74 -62.67
C ASP I 496 -4.99 40.19 -62.33
N ASN I 497 -4.94 38.91 -61.91
CA ASN I 497 -3.69 38.35 -61.39
C ASN I 497 -2.70 38.06 -62.50
N LYS I 498 -3.17 37.80 -63.73
CA LYS I 498 -2.24 37.59 -64.84
C LYS I 498 -1.43 38.84 -65.11
N GLN I 499 -2.07 40.01 -65.09
CA GLN I 499 -1.34 41.26 -65.27
C GLN I 499 -0.42 41.53 -64.09
N ALA I 500 -0.88 41.23 -62.87
CA ALA I 500 -0.07 41.47 -61.68
C ALA I 500 1.10 40.49 -61.58
N GLY I 501 1.05 39.38 -62.29
CA GLY I 501 2.13 38.42 -62.27
C GLY I 501 2.03 37.41 -61.14
N VAL I 502 0.83 36.89 -60.91
CA VAL I 502 0.62 35.86 -59.90
C VAL I 502 0.28 34.55 -60.59
N PHE I 503 1.30 33.74 -60.86
CA PHE I 503 1.13 32.48 -61.58
C PHE I 503 1.54 31.31 -60.70
N GLU I 504 1.25 30.12 -61.20
CA GLU I 504 1.68 28.87 -60.58
C GLU I 504 1.51 27.76 -61.62
N PRO I 505 2.29 26.69 -61.52
CA PRO I 505 2.18 25.62 -62.53
C PRO I 505 0.79 25.00 -62.55
N THR I 506 0.33 24.66 -63.75
CA THR I 506 -0.96 23.96 -63.88
C THR I 506 -0.91 22.59 -63.22
N ILE I 507 0.26 21.97 -63.20
CA ILE I 507 0.40 20.64 -62.61
C ILE I 507 0.04 20.67 -61.14
N VAL I 508 0.33 21.78 -60.45
CA VAL I 508 -0.03 21.89 -59.03
C VAL I 508 -1.53 21.77 -58.86
N LYS I 509 -2.30 22.55 -59.62
CA LYS I 509 -3.75 22.51 -59.50
C LYS I 509 -4.31 21.16 -59.90
N VAL I 510 -3.83 20.60 -61.01
CA VAL I 510 -4.38 19.34 -61.50
C VAL I 510 -4.11 18.22 -60.51
N LYS I 511 -2.86 18.10 -60.05
CA LYS I 511 -2.52 17.05 -59.11
C LYS I 511 -3.25 17.22 -57.78
N SER I 512 -3.36 18.47 -57.30
CA SER I 512 -4.09 18.69 -56.05
C SER I 512 -5.55 18.27 -56.19
N LEU I 513 -6.18 18.62 -57.31
CA LEU I 513 -7.58 18.24 -57.52
C LEU I 513 -7.73 16.72 -57.55
N LYS I 514 -6.89 16.04 -58.33
CA LYS I 514 -7.02 14.59 -58.45
C LYS I 514 -6.78 13.90 -57.11
N PHE I 515 -5.73 14.32 -56.40
CA PHE I 515 -5.40 13.69 -55.12
C PHE I 515 -6.49 13.94 -54.09
N ALA I 516 -7.01 15.17 -54.03
CA ALA I 516 -8.08 15.47 -53.09
C ALA I 516 -9.33 14.66 -53.39
N THR I 517 -9.67 14.54 -54.68
CA THR I 517 -10.84 13.73 -55.04
C THR I 517 -10.65 12.28 -54.63
N GLU I 518 -9.47 11.72 -54.90
CA GLU I 518 -9.23 10.32 -54.55
C GLU I 518 -9.27 10.11 -53.04
N ALA I 519 -8.67 11.02 -52.27
CA ALA I 519 -8.70 10.88 -50.81
C ALA I 519 -10.12 11.00 -50.28
N ALA I 520 -10.89 11.95 -50.79
CA ALA I 520 -12.28 12.10 -50.36
C ALA I 520 -13.08 10.85 -50.67
N ILE I 521 -12.89 10.27 -51.87
CA ILE I 521 -13.59 9.05 -52.23
C ILE I 521 -13.20 7.92 -51.28
N THR I 522 -11.90 7.79 -51.00
CA THR I 522 -11.41 6.72 -50.15
C THR I 522 -12.04 6.80 -48.77
N ILE I 523 -12.09 8.00 -48.18
CA ILE I 523 -12.67 8.11 -46.85
C ILE I 523 -14.19 8.03 -46.90
N LEU I 524 -14.79 8.36 -48.05
CA LEU I 524 -16.24 8.30 -48.15
C LEU I 524 -16.75 6.87 -48.29
N ARG I 525 -15.92 5.97 -48.83
CA ARG I 525 -16.35 4.59 -48.97
C ARG I 525 -16.51 3.85 -47.65
N ILE I 526 -16.05 4.43 -46.55
CA ILE I 526 -16.11 3.78 -45.25
C ILE I 526 -17.46 4.08 -44.59
N ASP I 527 -18.10 3.05 -44.07
CA ASP I 527 -19.33 3.22 -43.30
C ASP I 527 -19.32 2.43 -41.99
N ASP I 528 -18.25 1.69 -41.71
CA ASP I 528 -18.15 0.92 -40.47
C ASP I 528 -16.69 0.83 -40.08
N LEU I 529 -16.44 0.83 -38.77
CA LEU I 529 -15.08 0.72 -38.25
C LEU I 529 -15.05 -0.32 -37.14
N ILE I 530 -14.08 -1.23 -37.23
CA ILE I 530 -13.81 -2.20 -36.18
C ILE I 530 -12.41 -1.94 -35.67
N LYS I 531 -12.29 -1.68 -34.37
CA LYS I 531 -11.02 -1.32 -33.74
C LYS I 531 -10.71 -2.38 -32.67
N LEU I 532 -9.87 -3.35 -33.03
CA LEU I 532 -9.55 -4.43 -32.11
C LEU I 532 -8.67 -3.93 -30.98
N HIS I 533 -8.93 -4.44 -29.77
CA HIS I 533 -8.11 -4.09 -28.62
C HIS I 533 -6.77 -4.81 -28.70
N PRO I 534 -5.64 -4.09 -28.67
CA PRO I 534 -4.30 -4.69 -28.73
C PRO I 534 -4.02 -5.65 -27.59
N ALA J 1 -6.11 -45.08 13.09
CA ALA J 1 -6.29 -43.67 12.72
C ALA J 1 -5.64 -43.39 11.37
N SER J 2 -6.31 -42.59 10.55
CA SER J 2 -5.80 -42.25 9.23
C SER J 2 -4.67 -41.24 9.32
N LEU J 3 -3.92 -41.11 8.22
CA LEU J 3 -2.83 -40.15 8.18
C LEU J 3 -3.33 -38.72 8.29
N SER J 4 -4.37 -38.38 7.53
CA SER J 4 -4.85 -37.00 7.50
C SER J 4 -5.56 -36.63 8.79
N LEU J 5 -6.44 -37.51 9.27
CA LEU J 5 -7.22 -37.23 10.48
C LEU J 5 -6.52 -37.81 11.70
N ALA J 6 -5.31 -37.32 11.93
CA ALA J 6 -4.52 -37.64 13.10
C ALA J 6 -3.98 -36.35 13.70
N PRO J 7 -3.86 -36.29 15.03
CA PRO J 7 -3.37 -35.05 15.66
C PRO J 7 -1.97 -34.63 15.21
N VAL J 8 -1.14 -35.58 14.82
CA VAL J 8 0.18 -35.28 14.26
C VAL J 8 0.06 -35.24 12.74
N ASN J 9 0.61 -34.20 12.13
CA ASN J 9 0.49 -33.99 10.70
C ASN J 9 1.70 -34.58 9.97
N ILE J 10 1.44 -35.47 9.03
CA ILE J 10 2.49 -36.17 8.30
C ILE J 10 2.23 -35.96 6.82
N PHE J 11 2.67 -34.82 6.29
CA PHE J 11 2.63 -34.46 4.86
C PHE J 11 3.40 -33.15 4.71
N LYS J 12 3.62 -32.77 3.46
CA LYS J 12 4.08 -31.43 3.14
C LYS J 12 2.86 -30.53 2.95
N ALA J 13 3.12 -29.26 2.65
CA ALA J 13 2.04 -28.32 2.38
C ALA J 13 1.50 -28.56 0.97
N GLY J 14 0.22 -28.87 0.88
CA GLY J 14 -0.43 -29.12 -0.39
C GLY J 14 -0.66 -30.59 -0.70
N ALA J 15 0.01 -31.49 0.00
CA ALA J 15 -0.19 -32.92 -0.19
C ALA J 15 -1.31 -33.43 0.70
N ASP J 16 -2.11 -34.34 0.17
CA ASP J 16 -3.25 -34.86 0.91
C ASP J 16 -3.53 -36.29 0.46
N GLU J 17 -4.32 -36.99 1.27
CA GLU J 17 -4.72 -38.35 0.96
C GLU J 17 -6.22 -38.51 1.22
N GLU J 18 -6.82 -39.47 0.52
CA GLU J 18 -8.26 -39.71 0.61
C GLU J 18 -8.49 -41.18 0.92
N ARG J 19 -9.24 -41.45 1.99
CA ARG J 19 -9.43 -42.81 2.47
C ARG J 19 -10.50 -43.51 1.63
N ALA J 20 -10.99 -44.65 2.14
CA ALA J 20 -11.73 -45.60 1.32
C ALA J 20 -12.93 -44.97 0.62
N GLU J 21 -13.89 -44.47 1.39
CA GLU J 21 -15.10 -43.94 0.77
C GLU J 21 -14.81 -42.72 -0.07
N THR J 22 -13.91 -41.84 0.40
CA THR J 22 -13.57 -40.64 -0.36
C THR J 22 -12.87 -41.00 -1.67
N ALA J 23 -11.92 -41.93 -1.62
CA ALA J 23 -11.21 -42.32 -2.83
C ALA J 23 -12.15 -42.98 -3.83
N ARG J 24 -13.02 -43.87 -3.35
CA ARG J 24 -13.98 -44.51 -4.25
C ARG J 24 -14.93 -43.48 -4.84
N LEU J 25 -15.38 -42.51 -4.03
CA LEU J 25 -16.28 -41.48 -4.52
C LEU J 25 -15.61 -40.67 -5.63
N THR J 26 -14.39 -40.22 -5.40
CA THR J 26 -13.72 -39.38 -6.40
C THR J 26 -13.42 -40.18 -7.68
N SER J 27 -12.96 -41.42 -7.53
CA SER J 27 -12.66 -42.24 -8.70
C SER J 27 -13.91 -42.48 -9.53
N PHE J 28 -15.00 -42.88 -8.87
CA PHE J 28 -16.24 -43.15 -9.58
C PHE J 28 -16.80 -41.88 -10.22
N ILE J 29 -16.72 -40.75 -9.51
CA ILE J 29 -17.22 -39.49 -10.06
C ILE J 29 -16.45 -39.13 -11.33
N GLY J 30 -15.13 -39.21 -11.27
CA GLY J 30 -14.33 -38.87 -12.44
C GLY J 30 -14.60 -39.80 -13.61
N ALA J 31 -14.65 -41.11 -13.34
CA ALA J 31 -14.86 -42.07 -14.42
C ALA J 31 -16.23 -41.91 -15.05
N ILE J 32 -17.27 -41.71 -14.23
CA ILE J 32 -18.61 -41.54 -14.77
C ILE J 32 -18.73 -40.22 -15.52
N ALA J 33 -18.05 -39.17 -15.05
CA ALA J 33 -18.06 -37.91 -15.78
C ALA J 33 -17.42 -38.08 -17.16
N ILE J 34 -16.30 -38.79 -17.23
CA ILE J 34 -15.65 -39.03 -18.52
C ILE J 34 -16.56 -39.85 -19.43
N GLY J 35 -17.20 -40.88 -18.88
CA GLY J 35 -18.09 -41.70 -19.67
C GLY J 35 -19.28 -40.93 -20.22
N ASP J 36 -19.89 -40.08 -19.39
CA ASP J 36 -21.00 -39.27 -19.85
C ASP J 36 -20.55 -38.24 -20.88
N LEU J 37 -19.36 -37.67 -20.72
CA LEU J 37 -18.86 -36.73 -21.70
C LEU J 37 -18.62 -37.41 -23.04
N VAL J 38 -18.03 -38.60 -23.04
CA VAL J 38 -17.66 -39.22 -24.31
C VAL J 38 -18.88 -39.84 -24.98
N LYS J 39 -19.87 -40.26 -24.22
CA LYS J 39 -21.09 -40.79 -24.82
C LYS J 39 -21.88 -39.65 -25.46
N SER J 40 -23.01 -40.01 -26.08
CA SER J 40 -23.81 -39.16 -26.96
C SER J 40 -23.09 -38.88 -28.27
N THR J 41 -21.85 -39.34 -28.41
CA THR J 41 -21.12 -39.35 -29.68
C THR J 41 -20.98 -40.78 -30.20
N LEU J 42 -21.91 -41.64 -29.82
CA LEU J 42 -21.82 -43.07 -30.07
C LEU J 42 -22.96 -43.51 -30.97
N GLY J 43 -22.67 -44.45 -31.87
CA GLY J 43 -23.67 -44.99 -32.76
C GLY J 43 -23.87 -44.11 -33.98
N PRO J 44 -24.72 -44.56 -34.90
CA PRO J 44 -24.93 -43.79 -36.13
C PRO J 44 -25.52 -42.42 -35.92
N LYS J 45 -26.20 -42.18 -34.80
CA LYS J 45 -26.86 -40.91 -34.54
C LYS J 45 -26.11 -40.04 -33.54
N GLY J 46 -24.86 -40.37 -33.23
CA GLY J 46 -24.09 -39.54 -32.33
C GLY J 46 -23.74 -38.20 -32.96
N MET J 47 -23.64 -37.18 -32.11
CA MET J 47 -23.26 -35.85 -32.53
C MET J 47 -21.79 -35.59 -32.21
N ASP J 48 -21.29 -34.46 -32.70
CA ASP J 48 -19.89 -34.10 -32.56
C ASP J 48 -19.68 -33.12 -31.40
N LYS J 49 -18.41 -32.89 -31.09
CA LYS J 49 -18.01 -31.98 -30.04
C LYS J 49 -17.16 -30.85 -30.64
N ILE J 50 -17.23 -29.69 -30.00
CA ILE J 50 -16.35 -28.58 -30.33
C ILE J 50 -15.29 -28.48 -29.24
N LEU J 51 -14.03 -28.67 -29.63
CA LEU J 51 -12.91 -28.59 -28.69
C LEU J 51 -12.23 -27.25 -28.90
N LEU J 52 -12.60 -26.27 -28.09
CA LEU J 52 -12.06 -24.93 -28.19
C LEU J 52 -10.88 -24.79 -27.24
N SER J 53 -9.70 -24.53 -27.78
CA SER J 53 -8.50 -24.43 -26.97
C SER J 53 -8.47 -23.12 -26.20
N SER J 54 -7.91 -23.17 -24.99
CA SER J 54 -7.72 -22.00 -24.15
C SER J 54 -6.36 -21.36 -24.34
N GLY J 55 -5.52 -21.91 -25.22
CA GLY J 55 -4.22 -21.34 -25.46
C GLY J 55 -4.29 -20.10 -26.35
N ARG J 56 -3.12 -19.50 -26.56
CA ARG J 56 -3.05 -18.29 -27.37
C ARG J 56 -3.43 -18.58 -28.83
N ASP J 57 -2.99 -19.72 -29.36
CA ASP J 57 -3.37 -20.08 -30.72
C ASP J 57 -4.86 -20.35 -30.84
N ALA J 58 -5.50 -20.79 -29.76
CA ALA J 58 -6.93 -21.05 -29.71
C ALA J 58 -7.37 -22.01 -30.84
N SER J 59 -6.78 -23.21 -30.80
CA SER J 59 -7.10 -24.21 -31.80
C SER J 59 -8.55 -24.66 -31.68
N LEU J 60 -9.22 -24.77 -32.82
CA LEU J 60 -10.62 -25.15 -32.88
C LEU J 60 -10.74 -26.50 -33.59
N MET J 61 -11.37 -27.47 -32.93
CA MET J 61 -11.53 -28.80 -33.48
C MET J 61 -12.98 -29.24 -33.31
N VAL J 62 -13.61 -29.65 -34.41
CA VAL J 62 -14.92 -30.26 -34.39
C VAL J 62 -14.72 -31.74 -34.67
N THR J 63 -15.01 -32.58 -33.67
CA THR J 63 -14.61 -33.98 -33.76
C THR J 63 -15.70 -34.88 -33.21
N ASN J 64 -15.68 -36.13 -33.67
CA ASN J 64 -16.52 -37.20 -33.15
C ASN J 64 -15.70 -38.34 -32.55
N ASP J 65 -14.39 -38.37 -32.81
CA ASP J 65 -13.55 -39.43 -32.28
C ASP J 65 -13.41 -39.30 -30.77
N GLY J 66 -13.64 -40.40 -30.05
CA GLY J 66 -13.54 -40.37 -28.60
C GLY J 66 -12.11 -40.14 -28.12
N ALA J 67 -11.14 -40.72 -28.82
CA ALA J 67 -9.75 -40.59 -28.37
C ALA J 67 -9.27 -39.15 -28.44
N THR J 68 -9.61 -38.44 -29.52
CA THR J 68 -9.16 -37.05 -29.64
C THR J 68 -9.87 -36.17 -28.62
N ILE J 69 -11.13 -36.46 -28.32
CA ILE J 69 -11.84 -35.71 -27.28
C ILE J 69 -11.17 -35.92 -25.93
N LEU J 70 -10.84 -37.18 -25.63
CA LEU J 70 -10.32 -37.50 -24.29
C LEU J 70 -8.90 -37.00 -24.11
N LYS J 71 -8.06 -37.09 -25.14
CA LYS J 71 -6.68 -36.66 -24.98
C LYS J 71 -6.57 -35.14 -24.87
N ASN J 72 -7.39 -34.41 -25.60
CA ASN J 72 -7.31 -32.95 -25.64
C ASN J 72 -8.24 -32.29 -24.64
N ILE J 73 -8.21 -32.70 -23.38
CA ILE J 73 -8.94 -32.03 -22.32
C ILE J 73 -8.07 -32.01 -21.07
N GLY J 74 -8.08 -30.88 -20.36
CA GLY J 74 -7.38 -30.80 -19.09
C GLY J 74 -8.02 -31.68 -18.05
N VAL J 75 -7.37 -32.77 -17.69
CA VAL J 75 -7.91 -33.76 -16.77
C VAL J 75 -7.10 -33.73 -15.48
N ASP J 76 -7.79 -33.60 -14.35
CA ASP J 76 -7.17 -33.65 -13.04
C ASP J 76 -7.54 -34.87 -12.23
N ASN J 77 -8.69 -35.47 -12.47
CA ASN J 77 -9.10 -36.66 -11.74
C ASN J 77 -8.23 -37.83 -12.18
N PRO J 78 -7.51 -38.49 -11.27
CA PRO J 78 -6.61 -39.57 -11.68
C PRO J 78 -7.32 -40.74 -12.36
N ALA J 79 -8.52 -41.11 -11.89
CA ALA J 79 -9.27 -42.18 -12.55
C ALA J 79 -9.66 -41.77 -13.97
N ALA J 80 -10.01 -40.51 -14.16
CA ALA J 80 -10.26 -40.01 -15.51
C ALA J 80 -9.00 -40.11 -16.35
N LYS J 81 -7.83 -39.90 -15.75
CA LYS J 81 -6.58 -40.10 -16.48
C LYS J 81 -6.41 -41.56 -16.88
N VAL J 82 -6.79 -42.48 -15.99
CA VAL J 82 -6.74 -43.91 -16.33
C VAL J 82 -7.60 -44.18 -17.54
N LEU J 83 -8.82 -43.66 -17.55
CA LEU J 83 -9.72 -43.90 -18.67
C LEU J 83 -9.19 -43.27 -19.95
N VAL J 84 -8.62 -42.06 -19.85
CA VAL J 84 -8.07 -41.38 -21.03
C VAL J 84 -6.93 -42.18 -21.62
N ASP J 85 -6.03 -42.68 -20.76
CA ASP J 85 -4.92 -43.47 -21.26
C ASP J 85 -5.38 -44.79 -21.85
N MET J 86 -6.42 -45.40 -21.25
CA MET J 86 -6.98 -46.61 -21.84
C MET J 86 -7.53 -46.34 -23.23
N SER J 87 -8.22 -45.22 -23.40
CA SER J 87 -8.76 -44.88 -24.72
C SER J 87 -7.64 -44.60 -25.71
N ARG J 88 -6.56 -43.95 -25.27
CA ARG J 88 -5.43 -43.70 -26.15
C ARG J 88 -4.79 -45.01 -26.60
N VAL J 89 -4.62 -45.96 -25.68
CA VAL J 89 -4.07 -47.25 -26.06
C VAL J 89 -5.02 -47.99 -26.99
N GLN J 90 -6.33 -47.86 -26.74
CA GLN J 90 -7.33 -48.45 -27.64
C GLN J 90 -7.19 -47.90 -29.05
N ASP J 91 -7.02 -46.58 -29.16
CA ASP J 91 -6.81 -45.98 -30.48
C ASP J 91 -5.53 -46.47 -31.12
N ASP J 92 -4.46 -46.62 -30.34
CA ASP J 92 -3.20 -47.09 -30.89
C ASP J 92 -3.31 -48.52 -31.42
N GLU J 93 -3.99 -49.40 -30.66
CA GLU J 93 -4.09 -50.79 -31.07
C GLU J 93 -4.95 -50.94 -32.33
N VAL J 94 -6.15 -50.36 -32.32
CA VAL J 94 -7.04 -50.40 -33.47
C VAL J 94 -7.70 -49.04 -33.61
N GLY J 95 -8.18 -48.75 -34.82
CA GLY J 95 -8.72 -47.43 -35.10
C GLY J 95 -9.99 -47.12 -34.33
N ASP J 96 -10.93 -48.06 -34.29
CA ASP J 96 -12.25 -47.80 -33.74
C ASP J 96 -12.35 -48.33 -32.31
N GLY J 97 -13.49 -48.09 -31.68
CA GLY J 97 -13.79 -48.63 -30.38
C GLY J 97 -13.40 -47.77 -29.20
N THR J 98 -12.89 -46.55 -29.43
CA THR J 98 -12.48 -45.71 -28.31
C THR J 98 -13.67 -45.27 -27.47
N THR J 99 -14.70 -44.74 -28.12
CA THR J 99 -15.90 -44.33 -27.38
C THR J 99 -16.56 -45.53 -26.73
N SER J 100 -16.64 -46.65 -27.45
CA SER J 100 -17.27 -47.84 -26.89
C SER J 100 -16.53 -48.34 -25.66
N VAL J 101 -15.20 -48.38 -25.71
CA VAL J 101 -14.44 -48.88 -24.57
C VAL J 101 -14.56 -47.92 -23.38
N THR J 102 -14.54 -46.61 -23.65
CA THR J 102 -14.68 -45.66 -22.56
C THR J 102 -16.05 -45.76 -21.90
N VAL J 103 -17.10 -45.87 -22.72
CA VAL J 103 -18.45 -45.96 -22.18
C VAL J 103 -18.64 -47.27 -21.40
N LEU J 104 -18.09 -48.38 -21.93
CA LEU J 104 -18.20 -49.64 -21.21
C LEU J 104 -17.48 -49.60 -19.88
N ALA J 105 -16.28 -49.00 -19.84
CA ALA J 105 -15.57 -48.87 -18.58
C ALA J 105 -16.36 -48.02 -17.59
N ALA J 106 -16.93 -46.90 -18.06
CA ALA J 106 -17.70 -46.04 -17.17
C ALA J 106 -18.94 -46.75 -16.64
N GLU J 107 -19.63 -47.50 -17.50
CA GLU J 107 -20.82 -48.22 -17.05
C GLU J 107 -20.45 -49.31 -16.05
N LEU J 108 -19.34 -50.02 -16.29
CA LEU J 108 -18.88 -51.01 -15.34
C LEU J 108 -18.57 -50.37 -13.99
N LEU J 109 -17.92 -49.21 -14.00
CA LEU J 109 -17.59 -48.55 -12.74
C LEU J 109 -18.84 -48.03 -12.03
N ARG J 110 -19.84 -47.56 -12.78
CA ARG J 110 -21.09 -47.15 -12.15
C ARG J 110 -21.78 -48.35 -11.49
N GLU J 111 -21.80 -49.49 -12.19
CA GLU J 111 -22.36 -50.69 -11.59
C GLU J 111 -21.56 -51.13 -10.36
N ALA J 112 -20.24 -50.94 -10.40
CA ALA J 112 -19.41 -51.25 -9.24
C ALA J 112 -19.77 -50.35 -8.07
N GLU J 113 -20.03 -49.07 -8.33
CA GLU J 113 -20.48 -48.17 -7.27
C GLU J 113 -21.79 -48.65 -6.67
N SER J 114 -22.73 -49.04 -7.53
CA SER J 114 -24.01 -49.54 -7.05
C SER J 114 -23.83 -50.79 -6.20
N LEU J 115 -22.93 -51.70 -6.63
CA LEU J 115 -22.69 -52.92 -5.87
C LEU J 115 -22.03 -52.62 -4.53
N ILE J 116 -21.06 -51.68 -4.50
CA ILE J 116 -20.43 -51.29 -3.25
C ILE J 116 -21.46 -50.72 -2.29
N ALA J 117 -22.44 -49.97 -2.83
CA ALA J 117 -23.53 -49.49 -2.00
C ALA J 117 -24.32 -50.63 -1.36
N LYS J 118 -24.26 -51.83 -1.94
CA LYS J 118 -24.92 -53.00 -1.38
C LYS J 118 -24.04 -53.79 -0.44
N LYS J 119 -22.93 -53.21 0.01
CA LYS J 119 -22.01 -53.83 0.96
C LYS J 119 -21.43 -55.14 0.39
N ILE J 120 -20.73 -55.00 -0.73
CA ILE J 120 -20.03 -56.10 -1.37
C ILE J 120 -18.56 -55.72 -1.50
N HIS J 121 -17.69 -56.58 -1.00
CA HIS J 121 -16.25 -56.31 -1.04
C HIS J 121 -15.79 -56.22 -2.48
N PRO J 122 -14.99 -55.23 -2.85
CA PRO J 122 -14.60 -55.07 -4.26
C PRO J 122 -13.86 -56.27 -4.83
N GLN J 123 -13.17 -57.06 -4.02
CA GLN J 123 -12.49 -58.23 -4.55
C GLN J 123 -13.50 -59.26 -5.06
N THR J 124 -14.64 -59.39 -4.39
CA THR J 124 -15.70 -60.26 -4.88
C THR J 124 -16.20 -59.77 -6.24
N ILE J 125 -16.40 -58.45 -6.37
CA ILE J 125 -16.82 -57.89 -7.65
C ILE J 125 -15.79 -58.18 -8.73
N ILE J 126 -14.50 -58.08 -8.39
CA ILE J 126 -13.44 -58.30 -9.37
C ILE J 126 -13.40 -59.75 -9.80
N ALA J 127 -13.57 -60.68 -8.86
CA ALA J 127 -13.61 -62.10 -9.22
C ALA J 127 -14.79 -62.40 -10.11
N GLY J 128 -15.97 -61.88 -9.76
CA GLY J 128 -17.13 -62.07 -10.61
C GLY J 128 -16.94 -61.49 -11.99
N TRP J 129 -16.31 -60.32 -12.07
CA TRP J 129 -16.05 -59.71 -13.38
C TRP J 129 -15.04 -60.49 -14.18
N ARG J 130 -14.05 -61.10 -13.52
CA ARG J 130 -13.11 -61.96 -14.24
C ARG J 130 -13.83 -63.15 -14.86
N GLU J 131 -14.70 -63.79 -14.07
CA GLU J 131 -15.48 -64.91 -14.61
C GLU J 131 -16.37 -64.45 -15.76
N ALA J 132 -17.05 -63.31 -15.60
CA ALA J 132 -17.92 -62.81 -16.64
C ALA J 132 -17.15 -62.45 -17.90
N THR J 133 -15.97 -61.86 -17.74
CA THR J 133 -15.15 -61.51 -18.89
C THR J 133 -14.69 -62.77 -19.63
N LYS J 134 -14.30 -63.80 -18.90
CA LYS J 134 -13.95 -65.06 -19.55
C LYS J 134 -15.12 -65.61 -20.34
N ALA J 135 -16.31 -65.61 -19.74
CA ALA J 135 -17.49 -66.13 -20.42
C ALA J 135 -17.83 -65.32 -21.65
N ALA J 136 -17.79 -63.99 -21.54
CA ALA J 136 -18.13 -63.13 -22.67
C ALA J 136 -17.11 -63.26 -23.80
N ARG J 137 -15.83 -63.35 -23.45
CA ARG J 137 -14.81 -63.54 -24.47
C ARG J 137 -15.00 -64.86 -25.20
N GLU J 138 -15.30 -65.93 -24.46
CA GLU J 138 -15.56 -67.21 -25.11
C GLU J 138 -16.77 -67.14 -26.02
N ALA J 139 -17.84 -66.46 -25.57
CA ALA J 139 -19.03 -66.34 -26.39
C ALA J 139 -18.76 -65.56 -27.67
N LEU J 140 -18.04 -64.43 -27.56
CA LEU J 140 -17.73 -63.66 -28.75
C LEU J 140 -16.85 -64.44 -29.71
N LEU J 141 -15.86 -65.17 -29.19
CA LEU J 141 -15.01 -65.98 -30.06
C LEU J 141 -15.83 -67.05 -30.76
N SER J 142 -16.77 -67.68 -30.04
CA SER J 142 -17.63 -68.66 -30.68
C SER J 142 -18.58 -68.03 -31.69
N SER J 143 -18.88 -66.74 -31.54
CA SER J 143 -19.76 -66.05 -32.47
C SER J 143 -19.04 -65.50 -33.69
N ALA J 144 -17.71 -65.56 -33.72
CA ALA J 144 -16.95 -64.99 -34.82
C ALA J 144 -17.17 -65.79 -36.10
N VAL J 145 -17.26 -65.08 -37.23
CA VAL J 145 -17.41 -65.68 -38.54
C VAL J 145 -16.28 -65.20 -39.43
N ASP J 146 -15.67 -66.11 -40.18
CA ASP J 146 -14.52 -65.81 -41.01
C ASP J 146 -14.87 -66.01 -42.47
N HIS J 147 -14.47 -65.06 -43.31
CA HIS J 147 -14.69 -65.12 -44.75
C HIS J 147 -13.39 -64.85 -45.51
N GLY J 148 -12.25 -65.15 -44.89
CA GLY J 148 -10.98 -64.88 -45.54
C GLY J 148 -10.75 -65.71 -46.79
N SER J 149 -11.25 -66.94 -46.81
CA SER J 149 -11.03 -67.81 -47.97
C SER J 149 -11.73 -67.28 -49.21
N ASP J 150 -13.02 -66.95 -49.09
CA ASP J 150 -13.79 -66.48 -50.23
C ASP J 150 -13.44 -65.03 -50.52
N GLU J 151 -13.01 -64.75 -51.75
CA GLU J 151 -12.57 -63.41 -52.10
C GLU J 151 -13.74 -62.43 -52.16
N VAL J 152 -14.82 -62.82 -52.84
CA VAL J 152 -15.96 -61.91 -53.00
C VAL J 152 -16.65 -61.67 -51.66
N LYS J 153 -16.80 -62.71 -50.85
CA LYS J 153 -17.40 -62.54 -49.53
C LYS J 153 -16.52 -61.67 -48.64
N PHE J 154 -15.20 -61.83 -48.74
CA PHE J 154 -14.30 -60.98 -47.97
C PHE J 154 -14.40 -59.53 -48.42
N ARG J 155 -14.53 -59.29 -49.72
CA ARG J 155 -14.70 -57.93 -50.22
C ARG J 155 -16.00 -57.32 -49.70
N GLN J 156 -17.08 -58.10 -49.71
CA GLN J 156 -18.35 -57.62 -49.16
C GLN J 156 -18.23 -57.32 -47.67
N ASP J 157 -17.50 -58.17 -46.93
CA ASP J 157 -17.28 -57.92 -45.52
C ASP J 157 -16.48 -56.65 -45.30
N LEU J 158 -15.47 -56.40 -46.13
CA LEU J 158 -14.70 -55.18 -46.02
C LEU J 158 -15.56 -53.95 -46.27
N MET J 159 -16.40 -54.01 -47.30
CA MET J 159 -17.28 -52.88 -47.59
C MET J 159 -18.26 -52.64 -46.44
N ASN J 160 -18.84 -53.72 -45.89
CA ASN J 160 -19.76 -53.58 -44.77
C ASN J 160 -19.06 -52.99 -43.55
N ILE J 161 -17.83 -53.44 -43.28
CA ILE J 161 -17.09 -52.94 -42.12
C ILE J 161 -16.76 -51.46 -42.29
N ALA J 162 -16.34 -51.07 -43.49
CA ALA J 162 -16.06 -49.66 -43.74
C ALA J 162 -17.32 -48.81 -43.59
N GLY J 163 -18.44 -49.31 -44.10
CA GLY J 163 -19.69 -48.57 -43.93
C GLY J 163 -20.10 -48.44 -42.49
N THR J 164 -19.97 -49.50 -41.71
CA THR J 164 -20.30 -49.45 -40.29
C THR J 164 -19.38 -48.47 -39.55
N THR J 165 -18.09 -48.47 -39.89
CA THR J 165 -17.17 -47.55 -39.23
C THR J 165 -17.49 -46.11 -39.58
N LEU J 166 -17.83 -45.83 -40.84
CA LEU J 166 -18.12 -44.46 -41.26
C LEU J 166 -19.55 -44.03 -40.96
N SER J 167 -20.40 -44.94 -40.48
CA SER J 167 -21.81 -44.60 -40.29
C SER J 167 -22.04 -43.59 -39.17
N SER J 168 -21.05 -43.37 -38.31
CA SER J 168 -21.23 -42.45 -37.19
C SER J 168 -20.54 -41.10 -37.40
N LYS J 169 -19.53 -41.03 -38.25
CA LYS J 169 -18.75 -39.82 -38.42
C LYS J 169 -19.46 -38.86 -39.37
N LEU J 170 -18.82 -37.72 -39.64
CA LEU J 170 -19.37 -36.74 -40.57
C LEU J 170 -19.48 -37.30 -41.98
N LEU J 171 -18.70 -38.32 -42.31
CA LEU J 171 -18.72 -38.90 -43.65
C LEU J 171 -19.98 -39.72 -43.92
N THR J 172 -20.86 -39.91 -42.93
CA THR J 172 -22.06 -40.70 -43.17
C THR J 172 -22.95 -40.08 -44.24
N HIS J 173 -22.75 -38.80 -44.56
CA HIS J 173 -23.52 -38.16 -45.62
C HIS J 173 -23.20 -38.78 -46.98
N HIS J 174 -21.92 -39.12 -47.21
CA HIS J 174 -21.48 -39.74 -48.47
C HIS J 174 -20.87 -41.11 -48.20
N LYS J 175 -21.35 -41.76 -47.15
CA LYS J 175 -20.91 -43.10 -46.74
C LYS J 175 -20.59 -44.04 -47.90
N ASP J 176 -21.46 -44.10 -48.91
CA ASP J 176 -21.21 -45.04 -50.01
C ASP J 176 -19.91 -44.70 -50.75
N HIS J 177 -19.78 -43.45 -51.18
CA HIS J 177 -18.59 -43.02 -51.90
C HIS J 177 -17.34 -43.17 -51.05
N PHE J 178 -17.41 -42.76 -49.78
CA PHE J 178 -16.24 -42.83 -48.92
C PHE J 178 -15.89 -44.27 -48.56
N THR J 179 -16.89 -45.16 -48.46
CA THR J 179 -16.62 -46.57 -48.21
C THR J 179 -15.91 -47.20 -49.38
N LYS J 180 -16.39 -46.94 -50.60
CA LYS J 180 -15.68 -47.45 -51.78
C LYS J 180 -14.26 -46.91 -51.83
N LEU J 181 -14.10 -45.62 -51.53
CA LEU J 181 -12.77 -45.00 -51.54
C LEU J 181 -11.83 -45.70 -50.55
N ALA J 182 -12.28 -45.85 -49.31
CA ALA J 182 -11.42 -46.45 -48.28
C ALA J 182 -11.11 -47.91 -48.59
N VAL J 183 -12.10 -48.66 -49.08
CA VAL J 183 -11.87 -50.07 -49.39
C VAL J 183 -10.84 -50.20 -50.51
N GLU J 184 -10.98 -49.38 -51.57
CA GLU J 184 -10.00 -49.43 -52.64
C GLU J 184 -8.62 -49.03 -52.16
N ALA J 185 -8.55 -48.00 -51.31
CA ALA J 185 -7.25 -47.55 -50.80
C ALA J 185 -6.57 -48.65 -50.00
N VAL J 186 -7.32 -49.36 -49.17
CA VAL J 186 -6.74 -50.43 -48.38
C VAL J 186 -6.33 -51.60 -49.27
N LEU J 187 -7.18 -51.96 -50.24
CA LEU J 187 -6.87 -53.07 -51.14
C LEU J 187 -5.65 -52.79 -51.99
N ARG J 188 -5.38 -51.51 -52.28
CA ARG J 188 -4.19 -51.19 -53.07
C ARG J 188 -2.89 -51.46 -52.33
N LEU J 189 -2.94 -51.59 -51.00
CA LEU J 189 -1.72 -51.85 -50.25
C LEU J 189 -1.16 -53.24 -50.50
N LYS J 190 -1.95 -54.13 -51.09
CA LYS J 190 -1.51 -55.50 -51.43
C LYS J 190 -1.00 -56.24 -50.21
N GLY J 191 -1.67 -56.06 -49.08
CA GLY J 191 -1.36 -56.79 -47.87
C GLY J 191 -0.43 -56.09 -46.91
N SER J 192 0.31 -55.09 -47.36
CA SER J 192 1.19 -54.35 -46.47
C SER J 192 0.37 -53.62 -45.41
N GLY J 193 0.79 -53.74 -44.16
CA GLY J 193 0.02 -53.20 -43.06
C GLY J 193 0.31 -51.76 -42.68
N ASN J 194 1.17 -51.06 -43.41
CA ASN J 194 1.52 -49.70 -43.06
C ASN J 194 0.52 -48.72 -43.67
N LEU J 195 -0.06 -47.87 -42.84
CA LEU J 195 -0.99 -46.85 -43.28
C LEU J 195 -0.31 -45.56 -43.72
N GLU J 196 1.02 -45.50 -43.63
CA GLU J 196 1.75 -44.35 -44.12
C GLU J 196 1.99 -44.41 -45.63
N ALA J 197 1.78 -45.58 -46.24
CA ALA J 197 1.73 -45.64 -47.69
C ALA J 197 0.50 -44.93 -48.24
N ILE J 198 -0.53 -44.77 -47.42
CA ILE J 198 -1.75 -44.05 -47.80
C ILE J 198 -1.59 -42.63 -47.27
N HIS J 199 -1.30 -41.70 -48.17
CA HIS J 199 -1.14 -40.30 -47.81
C HIS J 199 -2.44 -39.56 -48.06
N ILE J 200 -2.88 -38.76 -47.08
CA ILE J 200 -4.12 -38.01 -47.17
C ILE J 200 -3.75 -36.54 -47.32
N ILE J 201 -4.16 -35.95 -48.44
CA ILE J 201 -3.92 -34.54 -48.73
C ILE J 201 -5.22 -33.79 -48.51
N LYS J 202 -5.18 -32.77 -47.65
CA LYS J 202 -6.35 -31.97 -47.34
C LYS J 202 -6.25 -30.64 -48.08
N LYS J 203 -7.18 -30.40 -49.00
CA LYS J 203 -7.23 -29.16 -49.75
C LYS J 203 -8.57 -28.49 -49.50
N LEU J 204 -8.53 -27.23 -49.10
CA LEU J 204 -9.75 -26.50 -48.77
C LEU J 204 -10.53 -26.17 -50.04
N GLY J 205 -11.84 -26.02 -49.87
CA GLY J 205 -12.69 -25.73 -51.01
C GLY J 205 -13.29 -26.98 -51.62
N GLY J 206 -14.47 -26.80 -52.21
CA GLY J 206 -15.19 -27.91 -52.81
C GLY J 206 -15.98 -28.71 -51.79
N SER J 207 -16.93 -29.49 -52.30
CA SER J 207 -17.78 -30.28 -51.44
C SER J 207 -17.03 -31.48 -50.90
N LEU J 208 -17.59 -32.08 -49.84
CA LEU J 208 -17.01 -33.29 -49.29
C LEU J 208 -17.09 -34.46 -50.26
N ALA J 209 -18.05 -34.43 -51.18
CA ALA J 209 -18.17 -35.45 -52.20
C ALA J 209 -17.12 -35.31 -53.30
N ASP J 210 -16.41 -34.18 -53.35
CA ASP J 210 -15.33 -34.02 -54.31
C ASP J 210 -14.08 -34.80 -53.93
N SER J 211 -14.03 -35.34 -52.71
CA SER J 211 -12.89 -36.14 -52.31
C SER J 211 -12.77 -37.39 -53.18
N TYR J 212 -11.55 -37.76 -53.51
CA TYR J 212 -11.31 -38.88 -54.39
C TYR J 212 -9.98 -39.52 -54.08
N LEU J 213 -9.84 -40.79 -54.48
CA LEU J 213 -8.59 -41.52 -54.39
C LEU J 213 -8.02 -41.60 -55.80
N ASP J 214 -6.91 -40.92 -56.03
CA ASP J 214 -6.34 -40.85 -57.37
C ASP J 214 -5.77 -42.20 -57.80
N GLU J 215 -5.92 -42.51 -59.08
CA GLU J 215 -5.44 -43.76 -59.62
C GLU J 215 -3.92 -43.87 -59.57
N GLY J 216 -3.21 -42.76 -59.40
CA GLY J 216 -1.77 -42.81 -59.33
C GLY J 216 -1.21 -42.33 -58.01
N PHE J 217 -0.46 -41.22 -58.04
CA PHE J 217 0.16 -40.68 -56.84
C PHE J 217 0.38 -39.19 -57.05
N LEU J 218 0.35 -38.44 -55.95
CA LEU J 218 0.54 -37.00 -55.99
C LEU J 218 1.66 -36.58 -55.06
N LEU J 219 2.45 -35.60 -55.50
CA LEU J 219 3.52 -35.04 -54.69
C LEU J 219 3.33 -33.53 -54.60
N ASP J 220 3.62 -32.97 -53.44
CA ASP J 220 3.46 -31.54 -53.18
C ASP J 220 4.79 -30.81 -53.20
N LYS J 221 5.69 -31.20 -54.10
CA LYS J 221 7.00 -30.59 -54.22
C LYS J 221 7.07 -29.77 -55.51
N LYS J 222 8.27 -29.25 -55.81
CA LYS J 222 8.47 -28.38 -56.96
C LYS J 222 9.59 -28.91 -57.84
N ILE J 223 9.51 -28.59 -59.11
CA ILE J 223 10.49 -28.99 -60.11
C ILE J 223 11.47 -27.83 -60.28
N GLY J 224 12.65 -28.14 -60.80
CA GLY J 224 13.66 -27.13 -61.06
C GLY J 224 13.21 -26.12 -62.09
N VAL J 225 14.12 -25.19 -62.39
CA VAL J 225 13.78 -24.05 -63.22
C VAL J 225 13.76 -24.42 -64.70
N ASN J 226 14.85 -25.00 -65.19
CA ASN J 226 15.00 -25.31 -66.60
C ASN J 226 14.71 -26.77 -66.92
N GLN J 227 13.74 -27.37 -66.22
CA GLN J 227 13.49 -28.79 -66.39
C GLN J 227 12.10 -29.02 -66.98
N PRO J 228 11.89 -30.13 -67.68
CA PRO J 228 10.58 -30.41 -68.27
C PRO J 228 9.50 -30.55 -67.21
N LYS J 229 8.30 -30.10 -67.56
CA LYS J 229 7.14 -30.21 -66.69
C LYS J 229 6.23 -31.37 -67.07
N ARG J 230 6.65 -32.21 -68.02
CA ARG J 230 5.83 -33.32 -68.47
C ARG J 230 6.74 -34.38 -69.05
N ILE J 231 6.63 -35.61 -68.57
CA ILE J 231 7.46 -36.72 -69.00
C ILE J 231 6.57 -37.93 -69.23
N GLU J 232 6.75 -38.60 -70.37
CA GLU J 232 6.02 -39.80 -70.71
C GLU J 232 6.98 -40.99 -70.65
N ASN J 233 6.48 -42.11 -70.12
CA ASN J 233 7.28 -43.32 -69.91
C ASN J 233 8.50 -43.01 -69.05
N ALA J 234 8.23 -42.44 -67.88
CA ALA J 234 9.28 -42.01 -66.98
C ALA J 234 10.04 -43.19 -66.41
N LYS J 235 11.36 -43.04 -66.32
CA LYS J 235 12.24 -44.01 -65.66
C LYS J 235 12.80 -43.32 -64.43
N ILE J 236 12.06 -43.42 -63.32
CA ILE J 236 12.35 -42.65 -62.13
C ILE J 236 13.50 -43.27 -61.36
N LEU J 237 14.42 -42.43 -60.90
CA LEU J 237 15.48 -42.82 -59.97
C LEU J 237 15.28 -42.05 -58.68
N ILE J 238 15.17 -42.77 -57.56
CA ILE J 238 14.92 -42.19 -56.26
C ILE J 238 16.21 -42.26 -55.45
N ALA J 239 16.63 -41.12 -54.91
CA ALA J 239 17.92 -41.02 -54.23
C ALA J 239 17.78 -40.33 -52.90
N ASN J 240 18.78 -40.53 -52.05
CA ASN J 240 18.88 -39.90 -50.74
C ASN J 240 20.29 -39.36 -50.53
N THR J 241 20.80 -38.67 -51.53
CA THR J 241 22.14 -38.10 -51.49
C THR J 241 22.09 -36.63 -51.10
N GLY J 242 23.28 -36.05 -50.93
CA GLY J 242 23.37 -34.65 -50.58
C GLY J 242 22.96 -33.73 -51.70
N MET J 243 23.75 -33.70 -52.77
CA MET J 243 23.48 -32.86 -53.94
C MET J 243 23.34 -31.39 -53.54
N ASP J 244 24.10 -30.95 -52.54
CA ASP J 244 24.07 -29.55 -52.11
C ASP J 244 25.40 -29.26 -51.42
N THR J 245 26.20 -28.39 -52.05
CA THR J 245 27.55 -28.03 -51.57
C THR J 245 28.25 -29.23 -50.94
N ASP J 246 28.23 -30.34 -51.67
CA ASP J 246 28.67 -31.63 -51.16
C ASP J 246 30.11 -31.57 -50.68
N LYS J 247 30.30 -31.72 -49.37
CA LYS J 247 31.62 -31.63 -48.76
C LYS J 247 32.12 -33.03 -48.43
N ILE J 248 33.40 -33.27 -48.74
CA ILE J 248 34.02 -34.54 -48.37
C ILE J 248 33.97 -34.68 -46.85
N LYS J 249 33.59 -35.86 -46.37
CA LYS J 249 33.26 -36.06 -44.98
C LYS J 249 34.49 -36.17 -44.08
N ILE J 250 35.67 -35.77 -44.55
CA ILE J 250 36.84 -35.63 -43.69
C ILE J 250 36.75 -34.26 -43.07
N PHE J 251 36.25 -34.19 -41.83
CA PHE J 251 35.99 -32.90 -41.20
C PHE J 251 37.25 -32.14 -40.86
N GLY J 252 38.40 -32.81 -40.83
CA GLY J 252 39.67 -32.14 -40.62
C GLY J 252 40.30 -31.59 -41.86
N SER J 253 39.63 -31.67 -43.01
CA SER J 253 40.20 -31.20 -44.26
C SER J 253 40.00 -29.70 -44.43
N ARG J 254 41.01 -29.04 -44.98
CA ARG J 254 40.96 -27.61 -45.23
C ARG J 254 41.82 -27.30 -46.45
N VAL J 255 41.58 -26.16 -47.06
CA VAL J 255 42.34 -25.70 -48.21
C VAL J 255 43.35 -24.68 -47.72
N ARG J 256 44.64 -25.01 -47.83
CA ARG J 256 45.71 -24.14 -47.38
C ARG J 256 46.73 -24.04 -48.50
N VAL J 257 46.67 -22.95 -49.26
CA VAL J 257 47.53 -22.72 -50.40
C VAL J 257 48.18 -21.35 -50.26
N ASP J 258 49.01 -21.00 -51.24
CA ASP J 258 49.78 -19.76 -51.20
C ASP J 258 49.41 -18.80 -52.32
N SER J 259 48.25 -18.98 -52.94
CA SER J 259 47.82 -18.07 -53.99
C SER J 259 46.32 -18.22 -54.19
N THR J 260 45.71 -17.18 -54.78
CA THR J 260 44.28 -17.23 -55.10
C THR J 260 44.01 -18.08 -56.33
N ALA J 261 44.98 -18.20 -57.22
CA ALA J 261 44.81 -19.06 -58.39
C ALA J 261 44.58 -20.52 -57.97
N LYS J 262 45.29 -20.97 -56.95
CA LYS J 262 45.07 -22.32 -56.43
C LYS J 262 43.68 -22.46 -55.84
N VAL J 263 43.18 -21.41 -55.17
CA VAL J 263 41.84 -21.45 -54.63
C VAL J 263 40.82 -21.56 -55.74
N ALA J 264 41.01 -20.80 -56.82
CA ALA J 264 40.12 -20.90 -57.97
C ALA J 264 40.18 -22.30 -58.59
N GLU J 265 41.37 -22.88 -58.67
CA GLU J 265 41.49 -24.23 -59.20
C GLU J 265 40.77 -25.25 -58.33
N ILE J 266 40.85 -25.10 -57.00
CA ILE J 266 40.13 -26.00 -56.12
C ILE J 266 38.62 -25.82 -56.25
N GLU J 267 38.17 -24.58 -56.43
CA GLU J 267 36.75 -24.35 -56.67
C GLU J 267 36.29 -25.03 -57.95
N HIS J 268 37.09 -24.93 -59.01
CA HIS J 268 36.77 -25.64 -60.24
C HIS J 268 36.77 -27.15 -60.03
N ALA J 269 37.68 -27.64 -59.17
CA ALA J 269 37.70 -29.07 -58.88
C ALA J 269 36.43 -29.51 -58.17
N GLU J 270 35.94 -28.70 -57.23
CA GLU J 270 34.68 -29.02 -56.56
C GLU J 270 33.53 -29.03 -57.54
N LYS J 271 33.47 -28.04 -58.43
CA LYS J 271 32.42 -28.02 -59.44
C LYS J 271 32.51 -29.23 -60.36
N GLU J 272 33.73 -29.63 -60.71
CA GLU J 272 33.93 -30.82 -61.53
C GLU J 272 33.48 -32.08 -60.80
N LYS J 273 33.71 -32.13 -59.48
CA LYS J 273 33.22 -33.27 -58.70
C LYS J 273 31.71 -33.36 -58.75
N MET J 274 31.03 -32.21 -58.56
CA MET J 274 29.57 -32.21 -58.65
C MET J 274 29.10 -32.62 -60.04
N LYS J 275 29.77 -32.12 -61.08
CA LYS J 275 29.40 -32.48 -62.45
C LYS J 275 29.61 -33.97 -62.70
N GLU J 276 30.69 -34.54 -62.17
CA GLU J 276 30.94 -35.97 -62.34
C GLU J 276 29.87 -36.78 -61.62
N LYS J 277 29.46 -36.36 -60.43
CA LYS J 277 28.39 -37.06 -59.73
C LYS J 277 27.09 -37.00 -60.54
N VAL J 278 26.79 -35.84 -61.11
CA VAL J 278 25.59 -35.70 -61.93
C VAL J 278 25.67 -36.62 -63.15
N GLU J 279 26.84 -36.70 -63.78
CA GLU J 279 27.00 -37.57 -64.93
C GLU J 279 26.85 -39.04 -64.53
N ARG J 280 27.37 -39.43 -63.37
CA ARG J 280 27.19 -40.79 -62.89
C ARG J 280 25.72 -41.10 -62.66
N ILE J 281 24.97 -40.13 -62.13
CA ILE J 281 23.53 -40.31 -61.96
C ILE J 281 22.86 -40.49 -63.32
N LEU J 282 23.21 -39.63 -64.27
CA LEU J 282 22.59 -39.68 -65.60
C LEU J 282 22.96 -40.94 -66.36
N LYS J 283 24.08 -41.58 -66.02
CA LYS J 283 24.45 -42.83 -66.68
C LYS J 283 23.42 -43.93 -66.43
N HIS J 284 22.58 -43.79 -65.40
CA HIS J 284 21.53 -44.75 -65.16
C HIS J 284 20.47 -44.74 -66.25
N GLY J 285 20.45 -43.71 -67.10
CA GLY J 285 19.43 -43.60 -68.12
C GLY J 285 18.07 -43.30 -67.53
N ILE J 286 17.91 -42.10 -66.97
CA ILE J 286 16.70 -41.75 -66.25
C ILE J 286 16.10 -40.50 -66.88
N ASN J 287 14.79 -40.31 -66.64
CA ASN J 287 14.07 -39.11 -67.03
C ASN J 287 13.72 -38.22 -65.85
N CYS J 288 13.36 -38.81 -64.72
CA CYS J 288 12.99 -38.07 -63.52
C CYS J 288 13.88 -38.51 -62.38
N PHE J 289 14.45 -37.53 -61.67
CA PHE J 289 15.31 -37.78 -60.52
C PHE J 289 14.70 -37.15 -59.29
N ILE J 290 14.51 -37.95 -58.24
CA ILE J 290 13.89 -37.49 -57.00
C ILE J 290 14.89 -37.68 -55.87
N ASN J 291 15.23 -36.59 -55.20
CA ASN J 291 16.19 -36.59 -54.11
C ASN J 291 15.49 -36.21 -52.82
N ARG J 292 15.80 -36.93 -51.74
CA ARG J 292 15.20 -36.60 -50.45
C ARG J 292 15.67 -35.25 -49.94
N GLN J 293 16.95 -34.94 -50.10
CA GLN J 293 17.51 -33.70 -49.59
C GLN J 293 17.41 -32.59 -50.64
N LEU J 294 17.96 -31.43 -50.32
CA LEU J 294 17.91 -30.30 -51.22
C LEU J 294 18.80 -30.51 -52.43
N ILE J 295 18.45 -29.85 -53.53
CA ILE J 295 19.25 -29.83 -54.74
C ILE J 295 19.62 -28.38 -55.03
N TYR J 296 20.91 -28.09 -55.08
CA TYR J 296 21.38 -26.72 -55.23
C TYR J 296 21.36 -26.31 -56.70
N ASN J 297 21.88 -25.11 -56.99
CA ASN J 297 21.67 -24.51 -58.30
C ASN J 297 22.49 -25.20 -59.38
N TYR J 298 23.74 -25.56 -59.09
CA TYR J 298 24.57 -26.20 -60.11
C TYR J 298 24.02 -27.55 -60.56
N PRO J 299 23.71 -28.50 -59.66
CA PRO J 299 23.06 -29.73 -60.14
C PRO J 299 21.71 -29.47 -60.78
N GLU J 300 20.99 -28.45 -60.31
CA GLU J 300 19.70 -28.11 -60.92
C GLU J 300 19.88 -27.74 -62.39
N GLN J 301 20.86 -26.89 -62.70
CA GLN J 301 21.07 -26.51 -64.09
C GLN J 301 21.68 -27.64 -64.89
N LEU J 302 22.47 -28.51 -64.26
CA LEU J 302 22.99 -29.67 -64.97
C LEU J 302 21.85 -30.59 -65.39
N PHE J 303 20.89 -30.83 -64.48
CA PHE J 303 19.73 -31.63 -64.81
C PHE J 303 18.87 -30.95 -65.88
N GLY J 304 18.70 -29.63 -65.78
CA GLY J 304 17.94 -28.91 -66.78
C GLY J 304 18.55 -29.03 -68.16
N ALA J 305 19.87 -28.89 -68.25
CA ALA J 305 20.55 -29.08 -69.53
C ALA J 305 20.42 -30.51 -70.01
N ALA J 306 20.46 -31.47 -69.09
CA ALA J 306 20.28 -32.88 -69.44
C ALA J 306 18.84 -33.20 -69.81
N GLY J 307 17.90 -32.27 -69.62
CA GLY J 307 16.50 -32.55 -69.88
C GLY J 307 15.90 -33.57 -68.95
N VAL J 308 16.19 -33.47 -67.65
CA VAL J 308 15.75 -34.42 -66.65
C VAL J 308 14.97 -33.69 -65.58
N MET J 309 13.78 -34.19 -65.25
CA MET J 309 13.03 -33.65 -64.13
C MET J 309 13.74 -33.98 -62.82
N ALA J 310 13.88 -32.98 -61.95
CA ALA J 310 14.62 -33.13 -60.70
C ALA J 310 13.76 -32.60 -59.56
N ILE J 311 12.93 -33.47 -58.99
CA ILE J 311 12.13 -33.12 -57.83
C ILE J 311 13.02 -33.19 -56.59
N GLU J 312 13.01 -32.13 -55.79
CA GLU J 312 13.91 -31.99 -54.66
C GLU J 312 13.13 -31.93 -53.36
N HIS J 313 13.81 -32.27 -52.28
CA HIS J 313 13.30 -32.13 -50.92
C HIS J 313 12.04 -32.95 -50.67
N ALA J 314 11.92 -34.09 -51.34
CA ALA J 314 10.87 -35.05 -51.02
C ALA J 314 11.31 -35.82 -49.79
N ASP J 315 10.66 -35.55 -48.65
CA ASP J 315 11.14 -36.02 -47.35
C ASP J 315 11.10 -37.54 -47.27
N PHE J 316 11.56 -38.10 -46.14
CA PHE J 316 11.66 -39.55 -45.98
C PHE J 316 10.35 -40.24 -46.35
N ALA J 317 9.24 -39.71 -45.87
CA ALA J 317 7.94 -40.27 -46.23
C ALA J 317 7.72 -40.19 -47.74
N GLY J 318 8.11 -39.07 -48.35
CA GLY J 318 7.92 -38.93 -49.78
C GLY J 318 8.67 -39.97 -50.59
N VAL J 319 9.95 -40.16 -50.28
CA VAL J 319 10.74 -41.13 -51.03
C VAL J 319 10.27 -42.55 -50.74
N GLU J 320 9.88 -42.83 -49.50
CA GLU J 320 9.37 -44.15 -49.19
C GLU J 320 8.11 -44.46 -49.99
N ARG J 321 7.16 -43.53 -50.01
CA ARG J 321 5.92 -43.74 -50.76
C ARG J 321 6.18 -43.81 -52.25
N LEU J 322 7.13 -43.02 -52.76
CA LEU J 322 7.43 -43.05 -54.17
C LEU J 322 8.07 -44.38 -54.57
N ALA J 323 8.96 -44.90 -53.73
CA ALA J 323 9.52 -46.22 -53.99
C ALA J 323 8.45 -47.30 -53.94
N LEU J 324 7.50 -47.16 -53.00
CA LEU J 324 6.41 -48.12 -52.92
C LEU J 324 5.53 -48.08 -54.17
N VAL J 325 5.28 -46.88 -54.69
CA VAL J 325 4.32 -46.75 -55.78
C VAL J 325 4.96 -46.99 -57.15
N THR J 326 6.26 -46.77 -57.30
CA THR J 326 6.92 -46.94 -58.59
C THR J 326 7.83 -48.15 -58.65
N GLY J 327 8.39 -48.57 -57.52
CA GLY J 327 9.25 -49.74 -57.48
C GLY J 327 10.73 -49.45 -57.50
N GLY J 328 11.14 -48.18 -57.46
CA GLY J 328 12.54 -47.86 -57.47
C GLY J 328 13.21 -48.15 -56.15
N GLU J 329 14.54 -48.05 -56.16
CA GLU J 329 15.35 -48.28 -54.98
C GLU J 329 15.94 -46.95 -54.51
N ILE J 330 15.81 -46.68 -53.21
CA ILE J 330 16.32 -45.44 -52.65
C ILE J 330 17.84 -45.54 -52.55
N ALA J 331 18.54 -44.96 -53.52
CA ALA J 331 19.98 -45.11 -53.64
C ALA J 331 20.71 -43.92 -53.05
N SER J 332 21.95 -44.16 -52.61
CA SER J 332 22.82 -43.09 -52.15
C SER J 332 24.19 -43.12 -52.81
N THR J 333 24.53 -44.17 -53.56
CA THR J 333 25.74 -44.23 -54.36
C THR J 333 25.36 -44.67 -55.77
N PHE J 334 26.14 -44.20 -56.75
CA PHE J 334 25.83 -44.44 -58.15
C PHE J 334 27.04 -44.98 -58.89
N ASP J 335 27.83 -45.81 -58.23
CA ASP J 335 28.96 -46.44 -58.88
C ASP J 335 28.62 -47.79 -59.49
N HIS J 336 27.40 -48.29 -59.30
CA HIS J 336 26.94 -49.55 -59.88
C HIS J 336 25.54 -49.33 -60.45
N PRO J 337 25.44 -48.76 -61.65
CA PRO J 337 24.11 -48.52 -62.23
C PRO J 337 23.31 -49.79 -62.46
N GLU J 338 23.97 -50.90 -62.75
CA GLU J 338 23.25 -52.13 -63.10
C GLU J 338 22.58 -52.78 -61.89
N LEU J 339 22.98 -52.41 -60.67
CA LEU J 339 22.43 -53.00 -59.46
C LEU J 339 21.35 -52.16 -58.82
N VAL J 340 20.89 -51.09 -59.49
CA VAL J 340 19.89 -50.19 -58.95
C VAL J 340 18.62 -50.33 -59.79
N LYS J 341 17.49 -50.55 -59.13
CA LYS J 341 16.20 -50.66 -59.80
C LYS J 341 15.61 -49.28 -59.96
N LEU J 342 15.08 -49.00 -61.15
CA LEU J 342 14.52 -47.69 -61.48
C LEU J 342 13.00 -47.78 -61.49
N GLY J 343 12.35 -46.85 -60.80
CA GLY J 343 10.90 -46.80 -60.81
C GLY J 343 10.37 -46.37 -62.17
N SER J 344 9.16 -46.83 -62.48
CA SER J 344 8.54 -46.56 -63.77
C SER J 344 7.11 -46.11 -63.57
N CYS J 345 6.65 -45.23 -64.45
CA CYS J 345 5.27 -44.78 -64.46
C CYS J 345 4.92 -44.32 -65.87
N LYS J 346 3.62 -44.24 -66.16
CA LYS J 346 3.18 -43.94 -67.51
C LYS J 346 3.33 -42.46 -67.84
N LEU J 347 3.13 -41.58 -66.85
CA LEU J 347 3.12 -40.15 -67.13
C LEU J 347 3.40 -39.37 -65.85
N ILE J 348 4.16 -38.29 -65.97
CA ILE J 348 4.34 -37.31 -64.91
C ILE J 348 3.93 -35.95 -65.46
N GLU J 349 3.07 -35.25 -64.72
CA GLU J 349 2.62 -33.93 -65.14
C GLU J 349 2.16 -33.17 -63.91
N GLU J 350 2.03 -31.86 -64.08
CA GLU J 350 1.60 -30.97 -63.00
C GLU J 350 0.11 -30.73 -63.09
N VAL J 351 -0.60 -30.95 -61.99
CA VAL J 351 -2.03 -30.77 -61.92
C VAL J 351 -2.35 -29.64 -60.95
N MET J 352 -3.51 -29.04 -61.14
CA MET J 352 -3.97 -27.95 -60.30
C MET J 352 -5.11 -28.43 -59.42
N ILE J 353 -4.92 -28.36 -58.11
CA ILE J 353 -5.97 -28.66 -57.14
C ILE J 353 -6.17 -27.41 -56.30
N GLY J 354 -7.38 -26.87 -56.33
CA GLY J 354 -7.61 -25.57 -55.71
C GLY J 354 -6.76 -24.52 -56.41
N GLU J 355 -5.97 -23.80 -55.62
CA GLU J 355 -5.03 -22.82 -56.16
C GLU J 355 -3.59 -23.30 -56.11
N ASP J 356 -3.36 -24.53 -55.69
CA ASP J 356 -2.03 -25.09 -55.56
C ASP J 356 -1.73 -26.05 -56.70
N LYS J 357 -0.45 -26.19 -57.02
CA LYS J 357 0.01 -27.03 -58.12
C LYS J 357 0.80 -28.21 -57.55
N LEU J 358 0.43 -29.41 -57.98
CA LEU J 358 1.05 -30.63 -57.49
C LEU J 358 1.53 -31.49 -58.64
N ILE J 359 2.52 -32.33 -58.36
CA ILE J 359 3.07 -33.26 -59.33
C ILE J 359 2.23 -34.52 -59.32
N HIS J 360 1.83 -34.98 -60.50
CA HIS J 360 0.95 -36.13 -60.64
C HIS J 360 1.68 -37.27 -61.32
N PHE J 361 1.72 -38.43 -60.67
CA PHE J 361 2.25 -39.65 -61.25
C PHE J 361 1.09 -40.52 -61.70
N SER J 362 0.97 -40.74 -63.00
CA SER J 362 -0.13 -41.48 -63.58
C SER J 362 0.38 -42.79 -64.17
N GLY J 363 -0.43 -43.84 -64.07
CA GLY J 363 -0.05 -45.14 -64.58
C GLY J 363 1.16 -45.72 -63.88
N VAL J 364 1.17 -45.67 -62.55
CA VAL J 364 2.31 -46.16 -61.79
C VAL J 364 2.46 -47.67 -61.99
N ALA J 365 3.69 -48.15 -61.77
CA ALA J 365 3.99 -49.56 -61.99
C ALA J 365 3.51 -50.42 -60.83
N LEU J 366 4.01 -50.17 -59.63
CA LEU J 366 3.62 -50.97 -58.47
C LEU J 366 2.26 -50.53 -57.95
N GLY J 367 2.15 -49.27 -57.53
CA GLY J 367 0.90 -48.76 -57.03
C GLY J 367 0.57 -49.09 -55.60
N GLU J 368 1.52 -49.57 -54.81
CA GLU J 368 1.27 -49.88 -53.41
C GLU J 368 1.52 -48.67 -52.52
N ALA J 369 0.90 -47.56 -52.89
CA ALA J 369 0.98 -46.31 -52.13
C ALA J 369 -0.12 -45.40 -52.64
N CYS J 370 -0.99 -44.96 -51.75
CA CYS J 370 -2.20 -44.25 -52.12
C CYS J 370 -2.12 -42.79 -51.71
N THR J 371 -2.67 -41.92 -52.54
CA THR J 371 -2.89 -40.52 -52.20
C THR J 371 -4.38 -40.24 -52.27
N ILE J 372 -4.95 -39.82 -51.16
CA ILE J 372 -6.37 -39.48 -51.08
C ILE J 372 -6.48 -37.98 -50.91
N VAL J 373 -7.21 -37.33 -51.81
CA VAL J 373 -7.41 -35.89 -51.77
C VAL J 373 -8.74 -35.61 -51.10
N LEU J 374 -8.71 -34.81 -50.05
CA LEU J 374 -9.92 -34.45 -49.30
C LEU J 374 -10.27 -33.01 -49.61
N ARG J 375 -11.52 -32.78 -50.03
CA ARG J 375 -12.03 -31.45 -50.30
C ARG J 375 -13.16 -31.16 -49.33
N GLY J 376 -13.13 -29.97 -48.72
CA GLY J 376 -14.14 -29.60 -47.74
C GLY J 376 -14.38 -28.11 -47.76
N ALA J 377 -15.42 -27.71 -47.02
CA ALA J 377 -15.79 -26.30 -46.96
C ALA J 377 -15.12 -25.56 -45.80
N THR J 378 -14.68 -26.26 -44.77
CA THR J 378 -13.98 -25.65 -43.65
C THR J 378 -12.80 -26.53 -43.27
N GLN J 379 -11.82 -25.91 -42.60
CA GLN J 379 -10.68 -26.68 -42.10
C GLN J 379 -11.11 -27.69 -41.06
N GLN J 380 -12.11 -27.37 -40.24
CA GLN J 380 -12.63 -28.32 -39.28
C GLN J 380 -13.23 -29.54 -39.97
N ILE J 381 -13.96 -29.31 -41.08
CA ILE J 381 -14.50 -30.41 -41.85
C ILE J 381 -13.38 -31.28 -42.39
N LEU J 382 -12.31 -30.66 -42.90
CA LEU J 382 -11.20 -31.43 -43.44
C LEU J 382 -10.54 -32.27 -42.35
N ASP J 383 -10.34 -31.69 -41.17
CA ASP J 383 -9.71 -32.43 -40.08
C ASP J 383 -10.58 -33.61 -39.65
N GLU J 384 -11.89 -33.38 -39.51
CA GLU J 384 -12.78 -34.47 -39.11
C GLU J 384 -12.85 -35.55 -40.17
N ALA J 385 -12.87 -35.17 -41.45
CA ALA J 385 -12.86 -36.16 -42.52
C ALA J 385 -11.58 -36.97 -42.51
N GLU J 386 -10.45 -36.32 -42.26
CA GLU J 386 -9.18 -37.04 -42.18
C GLU J 386 -9.19 -38.02 -41.02
N ARG J 387 -9.70 -37.60 -39.86
CA ARG J 387 -9.76 -38.50 -38.71
C ARG J 387 -10.68 -39.69 -38.98
N SER J 388 -11.83 -39.44 -39.59
CA SER J 388 -12.77 -40.53 -39.89
C SER J 388 -12.17 -41.50 -40.91
N LEU J 389 -11.53 -40.97 -41.94
CA LEU J 389 -10.88 -41.83 -42.92
C LEU J 389 -9.74 -42.62 -42.29
N HIS J 390 -9.02 -42.02 -41.36
CA HIS J 390 -7.97 -42.75 -40.65
C HIS J 390 -8.56 -43.90 -39.85
N ASP J 391 -9.68 -43.66 -39.17
CA ASP J 391 -10.33 -44.74 -38.43
C ASP J 391 -10.76 -45.87 -39.36
N ALA J 392 -11.37 -45.51 -40.49
CA ALA J 392 -11.82 -46.53 -41.44
C ALA J 392 -10.64 -47.32 -42.00
N LEU J 393 -9.55 -46.64 -42.35
CA LEU J 393 -8.39 -47.33 -42.89
C LEU J 393 -7.76 -48.24 -41.86
N CYS J 394 -7.69 -47.80 -40.60
CA CYS J 394 -7.15 -48.64 -39.54
C CYS J 394 -7.98 -49.90 -39.37
N VAL J 395 -9.31 -49.75 -39.33
CA VAL J 395 -10.16 -50.93 -39.13
C VAL J 395 -10.05 -51.87 -40.32
N LEU J 396 -10.01 -51.32 -41.54
CA LEU J 396 -9.90 -52.16 -42.72
C LEU J 396 -8.57 -52.90 -42.77
N ALA J 397 -7.48 -52.23 -42.41
CA ALA J 397 -6.18 -52.89 -42.37
C ALA J 397 -6.17 -54.01 -41.32
N GLN J 398 -6.77 -53.76 -40.15
CA GLN J 398 -6.85 -54.80 -39.14
C GLN J 398 -7.67 -55.98 -39.63
N THR J 399 -8.77 -55.71 -40.34
CA THR J 399 -9.58 -56.79 -40.90
C THR J 399 -8.80 -57.59 -41.94
N VAL J 400 -7.99 -56.90 -42.75
CA VAL J 400 -7.14 -57.61 -43.70
C VAL J 400 -6.16 -58.50 -42.97
N LYS J 401 -5.57 -58.00 -41.88
CA LYS J 401 -4.64 -58.81 -41.09
C LYS J 401 -5.37 -59.97 -40.41
N ASP J 402 -6.55 -59.72 -39.85
CA ASP J 402 -7.34 -60.75 -39.18
C ASP J 402 -8.75 -60.71 -39.74
N SER J 403 -9.11 -61.70 -40.55
CA SER J 403 -10.35 -61.66 -41.31
C SER J 403 -11.58 -61.98 -40.49
N ARG J 404 -11.44 -62.41 -39.24
CA ARG J 404 -12.60 -62.74 -38.42
C ARG J 404 -13.43 -61.50 -38.15
N THR J 405 -14.74 -61.63 -38.28
CA THR J 405 -15.67 -60.52 -38.10
C THR J 405 -16.81 -60.95 -37.18
N VAL J 406 -17.39 -59.96 -36.51
CA VAL J 406 -18.56 -60.16 -35.65
C VAL J 406 -19.60 -59.12 -36.03
N TYR J 407 -20.85 -59.43 -35.70
CA TYR J 407 -21.96 -58.57 -36.07
C TYR J 407 -22.08 -57.40 -35.10
N GLY J 408 -22.30 -56.21 -35.66
CA GLY J 408 -22.43 -54.99 -34.89
C GLY J 408 -23.87 -54.65 -34.61
N GLY J 409 -24.10 -53.37 -34.30
CA GLY J 409 -25.44 -52.92 -33.99
C GLY J 409 -25.96 -53.37 -32.65
N GLY J 410 -25.07 -53.82 -31.77
CA GLY J 410 -25.45 -54.30 -30.46
C GLY J 410 -25.51 -55.80 -30.33
N CYS J 411 -25.47 -56.55 -31.43
CA CYS J 411 -25.61 -58.00 -31.37
C CYS J 411 -24.48 -58.63 -30.56
N SER J 412 -23.24 -58.20 -30.80
CA SER J 412 -22.10 -58.79 -30.09
C SER J 412 -22.19 -58.54 -28.59
N GLU J 413 -22.47 -57.29 -28.20
CA GLU J 413 -22.60 -56.98 -26.79
C GLU J 413 -23.72 -57.78 -26.15
N MET J 414 -24.84 -57.93 -26.87
CA MET J 414 -25.99 -58.59 -26.28
C MET J 414 -25.77 -60.10 -26.15
N LEU J 415 -25.07 -60.72 -27.10
CA LEU J 415 -24.76 -62.13 -26.94
C LEU J 415 -23.72 -62.35 -25.83
N MET J 416 -22.74 -61.45 -25.74
CA MET J 416 -21.83 -61.48 -24.59
C MET J 416 -22.61 -61.43 -23.28
N ALA J 417 -23.56 -60.51 -23.20
CA ALA J 417 -24.33 -60.35 -21.98
C ALA J 417 -25.24 -61.53 -21.72
N HIS J 418 -25.77 -62.16 -22.77
CA HIS J 418 -26.56 -63.37 -22.57
C HIS J 418 -25.71 -64.49 -21.96
N ALA J 419 -24.50 -64.67 -22.48
CA ALA J 419 -23.60 -65.67 -21.89
C ALA J 419 -23.27 -65.32 -20.44
N VAL J 420 -23.00 -64.04 -20.18
CA VAL J 420 -22.68 -63.60 -18.83
C VAL J 420 -23.84 -63.85 -17.88
N THR J 421 -25.06 -63.58 -18.34
CA THR J 421 -26.24 -63.79 -17.52
C THR J 421 -26.47 -65.27 -17.24
N GLN J 422 -26.26 -66.12 -18.24
CA GLN J 422 -26.36 -67.56 -18.01
C GLN J 422 -25.36 -68.01 -16.95
N LEU J 423 -24.12 -67.53 -17.06
CA LEU J 423 -23.11 -67.87 -16.06
C LEU J 423 -23.49 -67.35 -14.68
N ALA J 424 -24.03 -66.13 -14.63
CA ALA J 424 -24.38 -65.52 -13.35
C ALA J 424 -25.50 -66.29 -12.65
N ASN J 425 -26.53 -66.68 -13.40
CA ASN J 425 -27.59 -67.48 -12.80
C ASN J 425 -27.20 -68.94 -12.62
N ARG J 426 -26.04 -69.34 -13.14
CA ARG J 426 -25.50 -70.67 -12.87
C ARG J 426 -24.56 -70.69 -11.66
N THR J 427 -24.34 -69.55 -11.01
CA THR J 427 -23.34 -69.45 -9.95
C THR J 427 -23.95 -68.86 -8.68
N PRO J 428 -23.67 -69.44 -7.52
CA PRO J 428 -24.17 -68.89 -6.27
C PRO J 428 -23.22 -67.84 -5.68
N GLY J 429 -23.78 -67.02 -4.80
CA GLY J 429 -23.03 -65.99 -4.12
C GLY J 429 -23.23 -64.61 -4.73
N LYS J 430 -22.55 -63.64 -4.13
CA LYS J 430 -22.62 -62.27 -4.61
C LYS J 430 -21.87 -62.08 -5.93
N GLU J 431 -21.00 -63.04 -6.28
CA GLU J 431 -20.39 -63.01 -7.60
C GLU J 431 -21.45 -63.06 -8.69
N ALA J 432 -22.57 -63.71 -8.43
CA ALA J 432 -23.68 -63.68 -9.38
C ALA J 432 -24.19 -62.26 -9.58
N VAL J 433 -24.28 -61.49 -8.49
CA VAL J 433 -24.71 -60.09 -8.61
C VAL J 433 -23.67 -59.29 -9.39
N ALA J 434 -22.39 -59.56 -9.15
CA ALA J 434 -21.34 -58.85 -9.89
C ALA J 434 -21.43 -59.13 -11.39
N MET J 435 -21.60 -60.39 -11.76
CA MET J 435 -21.74 -60.72 -13.18
C MET J 435 -23.04 -60.17 -13.77
N GLU J 436 -24.10 -60.10 -12.97
CA GLU J 436 -25.32 -59.47 -13.46
C GLU J 436 -25.10 -57.99 -13.74
N SER J 437 -24.31 -57.32 -12.91
CA SER J 437 -23.97 -55.92 -13.20
C SER J 437 -23.12 -55.80 -14.45
N TYR J 438 -22.19 -56.75 -14.65
CA TYR J 438 -21.41 -56.80 -15.89
C TYR J 438 -22.33 -56.89 -17.10
N ALA J 439 -23.28 -57.82 -17.07
CA ALA J 439 -24.24 -57.95 -18.15
C ALA J 439 -25.09 -56.68 -18.29
N LYS J 440 -25.40 -56.02 -17.18
CA LYS J 440 -26.18 -54.79 -17.24
C LYS J 440 -25.43 -53.72 -18.02
N ALA J 441 -24.13 -53.58 -17.77
CA ALA J 441 -23.34 -52.63 -18.55
C ALA J 441 -23.30 -53.02 -20.03
N LEU J 442 -23.17 -54.33 -20.30
CA LEU J 442 -23.14 -54.78 -21.69
C LEU J 442 -24.45 -54.44 -22.40
N ARG J 443 -25.59 -54.60 -21.73
CA ARG J 443 -26.85 -54.13 -22.29
C ARG J 443 -26.87 -52.61 -22.41
N MET J 444 -26.26 -51.90 -21.46
CA MET J 444 -26.30 -50.45 -21.45
C MET J 444 -25.64 -49.87 -22.68
N LEU J 445 -24.66 -50.57 -23.24
CA LEU J 445 -24.02 -50.07 -24.46
C LEU J 445 -25.01 -49.86 -25.61
N PRO J 446 -25.70 -50.90 -26.12
CA PRO J 446 -26.72 -50.64 -27.15
C PRO J 446 -27.88 -49.79 -26.64
N THR J 447 -28.12 -49.78 -25.32
CA THR J 447 -29.11 -48.86 -24.78
C THR J 447 -28.74 -47.41 -25.09
N ILE J 448 -27.47 -47.07 -24.89
CA ILE J 448 -27.00 -45.73 -25.23
C ILE J 448 -27.04 -45.50 -26.73
N ILE J 449 -26.72 -46.54 -27.51
CA ILE J 449 -26.80 -46.40 -28.97
C ILE J 449 -28.22 -46.03 -29.39
N ALA J 450 -29.21 -46.71 -28.82
CA ALA J 450 -30.61 -46.41 -29.15
C ALA J 450 -31.04 -45.05 -28.61
N ASP J 451 -30.58 -44.69 -27.40
CA ASP J 451 -30.94 -43.41 -26.82
C ASP J 451 -30.45 -42.25 -27.67
N ASN J 452 -29.26 -42.37 -28.25
CA ASN J 452 -28.72 -41.29 -29.06
C ASN J 452 -29.61 -40.96 -30.26
N ALA J 453 -30.44 -41.89 -30.70
CA ALA J 453 -31.34 -41.68 -31.82
C ALA J 453 -32.74 -41.23 -31.39
N GLY J 454 -32.96 -41.02 -30.10
CA GLY J 454 -34.30 -40.70 -29.62
C GLY J 454 -35.28 -41.84 -29.78
N TYR J 455 -34.82 -43.07 -29.60
CA TYR J 455 -35.65 -44.25 -29.73
C TYR J 455 -36.11 -44.72 -28.35
N ASP J 456 -37.09 -45.62 -28.36
CA ASP J 456 -37.53 -46.29 -27.13
C ASP J 456 -36.48 -47.33 -26.79
N SER J 457 -35.40 -46.87 -26.17
CA SER J 457 -34.24 -47.73 -25.94
C SER J 457 -34.58 -48.89 -25.03
N ALA J 458 -35.38 -48.65 -24.00
CA ALA J 458 -35.74 -49.73 -23.08
C ALA J 458 -36.48 -50.85 -23.80
N ASP J 459 -37.48 -50.48 -24.61
CA ASP J 459 -38.24 -51.48 -25.34
C ASP J 459 -37.38 -52.22 -26.36
N LEU J 460 -36.54 -51.50 -27.09
CA LEU J 460 -35.69 -52.13 -28.10
C LEU J 460 -34.70 -53.09 -27.45
N VAL J 461 -34.10 -52.69 -26.33
CA VAL J 461 -33.14 -53.56 -25.66
C VAL J 461 -33.85 -54.77 -25.06
N ALA J 462 -35.08 -54.58 -24.55
CA ALA J 462 -35.85 -55.72 -24.07
C ALA J 462 -36.15 -56.69 -25.20
N GLN J 463 -36.50 -56.18 -26.38
CA GLN J 463 -36.74 -57.04 -27.53
C GLN J 463 -35.48 -57.79 -27.93
N LEU J 464 -34.33 -57.10 -27.92
CA LEU J 464 -33.07 -57.77 -28.23
C LEU J 464 -32.75 -58.85 -27.22
N ARG J 465 -32.98 -58.58 -25.93
CA ARG J 465 -32.71 -59.57 -24.90
C ARG J 465 -33.59 -60.79 -25.08
N ALA J 466 -34.88 -60.57 -25.34
CA ALA J 466 -35.78 -61.70 -25.60
C ALA J 466 -35.33 -62.48 -26.83
N ALA J 467 -34.97 -61.79 -27.90
CA ALA J 467 -34.57 -62.48 -29.14
C ALA J 467 -33.32 -63.30 -28.93
N HIS J 468 -32.34 -62.76 -28.22
CA HIS J 468 -31.11 -63.53 -27.96
C HIS J 468 -31.36 -64.65 -26.97
N SER J 469 -32.35 -64.51 -26.09
CA SER J 469 -32.72 -65.62 -25.22
C SER J 469 -33.36 -66.75 -26.01
N GLU J 470 -34.19 -66.42 -27.01
CA GLU J 470 -34.80 -67.46 -27.83
C GLU J 470 -33.75 -68.25 -28.61
N GLY J 471 -32.76 -67.56 -29.16
CA GLY J 471 -31.74 -68.23 -29.94
C GLY J 471 -31.38 -67.49 -31.22
N ASN J 472 -31.96 -66.31 -31.42
CA ASN J 472 -31.67 -65.48 -32.58
C ASN J 472 -30.39 -64.71 -32.31
N THR J 473 -29.26 -65.38 -32.56
CA THR J 473 -27.95 -64.86 -32.24
C THR J 473 -27.45 -63.82 -33.23
N THR J 474 -28.31 -63.32 -34.12
CA THR J 474 -27.92 -62.30 -35.09
C THR J 474 -28.78 -61.05 -35.03
N ALA J 475 -29.73 -60.96 -34.11
CA ALA J 475 -30.57 -59.78 -34.00
C ALA J 475 -29.78 -58.60 -33.46
N GLY J 476 -30.14 -57.41 -33.91
CA GLY J 476 -29.47 -56.20 -33.48
C GLY J 476 -30.38 -55.01 -33.68
N LEU J 477 -29.83 -53.82 -33.41
CA LEU J 477 -30.59 -52.58 -33.49
C LEU J 477 -30.58 -52.08 -34.94
N ASP J 478 -31.74 -52.16 -35.60
CA ASP J 478 -31.89 -51.59 -36.94
C ASP J 478 -32.15 -50.11 -36.79
N MET J 479 -31.12 -49.30 -37.02
CA MET J 479 -31.20 -47.86 -36.83
C MET J 479 -31.75 -47.12 -38.03
N ARG J 480 -32.06 -47.83 -39.12
CA ARG J 480 -32.70 -47.18 -40.27
C ARG J 480 -34.09 -46.67 -39.90
N GLU J 481 -34.86 -47.48 -39.16
CA GLU J 481 -36.22 -47.13 -38.77
C GLU J 481 -36.45 -47.14 -37.28
N GLY J 482 -35.81 -48.05 -36.55
CA GLY J 482 -36.01 -48.13 -35.12
C GLY J 482 -36.53 -49.47 -34.65
N THR J 483 -36.25 -50.52 -35.41
CA THR J 483 -36.69 -51.87 -35.09
C THR J 483 -35.48 -52.77 -34.89
N ILE J 484 -35.72 -54.07 -34.77
CA ILE J 484 -34.66 -55.06 -34.65
C ILE J 484 -34.65 -55.90 -35.92
N GLY J 485 -33.46 -56.23 -36.39
CA GLY J 485 -33.32 -56.94 -37.65
C GLY J 485 -32.10 -57.83 -37.64
N ASP J 486 -31.95 -58.60 -38.72
CA ASP J 486 -30.85 -59.54 -38.87
C ASP J 486 -29.63 -58.80 -39.41
N MET J 487 -28.59 -58.69 -38.58
CA MET J 487 -27.37 -58.01 -39.01
C MET J 487 -26.61 -58.78 -40.08
N ALA J 488 -26.86 -60.08 -40.23
CA ALA J 488 -26.33 -60.78 -41.39
C ALA J 488 -26.97 -60.26 -42.67
N ILE J 489 -28.27 -60.01 -42.65
CA ILE J 489 -28.95 -59.49 -43.82
C ILE J 489 -28.57 -58.03 -44.06
N LEU J 490 -28.58 -57.23 -43.01
CA LEU J 490 -28.30 -55.80 -43.14
C LEU J 490 -26.83 -55.49 -43.31
N GLY J 491 -25.95 -56.46 -43.04
CA GLY J 491 -24.52 -56.24 -43.21
C GLY J 491 -23.92 -55.22 -42.27
N ILE J 492 -24.36 -55.19 -41.02
CA ILE J 492 -23.76 -54.33 -40.00
C ILE J 492 -22.67 -55.18 -39.34
N THR J 493 -21.47 -55.12 -39.90
CA THR J 493 -20.37 -56.00 -39.53
C THR J 493 -19.27 -55.19 -38.87
N GLU J 494 -18.65 -55.78 -37.85
CA GLU J 494 -17.50 -55.19 -37.18
C GLU J 494 -16.35 -56.18 -37.13
N SER J 495 -15.14 -55.66 -37.00
CA SER J 495 -13.98 -56.52 -36.85
C SER J 495 -14.01 -57.23 -35.49
N PHE J 496 -13.67 -58.52 -35.50
CA PHE J 496 -13.61 -59.26 -34.25
C PHE J 496 -12.55 -58.70 -33.32
N GLN J 497 -11.41 -58.28 -33.89
CA GLN J 497 -10.33 -57.73 -33.07
C GLN J 497 -10.78 -56.50 -32.31
N VAL J 498 -11.54 -55.61 -32.97
CA VAL J 498 -11.95 -54.36 -32.33
C VAL J 498 -12.84 -54.64 -31.12
N LYS J 499 -13.85 -55.50 -31.30
CA LYS J 499 -14.75 -55.80 -30.18
C LYS J 499 -14.04 -56.54 -29.06
N ARG J 500 -13.19 -57.50 -29.41
CA ARG J 500 -12.44 -58.22 -28.38
C ARG J 500 -11.55 -57.26 -27.58
N GLN J 501 -10.85 -56.37 -28.27
CA GLN J 501 -9.99 -55.41 -27.59
C GLN J 501 -10.82 -54.46 -26.73
N VAL J 502 -11.97 -54.03 -27.22
CA VAL J 502 -12.83 -53.15 -26.43
C VAL J 502 -13.24 -53.84 -25.13
N LEU J 503 -13.74 -55.06 -25.25
CA LEU J 503 -14.18 -55.79 -24.06
C LEU J 503 -13.04 -55.97 -23.06
N LEU J 504 -11.90 -56.47 -23.54
CA LEU J 504 -10.80 -56.79 -22.64
C LEU J 504 -10.22 -55.54 -22.00
N SER J 505 -10.01 -54.48 -22.77
CA SER J 505 -9.45 -53.26 -22.23
C SER J 505 -10.40 -52.60 -21.23
N ALA J 506 -11.71 -52.59 -21.54
CA ALA J 506 -12.66 -52.00 -20.61
C ALA J 506 -12.70 -52.78 -19.30
N ALA J 507 -12.73 -54.11 -19.38
CA ALA J 507 -12.73 -54.91 -18.16
C ALA J 507 -11.46 -54.69 -17.36
N GLU J 508 -10.32 -54.62 -18.05
CA GLU J 508 -9.04 -54.42 -17.38
C GLU J 508 -8.99 -53.08 -16.66
N ALA J 509 -9.44 -52.01 -17.33
CA ALA J 509 -9.42 -50.70 -16.71
C ALA J 509 -10.39 -50.63 -15.53
N ALA J 510 -11.58 -51.22 -15.68
CA ALA J 510 -12.52 -51.25 -14.56
C ALA J 510 -11.92 -51.99 -13.37
N GLU J 511 -11.25 -53.12 -13.63
CA GLU J 511 -10.64 -53.87 -12.55
C GLU J 511 -9.54 -53.06 -11.87
N VAL J 512 -8.68 -52.41 -12.65
CA VAL J 512 -7.56 -51.69 -12.03
C VAL J 512 -8.05 -50.48 -11.25
N ILE J 513 -9.11 -49.81 -11.72
CA ILE J 513 -9.66 -48.69 -10.98
C ILE J 513 -10.35 -49.17 -9.71
N LEU J 514 -11.07 -50.30 -9.79
CA LEU J 514 -11.84 -50.78 -8.65
C LEU J 514 -10.94 -51.19 -7.49
N ARG J 515 -9.71 -51.61 -7.77
CA ARG J 515 -8.80 -52.07 -6.71
C ARG J 515 -8.32 -50.95 -5.80
N VAL J 516 -8.56 -49.70 -6.15
CA VAL J 516 -7.99 -48.57 -5.42
C VAL J 516 -8.91 -48.21 -4.26
N ASP J 517 -8.33 -48.09 -3.06
CA ASP J 517 -9.07 -47.66 -1.88
C ASP J 517 -8.45 -46.45 -1.21
N ASN J 518 -7.44 -45.83 -1.81
CA ASN J 518 -6.78 -44.68 -1.21
C ASN J 518 -6.02 -43.95 -2.30
N ILE J 519 -6.26 -42.64 -2.41
CA ILE J 519 -5.59 -41.78 -3.36
C ILE J 519 -4.71 -40.81 -2.60
N ILE J 520 -3.41 -40.86 -2.86
CA ILE J 520 -2.43 -40.02 -2.17
C ILE J 520 -1.78 -39.13 -3.21
N LYS J 521 -1.89 -37.82 -3.01
CA LYS J 521 -1.36 -36.83 -3.95
C LYS J 521 -0.18 -36.11 -3.33
N ALA J 522 0.94 -36.07 -4.04
CA ALA J 522 2.06 -35.26 -3.63
C ALA J 522 1.76 -33.78 -3.86
N ALA J 523 2.55 -32.93 -3.23
CA ALA J 523 2.35 -31.50 -3.37
C ALA J 523 2.61 -31.08 -4.81
N PRO J 524 1.66 -30.39 -5.45
CA PRO J 524 1.84 -30.04 -6.87
C PRO J 524 3.01 -29.09 -7.06
N ARG J 525 3.67 -29.22 -8.20
CA ARG J 525 4.82 -28.40 -8.53
C ARG J 525 4.39 -26.99 -8.93
N ARG K 1 -49.42 -42.08 -30.71
CA ARG K 1 -48.11 -42.61 -30.36
C ARG K 1 -47.92 -42.67 -28.85
N GLY K 2 -47.92 -41.51 -28.20
CA GLY K 2 -47.76 -41.41 -26.78
C GLY K 2 -46.83 -40.28 -26.42
N LYS K 3 -46.31 -40.32 -25.19
CA LYS K 3 -45.43 -39.27 -24.70
C LYS K 3 -44.12 -39.22 -25.49
N GLY K 4 -43.55 -40.39 -25.79
CA GLY K 4 -42.28 -40.44 -26.48
C GLY K 4 -41.10 -40.29 -25.53
N ALA K 5 -39.91 -40.30 -26.12
CA ALA K 5 -38.69 -40.23 -25.33
C ALA K 5 -38.49 -38.84 -24.76
N TYR K 6 -38.20 -38.76 -23.46
CA TYR K 6 -37.94 -37.49 -22.82
C TYR K 6 -36.56 -36.97 -23.22
N GLN K 7 -36.41 -35.65 -23.16
CA GLN K 7 -35.14 -34.99 -23.46
C GLN K 7 -34.54 -34.51 -22.14
N ASP K 8 -33.60 -35.30 -21.61
CA ASP K 8 -33.02 -34.99 -20.31
C ASP K 8 -32.06 -33.81 -20.38
N ARG K 9 -31.26 -33.73 -21.44
CA ARG K 9 -30.09 -32.86 -21.44
C ARG K 9 -30.48 -31.38 -21.58
N ASP K 10 -31.09 -31.01 -22.69
CA ASP K 10 -31.47 -29.64 -23.05
C ASP K 10 -30.27 -28.73 -23.28
N LYS K 11 -29.04 -29.23 -23.11
CA LYS K 11 -27.85 -28.44 -23.41
C LYS K 11 -27.54 -28.42 -24.90
N PRO K 12 -27.68 -29.54 -25.64
CA PRO K 12 -27.46 -29.47 -27.08
C PRO K 12 -28.32 -28.43 -27.77
N ALA K 13 -29.56 -28.24 -27.34
CA ALA K 13 -30.38 -27.18 -27.89
C ALA K 13 -29.76 -25.81 -27.67
N GLN K 14 -29.23 -25.59 -26.46
CA GLN K 14 -28.58 -24.31 -26.17
C GLN K 14 -27.35 -24.11 -27.04
N ILE K 15 -26.58 -25.18 -27.25
CA ILE K 15 -25.39 -25.07 -28.10
C ILE K 15 -25.79 -24.73 -29.53
N ARG K 16 -26.83 -25.38 -30.05
CA ARG K 16 -27.30 -25.09 -31.40
C ARG K 16 -27.77 -23.65 -31.51
N PHE K 17 -28.51 -23.17 -30.51
CA PHE K 17 -29.00 -21.80 -30.54
C PHE K 17 -27.84 -20.81 -30.50
N SER K 18 -26.84 -21.08 -29.68
CA SER K 18 -25.68 -20.19 -29.61
C SER K 18 -24.93 -20.15 -30.94
N ASN K 19 -24.72 -21.31 -31.56
CA ASN K 19 -24.03 -21.35 -32.85
C ASN K 19 -24.81 -20.57 -33.90
N ILE K 20 -26.13 -20.75 -33.93
CA ILE K 20 -26.95 -20.05 -34.91
C ILE K 20 -26.91 -18.56 -34.67
N SER K 21 -26.98 -18.13 -33.40
CA SER K 21 -26.93 -16.71 -33.09
C SER K 21 -25.61 -16.10 -33.54
N ALA K 22 -24.50 -16.81 -33.31
CA ALA K 22 -23.21 -16.30 -33.75
C ALA K 22 -23.16 -16.17 -35.28
N ALA K 23 -23.64 -17.18 -35.99
CA ALA K 23 -23.61 -17.11 -37.46
C ALA K 23 -24.48 -15.98 -37.97
N LYS K 24 -25.68 -15.82 -37.42
CA LYS K 24 -26.57 -14.75 -37.84
C LYS K 24 -25.97 -13.38 -37.54
N ALA K 25 -25.29 -13.25 -36.39
CA ALA K 25 -24.61 -12.00 -36.08
C ALA K 25 -23.52 -11.70 -37.09
N VAL K 26 -22.77 -12.72 -37.50
CA VAL K 26 -21.73 -12.51 -38.50
C VAL K 26 -22.34 -12.06 -39.83
N ALA K 27 -23.44 -12.67 -40.24
CA ALA K 27 -24.09 -12.28 -41.49
C ALA K 27 -24.59 -10.84 -41.42
N ASP K 28 -25.28 -10.49 -40.33
CA ASP K 28 -25.75 -9.12 -40.16
C ASP K 28 -24.60 -8.14 -40.10
N ALA K 29 -23.44 -8.57 -39.59
CA ALA K 29 -22.24 -7.75 -39.67
C ALA K 29 -21.87 -7.49 -41.12
N ILE K 30 -21.61 -8.55 -41.87
CA ILE K 30 -21.42 -8.40 -43.34
C ILE K 30 -22.79 -8.60 -43.97
N ARG K 31 -23.61 -7.58 -43.88
CA ARG K 31 -24.81 -7.44 -44.70
C ARG K 31 -24.82 -6.16 -45.53
N THR K 32 -24.15 -5.11 -45.08
CA THR K 32 -24.14 -3.82 -45.78
C THR K 32 -23.00 -3.71 -46.77
N SER K 33 -22.23 -4.79 -46.98
CA SER K 33 -21.11 -4.78 -47.91
C SER K 33 -21.40 -5.61 -49.16
N LEU K 34 -22.68 -5.71 -49.54
CA LEU K 34 -23.11 -6.55 -50.64
C LEU K 34 -23.72 -5.70 -51.74
N GLY K 35 -23.39 -6.04 -52.98
CA GLY K 35 -23.98 -5.39 -54.13
C GLY K 35 -23.24 -4.14 -54.54
N PRO K 36 -23.61 -3.59 -55.70
CA PRO K 36 -22.94 -2.37 -56.19
C PRO K 36 -23.13 -1.18 -55.27
N LYS K 37 -24.18 -1.18 -54.46
CA LYS K 37 -24.43 -0.10 -53.51
C LYS K 37 -23.90 -0.42 -52.12
N GLY K 38 -23.09 -1.46 -51.98
CA GLY K 38 -22.49 -1.76 -50.69
C GLY K 38 -21.38 -0.80 -50.36
N MET K 39 -21.01 -0.79 -49.08
CA MET K 39 -19.98 0.11 -48.57
C MET K 39 -18.85 -0.70 -47.96
N ASP K 40 -17.70 -0.04 -47.79
CA ASP K 40 -16.51 -0.69 -47.27
C ASP K 40 -16.43 -0.53 -45.76
N LYS K 41 -15.61 -1.38 -45.15
CA LYS K 41 -15.37 -1.35 -43.71
C LYS K 41 -13.90 -1.09 -43.45
N MET K 42 -13.62 -0.31 -42.41
CA MET K 42 -12.25 -0.05 -41.98
C MET K 42 -11.95 -0.89 -40.75
N ILE K 43 -10.88 -1.68 -40.81
CA ILE K 43 -10.51 -2.58 -39.73
C ILE K 43 -9.13 -2.19 -39.25
N GLN K 44 -9.02 -1.90 -37.96
CA GLN K 44 -7.75 -1.58 -37.32
C GLN K 44 -7.45 -2.68 -36.30
N ASP K 45 -6.37 -3.42 -36.55
CA ASP K 45 -6.03 -4.58 -35.74
C ASP K 45 -5.36 -4.14 -34.44
N GLY K 46 -4.77 -5.10 -33.72
CA GLY K 46 -4.11 -4.78 -32.47
C GLY K 46 -2.96 -3.80 -32.67
N LYS K 47 -2.25 -3.93 -33.77
CA LYS K 47 -1.20 -2.97 -34.12
C LYS K 47 -1.82 -1.82 -34.89
N GLY K 48 -0.99 -0.99 -35.50
CA GLY K 48 -1.48 0.18 -36.21
C GLY K 48 -1.94 -0.06 -37.63
N ASP K 49 -1.94 -1.31 -38.09
CA ASP K 49 -2.36 -1.61 -39.45
C ASP K 49 -3.82 -1.27 -39.67
N VAL K 50 -4.12 -0.66 -40.82
CA VAL K 50 -5.46 -0.25 -41.17
C VAL K 50 -5.81 -0.87 -42.52
N THR K 51 -7.01 -1.46 -42.60
CA THR K 51 -7.48 -2.10 -43.83
C THR K 51 -8.84 -1.54 -44.18
N ILE K 52 -8.97 -1.01 -45.40
CA ILE K 52 -10.24 -0.57 -45.95
C ILE K 52 -10.58 -1.53 -47.08
N THR K 53 -11.64 -2.32 -46.91
CA THR K 53 -11.91 -3.37 -47.87
C THR K 53 -13.41 -3.65 -47.96
N ASN K 54 -13.78 -4.24 -49.09
CA ASN K 54 -15.12 -4.76 -49.32
C ASN K 54 -15.14 -6.27 -49.53
N ASP K 55 -13.97 -6.90 -49.62
CA ASP K 55 -13.90 -8.34 -49.83
C ASP K 55 -14.35 -9.07 -48.57
N GLY K 56 -15.25 -10.03 -48.73
CA GLY K 56 -15.81 -10.72 -47.58
C GLY K 56 -14.78 -11.50 -46.80
N ALA K 57 -13.94 -12.28 -47.50
CA ALA K 57 -12.95 -13.09 -46.82
C ALA K 57 -11.98 -12.23 -46.01
N THR K 58 -11.54 -11.11 -46.60
CA THR K 58 -10.64 -10.22 -45.89
C THR K 58 -11.31 -9.64 -44.63
N ILE K 59 -12.57 -9.22 -44.75
CA ILE K 59 -13.27 -8.67 -43.60
C ILE K 59 -13.37 -9.70 -42.49
N LEU K 60 -13.76 -10.93 -42.85
CA LEU K 60 -13.95 -11.96 -41.83
C LEU K 60 -12.63 -12.36 -41.18
N LYS K 61 -11.57 -12.50 -41.95
CA LYS K 61 -10.31 -12.97 -41.36
C LYS K 61 -9.52 -11.85 -40.70
N GLN K 62 -9.83 -10.59 -40.99
CA GLN K 62 -9.10 -9.49 -40.36
C GLN K 62 -9.54 -9.24 -38.92
N MET K 63 -10.82 -9.48 -38.61
CA MET K 63 -11.34 -9.27 -37.26
C MET K 63 -11.42 -10.62 -36.55
N GLN K 64 -10.78 -10.72 -35.39
CA GLN K 64 -10.82 -11.94 -34.59
C GLN K 64 -12.24 -12.12 -34.07
N VAL K 65 -12.96 -13.07 -34.67
CA VAL K 65 -14.38 -13.23 -34.35
C VAL K 65 -14.57 -13.79 -32.94
N LEU K 66 -13.72 -14.74 -32.53
CA LEU K 66 -13.77 -15.34 -31.20
C LEU K 66 -15.12 -15.98 -30.92
N HIS K 67 -15.48 -16.95 -31.76
CA HIS K 67 -16.62 -17.83 -31.56
C HIS K 67 -16.50 -18.98 -32.53
N PRO K 68 -16.73 -20.22 -32.09
CA PRO K 68 -16.55 -21.37 -33.00
C PRO K 68 -17.36 -21.27 -34.28
N ALA K 69 -18.65 -20.93 -34.19
CA ALA K 69 -19.47 -20.84 -35.39
C ALA K 69 -18.96 -19.74 -36.33
N ALA K 70 -18.59 -18.59 -35.77
CA ALA K 70 -18.05 -17.52 -36.59
C ALA K 70 -16.73 -17.92 -37.23
N ARG K 71 -15.92 -18.70 -36.52
CA ARG K 71 -14.66 -19.16 -37.09
C ARG K 71 -14.90 -20.13 -38.25
N MET K 72 -15.89 -21.02 -38.12
CA MET K 72 -16.22 -21.87 -39.25
C MET K 72 -16.78 -21.06 -40.41
N LEU K 73 -17.51 -19.99 -40.14
CA LEU K 73 -17.96 -19.12 -41.23
C LEU K 73 -16.77 -18.44 -41.92
N VAL K 74 -15.75 -18.04 -41.14
CA VAL K 74 -14.54 -17.46 -41.72
C VAL K 74 -13.85 -18.48 -42.62
N GLU K 75 -13.73 -19.72 -42.13
CA GLU K 75 -13.12 -20.77 -42.94
C GLU K 75 -13.93 -21.04 -44.20
N LEU K 76 -15.26 -20.97 -44.10
CA LEU K 76 -16.12 -21.14 -45.26
C LEU K 76 -15.89 -20.04 -46.29
N SER K 77 -15.75 -18.80 -45.82
CA SER K 77 -15.46 -17.70 -46.74
C SER K 77 -14.11 -17.90 -47.42
N LYS K 78 -13.12 -18.37 -46.66
CA LYS K 78 -11.81 -18.65 -47.25
C LYS K 78 -11.90 -19.73 -48.31
N ALA K 79 -12.68 -20.79 -48.04
CA ALA K 79 -12.83 -21.86 -49.03
C ALA K 79 -13.52 -21.36 -50.28
N GLN K 80 -14.56 -20.53 -50.12
CA GLN K 80 -15.25 -19.98 -51.28
C GLN K 80 -14.31 -19.10 -52.09
N ASP K 81 -13.46 -18.33 -51.42
CA ASP K 81 -12.45 -17.55 -52.12
C ASP K 81 -11.50 -18.45 -52.88
N ILE K 82 -11.10 -19.57 -52.28
CA ILE K 82 -10.15 -20.48 -52.91
C ILE K 82 -10.75 -21.08 -54.17
N GLU K 83 -11.97 -21.57 -54.09
CA GLU K 83 -12.56 -22.28 -55.23
C GLU K 83 -13.18 -21.32 -56.25
N ALA K 84 -14.16 -20.53 -55.80
CA ALA K 84 -14.87 -19.67 -56.74
C ALA K 84 -14.05 -18.43 -57.08
N GLY K 85 -13.60 -17.69 -56.07
CA GLY K 85 -12.84 -16.49 -56.31
C GLY K 85 -13.53 -15.24 -55.78
N ASP K 86 -14.83 -15.16 -55.96
CA ASP K 86 -15.64 -14.10 -55.37
C ASP K 86 -16.92 -14.72 -54.84
N GLY K 87 -17.86 -13.88 -54.44
CA GLY K 87 -19.03 -14.36 -53.75
C GLY K 87 -18.76 -14.73 -52.31
N THR K 88 -17.66 -14.25 -51.73
CA THR K 88 -17.31 -14.61 -50.36
C THR K 88 -18.29 -14.02 -49.36
N THR K 89 -18.90 -12.87 -49.67
CA THR K 89 -19.93 -12.32 -48.80
C THR K 89 -21.24 -13.07 -48.93
N SER K 90 -21.58 -13.46 -50.16
CA SER K 90 -22.87 -14.13 -50.40
C SER K 90 -22.94 -15.47 -49.70
N VAL K 91 -21.85 -16.23 -49.71
CA VAL K 91 -21.88 -17.55 -49.08
C VAL K 91 -22.07 -17.43 -47.57
N VAL K 92 -21.41 -16.47 -46.94
CA VAL K 92 -21.58 -16.27 -45.51
C VAL K 92 -23.00 -15.80 -45.19
N ILE K 93 -23.54 -14.91 -46.00
CA ILE K 93 -24.92 -14.46 -45.80
C ILE K 93 -25.88 -15.64 -45.93
N ILE K 94 -25.65 -16.50 -46.92
CA ILE K 94 -26.52 -17.66 -47.15
C ILE K 94 -26.46 -18.60 -45.96
N ALA K 95 -25.25 -18.88 -45.45
CA ALA K 95 -25.12 -19.78 -44.31
C ALA K 95 -25.80 -19.20 -43.07
N GLY K 96 -25.62 -17.90 -42.84
CA GLY K 96 -26.28 -17.26 -41.70
C GLY K 96 -27.79 -17.33 -41.80
N SER K 97 -28.35 -17.09 -42.99
CA SER K 97 -29.79 -17.17 -43.17
C SER K 97 -30.29 -18.60 -43.00
N LEU K 98 -29.52 -19.58 -43.48
CA LEU K 98 -29.91 -20.97 -43.32
C LEU K 98 -29.99 -21.34 -41.85
N LEU K 99 -29.00 -20.94 -41.06
CA LEU K 99 -29.06 -21.25 -39.63
C LEU K 99 -30.16 -20.46 -38.92
N ASP K 100 -30.42 -19.23 -39.38
CA ASP K 100 -31.53 -18.46 -38.81
C ASP K 100 -32.85 -19.18 -39.02
N SER K 101 -33.05 -19.76 -40.21
CA SER K 101 -34.24 -20.58 -40.43
C SER K 101 -34.21 -21.83 -39.56
N CYS K 102 -33.02 -22.42 -39.39
CA CYS K 102 -32.89 -23.59 -38.52
C CYS K 102 -33.35 -23.30 -37.11
N THR K 103 -33.23 -22.05 -36.65
CA THR K 103 -33.74 -21.71 -35.32
C THR K 103 -35.21 -22.07 -35.18
N LYS K 104 -36.05 -21.54 -36.07
CA LYS K 104 -37.47 -21.82 -36.00
C LYS K 104 -37.77 -23.27 -36.33
N LEU K 105 -36.98 -23.88 -37.22
CA LEU K 105 -37.17 -25.29 -37.52
C LEU K 105 -36.99 -26.16 -36.28
N LEU K 106 -35.94 -25.88 -35.51
CA LEU K 106 -35.71 -26.63 -34.27
C LEU K 106 -36.77 -26.32 -33.24
N GLN K 107 -37.19 -25.05 -33.15
CA GLN K 107 -38.24 -24.70 -32.20
C GLN K 107 -39.55 -25.41 -32.52
N LYS K 108 -39.81 -25.69 -33.80
CA LYS K 108 -41.01 -26.42 -34.17
C LYS K 108 -40.98 -27.88 -33.73
N GLY K 109 -39.84 -28.37 -33.26
CA GLY K 109 -39.73 -29.74 -32.81
C GLY K 109 -39.20 -30.72 -33.81
N ILE K 110 -38.30 -30.30 -34.69
CA ILE K 110 -37.72 -31.16 -35.73
C ILE K 110 -36.29 -31.49 -35.33
N HIS K 111 -35.94 -32.77 -35.38
CA HIS K 111 -34.61 -33.20 -35.00
C HIS K 111 -33.58 -32.61 -35.96
N PRO K 112 -32.42 -32.18 -35.46
CA PRO K 112 -31.41 -31.60 -36.37
C PRO K 112 -30.65 -32.66 -37.15
N THR K 113 -31.36 -33.62 -37.67
CA THR K 113 -30.85 -34.60 -38.62
C THR K 113 -31.75 -34.72 -39.84
N ILE K 114 -33.06 -34.62 -39.66
CA ILE K 114 -33.96 -34.46 -40.80
C ILE K 114 -33.70 -33.12 -41.49
N ILE K 115 -33.36 -32.10 -40.71
CA ILE K 115 -33.05 -30.79 -41.28
C ILE K 115 -31.86 -30.89 -42.23
N SER K 116 -30.83 -31.63 -41.82
CA SER K 116 -29.64 -31.76 -42.67
C SER K 116 -29.96 -32.47 -43.97
N GLU K 117 -30.73 -33.56 -43.92
CA GLU K 117 -31.06 -34.29 -45.13
C GLU K 117 -31.96 -33.46 -46.05
N SER K 118 -32.91 -32.74 -45.47
CA SER K 118 -33.76 -31.86 -46.28
C SER K 118 -32.94 -30.75 -46.92
N PHE K 119 -31.96 -30.22 -46.19
CA PHE K 119 -31.08 -29.20 -46.75
C PHE K 119 -30.26 -29.77 -47.90
N GLN K 120 -29.82 -31.03 -47.78
CA GLN K 120 -29.10 -31.67 -48.87
C GLN K 120 -30.01 -31.83 -50.10
N LYS K 121 -31.26 -32.24 -49.88
CA LYS K 121 -32.20 -32.36 -51.00
C LYS K 121 -32.42 -31.02 -51.67
N ALA K 122 -32.60 -29.97 -50.87
CA ALA K 122 -32.81 -28.64 -51.41
C ALA K 122 -31.57 -28.16 -52.16
N LEU K 123 -30.38 -28.48 -51.64
CA LEU K 123 -29.15 -28.08 -52.33
C LEU K 123 -29.03 -28.76 -53.68
N GLU K 124 -29.35 -30.06 -53.75
CA GLU K 124 -29.29 -30.75 -55.03
C GLU K 124 -30.29 -30.17 -56.03
N LYS K 125 -31.52 -29.93 -55.56
CA LYS K 125 -32.52 -29.34 -56.46
C LYS K 125 -32.10 -27.95 -56.91
N GLY K 126 -31.52 -27.15 -56.00
CA GLY K 126 -31.08 -25.82 -56.36
C GLY K 126 -29.93 -25.82 -57.34
N ILE K 127 -29.01 -26.79 -57.20
CA ILE K 127 -27.93 -26.91 -58.17
C ILE K 127 -28.50 -27.26 -59.54
N GLU K 128 -29.49 -28.15 -59.58
CA GLU K 128 -30.15 -28.45 -60.85
C GLU K 128 -30.80 -27.22 -61.45
N ILE K 129 -31.48 -26.42 -60.61
CA ILE K 129 -32.15 -25.22 -61.11
C ILE K 129 -31.13 -24.22 -61.66
N LEU K 130 -30.04 -24.01 -60.92
CA LEU K 130 -29.00 -23.09 -61.37
C LEU K 130 -28.40 -23.54 -62.69
N THR K 131 -28.15 -24.85 -62.83
CA THR K 131 -27.67 -25.37 -64.10
C THR K 131 -28.68 -25.11 -65.21
N ASP K 132 -29.98 -25.23 -64.89
CA ASP K 132 -31.00 -24.98 -65.89
C ASP K 132 -31.00 -23.53 -66.36
N MET K 133 -30.82 -22.58 -65.44
CA MET K 133 -30.79 -21.17 -65.83
C MET K 133 -29.52 -20.80 -66.59
N SER K 134 -28.47 -21.61 -66.49
CA SER K 134 -27.17 -21.20 -67.01
C SER K 134 -27.18 -21.14 -68.53
N ARG K 135 -26.20 -20.41 -69.07
CA ARG K 135 -26.05 -20.22 -70.50
C ARG K 135 -24.60 -20.51 -70.90
N PRO K 136 -24.39 -21.24 -71.98
CA PRO K 136 -23.01 -21.53 -72.41
C PRO K 136 -22.26 -20.27 -72.80
N VAL K 137 -20.95 -20.28 -72.55
CA VAL K 137 -20.09 -19.16 -72.87
C VAL K 137 -18.79 -19.70 -73.46
N GLU K 138 -18.29 -19.01 -74.48
CA GLU K 138 -17.03 -19.33 -75.12
C GLU K 138 -16.01 -18.24 -74.82
N LEU K 139 -14.75 -18.66 -74.65
CA LEU K 139 -13.69 -17.70 -74.33
C LEU K 139 -13.43 -16.72 -75.46
N SER K 140 -13.85 -17.05 -76.69
CA SER K 140 -13.70 -16.13 -77.80
C SER K 140 -14.67 -14.96 -77.74
N ASP K 141 -15.71 -15.05 -76.91
CA ASP K 141 -16.69 -13.97 -76.78
C ASP K 141 -16.18 -12.99 -75.74
N ARG K 142 -15.45 -11.97 -76.21
CA ARG K 142 -14.82 -11.02 -75.31
C ARG K 142 -15.84 -10.17 -74.56
N GLU K 143 -17.01 -9.95 -75.15
CA GLU K 143 -18.01 -9.11 -74.52
C GLU K 143 -18.50 -9.70 -73.21
N THR K 144 -18.75 -11.01 -73.19
CA THR K 144 -19.20 -11.66 -71.96
C THR K 144 -18.13 -11.60 -70.88
N LEU K 145 -16.87 -11.80 -71.25
CA LEU K 145 -15.78 -11.70 -70.28
C LEU K 145 -15.67 -10.29 -69.72
N LEU K 146 -15.80 -9.28 -70.59
CA LEU K 146 -15.76 -7.89 -70.13
C LEU K 146 -16.91 -7.59 -69.19
N ASN K 147 -18.11 -8.06 -69.52
CA ASN K 147 -19.26 -7.85 -68.65
C ASN K 147 -19.08 -8.54 -67.31
N SER K 148 -18.52 -9.75 -67.31
CA SER K 148 -18.28 -10.46 -66.06
C SER K 148 -17.28 -9.71 -65.19
N ALA K 149 -16.19 -9.22 -65.80
CA ALA K 149 -15.21 -8.47 -65.02
C ALA K 149 -15.81 -7.17 -64.48
N THR K 150 -16.59 -6.47 -65.30
CA THR K 150 -17.21 -5.24 -64.84
C THR K 150 -18.18 -5.50 -63.71
N THR K 151 -18.96 -6.57 -63.80
CA THR K 151 -19.88 -6.92 -62.72
C THR K 151 -19.13 -7.27 -61.45
N SER K 152 -18.01 -7.98 -61.58
CA SER K 152 -17.21 -8.30 -60.40
C SER K 152 -16.64 -7.05 -59.77
N LEU K 153 -16.27 -6.06 -60.58
CA LEU K 153 -15.73 -4.81 -60.07
C LEU K 153 -16.80 -3.78 -59.72
N ASN K 154 -18.08 -4.11 -59.92
CA ASN K 154 -19.15 -3.14 -59.69
C ASN K 154 -19.26 -2.75 -58.22
N SER K 155 -18.95 -3.65 -57.31
CA SER K 155 -19.20 -3.44 -55.89
C SER K 155 -17.99 -2.91 -55.14
N LYS K 156 -16.89 -2.63 -55.82
CA LYS K 156 -15.65 -2.22 -55.17
C LYS K 156 -15.39 -0.74 -55.39
N VAL K 157 -14.37 -0.23 -54.70
CA VAL K 157 -14.02 1.18 -54.80
C VAL K 157 -13.50 1.53 -56.19
N VAL K 158 -13.06 0.55 -56.96
CA VAL K 158 -12.49 0.80 -58.28
C VAL K 158 -13.58 0.71 -59.33
N SER K 159 -14.84 0.74 -58.90
CA SER K 159 -15.94 0.71 -59.86
C SER K 159 -15.92 1.92 -60.77
N GLN K 160 -15.38 3.05 -60.31
CA GLN K 160 -15.28 4.22 -61.16
C GLN K 160 -14.20 4.05 -62.23
N TYR K 161 -13.26 3.12 -62.04
CA TYR K 161 -12.21 2.85 -63.01
C TYR K 161 -12.40 1.52 -63.71
N SER K 162 -13.62 0.98 -63.70
CA SER K 162 -13.87 -0.32 -64.30
C SER K 162 -13.56 -0.34 -65.77
N SER K 163 -13.79 0.77 -66.47
CA SER K 163 -13.49 0.86 -67.90
C SER K 163 -12.00 0.67 -68.17
N LEU K 164 -11.15 0.95 -67.20
CA LEU K 164 -9.71 0.77 -67.36
C LEU K 164 -9.22 -0.57 -66.82
N LEU K 165 -9.93 -1.14 -65.84
CA LEU K 165 -9.45 -2.33 -65.15
C LEU K 165 -10.04 -3.63 -65.71
N SER K 166 -11.32 -3.64 -66.06
CA SER K 166 -11.91 -4.87 -66.58
C SER K 166 -11.25 -5.34 -67.87
N PRO K 167 -11.01 -4.50 -68.88
CA PRO K 167 -10.20 -4.98 -70.01
C PRO K 167 -8.81 -5.40 -69.59
N MET K 168 -8.22 -4.72 -68.61
CA MET K 168 -6.90 -5.11 -68.13
C MET K 168 -6.94 -6.50 -67.52
N SER K 169 -7.94 -6.79 -66.70
CA SER K 169 -8.04 -8.13 -66.11
C SER K 169 -8.29 -9.19 -67.17
N VAL K 170 -9.16 -8.90 -68.14
CA VAL K 170 -9.43 -9.87 -69.19
C VAL K 170 -8.16 -10.17 -69.98
N ASN K 171 -7.42 -9.12 -70.35
CA ASN K 171 -6.17 -9.31 -71.07
C ASN K 171 -5.16 -10.09 -70.22
N ALA K 172 -5.07 -9.77 -68.93
CA ALA K 172 -4.13 -10.46 -68.07
C ALA K 172 -4.42 -11.95 -67.99
N VAL K 173 -5.70 -12.31 -67.90
CA VAL K 173 -6.05 -13.73 -67.85
C VAL K 173 -5.78 -14.39 -69.20
N MET K 174 -6.18 -13.74 -70.30
CA MET K 174 -6.05 -14.37 -71.61
C MET K 174 -4.63 -14.36 -72.14
N LYS K 175 -3.70 -13.64 -71.50
CA LYS K 175 -2.32 -13.63 -71.95
C LYS K 175 -1.47 -14.70 -71.27
N VAL K 176 -2.01 -15.40 -70.27
CA VAL K 176 -1.25 -16.42 -69.53
C VAL K 176 -1.83 -17.81 -69.72
N ILE K 177 -2.86 -17.98 -70.53
CA ILE K 177 -3.47 -19.28 -70.78
C ILE K 177 -3.67 -19.46 -72.27
N ASP K 178 -3.81 -20.72 -72.67
CA ASP K 178 -4.19 -21.04 -74.04
C ASP K 178 -5.71 -20.93 -74.16
N PRO K 179 -6.23 -20.13 -75.09
CA PRO K 179 -7.70 -20.00 -75.19
C PRO K 179 -8.42 -21.30 -75.46
N ALA K 180 -7.74 -22.30 -76.02
CA ALA K 180 -8.29 -23.63 -76.19
C ALA K 180 -7.51 -24.62 -75.34
N THR K 181 -8.19 -25.71 -74.97
CA THR K 181 -7.60 -26.79 -74.18
C THR K 181 -7.01 -26.28 -72.87
N ALA K 182 -7.74 -25.39 -72.20
CA ALA K 182 -7.35 -24.87 -70.89
C ALA K 182 -8.41 -25.25 -69.88
N THR K 183 -7.98 -25.87 -68.78
CA THR K 183 -8.89 -26.28 -67.72
C THR K 183 -8.79 -25.43 -66.46
N SER K 184 -7.72 -24.67 -66.29
CA SER K 184 -7.57 -23.83 -65.11
C SER K 184 -6.56 -22.73 -65.43
N VAL K 185 -6.56 -21.70 -64.57
CA VAL K 185 -5.65 -20.58 -64.70
C VAL K 185 -4.82 -20.48 -63.44
N ASP K 186 -3.49 -20.43 -63.60
CA ASP K 186 -2.58 -20.28 -62.47
C ASP K 186 -2.36 -18.78 -62.27
N LEU K 187 -3.04 -18.20 -61.29
CA LEU K 187 -2.97 -16.76 -61.05
C LEU K 187 -1.61 -16.33 -60.53
N ARG K 188 -0.74 -17.25 -60.14
CA ARG K 188 0.62 -16.88 -59.78
C ARG K 188 1.42 -16.41 -60.99
N ASP K 189 0.93 -16.64 -62.20
CA ASP K 189 1.56 -16.13 -63.41
C ASP K 189 1.24 -14.67 -63.67
N ILE K 190 0.36 -14.07 -62.88
CA ILE K 190 0.03 -12.65 -62.99
C ILE K 190 0.52 -11.99 -61.72
N LYS K 191 1.65 -11.31 -61.80
CA LYS K 191 2.26 -10.66 -60.65
C LYS K 191 1.77 -9.23 -60.54
N ILE K 192 1.27 -8.86 -59.36
CA ILE K 192 0.76 -7.53 -59.09
C ILE K 192 1.83 -6.75 -58.33
N VAL K 193 2.21 -5.59 -58.86
CA VAL K 193 3.22 -4.73 -58.24
C VAL K 193 2.51 -3.48 -57.73
N LYS K 194 2.66 -3.21 -56.44
CA LYS K 194 2.01 -2.07 -55.80
C LYS K 194 3.03 -0.95 -55.65
N LYS K 195 2.80 0.16 -56.35
CA LYS K 195 3.69 1.31 -56.32
C LYS K 195 2.89 2.53 -55.88
N LEU K 196 3.30 3.15 -54.78
CA LEU K 196 2.61 4.33 -54.29
C LEU K 196 2.81 5.50 -55.23
N GLY K 197 1.82 6.38 -55.28
CA GLY K 197 1.87 7.55 -56.13
C GLY K 197 0.87 7.47 -57.26
N GLY K 198 0.62 8.63 -57.87
CA GLY K 198 -0.33 8.69 -58.95
C GLY K 198 -1.74 8.38 -58.47
N THR K 199 -2.58 7.97 -59.41
CA THR K 199 -3.96 7.58 -59.13
C THR K 199 -4.22 6.20 -59.71
N ILE K 200 -5.44 5.72 -59.50
CA ILE K 200 -5.81 4.40 -60.03
C ILE K 200 -5.79 4.41 -61.55
N ASP K 201 -5.95 5.58 -62.16
CA ASP K 201 -5.97 5.68 -63.61
C ASP K 201 -4.60 5.42 -64.23
N ASP K 202 -3.55 5.32 -63.43
CA ASP K 202 -2.19 5.12 -63.94
C ASP K 202 -1.77 3.67 -63.99
N CYS K 203 -2.70 2.73 -63.78
CA CYS K 203 -2.36 1.32 -63.80
C CYS K 203 -1.91 0.88 -65.18
N GLU K 204 -0.95 -0.04 -65.22
CA GLU K 204 -0.36 -0.52 -66.47
C GLU K 204 -0.53 -2.03 -66.57
N LEU K 205 -0.18 -2.55 -67.75
CA LEU K 205 -0.29 -3.97 -68.08
C LEU K 205 0.98 -4.45 -68.77
N VAL K 206 2.13 -4.15 -68.15
CA VAL K 206 3.43 -4.49 -68.70
C VAL K 206 3.48 -5.95 -69.13
N GLU K 207 3.79 -6.18 -70.41
CA GLU K 207 3.84 -7.53 -70.95
C GLU K 207 5.16 -8.22 -70.68
N GLY K 208 6.18 -7.49 -70.24
CA GLY K 208 7.44 -8.10 -69.84
C GLY K 208 7.43 -8.42 -68.36
N LEU K 209 8.47 -8.00 -67.64
CA LEU K 209 8.53 -8.16 -66.19
C LEU K 209 8.97 -6.86 -65.56
N VAL K 210 8.53 -6.64 -64.33
CA VAL K 210 8.85 -5.44 -63.57
C VAL K 210 9.65 -5.86 -62.35
N LEU K 211 10.83 -5.27 -62.19
CA LEU K 211 11.70 -5.56 -61.06
C LEU K 211 11.84 -4.32 -60.19
N THR K 212 11.64 -4.48 -58.89
CA THR K 212 11.77 -3.37 -57.96
C THR K 212 13.21 -3.12 -57.53
N GLN K 213 14.14 -4.00 -57.90
CA GLN K 213 15.53 -3.84 -57.51
C GLN K 213 16.17 -2.68 -58.24
N LYS K 214 17.08 -1.99 -57.55
CA LYS K 214 17.78 -0.86 -58.13
C LYS K 214 18.95 -1.33 -58.99
N VAL K 215 19.32 -0.51 -59.95
CA VAL K 215 20.43 -0.82 -60.83
C VAL K 215 21.73 -0.37 -60.17
N SER K 216 22.62 -1.32 -59.90
CA SER K 216 23.90 -0.98 -59.29
C SER K 216 24.77 -0.16 -60.24
N ASN K 217 24.71 -0.48 -61.53
CA ASN K 217 25.53 0.21 -62.54
C ASN K 217 24.94 1.59 -62.81
N SER K 218 25.04 2.45 -61.80
CA SER K 218 24.53 3.81 -61.94
C SER K 218 25.29 4.55 -63.04
N GLY K 219 24.54 5.24 -63.89
CA GLY K 219 25.10 5.95 -65.03
C GLY K 219 24.73 5.34 -66.37
N ILE K 220 24.36 4.07 -66.40
CA ILE K 220 23.90 3.41 -67.62
C ILE K 220 22.52 2.83 -67.36
N THR K 221 21.55 3.24 -68.18
CA THR K 221 20.19 2.73 -68.14
C THR K 221 19.65 2.71 -69.56
N ARG K 222 18.42 2.20 -69.71
CA ARG K 222 17.72 2.19 -70.98
C ARG K 222 18.53 1.49 -72.07
N VAL K 223 18.77 0.20 -71.85
CA VAL K 223 19.51 -0.61 -72.82
C VAL K 223 18.56 -1.08 -73.91
N GLU K 224 18.93 -0.83 -75.16
CA GLU K 224 18.18 -1.29 -76.31
C GLU K 224 18.85 -2.55 -76.88
N LYS K 225 18.01 -3.46 -77.39
CA LYS K 225 18.48 -4.76 -77.87
C LYS K 225 19.22 -5.50 -76.77
N ALA K 226 18.62 -5.54 -75.59
CA ALA K 226 19.27 -6.12 -74.43
C ALA K 226 19.39 -7.64 -74.58
N LYS K 227 20.49 -8.17 -74.07
CA LYS K 227 20.74 -9.62 -74.00
C LYS K 227 20.86 -9.97 -72.53
N ILE K 228 19.73 -10.27 -71.90
CA ILE K 228 19.69 -10.43 -70.44
C ILE K 228 20.33 -11.76 -70.05
N GLY K 229 21.19 -11.72 -69.04
CA GLY K 229 21.80 -12.92 -68.52
C GLY K 229 21.62 -13.04 -67.02
N LEU K 230 21.05 -14.15 -66.57
CA LEU K 230 20.82 -14.40 -65.15
C LEU K 230 21.83 -15.41 -64.65
N ILE K 231 22.55 -15.04 -63.60
CA ILE K 231 23.59 -15.90 -63.03
C ILE K 231 23.26 -16.17 -61.58
N GLN K 232 23.74 -17.32 -61.09
CA GLN K 232 23.53 -17.71 -59.71
C GLN K 232 24.84 -17.87 -58.94
N PHE K 233 25.98 -17.68 -59.58
CA PHE K 233 27.26 -17.70 -58.90
C PHE K 233 27.67 -16.28 -58.52
N CYS K 234 28.73 -16.18 -57.71
CA CYS K 234 29.16 -14.91 -57.15
C CYS K 234 30.37 -14.38 -57.90
N LEU K 235 30.38 -13.07 -58.14
CA LEU K 235 31.50 -12.39 -58.80
C LEU K 235 32.34 -11.72 -57.72
N SER K 236 33.15 -12.54 -57.04
CA SER K 236 34.02 -12.05 -55.97
C SER K 236 35.29 -12.90 -55.96
N ALA K 237 36.06 -12.77 -54.90
CA ALA K 237 37.31 -13.52 -54.79
C ALA K 237 37.03 -15.01 -54.71
N PRO K 238 37.96 -15.84 -55.17
CA PRO K 238 37.75 -17.29 -55.11
C PRO K 238 37.54 -17.76 -53.68
N LYS K 239 36.63 -18.72 -53.53
CA LYS K 239 36.28 -19.24 -52.21
C LYS K 239 35.59 -20.58 -52.40
N THR K 240 36.16 -21.63 -51.81
CA THR K 240 35.61 -22.97 -51.96
C THR K 240 34.51 -23.22 -50.93
N ASP K 241 33.74 -24.28 -51.19
CA ASP K 241 32.68 -24.67 -50.25
C ASP K 241 33.28 -25.07 -48.91
N MET K 242 34.35 -25.85 -48.93
CA MET K 242 35.05 -26.23 -47.72
C MET K 242 35.96 -25.09 -47.26
N ASP K 243 36.43 -25.19 -46.02
CA ASP K 243 37.21 -24.11 -45.43
C ASP K 243 38.50 -23.89 -46.21
N ASN K 244 38.87 -22.63 -46.37
CA ASN K 244 40.05 -22.26 -47.15
C ASN K 244 40.71 -21.04 -46.51
N GLN K 245 42.04 -21.05 -46.51
CA GLN K 245 42.84 -19.89 -46.11
C GLN K 245 44.02 -19.77 -47.05
N ILE K 246 44.53 -18.55 -47.18
CA ILE K 246 45.70 -18.26 -47.99
C ILE K 246 46.82 -17.80 -47.06
N VAL K 247 47.94 -18.52 -47.08
CA VAL K 247 49.07 -18.23 -46.22
C VAL K 247 50.12 -17.46 -47.02
N VAL K 248 50.63 -16.39 -46.43
CA VAL K 248 51.62 -15.53 -47.06
C VAL K 248 52.88 -15.55 -46.21
N SER K 249 53.99 -15.93 -46.81
CA SER K 249 55.28 -15.96 -46.12
C SER K 249 56.31 -15.07 -46.80
N ASP K 250 55.91 -14.27 -47.78
CA ASP K 250 56.83 -13.38 -48.48
C ASP K 250 56.04 -12.23 -49.08
N TYR K 251 56.70 -11.08 -49.22
CA TYR K 251 56.02 -9.90 -49.73
C TYR K 251 55.57 -10.08 -51.17
N ALA K 252 56.39 -10.74 -51.99
CA ALA K 252 55.99 -11.01 -53.37
C ALA K 252 54.71 -11.85 -53.40
N GLN K 253 54.57 -12.77 -52.45
CA GLN K 253 53.33 -13.53 -52.34
C GLN K 253 52.16 -12.60 -52.05
N MET K 254 52.35 -11.62 -51.16
CA MET K 254 51.28 -10.69 -50.85
C MET K 254 50.85 -9.92 -52.09
N ASP K 255 51.81 -9.44 -52.87
CA ASP K 255 51.47 -8.72 -54.09
C ASP K 255 50.74 -9.63 -55.09
N ARG K 256 51.22 -10.86 -55.24
CA ARG K 256 50.59 -11.78 -56.18
C ARG K 256 49.19 -12.14 -55.75
N VAL K 257 48.89 -12.11 -54.44
CA VAL K 257 47.54 -12.41 -53.97
C VAL K 257 46.53 -11.49 -54.64
N LEU K 258 46.67 -10.18 -54.43
CA LEU K 258 45.69 -9.27 -55.01
C LEU K 258 45.84 -9.16 -56.52
N ARG K 259 47.05 -9.33 -57.05
CA ARG K 259 47.19 -9.33 -58.51
C ARG K 259 46.37 -10.46 -59.13
N GLU K 260 46.46 -11.66 -58.58
CA GLU K 260 45.73 -12.79 -59.12
C GLU K 260 44.24 -12.71 -58.83
N GLU K 261 43.85 -12.13 -57.70
CA GLU K 261 42.43 -11.88 -57.46
C GLU K 261 41.86 -10.95 -58.51
N ARG K 262 42.58 -9.87 -58.82
CA ARG K 262 42.15 -8.96 -59.87
C ARG K 262 42.08 -9.68 -61.22
N ALA K 263 43.08 -10.50 -61.51
CA ALA K 263 43.07 -11.24 -62.78
C ALA K 263 41.88 -12.19 -62.86
N TYR K 264 41.55 -12.85 -61.76
CA TYR K 264 40.41 -13.77 -61.74
C TYR K 264 39.09 -13.03 -61.97
N ILE K 265 38.91 -11.89 -61.30
CA ILE K 265 37.70 -11.10 -61.50
C ILE K 265 37.61 -10.62 -62.94
N LEU K 266 38.73 -10.14 -63.50
CA LEU K 266 38.74 -9.68 -64.88
C LEU K 266 38.42 -10.81 -65.83
N ASN K 267 38.95 -12.01 -65.57
CA ASN K 267 38.63 -13.16 -66.41
C ASN K 267 37.15 -13.48 -66.37
N LEU K 268 36.55 -13.46 -65.18
CA LEU K 268 35.11 -13.71 -65.09
C LEU K 268 34.32 -12.69 -65.88
N VAL K 269 34.65 -11.41 -65.74
CA VAL K 269 33.90 -10.36 -66.41
C VAL K 269 34.08 -10.46 -67.92
N LYS K 270 35.30 -10.78 -68.37
CA LYS K 270 35.56 -10.91 -69.80
C LYS K 270 34.79 -12.10 -70.39
N GLN K 271 34.74 -13.22 -69.66
CA GLN K 271 33.97 -14.37 -70.11
C GLN K 271 32.50 -14.03 -70.21
N ILE K 272 31.98 -13.27 -69.24
CA ILE K 272 30.59 -12.84 -69.31
C ILE K 272 30.36 -11.96 -70.53
N LYS K 273 31.27 -11.01 -70.76
CA LYS K 273 31.07 -10.05 -71.85
C LYS K 273 31.20 -10.69 -73.23
N LYS K 274 32.06 -11.70 -73.37
CA LYS K 274 32.30 -12.29 -74.69
C LYS K 274 31.02 -12.88 -75.29
N THR K 275 30.08 -13.29 -74.45
CA THR K 275 28.83 -13.85 -74.95
C THR K 275 27.92 -12.81 -75.58
N GLY K 276 28.25 -11.53 -75.46
CA GLY K 276 27.39 -10.48 -75.97
C GLY K 276 26.36 -9.97 -75.00
N CYS K 277 26.33 -10.49 -73.77
CA CYS K 277 25.39 -10.02 -72.77
C CYS K 277 25.65 -8.57 -72.43
N ASN K 278 24.58 -7.82 -72.16
CA ASN K 278 24.70 -6.44 -71.73
C ASN K 278 23.84 -6.10 -70.52
N VAL K 279 22.91 -6.97 -70.12
CA VAL K 279 22.14 -6.80 -68.90
C VAL K 279 22.35 -8.05 -68.06
N LEU K 280 22.81 -7.87 -66.83
CA LEU K 280 23.14 -8.98 -65.95
C LEU K 280 22.27 -8.91 -64.70
N LEU K 281 21.62 -10.03 -64.38
CA LEU K 281 20.85 -10.17 -63.14
C LEU K 281 21.55 -11.19 -62.25
N ILE K 282 21.86 -10.79 -61.02
CA ILE K 282 22.63 -11.60 -60.09
C ILE K 282 21.72 -12.01 -58.95
N GLN K 283 21.60 -13.32 -58.73
CA GLN K 283 20.80 -13.82 -57.63
C GLN K 283 21.42 -13.43 -56.30
N LYS K 284 20.56 -13.19 -55.31
CA LYS K 284 21.04 -12.78 -54.01
C LYS K 284 21.85 -13.89 -53.35
N SER K 285 22.99 -13.51 -52.78
CA SER K 285 23.85 -14.42 -52.03
C SER K 285 24.07 -13.85 -50.64
N ILE K 286 23.88 -14.69 -49.63
CA ILE K 286 24.03 -14.25 -48.25
C ILE K 286 25.32 -14.71 -47.60
N LEU K 287 25.98 -15.75 -48.13
CA LEU K 287 27.23 -16.23 -47.58
C LEU K 287 28.42 -15.52 -48.21
N ARG K 288 28.56 -15.61 -49.53
CA ARG K 288 29.64 -14.98 -50.25
C ARG K 288 29.15 -13.71 -50.91
N ASP K 289 30.04 -12.72 -51.01
CA ASP K 289 29.72 -11.45 -51.64
C ASP K 289 29.33 -11.68 -53.10
N ALA K 290 28.05 -11.41 -53.43
CA ALA K 290 27.56 -11.69 -54.78
C ALA K 290 28.23 -10.80 -55.81
N LEU K 291 28.41 -9.52 -55.49
CA LEU K 291 28.98 -8.56 -56.44
C LEU K 291 29.98 -7.69 -55.71
N SER K 292 31.27 -7.90 -55.99
CA SER K 292 32.31 -7.10 -55.37
C SER K 292 32.45 -5.76 -56.09
N ASP K 293 33.12 -4.82 -55.42
CA ASP K 293 33.34 -3.51 -56.01
C ASP K 293 34.18 -3.60 -57.27
N LEU K 294 35.21 -4.44 -57.26
CA LEU K 294 36.05 -4.62 -58.44
C LEU K 294 35.25 -5.19 -59.60
N ALA K 295 34.40 -6.19 -59.32
CA ALA K 295 33.59 -6.78 -60.38
C ALA K 295 32.60 -5.76 -60.96
N LEU K 296 31.99 -4.95 -60.09
CA LEU K 296 31.07 -3.92 -60.57
C LEU K 296 31.81 -2.89 -61.42
N HIS K 297 33.02 -2.50 -61.00
CA HIS K 297 33.81 -1.56 -61.78
C HIS K 297 34.15 -2.12 -63.16
N PHE K 298 34.55 -3.40 -63.20
CA PHE K 298 34.87 -4.01 -64.48
C PHE K 298 33.64 -4.09 -65.38
N LEU K 299 32.49 -4.47 -64.82
CA LEU K 299 31.26 -4.56 -65.60
C LEU K 299 30.84 -3.19 -66.13
N ASN K 300 30.98 -2.16 -65.30
CA ASN K 300 30.69 -0.80 -65.74
C ASN K 300 31.60 -0.38 -66.88
N LYS K 301 32.89 -0.71 -66.78
CA LYS K 301 33.83 -0.37 -67.85
C LYS K 301 33.52 -1.13 -69.14
N MET K 302 32.78 -2.23 -69.06
CA MET K 302 32.38 -2.99 -70.23
C MET K 302 31.01 -2.60 -70.75
N LYS K 303 30.37 -1.59 -70.15
CA LYS K 303 29.05 -1.12 -70.55
C LYS K 303 28.01 -2.24 -70.44
N ILE K 304 27.90 -2.80 -69.24
CA ILE K 304 26.95 -3.85 -68.93
C ILE K 304 26.14 -3.40 -67.71
N MET K 305 24.82 -3.30 -67.88
CA MET K 305 23.95 -2.90 -66.79
C MET K 305 23.76 -4.07 -65.82
N VAL K 306 23.98 -3.82 -64.55
CA VAL K 306 24.04 -4.86 -63.53
C VAL K 306 22.92 -4.64 -62.53
N ILE K 307 22.16 -5.69 -62.25
CA ILE K 307 21.14 -5.70 -61.20
C ILE K 307 21.40 -6.89 -60.31
N LYS K 308 21.48 -6.65 -59.00
CA LYS K 308 21.81 -7.69 -58.05
C LYS K 308 20.68 -7.85 -57.03
N ASP K 309 20.90 -8.76 -56.07
CA ASP K 309 19.91 -9.07 -55.04
C ASP K 309 18.58 -9.52 -55.63
N ILE K 310 18.65 -10.35 -56.67
CA ILE K 310 17.45 -10.99 -57.20
C ILE K 310 17.07 -12.14 -56.30
N GLU K 311 15.82 -12.15 -55.85
CA GLU K 311 15.39 -13.13 -54.87
C GLU K 311 15.34 -14.53 -55.48
N ARG K 312 15.60 -15.53 -54.63
CA ARG K 312 15.65 -16.91 -55.11
C ARG K 312 14.30 -17.38 -55.61
N GLU K 313 13.22 -17.00 -54.92
CA GLU K 313 11.88 -17.44 -55.31
C GLU K 313 11.39 -16.75 -56.58
N ASP K 314 12.08 -15.72 -57.05
CA ASP K 314 11.69 -15.01 -58.26
C ASP K 314 12.37 -15.55 -59.51
N ILE K 315 13.25 -16.55 -59.37
CA ILE K 315 13.99 -17.06 -60.51
C ILE K 315 13.07 -17.68 -61.55
N GLU K 316 12.09 -18.47 -61.09
CA GLU K 316 11.19 -19.15 -62.02
C GLU K 316 10.38 -18.16 -62.83
N PHE K 317 9.84 -17.13 -62.19
CA PHE K 317 9.04 -16.14 -62.89
C PHE K 317 9.87 -15.38 -63.91
N ILE K 318 11.08 -14.98 -63.53
CA ILE K 318 11.95 -14.24 -64.45
C ILE K 318 12.31 -15.11 -65.65
N CYS K 319 12.67 -16.37 -65.39
CA CYS K 319 13.05 -17.27 -66.48
C CYS K 319 11.88 -17.53 -67.42
N LYS K 320 10.67 -17.69 -66.86
CA LYS K 320 9.51 -17.90 -67.71
C LYS K 320 9.19 -16.67 -68.54
N THR K 321 9.31 -15.48 -67.94
CA THR K 321 8.94 -14.26 -68.64
C THR K 321 9.93 -13.93 -69.74
N ILE K 322 11.23 -13.98 -69.44
CA ILE K 322 12.24 -13.54 -70.39
C ILE K 322 12.65 -14.67 -71.33
N GLY K 323 12.74 -15.89 -70.81
CA GLY K 323 13.36 -16.98 -71.53
C GLY K 323 14.79 -17.23 -71.14
N THR K 324 15.29 -16.54 -70.12
CA THR K 324 16.65 -16.75 -69.65
C THR K 324 16.75 -18.06 -68.90
N LYS K 325 17.87 -18.76 -69.11
CA LYS K 325 18.15 -19.99 -68.38
C LYS K 325 19.23 -19.72 -67.35
N PRO K 326 19.00 -20.06 -66.08
CA PRO K 326 19.96 -19.70 -65.04
C PRO K 326 21.31 -20.35 -65.26
N VAL K 327 22.36 -19.64 -64.89
CA VAL K 327 23.74 -20.13 -64.99
C VAL K 327 24.33 -20.15 -63.58
N ALA K 328 24.80 -21.32 -63.16
CA ALA K 328 25.36 -21.48 -61.83
C ALA K 328 26.88 -21.55 -61.81
N HIS K 329 27.52 -21.84 -62.95
CA HIS K 329 28.96 -21.84 -63.04
C HIS K 329 29.38 -21.14 -64.32
N ILE K 330 30.51 -20.43 -64.27
CA ILE K 330 30.94 -19.62 -65.40
C ILE K 330 31.29 -20.47 -66.61
N ASP K 331 31.56 -21.77 -66.42
CA ASP K 331 31.94 -22.62 -67.53
C ASP K 331 30.80 -22.74 -68.55
N GLN K 332 29.56 -22.83 -68.07
CA GLN K 332 28.41 -23.07 -68.93
C GLN K 332 27.70 -21.78 -69.34
N PHE K 333 28.24 -20.62 -69.00
CA PHE K 333 27.65 -19.35 -69.39
C PHE K 333 27.92 -19.11 -70.87
N THR K 334 26.90 -19.36 -71.71
CA THR K 334 27.04 -19.22 -73.15
C THR K 334 25.94 -18.32 -73.69
N ALA K 335 26.06 -17.97 -74.98
CA ALA K 335 25.13 -17.04 -75.60
C ALA K 335 23.72 -17.61 -75.66
N ASP K 336 23.59 -18.91 -75.93
CA ASP K 336 22.28 -19.52 -76.09
C ASP K 336 21.50 -19.62 -74.78
N MET K 337 22.13 -19.31 -73.65
CA MET K 337 21.45 -19.28 -72.37
C MET K 337 20.98 -17.88 -71.98
N LEU K 338 21.07 -16.93 -72.90
CA LEU K 338 20.65 -15.56 -72.66
C LEU K 338 19.22 -15.34 -73.13
N GLY K 339 18.60 -14.27 -72.63
CA GLY K 339 17.27 -13.90 -73.03
C GLY K 339 17.23 -12.56 -73.74
N SER K 340 16.82 -12.57 -75.01
CA SER K 340 16.81 -11.35 -75.80
C SER K 340 15.55 -10.53 -75.53
N ALA K 341 15.75 -9.23 -75.36
CA ALA K 341 14.65 -8.31 -75.11
C ALA K 341 14.85 -7.04 -75.94
N GLU K 342 13.74 -6.39 -76.28
CA GLU K 342 13.82 -5.18 -77.11
C GLU K 342 14.28 -3.98 -76.30
N LEU K 343 13.88 -3.90 -75.04
CA LEU K 343 14.21 -2.74 -74.21
C LEU K 343 14.26 -3.15 -72.75
N ALA K 344 15.16 -2.52 -72.00
CA ALA K 344 15.26 -2.75 -70.56
C ALA K 344 15.71 -1.43 -69.94
N GLU K 345 14.74 -0.68 -69.40
CA GLU K 345 14.99 0.65 -68.89
C GLU K 345 14.48 0.78 -67.47
N GLU K 346 15.06 1.74 -66.75
CA GLU K 346 14.65 2.07 -65.39
C GLU K 346 13.88 3.39 -65.45
N VAL K 347 12.58 3.33 -65.20
CA VAL K 347 11.71 4.49 -65.31
C VAL K 347 11.49 5.09 -63.94
N ASN K 348 11.28 6.40 -63.89
CA ASN K 348 11.00 7.12 -62.67
C ASN K 348 9.50 7.41 -62.58
N LEU K 349 8.92 7.13 -61.41
CA LEU K 349 7.48 7.32 -61.21
C LEU K 349 7.20 8.70 -60.60
N ASN K 350 7.66 9.72 -61.30
CA ASN K 350 7.46 11.12 -60.91
C ASN K 350 7.93 11.37 -59.48
N GLY K 351 9.12 10.86 -59.18
CA GLY K 351 9.72 11.07 -57.87
C GLY K 351 9.21 10.19 -56.77
N SER K 352 8.29 9.26 -57.06
CA SER K 352 7.78 8.34 -56.06
C SER K 352 8.52 7.02 -56.03
N GLY K 353 9.53 6.84 -56.87
CA GLY K 353 10.30 5.61 -56.87
C GLY K 353 10.83 5.32 -58.27
N LYS K 354 11.51 4.18 -58.36
CA LYS K 354 12.09 3.72 -59.62
C LYS K 354 11.68 2.27 -59.87
N LEU K 355 11.35 1.95 -61.11
CA LEU K 355 11.00 0.61 -61.51
C LEU K 355 11.84 0.20 -62.71
N LEU K 356 12.33 -1.04 -62.67
CA LEU K 356 13.09 -1.60 -63.78
C LEU K 356 12.13 -2.37 -64.68
N LYS K 357 11.90 -1.85 -65.88
CA LYS K 357 10.94 -2.42 -66.82
C LYS K 357 11.68 -3.02 -68.00
N ILE K 358 11.39 -4.29 -68.30
CA ILE K 358 11.94 -4.96 -69.46
C ILE K 358 10.74 -5.32 -70.34
N THR K 359 10.44 -4.43 -71.29
CA THR K 359 9.25 -4.58 -72.13
C THR K 359 9.67 -5.04 -73.52
N GLY K 360 9.00 -6.07 -74.02
CA GLY K 360 9.34 -6.64 -75.30
C GLY K 360 10.35 -7.75 -75.16
N CYS K 361 9.98 -8.97 -75.52
CA CYS K 361 10.86 -10.12 -75.35
C CYS K 361 10.70 -11.06 -76.54
N ALA K 362 11.82 -11.54 -77.06
CA ALA K 362 11.78 -12.58 -78.07
C ALA K 362 11.23 -13.86 -77.45
N SER K 363 10.25 -14.46 -78.13
CA SER K 363 9.51 -15.61 -77.59
C SER K 363 8.98 -15.27 -76.20
N PRO K 364 8.01 -14.36 -76.10
CA PRO K 364 7.52 -13.98 -74.77
C PRO K 364 6.87 -15.14 -74.04
N GLY K 365 7.10 -15.19 -72.74
CA GLY K 365 6.52 -16.24 -71.91
C GLY K 365 5.07 -15.97 -71.59
N LYS K 366 4.46 -16.95 -70.93
CA LYS K 366 3.04 -16.86 -70.56
C LYS K 366 2.89 -16.28 -69.16
N THR K 367 3.41 -15.06 -69.00
CA THR K 367 3.29 -14.31 -67.76
C THR K 367 3.08 -12.84 -68.08
N VAL K 368 2.35 -12.16 -67.18
CA VAL K 368 2.13 -10.73 -67.29
C VAL K 368 2.30 -10.10 -65.91
N THR K 369 2.53 -8.80 -65.91
CA THR K 369 2.70 -8.04 -64.67
C THR K 369 1.76 -6.84 -64.69
N ILE K 370 1.12 -6.59 -63.56
CA ILE K 370 0.18 -5.48 -63.41
C ILE K 370 0.73 -4.54 -62.34
N VAL K 371 0.82 -3.26 -62.68
CA VAL K 371 1.31 -2.24 -61.77
C VAL K 371 0.13 -1.38 -61.36
N VAL K 372 -0.13 -1.29 -60.06
CA VAL K 372 -1.26 -0.54 -59.52
C VAL K 372 -0.73 0.71 -58.82
N ARG K 373 -1.34 1.84 -59.13
CA ARG K 373 -0.95 3.14 -58.57
C ARG K 373 -2.12 3.75 -57.83
N GLY K 374 -1.81 4.49 -56.76
CA GLY K 374 -2.83 5.16 -55.99
C GLY K 374 -2.23 6.23 -55.11
N SER K 375 -3.11 7.06 -54.55
CA SER K 375 -2.66 8.17 -53.71
C SER K 375 -2.40 7.75 -52.27
N ASN K 376 -2.81 6.56 -51.86
CA ASN K 376 -2.55 6.09 -50.51
C ASN K 376 -2.47 4.57 -50.52
N LYS K 377 -1.88 4.02 -49.46
CA LYS K 377 -1.67 2.58 -49.42
C LYS K 377 -2.99 1.82 -49.33
N LEU K 378 -3.97 2.37 -48.61
CA LEU K 378 -5.23 1.65 -48.40
C LEU K 378 -5.96 1.46 -49.73
N VAL K 379 -6.07 2.52 -50.53
CA VAL K 379 -6.75 2.39 -51.81
C VAL K 379 -5.96 1.51 -52.76
N ILE K 380 -4.63 1.51 -52.66
CA ILE K 380 -3.82 0.62 -53.49
C ILE K 380 -4.09 -0.84 -53.14
N GLU K 381 -4.13 -1.16 -51.85
CA GLU K 381 -4.41 -2.52 -51.43
C GLU K 381 -5.80 -2.95 -51.87
N GLU K 382 -6.78 -2.05 -51.74
CA GLU K 382 -8.13 -2.41 -52.17
C GLU K 382 -8.22 -2.57 -53.67
N ALA K 383 -7.48 -1.76 -54.44
CA ALA K 383 -7.43 -1.94 -55.88
C ALA K 383 -6.83 -3.29 -56.24
N GLU K 384 -5.77 -3.68 -55.52
CA GLU K 384 -5.16 -4.99 -55.75
C GLU K 384 -6.14 -6.11 -55.46
N ARG K 385 -6.88 -6.00 -54.35
CA ARG K 385 -7.87 -7.03 -54.02
C ARG K 385 -8.98 -7.09 -55.06
N SER K 386 -9.44 -5.94 -55.53
CA SER K 386 -10.51 -5.93 -56.53
C SER K 386 -10.03 -6.52 -57.86
N ILE K 387 -8.81 -6.19 -58.27
CA ILE K 387 -8.25 -6.77 -59.48
C ILE K 387 -8.10 -8.27 -59.32
N HIS K 388 -7.70 -8.72 -58.14
CA HIS K 388 -7.63 -10.15 -57.89
C HIS K 388 -9.00 -10.79 -58.00
N ASP K 389 -10.05 -10.12 -57.52
CA ASP K 389 -11.40 -10.65 -57.65
C ASP K 389 -11.80 -10.77 -59.12
N ALA K 390 -11.47 -9.75 -59.92
CA ALA K 390 -11.79 -9.82 -61.35
C ALA K 390 -11.05 -10.97 -62.03
N LEU K 391 -9.76 -11.14 -61.71
CA LEU K 391 -8.99 -12.23 -62.29
C LEU K 391 -9.56 -13.57 -61.87
N CYS K 392 -9.97 -13.69 -60.60
CA CYS K 392 -10.57 -14.93 -60.12
C CYS K 392 -11.88 -15.22 -60.82
N VAL K 393 -12.67 -14.18 -61.08
CA VAL K 393 -13.93 -14.35 -61.81
C VAL K 393 -13.65 -14.90 -63.20
N ILE K 394 -12.69 -14.31 -63.91
CA ILE K 394 -12.38 -14.80 -65.25
C ILE K 394 -11.82 -16.22 -65.18
N ARG K 395 -11.02 -16.52 -64.16
CA ARG K 395 -10.46 -17.85 -64.00
C ARG K 395 -11.54 -18.89 -63.79
N CYS K 396 -12.46 -18.63 -62.86
CA CYS K 396 -13.57 -19.56 -62.64
C CYS K 396 -14.56 -19.54 -63.79
N LEU K 397 -14.47 -18.58 -64.70
CA LEU K 397 -15.18 -18.68 -65.96
C LEU K 397 -14.46 -19.59 -66.95
N VAL K 398 -13.13 -19.70 -66.85
CA VAL K 398 -12.38 -20.57 -67.75
C VAL K 398 -12.79 -22.03 -67.53
N LYS K 399 -12.88 -22.45 -66.28
CA LYS K 399 -13.37 -23.79 -65.95
C LYS K 399 -14.85 -23.73 -65.67
N LYS K 400 -15.59 -24.73 -66.17
CA LYS K 400 -17.05 -24.74 -66.11
C LYS K 400 -17.61 -23.49 -66.81
N ARG K 401 -17.37 -23.43 -68.11
CA ARG K 401 -17.75 -22.29 -68.92
C ARG K 401 -19.26 -22.17 -69.01
N ALA K 402 -19.88 -21.56 -68.02
CA ALA K 402 -21.32 -21.32 -68.00
C ALA K 402 -21.57 -19.99 -67.32
N LEU K 403 -22.57 -19.26 -67.81
CA LEU K 403 -22.86 -17.91 -67.35
C LEU K 403 -24.32 -17.80 -66.95
N ILE K 404 -24.57 -17.08 -65.85
CA ILE K 404 -25.92 -16.82 -65.38
C ILE K 404 -26.07 -15.33 -65.09
N ALA K 405 -27.32 -14.90 -65.03
CA ALA K 405 -27.61 -13.52 -64.68
C ALA K 405 -27.32 -13.26 -63.21
N GLY K 406 -27.08 -12.01 -62.87
CA GLY K 406 -26.80 -11.58 -61.51
C GLY K 406 -27.99 -10.91 -60.88
N GLY K 407 -27.73 -9.82 -60.17
CA GLY K 407 -28.80 -8.96 -59.67
C GLY K 407 -29.81 -9.66 -58.78
N GLY K 408 -29.42 -10.75 -58.14
CA GLY K 408 -30.33 -11.50 -57.30
C GLY K 408 -31.27 -12.41 -58.04
N ALA K 409 -31.18 -12.48 -59.37
CA ALA K 409 -32.07 -13.35 -60.13
C ALA K 409 -31.90 -14.82 -59.79
N PRO K 410 -30.69 -15.39 -59.74
CA PRO K 410 -30.58 -16.81 -59.35
C PRO K 410 -31.13 -17.09 -57.96
N GLU K 411 -30.93 -16.17 -57.01
CA GLU K 411 -31.40 -16.42 -55.66
C GLU K 411 -32.92 -16.42 -55.58
N ILE K 412 -33.57 -15.44 -56.21
CA ILE K 412 -35.03 -15.39 -56.16
C ILE K 412 -35.64 -16.54 -56.94
N GLU K 413 -35.03 -16.92 -58.07
CA GLU K 413 -35.52 -18.07 -58.79
C GLU K 413 -35.36 -19.34 -57.97
N LEU K 414 -34.25 -19.47 -57.24
CA LEU K 414 -34.07 -20.61 -56.35
C LEU K 414 -35.14 -20.63 -55.27
N ALA K 415 -35.44 -19.47 -54.68
CA ALA K 415 -36.47 -19.42 -53.65
C ALA K 415 -37.82 -19.86 -54.19
N LEU K 416 -38.20 -19.33 -55.36
CA LEU K 416 -39.50 -19.67 -55.93
C LEU K 416 -39.58 -21.15 -56.30
N ARG K 417 -38.57 -21.65 -57.01
CA ARG K 417 -38.59 -23.04 -57.46
C ARG K 417 -38.52 -24.00 -56.27
N LEU K 418 -37.76 -23.65 -55.24
CA LEU K 418 -37.67 -24.53 -54.08
C LEU K 418 -38.94 -24.49 -53.25
N THR K 419 -39.64 -23.36 -53.22
CA THR K 419 -40.97 -23.35 -52.60
C THR K 419 -41.92 -24.27 -53.35
N GLU K 420 -41.92 -24.18 -54.69
CA GLU K 420 -42.78 -25.05 -55.49
C GLU K 420 -42.39 -26.51 -55.32
N TYR K 421 -41.11 -26.79 -55.11
CA TYR K 421 -40.66 -28.15 -54.89
C TYR K 421 -41.07 -28.67 -53.52
N SER K 422 -40.95 -27.81 -52.50
CA SER K 422 -41.36 -28.19 -51.15
C SER K 422 -42.86 -28.43 -51.06
N ARG K 423 -43.64 -27.75 -51.90
CA ARG K 423 -45.07 -28.02 -51.93
C ARG K 423 -45.38 -29.44 -52.37
N THR K 424 -44.44 -30.11 -53.05
CA THR K 424 -44.63 -31.47 -53.51
C THR K 424 -44.14 -32.51 -52.51
N LEU K 425 -43.56 -32.08 -51.40
CA LEU K 425 -43.08 -32.99 -50.37
C LEU K 425 -44.06 -33.04 -49.20
N SER K 426 -43.78 -33.93 -48.26
CA SER K 426 -44.65 -34.15 -47.11
C SER K 426 -43.81 -34.33 -45.85
N GLY K 427 -44.44 -34.06 -44.71
CA GLY K 427 -43.77 -34.21 -43.45
C GLY K 427 -42.93 -32.99 -43.08
N MET K 428 -42.03 -33.21 -42.11
CA MET K 428 -41.18 -32.13 -41.64
C MET K 428 -40.19 -31.69 -42.72
N GLU K 429 -39.84 -32.59 -43.65
CA GLU K 429 -38.88 -32.22 -44.69
C GLU K 429 -39.44 -31.15 -45.61
N SER K 430 -40.75 -31.13 -45.82
CA SER K 430 -41.35 -30.03 -46.60
C SER K 430 -41.15 -28.70 -45.90
N TYR K 431 -41.36 -28.67 -44.58
CA TYR K 431 -41.12 -27.44 -43.82
C TYR K 431 -39.66 -27.02 -43.90
N CYS K 432 -38.75 -27.99 -43.80
CA CYS K 432 -37.32 -27.66 -43.86
C CYS K 432 -36.94 -27.12 -45.24
N VAL K 433 -37.48 -27.69 -46.31
CA VAL K 433 -37.16 -27.19 -47.65
C VAL K 433 -37.77 -25.81 -47.86
N ARG K 434 -38.97 -25.57 -47.32
CA ARG K 434 -39.55 -24.24 -47.41
C ARG K 434 -38.71 -23.22 -46.66
N ALA K 435 -38.20 -23.59 -45.48
CA ALA K 435 -37.29 -22.71 -44.76
C ALA K 435 -36.01 -22.46 -45.55
N PHE K 436 -35.51 -23.48 -46.23
CA PHE K 436 -34.34 -23.32 -47.09
C PHE K 436 -34.61 -22.30 -48.19
N ALA K 437 -35.79 -22.40 -48.82
CA ALA K 437 -36.14 -21.44 -49.87
C ALA K 437 -36.25 -20.03 -49.31
N ASP K 438 -36.89 -19.88 -48.15
CA ASP K 438 -37.02 -18.56 -47.54
C ASP K 438 -35.66 -17.98 -47.21
N ALA K 439 -34.73 -18.81 -46.73
CA ALA K 439 -33.37 -18.34 -46.48
C ALA K 439 -32.67 -17.94 -47.78
N MET K 440 -32.88 -18.71 -48.85
CA MET K 440 -32.31 -18.34 -50.14
C MET K 440 -32.85 -17.00 -50.61
N GLU K 441 -34.06 -16.65 -50.21
CA GLU K 441 -34.67 -15.38 -50.60
C GLU K 441 -33.97 -14.13 -49.94
N VAL K 442 -32.89 -14.28 -49.16
CA VAL K 442 -32.34 -13.16 -48.42
C VAL K 442 -31.44 -12.26 -49.27
N ILE K 443 -30.73 -12.81 -50.24
CA ILE K 443 -29.83 -11.99 -51.07
C ILE K 443 -30.58 -10.90 -51.83
N PRO K 444 -31.70 -11.19 -52.51
CA PRO K 444 -32.47 -10.08 -53.11
C PRO K 444 -32.94 -9.07 -52.11
N SER K 445 -33.29 -9.49 -50.89
CA SER K 445 -33.69 -8.53 -49.86
C SER K 445 -32.54 -7.61 -49.49
N THR K 446 -31.33 -8.16 -49.33
CA THR K 446 -30.17 -7.35 -49.02
C THR K 446 -29.84 -6.39 -50.16
N LEU K 447 -29.95 -6.87 -51.41
CA LEU K 447 -29.74 -6.00 -52.54
C LEU K 447 -30.78 -4.89 -52.60
N ALA K 448 -32.00 -5.17 -52.13
CA ALA K 448 -33.01 -4.13 -52.02
C ALA K 448 -32.62 -3.11 -50.96
N GLU K 449 -32.08 -3.57 -49.84
CA GLU K 449 -31.37 -2.67 -48.94
C GLU K 449 -30.12 -2.14 -49.63
N ASN K 450 -29.46 -1.22 -48.94
CA ASN K 450 -28.19 -0.59 -49.35
C ASN K 450 -28.37 0.30 -50.57
N ALA K 451 -29.56 0.32 -51.17
CA ALA K 451 -29.80 1.10 -52.39
C ALA K 451 -30.99 2.04 -52.24
N GLY K 452 -31.59 2.11 -51.07
CA GLY K 452 -32.74 2.96 -50.85
C GLY K 452 -34.06 2.41 -51.34
N LEU K 453 -34.06 1.20 -51.88
CA LEU K 453 -35.29 0.61 -52.39
C LEU K 453 -36.10 -0.01 -51.24
N ASN K 454 -37.40 -0.11 -51.45
CA ASN K 454 -38.27 -0.76 -50.48
C ASN K 454 -38.08 -2.27 -50.60
N PRO K 455 -37.60 -2.95 -49.56
CA PRO K 455 -37.24 -4.37 -49.69
C PRO K 455 -38.41 -5.30 -49.96
N ILE K 456 -39.48 -5.15 -49.17
CA ILE K 456 -40.61 -6.08 -49.30
C ILE K 456 -41.24 -5.97 -50.68
N SER K 457 -41.52 -4.74 -51.12
CA SER K 457 -42.13 -4.55 -52.43
C SER K 457 -41.21 -5.01 -53.55
N THR K 458 -39.92 -4.70 -53.45
CA THR K 458 -38.97 -5.12 -54.48
C THR K 458 -38.89 -6.64 -54.59
N VAL K 459 -38.80 -7.32 -53.45
CA VAL K 459 -38.68 -8.77 -53.48
C VAL K 459 -39.97 -9.41 -53.98
N THR K 460 -41.12 -8.88 -53.56
CA THR K 460 -42.39 -9.43 -54.06
C THR K 460 -42.53 -9.21 -55.56
N GLU K 461 -42.12 -8.04 -56.05
CA GLU K 461 -42.17 -7.79 -57.49
C GLU K 461 -41.25 -8.75 -58.24
N LEU K 462 -40.04 -8.97 -57.72
CA LEU K 462 -39.15 -9.93 -58.35
C LEU K 462 -39.75 -11.32 -58.38
N ARG K 463 -40.35 -11.75 -57.27
CA ARG K 463 -40.94 -13.08 -57.21
C ARG K 463 -42.09 -13.21 -58.20
N ASN K 464 -42.93 -12.18 -58.30
CA ASN K 464 -44.04 -12.21 -59.25
C ASN K 464 -43.53 -12.25 -60.69
N ARG K 465 -42.51 -11.44 -61.00
CA ARG K 465 -41.97 -11.43 -62.35
C ARG K 465 -41.37 -12.78 -62.71
N HIS K 466 -40.67 -13.41 -61.77
CA HIS K 466 -40.11 -14.73 -62.02
C HIS K 466 -41.22 -15.77 -62.19
N ALA K 467 -42.29 -15.65 -61.40
CA ALA K 467 -43.42 -16.55 -61.56
C ALA K 467 -44.06 -16.41 -62.93
N GLN K 468 -44.10 -15.18 -63.45
CA GLN K 468 -44.60 -14.98 -64.80
C GLN K 468 -43.74 -15.70 -65.83
N GLY K 469 -42.43 -15.70 -65.64
CA GLY K 469 -41.54 -16.38 -66.55
C GLY K 469 -40.24 -15.65 -66.83
N GLU K 470 -40.07 -14.48 -66.23
CA GLU K 470 -38.86 -13.67 -66.44
C GLU K 470 -37.72 -14.28 -65.65
N LYS K 471 -37.03 -15.24 -66.26
CA LYS K 471 -35.92 -15.90 -65.61
C LYS K 471 -34.73 -14.98 -65.40
N THR K 472 -34.65 -13.87 -66.14
CA THR K 472 -33.54 -12.94 -66.05
C THR K 472 -33.91 -11.66 -65.30
N ALA K 473 -35.07 -11.62 -64.66
CA ALA K 473 -35.46 -10.44 -63.92
C ALA K 473 -34.61 -10.30 -62.66
N GLY K 474 -34.09 -9.09 -62.42
CA GLY K 474 -33.25 -8.84 -61.28
C GLY K 474 -33.38 -7.40 -60.84
N ILE K 475 -32.63 -7.06 -59.79
CA ILE K 475 -32.70 -5.72 -59.22
C ILE K 475 -31.84 -4.78 -60.06
N ASN K 476 -32.43 -3.66 -60.47
CA ASN K 476 -31.75 -2.66 -61.29
C ASN K 476 -31.48 -1.43 -60.43
N VAL K 477 -30.25 -1.32 -59.93
CA VAL K 477 -29.90 -0.18 -59.09
C VAL K 477 -29.87 1.11 -59.92
N ARG K 478 -29.50 1.02 -61.20
CA ARG K 478 -29.48 2.21 -62.05
C ARG K 478 -30.88 2.78 -62.21
N LYS K 479 -31.87 1.93 -62.46
CA LYS K 479 -33.25 2.39 -62.63
C LYS K 479 -33.98 2.59 -61.30
N GLY K 480 -33.45 2.06 -60.21
CA GLY K 480 -34.12 2.15 -58.93
C GLY K 480 -35.31 1.23 -58.78
N GLY K 481 -35.50 0.28 -59.67
CA GLY K 481 -36.63 -0.64 -59.61
C GLY K 481 -36.24 -2.01 -60.09
N ILE K 482 -37.16 -2.67 -60.78
CA ILE K 482 -36.98 -4.03 -61.28
C ILE K 482 -37.07 -4.00 -62.79
N SER K 483 -36.10 -4.62 -63.46
CA SER K 483 -36.10 -4.75 -64.90
C SER K 483 -35.18 -5.88 -65.29
N ASN K 484 -35.20 -6.22 -66.57
CA ASN K 484 -34.24 -7.20 -67.08
C ASN K 484 -32.83 -6.67 -66.89
N ILE K 485 -31.94 -7.54 -66.42
CA ILE K 485 -30.57 -7.14 -66.11
C ILE K 485 -29.57 -7.53 -67.18
N LEU K 486 -29.91 -8.46 -68.07
CA LEU K 486 -29.02 -8.77 -69.17
C LEU K 486 -28.81 -7.56 -70.08
N GLU K 487 -29.83 -6.70 -70.17
CA GLU K 487 -29.66 -5.42 -70.86
C GLU K 487 -28.78 -4.47 -70.07
N GLU K 488 -28.62 -4.69 -68.77
CA GLU K 488 -27.71 -3.92 -67.94
C GLU K 488 -26.32 -4.53 -67.87
N LEU K 489 -26.09 -5.65 -68.58
CA LEU K 489 -24.79 -6.32 -68.62
C LEU K 489 -24.33 -6.70 -67.21
N VAL K 490 -25.22 -7.34 -66.46
CA VAL K 490 -24.89 -7.82 -65.12
C VAL K 490 -24.96 -9.34 -65.11
N VAL K 491 -23.80 -9.98 -65.30
CA VAL K 491 -23.72 -11.43 -65.37
C VAL K 491 -22.59 -11.90 -64.47
N GLN K 492 -22.59 -13.21 -64.20
CA GLN K 492 -21.56 -13.82 -63.36
C GLN K 492 -21.47 -15.29 -63.72
N PRO K 493 -20.32 -15.92 -63.53
CA PRO K 493 -20.19 -17.34 -63.85
C PRO K 493 -21.04 -18.22 -62.96
N LEU K 494 -21.42 -19.38 -63.49
CA LEU K 494 -22.24 -20.33 -62.73
C LEU K 494 -21.48 -20.85 -61.51
N LEU K 495 -20.19 -21.10 -61.66
CA LEU K 495 -19.39 -21.61 -60.55
C LEU K 495 -19.01 -20.47 -59.63
N VAL K 496 -20.01 -19.68 -59.26
CA VAL K 496 -19.91 -18.75 -58.14
C VAL K 496 -21.13 -19.03 -57.28
N SER K 497 -22.32 -18.95 -57.89
CA SER K 497 -23.54 -19.31 -57.20
C SER K 497 -23.55 -20.78 -56.82
N VAL K 498 -23.14 -21.65 -57.74
CA VAL K 498 -23.14 -23.09 -57.44
C VAL K 498 -22.19 -23.39 -56.29
N SER K 499 -20.98 -22.83 -56.37
CA SER K 499 -19.98 -23.06 -55.33
C SER K 499 -20.44 -22.51 -53.99
N ALA K 500 -21.02 -21.30 -53.98
CA ALA K 500 -21.48 -20.71 -52.74
C ALA K 500 -22.59 -21.54 -52.11
N LEU K 501 -23.55 -21.99 -52.93
CA LEU K 501 -24.63 -22.81 -52.40
C LEU K 501 -24.11 -24.11 -51.82
N THR K 502 -23.24 -24.79 -52.56
CA THR K 502 -22.73 -26.08 -52.10
C THR K 502 -21.93 -25.92 -50.80
N LEU K 503 -21.05 -24.92 -50.76
CA LEU K 503 -20.21 -24.73 -49.58
C LEU K 503 -21.04 -24.30 -48.37
N ALA K 504 -22.00 -23.39 -48.57
CA ALA K 504 -22.84 -22.97 -47.45
C ALA K 504 -23.67 -24.12 -46.92
N THR K 505 -24.25 -24.93 -47.81
CA THR K 505 -25.03 -26.07 -47.35
C THR K 505 -24.17 -27.07 -46.60
N GLU K 506 -22.96 -27.33 -47.10
CA GLU K 506 -22.06 -28.25 -46.40
C GLU K 506 -21.70 -27.72 -45.01
N THR K 507 -21.41 -26.42 -44.92
CA THR K 507 -21.08 -25.84 -43.62
C THR K 507 -22.25 -25.92 -42.66
N VAL K 508 -23.46 -25.63 -43.14
CA VAL K 508 -24.64 -25.71 -42.28
C VAL K 508 -24.85 -27.13 -41.80
N ARG K 509 -24.72 -28.11 -42.70
CA ARG K 509 -24.89 -29.50 -42.30
C ARG K 509 -23.84 -29.91 -41.28
N SER K 510 -22.61 -29.44 -41.45
CA SER K 510 -21.56 -29.74 -40.48
C SER K 510 -21.86 -29.12 -39.12
N ILE K 511 -22.37 -27.89 -39.11
CA ILE K 511 -22.66 -27.21 -37.86
C ILE K 511 -23.82 -27.88 -37.14
N LEU K 512 -24.83 -28.32 -37.89
CA LEU K 512 -26.01 -28.93 -37.28
C LEU K 512 -25.65 -30.21 -36.51
N LYS K 513 -24.59 -30.90 -36.91
CA LYS K 513 -24.16 -32.11 -36.22
C LYS K 513 -23.19 -31.78 -35.08
N ILE K 514 -23.59 -30.85 -34.23
CA ILE K 514 -22.80 -30.43 -33.07
C ILE K 514 -23.75 -30.26 -31.90
N ASP K 515 -23.41 -30.83 -30.75
CA ASP K 515 -24.30 -30.78 -29.59
C ASP K 515 -23.58 -30.41 -28.30
N ASP K 516 -22.31 -30.04 -28.35
CA ASP K 516 -21.58 -29.72 -27.12
C ASP K 516 -20.30 -28.97 -27.46
N VAL K 517 -19.86 -28.13 -26.54
CA VAL K 517 -18.60 -27.40 -26.63
C VAL K 517 -17.78 -27.75 -25.40
N VAL K 518 -16.53 -28.17 -25.62
CA VAL K 518 -15.64 -28.56 -24.54
C VAL K 518 -14.42 -27.65 -24.57
N ASN K 519 -14.11 -27.02 -23.45
CA ASN K 519 -12.93 -26.19 -23.32
C ASN K 519 -11.75 -27.05 -22.90
N THR K 520 -10.64 -26.95 -23.62
CA THR K 520 -9.51 -27.84 -23.39
C THR K 520 -8.57 -27.27 -22.33
N ALA L 1 6.02 -26.06 25.68
CA ALA L 1 6.61 -27.36 25.37
C ALA L 1 7.39 -27.31 24.07
N SER L 2 7.33 -26.16 23.39
CA SER L 2 8.01 -25.95 22.13
C SER L 2 8.77 -24.63 22.20
N MET L 3 9.32 -24.22 21.06
CA MET L 3 10.12 -22.99 20.96
C MET L 3 11.31 -23.02 21.91
N GLY L 4 11.84 -24.21 22.17
CA GLY L 4 12.94 -24.33 23.12
C GLY L 4 12.53 -23.86 24.50
N THR L 5 13.40 -23.07 25.12
CA THR L 5 13.14 -22.44 26.40
C THR L 5 13.31 -20.94 26.27
N LEU L 6 12.99 -20.22 27.35
CA LEU L 6 13.12 -18.77 27.36
C LEU L 6 13.34 -18.30 28.78
N ALA L 7 14.47 -17.63 29.01
CA ALA L 7 14.76 -17.10 30.34
C ALA L 7 15.05 -15.61 30.33
N PHE L 8 15.74 -15.12 29.29
N PHE L 8 15.75 -15.12 29.30
CA PHE L 8 16.17 -13.72 29.20
CA PHE L 8 16.14 -13.71 29.22
C PHE L 8 16.92 -13.27 30.45
C PHE L 8 16.93 -13.27 30.44
N ASP L 9 17.61 -14.22 31.09
CA ASP L 9 18.49 -13.97 32.22
C ASP L 9 17.76 -13.47 33.47
N GLU L 10 18.34 -13.72 34.64
CA GLU L 10 17.70 -13.27 35.88
C GLU L 10 17.87 -11.78 36.11
N TYR L 11 18.84 -11.15 35.44
CA TYR L 11 19.06 -9.71 35.57
C TYR L 11 18.46 -8.92 34.42
N GLY L 12 17.67 -9.57 33.57
CA GLY L 12 17.01 -8.90 32.46
C GLY L 12 17.85 -8.70 31.23
N ARG L 13 19.11 -9.10 31.25
CA ARG L 13 19.95 -8.95 30.09
C ARG L 13 19.57 -9.99 29.02
N PRO L 14 19.82 -9.69 27.75
CA PRO L 14 19.46 -10.65 26.69
C PRO L 14 20.15 -11.99 26.88
N PHE L 15 19.42 -13.06 26.56
CA PHE L 15 19.89 -14.43 26.73
C PHE L 15 19.67 -15.17 25.42
N LEU L 16 20.66 -15.06 24.52
CA LEU L 16 20.62 -15.74 23.23
C LEU L 16 21.71 -16.79 23.21
N ILE L 17 21.31 -18.06 23.05
CA ILE L 17 22.23 -19.19 23.08
C ILE L 17 22.32 -19.86 21.72
N ILE L 18 21.19 -20.33 21.19
CA ILE L 18 21.15 -21.03 19.92
C ILE L 18 20.62 -20.08 18.86
N LYS L 19 21.26 -20.09 17.69
CA LYS L 19 20.85 -19.22 16.59
C LYS L 19 19.39 -19.47 16.23
N ASP L 20 18.63 -18.38 16.10
CA ASP L 20 17.21 -18.43 15.75
C ASP L 20 16.43 -19.35 16.69
N GLN L 21 16.75 -19.29 17.98
CA GLN L 21 16.05 -20.12 18.95
C GLN L 21 14.61 -19.67 19.15
N ASP L 22 14.28 -18.42 18.82
CA ASP L 22 12.91 -17.96 18.92
C ASP L 22 11.99 -18.61 17.89
N ARG L 23 12.56 -19.07 16.77
CA ARG L 23 11.78 -19.70 15.70
C ARG L 23 11.89 -21.21 15.69
N LYS L 24 12.87 -21.78 16.39
CA LYS L 24 13.04 -23.22 16.42
C LYS L 24 12.03 -23.86 17.37
N SER L 25 12.08 -25.18 17.46
CA SER L 25 11.15 -25.93 18.30
C SER L 25 11.83 -27.21 18.78
N ARG L 26 11.30 -27.78 19.85
CA ARG L 26 11.86 -29.01 20.39
C ARG L 26 10.79 -29.77 21.15
N LEU L 27 10.91 -31.09 21.13
CA LEU L 27 10.06 -32.00 21.88
C LEU L 27 10.93 -32.90 22.73
N MET L 28 10.54 -33.12 23.98
CA MET L 28 11.36 -33.82 24.94
C MET L 28 10.59 -34.96 25.59
N GLY L 29 11.33 -35.95 26.07
CA GLY L 29 10.80 -36.99 26.92
C GLY L 29 9.76 -37.85 26.23
N LEU L 30 8.79 -38.30 27.04
CA LEU L 30 7.79 -39.25 26.57
C LEU L 30 6.87 -38.66 25.52
N GLU L 31 6.73 -37.34 25.47
CA GLU L 31 5.85 -36.73 24.47
C GLU L 31 6.37 -36.98 23.06
N ALA L 32 7.69 -36.84 22.86
CA ALA L 32 8.26 -37.12 21.55
C ALA L 32 8.08 -38.57 21.17
N LEU L 33 8.26 -39.48 22.12
CA LEU L 33 8.04 -40.90 21.85
C LEU L 33 6.59 -41.16 21.45
N LYS L 34 5.64 -40.53 22.15
CA LYS L 34 4.23 -40.72 21.82
C LYS L 34 3.91 -40.17 20.43
N SER L 35 4.47 -39.01 20.08
CA SER L 35 4.24 -38.47 18.75
C SER L 35 4.83 -39.36 17.66
N HIS L 36 6.03 -39.88 17.89
CA HIS L 36 6.65 -40.79 16.93
C HIS L 36 5.83 -42.06 16.77
N ILE L 37 5.35 -42.62 17.88
CA ILE L 37 4.53 -43.81 17.84
C ILE L 37 3.25 -43.54 17.07
N MET L 38 2.65 -42.37 17.29
CA MET L 38 1.44 -42.02 16.57
C MET L 38 1.69 -41.92 15.07
N ALA L 39 2.81 -41.29 14.68
CA ALA L 39 3.13 -41.17 13.26
C ALA L 39 3.34 -42.53 12.62
N ALA L 40 4.12 -43.39 13.27
CA ALA L 40 4.38 -44.71 12.72
C ALA L 40 3.10 -45.54 12.67
N LYS L 41 2.24 -45.41 13.69
CA LYS L 41 0.96 -46.11 13.67
C LYS L 41 0.11 -45.65 12.49
N ALA L 42 0.10 -44.34 12.22
CA ALA L 42 -0.66 -43.83 11.08
C ALA L 42 -0.13 -44.42 9.78
N VAL L 43 1.20 -44.45 9.61
CA VAL L 43 1.78 -44.99 8.39
C VAL L 43 1.43 -46.47 8.23
N ALA L 44 1.59 -47.24 9.31
CA ALA L 44 1.31 -48.68 9.24
C ALA L 44 -0.18 -48.95 8.99
N ASN L 45 -1.06 -48.18 9.61
CA ASN L 45 -2.49 -48.36 9.39
C ASN L 45 -2.87 -48.03 7.96
N THR L 46 -2.26 -47.00 7.38
CA THR L 46 -2.48 -46.73 5.97
C THR L 46 -1.99 -47.89 5.11
N MET L 47 -0.84 -48.47 5.48
CA MET L 47 -0.22 -49.49 4.65
C MET L 47 -0.93 -50.84 4.74
N ARG L 48 -1.57 -51.14 5.87
CA ARG L 48 -2.02 -52.51 6.13
C ARG L 48 -3.15 -52.96 5.21
N THR L 49 -3.90 -52.04 4.61
CA THR L 49 -5.01 -52.45 3.75
C THR L 49 -4.55 -53.04 2.43
N SER L 50 -3.26 -52.95 2.11
CA SER L 50 -2.69 -53.51 0.88
C SER L 50 -1.92 -54.79 1.15
N LEU L 51 -2.41 -55.61 2.08
CA LEU L 51 -1.71 -56.81 2.52
C LEU L 51 -2.53 -58.04 2.14
N GLY L 52 -1.90 -58.98 1.47
CA GLY L 52 -2.53 -60.24 1.16
C GLY L 52 -3.21 -60.27 -0.18
N PRO L 53 -3.73 -61.44 -0.57
CA PRO L 53 -4.43 -61.55 -1.86
C PRO L 53 -5.61 -60.62 -1.99
N ASN L 54 -6.31 -60.34 -0.91
CA ASN L 54 -7.46 -59.44 -0.93
C ASN L 54 -7.07 -57.99 -0.68
N GLY L 55 -5.78 -57.68 -0.68
CA GLY L 55 -5.36 -56.30 -0.47
C GLY L 55 -5.77 -55.40 -1.61
N LEU L 56 -5.89 -54.12 -1.30
CA LEU L 56 -6.32 -53.10 -2.26
C LEU L 56 -5.17 -52.14 -2.55
N ASP L 57 -5.06 -51.73 -3.80
CA ASP L 57 -3.97 -50.87 -4.23
C ASP L 57 -4.20 -49.43 -3.81
N LYS L 58 -3.19 -48.60 -4.06
CA LYS L 58 -3.25 -47.17 -3.80
C LYS L 58 -2.91 -46.42 -5.09
N MET L 59 -3.55 -45.27 -5.28
CA MET L 59 -3.33 -44.44 -6.46
C MET L 59 -2.51 -43.23 -6.04
N MET L 60 -1.40 -42.98 -6.74
CA MET L 60 -0.49 -41.90 -6.40
C MET L 60 -0.38 -40.92 -7.55
N VAL L 61 -0.53 -39.64 -7.23
CA VAL L 61 -0.35 -38.55 -8.18
C VAL L 61 0.82 -37.71 -7.69
N ASP L 62 1.87 -37.61 -8.50
CA ASP L 62 3.07 -36.90 -8.09
C ASP L 62 2.91 -35.41 -8.35
N LYS L 63 4.03 -34.67 -8.26
CA LYS L 63 3.96 -33.22 -8.39
C LYS L 63 3.61 -32.80 -9.81
N ASP L 64 3.89 -33.63 -10.81
CA ASP L 64 3.62 -33.30 -12.20
C ASP L 64 2.27 -33.81 -12.68
N GLY L 65 1.49 -34.45 -11.81
CA GLY L 65 0.21 -35.00 -12.20
C GLY L 65 0.24 -36.43 -12.69
N ASP L 66 1.42 -37.02 -12.84
CA ASP L 66 1.50 -38.41 -13.30
C ASP L 66 0.88 -39.34 -12.27
N VAL L 67 0.17 -40.35 -12.74
CA VAL L 67 -0.63 -41.24 -11.91
C VAL L 67 -0.06 -42.64 -12.00
N THR L 68 0.15 -43.28 -10.85
CA THR L 68 0.50 -44.69 -10.78
C THR L 68 -0.45 -45.39 -9.83
N VAL L 69 -0.80 -46.62 -10.18
CA VAL L 69 -1.64 -47.47 -9.34
C VAL L 69 -0.79 -48.67 -8.95
N THR L 70 -0.50 -48.79 -7.66
CA THR L 70 0.47 -49.78 -7.22
C THR L 70 0.02 -50.45 -5.93
N ASN L 71 0.50 -51.67 -5.74
CA ASN L 71 0.33 -52.41 -4.49
C ASN L 71 1.65 -52.61 -3.76
N ASP L 72 2.78 -52.34 -4.41
CA ASP L 72 4.09 -52.50 -3.80
C ASP L 72 4.27 -51.51 -2.66
N GLY L 73 4.58 -52.02 -1.46
CA GLY L 73 4.73 -51.14 -0.32
C GLY L 73 5.90 -50.18 -0.45
N ALA L 74 7.03 -50.67 -0.98
CA ALA L 74 8.20 -49.82 -1.12
C ALA L 74 7.93 -48.66 -2.07
N THR L 75 7.31 -48.95 -3.22
CA THR L 75 6.95 -47.88 -4.14
C THR L 75 5.94 -46.92 -3.52
N ILE L 76 4.94 -47.47 -2.83
CA ILE L 76 3.90 -46.67 -2.20
C ILE L 76 4.53 -45.66 -1.24
N LEU L 77 5.45 -46.11 -0.40
CA LEU L 77 6.06 -45.20 0.56
C LEU L 77 7.10 -44.29 -0.10
N SER L 78 7.75 -44.76 -1.17
CA SER L 78 8.71 -43.90 -1.86
C SER L 78 8.01 -42.71 -2.50
N MET L 79 6.84 -42.91 -3.08
CA MET L 79 6.14 -41.82 -3.75
C MET L 79 5.21 -41.05 -2.81
N MET L 80 5.23 -41.36 -1.51
CA MET L 80 4.42 -40.63 -0.54
C MET L 80 5.23 -39.47 0.02
N ASP L 81 4.67 -38.27 -0.04
CA ASP L 81 5.35 -37.05 0.36
C ASP L 81 5.07 -36.79 1.84
N VAL L 82 6.11 -36.86 2.67
CA VAL L 82 5.98 -36.70 4.11
C VAL L 82 7.04 -35.74 4.62
N ASP L 83 6.71 -35.04 5.70
CA ASP L 83 7.66 -34.21 6.42
C ASP L 83 8.09 -34.79 7.76
N HIS L 84 7.28 -35.66 8.35
CA HIS L 84 7.63 -36.27 9.63
C HIS L 84 8.86 -37.15 9.47
N GLN L 85 9.81 -37.02 10.39
CA GLN L 85 11.05 -37.79 10.28
C GLN L 85 10.80 -39.27 10.49
N ILE L 86 9.86 -39.63 11.36
CA ILE L 86 9.56 -41.04 11.58
C ILE L 86 8.95 -41.67 10.34
N ALA L 87 8.12 -40.91 9.61
CA ALA L 87 7.61 -41.39 8.34
C ALA L 87 8.74 -41.63 7.34
N LYS L 88 9.72 -40.73 7.32
CA LYS L 88 10.89 -40.94 6.46
C LYS L 88 11.64 -42.19 6.88
N LEU L 89 11.72 -42.46 8.19
CA LEU L 89 12.35 -43.68 8.66
C LEU L 89 11.59 -44.91 8.19
N MET L 90 10.26 -44.86 8.22
CA MET L 90 9.46 -45.98 7.71
C MET L 90 9.69 -46.19 6.22
N VAL L 91 9.76 -45.09 5.46
CA VAL L 91 10.04 -45.19 4.03
C VAL L 91 11.41 -45.83 3.80
N GLU L 92 12.40 -45.42 4.58
CA GLU L 92 13.73 -46.01 4.47
C GLU L 92 13.71 -47.49 4.82
N LEU L 93 12.90 -47.87 5.80
CA LEU L 93 12.76 -49.29 6.15
C LEU L 93 12.18 -50.08 4.99
N SER L 94 11.15 -49.55 4.34
CA SER L 94 10.58 -50.21 3.18
C SER L 94 11.61 -50.33 2.05
N LYS L 95 12.37 -49.26 1.81
CA LYS L 95 13.39 -49.30 0.77
C LYS L 95 14.46 -50.34 1.08
N SER L 96 14.85 -50.44 2.36
CA SER L 96 15.83 -51.44 2.76
C SER L 96 15.30 -52.85 2.54
N GLN L 97 14.03 -53.08 2.88
CA GLN L 97 13.45 -54.40 2.66
C GLN L 97 13.39 -54.73 1.16
N ASP L 98 13.07 -53.73 0.34
CA ASP L 98 13.08 -53.94 -1.10
C ASP L 98 14.49 -54.26 -1.61
N ASP L 99 15.49 -53.55 -1.10
CA ASP L 99 16.86 -53.73 -1.59
C ASP L 99 17.40 -55.10 -1.21
N GLU L 100 17.26 -55.49 0.06
CA GLU L 100 17.86 -56.74 0.50
C GLU L 100 17.09 -57.95 -0.02
N ILE L 101 15.76 -57.89 0.00
CA ILE L 101 14.91 -59.03 -0.35
C ILE L 101 14.20 -58.82 -1.68
N GLY L 102 13.42 -57.75 -1.79
CA GLY L 102 12.59 -57.50 -2.95
C GLY L 102 11.13 -57.84 -2.73
N ASP L 103 10.81 -58.60 -1.70
CA ASP L 103 9.43 -58.92 -1.35
C ASP L 103 9.25 -58.68 0.14
N GLY L 104 7.99 -58.61 0.57
CA GLY L 104 7.70 -58.33 1.95
C GLY L 104 7.86 -56.88 2.34
N THR L 105 7.85 -55.96 1.38
CA THR L 105 8.02 -54.55 1.66
C THR L 105 6.88 -53.97 2.48
N THR L 106 5.71 -54.61 2.46
CA THR L 106 4.57 -54.16 3.24
C THR L 106 4.54 -54.75 4.64
N GLY L 107 4.98 -55.99 4.79
CA GLY L 107 4.95 -56.63 6.10
C GLY L 107 5.83 -55.94 7.13
N VAL L 108 6.96 -55.38 6.70
CA VAL L 108 7.87 -54.72 7.63
C VAL L 108 7.21 -53.50 8.25
N VAL L 109 6.49 -52.71 7.44
CA VAL L 109 5.85 -51.51 7.97
C VAL L 109 4.78 -51.86 8.97
N VAL L 110 3.93 -52.84 8.64
CA VAL L 110 2.86 -53.24 9.56
C VAL L 110 3.45 -53.80 10.84
N LEU L 111 4.51 -54.61 10.72
CA LEU L 111 5.15 -55.17 11.91
C LEU L 111 5.74 -54.07 12.78
N ALA L 112 6.40 -53.09 12.17
CA ALA L 112 6.97 -51.99 12.95
C ALA L 112 5.88 -51.17 13.63
N GLY L 113 4.78 -50.91 12.92
CA GLY L 113 3.68 -50.19 13.54
C GLY L 113 3.09 -50.92 14.73
N ALA L 114 2.90 -52.24 14.59
CA ALA L 114 2.38 -53.02 15.71
C ALA L 114 3.36 -53.02 16.88
N LEU L 115 4.65 -53.17 16.59
CA LEU L 115 5.65 -53.14 17.65
C LEU L 115 5.63 -51.82 18.39
N LEU L 116 5.53 -50.71 17.65
CA LEU L 116 5.50 -49.40 18.31
C LEU L 116 4.21 -49.17 19.08
N GLU L 117 3.09 -49.72 18.60
CA GLU L 117 1.85 -49.62 19.37
C GLU L 117 1.96 -50.34 20.70
N GLU L 118 2.47 -51.58 20.68
CA GLU L 118 2.68 -52.31 21.93
C GLU L 118 3.69 -51.60 22.81
N ALA L 119 4.71 -51.00 22.20
CA ALA L 119 5.70 -50.24 22.97
C ALA L 119 5.05 -49.05 23.67
N GLU L 120 4.14 -48.37 22.99
CA GLU L 120 3.42 -47.26 23.61
C GLU L 120 2.60 -47.76 24.79
N GLN L 121 1.89 -48.88 24.61
CA GLN L 121 1.11 -49.44 25.71
C GLN L 121 1.98 -49.78 26.90
N LEU L 122 3.18 -50.32 26.64
CA LEU L 122 4.10 -50.63 27.72
C LEU L 122 4.66 -49.38 28.38
N LEU L 123 4.96 -48.35 27.58
CA LEU L 123 5.51 -47.11 28.10
C LEU L 123 4.53 -46.44 29.04
N ASP L 124 3.23 -46.49 28.71
CA ASP L 124 2.23 -45.89 29.59
C ASP L 124 2.21 -46.53 30.97
N ARG L 125 2.74 -47.75 31.12
CA ARG L 125 2.80 -48.43 32.39
C ARG L 125 4.13 -48.24 33.12
N GLY L 126 5.04 -47.43 32.59
CA GLY L 126 6.25 -47.09 33.29
C GLY L 126 7.40 -48.05 33.07
N ILE L 127 7.76 -48.30 31.82
CA ILE L 127 8.91 -49.11 31.46
C ILE L 127 9.84 -48.28 30.60
N HIS L 128 11.13 -48.32 30.91
CA HIS L 128 12.10 -47.55 30.13
C HIS L 128 12.13 -48.06 28.70
N PRO L 129 12.15 -47.16 27.70
CA PRO L 129 12.12 -47.61 26.30
C PRO L 129 13.30 -48.51 25.94
N ILE L 130 14.45 -48.35 26.59
CA ILE L 130 15.58 -49.22 26.31
C ILE L 130 15.25 -50.65 26.74
N ARG L 131 14.54 -50.80 27.85
CA ARG L 131 14.10 -52.14 28.26
C ARG L 131 13.19 -52.75 27.22
N ILE L 132 12.28 -51.95 26.65
CA ILE L 132 11.39 -52.44 25.61
C ILE L 132 12.19 -52.86 24.39
N ALA L 133 13.19 -52.08 24.01
CA ALA L 133 14.00 -52.43 22.85
C ALA L 133 14.78 -53.72 23.09
N ASP L 134 15.32 -53.88 24.31
CA ASP L 134 16.03 -55.12 24.63
C ASP L 134 15.11 -56.33 24.58
N GLY L 135 13.90 -56.19 25.13
CA GLY L 135 12.93 -57.27 25.05
C GLY L 135 12.55 -57.59 23.62
N TYR L 136 12.38 -56.56 22.79
CA TYR L 136 12.08 -56.77 21.39
C TYR L 136 13.20 -57.51 20.69
N GLU L 137 14.46 -57.15 20.99
CA GLU L 137 15.59 -57.84 20.37
C GLU L 137 15.65 -59.29 20.80
N GLN L 138 15.44 -59.57 22.08
CA GLN L 138 15.47 -60.95 22.55
C GLN L 138 14.36 -61.77 21.91
N ALA L 139 13.15 -61.21 21.83
CA ALA L 139 12.04 -61.92 21.20
C ALA L 139 12.30 -62.12 19.72
N ALA L 140 12.94 -61.15 19.06
CA ALA L 140 13.28 -61.31 17.65
C ALA L 140 14.30 -62.43 17.46
N ARG L 141 15.27 -62.53 18.36
CA ARG L 141 16.21 -63.65 18.31
C ARG L 141 15.48 -64.97 18.43
N VAL L 142 14.54 -65.05 19.38
CA VAL L 142 13.77 -66.28 19.56
C VAL L 142 12.98 -66.60 18.29
N ALA L 143 12.36 -65.58 17.69
CA ALA L 143 11.58 -65.79 16.48
C ALA L 143 12.44 -66.26 15.32
N ILE L 144 13.63 -65.69 15.18
CA ILE L 144 14.54 -66.12 14.12
C ILE L 144 14.95 -67.58 14.32
N GLU L 145 15.27 -67.96 15.56
CA GLU L 145 15.62 -69.33 15.83
C GLU L 145 14.46 -70.27 15.51
N HIS L 146 13.24 -69.88 15.89
CA HIS L 146 12.08 -70.72 15.59
C HIS L 146 11.85 -70.84 14.10
N LEU L 147 12.03 -69.74 13.36
CA LEU L 147 11.87 -69.78 11.91
C LEU L 147 12.88 -70.73 11.28
N ASP L 148 14.12 -70.70 11.76
CA ASP L 148 15.10 -71.67 11.29
C ASP L 148 14.66 -73.08 11.62
N LYS L 149 14.07 -73.27 12.81
CA LYS L 149 13.64 -74.60 13.23
C LYS L 149 12.54 -75.15 12.33
N ILE L 150 11.56 -74.32 11.97
CA ILE L 150 10.39 -74.81 11.24
C ILE L 150 10.52 -74.67 9.73
N SER L 151 11.65 -74.17 9.25
CA SER L 151 11.81 -73.96 7.81
C SER L 151 11.85 -75.30 7.07
N ASP L 152 11.45 -75.26 5.80
CA ASP L 152 11.46 -76.43 4.93
C ASP L 152 12.26 -76.10 3.67
N SER L 153 13.03 -77.07 3.21
CA SER L 153 13.88 -76.88 2.04
C SER L 153 13.14 -77.29 0.77
N VAL L 154 13.51 -76.65 -0.33
CA VAL L 154 12.95 -76.96 -1.64
C VAL L 154 14.10 -77.18 -2.63
N LEU L 155 13.78 -77.83 -3.74
CA LEU L 155 14.75 -78.11 -4.78
C LEU L 155 14.73 -77.02 -5.83
N VAL L 156 15.91 -76.58 -6.23
CA VAL L 156 16.04 -75.43 -7.14
C VAL L 156 16.65 -75.96 -8.43
N ASP L 157 16.36 -77.21 -8.75
CA ASP L 157 16.86 -77.80 -9.98
C ASP L 157 16.08 -77.29 -11.19
N ILE L 158 16.75 -77.26 -12.34
CA ILE L 158 16.09 -76.84 -13.57
C ILE L 158 15.08 -77.88 -14.02
N LYS L 159 15.31 -79.15 -13.69
CA LYS L 159 14.43 -80.22 -14.17
C LYS L 159 13.02 -80.07 -13.60
N ASP L 160 12.91 -79.76 -12.32
CA ASP L 160 11.61 -79.61 -11.66
C ASP L 160 11.52 -78.21 -11.09
N THR L 161 10.75 -77.35 -11.75
CA THR L 161 10.55 -75.97 -11.32
C THR L 161 9.23 -75.76 -10.60
N GLU L 162 8.54 -76.84 -10.22
CA GLU L 162 7.24 -76.70 -9.58
C GLU L 162 7.29 -75.95 -8.26
N PRO L 163 8.19 -76.26 -7.32
CA PRO L 163 8.25 -75.43 -6.10
C PRO L 163 8.58 -73.97 -6.38
N LEU L 164 9.46 -73.71 -7.35
CA LEU L 164 9.76 -72.34 -7.72
C LEU L 164 8.53 -71.66 -8.30
N ILE L 165 7.77 -72.39 -9.13
CA ILE L 165 6.55 -71.84 -9.70
C ILE L 165 5.56 -71.51 -8.60
N GLN L 166 5.42 -72.39 -7.61
CA GLN L 166 4.50 -72.14 -6.52
C GLN L 166 4.93 -70.92 -5.70
N THR L 167 6.23 -70.79 -5.45
CA THR L 167 6.71 -69.63 -4.70
C THR L 167 6.45 -68.34 -5.46
N ALA L 168 6.72 -68.33 -6.77
CA ALA L 168 6.44 -67.15 -7.57
C ALA L 168 4.96 -66.84 -7.61
N LYS L 169 4.11 -67.88 -7.67
CA LYS L 169 2.67 -67.69 -7.65
C LYS L 169 2.23 -67.05 -6.33
N THR L 170 2.78 -67.52 -5.21
CA THR L 170 2.45 -66.92 -3.92
C THR L 170 2.89 -65.46 -3.89
N THR L 171 4.06 -65.16 -4.45
CA THR L 171 4.52 -63.77 -4.49
C THR L 171 3.58 -62.91 -5.32
N LEU L 172 3.13 -63.41 -6.47
CA LEU L 172 2.33 -62.63 -7.39
C LEU L 172 0.83 -62.63 -7.07
N GLY L 173 0.40 -63.44 -6.10
CA GLY L 173 -1.02 -63.54 -5.81
C GLY L 173 -1.66 -62.23 -5.39
N SER L 174 -0.89 -61.35 -4.76
CA SER L 174 -1.43 -60.10 -4.25
C SER L 174 -1.43 -58.97 -5.27
N LYS L 175 -0.84 -59.17 -6.43
CA LYS L 175 -0.72 -58.12 -7.44
C LYS L 175 -1.87 -58.22 -8.44
N VAL L 176 -1.96 -57.19 -9.29
CA VAL L 176 -3.04 -57.11 -10.27
C VAL L 176 -2.88 -58.13 -11.39
N VAL L 177 -1.71 -58.74 -11.52
CA VAL L 177 -1.41 -59.62 -12.65
C VAL L 177 -1.77 -61.05 -12.29
N ASN L 178 -2.56 -61.23 -11.22
CA ASN L 178 -3.02 -62.57 -10.86
C ASN L 178 -3.97 -63.17 -11.87
N SER L 179 -4.49 -62.37 -12.82
CA SER L 179 -5.29 -62.92 -13.90
C SER L 179 -4.45 -63.83 -14.80
N CYS L 180 -3.14 -63.60 -14.85
CA CYS L 180 -2.21 -64.45 -15.58
C CYS L 180 -1.22 -65.03 -14.58
N HIS L 181 -1.74 -65.56 -13.48
CA HIS L 181 -0.92 -65.97 -12.34
C HIS L 181 0.16 -66.95 -12.75
N ARG L 182 -0.24 -68.13 -13.26
CA ARG L 182 0.73 -69.15 -13.57
C ARG L 182 1.62 -68.76 -14.73
N GLN L 183 1.10 -68.00 -15.69
CA GLN L 183 1.94 -67.55 -16.81
C GLN L 183 3.06 -66.64 -16.31
N MET L 184 2.72 -65.68 -15.46
CA MET L 184 3.74 -64.79 -14.91
C MET L 184 4.75 -65.55 -14.06
N ALA L 185 4.27 -66.49 -13.24
CA ALA L 185 5.19 -67.28 -12.43
C ALA L 185 6.13 -68.09 -13.32
N GLU L 186 5.59 -68.70 -14.37
CA GLU L 186 6.40 -69.48 -15.30
C GLU L 186 7.47 -68.63 -15.94
N ILE L 187 7.10 -67.45 -16.47
CA ILE L 187 8.08 -66.65 -17.18
C ILE L 187 9.12 -66.08 -16.21
N ALA L 188 8.72 -65.73 -14.99
CA ALA L 188 9.68 -65.23 -14.02
C ALA L 188 10.68 -66.32 -13.62
N VAL L 189 10.19 -67.53 -13.36
CA VAL L 189 11.07 -68.63 -12.99
C VAL L 189 12.03 -68.95 -14.12
N ASN L 190 11.52 -69.01 -15.35
CA ASN L 190 12.38 -69.31 -16.48
C ASN L 190 13.42 -68.22 -16.71
N ALA L 191 13.02 -66.95 -16.53
CA ALA L 191 13.97 -65.85 -16.68
C ALA L 191 15.09 -65.96 -15.66
N VAL L 192 14.74 -66.16 -14.38
CA VAL L 192 15.77 -66.20 -13.34
C VAL L 192 16.68 -67.40 -13.53
N LEU L 193 16.10 -68.58 -13.79
CA LEU L 193 16.91 -69.78 -13.95
C LEU L 193 17.78 -69.72 -15.19
N THR L 194 17.32 -69.02 -16.23
CA THR L 194 18.12 -68.90 -17.45
C THR L 194 19.39 -68.11 -17.21
N VAL L 195 19.30 -66.99 -16.50
CA VAL L 195 20.45 -66.13 -16.29
C VAL L 195 20.87 -66.17 -14.82
N ALA L 196 21.79 -67.07 -14.49
CA ALA L 196 22.21 -67.23 -13.11
C ALA L 196 23.45 -68.11 -13.07
N ASP L 197 24.44 -67.71 -12.28
CA ASP L 197 25.58 -68.56 -12.00
C ASP L 197 25.12 -69.60 -11.00
N MET L 198 24.84 -70.81 -11.49
CA MET L 198 24.00 -71.76 -10.78
C MET L 198 24.63 -72.31 -9.51
N GLU L 199 25.93 -72.12 -9.29
CA GLU L 199 26.56 -72.61 -8.05
C GLU L 199 26.24 -71.69 -6.87
N ARG L 200 24.93 -71.52 -6.64
CA ARG L 200 24.41 -70.70 -5.54
C ARG L 200 25.00 -69.29 -5.54
N ARG L 201 25.41 -68.83 -6.71
CA ARG L 201 26.04 -67.53 -6.83
C ARG L 201 24.96 -66.47 -7.10
N ASP L 202 25.38 -65.27 -7.47
CA ASP L 202 24.45 -64.17 -7.66
C ASP L 202 23.67 -64.32 -8.97
N VAL L 203 22.55 -63.63 -9.03
CA VAL L 203 21.74 -63.51 -10.24
C VAL L 203 21.81 -62.05 -10.68
N ASP L 204 22.50 -61.80 -11.78
CA ASP L 204 22.71 -60.43 -12.24
C ASP L 204 21.47 -59.95 -12.99
N PHE L 205 20.73 -59.04 -12.38
CA PHE L 205 19.50 -58.55 -12.99
C PHE L 205 19.75 -57.64 -14.18
N GLU L 206 21.00 -57.26 -14.45
CA GLU L 206 21.30 -56.53 -15.67
C GLU L 206 21.11 -57.39 -16.91
N LEU L 207 21.09 -58.72 -16.75
CA LEU L 207 20.85 -59.63 -17.85
C LEU L 207 19.36 -59.86 -18.13
N ILE L 208 18.49 -59.34 -17.27
CA ILE L 208 17.05 -59.45 -17.49
C ILE L 208 16.51 -58.09 -17.93
N LYS L 209 16.43 -57.88 -19.24
CA LYS L 209 15.89 -56.63 -19.78
C LYS L 209 14.37 -56.73 -19.78
N VAL L 210 13.73 -55.88 -18.98
CA VAL L 210 12.28 -55.87 -18.84
C VAL L 210 11.77 -54.61 -19.54
N GLU L 211 11.03 -54.80 -20.63
CA GLU L 211 10.48 -53.70 -21.40
C GLU L 211 9.00 -53.97 -21.67
N GLY L 212 8.19 -52.93 -21.54
CA GLY L 212 6.77 -53.03 -21.76
C GLY L 212 6.31 -52.08 -22.87
N LYS L 213 5.32 -52.52 -23.62
CA LYS L 213 4.72 -51.72 -24.68
C LYS L 213 3.21 -51.82 -24.58
N VAL L 214 2.54 -50.67 -24.75
CA VAL L 214 1.09 -50.62 -24.63
C VAL L 214 0.43 -51.34 -25.80
N GLY L 215 -0.86 -51.60 -25.69
CA GLY L 215 -1.58 -52.35 -26.71
C GLY L 215 -1.58 -53.84 -26.44
N GLY L 216 -2.36 -54.55 -27.25
CA GLY L 216 -2.48 -55.98 -27.05
C GLY L 216 -3.22 -56.29 -25.75
N ARG L 217 -2.86 -57.43 -25.16
CA ARG L 217 -3.46 -57.88 -23.92
C ARG L 217 -2.36 -58.28 -22.95
N LEU L 218 -2.70 -58.29 -21.66
CA LEU L 218 -1.74 -58.70 -20.65
C LEU L 218 -1.30 -60.15 -20.84
N GLU L 219 -2.18 -60.99 -21.39
CA GLU L 219 -1.81 -62.37 -21.67
C GLU L 219 -0.76 -62.49 -22.75
N ASP L 220 -0.54 -61.44 -23.54
CA ASP L 220 0.49 -61.47 -24.58
C ASP L 220 1.89 -61.35 -24.02
N THR L 221 2.04 -61.06 -22.74
CA THR L 221 3.36 -61.00 -22.12
C THR L 221 4.05 -62.36 -22.26
N LYS L 222 5.29 -62.33 -22.71
CA LYS L 222 6.03 -63.55 -23.02
C LYS L 222 7.49 -63.38 -22.65
N LEU L 223 8.17 -64.51 -22.50
CA LEU L 223 9.60 -64.54 -22.23
C LEU L 223 10.34 -64.77 -23.55
N ILE L 224 11.22 -63.84 -23.89
CA ILE L 224 12.00 -63.91 -25.12
C ILE L 224 13.44 -64.22 -24.75
N LYS L 225 13.93 -65.38 -25.22
CA LYS L 225 15.30 -65.79 -24.93
C LYS L 225 16.28 -65.10 -25.89
N GLY L 226 16.25 -63.77 -25.83
CA GLY L 226 17.09 -62.95 -26.66
C GLY L 226 17.01 -61.49 -26.25
N VAL L 227 16.96 -60.58 -27.23
CA VAL L 227 16.94 -59.15 -26.96
C VAL L 227 15.82 -58.51 -27.77
N ILE L 228 15.13 -57.56 -27.15
CA ILE L 228 14.17 -56.70 -27.82
C ILE L 228 14.79 -55.31 -27.96
N VAL L 229 14.90 -54.82 -29.18
CA VAL L 229 15.55 -53.55 -29.48
C VAL L 229 14.51 -52.56 -29.96
N ASP L 230 14.54 -51.36 -29.38
CA ASP L 230 13.62 -50.30 -29.77
C ASP L 230 13.89 -49.79 -31.18
N LYS L 231 15.02 -50.15 -31.79
CA LYS L 231 15.40 -49.66 -33.10
C LYS L 231 14.77 -50.54 -34.18
N ASP L 232 15.20 -50.35 -35.42
CA ASP L 232 14.72 -51.14 -36.55
C ASP L 232 15.79 -51.10 -37.63
N PHE L 233 15.49 -51.72 -38.77
CA PHE L 233 16.42 -51.72 -39.88
C PHE L 233 16.55 -50.32 -40.46
N SER L 234 17.79 -49.93 -40.76
CA SER L 234 18.05 -48.54 -41.14
C SER L 234 17.39 -48.19 -42.47
N HIS L 235 17.60 -49.00 -43.50
CA HIS L 235 17.04 -48.67 -44.80
C HIS L 235 15.60 -49.18 -44.88
N PRO L 236 14.65 -48.36 -45.33
CA PRO L 236 13.26 -48.82 -45.40
C PRO L 236 13.04 -49.98 -46.34
N GLN L 237 13.91 -50.20 -47.31
CA GLN L 237 13.78 -51.30 -48.26
C GLN L 237 14.56 -52.54 -47.84
N MET L 238 15.19 -52.52 -46.68
CA MET L 238 15.89 -53.70 -46.19
C MET L 238 14.89 -54.78 -45.82
N PRO L 239 15.26 -56.06 -45.96
CA PRO L 239 14.34 -57.14 -45.60
C PRO L 239 13.97 -57.09 -44.12
N LYS L 240 12.72 -57.43 -43.84
CA LYS L 240 12.17 -57.33 -42.49
C LYS L 240 12.36 -58.61 -41.69
N LYS L 241 13.01 -59.62 -42.23
CA LYS L 241 13.20 -60.88 -41.53
C LYS L 241 14.49 -61.53 -42.00
N VAL L 242 15.37 -61.84 -41.06
CA VAL L 242 16.62 -62.53 -41.34
C VAL L 242 16.63 -63.83 -40.55
N GLU L 243 16.91 -64.93 -41.24
CA GLU L 243 16.91 -66.26 -40.63
C GLU L 243 18.33 -66.80 -40.59
N ASP L 244 18.69 -67.39 -39.45
CA ASP L 244 20.04 -67.91 -39.22
C ASP L 244 21.08 -66.81 -39.45
N ALA L 245 20.82 -65.66 -38.85
CA ALA L 245 21.68 -64.50 -39.04
C ALA L 245 23.04 -64.71 -38.38
N LYS L 246 24.09 -64.27 -39.06
CA LYS L 246 25.43 -64.23 -38.48
C LYS L 246 25.68 -62.78 -38.05
N ILE L 247 25.43 -62.52 -36.76
CA ILE L 247 25.42 -61.16 -36.26
C ILE L 247 26.83 -60.59 -36.28
N ALA L 248 26.96 -59.31 -36.66
CA ALA L 248 28.23 -58.60 -36.65
C ALA L 248 28.08 -57.37 -35.76
N ILE L 249 28.50 -57.48 -34.51
CA ILE L 249 28.39 -56.40 -33.55
C ILE L 249 29.59 -55.48 -33.71
N LEU L 250 29.33 -54.19 -33.93
CA LEU L 250 30.39 -53.21 -34.13
C LEU L 250 30.11 -51.97 -33.30
N THR L 251 31.18 -51.29 -32.91
CA THR L 251 31.08 -50.02 -32.20
C THR L 251 31.75 -48.89 -32.98
N CYS L 252 32.01 -49.09 -34.26
CA CYS L 252 32.60 -48.06 -35.10
C CYS L 252 31.55 -47.53 -36.06
N PRO L 253 31.25 -46.23 -36.04
CA PRO L 253 30.31 -45.68 -37.03
C PRO L 253 30.85 -45.88 -38.44
N PHE L 254 29.94 -46.20 -39.36
CA PHE L 254 30.34 -46.49 -40.74
C PHE L 254 30.59 -45.15 -41.45
N GLU L 255 31.67 -44.50 -41.02
CA GLU L 255 32.07 -43.19 -41.52
C GLU L 255 33.58 -43.22 -41.73
N PRO L 256 34.11 -42.29 -42.53
CA PRO L 256 35.56 -42.18 -42.66
C PRO L 256 36.21 -41.91 -41.32
N PRO L 257 37.40 -42.47 -41.07
CA PRO L 257 38.00 -42.37 -39.74
C PRO L 257 38.31 -40.94 -39.34
N LYS L 258 38.33 -40.71 -38.04
CA LYS L 258 38.57 -39.38 -37.49
C LYS L 258 39.51 -39.49 -36.29
N PRO L 259 40.73 -38.94 -36.38
CA PRO L 259 41.62 -38.97 -35.22
C PRO L 259 41.04 -38.20 -34.04
N LYS L 260 41.29 -38.70 -32.84
CA LYS L 260 40.80 -38.03 -31.64
C LYS L 260 41.55 -36.73 -31.39
N THR L 261 42.86 -36.74 -31.61
CA THR L 261 43.65 -35.51 -31.48
C THR L 261 43.23 -34.51 -32.55
N LYS L 262 43.14 -33.25 -32.17
CA LYS L 262 42.75 -32.22 -33.12
C LYS L 262 43.73 -32.17 -34.27
N HIS L 263 43.20 -32.15 -35.49
CA HIS L 263 44.01 -32.37 -36.68
C HIS L 263 43.53 -31.48 -37.80
N LYS L 264 44.42 -31.22 -38.75
CA LYS L 264 44.10 -30.46 -39.96
C LYS L 264 44.73 -31.16 -41.14
N LEU L 265 43.91 -31.53 -42.13
CA LEU L 265 44.39 -32.13 -43.37
C LEU L 265 44.47 -31.04 -44.42
N ASP L 266 45.69 -30.65 -44.78
CA ASP L 266 45.90 -29.53 -45.68
C ASP L 266 45.78 -30.01 -47.13
N VAL L 267 44.75 -29.53 -47.82
CA VAL L 267 44.60 -29.76 -49.25
C VAL L 267 45.26 -28.60 -49.98
N THR L 268 46.31 -28.90 -50.74
CA THR L 268 47.14 -27.86 -51.33
C THR L 268 47.11 -27.83 -52.86
N SER L 269 46.39 -28.75 -53.50
CA SER L 269 46.33 -28.77 -54.96
C SER L 269 45.12 -29.56 -55.39
N VAL L 270 44.83 -29.51 -56.69
CA VAL L 270 43.72 -30.27 -57.25
C VAL L 270 43.94 -31.77 -57.07
N GLU L 271 45.19 -32.21 -57.21
CA GLU L 271 45.50 -33.62 -57.00
C GLU L 271 45.16 -34.05 -55.59
N ASP L 272 45.40 -33.17 -54.61
CA ASP L 272 45.02 -33.48 -53.23
C ASP L 272 43.51 -33.67 -53.10
N TYR L 273 42.73 -32.80 -53.76
CA TYR L 273 41.28 -32.92 -53.69
C TYR L 273 40.81 -34.23 -54.33
N LYS L 274 41.35 -34.58 -55.49
CA LYS L 274 40.98 -35.83 -56.15
C LYS L 274 41.35 -37.03 -55.29
N ALA L 275 42.56 -37.00 -54.70
CA ALA L 275 42.98 -38.09 -53.85
C ALA L 275 42.08 -38.22 -52.62
N LEU L 276 41.68 -37.10 -52.04
CA LEU L 276 40.79 -37.16 -50.88
C LEU L 276 39.42 -37.74 -51.27
N GLN L 277 38.89 -37.33 -52.42
CA GLN L 277 37.61 -37.87 -52.87
C GLN L 277 37.68 -39.38 -53.08
N LYS L 278 38.70 -39.84 -53.81
CA LYS L 278 38.81 -41.27 -54.05
C LYS L 278 39.12 -42.02 -52.76
N TYR L 279 39.81 -41.38 -51.81
CA TYR L 279 40.07 -42.01 -50.53
C TYR L 279 38.78 -42.23 -49.76
N GLU L 280 37.89 -41.23 -49.72
CA GLU L 280 36.62 -41.40 -49.04
C GLU L 280 35.79 -42.50 -49.70
N LYS L 281 35.72 -42.50 -51.03
CA LYS L 281 34.96 -43.52 -51.73
C LYS L 281 35.51 -44.92 -51.43
N GLU L 282 36.83 -45.06 -51.47
CA GLU L 282 37.44 -46.36 -51.23
C GLU L 282 37.32 -46.78 -49.78
N LYS L 283 37.30 -45.84 -48.83
CA LYS L 283 37.06 -46.23 -47.45
C LYS L 283 35.66 -46.79 -47.26
N PHE L 284 34.65 -46.15 -47.88
CA PHE L 284 33.31 -46.70 -47.81
C PHE L 284 33.25 -48.10 -48.40
N GLU L 285 33.78 -48.26 -49.61
CA GLU L 285 33.75 -49.57 -50.26
C GLU L 285 34.52 -50.61 -49.46
N GLU L 286 35.67 -50.23 -48.91
CA GLU L 286 36.50 -51.15 -48.15
C GLU L 286 35.82 -51.60 -46.87
N MET L 287 35.17 -50.68 -46.14
CA MET L 287 34.49 -51.09 -44.92
C MET L 287 33.32 -52.02 -45.24
N ILE L 288 32.58 -51.73 -46.31
CA ILE L 288 31.48 -52.62 -46.68
C ILE L 288 32.01 -54.00 -47.05
N GLN L 289 33.08 -54.05 -47.84
CA GLN L 289 33.64 -55.35 -48.24
C GLN L 289 34.22 -56.09 -47.04
N GLN L 290 34.81 -55.36 -46.09
CA GLN L 290 35.35 -56.00 -44.89
C GLN L 290 34.25 -56.63 -44.06
N ILE L 291 33.12 -55.93 -43.91
CA ILE L 291 31.99 -56.53 -43.20
C ILE L 291 31.46 -57.75 -43.96
N LYS L 292 31.38 -57.65 -45.28
CA LYS L 292 30.83 -58.75 -46.08
C LYS L 292 31.73 -59.97 -46.08
N GLU L 293 33.05 -59.77 -45.98
CA GLU L 293 33.99 -60.85 -46.20
C GLU L 293 33.83 -61.98 -45.19
N THR L 294 33.53 -61.64 -43.94
CA THR L 294 33.40 -62.66 -42.90
C THR L 294 32.15 -63.52 -43.06
N GLY L 295 31.24 -63.15 -43.96
CA GLY L 295 30.02 -63.90 -44.16
C GLY L 295 28.87 -63.49 -43.28
N ALA L 296 28.99 -62.37 -42.58
CA ALA L 296 27.92 -61.91 -41.70
C ALA L 296 26.70 -61.49 -42.52
N ASN L 297 25.52 -61.79 -41.99
CA ASN L 297 24.27 -61.38 -42.63
C ASN L 297 23.76 -60.05 -42.07
N LEU L 298 23.68 -59.93 -40.75
CA LEU L 298 23.19 -58.73 -40.09
C LEU L 298 24.35 -58.04 -39.37
N ALA L 299 24.45 -56.73 -39.55
CA ALA L 299 25.49 -55.92 -38.92
C ALA L 299 24.85 -54.96 -37.93
N ILE L 300 25.30 -55.02 -36.68
CA ILE L 300 24.76 -54.19 -35.61
C ILE L 300 25.80 -53.17 -35.24
N CYS L 301 25.48 -51.89 -35.42
CA CYS L 301 26.36 -50.79 -35.04
C CYS L 301 25.81 -50.12 -33.79
N GLN L 302 26.50 -49.08 -33.33
CA GLN L 302 26.08 -48.37 -32.14
C GLN L 302 25.99 -46.87 -32.38
N TRP L 303 26.87 -46.33 -33.22
CA TRP L 303 26.97 -44.89 -33.42
C TRP L 303 26.37 -44.42 -34.73
N GLY L 304 25.61 -45.26 -35.41
CA GLY L 304 24.94 -44.85 -36.62
C GLY L 304 25.89 -44.67 -37.79
N PHE L 305 25.31 -44.38 -38.95
CA PHE L 305 26.10 -44.20 -40.16
C PHE L 305 25.30 -43.40 -41.19
N ASP L 306 26.02 -42.92 -42.20
CA ASP L 306 25.50 -41.97 -43.17
C ASP L 306 24.90 -42.70 -44.37
N ASP L 307 24.61 -41.95 -45.43
CA ASP L 307 23.79 -42.46 -46.52
C ASP L 307 24.53 -43.46 -47.40
N GLU L 308 25.80 -43.17 -47.72
CA GLU L 308 26.54 -44.05 -48.63
C GLU L 308 26.70 -45.44 -48.02
N ALA L 309 27.04 -45.51 -46.74
CA ALA L 309 27.16 -46.80 -46.08
C ALA L 309 25.82 -47.51 -46.04
N ASN L 310 24.74 -46.77 -45.81
CA ASN L 310 23.40 -47.38 -45.78
C ASN L 310 23.06 -48.02 -47.12
N HIS L 311 23.26 -47.26 -48.20
CA HIS L 311 22.92 -47.81 -49.51
C HIS L 311 23.85 -48.94 -49.93
N LEU L 312 25.12 -48.89 -49.52
CA LEU L 312 26.02 -49.99 -49.82
C LEU L 312 25.65 -51.24 -49.05
N LEU L 313 25.20 -51.07 -47.80
CA LEU L 313 24.72 -52.22 -47.04
C LEU L 313 23.48 -52.83 -47.68
N LEU L 314 22.55 -51.97 -48.12
CA LEU L 314 21.35 -52.48 -48.79
C LEU L 314 21.71 -53.18 -50.09
N GLN L 315 22.67 -52.63 -50.84
CA GLN L 315 23.04 -53.19 -52.14
C GLN L 315 23.70 -54.55 -52.02
N ASN L 316 24.45 -54.79 -50.95
CA ASN L 316 25.18 -56.03 -50.77
C ASN L 316 24.37 -57.09 -50.03
N ASN L 317 23.09 -56.84 -49.78
CA ASN L 317 22.21 -57.77 -49.06
C ASN L 317 22.69 -57.99 -47.63
N LEU L 318 23.08 -56.90 -46.97
CA LEU L 318 23.42 -56.91 -45.55
C LEU L 318 22.45 -56.03 -44.79
N PRO L 319 21.45 -56.60 -44.12
CA PRO L 319 20.64 -55.80 -43.21
C PRO L 319 21.49 -55.23 -42.09
N ALA L 320 21.10 -54.06 -41.60
CA ALA L 320 21.88 -53.42 -40.54
C ALA L 320 20.94 -52.63 -39.63
N VAL L 321 21.39 -52.46 -38.39
CA VAL L 321 20.68 -51.67 -37.39
C VAL L 321 21.65 -50.68 -36.78
N ARG L 322 21.25 -49.42 -36.67
CA ARG L 322 22.13 -48.37 -36.21
C ARG L 322 21.61 -47.75 -34.92
N TRP L 323 22.51 -47.02 -34.25
CA TRP L 323 22.18 -46.25 -33.05
C TRP L 323 21.65 -47.16 -31.93
N VAL L 324 22.18 -48.37 -31.85
CA VAL L 324 21.84 -49.28 -30.77
C VAL L 324 22.60 -48.87 -29.52
N GLY L 325 21.90 -48.85 -28.39
CA GLY L 325 22.51 -48.42 -27.15
C GLY L 325 23.58 -49.38 -26.67
N GLY L 326 24.44 -48.87 -25.79
CA GLY L 326 25.53 -49.64 -25.25
C GLY L 326 25.10 -50.89 -24.50
N PRO L 327 24.18 -50.74 -23.54
CA PRO L 327 23.63 -51.93 -22.88
C PRO L 327 22.96 -52.89 -23.85
N GLU L 328 22.25 -52.39 -24.86
CA GLU L 328 21.65 -53.27 -25.85
C GLU L 328 22.72 -53.99 -26.67
N ILE L 329 23.80 -53.29 -27.02
CA ILE L 329 24.91 -53.92 -27.72
C ILE L 329 25.49 -55.05 -26.89
N GLU L 330 25.69 -54.79 -25.60
CA GLU L 330 26.23 -55.80 -24.70
C GLU L 330 25.29 -57.00 -24.60
N LEU L 331 24.00 -56.76 -24.48
CA LEU L 331 23.03 -57.85 -24.38
C LEU L 331 23.00 -58.68 -25.66
N ILE L 332 23.05 -58.01 -26.82
CA ILE L 332 23.07 -58.73 -28.08
C ILE L 332 24.32 -59.59 -28.19
N ALA L 333 25.47 -59.04 -27.78
CA ALA L 333 26.71 -59.80 -27.83
C ALA L 333 26.65 -61.01 -26.91
N ILE L 334 26.07 -60.85 -25.73
CA ILE L 334 25.97 -61.95 -24.78
C ILE L 334 25.04 -63.04 -25.32
N ALA L 335 23.86 -62.64 -25.79
CA ALA L 335 22.87 -63.62 -26.23
C ALA L 335 23.32 -64.35 -27.49
N THR L 336 23.74 -63.61 -28.51
CA THR L 336 24.11 -64.22 -29.78
C THR L 336 25.42 -64.99 -29.70
N GLY L 337 26.25 -64.72 -28.69
CA GLY L 337 27.51 -65.39 -28.54
C GLY L 337 28.69 -64.74 -29.23
N GLY L 338 28.46 -63.69 -30.00
CA GLY L 338 29.54 -63.01 -30.68
C GLY L 338 30.25 -62.02 -29.79
N ARG L 339 31.34 -61.47 -30.32
CA ARG L 339 32.15 -60.48 -29.62
C ARG L 339 31.85 -59.08 -30.16
N ILE L 340 32.28 -58.08 -29.41
CA ILE L 340 32.11 -56.69 -29.78
C ILE L 340 33.40 -56.22 -30.44
N VAL L 341 33.30 -55.82 -31.70
CA VAL L 341 34.46 -55.49 -32.53
C VAL L 341 34.56 -53.97 -32.62
N PRO L 342 35.69 -53.37 -32.23
CA PRO L 342 35.77 -51.90 -32.24
C PRO L 342 36.02 -51.30 -33.62
N ARG L 343 36.54 -52.05 -34.58
CA ARG L 343 36.75 -51.50 -35.92
C ARG L 343 36.76 -52.65 -36.92
N PHE L 344 36.48 -52.31 -38.19
CA PHE L 344 36.31 -53.33 -39.22
C PHE L 344 37.57 -54.15 -39.44
N SER L 345 38.74 -53.56 -39.22
CA SER L 345 39.99 -54.27 -39.47
C SER L 345 40.11 -55.51 -38.60
N GLU L 346 39.49 -55.51 -37.43
CA GLU L 346 39.54 -56.64 -36.51
C GLU L 346 38.36 -57.60 -36.68
N LEU L 347 37.48 -57.35 -37.63
CA LEU L 347 36.31 -58.20 -37.81
C LEU L 347 36.72 -59.53 -38.44
N THR L 348 36.30 -60.64 -37.83
CA THR L 348 36.57 -61.97 -38.35
C THR L 348 35.30 -62.81 -38.23
N ALA L 349 35.36 -64.00 -38.80
CA ALA L 349 34.21 -64.89 -38.76
C ALA L 349 33.96 -65.45 -37.36
N GLU L 350 35.03 -65.63 -36.58
CA GLU L 350 34.88 -66.19 -35.24
C GLU L 350 34.25 -65.21 -34.27
N LYS L 351 34.27 -63.91 -34.57
CA LYS L 351 33.67 -62.91 -33.72
C LYS L 351 32.21 -62.63 -34.05
N LEU L 352 31.64 -63.37 -34.99
CA LEU L 352 30.26 -63.17 -35.40
C LEU L 352 29.32 -63.94 -34.49
N GLY L 353 28.30 -63.26 -33.99
CA GLY L 353 27.26 -63.92 -33.23
C GLY L 353 26.30 -64.66 -34.12
N PHE L 354 25.48 -65.52 -33.49
CA PHE L 354 24.50 -66.31 -34.21
C PHE L 354 23.14 -66.10 -33.57
N ALA L 355 22.14 -65.83 -34.41
CA ALA L 355 20.75 -65.71 -33.99
C ALA L 355 19.88 -66.47 -34.96
N GLY L 356 18.96 -67.28 -34.44
CA GLY L 356 18.13 -68.10 -35.30
C GLY L 356 17.09 -67.32 -36.07
N LEU L 357 16.71 -66.14 -35.59
CA LEU L 357 15.69 -65.34 -36.25
C LEU L 357 15.78 -63.91 -35.75
N VAL L 358 15.96 -62.97 -36.67
CA VAL L 358 15.89 -61.54 -36.39
C VAL L 358 14.72 -60.98 -37.18
N GLN L 359 13.79 -60.34 -36.48
CA GLN L 359 12.56 -59.88 -37.12
C GLN L 359 12.23 -58.47 -36.66
N GLU L 360 11.52 -57.74 -37.52
CA GLU L 360 11.00 -56.42 -37.19
C GLU L 360 9.51 -56.55 -36.89
N ILE L 361 9.07 -55.96 -35.79
CA ILE L 361 7.73 -56.16 -35.26
C ILE L 361 6.93 -54.88 -35.44
N SER L 362 5.67 -55.03 -35.88
CA SER L 362 4.71 -53.94 -35.93
C SER L 362 3.73 -54.08 -34.78
N PHE L 363 3.17 -52.96 -34.34
CA PHE L 363 2.31 -52.92 -33.16
C PHE L 363 0.97 -52.29 -33.50
N GLY L 364 0.39 -52.70 -34.61
CA GLY L 364 -0.90 -52.19 -35.04
C GLY L 364 -0.78 -50.90 -35.82
N THR L 365 -1.67 -49.95 -35.55
CA THR L 365 -1.69 -48.67 -36.26
C THR L 365 -0.93 -47.63 -35.44
N THR L 366 0.38 -47.87 -35.29
CA THR L 366 1.20 -47.03 -34.43
C THR L 366 2.48 -46.52 -35.08
N LYS L 367 2.91 -47.08 -36.21
CA LYS L 367 4.06 -46.61 -36.98
C LYS L 367 5.38 -46.91 -36.26
N ASP L 368 5.29 -47.41 -35.02
CA ASP L 368 6.48 -47.70 -34.22
C ASP L 368 6.88 -49.15 -34.45
N LYS L 369 8.09 -49.34 -34.97
CA LYS L 369 8.62 -50.67 -35.21
C LYS L 369 9.59 -51.07 -34.10
N MET L 370 9.75 -52.37 -33.92
CA MET L 370 10.61 -52.91 -32.88
C MET L 370 11.34 -54.13 -33.43
N LEU L 371 12.53 -54.37 -32.91
CA LEU L 371 13.41 -55.43 -33.40
C LEU L 371 13.52 -56.53 -32.35
N VAL L 372 13.42 -57.78 -32.80
CA VAL L 372 13.52 -58.95 -31.94
C VAL L 372 14.66 -59.82 -32.43
N ILE L 373 15.52 -60.24 -31.51
CA ILE L 373 16.61 -61.17 -31.78
C ILE L 373 16.42 -62.35 -30.84
N GLU L 374 16.15 -63.53 -31.39
CA GLU L 374 15.82 -64.69 -30.57
C GLU L 374 16.32 -65.95 -31.26
N GLN L 375 15.94 -67.10 -30.72
CA GLN L 375 16.35 -68.41 -31.22
C GLN L 375 17.87 -68.56 -31.21
N CYS L 376 18.51 -68.00 -30.19
CA CYS L 376 19.94 -68.20 -30.00
C CYS L 376 20.22 -69.60 -29.48
N LYS L 377 21.49 -69.98 -29.49
CA LYS L 377 21.87 -71.33 -29.10
C LYS L 377 21.80 -71.52 -27.58
N ASN L 378 22.62 -70.79 -26.84
CA ASN L 378 22.77 -70.95 -25.40
C ASN L 378 22.75 -69.57 -24.74
N SER L 379 21.72 -68.79 -25.07
CA SER L 379 21.65 -67.40 -24.62
C SER L 379 21.78 -67.29 -23.10
N ARG L 380 22.68 -66.40 -22.68
CA ARG L 380 22.88 -66.08 -21.27
C ARG L 380 22.21 -64.76 -20.89
N ALA L 381 21.37 -64.22 -21.77
CA ALA L 381 20.58 -63.03 -21.48
C ALA L 381 19.15 -63.26 -21.94
N VAL L 382 18.21 -62.66 -21.21
CA VAL L 382 16.80 -62.88 -21.46
C VAL L 382 16.08 -61.55 -21.40
N THR L 383 14.95 -61.47 -22.11
CA THR L 383 14.14 -60.26 -22.19
C THR L 383 12.68 -60.59 -21.90
N ILE L 384 12.05 -59.78 -21.07
CA ILE L 384 10.64 -59.93 -20.73
C ILE L 384 9.87 -58.80 -21.41
N PHE L 385 8.96 -59.16 -22.30
CA PHE L 385 8.15 -58.20 -23.05
C PHE L 385 6.75 -58.19 -22.47
N ILE L 386 6.28 -57.01 -22.05
CA ILE L 386 5.03 -56.86 -21.35
C ILE L 386 4.07 -56.05 -22.20
N ARG L 387 2.85 -56.55 -22.35
CA ARG L 387 1.78 -55.85 -23.05
C ARG L 387 0.63 -55.61 -22.08
N GLY L 388 -0.18 -54.61 -22.38
CA GLY L 388 -1.30 -54.27 -21.51
C GLY L 388 -2.21 -53.26 -22.14
N GLY L 389 -3.35 -53.04 -21.49
CA GLY L 389 -4.35 -52.11 -21.97
C GLY L 389 -4.08 -50.66 -21.63
N ASN L 390 -3.17 -50.38 -20.71
CA ASN L 390 -2.79 -49.02 -20.38
C ASN L 390 -1.43 -49.05 -19.70
N LYS L 391 -0.78 -47.88 -19.65
CA LYS L 391 0.61 -47.83 -19.22
C LYS L 391 0.77 -48.14 -17.74
N MET L 392 -0.20 -47.77 -16.91
CA MET L 392 -0.06 -47.97 -15.47
C MET L 392 -0.11 -49.45 -15.09
N ILE L 393 -0.98 -50.22 -15.74
CA ILE L 393 -0.96 -51.65 -15.49
C ILE L 393 0.34 -52.26 -16.00
N ILE L 394 0.95 -51.67 -17.03
CA ILE L 394 2.24 -52.15 -17.50
C ILE L 394 3.32 -51.91 -16.46
N GLU L 395 3.32 -50.72 -15.85
CA GLU L 395 4.29 -50.45 -14.79
C GLU L 395 4.07 -51.37 -13.60
N GLU L 396 2.82 -51.60 -13.23
CA GLU L 396 2.54 -52.51 -12.12
C GLU L 396 2.98 -53.94 -12.44
N ALA L 397 2.78 -54.37 -13.69
CA ALA L 397 3.27 -55.68 -14.10
C ALA L 397 4.79 -55.73 -14.05
N LYS L 398 5.45 -54.64 -14.43
CA LYS L 398 6.91 -54.58 -14.35
C LYS L 398 7.38 -54.78 -12.92
N ARG L 399 6.79 -54.06 -11.97
CA ARG L 399 7.26 -54.19 -10.59
C ARG L 399 6.84 -55.52 -9.97
N SER L 400 5.70 -56.07 -10.36
CA SER L 400 5.31 -57.39 -9.87
C SER L 400 6.26 -58.47 -10.39
N LEU L 401 6.64 -58.38 -11.66
CA LEU L 401 7.61 -59.33 -12.20
C LEU L 401 8.97 -59.15 -11.54
N HIS L 402 9.33 -57.91 -11.22
CA HIS L 402 10.57 -57.69 -10.47
C HIS L 402 10.51 -58.35 -9.11
N ASP L 403 9.35 -58.27 -8.44
CA ASP L 403 9.19 -58.96 -7.16
C ASP L 403 9.36 -60.46 -7.31
N ALA L 404 8.76 -61.04 -8.35
CA ALA L 404 8.88 -62.47 -8.58
C ALA L 404 10.33 -62.86 -8.86
N LEU L 405 11.04 -62.07 -9.68
CA LEU L 405 12.44 -62.36 -9.96
C LEU L 405 13.28 -62.27 -8.68
N CYS L 406 13.02 -61.27 -7.85
CA CYS L 406 13.74 -61.15 -6.59
C CYS L 406 13.48 -62.35 -5.69
N VAL L 407 12.25 -62.84 -5.66
CA VAL L 407 11.92 -63.99 -4.83
C VAL L 407 12.65 -65.23 -5.31
N ILE L 408 12.68 -65.46 -6.63
CA ILE L 408 13.40 -66.62 -7.13
C ILE L 408 14.91 -66.46 -6.89
N ARG L 409 15.42 -65.23 -6.96
CA ARG L 409 16.82 -64.99 -6.61
C ARG L 409 17.09 -65.37 -5.16
N ASN L 410 16.19 -64.99 -4.25
CA ASN L 410 16.35 -65.36 -2.85
C ASN L 410 16.32 -66.87 -2.69
N LEU L 411 15.44 -67.55 -3.42
CA LEU L 411 15.41 -69.01 -3.37
C LEU L 411 16.72 -69.60 -3.84
N ILE L 412 17.31 -69.02 -4.89
CA ILE L 412 18.62 -69.48 -5.35
C ILE L 412 19.67 -69.28 -4.27
N ARG L 413 19.64 -68.12 -3.61
CA ARG L 413 20.61 -67.85 -2.55
C ARG L 413 20.48 -68.85 -1.41
N ASP L 414 19.25 -69.13 -0.98
CA ASP L 414 18.99 -70.13 0.05
C ASP L 414 17.60 -70.70 -0.17
N ASN L 415 17.53 -72.03 -0.27
CA ASN L 415 16.31 -72.70 -0.71
C ASN L 415 15.35 -73.02 0.43
N ARG L 416 15.69 -72.69 1.68
CA ARG L 416 14.78 -72.95 2.78
C ARG L 416 13.60 -72.00 2.73
N VAL L 417 12.40 -72.55 2.93
CA VAL L 417 11.17 -71.78 2.84
C VAL L 417 10.31 -72.02 4.07
N VAL L 418 9.38 -71.10 4.31
CA VAL L 418 8.36 -71.25 5.33
C VAL L 418 7.01 -70.97 4.70
N TYR L 419 5.96 -71.50 5.31
CA TYR L 419 4.62 -71.43 4.74
C TYR L 419 3.92 -70.18 5.25
N GLY L 420 3.48 -69.34 4.33
CA GLY L 420 2.91 -68.05 4.67
C GLY L 420 1.48 -68.12 5.13
N GLY L 421 0.68 -67.12 4.73
CA GLY L 421 -0.69 -67.04 5.18
C GLY L 421 -0.82 -66.70 6.64
N GLY L 422 0.22 -66.16 7.26
CA GLY L 422 0.23 -65.89 8.68
C GLY L 422 0.63 -67.07 9.54
N ALA L 423 0.85 -68.24 8.95
CA ALA L 423 1.23 -69.41 9.73
C ALA L 423 2.57 -69.20 10.43
N ALA L 424 3.56 -68.67 9.70
CA ALA L 424 4.87 -68.43 10.28
C ALA L 424 4.78 -67.42 11.41
N GLU L 425 4.01 -66.35 11.22
CA GLU L 425 3.86 -65.34 12.27
C GLU L 425 3.20 -65.92 13.50
N ILE L 426 2.16 -66.74 13.32
CA ILE L 426 1.48 -67.34 14.45
C ILE L 426 2.41 -68.29 15.20
N SER L 427 3.18 -69.10 14.46
CA SER L 427 4.12 -70.02 15.11
C SER L 427 5.20 -69.26 15.86
N CYS L 428 5.72 -68.18 15.28
CA CYS L 428 6.73 -67.39 15.97
C CYS L 428 6.16 -66.72 17.21
N ALA L 429 4.92 -66.24 17.13
CA ALA L 429 4.28 -65.65 18.31
C ALA L 429 4.11 -66.69 19.40
N LEU L 430 3.71 -67.91 19.02
CA LEU L 430 3.58 -68.98 20.01
C LEU L 430 4.91 -69.31 20.66
N ALA L 431 5.97 -69.40 19.86
CA ALA L 431 7.29 -69.68 20.42
C ALA L 431 7.76 -68.56 21.35
N VAL L 432 7.52 -67.31 20.95
CA VAL L 432 7.91 -66.17 21.79
C VAL L 432 7.13 -66.20 23.10
N SER L 433 5.83 -66.49 23.04
CA SER L 433 5.02 -66.56 24.25
C SER L 433 5.50 -67.67 25.17
N GLN L 434 5.83 -68.83 24.60
CA GLN L 434 6.35 -69.93 25.41
C GLN L 434 7.67 -69.55 26.06
N GLU L 435 8.55 -68.90 25.30
CA GLU L 435 9.84 -68.47 25.86
C GLU L 435 9.65 -67.43 26.95
N ALA L 436 8.63 -66.57 26.83
CA ALA L 436 8.37 -65.56 27.84
C ALA L 436 7.98 -66.19 29.17
N ASP L 437 7.31 -67.35 29.14
CA ASP L 437 6.90 -68.00 30.36
C ASP L 437 8.08 -68.45 31.22
N LYS L 438 9.27 -68.55 30.62
CA LYS L 438 10.47 -68.95 31.36
C LYS L 438 11.34 -67.76 31.76
N CYS L 439 11.26 -66.66 31.02
CA CYS L 439 12.08 -65.49 31.32
C CYS L 439 11.60 -64.83 32.62
N PRO L 440 12.50 -64.17 33.35
CA PRO L 440 12.07 -63.34 34.49
C PRO L 440 10.95 -62.38 34.12
N THR L 441 10.21 -61.92 35.13
CA THR L 441 8.95 -61.22 34.88
C THR L 441 9.14 -59.91 34.11
N LEU L 442 10.23 -59.18 34.39
CA LEU L 442 10.34 -57.82 33.87
C LEU L 442 10.39 -57.79 32.35
N GLU L 443 11.09 -58.75 31.74
CA GLU L 443 11.15 -58.82 30.28
C GLU L 443 9.95 -59.55 29.68
N GLN L 444 9.11 -60.16 30.52
CA GLN L 444 7.95 -60.89 30.01
C GLN L 444 6.99 -59.95 29.27
N TYR L 445 6.81 -58.74 29.80
CA TYR L 445 5.90 -57.80 29.15
C TYR L 445 6.39 -57.44 27.76
N ALA L 446 7.70 -57.18 27.61
CA ALA L 446 8.23 -56.87 26.30
C ALA L 446 8.12 -58.06 25.34
N MET L 447 8.40 -59.27 25.83
CA MET L 447 8.28 -60.45 24.98
C MET L 447 6.84 -60.65 24.51
N ARG L 448 5.88 -60.51 25.43
CA ARG L 448 4.48 -60.70 25.06
C ARG L 448 3.97 -59.58 24.16
N ALA L 449 4.48 -58.37 24.34
CA ALA L 449 4.16 -57.29 23.40
C ALA L 449 4.69 -57.61 22.02
N PHE L 450 5.90 -58.18 21.94
CA PHE L 450 6.42 -58.59 20.65
C PHE L 450 5.55 -59.68 20.02
N ALA L 451 5.10 -60.63 20.83
CA ALA L 451 4.22 -61.68 20.31
C ALA L 451 2.92 -61.09 19.77
N ASP L 452 2.32 -60.18 20.53
CA ASP L 452 1.08 -59.55 20.07
C ASP L 452 1.30 -58.76 18.79
N ALA L 453 2.44 -58.08 18.68
CA ALA L 453 2.75 -57.36 17.45
C ALA L 453 2.94 -58.32 16.28
N LEU L 454 3.57 -59.47 16.53
CA LEU L 454 3.69 -60.48 15.49
C LEU L 454 2.34 -61.01 15.06
N GLU L 455 1.36 -61.01 15.97
CA GLU L 455 0.02 -61.47 15.61
C GLU L 455 -0.72 -60.53 14.66
N VAL L 456 -0.18 -59.35 14.36
CA VAL L 456 -0.93 -58.38 13.57
C VAL L 456 -1.10 -58.86 12.13
N ILE L 457 -0.11 -59.58 11.59
CA ILE L 457 -0.18 -59.98 10.18
C ILE L 457 -1.36 -60.91 9.91
N PRO L 458 -1.56 -62.01 10.65
CA PRO L 458 -2.76 -62.83 10.39
C PRO L 458 -4.05 -62.06 10.60
N MET L 459 -4.10 -61.15 11.58
CA MET L 459 -5.30 -60.36 11.80
C MET L 459 -5.58 -59.44 10.62
N ALA L 460 -4.54 -58.80 10.10
CA ALA L 460 -4.71 -57.95 8.92
C ALA L 460 -5.16 -58.77 7.72
N LEU L 461 -4.59 -59.97 7.54
CA LEU L 461 -4.99 -60.82 6.44
C LEU L 461 -6.44 -61.24 6.56
N SER L 462 -6.89 -61.57 7.78
CA SER L 462 -8.26 -62.01 7.97
C SER L 462 -9.25 -60.87 7.80
N GLU L 463 -8.91 -59.67 8.30
CA GLU L 463 -9.83 -58.55 8.15
C GLU L 463 -9.83 -57.99 6.73
N ASN L 464 -8.78 -58.23 5.95
CA ASN L 464 -8.80 -57.88 4.54
C ASN L 464 -9.60 -58.87 3.72
N SER L 465 -9.78 -60.09 4.22
CA SER L 465 -10.53 -61.12 3.53
C SER L 465 -11.99 -61.16 3.94
N GLY L 466 -12.44 -60.21 4.76
CA GLY L 466 -13.83 -60.15 5.17
C GLY L 466 -14.19 -61.04 6.34
N MET L 467 -13.23 -61.74 6.94
CA MET L 467 -13.49 -62.57 8.10
C MET L 467 -13.25 -61.78 9.38
N ASN L 468 -13.76 -62.31 10.48
CA ASN L 468 -13.54 -61.69 11.78
C ASN L 468 -12.10 -61.93 12.21
N PRO L 469 -11.34 -60.88 12.53
CA PRO L 469 -9.91 -61.06 12.80
C PRO L 469 -9.61 -61.89 14.04
N ILE L 470 -10.21 -61.50 15.17
CA ILE L 470 -9.82 -62.11 16.45
C ILE L 470 -10.28 -63.56 16.51
N GLN L 471 -11.50 -63.84 16.07
CA GLN L 471 -12.01 -65.21 16.13
C GLN L 471 -11.18 -66.14 15.25
N THR L 472 -10.91 -65.72 14.01
CA THR L 472 -10.11 -66.55 13.11
C THR L 472 -8.71 -66.74 13.64
N MET L 473 -8.08 -65.67 14.13
CA MET L 473 -6.73 -65.78 14.66
C MET L 473 -6.67 -66.72 15.86
N THR L 474 -7.61 -66.59 16.78
CA THR L 474 -7.63 -67.46 17.95
C THR L 474 -7.87 -68.90 17.56
N GLU L 475 -8.79 -69.14 16.62
CA GLU L 475 -9.06 -70.50 16.18
C GLU L 475 -7.82 -71.13 15.55
N VAL L 476 -7.13 -70.38 14.69
CA VAL L 476 -5.95 -70.92 14.02
C VAL L 476 -4.83 -71.18 15.02
N ARG L 477 -4.66 -70.26 15.99
CA ARG L 477 -3.64 -70.48 17.01
C ARG L 477 -3.95 -71.70 17.87
N ALA L 478 -5.22 -71.89 18.24
CA ALA L 478 -5.60 -73.05 19.01
C ALA L 478 -5.37 -74.34 18.22
N ARG L 479 -5.70 -74.33 16.94
CA ARG L 479 -5.44 -75.50 16.10
C ARG L 479 -3.94 -75.79 16.01
N GLN L 480 -3.13 -74.73 15.88
CA GLN L 480 -1.68 -74.91 15.85
C GLN L 480 -1.18 -75.52 17.15
N VAL L 481 -1.74 -75.09 18.28
CA VAL L 481 -1.30 -75.60 19.58
C VAL L 481 -1.70 -77.06 19.74
N LYS L 482 -2.95 -77.38 19.40
CA LYS L 482 -3.46 -78.74 19.66
C LYS L 482 -2.71 -79.77 18.80
N GLU L 483 -2.84 -79.65 17.49
CA GLU L 483 -2.07 -80.49 16.56
C GLU L 483 -0.83 -79.71 16.14
N MET L 484 0.34 -80.27 16.41
CA MET L 484 1.57 -79.54 16.17
C MET L 484 1.82 -79.41 14.67
N ASN L 485 1.35 -78.32 14.08
CA ASN L 485 1.46 -78.09 12.64
C ASN L 485 1.68 -76.60 12.43
N PRO L 486 2.92 -76.17 12.20
CA PRO L 486 3.20 -74.76 11.99
C PRO L 486 2.82 -74.23 10.62
N ALA L 487 2.11 -75.01 9.81
CA ALA L 487 1.70 -74.60 8.47
C ALA L 487 0.27 -74.12 8.40
N LEU L 488 -0.45 -74.08 9.52
CA LEU L 488 -1.84 -73.65 9.51
C LEU L 488 -1.89 -72.12 9.55
N GLY L 489 -2.54 -71.53 8.55
CA GLY L 489 -2.62 -70.10 8.42
C GLY L 489 -4.05 -69.63 8.21
N ILE L 490 -4.17 -68.46 7.57
CA ILE L 490 -5.46 -67.81 7.35
C ILE L 490 -5.91 -68.14 5.93
N ASP L 491 -7.12 -68.70 5.80
CA ASP L 491 -7.69 -69.03 4.50
C ASP L 491 -8.21 -67.75 3.85
N CYS L 492 -7.27 -67.01 3.26
CA CYS L 492 -7.63 -65.73 2.65
C CYS L 492 -8.52 -65.90 1.44
N LEU L 493 -8.26 -66.92 0.62
CA LEU L 493 -9.01 -67.13 -0.62
C LEU L 493 -10.23 -68.02 -0.44
N HIS L 494 -10.50 -68.47 0.79
CA HIS L 494 -11.67 -69.28 1.10
C HIS L 494 -11.70 -70.57 0.27
N LYS L 495 -10.62 -71.34 0.41
CA LYS L 495 -10.53 -72.65 -0.22
C LYS L 495 -10.99 -73.78 0.69
N GLY L 496 -11.51 -73.45 1.88
CA GLY L 496 -11.97 -74.45 2.81
C GLY L 496 -10.92 -74.86 3.83
N THR L 497 -9.79 -75.36 3.35
CA THR L 497 -8.73 -75.82 4.24
C THR L 497 -7.95 -74.66 4.80
N ASN L 498 -7.40 -74.86 6.00
CA ASN L 498 -6.52 -73.89 6.65
C ASN L 498 -5.05 -74.25 6.51
N ASP L 499 -4.74 -75.35 5.82
CA ASP L 499 -3.36 -75.82 5.70
C ASP L 499 -2.67 -75.09 4.56
N MET L 500 -1.67 -74.27 4.88
CA MET L 500 -0.96 -73.54 3.84
C MET L 500 -0.03 -74.45 3.06
N LYS L 501 0.41 -75.55 3.65
CA LYS L 501 1.21 -76.52 2.92
C LYS L 501 0.40 -77.15 1.79
N GLN L 502 -0.85 -77.50 2.07
CA GLN L 502 -1.70 -78.08 1.04
C GLN L 502 -2.10 -77.05 0.00
N GLN L 503 -2.23 -75.78 0.40
CA GLN L 503 -2.56 -74.71 -0.53
C GLN L 503 -1.33 -74.17 -1.26
N HIS L 504 -0.14 -74.70 -0.97
CA HIS L 504 1.09 -74.29 -1.64
C HIS L 504 1.34 -72.78 -1.49
N VAL L 505 1.06 -72.25 -0.31
CA VAL L 505 1.39 -70.86 0.00
C VAL L 505 2.81 -70.88 0.58
N ILE L 506 3.79 -70.66 -0.28
CA ILE L 506 5.19 -70.81 0.05
C ILE L 506 5.88 -69.47 -0.09
N GLU L 507 6.74 -69.14 0.87
CA GLU L 507 7.52 -67.92 0.79
C GLU L 507 8.87 -68.15 1.46
N THR L 508 9.85 -67.35 1.06
CA THR L 508 11.23 -67.58 1.43
C THR L 508 11.45 -67.37 2.92
N LEU L 509 12.29 -68.23 3.51
CA LEU L 509 12.68 -68.05 4.91
C LEU L 509 13.47 -66.76 5.09
N ILE L 510 14.33 -66.44 4.13
CA ILE L 510 15.12 -65.20 4.21
C ILE L 510 14.19 -64.00 4.29
N GLY L 511 13.06 -64.04 3.58
CA GLY L 511 12.13 -62.92 3.64
C GLY L 511 11.62 -62.67 5.04
N LYS L 512 11.17 -63.73 5.72
CA LYS L 512 10.67 -63.57 7.08
C LYS L 512 11.78 -63.16 8.04
N LYS L 513 12.95 -63.77 7.92
CA LYS L 513 14.05 -63.40 8.82
C LYS L 513 14.42 -61.94 8.65
N GLN L 514 14.51 -61.48 7.40
CA GLN L 514 14.83 -60.08 7.14
C GLN L 514 13.72 -59.16 7.63
N GLN L 515 12.47 -59.56 7.44
CA GLN L 515 11.35 -58.75 7.94
C GLN L 515 11.48 -58.53 9.44
N ILE L 516 11.64 -59.63 10.19
CA ILE L 516 11.69 -59.52 11.64
C ILE L 516 12.91 -58.71 12.08
N SER L 517 14.07 -59.00 11.48
CA SER L 517 15.29 -58.30 11.87
C SER L 517 15.17 -56.81 11.60
N LEU L 518 14.79 -56.43 10.37
CA LEU L 518 14.71 -55.02 10.03
C LEU L 518 13.67 -54.29 10.88
N ALA L 519 12.51 -54.90 11.09
CA ALA L 519 11.49 -54.27 11.92
C ALA L 519 12.00 -54.06 13.33
N THR L 520 12.67 -55.07 13.91
CA THR L 520 13.17 -54.93 15.27
C THR L 520 14.22 -53.84 15.37
N GLN L 521 15.16 -53.79 14.43
CA GLN L 521 16.20 -52.78 14.50
C GLN L 521 15.63 -51.38 14.32
N MET L 522 14.71 -51.20 13.37
CA MET L 522 14.13 -49.88 13.16
C MET L 522 13.29 -49.46 14.37
N VAL L 523 12.56 -50.39 14.97
CA VAL L 523 11.78 -50.05 16.16
C VAL L 523 12.70 -49.67 17.31
N ARG L 524 13.83 -50.39 17.45
CA ARG L 524 14.79 -50.01 18.49
C ARG L 524 15.33 -48.61 18.24
N MET L 525 15.66 -48.29 16.98
CA MET L 525 16.19 -46.97 16.67
C MET L 525 15.16 -45.88 16.96
N ILE L 526 13.90 -46.13 16.62
CA ILE L 526 12.85 -45.14 16.85
C ILE L 526 12.61 -44.96 18.35
N LEU L 527 12.58 -46.05 19.10
CA LEU L 527 12.36 -45.97 20.54
C LEU L 527 13.46 -45.22 21.26
N LYS L 528 14.65 -45.13 20.67
CA LYS L 528 15.79 -44.50 21.31
C LYS L 528 15.85 -43.00 21.07
N ILE L 529 14.93 -42.44 20.30
CA ILE L 529 14.91 -41.01 20.00
C ILE L 529 13.89 -40.37 20.92
N ASP L 530 14.37 -39.65 21.93
CA ASP L 530 13.50 -38.94 22.87
C ASP L 530 13.56 -37.43 22.70
N ASP L 531 14.24 -36.94 21.67
CA ASP L 531 14.41 -35.50 21.52
C ASP L 531 14.41 -35.14 20.03
N ILE L 532 13.67 -34.08 19.70
CA ILE L 532 13.60 -33.57 18.33
C ILE L 532 13.93 -32.08 18.37
N ARG L 533 14.70 -31.61 17.40
CA ARG L 533 15.04 -30.20 17.27
C ARG L 533 14.82 -29.79 15.82
N LYS L 534 13.61 -29.40 15.49
CA LYS L 534 13.23 -28.96 14.17
C LYS L 534 13.49 -27.47 13.99
N PRO L 535 13.69 -26.99 12.76
CA PRO L 535 13.79 -25.54 12.57
C PRO L 535 12.46 -24.84 12.80
N GLY L 536 11.36 -25.45 12.36
CA GLY L 536 10.04 -24.96 12.71
C GLY L 536 9.73 -23.55 12.25
N GLU L 537 10.48 -23.01 11.29
CA GLU L 537 10.28 -21.65 10.83
C GLU L 537 9.29 -21.57 9.66
N SER L 538 8.79 -22.71 9.18
CA SER L 538 7.86 -22.75 8.06
C SER L 538 8.44 -22.03 6.84
N GLU L 539 9.69 -22.35 6.54
CA GLU L 539 10.39 -21.70 5.43
C GLU L 539 9.70 -22.02 4.10
N GLU L 540 9.66 -21.02 3.23
CA GLU L 540 8.99 -21.16 1.94
C GLU L 540 9.93 -21.79 0.90
N LEU M 6 -10.08 11.32 -30.55
CA LEU M 6 -8.66 11.57 -30.32
C LEU M 6 -7.89 11.59 -31.63
N VAL M 7 -7.89 12.73 -32.31
CA VAL M 7 -7.22 12.85 -33.59
C VAL M 7 -5.70 12.88 -33.39
N LEU M 8 -5.22 13.87 -32.65
CA LEU M 8 -3.80 13.98 -32.35
C LEU M 8 -3.49 13.25 -31.05
N SER M 9 -2.22 13.23 -30.68
CA SER M 9 -1.80 12.54 -29.47
C SER M 9 -2.39 13.23 -28.23
N GLN M 10 -2.54 12.44 -27.17
CA GLN M 10 -3.13 12.97 -25.94
C GLN M 10 -2.23 14.03 -25.29
N ASN M 11 -0.91 13.92 -25.47
CA ASN M 11 0.03 14.85 -24.87
C ASN M 11 0.35 16.04 -25.77
N THR M 12 -0.26 16.12 -26.96
CA THR M 12 0.00 17.23 -27.87
C THR M 12 -0.78 18.45 -27.43
N LYS M 13 -0.07 19.55 -27.19
CA LYS M 13 -0.67 20.82 -26.77
C LYS M 13 -0.53 21.83 -27.90
N ARG M 14 -1.63 22.48 -28.24
CA ARG M 14 -1.65 23.47 -29.32
C ARG M 14 -2.38 24.72 -28.85
N GLU M 15 -1.81 25.88 -29.16
CA GLU M 15 -2.45 27.16 -28.89
C GLU M 15 -2.10 28.13 -30.00
N SER M 16 -2.97 29.11 -30.21
CA SER M 16 -2.82 30.03 -31.33
C SER M 16 -3.52 31.34 -30.99
N GLY M 17 -3.37 32.32 -31.88
CA GLY M 17 -3.99 33.61 -31.73
C GLY M 17 -3.04 34.67 -31.22
N ARG M 18 -3.64 35.73 -30.67
CA ARG M 18 -2.86 36.82 -30.09
C ARG M 18 -2.06 36.38 -28.87
N LYS M 19 -2.51 35.30 -28.19
CA LYS M 19 -1.80 34.83 -27.02
C LYS M 19 -0.38 34.39 -27.37
N VAL M 20 -0.22 33.69 -28.50
CA VAL M 20 1.11 33.24 -28.91
C VAL M 20 2.02 34.41 -29.21
N GLN M 21 1.52 35.42 -29.93
CA GLN M 21 2.32 36.59 -30.25
C GLN M 21 2.75 37.33 -28.99
N SER M 22 1.80 37.53 -28.07
CA SER M 22 2.12 38.20 -26.82
C SER M 22 3.14 37.42 -26.02
N GLY M 23 2.99 36.09 -25.96
CA GLY M 23 3.94 35.28 -25.22
C GLY M 23 5.33 35.32 -25.83
N ASN M 24 5.42 35.27 -27.15
CA ASN M 24 6.72 35.34 -27.81
C ASN M 24 7.40 36.67 -27.54
N ILE M 25 6.65 37.77 -27.68
CA ILE M 25 7.23 39.08 -27.46
C ILE M 25 7.65 39.24 -26.00
N ASN M 26 6.83 38.74 -25.06
CA ASN M 26 7.18 38.84 -23.66
C ASN M 26 8.41 38.01 -23.32
N ALA M 27 8.54 36.82 -23.92
CA ALA M 27 9.73 36.00 -23.68
C ALA M 27 10.97 36.68 -24.22
N ALA M 28 10.88 37.29 -25.40
CA ALA M 28 12.01 38.05 -25.93
C ALA M 28 12.37 39.22 -25.02
N LYS M 29 11.35 39.90 -24.50
CA LYS M 29 11.60 41.00 -23.58
C LYS M 29 12.28 40.52 -22.31
N THR M 30 11.89 39.35 -21.80
CA THR M 30 12.54 38.80 -20.61
C THR M 30 13.99 38.45 -20.89
N ILE M 31 14.26 37.86 -22.05
CA ILE M 31 15.65 37.58 -22.44
C ILE M 31 16.46 38.87 -22.48
N ALA M 32 15.88 39.93 -23.05
CA ALA M 32 16.58 41.21 -23.08
C ALA M 32 16.83 41.74 -21.67
N ASP M 33 15.81 41.65 -20.80
CA ASP M 33 15.91 42.16 -19.45
C ASP M 33 16.92 41.40 -18.60
N ILE M 34 17.20 40.15 -18.94
CA ILE M 34 18.18 39.39 -18.17
C ILE M 34 19.55 40.05 -18.22
N ILE M 35 19.96 40.52 -19.40
CA ILE M 35 21.30 41.06 -19.61
C ILE M 35 21.28 42.55 -19.94
N ARG M 36 20.13 43.22 -19.76
CA ARG M 36 20.07 44.66 -20.04
C ARG M 36 21.11 45.43 -19.23
N THR M 37 21.37 45.01 -18.00
CA THR M 37 22.26 45.75 -17.10
C THR M 37 23.72 45.36 -17.27
N CYS M 38 24.10 44.78 -18.41
CA CYS M 38 25.47 44.38 -18.67
C CYS M 38 26.00 45.05 -19.94
N LEU M 39 25.62 46.30 -20.16
CA LEU M 39 26.03 47.04 -21.35
C LEU M 39 26.72 48.34 -20.95
N GLY M 40 27.82 48.64 -21.61
CA GLY M 40 28.52 49.89 -21.40
C GLY M 40 29.74 49.76 -20.53
N PRO M 41 30.49 50.86 -20.39
CA PRO M 41 31.71 50.82 -19.55
C PRO M 41 31.43 50.63 -18.08
N LYS M 42 30.20 50.90 -17.62
CA LYS M 42 29.85 50.77 -16.21
C LYS M 42 29.00 49.54 -15.94
N SER M 43 29.19 48.49 -16.72
CA SER M 43 28.44 47.26 -16.53
C SER M 43 28.90 46.54 -15.27
N MET M 44 28.02 45.72 -14.72
CA MET M 44 28.29 44.94 -13.52
C MET M 44 28.30 43.46 -13.88
N MET M 45 29.25 42.73 -13.30
CA MET M 45 29.44 41.33 -13.63
C MET M 45 28.40 40.47 -12.93
N LYS M 46 28.28 39.22 -13.40
CA LYS M 46 27.30 38.27 -12.88
C LYS M 46 27.99 36.95 -12.61
N MET M 47 27.46 36.20 -11.65
CA MET M 47 27.98 34.89 -11.28
C MET M 47 27.01 33.83 -11.78
N LEU M 48 27.51 32.91 -12.61
CA LEU M 48 26.71 31.84 -13.18
C LEU M 48 27.19 30.51 -12.60
N LEU M 49 26.25 29.74 -12.04
CA LEU M 49 26.57 28.46 -11.42
C LEU M 49 26.21 27.35 -12.41
N ASP M 50 27.23 26.67 -12.92
CA ASP M 50 27.02 25.63 -13.91
C ASP M 50 26.35 24.41 -13.26
N PRO M 51 25.61 23.62 -14.05
CA PRO M 51 25.11 22.35 -13.52
C PRO M 51 26.22 21.36 -13.19
N MET M 52 27.41 21.54 -13.74
CA MET M 52 28.55 20.68 -13.46
C MET M 52 29.31 21.08 -12.19
N GLY M 53 28.91 22.17 -11.54
CA GLY M 53 29.56 22.64 -10.34
C GLY M 53 30.49 23.82 -10.54
N GLY M 54 30.86 24.13 -11.77
CA GLY M 54 31.73 25.26 -12.00
C GLY M 54 31.01 26.58 -11.86
N ILE M 55 31.80 27.65 -11.73
CA ILE M 55 31.28 29.00 -11.57
C ILE M 55 31.79 29.83 -12.75
N VAL M 56 30.87 30.45 -13.47
CA VAL M 56 31.19 31.37 -14.55
C VAL M 56 30.88 32.77 -14.06
N MET M 57 31.89 33.64 -14.09
CA MET M 57 31.79 34.98 -13.52
C MET M 57 32.14 35.98 -14.62
N THR M 58 31.14 36.56 -15.26
CA THR M 58 31.36 37.36 -16.45
C THR M 58 30.23 38.36 -16.64
N ASN M 59 30.49 39.34 -17.50
CA ASN M 59 29.46 40.27 -17.95
C ASN M 59 29.29 40.24 -19.46
N ASP M 60 29.99 39.35 -20.16
CA ASP M 60 29.78 39.17 -21.60
C ASP M 60 28.42 38.54 -21.85
N GLY M 61 27.68 39.09 -22.81
CA GLY M 61 26.31 38.66 -23.03
C GLY M 61 26.19 37.21 -23.47
N ASN M 62 27.10 36.78 -24.35
CA ASN M 62 26.99 35.44 -24.93
C ASN M 62 27.12 34.36 -23.87
N ALA M 63 28.10 34.51 -22.97
CA ALA M 63 28.28 33.51 -21.92
C ALA M 63 27.08 33.45 -20.98
N ILE M 64 26.56 34.61 -20.60
CA ILE M 64 25.41 34.65 -19.70
C ILE M 64 24.21 33.99 -20.35
N LEU M 65 23.96 34.28 -21.63
CA LEU M 65 22.82 33.67 -22.30
C LEU M 65 23.06 32.20 -22.60
N ARG M 66 24.32 31.78 -22.71
CA ARG M 66 24.61 30.38 -22.94
C ARG M 66 24.38 29.55 -21.69
N GLU M 67 24.71 30.09 -20.53
CA GLU M 67 24.57 29.34 -19.28
C GLU M 67 23.15 29.36 -18.72
N ILE M 68 22.14 29.66 -19.54
CA ILE M 68 20.76 29.75 -19.09
C ILE M 68 19.92 28.76 -19.90
N GLN M 69 19.13 27.96 -19.20
CA GLN M 69 18.22 27.02 -19.83
C GLN M 69 16.80 27.57 -19.78
N VAL M 70 16.10 27.51 -20.91
CA VAL M 70 14.77 28.08 -21.03
C VAL M 70 13.85 27.05 -21.67
N GLN M 71 12.55 27.29 -21.52
CA GLN M 71 11.51 26.43 -22.09
C GLN M 71 10.79 27.07 -23.27
N HIS M 72 10.51 28.36 -23.19
CA HIS M 72 9.77 29.02 -24.26
C HIS M 72 10.62 29.08 -25.53
N PRO M 73 10.09 28.66 -26.68
CA PRO M 73 10.90 28.63 -27.91
C PRO M 73 11.41 30.00 -28.34
N ALA M 74 10.70 31.08 -28.03
CA ALA M 74 11.21 32.41 -28.37
C ALA M 74 12.49 32.71 -27.62
N ALA M 75 12.57 32.29 -26.36
CA ALA M 75 13.80 32.45 -25.60
C ALA M 75 14.93 31.66 -26.23
N LYS M 76 14.64 30.45 -26.69
CA LYS M 76 15.65 29.66 -27.40
C LYS M 76 16.13 30.38 -28.66
N SER M 77 15.20 30.99 -29.39
CA SER M 77 15.57 31.75 -30.58
C SER M 77 16.50 32.90 -30.21
N MET M 78 16.19 33.61 -29.13
CA MET M 78 17.05 34.72 -28.71
C MET M 78 18.43 34.24 -28.29
N ILE M 79 18.50 33.09 -27.62
CA ILE M 79 19.80 32.51 -27.27
C ILE M 79 20.59 32.18 -28.52
N GLU M 80 19.92 31.60 -29.52
CA GLU M 80 20.59 31.30 -30.78
C GLU M 80 21.06 32.56 -31.48
N ILE M 81 20.29 33.65 -31.38
CA ILE M 81 20.72 34.93 -31.95
C ILE M 81 21.99 35.42 -31.26
N SER M 82 22.04 35.31 -29.94
CA SER M 82 23.24 35.68 -29.20
C SER M 82 24.44 34.86 -29.67
N ARG M 83 24.25 33.55 -29.81
CA ARG M 83 25.34 32.69 -30.27
C ARG M 83 25.78 33.05 -31.68
N THR M 84 24.83 33.36 -32.56
CA THR M 84 25.17 33.73 -33.94
C THR M 84 25.97 35.03 -33.97
N GLN M 85 25.56 36.02 -33.19
CA GLN M 85 26.29 37.27 -33.15
C GLN M 85 27.70 37.06 -32.59
N ASP M 86 27.84 36.23 -31.56
CA ASP M 86 29.16 35.96 -31.00
C ASP M 86 30.05 35.25 -32.01
N GLU M 87 29.51 34.27 -32.73
CA GLU M 87 30.33 33.49 -33.65
C GLU M 87 30.69 34.28 -34.89
N GLU M 88 29.79 35.15 -35.37
CA GLU M 88 30.04 35.86 -36.62
C GLU M 88 31.12 36.92 -36.45
N VAL M 89 30.91 37.85 -35.53
CA VAL M 89 31.83 38.97 -35.37
C VAL M 89 32.54 39.00 -34.03
N GLY M 90 32.01 38.35 -32.99
CA GLY M 90 32.67 38.29 -31.71
C GLY M 90 32.41 39.45 -30.78
N ASP M 91 31.66 40.47 -31.22
CA ASP M 91 31.36 41.62 -30.40
C ASP M 91 29.91 42.04 -30.64
N GLY M 92 29.44 42.95 -29.81
CA GLY M 92 28.06 43.41 -29.92
C GLY M 92 27.04 42.38 -29.53
N THR M 93 27.38 41.45 -28.63
CA THR M 93 26.46 40.39 -28.28
C THR M 93 25.33 40.88 -27.38
N THR M 94 25.64 41.75 -26.42
CA THR M 94 24.59 42.29 -25.56
C THR M 94 23.68 43.24 -26.34
N SER M 95 24.25 44.00 -27.27
CA SER M 95 23.47 45.01 -27.98
C SER M 95 22.39 44.38 -28.85
N VAL M 96 22.69 43.26 -29.50
CA VAL M 96 21.73 42.69 -30.44
C VAL M 96 20.51 42.16 -29.71
N ILE M 97 20.70 41.56 -28.53
CA ILE M 97 19.56 41.05 -27.76
C ILE M 97 18.65 42.20 -27.35
N ILE M 98 19.24 43.28 -26.85
CA ILE M 98 18.46 44.44 -26.42
C ILE M 98 17.71 45.03 -27.61
N LEU M 99 18.39 45.17 -28.74
CA LEU M 99 17.75 45.73 -29.93
C LEU M 99 16.59 44.85 -30.38
N ALA M 100 16.78 43.53 -30.39
CA ALA M 100 15.70 42.64 -30.82
C ALA M 100 14.51 42.74 -29.89
N GLY M 101 14.75 42.79 -28.58
CA GLY M 101 13.66 42.98 -27.64
C GLY M 101 12.92 44.28 -27.87
N GLU M 102 13.65 45.36 -28.14
CA GLU M 102 13.01 46.65 -28.35
C GLU M 102 12.15 46.64 -29.61
N MET M 103 12.68 46.09 -30.71
CA MET M 103 11.90 46.02 -31.94
C MET M 103 10.67 45.14 -31.76
N LEU M 104 10.80 44.05 -30.99
CA LEU M 104 9.64 43.19 -30.78
C LEU M 104 8.56 43.88 -29.95
N SER M 105 8.96 44.65 -28.94
CA SER M 105 7.97 45.42 -28.18
C SER M 105 7.29 46.46 -29.08
N VAL M 106 8.09 47.16 -29.90
CA VAL M 106 7.53 48.14 -30.82
C VAL M 106 6.54 47.49 -31.78
N ALA M 107 6.86 46.29 -32.25
CA ALA M 107 5.95 45.58 -33.14
C ALA M 107 4.68 45.15 -32.40
N GLU M 108 4.81 44.71 -31.15
CA GLU M 108 3.62 44.36 -30.38
C GLU M 108 2.68 45.55 -30.23
N HIS M 109 3.24 46.76 -30.14
CA HIS M 109 2.40 47.95 -30.09
C HIS M 109 1.39 47.97 -31.23
N PHE M 110 1.86 47.74 -32.47
CA PHE M 110 0.94 47.72 -33.61
C PHE M 110 0.14 46.44 -33.69
N LEU M 111 0.70 45.32 -33.22
CA LEU M 111 -0.01 44.05 -33.26
C LEU M 111 -1.25 44.07 -32.38
N GLU M 112 -1.22 44.83 -31.28
CA GLU M 112 -2.41 44.97 -30.46
C GLU M 112 -3.53 45.66 -31.23
N GLN M 113 -3.19 46.51 -32.18
CA GLN M 113 -4.16 47.09 -33.09
C GLN M 113 -4.46 46.08 -34.20
N GLN M 114 -5.14 46.52 -35.26
CA GLN M 114 -5.62 45.64 -36.31
C GLN M 114 -4.67 45.61 -37.52
N MET M 115 -3.37 45.71 -37.29
CA MET M 115 -2.38 45.67 -38.37
C MET M 115 -1.82 44.26 -38.49
N HIS M 116 -1.79 43.75 -39.71
CA HIS M 116 -1.27 42.40 -39.95
C HIS M 116 0.23 42.37 -39.74
N PRO M 117 0.76 41.25 -39.23
CA PRO M 117 2.22 41.17 -39.02
C PRO M 117 3.04 41.31 -40.29
N THR M 118 2.49 40.96 -41.45
CA THR M 118 3.25 41.07 -42.69
C THR M 118 3.59 42.52 -43.02
N VAL M 119 2.67 43.44 -42.73
CA VAL M 119 2.95 44.86 -42.94
C VAL M 119 4.10 45.30 -42.04
N VAL M 120 4.08 44.87 -40.78
CA VAL M 120 5.17 45.19 -39.85
C VAL M 120 6.48 44.64 -40.36
N ILE M 121 6.46 43.41 -40.89
CA ILE M 121 7.69 42.79 -41.39
C ILE M 121 8.23 43.56 -42.59
N SER M 122 7.34 43.97 -43.51
CA SER M 122 7.79 44.74 -44.66
C SER M 122 8.39 46.07 -44.25
N ALA M 123 7.75 46.76 -43.29
CA ALA M 123 8.30 48.00 -42.78
C ALA M 123 9.66 47.77 -42.12
N TYR M 124 9.79 46.67 -41.37
CA TYR M 124 11.05 46.35 -40.72
C TYR M 124 12.16 46.11 -41.74
N ARG M 125 11.84 45.41 -42.83
CA ARG M 125 12.86 45.14 -43.85
C ARG M 125 13.28 46.42 -44.57
N LYS M 126 12.31 47.29 -44.88
CA LYS M 126 12.67 48.58 -45.48
C LYS M 126 13.55 49.39 -44.53
N ALA M 127 13.20 49.39 -43.24
CA ALA M 127 14.00 50.10 -42.25
C ALA M 127 15.39 49.50 -42.14
N LEU M 128 15.51 48.18 -42.25
CA LEU M 128 16.83 47.55 -42.20
C LEU M 128 17.68 47.98 -43.38
N ASP M 129 17.10 48.03 -44.58
CA ASP M 129 17.85 48.47 -45.75
C ASP M 129 18.32 49.91 -45.57
N ASP M 130 17.43 50.78 -45.10
CA ASP M 130 17.82 52.18 -44.90
C ASP M 130 18.85 52.32 -43.79
N MET M 131 18.76 51.46 -42.76
CA MET M 131 19.75 51.47 -41.69
C MET M 131 21.12 51.09 -42.21
N ILE M 132 21.18 50.06 -43.05
CA ILE M 132 22.45 49.65 -43.65
C ILE M 132 23.03 50.80 -44.47
N SER M 133 22.19 51.44 -45.28
CA SER M 133 22.66 52.54 -46.11
C SER M 133 23.21 53.68 -45.24
N THR M 134 22.50 54.05 -44.19
CA THR M 134 22.94 55.15 -43.34
C THR M 134 24.23 54.80 -42.61
N LEU M 135 24.33 53.57 -42.10
CA LEU M 135 25.56 53.17 -41.42
C LEU M 135 26.75 53.22 -42.36
N LYS M 136 26.58 52.75 -43.60
CA LYS M 136 27.66 52.86 -44.57
C LYS M 136 27.97 54.32 -44.89
N LYS M 137 26.96 55.18 -44.85
CA LYS M 137 27.17 56.59 -45.17
C LYS M 137 27.97 57.30 -44.09
N ILE M 138 27.70 57.02 -42.82
CA ILE M 138 28.30 57.79 -41.74
C ILE M 138 29.61 57.17 -41.26
N SER M 139 30.14 56.21 -42.01
CA SER M 139 31.37 55.56 -41.62
C SER M 139 32.59 56.41 -41.98
N ILE M 140 33.72 56.07 -41.37
CA ILE M 140 34.99 56.74 -41.66
C ILE M 140 36.05 55.67 -41.95
N PRO M 141 37.05 55.97 -42.78
CA PRO M 141 38.10 54.99 -43.06
C PRO M 141 39.14 54.93 -41.95
N VAL M 142 39.90 53.85 -41.96
CA VAL M 142 40.96 53.61 -40.98
C VAL M 142 42.23 53.22 -41.72
N ASP M 143 43.36 53.79 -41.31
CA ASP M 143 44.67 53.41 -41.84
C ASP M 143 45.22 52.32 -40.96
N ILE M 144 45.13 51.07 -41.42
CA ILE M 144 45.57 49.94 -40.62
C ILE M 144 47.07 49.95 -40.36
N SER M 145 47.84 50.66 -41.20
CA SER M 145 49.28 50.74 -40.99
C SER M 145 49.64 51.54 -39.74
N ASP M 146 48.70 52.34 -39.23
CA ASP M 146 48.92 53.13 -38.01
C ASP M 146 48.57 52.26 -36.81
N SER M 147 49.59 51.81 -36.09
CA SER M 147 49.36 50.96 -34.93
C SER M 147 48.58 51.70 -33.83
N ASP M 148 48.73 53.02 -33.76
CA ASP M 148 48.02 53.78 -32.73
C ASP M 148 46.51 53.67 -32.90
N MET M 149 46.03 53.77 -34.14
CA MET M 149 44.58 53.68 -34.39
C MET M 149 44.06 52.29 -34.04
N MET M 150 44.80 51.24 -34.40
CA MET M 150 44.36 49.89 -34.06
C MET M 150 44.34 49.69 -32.55
N LEU M 151 45.35 50.19 -31.85
CA LEU M 151 45.37 50.08 -30.40
C LEU M 151 44.20 50.82 -29.77
N ASN M 152 43.89 52.02 -30.29
CA ASN M 152 42.76 52.78 -29.77
C ASN M 152 41.44 52.06 -30.03
N ILE M 153 41.31 51.44 -31.21
CA ILE M 153 40.09 50.69 -31.52
C ILE M 153 39.92 49.52 -30.57
N ILE M 154 41.00 48.78 -30.34
CA ILE M 154 40.94 47.65 -29.42
C ILE M 154 40.61 48.14 -28.01
N ASN M 155 41.19 49.27 -27.61
CA ASN M 155 40.87 49.84 -26.30
C ASN M 155 39.39 50.15 -26.19
N SER M 156 38.84 50.88 -27.15
CA SER M 156 37.41 51.17 -27.14
C SER M 156 36.58 49.91 -27.13
N SER M 157 37.10 48.82 -27.71
CA SER M 157 36.40 47.55 -27.65
C SER M 157 36.45 46.94 -26.26
N ILE M 158 37.52 47.17 -25.49
CA ILE M 158 37.72 46.50 -24.22
C ILE M 158 37.48 47.40 -23.02
N THR M 159 37.05 48.66 -23.22
CA THR M 159 36.76 49.51 -22.06
C THR M 159 35.57 48.99 -21.26
N THR M 160 34.72 48.16 -21.84
CA THR M 160 33.50 47.70 -21.19
C THR M 160 33.69 46.39 -20.45
N LYS M 161 34.90 45.84 -20.41
CA LYS M 161 35.14 44.54 -19.79
C LYS M 161 36.06 44.69 -18.59
N ALA M 162 36.22 43.60 -17.86
CA ALA M 162 37.05 43.61 -16.66
C ALA M 162 38.52 43.81 -16.96
N ILE M 163 38.96 43.55 -18.20
CA ILE M 163 40.36 43.73 -18.57
C ILE M 163 40.70 45.20 -18.81
N SER M 164 39.72 46.10 -18.75
CA SER M 164 39.98 47.50 -19.01
C SER M 164 40.92 48.13 -18.01
N ARG M 165 41.10 47.52 -16.83
CA ARG M 165 42.06 48.03 -15.86
C ARG M 165 43.47 47.98 -16.42
N TRP M 166 43.82 46.91 -17.12
CA TRP M 166 45.07 46.79 -17.84
C TRP M 166 44.74 46.89 -19.33
N SER M 167 44.65 48.12 -19.82
CA SER M 167 44.17 48.37 -21.18
C SER M 167 45.28 48.32 -22.21
N SER M 168 46.38 49.04 -21.96
CA SER M 168 47.46 49.07 -22.94
C SER M 168 48.08 47.69 -23.12
N LEU M 169 48.29 46.96 -22.03
CA LEU M 169 48.86 45.63 -22.12
C LEU M 169 47.97 44.70 -22.94
N ALA M 170 46.67 44.70 -22.66
CA ALA M 170 45.75 43.83 -23.38
C ALA M 170 45.67 44.22 -24.85
N CYS M 171 45.63 45.52 -25.14
CA CYS M 171 45.58 45.98 -26.53
C CYS M 171 46.82 45.55 -27.30
N ASN M 172 48.00 45.73 -26.69
CA ASN M 172 49.23 45.32 -27.36
C ASN M 172 49.25 43.82 -27.57
N ILE M 173 48.82 43.04 -26.57
CA ILE M 173 48.80 41.60 -26.71
C ILE M 173 47.91 41.18 -27.87
N ALA M 174 46.67 41.71 -27.90
CA ALA M 174 45.74 41.31 -28.94
C ALA M 174 46.23 41.72 -30.32
N LEU M 175 46.70 42.97 -30.45
CA LEU M 175 47.16 43.44 -31.75
C LEU M 175 48.35 42.64 -32.24
N ASP M 176 49.32 42.37 -31.36
CA ASP M 176 50.50 41.61 -31.76
C ASP M 176 50.12 40.19 -32.15
N ALA M 177 49.22 39.55 -31.39
CA ALA M 177 48.81 38.20 -31.73
C ALA M 177 48.10 38.15 -33.08
N VAL M 178 47.21 39.12 -33.34
CA VAL M 178 46.48 39.12 -34.60
C VAL M 178 47.42 39.37 -35.77
N LYS M 179 48.31 40.35 -35.64
CA LYS M 179 49.24 40.63 -36.73
C LYS M 179 50.22 39.48 -36.94
N MET M 180 50.57 38.74 -35.88
CA MET M 180 51.50 37.64 -36.01
C MET M 180 50.85 36.43 -36.66
N VAL M 181 49.60 36.14 -36.30
CA VAL M 181 48.91 34.98 -36.88
C VAL M 181 48.45 35.22 -38.31
N GLN M 182 48.49 36.46 -38.78
CA GLN M 182 48.06 36.76 -40.14
C GLN M 182 48.96 36.04 -41.14
N PHE M 183 48.32 35.36 -42.11
CA PHE M 183 49.03 34.51 -43.04
C PHE M 183 48.42 34.65 -44.43
N GLU M 184 49.26 34.43 -45.44
CA GLU M 184 48.81 34.45 -46.83
C GLU M 184 49.53 33.35 -47.59
N GLU M 185 48.77 32.55 -48.34
CA GLU M 185 49.34 31.47 -49.12
C GLU M 185 48.50 31.26 -50.37
N ASN M 186 49.16 31.12 -51.52
CA ASN M 186 48.50 30.91 -52.81
C ASN M 186 47.50 32.01 -53.11
N GLY M 187 47.85 33.24 -52.74
CA GLY M 187 46.95 34.36 -52.96
C GLY M 187 45.66 34.29 -52.17
N ARG M 188 45.72 33.80 -50.93
CA ARG M 188 44.55 33.71 -50.06
C ARG M 188 44.95 34.17 -48.67
N LYS M 189 44.39 35.29 -48.23
CA LYS M 189 44.69 35.85 -46.92
C LYS M 189 43.78 35.22 -45.88
N GLU M 190 44.32 35.06 -44.67
CA GLU M 190 43.54 34.53 -43.56
C GLU M 190 44.12 35.06 -42.25
N ILE M 191 43.27 35.07 -41.23
CA ILE M 191 43.68 35.42 -39.87
C ILE M 191 43.63 34.18 -38.96
N ASP M 192 42.47 33.53 -38.89
CA ASP M 192 42.33 32.22 -38.25
C ASP M 192 42.75 32.26 -36.78
N ILE M 193 42.02 33.05 -36.00
CA ILE M 193 42.28 33.17 -34.58
C ILE M 193 41.96 31.88 -33.84
N LYS M 194 41.02 31.09 -34.37
CA LYS M 194 40.54 29.92 -33.63
C LYS M 194 41.64 28.86 -33.51
N LYS M 195 42.26 28.48 -34.62
CA LYS M 195 43.21 27.37 -34.60
C LYS M 195 44.54 27.78 -33.97
N TYR M 196 45.24 28.72 -34.58
CA TYR M 196 46.49 29.23 -34.04
C TYR M 196 46.18 30.40 -33.09
N ALA M 197 47.23 31.04 -32.59
CA ALA M 197 47.09 32.10 -31.58
C ALA M 197 46.30 31.59 -30.37
N ARG M 198 46.85 30.56 -29.73
CA ARG M 198 46.20 29.91 -28.61
C ARG M 198 46.41 30.70 -27.32
N VAL M 199 45.38 30.76 -26.50
CA VAL M 199 45.43 31.43 -25.21
C VAL M 199 45.53 30.36 -24.13
N GLU M 200 46.67 30.31 -23.44
CA GLU M 200 46.89 29.37 -22.36
C GLU M 200 47.00 30.14 -21.05
N LYS M 201 46.24 29.71 -20.05
CA LYS M 201 46.14 30.40 -18.77
C LYS M 201 46.76 29.55 -17.68
N ILE M 202 47.64 30.16 -16.89
CA ILE M 202 48.25 29.51 -15.74
C ILE M 202 47.93 30.33 -14.50
N PRO M 203 47.09 29.84 -13.59
CA PRO M 203 46.74 30.63 -12.40
C PRO M 203 47.96 30.93 -11.55
N GLY M 204 47.95 32.10 -10.94
CA GLY M 204 49.05 32.59 -10.15
C GLY M 204 49.75 33.76 -10.83
N GLY M 205 50.75 34.29 -10.13
CA GLY M 205 51.45 35.44 -10.67
C GLY M 205 50.56 36.67 -10.71
N ILE M 206 50.86 37.56 -11.65
CA ILE M 206 50.10 38.80 -11.82
C ILE M 206 49.72 38.94 -13.28
N ILE M 207 48.64 39.70 -13.52
CA ILE M 207 48.18 39.92 -14.88
C ILE M 207 49.18 40.78 -15.66
N GLU M 208 49.89 41.68 -14.97
CA GLU M 208 50.91 42.49 -15.64
C GLU M 208 52.03 41.65 -16.21
N ASP M 209 52.22 40.43 -15.72
CA ASP M 209 53.24 39.54 -16.26
C ASP M 209 52.77 38.78 -17.48
N SER M 210 51.50 38.87 -17.85
CA SER M 210 51.00 38.22 -19.05
C SER M 210 51.64 38.85 -20.28
N CYS M 211 51.86 38.03 -21.30
CA CYS M 211 52.50 38.50 -22.52
C CYS M 211 52.17 37.52 -23.64
N VAL M 212 52.49 37.94 -24.86
CA VAL M 212 52.36 37.10 -26.04
C VAL M 212 53.75 36.64 -26.45
N LEU M 213 53.90 35.35 -26.70
CA LEU M 213 55.19 34.76 -27.00
C LEU M 213 55.46 34.81 -28.51
N ARG M 214 56.73 34.94 -28.86
CA ARG M 214 57.15 34.83 -30.26
C ARG M 214 57.28 33.35 -30.62
N GLY M 215 56.24 32.59 -30.35
CA GLY M 215 56.25 31.15 -30.53
C GLY M 215 55.12 30.53 -29.74
N VAL M 216 55.32 29.26 -29.36
CA VAL M 216 54.30 28.48 -28.69
C VAL M 216 54.82 28.03 -27.33
N MET M 217 53.91 27.50 -26.52
CA MET M 217 54.25 26.93 -25.22
C MET M 217 53.30 25.78 -24.95
N ILE M 218 53.85 24.65 -24.51
CA ILE M 218 53.05 23.46 -24.24
C ILE M 218 53.39 22.94 -22.85
N ASN M 219 52.45 22.19 -22.28
CA ASN M 219 52.62 21.60 -20.95
C ASN M 219 53.25 20.21 -21.07
N LYS M 220 54.47 20.19 -21.59
CA LYS M 220 55.18 18.95 -21.82
C LYS M 220 56.60 19.06 -21.29
N ASP M 221 57.15 17.91 -20.89
CA ASP M 221 58.50 17.80 -20.38
C ASP M 221 59.26 16.78 -21.21
N VAL M 222 60.59 16.82 -21.12
CA VAL M 222 61.41 15.86 -21.84
C VAL M 222 61.12 14.45 -21.35
N THR M 223 61.24 13.48 -22.28
CA THR M 223 60.89 12.10 -21.94
C THR M 223 61.96 11.41 -21.10
N HIS M 224 63.18 11.93 -21.09
CA HIS M 224 64.27 11.35 -20.33
C HIS M 224 65.10 12.50 -19.76
N PRO M 225 65.48 12.42 -18.48
CA PRO M 225 66.11 13.59 -17.83
C PRO M 225 67.43 14.01 -18.43
N ARG M 226 68.19 13.10 -19.06
CA ARG M 226 69.52 13.48 -19.52
C ARG M 226 69.48 14.44 -20.70
N MET M 227 68.35 14.53 -21.40
CA MET M 227 68.28 15.42 -22.55
C MET M 227 68.35 16.88 -22.12
N ARG M 228 68.83 17.71 -23.02
CA ARG M 228 68.99 19.13 -22.72
C ARG M 228 67.64 19.80 -22.56
N ARG M 229 67.53 20.65 -21.53
CA ARG M 229 66.35 21.47 -21.32
C ARG M 229 66.51 22.88 -21.83
N TYR M 230 67.61 23.17 -22.54
CA TYR M 230 67.86 24.52 -23.04
C TYR M 230 68.74 24.40 -24.28
N ILE M 231 68.16 24.70 -25.44
CA ILE M 231 68.88 24.66 -26.71
C ILE M 231 68.79 26.04 -27.34
N LYS M 232 69.93 26.55 -27.82
CA LYS M 232 69.98 27.94 -28.28
C LYS M 232 69.24 28.11 -29.59
N ASN M 233 69.68 27.43 -30.64
CA ASN M 233 69.08 27.55 -31.98
C ASN M 233 68.71 26.16 -32.47
N PRO M 234 67.64 25.59 -31.93
CA PRO M 234 67.31 24.20 -32.25
C PRO M 234 66.83 24.02 -33.68
N ARG M 235 67.04 22.83 -34.20
CA ARG M 235 66.41 22.36 -35.42
C ARG M 235 65.35 21.34 -35.03
N ILE M 236 64.09 21.62 -35.34
CA ILE M 236 62.95 20.90 -34.80
C ILE M 236 62.35 20.03 -35.90
N VAL M 237 62.09 18.77 -35.58
CA VAL M 237 61.46 17.82 -36.49
C VAL M 237 60.16 17.33 -35.85
N LEU M 238 59.07 17.39 -36.59
CA LEU M 238 57.75 17.05 -36.10
C LEU M 238 57.24 15.79 -36.79
N LEU M 239 56.65 14.89 -36.01
CA LEU M 239 56.21 13.60 -36.53
C LEU M 239 54.82 13.27 -36.04
N ASP M 240 54.12 12.44 -36.82
CA ASP M 240 52.87 11.83 -36.41
C ASP M 240 53.04 10.41 -35.91
N SER M 241 53.87 9.62 -36.59
CA SER M 241 53.98 8.20 -36.29
C SER M 241 54.73 7.98 -34.98
N SER M 242 54.36 6.90 -34.30
CA SER M 242 55.08 6.49 -33.11
C SER M 242 56.49 6.06 -33.47
N LEU M 243 57.40 6.21 -32.50
CA LEU M 243 58.77 5.72 -32.64
C LEU M 243 58.98 4.39 -31.92
N GLU M 244 57.96 3.55 -31.93
CA GLU M 244 57.99 2.27 -31.23
C GLU M 244 57.51 1.16 -32.16
N TYR M 245 58.00 -0.05 -31.91
CA TYR M 245 57.57 -1.21 -32.68
C TYR M 245 56.10 -1.51 -32.39
N LYS M 246 55.34 -1.78 -33.45
CA LYS M 246 53.91 -1.99 -33.32
C LYS M 246 53.46 -3.09 -34.28
N LYS M 247 52.28 -3.64 -34.01
CA LYS M 247 51.70 -4.67 -34.85
C LYS M 247 51.23 -4.07 -36.18
N GLY M 248 50.99 -4.96 -37.15
CA GLY M 248 50.45 -4.57 -38.43
C GLY M 248 48.96 -4.80 -38.51
N GLU M 249 48.38 -4.38 -39.64
CA GLU M 249 46.94 -4.52 -39.83
C GLU M 249 46.55 -5.97 -40.08
N SER M 250 47.29 -6.66 -40.93
CA SER M 250 46.98 -8.05 -41.24
C SER M 250 47.36 -8.95 -40.06
N GLN M 251 46.59 -10.02 -39.86
CA GLN M 251 46.96 -10.99 -38.85
C GLN M 251 48.23 -11.70 -39.27
N THR M 252 49.25 -11.67 -38.41
CA THR M 252 50.61 -12.02 -38.77
C THR M 252 51.21 -12.95 -37.73
N ASP M 253 50.50 -14.03 -37.43
CA ASP M 253 51.01 -15.03 -36.50
C ASP M 253 52.32 -15.60 -37.01
N ILE M 254 53.26 -15.81 -36.10
CA ILE M 254 54.54 -16.41 -36.42
C ILE M 254 54.49 -17.88 -36.00
N GLU M 255 55.46 -18.66 -36.48
CA GLU M 255 55.61 -20.06 -36.09
C GLU M 255 57.09 -20.33 -35.90
N ILE M 256 57.49 -20.60 -34.66
CA ILE M 256 58.89 -20.76 -34.30
C ILE M 256 59.15 -22.23 -34.00
N THR M 257 60.11 -22.81 -34.69
CA THR M 257 60.59 -24.16 -34.41
C THR M 257 62.06 -24.19 -34.05
N ARG M 258 62.89 -23.35 -34.68
CA ARG M 258 64.30 -23.28 -34.34
C ARG M 258 64.49 -22.58 -33.00
N GLU M 259 65.63 -22.86 -32.36
CA GLU M 259 65.92 -22.30 -31.05
C GLU M 259 66.10 -20.79 -31.11
N GLU M 260 66.86 -20.31 -32.10
CA GLU M 260 67.32 -18.92 -32.12
C GLU M 260 66.32 -17.95 -32.72
N ASP M 261 65.17 -18.42 -33.20
CA ASP M 261 64.25 -17.53 -33.89
C ASP M 261 63.63 -16.51 -32.94
N PHE M 262 63.38 -16.89 -31.70
CA PHE M 262 62.81 -15.96 -30.72
C PHE M 262 63.76 -14.79 -30.46
N THR M 263 65.02 -15.12 -30.15
CA THR M 263 66.02 -14.09 -29.93
C THR M 263 66.23 -13.26 -31.18
N ARG M 264 66.21 -13.90 -32.35
CA ARG M 264 66.37 -13.16 -33.60
C ARG M 264 65.24 -12.17 -33.80
N ILE M 265 64.00 -12.58 -33.50
CA ILE M 265 62.85 -11.69 -33.67
C ILE M 265 62.97 -10.48 -32.76
N LEU M 266 63.37 -10.71 -31.51
CA LEU M 266 63.55 -9.57 -30.60
C LEU M 266 64.67 -8.66 -31.10
N GLN M 267 65.74 -9.25 -31.64
CA GLN M 267 66.83 -8.45 -32.19
C GLN M 267 66.35 -7.63 -33.38
N MET M 268 65.48 -8.19 -34.23
CA MET M 268 64.95 -7.40 -35.34
C MET M 268 64.05 -6.28 -34.86
N GLU M 269 63.30 -6.48 -33.77
CA GLU M 269 62.55 -5.37 -33.20
C GLU M 269 63.49 -4.24 -32.80
N GLU M 270 64.57 -4.58 -32.08
CA GLU M 270 65.53 -3.56 -31.67
C GLU M 270 66.18 -2.90 -32.89
N GLU M 271 66.49 -3.69 -33.92
CA GLU M 271 67.13 -3.16 -35.11
C GLU M 271 66.21 -2.22 -35.88
N TYR M 272 64.91 -2.55 -35.91
CA TYR M 272 63.96 -1.64 -36.54
C TYR M 272 63.88 -0.32 -35.79
N ILE M 273 63.88 -0.37 -34.46
CA ILE M 273 63.90 0.87 -33.69
C ILE M 273 65.16 1.67 -34.01
N GLN M 274 66.31 0.99 -34.05
CA GLN M 274 67.56 1.68 -34.36
C GLN M 274 67.55 2.29 -35.75
N GLN M 275 66.99 1.57 -36.73
CA GLN M 275 66.93 2.10 -38.09
C GLN M 275 66.05 3.33 -38.17
N LEU M 276 64.90 3.30 -37.51
CA LEU M 276 64.04 4.48 -37.48
C LEU M 276 64.76 5.66 -36.84
N CYS M 277 65.43 5.43 -35.71
CA CYS M 277 66.14 6.51 -35.05
C CYS M 277 67.28 7.04 -35.89
N GLU M 278 67.98 6.16 -36.61
CA GLU M 278 69.06 6.60 -37.48
C GLU M 278 68.53 7.43 -38.65
N ASP M 279 67.38 7.04 -39.20
CA ASP M 279 66.77 7.85 -40.24
C ASP M 279 66.39 9.22 -39.72
N ILE M 280 65.90 9.30 -38.49
CA ILE M 280 65.63 10.61 -37.88
C ILE M 280 66.92 11.40 -37.69
N ILE M 281 67.97 10.75 -37.19
CA ILE M 281 69.22 11.42 -36.88
C ILE M 281 69.91 11.94 -38.14
N GLN M 282 69.65 11.29 -39.29
CA GLN M 282 70.31 11.67 -40.53
C GLN M 282 70.16 13.16 -40.84
N LEU M 283 69.02 13.76 -40.47
CA LEU M 283 68.80 15.18 -40.70
C LEU M 283 69.54 16.06 -39.69
N LYS M 284 70.15 15.46 -38.67
CA LYS M 284 70.86 16.20 -37.63
C LYS M 284 69.98 17.26 -36.95
N PRO M 285 68.88 16.86 -36.32
CA PRO M 285 68.06 17.84 -35.61
C PRO M 285 68.51 18.04 -34.18
N ASP M 286 67.82 18.90 -33.45
CA ASP M 286 68.07 19.09 -32.02
C ASP M 286 66.86 18.78 -31.16
N VAL M 287 65.65 18.96 -31.68
CA VAL M 287 64.42 18.66 -30.96
C VAL M 287 63.54 17.79 -31.84
N VAL M 288 62.96 16.75 -31.25
CA VAL M 288 62.03 15.86 -31.94
C VAL M 288 60.72 15.88 -31.18
N ILE M 289 59.63 16.19 -31.88
CA ILE M 289 58.30 16.26 -31.30
C ILE M 289 57.42 15.23 -32.00
N THR M 290 56.65 14.48 -31.22
CA THR M 290 55.76 13.46 -31.75
C THR M 290 54.40 13.58 -31.11
N GLU M 291 53.35 13.30 -31.90
CA GLU M 291 52.01 13.23 -31.35
C GLU M 291 51.68 11.88 -30.75
N LYS M 292 52.61 10.93 -30.81
CA LYS M 292 52.40 9.60 -30.27
C LYS M 292 53.63 9.19 -29.47
N GLY M 293 53.60 7.96 -28.96
CA GLY M 293 54.62 7.54 -28.02
C GLY M 293 56.00 7.41 -28.67
N ILE M 294 57.02 7.54 -27.83
CA ILE M 294 58.41 7.33 -28.22
C ILE M 294 58.98 6.25 -27.31
N SER M 295 59.48 5.18 -27.91
CA SER M 295 59.95 4.04 -27.14
C SER M 295 61.22 4.39 -26.37
N ASP M 296 61.45 3.65 -25.28
CA ASP M 296 62.62 3.89 -24.44
C ASP M 296 63.91 3.64 -25.22
N LEU M 297 63.94 2.58 -26.02
CA LEU M 297 65.10 2.34 -26.88
C LEU M 297 65.26 3.48 -27.89
N ALA M 298 64.15 3.98 -28.42
CA ALA M 298 64.21 5.15 -29.29
C ALA M 298 64.75 6.36 -28.53
N GLN M 299 64.35 6.53 -27.28
CA GLN M 299 64.87 7.62 -26.46
C GLN M 299 66.39 7.49 -26.31
N HIS M 300 66.87 6.28 -26.05
CA HIS M 300 68.31 6.07 -25.91
C HIS M 300 69.05 6.40 -27.22
N TYR M 301 68.52 5.92 -28.35
CA TYR M 301 69.20 6.13 -29.62
C TYR M 301 69.21 7.61 -30.01
N LEU M 302 68.11 8.33 -29.73
CA LEU M 302 68.13 9.77 -29.94
C LEU M 302 69.09 10.47 -28.99
N MET M 303 69.17 10.02 -27.74
CA MET M 303 70.02 10.68 -26.76
C MET M 303 71.49 10.49 -27.09
N ARG M 304 71.84 9.36 -27.70
CA ARG M 304 73.22 9.17 -28.16
C ARG M 304 73.62 10.21 -29.21
N ALA M 305 72.65 10.80 -29.89
CA ALA M 305 72.90 11.85 -30.88
C ALA M 305 72.65 13.25 -30.33
N ASN M 306 72.42 13.37 -29.02
CA ASN M 306 72.17 14.65 -28.36
C ASN M 306 70.95 15.35 -28.98
N ILE M 307 69.81 14.69 -28.85
CA ILE M 307 68.54 15.18 -29.40
C ILE M 307 67.49 15.13 -28.30
N THR M 308 66.80 16.25 -28.10
CA THR M 308 65.71 16.31 -27.13
C THR M 308 64.43 15.83 -27.77
N ALA M 309 63.73 14.92 -27.10
CA ALA M 309 62.53 14.29 -27.64
C ALA M 309 61.35 14.56 -26.72
N ILE M 310 60.23 14.98 -27.30
CA ILE M 310 58.98 15.20 -26.58
C ILE M 310 57.89 14.41 -27.29
N ARG M 311 57.05 13.73 -26.51
CA ARG M 311 56.05 12.83 -27.05
C ARG M 311 54.66 13.22 -26.57
N ARG M 312 53.65 12.62 -27.20
CA ARG M 312 52.25 12.77 -26.83
C ARG M 312 51.79 14.23 -26.87
N VAL M 313 52.27 14.96 -27.88
CA VAL M 313 51.83 16.33 -28.11
C VAL M 313 50.56 16.30 -28.95
N ARG M 314 49.58 17.11 -28.57
CA ARG M 314 48.31 17.13 -29.29
C ARG M 314 48.51 17.63 -30.72
N LYS M 315 47.62 17.17 -31.61
CA LYS M 315 47.75 17.50 -33.02
C LYS M 315 47.62 19.01 -33.25
N THR M 316 46.69 19.66 -32.55
CA THR M 316 46.56 21.11 -32.67
C THR M 316 47.83 21.82 -32.21
N ASP M 317 48.39 21.37 -31.08
CA ASP M 317 49.63 21.95 -30.61
C ASP M 317 50.78 21.70 -31.58
N ASN M 318 50.81 20.51 -32.19
CA ASN M 318 51.85 20.22 -33.16
C ASN M 318 51.72 21.12 -34.40
N ASN M 319 50.50 21.36 -34.87
CA ASN M 319 50.30 22.29 -35.96
C ASN M 319 50.74 23.69 -35.60
N ARG M 320 50.43 24.11 -34.36
CA ARG M 320 50.87 25.42 -33.90
C ARG M 320 52.39 25.52 -33.87
N ILE M 321 53.05 24.46 -33.42
CA ILE M 321 54.51 24.43 -33.41
C ILE M 321 55.04 24.52 -34.84
N ALA M 322 54.43 23.79 -35.76
CA ALA M 322 54.86 23.82 -37.16
C ALA M 322 54.74 25.22 -37.73
N ARG M 323 53.63 25.91 -37.45
CA ARG M 323 53.48 27.28 -37.93
C ARG M 323 54.50 28.20 -37.29
N ALA M 324 54.76 28.03 -35.99
CA ALA M 324 55.66 28.94 -35.28
C ALA M 324 57.10 28.79 -35.76
N CYS M 325 57.60 27.56 -35.84
CA CYS M 325 58.99 27.31 -36.15
C CYS M 325 59.23 27.00 -37.62
N GLY M 326 58.20 27.08 -38.46
CA GLY M 326 58.38 26.86 -39.88
C GLY M 326 58.78 25.44 -40.25
N ALA M 327 58.14 24.44 -39.65
CA ALA M 327 58.42 23.04 -39.92
C ALA M 327 57.23 22.41 -40.62
N ARG M 328 57.38 21.12 -40.95
CA ARG M 328 56.30 20.34 -41.55
C ARG M 328 56.26 18.97 -40.89
N ILE M 329 55.08 18.55 -40.47
CA ILE M 329 54.93 17.26 -39.83
C ILE M 329 55.12 16.15 -40.86
N VAL M 330 55.96 15.17 -40.53
CA VAL M 330 56.25 14.05 -41.40
C VAL M 330 55.95 12.76 -40.65
N SER M 331 55.16 11.88 -41.27
CA SER M 331 54.75 10.65 -40.63
C SER M 331 55.67 9.47 -40.94
N ARG M 332 56.60 9.62 -41.87
CA ARG M 332 57.54 8.55 -42.20
C ARG M 332 58.96 9.08 -42.08
N PRO M 333 59.71 8.67 -41.05
CA PRO M 333 61.06 9.21 -40.86
C PRO M 333 61.98 8.97 -42.05
N GLU M 334 61.84 7.85 -42.76
CA GLU M 334 62.66 7.60 -43.94
C GLU M 334 62.35 8.56 -45.07
N GLU M 335 61.23 9.27 -45.02
CA GLU M 335 60.87 10.27 -46.02
C GLU M 335 61.07 11.69 -45.49
N LEU M 336 62.06 11.89 -44.64
CA LEU M 336 62.31 13.18 -44.03
C LEU M 336 63.28 13.97 -44.90
N ARG M 337 62.81 15.08 -45.45
CA ARG M 337 63.64 15.96 -46.27
C ARG M 337 64.18 17.11 -45.43
N GLU M 338 65.17 17.80 -46.00
CA GLU M 338 65.79 18.92 -45.28
C GLU M 338 64.80 20.05 -45.06
N ASP M 339 63.91 20.28 -46.03
CA ASP M 339 62.91 21.34 -45.88
C ASP M 339 61.97 21.06 -44.71
N ASP M 340 61.72 19.79 -44.40
CA ASP M 340 60.84 19.45 -43.29
C ASP M 340 61.43 19.85 -41.94
N VAL M 341 62.74 19.95 -41.84
CA VAL M 341 63.36 20.37 -40.59
C VAL M 341 63.09 21.84 -40.35
N GLY M 342 62.55 22.16 -39.18
CA GLY M 342 62.16 23.53 -38.89
C GLY M 342 63.26 24.38 -38.32
N THR M 343 63.92 25.16 -39.17
CA THR M 343 64.89 26.15 -38.73
C THR M 343 64.21 27.50 -38.69
N GLY M 344 64.36 28.20 -37.57
CA GLY M 344 63.66 29.46 -37.38
C GLY M 344 63.20 29.64 -35.96
N ALA M 345 63.32 28.58 -35.16
CA ALA M 345 63.06 28.64 -33.73
C ALA M 345 64.30 29.20 -33.04
N GLY M 346 64.20 30.41 -32.51
CA GLY M 346 65.36 31.08 -31.96
C GLY M 346 65.77 30.65 -30.57
N LEU M 347 64.95 29.85 -29.89
CA LEU M 347 65.28 29.35 -28.56
C LEU M 347 64.24 28.31 -28.15
N LEU M 348 64.70 27.26 -27.48
CA LEU M 348 63.83 26.28 -26.86
C LEU M 348 64.29 26.08 -25.42
N GLU M 349 63.34 26.08 -24.48
CA GLU M 349 63.66 25.99 -23.06
C GLU M 349 62.52 25.35 -22.33
N ILE M 350 62.79 24.26 -21.62
CA ILE M 350 61.83 23.60 -20.76
C ILE M 350 62.08 24.10 -19.35
N LYS M 351 61.23 25.00 -18.88
CA LYS M 351 61.37 25.58 -17.55
C LYS M 351 60.19 25.15 -16.67
N LYS M 352 60.30 25.50 -15.40
CA LYS M 352 59.33 25.07 -14.38
C LYS M 352 58.52 26.28 -13.93
N ILE M 353 57.21 26.19 -14.07
CA ILE M 353 56.29 27.22 -13.59
C ILE M 353 55.41 26.58 -12.52
N GLY M 354 55.48 27.10 -11.31
CA GLY M 354 54.79 26.50 -10.19
C GLY M 354 55.35 25.14 -9.85
N ASP M 355 54.58 24.08 -10.09
CA ASP M 355 55.03 22.71 -9.88
C ASP M 355 54.90 21.87 -11.13
N GLU M 356 54.84 22.51 -12.30
CA GLU M 356 54.68 21.82 -13.58
C GLU M 356 55.74 22.29 -14.55
N TYR M 357 56.18 21.38 -15.43
CA TYR M 357 57.16 21.70 -16.45
C TYR M 357 56.46 22.17 -17.70
N PHE M 358 56.97 23.26 -18.29
CA PHE M 358 56.42 23.83 -19.51
C PHE M 358 57.53 23.97 -20.54
N THR M 359 57.20 23.66 -21.79
CA THR M 359 58.15 23.73 -22.88
C THR M 359 57.92 25.01 -23.68
N PHE M 360 58.97 25.80 -23.84
CA PHE M 360 58.89 27.10 -24.50
C PHE M 360 59.71 27.06 -25.79
N ILE M 361 59.09 27.54 -26.88
CA ILE M 361 59.81 27.83 -28.12
C ILE M 361 59.47 29.28 -28.43
N THR M 362 60.28 30.22 -27.93
CA THR M 362 59.85 31.60 -27.79
C THR M 362 60.91 32.58 -28.26
N ASP M 363 61.58 32.27 -29.37
CA ASP M 363 62.41 33.30 -30.01
C ASP M 363 62.31 33.19 -31.53
N CYS M 364 61.19 32.70 -32.04
CA CYS M 364 61.06 32.43 -33.46
C CYS M 364 61.13 33.71 -34.27
N LYS M 365 61.79 33.64 -35.43
CA LYS M 365 61.79 34.73 -36.39
C LYS M 365 60.62 34.53 -37.36
N ASP M 366 59.80 35.56 -37.51
CA ASP M 366 58.61 35.52 -38.35
C ASP M 366 57.74 34.30 -38.04
N PRO M 367 57.15 34.23 -36.85
CA PRO M 367 56.24 33.11 -36.56
C PRO M 367 54.83 33.39 -37.04
N LYS M 368 54.16 32.33 -37.49
CA LYS M 368 52.77 32.41 -37.92
C LYS M 368 51.81 31.85 -36.89
N ALA M 369 52.30 31.55 -35.68
CA ALA M 369 51.45 31.10 -34.59
C ALA M 369 52.02 31.65 -33.30
N CYS M 370 51.18 31.75 -32.28
CA CYS M 370 51.61 32.30 -31.01
C CYS M 370 50.79 31.70 -29.88
N THR M 371 51.35 31.78 -28.67
CA THR M 371 50.66 31.41 -27.45
C THR M 371 50.60 32.61 -26.53
N ILE M 372 49.40 32.96 -26.08
CA ILE M 372 49.20 34.07 -25.16
C ILE M 372 49.19 33.51 -23.75
N LEU M 373 50.26 33.80 -23.00
CA LEU M 373 50.41 33.28 -21.66
C LEU M 373 49.65 34.18 -20.68
N LEU M 374 48.60 33.65 -20.07
CA LEU M 374 47.78 34.38 -19.13
C LEU M 374 48.10 33.93 -17.71
N ARG M 375 48.43 34.90 -16.85
CA ARG M 375 48.70 34.63 -15.44
C ARG M 375 47.85 35.57 -14.61
N GLY M 376 47.09 35.01 -13.67
CA GLY M 376 46.16 35.81 -12.89
C GLY M 376 45.87 35.26 -11.51
N ALA M 377 44.84 35.80 -10.87
CA ALA M 377 44.52 35.42 -9.50
C ALA M 377 44.00 33.99 -9.42
N SER M 378 43.07 33.63 -10.29
CA SER M 378 42.43 32.31 -10.23
C SER M 378 41.96 31.92 -11.62
N LYS M 379 41.33 30.74 -11.69
CA LYS M 379 40.87 30.23 -12.97
C LYS M 379 39.71 31.04 -13.53
N GLU M 380 38.81 31.51 -12.65
CA GLU M 380 37.66 32.29 -13.14
C GLU M 380 38.09 33.64 -13.67
N ILE M 381 38.99 34.32 -12.96
CA ILE M 381 39.51 35.59 -13.43
C ILE M 381 40.21 35.41 -14.76
N LEU M 382 41.01 34.36 -14.89
CA LEU M 382 41.71 34.08 -16.14
C LEU M 382 40.76 33.74 -17.26
N SER M 383 39.66 33.03 -16.96
CA SER M 383 38.66 32.74 -17.98
C SER M 383 38.01 34.02 -18.48
N GLU M 384 37.66 34.93 -17.57
CA GLU M 384 37.09 36.20 -17.99
C GLU M 384 38.10 37.00 -18.82
N VAL M 385 39.37 37.00 -18.41
CA VAL M 385 40.40 37.70 -19.17
C VAL M 385 40.55 37.10 -20.55
N GLU M 386 40.47 35.77 -20.65
CA GLU M 386 40.56 35.11 -21.94
C GLU M 386 39.39 35.49 -22.84
N ARG M 387 38.18 35.57 -22.27
CA ARG M 387 37.03 36.00 -23.06
C ARG M 387 37.20 37.43 -23.55
N ASN M 388 37.71 38.31 -22.69
CA ASN M 388 37.95 39.69 -23.10
C ASN M 388 39.00 39.77 -24.21
N LEU M 389 40.07 38.98 -24.10
CA LEU M 389 41.08 38.95 -25.14
C LEU M 389 40.53 38.39 -26.44
N GLN M 390 39.63 37.42 -26.36
CA GLN M 390 38.97 36.91 -27.55
C GLN M 390 38.15 38.01 -28.22
N ASP M 391 37.42 38.79 -27.43
CA ASP M 391 36.69 39.92 -27.98
C ASP M 391 37.63 40.90 -28.66
N ALA M 392 38.75 41.20 -28.01
CA ALA M 392 39.71 42.15 -28.59
C ALA M 392 40.28 41.65 -29.90
N MET M 393 40.65 40.37 -29.96
CA MET M 393 41.22 39.82 -31.19
C MET M 393 40.18 39.76 -32.30
N GLN M 394 38.93 39.44 -31.96
CA GLN M 394 37.86 39.44 -32.96
C GLN M 394 37.66 40.84 -33.52
N VAL M 395 37.67 41.86 -32.65
CA VAL M 395 37.54 43.23 -33.12
C VAL M 395 38.72 43.60 -34.03
N CYS M 396 39.93 43.20 -33.64
CA CYS M 396 41.10 43.54 -34.45
C CYS M 396 41.02 42.90 -35.83
N ARG M 397 40.61 41.63 -35.91
CA ARG M 397 40.51 40.99 -37.21
C ARG M 397 39.36 41.55 -38.02
N ASN M 398 38.27 41.98 -37.37
CA ASN M 398 37.19 42.63 -38.09
C ASN M 398 37.66 43.94 -38.71
N VAL M 399 38.44 44.72 -37.96
CA VAL M 399 38.98 45.96 -38.50
C VAL M 399 39.95 45.68 -39.65
N LEU M 400 40.80 44.67 -39.49
CA LEU M 400 41.76 44.34 -40.53
C LEU M 400 41.07 43.90 -41.82
N LEU M 401 40.01 43.10 -41.70
CA LEU M 401 39.28 42.65 -42.88
C LEU M 401 38.49 43.81 -43.50
N ASP M 402 37.83 44.60 -42.68
CA ASP M 402 37.04 45.75 -43.14
C ASP M 402 37.53 47.00 -42.42
N PRO M 403 38.24 47.90 -43.10
CA PRO M 403 38.84 49.06 -42.42
C PRO M 403 37.88 50.21 -42.17
N GLN M 404 36.58 50.02 -42.28
CA GLN M 404 35.65 51.09 -41.96
C GLN M 404 35.47 51.21 -40.46
N LEU M 405 34.91 52.34 -40.04
CA LEU M 405 34.75 52.63 -38.62
C LEU M 405 33.51 53.49 -38.41
N VAL M 406 32.85 53.28 -37.28
CA VAL M 406 31.56 53.93 -36.99
C VAL M 406 31.59 54.49 -35.57
N PRO M 407 31.10 55.70 -35.34
CA PRO M 407 31.10 56.25 -33.98
C PRO M 407 30.27 55.39 -33.03
N GLY M 408 30.75 55.26 -31.80
CA GLY M 408 30.12 54.44 -30.80
C GLY M 408 29.42 55.26 -29.73
N GLY M 409 29.10 54.58 -28.63
CA GLY M 409 28.42 55.23 -27.52
C GLY M 409 27.05 55.74 -27.86
N GLY M 410 26.32 55.03 -28.72
CA GLY M 410 24.98 55.43 -29.10
C GLY M 410 24.90 56.54 -30.12
N ALA M 411 26.03 57.11 -30.53
CA ALA M 411 26.00 58.17 -31.54
C ALA M 411 25.47 57.64 -32.87
N SER M 412 25.92 56.46 -33.28
CA SER M 412 25.44 55.86 -34.52
C SER M 412 23.96 55.54 -34.43
N GLU M 413 23.52 55.03 -33.28
CA GLU M 413 22.11 54.72 -33.08
C GLU M 413 21.24 55.95 -33.30
N MET M 414 21.58 57.05 -32.63
CA MET M 414 20.79 58.26 -32.76
C MET M 414 20.87 58.85 -34.16
N ALA M 415 22.04 58.81 -34.77
CA ALA M 415 22.19 59.34 -36.12
C ALA M 415 21.33 58.56 -37.11
N VAL M 416 21.36 57.23 -37.02
CA VAL M 416 20.56 56.41 -37.92
C VAL M 416 19.07 56.60 -37.64
N ALA M 417 18.70 56.73 -36.37
CA ALA M 417 17.30 56.97 -36.04
C ALA M 417 16.81 58.28 -36.62
N HIS M 418 17.62 59.34 -36.50
CA HIS M 418 17.22 60.63 -37.07
C HIS M 418 17.13 60.56 -38.59
N ALA M 419 18.09 59.88 -39.22
CA ALA M 419 18.05 59.77 -40.68
C ALA M 419 16.82 59.02 -41.15
N LEU M 420 16.48 57.91 -40.48
CA LEU M 420 15.29 57.16 -40.85
C LEU M 420 14.02 57.95 -40.59
N THR M 421 13.98 58.71 -39.48
CA THR M 421 12.82 59.53 -39.19
C THR M 421 12.62 60.59 -40.26
N GLU M 422 13.71 61.23 -40.69
CA GLU M 422 13.61 62.23 -41.76
C GLU M 422 13.19 61.59 -43.07
N LYS M 423 13.69 60.38 -43.35
CA LYS M 423 13.27 59.69 -44.56
C LYS M 423 11.81 59.28 -44.52
N SER M 424 11.29 59.01 -43.33
CA SER M 424 9.91 58.55 -43.19
C SER M 424 8.88 59.64 -43.49
N LYS M 425 9.30 60.90 -43.60
CA LYS M 425 8.35 61.98 -43.85
C LYS M 425 7.77 61.95 -45.25
N ALA M 426 8.30 61.12 -46.14
CA ALA M 426 7.82 61.05 -47.52
C ALA M 426 7.21 59.68 -47.85
N MET M 427 6.65 59.00 -46.86
CA MET M 427 6.03 57.70 -47.11
C MET M 427 4.55 57.81 -47.44
N THR M 428 3.78 58.48 -46.58
CA THR M 428 2.34 58.66 -46.75
C THR M 428 1.64 57.33 -46.98
N GLY M 429 2.01 56.32 -46.19
CA GLY M 429 1.44 55.00 -46.32
C GLY M 429 1.08 54.43 -44.95
N VAL M 430 0.38 53.30 -44.98
CA VAL M 430 -0.03 52.64 -43.75
C VAL M 430 1.18 52.11 -42.99
N GLU M 431 2.24 51.74 -43.71
CA GLU M 431 3.41 51.12 -43.10
C GLU M 431 4.44 52.12 -42.63
N GLN M 432 4.17 53.42 -42.74
CA GLN M 432 5.13 54.41 -42.25
C GLN M 432 5.22 54.39 -40.73
N TRP M 433 4.14 54.04 -40.04
CA TRP M 433 4.17 54.01 -38.58
C TRP M 433 5.12 52.95 -38.04
N PRO M 434 5.08 51.69 -38.48
CA PRO M 434 6.11 50.73 -38.02
C PRO M 434 7.50 51.12 -38.44
N TYR M 435 7.65 51.72 -39.63
CA TYR M 435 8.95 52.22 -40.07
C TYR M 435 9.52 53.20 -39.06
N ARG M 436 8.74 54.23 -38.70
CA ARG M 436 9.21 55.24 -37.77
C ARG M 436 9.42 54.66 -36.38
N ALA M 437 8.54 53.76 -35.96
CA ALA M 437 8.61 53.24 -34.59
C ALA M 437 9.78 52.27 -34.41
N VAL M 438 10.19 51.58 -35.48
CA VAL M 438 11.38 50.76 -35.39
C VAL M 438 12.64 51.59 -35.65
N ALA M 439 12.51 52.72 -36.35
CA ALA M 439 13.62 53.65 -36.42
C ALA M 439 13.96 54.22 -35.05
N GLN M 440 12.93 54.60 -34.29
CA GLN M 440 13.13 55.11 -32.94
C GLN M 440 13.47 54.02 -31.94
N ALA M 441 13.33 52.74 -32.31
CA ALA M 441 13.69 51.66 -31.41
C ALA M 441 15.20 51.57 -31.20
N LEU M 442 16.00 52.16 -32.10
CA LEU M 442 17.45 52.15 -31.94
C LEU M 442 17.91 53.02 -30.78
N GLU M 443 17.06 53.93 -30.30
CA GLU M 443 17.42 54.78 -29.17
C GLU M 443 17.57 54.01 -27.87
N VAL M 444 17.34 52.70 -27.87
CA VAL M 444 17.45 51.93 -26.64
C VAL M 444 18.89 51.86 -26.17
N ILE M 445 19.85 51.79 -27.11
CA ILE M 445 21.26 51.71 -26.73
C ILE M 445 21.72 52.94 -25.96
N PRO M 446 21.48 54.17 -26.42
CA PRO M 446 21.78 55.32 -25.56
C PRO M 446 20.97 55.31 -24.27
N ARG M 447 19.73 54.84 -24.32
CA ARG M 447 18.90 54.81 -23.12
C ARG M 447 19.49 53.88 -22.06
N THR M 448 19.88 52.67 -22.46
CA THR M 448 20.47 51.76 -21.49
C THR M 448 21.86 52.19 -21.09
N LEU M 449 22.60 52.88 -21.97
CA LEU M 449 23.89 53.44 -21.59
C LEU M 449 23.72 54.47 -20.49
N ILE M 450 22.75 55.36 -20.64
CA ILE M 450 22.48 56.37 -19.61
C ILE M 450 22.00 55.71 -18.33
N GLN M 451 21.12 54.72 -18.44
CA GLN M 451 20.60 54.05 -17.26
C GLN M 451 21.71 53.36 -16.47
N ASN M 452 22.61 52.67 -17.17
CA ASN M 452 23.74 52.03 -16.50
C ASN M 452 24.70 53.06 -15.93
N CYS M 453 24.86 54.20 -16.60
CA CYS M 453 25.71 55.25 -16.05
C CYS M 453 25.12 55.82 -14.77
N GLY M 454 23.81 55.79 -14.63
CA GLY M 454 23.15 56.30 -13.44
C GLY M 454 22.59 57.70 -13.56
N ALA M 455 22.58 58.29 -14.76
CA ALA M 455 22.10 59.65 -14.95
C ALA M 455 20.64 59.65 -15.41
N SER M 456 20.09 60.85 -15.54
CA SER M 456 18.70 61.01 -15.92
C SER M 456 18.51 60.62 -17.38
N THR M 457 17.64 59.64 -17.63
CA THR M 457 17.45 59.13 -18.98
C THR M 457 16.76 60.15 -19.87
N ILE M 458 15.66 60.75 -19.38
CA ILE M 458 14.79 61.54 -20.25
C ILE M 458 15.50 62.82 -20.70
N ARG M 459 16.15 63.51 -19.77
CA ARG M 459 16.78 64.79 -20.11
C ARG M 459 17.95 64.58 -21.08
N LEU M 460 18.82 63.61 -20.78
CA LEU M 460 19.96 63.36 -21.66
C LEU M 460 19.51 62.86 -23.02
N LEU M 461 18.50 61.99 -23.06
CA LEU M 461 18.01 61.49 -24.34
C LEU M 461 17.39 62.61 -25.18
N THR M 462 16.61 63.49 -24.55
CA THR M 462 16.05 64.62 -25.27
C THR M 462 17.13 65.55 -25.79
N SER M 463 18.14 65.81 -24.96
CA SER M 463 19.24 66.67 -25.39
C SER M 463 19.99 66.05 -26.55
N LEU M 464 20.24 64.73 -26.50
CA LEU M 464 20.94 64.05 -27.58
C LEU M 464 20.13 64.08 -28.86
N ARG M 465 18.81 63.87 -28.77
CA ARG M 465 17.97 63.94 -29.96
C ARG M 465 17.99 65.34 -30.55
N ALA M 466 17.90 66.37 -29.71
CA ALA M 466 17.95 67.74 -30.20
C ALA M 466 19.30 68.03 -30.85
N LYS M 467 20.38 67.52 -30.27
CA LYS M 467 21.70 67.70 -30.87
C LYS M 467 21.76 67.02 -32.24
N HIS M 468 21.22 65.81 -32.34
CA HIS M 468 21.25 65.08 -33.60
C HIS M 468 20.35 65.71 -34.65
N THR M 469 19.36 66.51 -34.25
CA THR M 469 18.57 67.23 -35.23
C THR M 469 19.40 68.26 -35.99
N GLN M 470 20.56 68.65 -35.47
CA GLN M 470 21.44 69.54 -36.19
C GLN M 470 22.14 68.78 -37.32
N GLU M 471 22.87 69.53 -38.15
CA GLU M 471 23.34 68.97 -39.40
C GLU M 471 24.62 68.14 -39.23
N ASN M 472 25.65 68.70 -38.62
CA ASN M 472 26.90 67.96 -38.37
C ASN M 472 26.94 67.52 -36.91
N CYS M 473 26.16 66.48 -36.59
CA CYS M 473 26.14 65.94 -35.24
C CYS M 473 26.02 64.43 -35.25
N GLU M 474 26.46 63.77 -36.33
CA GLU M 474 26.37 62.32 -36.41
C GLU M 474 27.28 61.63 -35.40
N THR M 475 28.32 62.31 -34.92
CA THR M 475 29.28 61.72 -34.01
C THR M 475 29.04 62.11 -32.56
N TRP M 476 27.90 62.74 -32.26
CA TRP M 476 27.59 63.16 -30.89
C TRP M 476 26.91 62.02 -30.16
N GLY M 477 27.56 61.51 -29.11
CA GLY M 477 27.02 60.41 -28.34
C GLY M 477 27.00 60.70 -26.85
N VAL M 478 26.76 59.67 -26.05
CA VAL M 478 26.67 59.80 -24.59
C VAL M 478 27.94 59.26 -23.97
N ASN M 479 28.50 60.01 -23.03
CA ASN M 479 29.63 59.53 -22.24
C ASN M 479 29.12 58.50 -21.24
N GLY M 480 29.53 57.26 -21.40
CA GLY M 480 28.98 56.17 -20.62
C GLY M 480 29.43 56.10 -19.18
N GLU M 481 30.45 56.88 -18.80
CA GLU M 481 30.96 56.85 -17.45
C GLU M 481 30.78 58.17 -16.70
N THR M 482 30.34 59.23 -17.38
CA THR M 482 30.03 60.49 -16.71
C THR M 482 28.62 61.00 -16.99
N GLY M 483 27.89 60.36 -17.90
CA GLY M 483 26.52 60.78 -18.20
C GLY M 483 26.40 62.17 -18.80
N THR M 484 27.25 62.47 -19.78
CA THR M 484 27.22 63.76 -20.47
C THR M 484 27.30 63.54 -21.97
N LEU M 485 26.79 64.51 -22.71
CA LEU M 485 26.86 64.47 -24.17
C LEU M 485 28.26 64.85 -24.63
N VAL M 486 28.89 63.97 -25.40
CA VAL M 486 30.27 64.15 -25.84
C VAL M 486 30.36 63.83 -27.32
N ASP M 487 31.09 64.66 -28.07
CA ASP M 487 31.38 64.36 -29.46
C ASP M 487 32.40 63.22 -29.52
N MET M 488 32.00 62.09 -30.09
CA MET M 488 32.84 60.90 -30.05
C MET M 488 34.10 61.02 -30.91
N LYS M 489 34.19 62.04 -31.78
CA LYS M 489 35.46 62.31 -32.43
C LYS M 489 36.46 62.95 -31.47
N GLU M 490 36.01 63.36 -30.28
CA GLU M 490 36.89 63.85 -29.23
C GLU M 490 37.14 62.81 -28.14
N LEU M 491 36.07 62.13 -27.70
CA LEU M 491 36.24 61.05 -26.73
C LEU M 491 37.05 59.90 -27.32
N GLY M 492 36.80 59.56 -28.58
CA GLY M 492 37.56 58.54 -29.26
C GLY M 492 36.97 57.15 -29.24
N ILE M 493 35.71 57.00 -28.82
CA ILE M 493 35.08 55.68 -28.78
C ILE M 493 34.55 55.38 -30.18
N TRP M 494 35.24 54.52 -30.91
CA TRP M 494 34.83 54.08 -32.23
C TRP M 494 34.84 52.56 -32.29
N GLU M 495 34.01 52.01 -33.16
CA GLU M 495 33.81 50.58 -33.26
C GLU M 495 33.58 50.19 -34.71
N PRO M 496 33.92 48.97 -35.10
CA PRO M 496 33.93 48.61 -36.52
C PRO M 496 32.53 48.68 -37.14
N LEU M 497 32.51 49.04 -38.43
CA LEU M 497 31.25 49.09 -39.16
C LEU M 497 30.64 47.70 -39.32
N ALA M 498 31.50 46.68 -39.49
CA ALA M 498 31.00 45.32 -39.67
C ALA M 498 30.19 44.86 -38.47
N VAL M 499 30.65 45.19 -37.26
CA VAL M 499 29.94 44.79 -36.04
C VAL M 499 28.56 45.44 -36.02
N LYS M 500 28.48 46.74 -36.33
CA LYS M 500 27.20 47.43 -36.34
C LYS M 500 26.27 46.83 -37.38
N LEU M 501 26.78 46.58 -38.58
CA LEU M 501 25.94 46.00 -39.63
C LEU M 501 25.40 44.64 -39.21
N GLN M 502 26.28 43.79 -38.68
CA GLN M 502 25.85 42.46 -38.25
C GLN M 502 24.82 42.54 -37.13
N THR M 503 25.03 43.44 -36.17
CA THR M 503 24.09 43.57 -35.06
C THR M 503 22.72 44.01 -35.55
N TYR M 504 22.68 45.04 -36.41
CA TYR M 504 21.40 45.52 -36.91
C TYR M 504 20.70 44.47 -37.74
N LYS M 505 21.43 43.81 -38.65
CA LYS M 505 20.83 42.76 -39.47
C LYS M 505 20.24 41.65 -38.60
N THR M 506 21.02 41.19 -37.62
CA THR M 506 20.58 40.08 -36.79
C THR M 506 19.37 40.46 -35.95
N ALA M 507 19.36 41.67 -35.38
CA ALA M 507 18.22 42.09 -34.57
C ALA M 507 16.96 42.22 -35.41
N VAL M 508 17.07 42.89 -36.57
CA VAL M 508 15.90 43.07 -37.42
C VAL M 508 15.36 41.72 -37.90
N GLU M 509 16.28 40.81 -38.26
CA GLU M 509 15.83 39.51 -38.76
C GLU M 509 15.26 38.66 -37.63
N THR M 510 15.76 38.79 -36.40
CA THR M 510 15.14 38.12 -35.28
C THR M 510 13.71 38.62 -35.07
N ALA M 511 13.51 39.93 -35.14
CA ALA M 511 12.17 40.47 -35.01
C ALA M 511 11.27 39.95 -36.13
N VAL M 512 11.78 39.91 -37.35
CA VAL M 512 11.00 39.43 -38.49
C VAL M 512 10.62 37.97 -38.29
N LEU M 513 11.58 37.14 -37.84
CA LEU M 513 11.31 35.73 -37.64
C LEU M 513 10.27 35.51 -36.55
N LEU M 514 10.37 36.25 -35.45
CA LEU M 514 9.42 36.07 -34.36
C LEU M 514 8.07 36.73 -34.62
N LEU M 515 7.98 37.60 -35.63
CA LEU M 515 6.70 38.19 -36.00
C LEU M 515 5.90 37.34 -36.97
N ARG M 516 6.49 36.29 -37.53
CA ARG M 516 5.81 35.43 -38.48
C ARG M 516 5.13 34.24 -37.83
N ILE M 517 5.15 34.16 -36.50
CA ILE M 517 4.63 33.01 -35.76
C ILE M 517 3.33 33.43 -35.08
N ASP M 518 2.29 32.62 -35.26
CA ASP M 518 1.02 32.85 -34.60
C ASP M 518 0.42 31.59 -33.99
N ASP M 519 1.14 30.48 -33.97
CA ASP M 519 0.62 29.22 -33.45
C ASP M 519 1.79 28.42 -32.93
N ILE M 520 1.56 27.71 -31.83
CA ILE M 520 2.57 26.85 -31.22
C ILE M 520 1.95 25.48 -30.98
N VAL M 521 2.62 24.43 -31.48
CA VAL M 521 2.22 23.05 -31.25
C VAL M 521 3.36 22.34 -30.55
N SER M 522 3.06 21.61 -29.49
CA SER M 522 4.09 20.99 -28.69
C SER M 522 3.60 19.66 -28.13
N GLY M 523 4.54 18.83 -27.70
CA GLY M 523 4.25 17.57 -27.08
C GLY M 523 4.46 16.35 -27.96
N HIS M 524 4.55 16.53 -29.26
CA HIS M 524 4.72 15.40 -30.16
C HIS M 524 6.14 14.83 -30.05
N LYS M 525 6.25 13.53 -30.29
CA LYS M 525 7.54 12.86 -30.21
C LYS M 525 8.39 13.17 -31.44
N LYS M 526 9.67 12.79 -31.36
CA LYS M 526 10.59 13.07 -32.45
C LYS M 526 10.19 12.37 -33.72
N LYS M 527 9.79 11.09 -33.62
CA LYS M 527 9.34 10.30 -34.76
C LYS M 527 10.39 10.24 -35.86
N GLY M 528 11.65 10.08 -35.46
CA GLY M 528 12.74 10.00 -36.41
C GLY M 528 13.81 11.05 -36.20
N MET N 1 23.84 6.30 32.10
CA MET N 1 24.35 6.66 30.79
C MET N 1 23.91 8.07 30.39
N MET N 2 24.79 8.79 29.70
CA MET N 2 24.52 10.16 29.30
C MET N 2 24.88 10.29 27.82
N PRO N 3 23.99 10.86 26.99
CA PRO N 3 24.25 10.89 25.54
C PRO N 3 25.36 11.86 25.15
N THR N 4 26.52 11.32 24.78
CA THR N 4 27.61 12.13 24.28
C THR N 4 27.27 12.61 22.87
N PRO N 5 27.66 13.84 22.50
CA PRO N 5 27.46 14.27 21.10
C PRO N 5 28.11 13.34 20.09
N VAL N 6 29.29 12.82 20.40
CA VAL N 6 29.95 11.82 19.57
C VAL N 6 30.27 10.64 20.48
N ILE N 7 29.69 9.49 20.20
CA ILE N 7 29.83 8.33 21.07
C ILE N 7 31.18 7.66 20.82
N LEU N 8 31.62 6.88 21.82
CA LEU N 8 32.94 6.28 21.76
C LEU N 8 33.02 5.17 20.71
N LEU N 9 32.22 4.13 20.89
CA LEU N 9 32.24 2.98 19.99
C LEU N 9 31.15 3.14 18.93
N LYS N 10 31.07 2.15 18.04
CA LYS N 10 30.06 2.16 16.99
C LYS N 10 28.67 1.98 17.58
N GLU N 11 27.67 2.51 16.89
CA GLU N 11 26.29 2.36 17.32
C GLU N 11 25.88 0.89 17.32
N GLY N 12 25.10 0.51 18.33
CA GLY N 12 24.64 -0.86 18.44
C GLY N 12 25.59 -1.81 19.13
N THR N 13 26.66 -1.30 19.73
CA THR N 13 27.63 -2.14 20.43
C THR N 13 27.05 -2.50 21.80
N ASP N 14 26.79 -3.79 22.01
CA ASP N 14 26.23 -4.26 23.27
C ASP N 14 27.34 -4.73 24.20
N SER N 15 27.34 -4.21 25.41
CA SER N 15 28.37 -4.52 26.39
C SER N 15 27.72 -4.99 27.69
N SER N 16 28.21 -6.11 28.21
CA SER N 16 27.76 -6.64 29.49
C SER N 16 28.97 -6.85 30.37
N GLN N 17 28.90 -6.37 31.61
CA GLN N 17 30.05 -6.37 32.50
C GLN N 17 29.61 -6.62 33.93
N GLY N 18 30.43 -7.35 34.66
CA GLY N 18 30.21 -7.57 36.08
C GLY N 18 29.81 -9.01 36.39
N ILE N 19 29.38 -9.20 37.64
CA ILE N 19 28.91 -10.52 38.07
C ILE N 19 27.72 -11.01 37.24
N PRO N 20 26.71 -10.18 36.93
CA PRO N 20 25.55 -10.71 36.18
C PRO N 20 25.91 -11.39 34.87
N GLN N 21 26.88 -10.85 34.12
CA GLN N 21 27.22 -11.48 32.84
C GLN N 21 27.91 -12.81 33.06
N LEU N 22 28.73 -12.94 34.11
CA LEU N 22 29.35 -14.21 34.41
C LEU N 22 28.31 -15.24 34.82
N VAL N 23 27.31 -14.82 35.60
CA VAL N 23 26.22 -15.72 35.98
C VAL N 23 25.44 -16.16 34.74
N SER N 24 25.22 -15.22 33.81
CA SER N 24 24.55 -15.57 32.55
C SER N 24 25.37 -16.57 31.75
N ASN N 25 26.69 -16.40 31.74
CA ASN N 25 27.56 -17.35 31.06
C ASN N 25 27.44 -18.74 31.67
N ILE N 26 27.42 -18.80 33.00
CA ILE N 26 27.26 -20.10 33.67
C ILE N 26 25.93 -20.72 33.29
N SER N 27 24.86 -19.92 33.27
CA SER N 27 23.55 -20.44 32.90
C SER N 27 23.52 -20.96 31.47
N ALA N 28 24.20 -20.25 30.56
CA ALA N 28 24.28 -20.72 29.18
C ALA N 28 25.02 -22.06 29.09
N CYS N 29 26.08 -22.21 29.88
CA CYS N 29 26.76 -23.50 29.93
C CYS N 29 25.86 -24.59 30.47
N GLN N 30 25.03 -24.26 31.46
CA GLN N 30 24.04 -25.22 31.96
C GLN N 30 23.09 -25.64 30.85
N VAL N 31 22.64 -24.69 30.03
CA VAL N 31 21.73 -25.00 28.94
C VAL N 31 22.41 -25.93 27.94
N ILE N 32 23.67 -25.64 27.61
CA ILE N 32 24.39 -26.49 26.67
C ILE N 32 24.53 -27.90 27.21
N ALA N 33 24.85 -28.04 28.49
CA ALA N 33 24.94 -29.37 29.08
C ALA N 33 23.59 -30.09 29.06
N GLU N 34 22.52 -29.37 29.41
CA GLU N 34 21.19 -29.98 29.39
C GLU N 34 20.83 -30.47 28.01
N ALA N 35 21.34 -29.82 26.97
CA ALA N 35 21.06 -30.26 25.61
C ALA N 35 21.61 -31.66 25.31
N VAL N 36 22.51 -32.18 26.15
CA VAL N 36 23.17 -33.45 25.87
C VAL N 36 23.17 -34.39 27.08
N ARG N 37 22.58 -33.99 28.22
CA ARG N 37 22.63 -34.81 29.42
C ARG N 37 22.19 -36.24 29.18
N THR N 38 21.02 -36.43 28.58
CA THR N 38 20.36 -37.72 28.54
C THR N 38 20.98 -38.70 27.55
N THR N 39 22.18 -38.42 27.03
CA THR N 39 22.85 -39.29 26.09
C THR N 39 24.06 -39.97 26.73
N LEU N 40 23.95 -40.31 28.01
CA LEU N 40 25.08 -40.82 28.79
C LEU N 40 24.75 -42.21 29.29
N GLY N 41 25.70 -43.14 29.14
CA GLY N 41 25.60 -44.46 29.70
C GLY N 41 24.82 -45.43 28.83
N PRO N 42 24.74 -46.69 29.26
CA PRO N 42 24.01 -47.68 28.47
C PRO N 42 22.53 -47.40 28.34
N ARG N 43 21.97 -46.57 29.22
CA ARG N 43 20.59 -46.15 29.12
C ARG N 43 20.44 -44.78 28.47
N GLY N 44 21.51 -44.26 27.88
CA GLY N 44 21.42 -42.97 27.21
C GLY N 44 20.55 -43.05 25.96
N MET N 45 19.93 -41.93 25.64
CA MET N 45 19.00 -41.83 24.53
C MET N 45 19.68 -41.17 23.33
N ASP N 46 18.93 -41.01 22.26
CA ASP N 46 19.42 -40.36 21.05
C ASP N 46 18.66 -39.07 20.80
N LYS N 47 19.33 -38.12 20.17
CA LYS N 47 18.73 -36.83 19.83
C LYS N 47 18.64 -36.71 18.32
N LEU N 48 17.51 -36.21 17.83
CA LEU N 48 17.27 -36.02 16.42
C LEU N 48 17.24 -34.53 16.13
N ILE N 49 18.12 -34.08 15.24
CA ILE N 49 18.24 -32.67 14.88
C ILE N 49 17.97 -32.52 13.40
N VAL N 50 17.07 -31.61 13.05
CA VAL N 50 16.74 -31.31 11.66
C VAL N 50 17.31 -29.95 11.31
N ASP N 51 18.08 -29.89 10.24
CA ASP N 51 18.64 -28.62 9.80
C ASP N 51 17.62 -27.87 8.93
N GLY N 52 18.04 -26.74 8.38
CA GLY N 52 17.14 -25.91 7.60
C GLY N 52 16.74 -26.53 6.27
N ARG N 53 17.50 -27.51 5.78
CA ARG N 53 17.23 -28.13 4.50
C ARG N 53 16.29 -29.32 4.61
N GLY N 54 15.82 -29.65 5.81
CA GLY N 54 14.97 -30.80 6.02
C GLY N 54 15.71 -32.10 6.27
N LYS N 55 17.03 -32.11 6.15
CA LYS N 55 17.80 -33.30 6.43
C LYS N 55 17.96 -33.48 7.92
N ALA N 56 17.78 -34.71 8.39
CA ALA N 56 17.82 -35.02 9.81
C ALA N 56 19.02 -35.89 10.14
N THR N 57 19.63 -35.63 11.29
CA THR N 57 20.73 -36.44 11.80
C THR N 57 20.34 -36.98 13.18
N ILE N 58 20.60 -38.25 13.39
CA ILE N 58 20.26 -38.93 14.63
C ILE N 58 21.55 -39.47 15.22
N SER N 59 21.84 -39.10 16.47
CA SER N 59 23.14 -39.43 17.03
C SER N 59 23.05 -39.58 18.54
N ASN N 60 23.99 -40.36 19.08
CA ASN N 60 24.25 -40.44 20.51
C ASN N 60 25.55 -39.74 20.89
N ASP N 61 26.43 -39.48 19.92
CA ASP N 61 27.69 -38.81 20.19
C ASP N 61 27.44 -37.37 20.64
N GLY N 62 28.06 -36.99 21.76
CA GLY N 62 27.87 -35.64 22.27
C GLY N 62 28.47 -34.58 21.35
N ALA N 63 29.65 -34.86 20.80
CA ALA N 63 30.30 -33.88 19.92
C ALA N 63 29.46 -33.63 18.67
N THR N 64 28.88 -34.68 18.09
CA THR N 64 28.05 -34.48 16.91
C THR N 64 26.82 -33.65 17.22
N ILE N 65 26.17 -33.91 18.35
CA ILE N 65 24.99 -33.15 18.74
C ILE N 65 25.36 -31.68 18.94
N LEU N 66 26.46 -31.42 19.63
CA LEU N 66 26.87 -30.04 19.88
C LEU N 66 27.24 -29.33 18.58
N LYS N 67 27.93 -30.01 17.68
CA LYS N 67 28.28 -29.40 16.39
C LYS N 67 27.03 -29.07 15.60
N LEU N 68 26.05 -29.98 15.59
CA LEU N 68 24.83 -29.74 14.81
C LEU N 68 23.98 -28.61 15.40
N LEU N 69 24.11 -28.33 16.69
CA LEU N 69 23.46 -27.17 17.27
C LEU N 69 24.18 -25.90 16.82
N ASP N 70 23.40 -24.86 16.53
CA ASP N 70 23.96 -23.58 16.10
C ASP N 70 24.11 -22.66 17.29
N VAL N 71 25.08 -23.00 18.14
CA VAL N 71 25.35 -22.23 19.35
C VAL N 71 26.06 -20.94 18.96
N VAL N 72 25.54 -19.81 19.45
CA VAL N 72 26.12 -18.50 19.18
C VAL N 72 26.54 -17.77 20.45
N HIS N 73 26.20 -18.26 21.63
CA HIS N 73 26.63 -17.62 22.85
C HIS N 73 28.15 -17.74 22.99
N PRO N 74 28.86 -16.63 23.18
CA PRO N 74 30.33 -16.71 23.23
C PRO N 74 30.85 -17.63 24.33
N ALA N 75 30.20 -17.63 25.50
CA ALA N 75 30.64 -18.50 26.57
C ALA N 75 30.22 -19.94 26.36
N ALA N 76 29.09 -20.17 25.68
CA ALA N 76 28.61 -21.53 25.46
C ALA N 76 29.42 -22.24 24.40
N LYS N 77 30.00 -21.50 23.44
CA LYS N 77 30.79 -22.12 22.39
C LYS N 77 32.04 -22.80 22.95
N THR N 78 32.48 -22.41 24.15
CA THR N 78 33.64 -23.06 24.75
C THR N 78 33.36 -24.53 25.02
N LEU N 79 32.15 -24.85 25.46
CA LEU N 79 31.81 -26.25 25.71
C LEU N 79 31.80 -27.06 24.43
N VAL N 80 31.28 -26.48 23.34
CA VAL N 80 31.33 -27.15 22.05
C VAL N 80 32.77 -27.36 21.62
N ASP N 81 33.62 -26.35 21.85
CA ASP N 81 35.02 -26.45 21.47
C ASP N 81 35.73 -27.55 22.25
N ILE N 82 35.46 -27.66 23.54
CA ILE N 82 36.11 -28.71 24.32
C ILE N 82 35.56 -30.08 23.97
N ALA N 83 34.28 -30.16 23.58
CA ALA N 83 33.76 -31.42 23.06
C ALA N 83 34.50 -31.83 21.79
N LYS N 84 34.71 -30.87 20.88
CA LYS N 84 35.49 -31.15 19.68
C LYS N 84 36.92 -31.56 20.03
N SER N 85 37.51 -30.91 21.02
CA SER N 85 38.87 -31.24 21.45
C SER N 85 38.95 -32.67 21.97
N GLN N 86 38.00 -33.05 22.82
CA GLN N 86 37.98 -34.41 23.36
C GLN N 86 37.77 -35.42 22.24
N ASP N 87 36.90 -35.11 21.28
CA ASP N 87 36.73 -35.99 20.13
C ASP N 87 38.03 -36.13 19.34
N ALA N 88 38.74 -35.02 19.14
CA ALA N 88 39.96 -35.06 18.34
C ALA N 88 41.06 -35.86 19.03
N GLU N 89 41.34 -35.55 20.29
CA GLU N 89 42.49 -36.16 20.96
C GLU N 89 42.22 -37.60 21.37
N VAL N 90 41.01 -37.89 21.85
CA VAL N 90 40.67 -39.20 22.38
C VAL N 90 39.64 -39.91 21.50
N GLY N 91 38.53 -39.24 21.18
CA GLY N 91 37.47 -39.84 20.41
C GLY N 91 36.29 -40.30 21.23
N ASP N 92 36.46 -40.49 22.53
CA ASP N 92 35.38 -40.91 23.42
C ASP N 92 35.34 -39.97 24.61
N GLY N 93 34.17 -39.90 25.24
CA GLY N 93 33.98 -39.00 26.36
C GLY N 93 33.57 -37.59 25.99
N THR N 94 33.00 -37.39 24.79
CA THR N 94 32.61 -36.06 24.36
C THR N 94 31.43 -35.52 25.16
N THR N 95 30.70 -36.38 25.86
CA THR N 95 29.61 -35.94 26.73
C THR N 95 30.10 -35.65 28.13
N SER N 96 31.05 -36.46 28.62
CA SER N 96 31.56 -36.29 29.97
C SER N 96 32.25 -34.95 30.12
N VAL N 97 32.97 -34.49 29.08
CA VAL N 97 33.67 -33.22 29.19
C VAL N 97 32.68 -32.07 29.41
N THR N 98 31.60 -32.05 28.62
CA THR N 98 30.61 -30.99 28.74
C THR N 98 29.90 -31.05 30.08
N LEU N 99 29.50 -32.25 30.51
CA LEU N 99 28.84 -32.35 31.81
C LEU N 99 29.75 -31.93 32.94
N LEU N 100 31.03 -32.33 32.90
CA LEU N 100 31.96 -31.96 33.96
C LEU N 100 32.19 -30.45 34.00
N ALA N 101 32.37 -29.82 32.83
CA ALA N 101 32.61 -28.38 32.81
C ALA N 101 31.39 -27.63 33.33
N ALA N 102 30.20 -28.02 32.88
CA ALA N 102 28.99 -27.34 33.34
C ALA N 102 28.77 -27.57 34.82
N GLU N 103 29.10 -28.75 35.32
CA GLU N 103 28.92 -29.02 36.75
C GLU N 103 29.91 -28.22 37.59
N PHE N 104 31.15 -28.06 37.11
CA PHE N 104 32.10 -27.18 37.78
C PHE N 104 31.54 -25.77 37.87
N LEU N 105 31.07 -25.24 36.75
CA LEU N 105 30.55 -23.87 36.74
C LEU N 105 29.33 -23.73 37.65
N LYS N 106 28.43 -24.72 37.62
CA LYS N 106 27.26 -24.69 38.48
C LYS N 106 27.63 -24.72 39.95
N GLN N 107 28.62 -25.55 40.31
CA GLN N 107 29.02 -25.65 41.71
C GLN N 107 29.65 -24.37 42.20
N VAL N 108 30.44 -23.68 41.35
CA VAL N 108 31.06 -22.43 41.81
C VAL N 108 30.20 -21.21 41.55
N LYS N 109 29.03 -21.37 40.94
CA LYS N 109 28.13 -20.22 40.78
C LYS N 109 27.76 -19.53 42.08
N PRO N 110 27.37 -20.23 43.15
CA PRO N 110 27.00 -19.50 44.39
C PRO N 110 28.13 -18.65 44.94
N TYR N 111 29.36 -19.13 44.87
CA TYR N 111 30.49 -18.35 45.39
C TYR N 111 30.74 -17.12 44.52
N VAL N 112 30.53 -17.24 43.22
CA VAL N 112 30.62 -16.07 42.34
C VAL N 112 29.56 -15.06 42.71
N GLU N 113 28.33 -15.53 42.98
CA GLU N 113 27.25 -14.62 43.33
C GLU N 113 27.52 -13.86 44.63
N GLU N 114 28.45 -14.33 45.45
CA GLU N 114 28.83 -13.66 46.69
C GLU N 114 30.03 -12.74 46.52
N GLY N 115 30.47 -12.51 45.28
CA GLY N 115 31.58 -11.60 45.04
C GLY N 115 32.95 -12.19 45.24
N LEU N 116 33.09 -13.50 45.26
CA LEU N 116 34.40 -14.13 45.39
C LEU N 116 35.25 -13.82 44.16
N HIS N 117 36.54 -13.62 44.38
CA HIS N 117 37.43 -13.26 43.29
C HIS N 117 37.63 -14.44 42.35
N PRO N 118 37.40 -14.28 41.05
CA PRO N 118 37.51 -15.41 40.13
C PRO N 118 38.88 -16.05 40.07
N GLN N 119 39.94 -15.29 40.33
CA GLN N 119 41.28 -15.86 40.29
C GLN N 119 41.46 -16.94 41.34
N ILE N 120 40.83 -16.78 42.51
CA ILE N 120 40.90 -17.81 43.54
C ILE N 120 40.24 -19.09 43.04
N ILE N 121 39.09 -18.97 42.39
CA ILE N 121 38.40 -20.13 41.84
C ILE N 121 39.27 -20.80 40.78
N ILE N 122 39.93 -20.01 39.93
CA ILE N 122 40.77 -20.56 38.89
C ILE N 122 41.94 -21.33 39.50
N ARG N 123 42.59 -20.75 40.52
CA ARG N 123 43.69 -21.44 41.17
C ARG N 123 43.23 -22.73 41.82
N ALA N 124 42.06 -22.72 42.46
CA ALA N 124 41.54 -23.93 43.08
C ALA N 124 41.26 -25.00 42.03
N PHE N 125 40.66 -24.61 40.90
CA PHE N 125 40.43 -25.57 39.83
C PHE N 125 41.73 -26.17 39.32
N ARG N 126 42.75 -25.33 39.10
CA ARG N 126 44.01 -25.84 38.57
C ARG N 126 44.67 -26.81 39.54
N THR N 127 44.67 -26.46 40.83
CA THR N 127 45.24 -27.37 41.83
C THR N 127 44.49 -28.69 41.88
N ALA N 128 43.16 -28.63 41.91
CA ALA N 128 42.35 -29.84 41.97
C ALA N 128 42.56 -30.70 40.73
N THR N 129 42.64 -30.08 39.56
CA THR N 129 42.84 -30.83 38.33
C THR N 129 44.21 -31.50 38.31
N GLN N 130 45.25 -30.80 38.76
CA GLN N 130 46.57 -31.42 38.83
C GLN N 130 46.56 -32.62 39.75
N LEU N 131 45.95 -32.46 40.93
CA LEU N 131 45.90 -33.57 41.88
C LEU N 131 45.10 -34.74 41.32
N ALA N 132 43.98 -34.46 40.65
CA ALA N 132 43.15 -35.52 40.10
C ALA N 132 43.86 -36.27 38.99
N VAL N 133 44.56 -35.54 38.11
CA VAL N 133 45.30 -36.20 37.03
C VAL N 133 46.40 -37.08 37.60
N ASN N 134 47.13 -36.57 38.61
CA ASN N 134 48.16 -37.38 39.23
C ASN N 134 47.58 -38.62 39.88
N LYS N 135 46.43 -38.49 40.54
CA LYS N 135 45.79 -39.65 41.16
C LYS N 135 45.35 -40.66 40.11
N ILE N 136 44.80 -40.18 38.99
CA ILE N 136 44.39 -41.09 37.92
C ILE N 136 45.58 -41.87 37.40
N LYS N 137 46.70 -41.18 37.14
CA LYS N 137 47.89 -41.87 36.67
C LYS N 137 48.43 -42.84 37.72
N GLU N 138 48.26 -42.51 39.01
CA GLU N 138 48.79 -43.35 40.06
C GLU N 138 47.99 -44.64 40.20
N ILE N 139 46.66 -44.54 40.20
CA ILE N 139 45.81 -45.70 40.50
C ILE N 139 45.40 -46.48 39.27
N ALA N 140 45.77 -46.03 38.07
CA ALA N 140 45.40 -46.76 36.86
C ALA N 140 46.04 -48.13 36.85
N VAL N 141 45.26 -49.14 36.45
CA VAL N 141 45.69 -50.53 36.49
C VAL N 141 46.28 -50.90 35.14
N THR N 142 47.52 -51.39 35.16
CA THR N 142 48.19 -51.89 33.97
C THR N 142 48.95 -53.15 34.30
N VAL N 143 49.14 -54.00 33.31
CA VAL N 143 49.91 -55.23 33.45
C VAL N 143 51.10 -55.17 32.50
N LYS N 144 52.30 -55.27 33.06
CA LYS N 144 53.53 -55.17 32.29
C LYS N 144 54.09 -56.57 32.01
N LYS N 145 53.33 -57.33 31.23
CA LYS N 145 53.76 -58.67 30.82
C LYS N 145 53.62 -58.93 29.34
N ALA N 146 52.94 -58.06 28.59
CA ALA N 146 52.87 -58.13 27.12
C ALA N 146 52.34 -59.48 26.64
N ASP N 147 51.32 -59.99 27.31
CA ASP N 147 50.68 -61.23 26.88
C ASP N 147 49.67 -60.92 25.78
N LYS N 148 49.75 -61.64 24.67
CA LYS N 148 48.92 -61.34 23.51
C LYS N 148 47.43 -61.57 23.81
N VAL N 149 47.11 -62.69 24.44
CA VAL N 149 45.71 -63.00 24.73
C VAL N 149 45.13 -62.00 25.73
N GLU N 150 45.90 -61.65 26.76
CA GLU N 150 45.43 -60.67 27.73
C GLU N 150 45.27 -59.30 27.09
N GLN N 151 46.17 -58.93 26.18
CA GLN N 151 46.03 -57.66 25.48
C GLN N 151 44.78 -57.64 24.61
N ARG N 152 44.51 -58.76 23.92
CA ARG N 152 43.29 -58.86 23.13
C ARG N 152 42.05 -58.74 24.01
N LYS N 153 42.07 -59.40 25.17
CA LYS N 153 40.93 -59.30 26.09
C LYS N 153 40.74 -57.87 26.57
N LEU N 154 41.83 -57.19 26.90
CA LEU N 154 41.72 -55.81 27.37
C LEU N 154 41.16 -54.90 26.29
N LEU N 155 41.65 -55.04 25.05
CA LEU N 155 41.14 -54.22 23.96
C LEU N 155 39.67 -54.51 23.69
N GLU N 156 39.28 -55.78 23.73
CA GLU N 156 37.88 -56.12 23.50
C GLU N 156 36.98 -55.56 24.59
N LYS N 157 37.42 -55.63 25.85
CA LYS N 157 36.62 -55.08 26.94
C LYS N 157 36.49 -53.57 26.81
N CYS N 158 37.59 -52.89 26.46
CA CYS N 158 37.51 -51.45 26.27
C CYS N 158 36.57 -51.10 25.12
N ALA N 159 36.63 -51.86 24.03
CA ALA N 159 35.73 -51.60 22.91
C ALA N 159 34.28 -51.83 23.28
N MET N 160 33.99 -52.89 24.05
CA MET N 160 32.63 -53.12 24.51
C MET N 160 32.15 -51.97 25.38
N THR N 161 33.00 -51.51 26.30
CA THR N 161 32.60 -50.39 27.15
C THR N 161 32.34 -49.13 26.33
N ALA N 162 33.18 -48.87 25.35
CA ALA N 162 32.96 -47.72 24.47
C ALA N 162 31.72 -47.89 23.60
N LEU N 163 31.28 -49.13 23.37
CA LEU N 163 30.16 -49.39 22.49
C LEU N 163 28.85 -49.61 23.22
N SER N 164 28.87 -49.88 24.53
CA SER N 164 27.65 -50.22 25.24
C SER N 164 26.89 -48.97 25.65
N SER N 165 26.69 -48.05 24.71
CA SER N 165 25.77 -46.94 24.91
C SER N 165 25.02 -46.56 23.63
N LYS N 166 25.23 -47.28 22.54
CA LYS N 166 24.71 -46.93 21.23
C LYS N 166 23.66 -47.93 20.79
N LEU N 167 23.09 -47.69 19.62
CA LEU N 167 22.07 -48.61 19.10
C LEU N 167 22.66 -49.95 18.69
N ILE N 168 23.97 -50.08 18.62
CA ILE N 168 24.61 -51.36 18.34
C ILE N 168 25.05 -52.07 19.62
N SER N 169 24.56 -51.62 20.78
CA SER N 169 24.95 -52.22 22.04
C SER N 169 24.47 -53.66 22.19
N GLN N 170 23.41 -54.04 21.47
CA GLN N 170 22.95 -55.42 21.54
C GLN N 170 23.95 -56.37 20.89
N GLN N 171 24.61 -55.93 19.83
CA GLN N 171 25.68 -56.69 19.16
C GLN N 171 27.05 -56.14 19.53
N LYS N 172 27.21 -55.71 20.78
CA LYS N 172 28.44 -55.03 21.17
C LYS N 172 29.62 -55.99 21.20
N ALA N 173 29.42 -57.24 21.61
CA ALA N 173 30.52 -58.20 21.59
C ALA N 173 30.99 -58.46 20.16
N PHE N 174 30.03 -58.66 19.25
CA PHE N 174 30.35 -58.87 17.84
C PHE N 174 31.13 -57.70 17.28
N PHE N 175 30.62 -56.48 17.47
CA PHE N 175 31.27 -55.31 16.88
C PHE N 175 32.60 -55.01 17.55
N ALA N 176 32.72 -55.26 18.85
CA ALA N 176 33.99 -55.04 19.53
C ALA N 176 35.05 -56.01 19.04
N LYS N 177 34.68 -57.28 18.85
CA LYS N 177 35.63 -58.23 18.29
C LYS N 177 36.05 -57.83 16.89
N MET N 178 35.09 -57.39 16.07
CA MET N 178 35.44 -56.94 14.72
C MET N 178 36.38 -55.75 14.76
N VAL N 179 36.13 -54.78 15.65
CA VAL N 179 36.96 -53.58 15.72
C VAL N 179 38.36 -53.93 16.20
N VAL N 180 38.46 -54.78 17.22
CA VAL N 180 39.77 -55.15 17.74
C VAL N 180 40.57 -55.90 16.69
N ASP N 181 39.91 -56.82 15.95
CA ASP N 181 40.62 -57.50 14.87
C ASP N 181 41.04 -56.53 13.79
N ALA N 182 40.20 -55.51 13.51
CA ALA N 182 40.52 -54.54 12.48
C ALA N 182 41.74 -53.70 12.86
N VAL N 183 41.82 -53.28 14.12
CA VAL N 183 42.88 -52.34 14.50
C VAL N 183 44.25 -53.01 14.47
N MET N 184 44.32 -54.29 14.86
CA MET N 184 45.61 -54.98 14.88
C MET N 184 46.20 -55.15 13.49
N MET N 185 45.39 -55.04 12.44
CA MET N 185 45.92 -55.15 11.08
C MET N 185 46.84 -53.99 10.76
N LEU N 186 46.49 -52.78 11.19
CA LEU N 186 47.32 -51.61 10.91
C LEU N 186 48.69 -51.77 11.54
N ASP N 187 49.72 -51.29 10.85
CA ASP N 187 51.09 -51.68 11.20
C ASP N 187 51.67 -50.87 12.36
N ASP N 188 51.92 -49.57 12.15
CA ASP N 188 52.58 -48.75 13.18
C ASP N 188 51.97 -47.38 13.39
N LEU N 189 51.31 -46.78 12.39
CA LEU N 189 50.76 -45.44 12.54
C LEU N 189 49.26 -45.43 12.74
N LEU N 190 48.58 -46.54 12.44
CA LEU N 190 47.15 -46.70 12.68
C LEU N 190 46.34 -45.60 12.01
N GLN N 191 46.52 -45.47 10.69
CA GLN N 191 45.73 -44.51 9.94
C GLN N 191 44.25 -44.87 9.99
N LEU N 192 43.41 -43.86 10.20
CA LEU N 192 41.97 -44.08 10.08
C LEU N 192 41.57 -44.31 8.63
N LYS N 193 42.33 -43.77 7.68
CA LYS N 193 42.04 -43.96 6.27
C LYS N 193 42.33 -45.39 5.82
N MET N 194 43.07 -46.16 6.61
CA MET N 194 43.34 -47.56 6.28
C MET N 194 42.24 -48.49 6.77
N ILE N 195 41.19 -47.97 7.37
CA ILE N 195 40.01 -48.75 7.74
C ILE N 195 38.84 -48.15 6.99
N GLY N 196 38.56 -48.69 5.80
CA GLY N 196 37.44 -48.21 5.03
C GLY N 196 36.13 -48.73 5.58
N ILE N 197 35.13 -47.85 5.62
CA ILE N 197 33.81 -48.19 6.15
C ILE N 197 32.80 -47.97 5.03
N LYS N 198 32.20 -49.07 4.56
CA LYS N 198 31.21 -49.02 3.50
C LYS N 198 29.83 -49.26 4.11
N LYS N 199 28.88 -48.40 3.77
CA LYS N 199 27.52 -48.50 4.26
C LYS N 199 26.62 -48.93 3.10
N VAL N 200 25.93 -50.06 3.27
CA VAL N 200 25.05 -50.62 2.26
C VAL N 200 23.68 -50.79 2.88
N GLN N 201 22.67 -50.14 2.29
CA GLN N 201 21.32 -50.19 2.82
C GLN N 201 20.75 -51.60 2.69
N GLY N 202 19.94 -51.98 3.68
CA GLY N 202 19.29 -53.28 3.66
C GLY N 202 20.13 -54.35 4.31
N GLY N 203 19.58 -55.01 5.32
CA GLY N 203 20.27 -56.06 6.03
C GLY N 203 20.25 -55.84 7.53
N ALA N 204 20.39 -56.92 8.27
CA ALA N 204 20.46 -56.84 9.73
C ALA N 204 21.83 -56.35 10.17
N LEU N 205 21.91 -55.92 11.43
CA LEU N 205 23.19 -55.48 11.98
C LEU N 205 24.18 -56.64 12.02
N GLU N 206 23.72 -57.84 12.34
CA GLU N 206 24.58 -59.01 12.37
C GLU N 206 25.06 -59.42 10.97
N ASP N 207 24.47 -58.86 9.91
CA ASP N 207 24.95 -59.13 8.57
C ASP N 207 26.20 -58.33 8.21
N SER N 208 26.62 -57.42 9.08
CA SER N 208 27.86 -56.69 8.84
C SER N 208 29.05 -57.65 8.87
N GLN N 209 30.10 -57.28 8.15
CA GLN N 209 31.26 -58.14 8.02
C GLN N 209 32.52 -57.30 7.94
N LEU N 210 33.66 -57.95 8.21
CA LEU N 210 34.97 -57.33 8.11
C LEU N 210 35.80 -58.19 7.15
N VAL N 211 36.09 -57.64 5.97
CA VAL N 211 36.86 -58.36 4.97
C VAL N 211 38.34 -58.07 5.17
N ALA N 212 39.13 -59.14 5.33
CA ALA N 212 40.58 -59.01 5.48
C ALA N 212 41.20 -58.71 4.12
N GLY N 213 40.99 -57.48 3.67
CA GLY N 213 41.39 -57.07 2.35
C GLY N 213 40.81 -55.71 2.00
N VAL N 214 40.19 -55.58 0.84
CA VAL N 214 39.57 -54.34 0.43
C VAL N 214 38.31 -54.65 -0.36
N ALA N 215 37.29 -53.83 -0.18
CA ALA N 215 36.04 -53.95 -0.93
C ALA N 215 35.53 -52.56 -1.26
N PHE N 216 35.00 -52.41 -2.48
CA PHE N 216 34.46 -51.12 -2.90
C PHE N 216 33.39 -51.35 -3.95
N LYS N 217 32.57 -50.33 -4.16
CA LYS N 217 31.42 -50.44 -5.05
C LYS N 217 31.86 -50.49 -6.51
N LYS N 218 31.04 -51.12 -7.33
CA LYS N 218 31.27 -51.14 -8.78
C LYS N 218 31.18 -49.72 -9.33
N THR N 219 32.10 -49.39 -10.23
CA THR N 219 32.30 -48.00 -10.67
C THR N 219 31.98 -47.87 -12.15
N PHE N 220 30.70 -47.62 -12.46
CA PHE N 220 30.24 -47.21 -13.79
C PHE N 220 30.85 -48.07 -14.90
N SER N 221 30.44 -49.34 -14.89
CA SER N 221 30.88 -50.26 -15.93
C SER N 221 30.42 -49.78 -17.30
N TYR N 222 31.26 -50.03 -18.30
CA TYR N 222 30.98 -49.67 -19.68
C TYR N 222 30.38 -50.86 -20.42
N ALA N 223 30.11 -50.67 -21.71
CA ALA N 223 29.57 -51.74 -22.53
C ALA N 223 30.62 -52.83 -22.72
N GLY N 224 30.18 -54.08 -22.60
CA GLY N 224 31.07 -55.22 -22.66
C GLY N 224 31.62 -55.65 -21.32
N PHE N 225 31.30 -54.94 -20.23
CA PHE N 225 31.76 -55.34 -18.91
C PHE N 225 31.12 -56.63 -18.44
N GLU N 226 29.85 -56.84 -18.78
CA GLU N 226 29.14 -58.05 -18.35
C GLU N 226 29.71 -59.31 -18.97
N MET N 227 30.51 -59.20 -20.03
CA MET N 227 31.12 -60.36 -20.66
C MET N 227 32.39 -60.81 -19.96
N GLN N 228 32.89 -60.05 -19.00
CA GLN N 228 34.09 -60.42 -18.27
C GLN N 228 33.75 -61.42 -17.15
N PRO N 229 34.67 -62.33 -16.86
CA PRO N 229 34.47 -63.20 -15.69
C PRO N 229 34.50 -62.41 -14.41
N LYS N 230 33.75 -62.88 -13.42
CA LYS N 230 33.57 -62.15 -12.17
C LYS N 230 34.12 -62.91 -10.96
N LYS N 231 35.04 -63.84 -11.17
CA LYS N 231 35.65 -64.55 -10.06
C LYS N 231 36.99 -65.12 -10.52
N TYR N 232 38.04 -64.87 -9.75
CA TYR N 232 39.37 -65.37 -10.04
C TYR N 232 39.95 -66.01 -8.79
N HIS N 233 40.71 -67.09 -8.97
CA HIS N 233 41.18 -67.89 -7.86
C HIS N 233 42.63 -67.64 -7.47
N ASN N 234 43.39 -66.90 -8.27
CA ASN N 234 44.70 -66.40 -7.89
C ASN N 234 45.06 -65.21 -8.78
N PRO N 235 44.28 -64.14 -8.76
CA PRO N 235 44.54 -63.04 -9.68
C PRO N 235 45.77 -62.24 -9.29
N LYS N 236 46.41 -61.66 -10.29
CA LYS N 236 47.40 -60.60 -10.09
C LYS N 236 46.76 -59.29 -10.49
N ILE N 237 46.87 -58.29 -9.63
CA ILE N 237 46.13 -57.04 -9.77
C ILE N 237 47.11 -55.96 -10.21
N ALA N 238 46.79 -55.29 -11.31
CA ALA N 238 47.59 -54.20 -11.85
C ALA N 238 46.95 -52.89 -11.41
N LEU N 239 47.47 -52.31 -10.33
CA LEU N 239 46.99 -51.02 -9.85
C LEU N 239 47.57 -49.93 -10.73
N LEU N 240 46.72 -49.13 -11.35
CA LEU N 240 47.15 -48.17 -12.35
C LEU N 240 46.52 -46.80 -12.08
N ASN N 241 47.21 -45.77 -12.56
CA ASN N 241 46.65 -44.43 -12.71
C ASN N 241 46.87 -44.06 -14.17
N VAL N 242 45.97 -44.53 -15.03
CA VAL N 242 46.13 -44.43 -16.47
C VAL N 242 44.75 -44.33 -17.10
N GLU N 243 44.59 -43.41 -18.04
CA GLU N 243 43.34 -43.27 -18.79
C GLU N 243 43.43 -44.15 -20.03
N LEU N 244 42.76 -45.30 -19.99
CA LEU N 244 42.85 -46.30 -21.05
C LEU N 244 41.66 -46.14 -22.00
N GLU N 245 41.75 -45.14 -22.86
CA GLU N 245 40.72 -44.93 -23.88
C GLU N 245 41.28 -44.04 -24.98
N LEU N 246 40.62 -44.09 -26.13
CA LEU N 246 41.00 -43.23 -27.24
C LEU N 246 40.73 -41.77 -26.88
N LYS N 247 41.72 -40.92 -27.14
CA LYS N 247 41.64 -39.51 -26.78
C LYS N 247 42.78 -38.79 -27.47
N ALA N 248 42.74 -37.46 -27.40
CA ALA N 248 43.85 -36.65 -27.89
C ALA N 248 45.11 -36.96 -27.10
N GLU N 249 46.25 -36.96 -27.79
CA GLU N 249 47.51 -37.26 -27.11
C GLU N 249 47.80 -36.24 -26.02
N LYS N 250 47.65 -34.95 -26.34
CA LYS N 250 47.65 -33.89 -25.34
C LYS N 250 46.65 -32.83 -25.75
N ASP N 251 46.22 -32.03 -24.77
CA ASP N 251 45.27 -30.97 -25.03
C ASP N 251 45.85 -29.86 -25.90
N ASN N 252 47.18 -29.78 -26.02
CA ASN N 252 47.83 -28.75 -26.82
C ASN N 252 48.57 -29.34 -28.02
N ALA N 253 48.21 -30.55 -28.43
CA ALA N 253 48.86 -31.22 -29.56
C ALA N 253 48.02 -31.02 -30.81
N GLU N 254 48.66 -30.61 -31.89
CA GLU N 254 48.01 -30.43 -33.18
C GLU N 254 48.72 -31.28 -34.23
N ILE N 255 47.93 -31.93 -35.07
CA ILE N 255 48.44 -32.80 -36.13
C ILE N 255 48.19 -32.13 -37.47
N ARG N 256 49.25 -31.96 -38.26
CA ARG N 256 49.16 -31.32 -39.57
C ARG N 256 49.69 -32.30 -40.61
N VAL N 257 48.81 -32.77 -41.49
CA VAL N 257 49.17 -33.68 -42.55
C VAL N 257 48.60 -33.16 -43.85
N HIS N 258 49.20 -33.60 -44.96
CA HIS N 258 48.78 -33.16 -46.30
C HIS N 258 48.61 -34.33 -47.26
N THR N 259 48.41 -35.54 -46.75
CA THR N 259 48.26 -36.71 -47.58
C THR N 259 47.30 -37.68 -46.91
N VAL N 260 46.46 -38.34 -47.70
CA VAL N 260 45.52 -39.30 -47.15
C VAL N 260 46.25 -40.47 -46.50
N GLU N 261 47.41 -40.84 -47.04
CA GLU N 261 48.22 -41.88 -46.42
C GLU N 261 48.64 -41.48 -45.02
N ASP N 262 49.03 -40.22 -44.84
CA ASP N 262 49.39 -39.73 -43.51
C ASP N 262 48.18 -39.70 -42.58
N TYR N 263 47.00 -39.38 -43.12
CA TYR N 263 45.78 -39.43 -42.32
C TYR N 263 45.52 -40.83 -41.79
N GLN N 264 45.59 -41.82 -42.68
CA GLN N 264 45.42 -43.21 -42.27
C GLN N 264 46.48 -43.62 -41.27
N ALA N 265 47.73 -43.18 -41.49
CA ALA N 265 48.82 -43.51 -40.57
C ALA N 265 48.57 -42.93 -39.19
N ILE N 266 48.04 -41.70 -39.13
CA ILE N 266 47.76 -41.08 -37.84
C ILE N 266 46.67 -41.83 -37.11
N VAL N 267 45.59 -42.21 -37.82
CA VAL N 267 44.51 -42.96 -37.19
C VAL N 267 45.04 -44.30 -36.65
N ASP N 268 45.79 -45.02 -37.49
CA ASP N 268 46.36 -46.29 -37.06
C ASP N 268 47.34 -46.09 -35.91
N ALA N 269 48.04 -44.96 -35.86
CA ALA N 269 48.97 -44.71 -34.77
C ALA N 269 48.25 -44.49 -33.47
N GLU N 270 47.13 -43.77 -33.48
CA GLU N 270 46.33 -43.63 -32.27
C GLU N 270 45.84 -44.99 -31.78
N TRP N 271 45.29 -45.78 -32.70
CA TRP N 271 44.82 -47.11 -32.31
C TRP N 271 45.96 -47.98 -31.80
N ASN N 272 47.14 -47.86 -32.42
CA ASN N 272 48.29 -48.64 -31.99
C ASN N 272 48.80 -48.21 -30.64
N ILE N 273 48.73 -46.92 -30.31
CA ILE N 273 49.11 -46.47 -28.98
C ILE N 273 48.19 -47.09 -27.93
N LEU N 274 46.88 -47.02 -28.17
CA LEU N 274 45.95 -47.63 -27.22
C LEU N 274 46.19 -49.12 -27.08
N TYR N 275 46.35 -49.81 -28.20
CA TYR N 275 46.55 -51.26 -28.16
C TYR N 275 47.90 -51.63 -27.56
N ASP N 276 48.90 -50.75 -27.69
CA ASP N 276 50.18 -51.01 -27.05
C ASP N 276 50.07 -50.91 -25.53
N LYS N 277 49.35 -49.90 -25.04
CA LYS N 277 49.10 -49.83 -23.60
C LYS N 277 48.38 -51.08 -23.13
N LEU N 278 47.32 -51.48 -23.85
CA LEU N 278 46.55 -52.65 -23.45
C LEU N 278 47.39 -53.92 -23.49
N GLU N 279 48.22 -54.07 -24.52
CA GLU N 279 49.06 -55.25 -24.65
C GLU N 279 50.13 -55.31 -23.55
N LYS N 280 50.71 -54.17 -23.22
CA LYS N 280 51.69 -54.14 -22.13
C LYS N 280 51.04 -54.52 -20.81
N ILE N 281 49.80 -54.08 -20.59
CA ILE N 281 49.07 -54.52 -19.41
C ILE N 281 48.84 -56.03 -19.46
N HIS N 282 48.46 -56.54 -20.64
CA HIS N 282 48.09 -57.95 -20.75
C HIS N 282 49.27 -58.88 -20.50
N HIS N 283 50.45 -58.55 -21.05
CA HIS N 283 51.60 -59.42 -20.84
C HIS N 283 52.11 -59.41 -19.40
N SER N 284 51.66 -58.48 -18.57
CA SER N 284 52.04 -58.50 -17.16
C SER N 284 51.46 -59.69 -16.42
N GLY N 285 50.51 -60.40 -17.02
CA GLY N 285 49.87 -61.52 -16.35
C GLY N 285 48.77 -61.12 -15.39
N ALA N 286 48.42 -59.85 -15.32
CA ALA N 286 47.43 -59.37 -14.36
C ALA N 286 46.04 -59.68 -14.87
N LYS N 287 45.29 -60.49 -14.12
CA LYS N 287 43.92 -60.80 -14.50
C LYS N 287 42.97 -59.65 -14.17
N VAL N 288 43.21 -58.95 -13.07
CA VAL N 288 42.35 -57.87 -12.61
C VAL N 288 43.08 -56.55 -12.81
N VAL N 289 42.39 -55.57 -13.41
CA VAL N 289 42.97 -54.27 -13.71
C VAL N 289 42.12 -53.21 -13.03
N LEU N 290 42.76 -52.34 -12.26
CA LEU N 290 42.10 -51.21 -11.61
C LEU N 290 42.81 -49.93 -11.99
N SER N 291 42.03 -48.87 -12.23
CA SER N 291 42.61 -47.61 -12.69
C SER N 291 41.88 -46.44 -12.05
N LYS N 292 42.65 -45.49 -11.51
CA LYS N 292 42.06 -44.27 -10.99
C LYS N 292 41.39 -43.47 -12.10
N LEU N 293 42.04 -43.39 -13.26
CA LEU N 293 41.50 -42.67 -14.40
C LEU N 293 40.49 -43.55 -15.14
N PRO N 294 39.63 -42.95 -15.95
CA PRO N 294 38.59 -43.74 -16.63
C PRO N 294 39.18 -44.79 -17.55
N ILE N 295 38.46 -45.90 -17.67
CA ILE N 295 38.77 -46.96 -18.62
C ILE N 295 37.64 -47.00 -19.65
N GLY N 296 37.99 -46.80 -20.91
CA GLY N 296 36.99 -46.66 -21.95
C GLY N 296 36.34 -47.98 -22.33
N ASP N 297 35.38 -47.88 -23.24
CA ASP N 297 34.66 -49.07 -23.70
C ASP N 297 35.58 -49.97 -24.52
N VAL N 298 36.47 -49.39 -25.32
CA VAL N 298 37.37 -50.19 -26.13
C VAL N 298 38.28 -51.04 -25.25
N ALA N 299 38.83 -50.45 -24.20
CA ALA N 299 39.69 -51.21 -23.28
C ALA N 299 38.86 -52.27 -22.54
N THR N 300 37.63 -51.94 -22.16
CA THR N 300 36.78 -52.92 -21.49
C THR N 300 36.52 -54.13 -22.36
N GLN N 301 36.19 -53.90 -23.63
CA GLN N 301 35.96 -55.01 -24.54
C GLN N 301 37.25 -55.77 -24.82
N TYR N 302 38.37 -55.07 -24.91
CA TYR N 302 39.65 -55.73 -25.08
C TYR N 302 39.95 -56.67 -23.93
N PHE N 303 39.70 -56.23 -22.71
CA PHE N 303 39.94 -57.07 -21.54
C PHE N 303 38.93 -58.21 -21.47
N ALA N 304 37.69 -57.96 -21.90
CA ALA N 304 36.70 -59.03 -21.93
C ALA N 304 37.10 -60.13 -22.90
N ASP N 305 37.67 -59.75 -24.05
CA ASP N 305 38.13 -60.75 -25.01
C ASP N 305 39.25 -61.62 -24.44
N ARG N 306 40.04 -61.07 -23.53
CA ARG N 306 41.17 -61.78 -22.93
C ARG N 306 40.82 -62.44 -21.61
N ASP N 307 39.54 -62.41 -21.22
CA ASP N 307 39.09 -62.94 -19.92
C ASP N 307 39.81 -62.22 -18.77
N MET N 308 39.64 -60.90 -18.74
CA MET N 308 40.27 -60.05 -17.76
C MET N 308 39.24 -59.10 -17.16
N PHE N 309 39.47 -58.67 -15.94
CA PHE N 309 38.58 -57.77 -15.22
C PHE N 309 39.17 -56.37 -15.21
N CYS N 310 38.32 -55.38 -15.50
CA CYS N 310 38.72 -53.98 -15.48
C CYS N 310 37.71 -53.17 -14.69
N ALA N 311 38.21 -52.13 -14.02
CA ALA N 311 37.34 -51.24 -13.24
C ALA N 311 38.00 -49.88 -13.19
N GLY N 312 37.46 -48.92 -13.94
CA GLY N 312 38.00 -47.58 -13.95
C GLY N 312 37.32 -46.66 -12.96
N ARG N 313 37.90 -45.47 -12.81
CA ARG N 313 37.40 -44.44 -11.91
C ARG N 313 37.33 -44.92 -10.47
N VAL N 314 38.24 -45.82 -10.09
CA VAL N 314 38.30 -46.26 -8.69
C VAL N 314 38.77 -45.09 -7.82
N PRO N 315 38.11 -44.82 -6.69
CA PRO N 315 38.52 -43.68 -5.86
C PRO N 315 39.93 -43.84 -5.33
N GLU N 316 40.56 -42.70 -5.06
CA GLU N 316 41.94 -42.68 -4.60
C GLU N 316 42.12 -43.47 -3.30
N GLU N 317 41.21 -43.27 -2.35
CA GLU N 317 41.30 -43.98 -1.07
C GLU N 317 41.16 -45.48 -1.27
N ASP N 318 40.25 -45.90 -2.15
CA ASP N 318 40.08 -47.32 -2.43
C ASP N 318 41.31 -47.91 -3.09
N LEU N 319 41.94 -47.17 -4.00
CA LEU N 319 43.16 -47.68 -4.62
C LEU N 319 44.29 -47.80 -3.62
N LYS N 320 44.45 -46.81 -2.72
CA LYS N 320 45.46 -46.94 -1.68
C LYS N 320 45.18 -48.12 -0.76
N ARG N 321 43.92 -48.32 -0.39
CA ARG N 321 43.57 -49.45 0.46
C ARG N 321 43.88 -50.77 -0.24
N THR N 322 43.56 -50.86 -1.53
CA THR N 322 43.86 -52.07 -2.29
C THR N 322 45.37 -52.30 -2.37
N MET N 323 46.13 -51.23 -2.57
CA MET N 323 47.58 -51.37 -2.65
C MET N 323 48.15 -51.88 -1.32
N MET N 324 47.68 -51.32 -0.20
CA MET N 324 48.18 -51.79 1.09
C MET N 324 47.70 -53.21 1.39
N ALA N 325 46.54 -53.61 0.86
CA ALA N 325 46.05 -54.96 1.10
C ALA N 325 46.80 -56.00 0.28
N CYS N 326 47.16 -55.66 -0.96
CA CYS N 326 47.76 -56.63 -1.88
C CYS N 326 49.28 -56.57 -1.89
N GLY N 327 49.86 -55.40 -2.13
CA GLY N 327 51.30 -55.28 -2.12
C GLY N 327 51.90 -54.82 -3.43
N GLY N 328 51.11 -54.12 -4.24
CA GLY N 328 51.56 -53.59 -5.50
C GLY N 328 51.98 -52.13 -5.38
N SER N 329 51.83 -51.40 -6.49
CA SER N 329 52.12 -49.98 -6.51
C SER N 329 51.29 -49.34 -7.61
N ILE N 330 50.76 -48.15 -7.33
CA ILE N 330 49.95 -47.43 -8.31
C ILE N 330 50.91 -46.89 -9.38
N GLN N 331 50.89 -47.52 -10.56
CA GLN N 331 51.80 -47.14 -11.64
C GLN N 331 51.09 -46.17 -12.58
N THR N 332 51.70 -45.00 -12.78
CA THR N 332 51.19 -44.05 -13.75
C THR N 332 51.62 -44.40 -15.17
N SER N 333 52.59 -45.29 -15.32
CA SER N 333 53.05 -45.74 -16.64
C SER N 333 53.01 -47.26 -16.70
N VAL N 334 52.61 -47.78 -17.85
CA VAL N 334 52.55 -49.22 -18.07
C VAL N 334 53.82 -49.74 -18.75
N ASN N 335 54.85 -48.92 -18.88
CA ASN N 335 56.04 -49.33 -19.60
C ASN N 335 56.89 -50.32 -18.81
N ALA N 336 56.81 -50.28 -17.49
CA ALA N 336 57.52 -51.24 -16.63
C ALA N 336 56.52 -51.81 -15.64
N LEU N 337 55.79 -52.83 -16.08
CA LEU N 337 54.85 -53.56 -15.22
C LEU N 337 55.51 -54.87 -14.82
N SER N 338 56.46 -54.79 -13.90
CA SER N 338 57.16 -55.96 -13.43
C SER N 338 56.32 -56.71 -12.39
N ALA N 339 56.82 -57.88 -11.99
CA ALA N 339 56.07 -58.71 -11.06
C ALA N 339 55.94 -58.06 -9.68
N ASP N 340 56.91 -57.24 -9.29
CA ASP N 340 56.89 -56.65 -7.95
C ASP N 340 55.88 -55.52 -7.80
N VAL N 341 55.44 -54.92 -8.91
CA VAL N 341 54.49 -53.82 -8.85
C VAL N 341 53.05 -54.29 -9.03
N LEU N 342 52.84 -55.61 -9.09
CA LEU N 342 51.51 -56.18 -9.27
C LEU N 342 50.99 -56.71 -7.95
N GLY N 343 49.81 -56.26 -7.54
CA GLY N 343 49.21 -56.76 -6.33
C GLY N 343 48.73 -58.19 -6.48
N ARG N 344 48.67 -58.89 -5.35
CA ARG N 344 48.27 -60.29 -5.35
C ARG N 344 47.29 -60.55 -4.22
N CYS N 345 46.20 -61.23 -4.53
CA CYS N 345 45.21 -61.64 -3.55
C CYS N 345 44.75 -63.05 -3.87
N GLN N 346 44.30 -63.77 -2.84
CA GLN N 346 43.92 -65.16 -3.04
C GLN N 346 42.67 -65.27 -3.92
N VAL N 347 41.62 -64.53 -3.58
CA VAL N 347 40.35 -64.63 -4.29
C VAL N 347 39.82 -63.23 -4.55
N PHE N 348 39.43 -62.96 -5.79
CA PHE N 348 38.68 -61.77 -6.15
C PHE N 348 37.29 -62.18 -6.61
N GLU N 349 36.29 -61.40 -6.20
CA GLU N 349 34.91 -61.75 -6.51
C GLU N 349 34.05 -60.50 -6.48
N GLU N 350 33.03 -60.48 -7.34
CA GLU N 350 32.00 -59.46 -7.31
C GLU N 350 30.68 -60.15 -6.98
N THR N 351 30.01 -59.66 -5.94
CA THR N 351 28.79 -60.29 -5.44
C THR N 351 27.72 -59.23 -5.21
N GLN N 352 26.50 -59.70 -4.98
CA GLN N 352 25.37 -58.83 -4.70
C GLN N 352 25.31 -58.54 -3.22
N ILE N 353 25.34 -57.26 -2.85
CA ILE N 353 25.31 -56.83 -1.46
C ILE N 353 24.18 -55.80 -1.34
N GLY N 354 22.99 -56.27 -0.95
CA GLY N 354 21.89 -55.37 -0.62
C GLY N 354 21.48 -54.43 -1.73
N GLY N 355 21.33 -54.95 -2.95
CA GLY N 355 20.97 -54.10 -4.07
C GLY N 355 22.12 -53.38 -4.71
N GLU N 356 23.36 -53.75 -4.39
CA GLU N 356 24.55 -53.14 -4.98
C GLU N 356 25.52 -54.24 -5.37
N ARG N 357 26.49 -53.87 -6.22
CA ARG N 357 27.56 -54.77 -6.64
C ARG N 357 28.86 -54.29 -6.04
N TYR N 358 29.54 -55.19 -5.32
CA TYR N 358 30.77 -54.86 -4.62
C TYR N 358 31.89 -55.80 -5.04
N ASN N 359 33.07 -55.24 -5.26
CA ASN N 359 34.23 -56.03 -5.65
C ASN N 359 35.01 -56.41 -4.38
N PHE N 360 35.18 -57.70 -4.15
CA PHE N 360 35.79 -58.22 -2.94
C PHE N 360 37.19 -58.73 -3.23
N PHE N 361 38.16 -58.28 -2.44
CA PHE N 361 39.54 -58.74 -2.50
C PHE N 361 39.84 -59.42 -1.17
N THR N 362 39.56 -60.71 -1.08
CA THR N 362 39.78 -61.47 0.15
C THR N 362 40.99 -62.37 0.00
N GLY N 363 41.39 -62.98 1.10
CA GLY N 363 42.51 -63.89 1.10
C GLY N 363 43.87 -63.24 1.05
N CYS N 364 43.96 -61.96 1.42
CA CYS N 364 45.26 -61.29 1.47
C CYS N 364 45.93 -61.61 2.80
N PRO N 365 47.07 -62.30 2.80
CA PRO N 365 47.69 -62.70 4.08
C PRO N 365 48.53 -61.61 4.70
N LYS N 366 49.10 -60.74 3.88
CA LYS N 366 49.97 -59.66 4.35
C LYS N 366 49.28 -58.31 4.28
N ALA N 367 47.95 -58.29 4.33
CA ALA N 367 47.20 -57.05 4.21
C ALA N 367 47.45 -56.16 5.40
N LYS N 368 47.68 -54.87 5.14
CA LYS N 368 47.84 -53.87 6.18
C LYS N 368 46.60 -53.01 6.33
N THR N 369 45.43 -53.53 5.97
CA THR N 369 44.21 -52.76 6.00
C THR N 369 43.02 -53.71 6.06
N CYS N 370 41.84 -53.12 6.23
CA CYS N 370 40.59 -53.88 6.31
C CYS N 370 39.45 -52.95 5.91
N THR N 371 38.30 -53.54 5.62
CA THR N 371 37.15 -52.77 5.17
C THR N 371 35.89 -53.25 5.89
N PHE N 372 35.19 -52.33 6.54
CA PHE N 372 33.91 -52.64 7.14
C PHE N 372 32.80 -52.52 6.10
N ILE N 373 31.81 -53.38 6.21
CA ILE N 373 30.60 -53.30 5.40
C ILE N 373 29.41 -53.30 6.37
N LEU N 374 28.81 -52.13 6.57
CA LEU N 374 27.77 -51.95 7.56
C LEU N 374 26.40 -52.09 6.91
N ARG N 375 25.54 -52.90 7.52
CA ARG N 375 24.20 -53.14 7.04
C ARG N 375 23.20 -52.52 8.00
N GLY N 376 22.19 -51.84 7.45
CA GLY N 376 21.18 -51.20 8.27
C GLY N 376 19.93 -50.91 7.48
N GLY N 377 18.88 -50.55 8.21
CA GLY N 377 17.60 -50.27 7.61
C GLY N 377 17.39 -48.85 7.14
N ALA N 378 18.33 -47.95 7.42
CA ALA N 378 18.17 -46.55 7.02
C ALA N 378 19.53 -45.91 6.90
N GLU N 379 19.54 -44.73 6.25
CA GLU N 379 20.78 -43.98 6.10
C GLU N 379 21.34 -43.56 7.46
N GLN N 380 20.50 -42.94 8.29
CA GLN N 380 20.96 -42.47 9.59
C GLN N 380 21.31 -43.63 10.51
N PHE N 381 20.63 -44.77 10.34
CA PHE N 381 20.97 -45.96 11.12
C PHE N 381 22.43 -46.36 10.87
N MET N 382 22.81 -46.46 9.59
CA MET N 382 24.18 -46.84 9.26
C MET N 382 25.17 -45.75 9.63
N GLU N 383 24.77 -44.48 9.51
CA GLU N 383 25.68 -43.40 9.94
C GLU N 383 25.94 -43.46 11.43
N GLU N 384 24.92 -43.71 12.24
CA GLU N 384 25.13 -43.82 13.68
C GLU N 384 25.96 -45.06 14.02
N THR N 385 25.74 -46.16 13.30
CA THR N 385 26.59 -47.33 13.49
C THR N 385 28.04 -47.00 13.18
N GLU N 386 28.28 -46.23 12.11
CA GLU N 386 29.63 -45.83 11.75
C GLU N 386 30.24 -44.93 12.82
N ARG N 387 29.45 -44.01 13.37
CA ARG N 387 29.96 -43.15 14.43
C ARG N 387 30.36 -43.96 15.66
N SER N 388 29.51 -44.92 16.04
CA SER N 388 29.84 -45.77 17.18
C SER N 388 31.10 -46.59 16.91
N LEU N 389 31.22 -47.14 15.70
CA LEU N 389 32.40 -47.91 15.34
C LEU N 389 33.65 -47.03 15.36
N HIS N 390 33.52 -45.77 14.93
CA HIS N 390 34.66 -44.86 14.97
C HIS N 390 35.08 -44.58 16.41
N ASP N 391 34.11 -44.39 17.31
CA ASP N 391 34.44 -44.23 18.72
C ASP N 391 35.21 -45.43 19.24
N ALA N 392 34.71 -46.63 18.93
CA ALA N 392 35.39 -47.85 19.38
C ALA N 392 36.78 -47.98 18.78
N ILE N 393 36.93 -47.62 17.50
CA ILE N 393 38.23 -47.71 16.84
C ILE N 393 39.23 -46.75 17.49
N MET N 394 38.80 -45.53 17.77
CA MET N 394 39.69 -44.58 18.44
C MET N 394 40.09 -45.09 19.82
N ILE N 395 39.13 -45.64 20.56
CA ILE N 395 39.44 -46.19 21.88
C ILE N 395 40.46 -47.31 21.78
N VAL N 396 40.28 -48.21 20.82
CA VAL N 396 41.20 -49.34 20.69
C VAL N 396 42.58 -48.86 20.25
N ARG N 397 42.64 -47.84 19.39
CA ARG N 397 43.93 -47.29 18.99
C ARG N 397 44.67 -46.71 20.19
N ARG N 398 43.97 -45.91 21.00
CA ARG N 398 44.61 -45.33 22.17
C ARG N 398 45.05 -46.41 23.15
N ALA N 399 44.23 -47.44 23.33
CA ALA N 399 44.60 -48.53 24.24
C ALA N 399 45.78 -49.32 23.70
N ILE N 400 45.90 -49.44 22.38
CA ILE N 400 47.08 -50.06 21.78
C ILE N 400 48.31 -49.23 22.12
N LYS N 401 48.21 -47.91 21.97
CA LYS N 401 49.35 -47.06 22.29
C LYS N 401 49.64 -46.99 23.77
N ASN N 402 48.66 -47.26 24.63
CA ASN N 402 48.87 -47.19 26.08
C ASN N 402 47.82 -48.07 26.76
N ASP N 403 48.26 -49.16 27.38
CA ASP N 403 47.34 -50.12 28.00
C ASP N 403 47.22 -49.85 29.50
N SER N 404 46.64 -48.70 29.81
CA SER N 404 46.30 -48.34 31.19
C SER N 404 44.81 -48.06 31.25
N VAL N 405 44.10 -48.76 32.13
CA VAL N 405 42.65 -48.69 32.19
C VAL N 405 42.20 -48.36 33.60
N VAL N 406 41.00 -47.80 33.70
CA VAL N 406 40.31 -47.55 34.96
C VAL N 406 38.88 -48.02 34.83
N ALA N 407 38.26 -48.35 35.96
CA ALA N 407 36.89 -48.84 35.94
C ALA N 407 35.94 -47.70 35.59
N GLY N 408 34.97 -48.00 34.73
CA GLY N 408 33.98 -47.04 34.32
C GLY N 408 32.77 -47.03 35.23
N GLY N 409 31.69 -46.45 34.73
CA GLY N 409 30.47 -46.37 35.52
C GLY N 409 30.54 -45.40 36.67
N GLY N 410 31.46 -44.43 36.63
CA GLY N 410 31.58 -43.45 37.68
C GLY N 410 32.44 -43.87 38.85
N ALA N 411 33.04 -45.06 38.82
CA ALA N 411 33.88 -45.50 39.92
C ALA N 411 35.13 -44.63 40.05
N ILE N 412 35.78 -44.35 38.93
CA ILE N 412 37.00 -43.55 38.95
C ILE N 412 36.71 -42.16 39.48
N GLU N 413 35.58 -41.57 39.08
CA GLU N 413 35.28 -40.21 39.52
C GLU N 413 34.81 -40.17 40.96
N MET N 414 34.12 -41.21 41.43
CA MET N 414 33.82 -41.28 42.86
C MET N 414 35.10 -41.37 43.69
N GLU N 415 36.06 -42.17 43.23
CA GLU N 415 37.34 -42.26 43.92
C GLU N 415 38.05 -40.91 43.90
N LEU N 416 38.03 -40.22 42.75
CA LEU N 416 38.66 -38.91 42.66
C LEU N 416 37.99 -37.92 43.59
N SER N 417 36.66 -37.95 43.67
CA SER N 417 35.95 -37.04 44.56
C SER N 417 36.30 -37.30 46.02
N LYS N 418 36.38 -38.58 46.40
CA LYS N 418 36.76 -38.91 47.77
C LYS N 418 38.17 -38.41 48.07
N TYR N 419 39.10 -38.64 47.15
CA TYR N 419 40.48 -38.21 47.35
C TYR N 419 40.57 -36.69 47.46
N LEU N 420 39.86 -35.98 46.58
CA LEU N 420 39.91 -34.53 46.59
C LEU N 420 39.29 -33.95 47.84
N ARG N 421 38.18 -34.54 48.31
CA ARG N 421 37.59 -34.08 49.56
C ARG N 421 38.53 -34.32 50.73
N ASP N 422 39.17 -35.49 50.78
CA ASP N 422 40.10 -35.78 51.86
C ASP N 422 41.28 -34.82 51.84
N TYR N 423 41.75 -34.45 50.65
CA TYR N 423 42.82 -33.46 50.56
C TYR N 423 42.33 -32.09 51.02
N SER N 424 41.13 -31.68 50.59
CA SER N 424 40.61 -30.37 50.94
C SER N 424 40.35 -30.24 52.43
N ARG N 425 40.16 -31.36 53.14
CA ARG N 425 39.97 -31.27 54.57
C ARG N 425 41.22 -30.75 55.31
N THR N 426 42.37 -30.69 54.63
CA THR N 426 43.64 -30.35 55.27
C THR N 426 44.26 -29.11 54.65
N ILE N 427 43.45 -28.11 54.32
CA ILE N 427 43.97 -26.84 53.79
C ILE N 427 43.23 -25.69 54.46
N PRO N 428 43.85 -24.48 54.48
CA PRO N 428 43.36 -23.36 55.31
C PRO N 428 41.84 -23.20 55.42
N GLY N 429 41.14 -23.12 54.29
CA GLY N 429 39.70 -22.99 54.37
C GLY N 429 39.05 -22.12 53.32
N LYS N 430 39.81 -21.24 52.67
CA LYS N 430 39.25 -20.52 51.53
C LYS N 430 39.29 -21.38 50.28
N GLN N 431 40.42 -22.06 50.04
CA GLN N 431 40.50 -23.03 48.95
C GLN N 431 39.75 -24.32 49.30
N GLN N 432 39.50 -24.57 50.58
CA GLN N 432 38.80 -25.79 50.98
C GLN N 432 37.39 -25.83 50.39
N LEU N 433 36.68 -24.70 50.45
CA LEU N 433 35.33 -24.65 49.91
C LEU N 433 35.33 -24.95 48.41
N LEU N 434 36.27 -24.36 47.67
CA LEU N 434 36.27 -24.53 46.23
C LEU N 434 36.73 -25.93 45.82
N ILE N 435 37.71 -26.50 46.52
CA ILE N 435 38.11 -27.87 46.19
C ILE N 435 37.01 -28.85 46.57
N GLY N 436 36.30 -28.61 47.67
CA GLY N 436 35.15 -29.44 47.99
C GLY N 436 34.05 -29.32 46.95
N ALA N 437 33.84 -28.11 46.42
CA ALA N 437 32.89 -27.93 45.32
C ALA N 437 33.33 -28.71 44.09
N TYR N 438 34.63 -28.71 43.80
CA TYR N 438 35.15 -29.50 42.69
C TYR N 438 34.87 -30.99 42.90
N ALA N 439 35.14 -31.48 44.12
CA ALA N 439 34.90 -32.88 44.43
C ALA N 439 33.42 -33.22 44.29
N LYS N 440 32.55 -32.34 44.78
CA LYS N 440 31.12 -32.58 44.64
C LYS N 440 30.68 -32.57 43.18
N ALA N 441 31.26 -31.66 42.38
CA ALA N 441 30.94 -31.61 40.97
C ALA N 441 31.40 -32.86 40.24
N LEU N 442 32.44 -33.53 40.75
CA LEU N 442 32.90 -34.77 40.16
C LEU N 442 31.85 -35.87 40.24
N GLU N 443 30.82 -35.72 41.07
CA GLU N 443 29.81 -36.76 41.30
C GLU N 443 28.68 -36.74 40.28
N ILE N 444 28.71 -35.84 39.30
CA ILE N 444 27.56 -35.70 38.40
C ILE N 444 27.38 -36.95 37.54
N ILE N 445 28.48 -37.50 37.03
CA ILE N 445 28.37 -38.57 36.04
C ILE N 445 27.70 -39.82 36.60
N PRO N 446 28.08 -40.35 37.77
CA PRO N 446 27.26 -41.44 38.33
C PRO N 446 25.83 -41.02 38.59
N ARG N 447 25.63 -39.78 39.04
CA ARG N 447 24.27 -39.28 39.23
C ARG N 447 23.52 -39.21 37.91
N GLN N 448 24.19 -38.79 36.84
CA GLN N 448 23.55 -38.74 35.54
C GLN N 448 23.21 -40.14 35.04
N LEU N 449 24.10 -41.11 35.27
CA LEU N 449 23.79 -42.48 34.90
C LEU N 449 22.56 -43.00 35.65
N CYS N 450 22.50 -42.72 36.95
CA CYS N 450 21.34 -43.15 37.73
C CYS N 450 20.06 -42.47 37.23
N ASP N 451 20.14 -41.19 36.89
CA ASP N 451 18.97 -40.47 36.39
C ASP N 451 18.52 -41.04 35.05
N ASN N 452 19.47 -41.36 34.17
CA ASN N 452 19.11 -41.87 32.85
C ASN N 452 18.54 -43.28 32.94
N ALA N 453 19.08 -44.10 33.84
CA ALA N 453 18.59 -45.46 33.99
C ALA N 453 17.31 -45.55 34.80
N GLY N 454 16.87 -44.46 35.42
CA GLY N 454 15.65 -44.46 36.19
C GLY N 454 15.78 -44.92 37.62
N PHE N 455 16.98 -44.85 38.19
CA PHE N 455 17.17 -45.24 39.59
C PHE N 455 16.76 -44.09 40.50
N ASP N 456 17.07 -44.22 41.78
CA ASP N 456 17.09 -43.09 42.70
C ASP N 456 18.56 -42.69 42.85
N ALA N 457 18.90 -41.51 42.34
CA ALA N 457 20.30 -41.11 42.30
C ALA N 457 20.89 -40.96 43.69
N THR N 458 20.11 -40.43 44.63
CA THR N 458 20.65 -40.13 45.96
C THR N 458 21.06 -41.39 46.70
N ASN N 459 20.23 -42.44 46.66
CA ASN N 459 20.56 -43.66 47.40
C ASN N 459 21.78 -44.35 46.81
N ILE N 460 21.86 -44.45 45.49
CA ILE N 460 23.01 -45.07 44.85
C ILE N 460 24.26 -44.27 45.12
N LEU N 461 24.15 -42.93 45.09
CA LEU N 461 25.31 -42.09 45.38
C LEU N 461 25.77 -42.27 46.82
N ASN N 462 24.82 -42.38 47.76
CA ASN N 462 25.19 -42.61 49.16
C ASN N 462 25.90 -43.95 49.32
N LYS N 463 25.39 -44.99 48.66
CA LYS N 463 26.04 -46.30 48.76
C LYS N 463 27.43 -46.27 48.14
N LEU N 464 27.58 -45.58 47.00
CA LEU N 464 28.89 -45.47 46.38
C LEU N 464 29.86 -44.73 47.27
N ARG N 465 29.42 -43.62 47.89
CA ARG N 465 30.27 -42.88 48.80
C ARG N 465 30.68 -43.74 49.99
N ALA N 466 29.73 -44.49 50.55
CA ALA N 466 30.04 -45.33 51.70
C ALA N 466 31.07 -46.40 51.33
N ARG N 467 30.88 -47.06 50.18
CA ARG N 467 31.84 -48.09 49.78
C ARG N 467 33.20 -47.50 49.45
N HIS N 468 33.25 -46.34 48.82
CA HIS N 468 34.54 -45.73 48.50
C HIS N 468 35.26 -45.30 49.77
N ALA N 469 34.53 -44.81 50.77
CA ALA N 469 35.15 -44.44 52.03
C ALA N 469 35.76 -45.66 52.71
N GLN N 470 35.05 -46.79 52.72
CA GLN N 470 35.54 -48.00 53.38
C GLN N 470 36.66 -48.67 52.60
N GLY N 471 36.93 -48.25 51.38
CA GLY N 471 37.93 -48.90 50.56
C GLY N 471 37.29 -49.61 49.38
N GLY N 472 38.06 -49.75 48.31
CA GLY N 472 37.55 -50.30 47.07
C GLY N 472 37.39 -49.20 46.04
N THR N 473 38.36 -49.10 45.14
CA THR N 473 38.42 -47.95 44.24
C THR N 473 37.51 -48.09 43.02
N TRP N 474 37.03 -49.29 42.72
CA TRP N 474 36.37 -49.54 41.44
C TRP N 474 34.88 -49.85 41.58
N TYR N 475 34.28 -49.61 42.74
CA TYR N 475 32.84 -49.79 42.88
C TYR N 475 32.11 -48.65 42.18
N GLY N 476 31.31 -49.00 41.18
CA GLY N 476 30.57 -48.02 40.42
C GLY N 476 29.12 -48.41 40.21
N VAL N 477 28.41 -47.65 39.37
CA VAL N 477 26.98 -47.89 39.16
C VAL N 477 26.78 -49.15 38.34
N ASP N 478 25.88 -50.02 38.79
CA ASP N 478 25.48 -51.20 38.04
C ASP N 478 24.07 -50.95 37.49
N ILE N 479 23.98 -50.78 36.17
CA ILE N 479 22.71 -50.39 35.56
C ILE N 479 21.70 -51.52 35.61
N ASN N 480 22.12 -52.74 35.29
CA ASN N 480 21.16 -53.84 35.15
C ASN N 480 20.59 -54.26 36.50
N ASN N 481 21.40 -54.22 37.55
CA ASN N 481 21.00 -54.75 38.85
C ASN N 481 20.45 -53.67 39.78
N GLU N 482 20.23 -52.46 39.29
CA GLU N 482 19.64 -51.37 40.07
C GLU N 482 20.48 -51.02 41.30
N ASP N 483 21.77 -51.31 41.28
CA ASP N 483 22.60 -51.22 42.48
C ASP N 483 24.02 -50.85 42.05
N ILE N 484 24.98 -51.06 42.94
CA ILE N 484 26.38 -50.81 42.67
C ILE N 484 27.13 -52.13 42.63
N ALA N 485 28.27 -52.13 41.95
CA ALA N 485 29.08 -53.32 41.81
C ALA N 485 30.51 -52.91 41.48
N ASP N 486 31.43 -53.86 41.64
CA ASP N 486 32.83 -53.64 41.31
C ASP N 486 32.97 -53.58 39.79
N ASN N 487 33.08 -52.37 39.24
CA ASN N 487 33.09 -52.21 37.80
C ASN N 487 34.36 -52.73 37.15
N PHE N 488 35.46 -52.84 37.90
CA PHE N 488 36.67 -53.43 37.33
C PHE N 488 36.51 -54.94 37.18
N GLU N 489 35.87 -55.59 38.15
CA GLU N 489 35.57 -57.01 38.01
C GLU N 489 34.40 -57.26 37.06
N ALA N 490 33.62 -56.23 36.76
CA ALA N 490 32.54 -56.33 35.78
C ALA N 490 32.99 -55.98 34.38
N PHE N 491 34.29 -55.75 34.17
CA PHE N 491 34.85 -55.48 32.85
C PHE N 491 34.26 -54.23 32.22
N VAL N 492 34.02 -53.21 33.02
CA VAL N 492 33.68 -51.88 32.54
C VAL N 492 34.98 -51.08 32.55
N TRP N 493 35.73 -51.18 31.46
CA TRP N 493 37.08 -50.63 31.39
C TRP N 493 37.13 -49.52 30.36
N GLU N 494 37.75 -48.40 30.73
CA GLU N 494 38.05 -47.34 29.78
C GLU N 494 39.50 -46.90 29.97
N PRO N 495 40.16 -46.47 28.89
CA PRO N 495 41.56 -46.03 29.03
C PRO N 495 41.66 -44.83 29.96
N ALA N 496 42.76 -44.78 30.72
CA ALA N 496 42.94 -43.70 31.67
C ALA N 496 43.05 -42.35 30.98
N MET N 497 43.63 -42.31 29.78
CA MET N 497 43.78 -41.04 29.08
C MET N 497 42.43 -40.43 28.74
N VAL N 498 41.37 -41.24 28.62
CA VAL N 498 40.05 -40.68 28.35
C VAL N 498 39.64 -39.75 29.48
N ARG N 499 39.69 -40.24 30.72
CA ARG N 499 39.31 -39.41 31.85
C ARG N 499 40.34 -38.31 32.10
N ILE N 500 41.62 -38.57 31.83
CA ILE N 500 42.64 -37.54 32.01
C ILE N 500 42.33 -36.35 31.11
N ASN N 501 42.11 -36.61 29.83
CA ASN N 501 41.81 -35.54 28.89
C ASN N 501 40.47 -34.88 29.22
N ALA N 502 39.48 -35.68 29.64
CA ALA N 502 38.20 -35.11 30.01
C ALA N 502 38.35 -34.10 31.14
N LEU N 503 39.03 -34.49 32.22
CA LEU N 503 39.22 -33.59 33.34
C LEU N 503 40.03 -32.36 32.94
N THR N 504 41.09 -32.55 32.15
CA THR N 504 41.92 -31.43 31.74
C THR N 504 41.12 -30.42 30.92
N ALA N 505 40.37 -30.91 29.94
CA ALA N 505 39.59 -30.02 29.08
C ALA N 505 38.49 -29.32 29.86
N ALA N 506 37.79 -30.06 30.73
CA ALA N 506 36.73 -29.44 31.52
C ALA N 506 37.28 -28.36 32.43
N SER N 507 38.41 -28.63 33.09
CA SER N 507 39.01 -27.63 33.96
C SER N 507 39.45 -26.40 33.19
N GLU N 508 40.08 -26.61 32.02
CA GLU N 508 40.52 -25.48 31.23
C GLU N 508 39.34 -24.64 30.76
N ALA N 509 38.26 -25.28 30.32
CA ALA N 509 37.08 -24.53 29.89
C ALA N 509 36.48 -23.76 31.05
N ALA N 510 36.37 -24.38 32.23
CA ALA N 510 35.80 -23.69 33.37
C ALA N 510 36.64 -22.49 33.78
N CYS N 511 37.97 -22.66 33.81
CA CYS N 511 38.84 -21.54 34.16
C CYS N 511 38.74 -20.42 33.14
N LEU N 512 38.74 -20.75 31.86
CA LEU N 512 38.65 -19.72 30.83
C LEU N 512 37.33 -18.97 30.91
N ILE N 513 36.23 -19.69 31.15
CA ILE N 513 34.92 -19.04 31.21
C ILE N 513 34.81 -18.17 32.46
N VAL N 514 35.37 -18.64 33.58
CA VAL N 514 35.31 -17.85 34.81
C VAL N 514 36.17 -16.60 34.67
N SER N 515 37.30 -16.69 33.99
CA SER N 515 38.23 -15.57 33.89
C SER N 515 37.68 -14.37 33.13
N VAL N 516 36.58 -14.52 32.41
CA VAL N 516 36.02 -13.45 31.60
C VAL N 516 35.11 -12.58 32.47
N ASP N 517 35.30 -11.26 32.40
CA ASP N 517 34.49 -10.34 33.17
C ASP N 517 33.60 -9.44 32.33
N GLU N 518 33.96 -9.19 31.06
CA GLU N 518 33.18 -8.33 30.19
C GLU N 518 33.01 -8.97 28.82
N THR N 519 31.87 -8.72 28.20
CA THR N 519 31.57 -9.19 26.85
C THR N 519 31.14 -8.00 26.01
N ILE N 520 31.80 -7.81 24.87
CA ILE N 520 31.50 -6.70 23.96
C ILE N 520 31.17 -7.28 22.60
N LYS N 521 30.02 -6.88 22.05
CA LYS N 521 29.55 -7.37 20.76
C LYS N 521 29.48 -6.21 19.78
N ASN N 522 30.34 -6.22 18.77
CA ASN N 522 30.26 -5.23 17.72
C ASN N 522 29.05 -5.47 16.84
N PRO N 523 28.48 -4.42 16.25
CA PRO N 523 27.37 -4.62 15.32
C PRO N 523 27.81 -5.40 14.09
N ARG N 524 26.89 -6.22 13.58
CA ARG N 524 27.19 -7.06 12.43
C ARG N 524 27.38 -6.21 11.18
N SER N 525 28.19 -6.72 10.26
CA SER N 525 28.43 -6.05 8.99
C SER N 525 27.93 -6.89 7.83
N ALA O 1 8.43 33.59 16.47
CA ALA O 1 9.29 33.49 17.65
C ALA O 1 9.32 32.07 18.18
N LEU O 2 9.34 31.10 17.27
CA LEU O 2 9.30 29.69 17.65
C LEU O 2 10.46 28.89 17.07
N HIS O 3 11.45 29.53 16.46
CA HIS O 3 12.57 28.83 15.88
C HIS O 3 13.81 29.72 15.92
N VAL O 4 14.96 29.09 16.12
CA VAL O 4 16.24 29.77 16.19
C VAL O 4 16.96 29.52 14.87
N PRO O 5 17.11 30.52 14.00
CA PRO O 5 17.81 30.30 12.73
C PRO O 5 19.30 30.10 12.95
N LYS O 6 19.92 29.42 11.99
CA LYS O 6 21.37 29.21 12.05
C LYS O 6 22.09 30.55 11.92
N ALA O 7 23.19 30.68 12.66
CA ALA O 7 23.93 31.93 12.65
C ALA O 7 24.51 32.20 11.27
N PRO O 8 24.46 33.44 10.78
CA PRO O 8 25.05 33.72 9.46
C PRO O 8 26.54 33.47 9.45
N GLY O 9 27.04 33.00 8.31
CA GLY O 9 28.45 32.70 8.17
C GLY O 9 28.75 31.23 8.00
N PHE O 10 29.60 30.69 8.87
CA PHE O 10 30.02 29.31 8.73
C PHE O 10 28.91 28.33 9.11
N ALA O 11 28.08 28.69 10.09
CA ALA O 11 27.02 27.79 10.51
C ALA O 11 26.04 27.50 9.38
N GLN O 12 25.70 28.53 8.59
CA GLN O 12 24.80 28.32 7.46
C GLN O 12 25.51 27.64 6.30
N MET O 13 26.79 27.92 6.10
CA MET O 13 27.52 27.39 4.96
C MET O 13 27.94 25.93 5.14
N LEU O 14 27.81 25.38 6.35
CA LEU O 14 28.23 24.01 6.60
C LEU O 14 27.39 23.02 5.80
N LYS O 15 27.99 21.89 5.48
CA LYS O 15 27.29 20.85 4.73
C LYS O 15 26.17 20.25 5.59
N GLU O 16 25.29 19.50 4.92
CA GLU O 16 24.09 19.00 5.59
C GLU O 16 24.43 18.04 6.72
N GLY O 17 25.35 17.11 6.48
CA GLY O 17 25.65 16.09 7.47
C GLY O 17 26.86 16.39 8.34
N ALA O 18 27.57 17.46 8.02
CA ALA O 18 28.81 17.77 8.73
C ALA O 18 28.52 18.25 10.15
N LYS O 19 29.55 18.18 10.99
CA LYS O 19 29.50 18.64 12.37
C LYS O 19 30.71 19.50 12.66
N HIS O 20 30.50 20.59 13.39
CA HIS O 20 31.57 21.51 13.76
C HIS O 20 31.54 21.75 15.26
N PHE O 21 32.56 21.27 15.95
CA PHE O 21 32.74 21.51 17.38
C PHE O 21 33.92 22.45 17.57
N SER O 22 33.68 23.59 18.23
CA SER O 22 34.70 24.58 18.43
C SER O 22 34.64 25.09 19.87
N GLY O 23 35.79 25.42 20.41
CA GLY O 23 35.89 25.98 21.74
C GLY O 23 36.28 24.94 22.78
N LEU O 24 36.59 25.45 23.97
CA LEU O 24 37.07 24.60 25.06
C LEU O 24 36.05 23.52 25.40
N GLU O 25 34.87 23.94 25.87
CA GLU O 25 33.87 22.98 26.33
C GLU O 25 33.44 22.05 25.21
N GLU O 26 33.25 22.57 24.00
CA GLU O 26 32.73 21.77 22.92
C GLU O 26 33.75 20.80 22.34
N ALA O 27 35.05 21.08 22.48
CA ALA O 27 36.06 20.23 21.85
C ALA O 27 36.95 19.51 22.84
N VAL O 28 37.67 20.22 23.70
CA VAL O 28 38.72 19.56 24.47
C VAL O 28 38.12 18.72 25.58
N TYR O 29 37.05 19.21 26.23
CA TYR O 29 36.40 18.43 27.26
C TYR O 29 35.77 17.17 26.69
N ARG O 30 35.17 17.27 25.50
CA ARG O 30 34.61 16.09 24.85
C ARG O 30 35.70 15.09 24.49
N ASN O 31 36.83 15.57 23.97
CA ASN O 31 37.93 14.67 23.64
C ASN O 31 38.46 13.97 24.89
N ILE O 32 38.62 14.72 25.98
CA ILE O 32 39.10 14.13 27.23
C ILE O 32 38.11 13.11 27.75
N GLN O 33 36.81 13.42 27.64
CA GLN O 33 35.80 12.48 28.09
C GLN O 33 35.84 11.18 27.30
N ALA O 34 35.99 11.28 25.97
CA ALA O 34 36.06 10.07 25.16
C ALA O 34 37.30 9.25 25.48
N CYS O 35 38.45 9.92 25.67
CA CYS O 35 39.67 9.19 26.01
C CYS O 35 39.55 8.54 27.38
N LYS O 36 38.90 9.21 28.34
CA LYS O 36 38.68 8.60 29.65
C LYS O 36 37.74 7.42 29.54
N GLU O 37 36.74 7.49 28.67
CA GLU O 37 35.86 6.34 28.45
C GLU O 37 36.64 5.16 27.90
N LEU O 38 37.53 5.40 26.95
CA LEU O 38 38.37 4.32 26.42
C LEU O 38 39.27 3.74 27.52
N ALA O 39 39.83 4.62 28.35
CA ALA O 39 40.67 4.15 29.45
C ALA O 39 39.88 3.27 30.40
N GLN O 40 38.65 3.67 30.74
CA GLN O 40 37.81 2.85 31.60
C GLN O 40 37.48 1.52 30.94
N THR O 41 37.29 1.55 29.61
CA THR O 41 37.01 0.31 28.88
C THR O 41 38.15 -0.68 28.99
N THR O 42 39.39 -0.20 28.88
CA THR O 42 40.53 -1.10 28.84
C THR O 42 41.16 -1.33 30.22
N ARG O 43 40.74 -0.58 31.24
CA ARG O 43 41.45 -0.60 32.53
C ARG O 43 41.41 -1.97 33.20
N THR O 44 40.27 -2.65 33.15
CA THR O 44 40.09 -3.84 33.98
C THR O 44 40.99 -5.00 33.61
N ALA O 45 41.67 -4.95 32.47
CA ALA O 45 42.54 -6.03 32.03
C ALA O 45 44.00 -5.79 32.38
N TYR O 46 44.30 -4.80 33.21
CA TYR O 46 45.68 -4.47 33.54
C TYR O 46 46.20 -5.37 34.66
N GLY O 47 47.47 -5.74 34.57
CA GLY O 47 48.14 -6.47 35.61
C GLY O 47 47.91 -7.96 35.54
N PRO O 48 48.59 -8.72 36.41
CA PRO O 48 48.38 -10.17 36.44
C PRO O 48 46.97 -10.56 36.78
N ASN O 49 46.28 -9.79 37.60
CA ASN O 49 44.89 -10.05 37.95
C ASN O 49 43.91 -9.51 36.92
N GLY O 50 44.42 -9.01 35.79
CA GLY O 50 43.56 -8.52 34.74
C GLY O 50 42.65 -9.61 34.18
N MET O 51 41.37 -9.31 34.08
CA MET O 51 40.40 -10.27 33.59
C MET O 51 40.36 -10.28 32.06
N ASN O 52 40.10 -11.46 31.50
CA ASN O 52 39.95 -11.57 30.06
C ASN O 52 38.66 -10.88 29.61
N LYS O 53 38.55 -10.68 28.30
CA LYS O 53 37.38 -10.03 27.72
C LYS O 53 36.97 -10.77 26.45
N MET O 54 35.69 -11.12 26.36
CA MET O 54 35.13 -11.68 25.14
C MET O 54 34.73 -10.53 24.23
N VAL O 55 35.47 -10.36 23.14
CA VAL O 55 35.22 -9.29 22.17
C VAL O 55 34.85 -9.95 20.85
N ILE O 56 33.70 -9.58 20.30
CA ILE O 56 33.19 -10.12 19.05
C ILE O 56 33.14 -8.98 18.04
N ASN O 57 33.81 -9.15 16.91
CA ASN O 57 33.90 -8.11 15.91
C ASN O 57 32.75 -8.23 14.91
N HIS O 58 32.83 -7.48 13.81
CA HIS O 58 31.75 -7.45 12.83
C HIS O 58 31.62 -8.75 12.07
N LEU O 59 32.65 -9.60 12.07
CA LEU O 59 32.60 -10.89 11.39
C LEU O 59 32.21 -12.03 12.33
N GLU O 60 31.69 -11.70 13.51
CA GLU O 60 31.26 -12.67 14.53
C GLU O 60 32.41 -13.51 15.06
N LYS O 61 33.66 -13.15 14.76
CA LYS O 61 34.78 -13.88 15.32
C LYS O 61 34.92 -13.55 16.80
N LEU O 62 35.27 -14.56 17.60
CA LEU O 62 35.32 -14.42 19.05
C LEU O 62 36.77 -14.31 19.52
N PHE O 63 37.05 -13.27 20.30
CA PHE O 63 38.35 -13.07 20.90
C PHE O 63 38.20 -13.06 22.42
N VAL O 64 38.98 -13.88 23.10
CA VAL O 64 39.11 -13.83 24.55
C VAL O 64 40.57 -13.54 24.87
N THR O 65 40.81 -12.45 25.60
CA THR O 65 42.17 -11.98 25.80
C THR O 65 42.19 -10.92 26.89
N ASN O 66 43.37 -10.68 27.43
CA ASN O 66 43.63 -9.55 28.32
C ASN O 66 44.73 -8.66 27.76
N ASP O 67 44.95 -8.71 26.46
CA ASP O 67 45.95 -7.90 25.78
C ASP O 67 45.29 -6.61 25.30
N ALA O 68 45.80 -5.46 25.76
CA ALA O 68 45.15 -4.20 25.46
C ALA O 68 45.16 -3.90 23.96
N ALA O 69 46.28 -4.17 23.29
CA ALA O 69 46.37 -3.87 21.86
C ALA O 69 45.34 -4.66 21.07
N THR O 70 45.20 -5.95 21.38
CA THR O 70 44.23 -6.78 20.67
C THR O 70 42.80 -6.31 20.93
N ILE O 71 42.49 -5.95 22.18
CA ILE O 71 41.16 -5.48 22.52
C ILE O 71 40.85 -4.20 21.76
N LEU O 72 41.81 -3.27 21.72
CA LEU O 72 41.59 -2.04 20.97
C LEU O 72 41.43 -2.31 19.48
N ARG O 73 42.20 -3.25 18.94
CA ARG O 73 42.11 -3.58 17.53
C ARG O 73 40.73 -4.15 17.20
N GLU O 74 40.21 -5.02 18.06
CA GLU O 74 38.92 -5.63 17.76
C GLU O 74 37.75 -4.68 18.01
N LEU O 75 37.88 -3.77 18.96
CA LEU O 75 36.83 -2.79 19.19
C LEU O 75 36.71 -1.84 17.99
N GLU O 76 35.48 -1.41 17.72
CA GLU O 76 35.21 -0.47 16.64
C GLU O 76 35.17 0.93 17.23
N VAL O 77 36.35 1.48 17.48
CA VAL O 77 36.46 2.82 18.04
C VAL O 77 36.08 3.84 16.99
N GLN O 78 35.17 4.75 17.33
CA GLN O 78 34.69 5.76 16.39
C GLN O 78 35.10 7.18 16.75
N HIS O 79 35.33 7.46 18.01
CA HIS O 79 35.71 8.82 18.40
C HIS O 79 37.14 9.10 17.95
N PRO O 80 37.37 10.18 17.21
CA PRO O 80 38.72 10.45 16.68
C PRO O 80 39.80 10.60 17.74
N ALA O 81 39.50 11.19 18.90
CA ALA O 81 40.52 11.30 19.93
C ALA O 81 40.89 9.93 20.49
N ALA O 82 39.89 9.09 20.74
CA ALA O 82 40.18 7.71 21.12
C ALA O 82 40.90 6.97 20.00
N LYS O 83 40.59 7.31 18.75
CA LYS O 83 41.35 6.76 17.63
C LYS O 83 42.82 7.11 17.74
N MET O 84 43.12 8.37 18.08
CA MET O 84 44.52 8.79 18.23
C MET O 84 45.20 8.04 19.36
N ILE O 85 44.49 7.86 20.48
CA ILE O 85 45.06 7.11 21.60
C ILE O 85 45.32 5.66 21.19
N VAL O 86 44.41 5.08 20.41
CA VAL O 86 44.60 3.72 19.93
C VAL O 86 45.80 3.64 18.99
N MET O 87 45.99 4.67 18.16
CA MET O 87 47.17 4.72 17.31
C MET O 87 48.44 4.75 18.13
N ALA O 88 48.44 5.53 19.21
CA ALA O 88 49.61 5.55 20.09
C ALA O 88 49.86 4.18 20.70
N SER O 89 48.80 3.51 21.15
CA SER O 89 48.96 2.19 21.75
C SER O 89 49.51 1.19 20.73
N HIS O 90 48.99 1.23 19.50
CA HIS O 90 49.46 0.32 18.46
C HIS O 90 50.91 0.63 18.09
N MET O 91 51.28 1.90 18.07
CA MET O 91 52.66 2.27 17.82
C MET O 91 53.59 1.74 18.91
N GLN O 92 53.13 1.78 20.17
CA GLN O 92 53.94 1.21 21.24
C GLN O 92 54.06 -0.30 21.09
N GLU O 93 52.97 -0.97 20.68
CA GLU O 93 53.05 -2.40 20.41
C GLU O 93 54.04 -2.71 19.30
N GLN O 94 54.02 -1.92 18.23
CA GLN O 94 54.94 -2.12 17.12
C GLN O 94 56.39 -1.88 17.55
N GLU O 95 56.63 -0.84 18.34
CA GLU O 95 58.00 -0.48 18.69
C GLU O 95 58.60 -1.47 19.68
N VAL O 96 57.85 -1.86 20.70
CA VAL O 96 58.35 -2.71 21.78
C VAL O 96 57.65 -4.06 21.79
N GLY O 97 56.33 -4.08 21.97
CA GLY O 97 55.60 -5.32 22.01
C GLY O 97 54.72 -5.46 23.24
N ASP O 98 55.15 -4.87 24.36
CA ASP O 98 54.39 -4.88 25.59
C ASP O 98 54.37 -3.49 26.19
N GLY O 99 53.25 -3.12 26.81
CA GLY O 99 53.12 -1.83 27.42
C GLY O 99 51.97 -1.01 26.85
N THR O 100 51.13 -1.66 26.03
CA THR O 100 50.01 -0.95 25.42
C THR O 100 49.02 -0.46 26.47
N ASN O 101 48.68 -1.32 27.43
CA ASN O 101 47.77 -0.92 28.49
C ASN O 101 48.35 0.21 29.32
N PHE O 102 49.66 0.18 29.56
CA PHE O 102 50.31 1.28 30.27
C PHE O 102 50.13 2.58 29.50
N VAL O 103 50.35 2.56 28.19
CA VAL O 103 50.20 3.77 27.38
C VAL O 103 48.78 4.29 27.48
N LEU O 104 47.81 3.40 27.34
CA LEU O 104 46.41 3.81 27.37
C LEU O 104 46.02 4.40 28.72
N VAL O 105 46.41 3.73 29.81
CA VAL O 105 46.06 4.19 31.15
C VAL O 105 46.73 5.52 31.45
N PHE O 106 48.01 5.65 31.09
CA PHE O 106 48.73 6.89 31.35
C PHE O 106 48.15 8.05 30.56
N ALA O 107 47.79 7.81 29.29
CA ALA O 107 47.16 8.86 28.50
C ALA O 107 45.82 9.28 29.09
N GLY O 108 45.03 8.31 29.55
CA GLY O 108 43.76 8.64 30.16
C GLY O 108 43.92 9.47 31.42
N ALA O 109 44.85 9.07 32.28
CA ALA O 109 45.11 9.83 33.51
C ALA O 109 45.62 11.24 33.19
N LEU O 110 46.52 11.35 32.22
CA LEU O 110 47.05 12.65 31.83
C LEU O 110 45.94 13.56 31.34
N LEU O 111 45.03 13.03 30.52
CA LEU O 111 43.96 13.87 29.99
C LEU O 111 42.95 14.24 31.07
N GLU O 112 42.69 13.33 32.00
CA GLU O 112 41.80 13.67 33.12
C GLU O 112 42.37 14.81 33.94
N LEU O 113 43.64 14.71 34.30
CA LEU O 113 44.25 15.77 35.11
C LEU O 113 44.41 17.05 34.31
N ALA O 114 44.58 16.95 32.99
CA ALA O 114 44.60 18.15 32.15
C ALA O 114 43.24 18.84 32.16
N GLU O 115 42.15 18.05 32.13
CA GLU O 115 40.83 18.64 32.25
C GLU O 115 40.66 19.34 33.59
N GLU O 116 41.15 18.72 34.66
CA GLU O 116 41.09 19.37 35.97
C GLU O 116 41.85 20.70 35.96
N LEU O 117 43.05 20.70 35.37
CA LEU O 117 43.86 21.91 35.31
C LEU O 117 43.18 22.99 34.48
N LEU O 118 42.56 22.61 33.37
CA LEU O 118 41.82 23.59 32.58
C LEU O 118 40.65 24.15 33.37
N ARG O 119 39.99 23.30 34.16
CA ARG O 119 38.87 23.78 34.96
C ARG O 119 39.32 24.76 36.04
N ILE O 120 40.45 24.50 36.69
CA ILE O 120 40.85 25.40 37.78
C ILE O 120 41.34 26.75 37.26
N GLY O 121 41.66 26.85 35.97
CA GLY O 121 41.99 28.15 35.41
C GLY O 121 43.24 28.19 34.57
N LEU O 122 43.92 27.06 34.41
CA LEU O 122 45.11 27.02 33.58
C LEU O 122 44.73 26.99 32.10
N SER O 123 45.71 27.32 31.25
CA SER O 123 45.51 27.30 29.81
C SER O 123 46.09 26.02 29.21
N VAL O 124 45.65 25.72 27.99
CA VAL O 124 46.14 24.53 27.31
C VAL O 124 47.63 24.64 27.03
N SER O 125 48.11 25.85 26.72
CA SER O 125 49.52 26.03 26.45
C SER O 125 50.37 25.75 27.68
N GLU O 126 49.94 26.27 28.84
CA GLU O 126 50.70 26.03 30.07
C GLU O 126 50.67 24.56 30.46
N VAL O 127 49.51 23.90 30.32
CA VAL O 127 49.42 22.49 30.63
C VAL O 127 50.34 21.68 29.72
N ILE O 128 50.34 22.00 28.42
CA ILE O 128 51.19 21.29 27.47
C ILE O 128 52.67 21.49 27.80
N GLU O 129 53.05 22.73 28.11
CA GLU O 129 54.45 23.00 28.45
C GLU O 129 54.86 22.26 29.71
N GLY O 130 54.01 22.26 30.73
CA GLY O 130 54.32 21.52 31.94
C GLY O 130 54.43 20.03 31.70
N TYR O 131 53.52 19.48 30.88
CA TYR O 131 53.58 18.06 30.56
C TYR O 131 54.86 17.71 29.83
N GLU O 132 55.28 18.55 28.88
CA GLU O 132 56.53 18.29 28.17
C GLU O 132 57.74 18.38 29.09
N ILE O 133 57.76 19.38 29.98
CA ILE O 133 58.88 19.51 30.91
C ILE O 133 58.93 18.30 31.84
N ALA O 134 57.77 17.86 32.34
CA ALA O 134 57.73 16.71 33.22
C ALA O 134 58.12 15.43 32.50
N CYS O 135 57.75 15.29 31.22
CA CYS O 135 58.17 14.13 30.44
C CYS O 135 59.67 14.10 30.26
N ARG O 136 60.27 15.26 29.98
CA ARG O 136 61.73 15.33 29.90
C ARG O 136 62.37 14.96 31.22
N LYS O 137 61.82 15.46 32.33
CA LYS O 137 62.34 15.13 33.64
C LYS O 137 62.23 13.63 33.93
N ALA O 138 61.11 13.03 33.55
CA ALA O 138 60.93 11.59 33.75
C ALA O 138 61.91 10.79 32.92
N HIS O 139 62.15 11.20 31.68
CA HIS O 139 63.12 10.52 30.85
C HIS O 139 64.53 10.66 31.41
N GLU O 140 64.83 11.80 32.04
CA GLU O 140 66.12 11.96 32.69
C GLU O 140 66.23 11.08 33.93
N ILE O 141 65.14 10.95 34.69
CA ILE O 141 65.17 10.19 35.93
C ILE O 141 65.28 8.69 35.64
N LEU O 142 64.59 8.22 34.60
CA LEU O 142 64.43 6.79 34.37
C LEU O 142 65.72 5.98 34.39
N PRO O 143 66.82 6.39 33.75
CA PRO O 143 68.04 5.56 33.81
C PRO O 143 68.55 5.32 35.22
N ASN O 144 68.31 6.24 36.14
CA ASN O 144 68.77 6.07 37.52
C ASN O 144 67.96 5.04 38.28
N LEU O 145 66.84 4.58 37.74
CA LEU O 145 65.97 3.62 38.43
C LEU O 145 66.26 2.17 38.05
N VAL O 146 67.27 1.93 37.22
CA VAL O 146 67.59 0.57 36.81
C VAL O 146 68.14 -0.21 38.00
N CYS O 147 67.56 -1.39 38.26
CA CYS O 147 67.97 -2.21 39.39
C CYS O 147 69.05 -3.21 39.01
N CYS O 148 68.89 -3.92 37.90
CA CYS O 148 69.86 -4.91 37.47
C CYS O 148 69.85 -4.99 35.95
N SER O 149 70.63 -5.92 35.42
CA SER O 149 70.76 -6.10 33.98
C SER O 149 70.66 -7.57 33.63
N ALA O 150 70.39 -7.84 32.35
CA ALA O 150 70.23 -9.22 31.90
C ALA O 150 71.52 -10.01 32.04
N LYS O 151 72.65 -9.41 31.62
CA LYS O 151 74.02 -9.85 31.84
C LYS O 151 74.31 -11.24 31.31
N ASN O 152 73.30 -11.90 30.72
CA ASN O 152 73.48 -13.15 30.00
C ASN O 152 72.20 -13.51 29.25
N LEU O 153 72.30 -13.82 27.97
CA LEU O 153 71.14 -14.20 27.19
C LEU O 153 71.24 -15.58 26.56
N ARG O 154 72.40 -16.21 26.55
CA ARG O 154 72.53 -17.58 26.08
C ARG O 154 72.09 -18.60 27.13
N ASP O 155 71.94 -18.18 28.39
CA ASP O 155 71.50 -19.08 29.44
C ASP O 155 70.02 -19.37 29.31
N ILE O 156 69.60 -20.53 29.83
CA ILE O 156 68.22 -20.96 29.70
C ILE O 156 67.40 -20.46 30.88
N ASP O 157 67.83 -20.80 32.09
CA ASP O 157 67.07 -20.43 33.28
C ASP O 157 67.00 -18.93 33.47
N GLU O 158 68.10 -18.22 33.16
CA GLU O 158 68.12 -16.78 33.31
C GLU O 158 67.10 -16.11 32.39
N VAL O 159 67.04 -16.56 31.14
CA VAL O 159 66.07 -15.98 30.20
C VAL O 159 64.65 -16.30 30.65
N SER O 160 64.42 -17.51 31.17
CA SER O 160 63.10 -17.85 31.67
C SER O 160 62.70 -16.94 32.83
N SER O 161 63.63 -16.69 33.75
CA SER O 161 63.34 -15.79 34.87
C SER O 161 63.06 -14.38 34.36
N LEU O 162 63.81 -13.91 33.37
CA LEU O 162 63.59 -12.58 32.84
C LEU O 162 62.23 -12.46 32.17
N LEU O 163 61.82 -13.49 31.42
CA LEU O 163 60.58 -13.45 30.67
C LEU O 163 59.36 -13.82 31.51
N ARG O 164 59.56 -14.36 32.71
CA ARG O 164 58.44 -14.73 33.56
C ARG O 164 57.59 -13.53 33.91
N THR O 165 58.23 -12.39 34.23
CA THR O 165 57.46 -11.19 34.56
C THR O 165 56.67 -10.71 33.35
N SER O 166 57.27 -10.77 32.16
CA SER O 166 56.59 -10.30 30.96
C SER O 166 55.37 -11.15 30.64
N ILE O 167 55.49 -12.48 30.76
CA ILE O 167 54.40 -13.36 30.39
C ILE O 167 53.63 -13.87 31.61
N MET O 168 53.77 -13.20 32.75
CA MET O 168 52.92 -13.48 33.90
C MET O 168 51.69 -12.59 33.95
N SER O 169 51.75 -11.41 33.33
CA SER O 169 50.56 -10.59 33.21
C SER O 169 49.45 -11.32 32.45
N LYS O 170 49.82 -11.98 31.36
CA LYS O 170 48.93 -12.91 30.68
C LYS O 170 49.20 -14.31 31.20
N GLN O 171 48.14 -15.12 31.31
CA GLN O 171 48.24 -16.48 31.82
C GLN O 171 48.94 -16.49 33.18
N TYR O 172 48.29 -15.84 34.16
CA TYR O 172 48.91 -15.66 35.46
C TYR O 172 49.15 -17.00 36.17
N GLY O 173 48.20 -17.92 36.06
CA GLY O 173 48.30 -19.15 36.84
C GLY O 173 49.51 -19.98 36.49
N ASN O 174 49.75 -20.17 35.19
CA ASN O 174 50.85 -21.01 34.71
C ASN O 174 51.78 -20.16 33.85
N GLU O 175 52.74 -19.52 34.50
CA GLU O 175 53.71 -18.67 33.81
C GLU O 175 55.11 -19.27 33.77
N VAL O 176 55.45 -20.15 34.72
CA VAL O 176 56.78 -20.75 34.73
C VAL O 176 56.97 -21.69 33.55
N PHE O 177 55.95 -22.50 33.25
CA PHE O 177 56.04 -23.46 32.15
C PHE O 177 56.19 -22.74 30.81
N LEU O 178 55.34 -21.74 30.57
CA LEU O 178 55.46 -20.95 29.33
C LEU O 178 56.78 -20.20 29.29
N ALA O 179 57.25 -19.72 30.45
CA ALA O 179 58.55 -19.05 30.49
C ALA O 179 59.66 -19.98 30.05
N LYS O 180 59.64 -21.22 30.55
CA LYS O 180 60.65 -22.20 30.16
C LYS O 180 60.57 -22.50 28.67
N LEU O 181 59.36 -22.67 28.14
CA LEU O 181 59.21 -22.95 26.72
C LEU O 181 59.78 -21.83 25.87
N ILE O 182 59.36 -20.59 26.15
CA ILE O 182 59.81 -19.47 25.34
C ILE O 182 61.31 -19.24 25.52
N ALA O 183 61.84 -19.47 26.72
CA ALA O 183 63.27 -19.32 26.95
C ALA O 183 64.05 -20.31 26.10
N GLN O 184 63.61 -21.57 26.07
CA GLN O 184 64.30 -22.56 25.25
C GLN O 184 64.23 -22.19 23.77
N ALA O 185 63.04 -21.78 23.32
CA ALA O 185 62.86 -21.42 21.91
C ALA O 185 63.74 -20.24 21.53
N CYS O 186 63.83 -19.23 22.40
CA CYS O 186 64.63 -18.04 22.10
C CYS O 186 66.12 -18.34 22.16
N VAL O 187 66.54 -19.16 23.13
CA VAL O 187 67.97 -19.48 23.25
C VAL O 187 68.44 -20.33 22.08
N SER O 188 67.57 -21.18 21.54
CA SER O 188 67.94 -21.92 20.33
C SER O 188 68.28 -20.96 19.19
N ILE O 189 67.39 -19.99 18.95
CA ILE O 189 67.62 -18.86 18.07
C ILE O 189 68.62 -17.93 18.76
N PHE O 190 68.95 -16.80 18.11
CA PHE O 190 69.91 -15.83 18.64
C PHE O 190 71.32 -16.41 18.64
N PRO O 191 71.92 -16.57 17.47
CA PRO O 191 73.26 -17.16 17.37
C PRO O 191 74.36 -16.24 17.88
N ASP O 192 75.60 -16.61 17.61
CA ASP O 192 76.74 -15.81 18.09
C ASP O 192 76.66 -14.37 17.64
N SER O 193 76.10 -14.12 16.45
CA SER O 193 75.85 -12.74 16.04
C SER O 193 74.75 -12.13 16.89
N GLY O 194 74.93 -10.87 17.27
CA GLY O 194 74.02 -10.23 18.21
C GLY O 194 72.61 -10.00 17.68
N HIS O 195 72.40 -10.15 16.37
CA HIS O 195 71.07 -9.91 15.81
C HIS O 195 70.13 -11.06 16.18
N PHE O 196 68.91 -10.69 16.56
CA PHE O 196 67.86 -11.64 16.89
C PHE O 196 66.63 -11.33 16.05
N ASN O 197 66.00 -12.38 15.52
CA ASN O 197 64.85 -12.23 14.63
C ASN O 197 63.62 -12.81 15.32
N VAL O 198 62.59 -11.98 15.47
CA VAL O 198 61.34 -12.43 16.09
C VAL O 198 60.63 -13.43 15.19
N ASP O 199 60.69 -13.22 13.87
CA ASP O 199 59.99 -14.08 12.92
C ASP O 199 60.56 -15.49 12.87
N ASN O 200 61.75 -15.71 13.45
CA ASN O 200 62.32 -17.05 13.46
C ASN O 200 61.71 -17.96 14.51
N ILE O 201 60.82 -17.43 15.35
CA ILE O 201 60.08 -18.23 16.32
C ILE O 201 58.70 -18.51 15.73
N ARG O 202 58.37 -19.79 15.55
CA ARG O 202 57.11 -20.20 14.96
C ARG O 202 56.23 -20.86 16.00
N VAL O 203 54.93 -20.64 15.89
CA VAL O 203 53.94 -21.21 16.80
C VAL O 203 52.99 -22.07 15.98
N CYS O 204 52.85 -23.34 16.35
CA CYS O 204 51.91 -24.25 15.73
C CYS O 204 50.87 -24.65 16.75
N LYS O 205 49.59 -24.49 16.38
CA LYS O 205 48.48 -24.74 17.28
C LYS O 205 47.79 -26.04 16.87
N ILE O 206 47.92 -27.06 17.72
CA ILE O 206 47.27 -28.35 17.51
C ILE O 206 46.33 -28.60 18.68
N LEU O 207 45.07 -28.89 18.37
CA LEU O 207 44.03 -28.94 19.38
C LEU O 207 43.98 -30.30 20.08
N GLY O 208 43.78 -30.27 21.39
CA GLY O 208 43.34 -31.48 22.09
C GLY O 208 43.98 -31.84 23.41
N SER O 209 45.26 -31.56 23.62
CA SER O 209 46.00 -32.15 24.72
C SER O 209 46.14 -31.23 25.93
N GLY O 210 45.58 -30.03 25.90
CA GLY O 210 45.78 -29.12 27.00
C GLY O 210 47.11 -28.40 26.92
N ILE O 211 47.14 -27.12 27.32
CA ILE O 211 48.32 -26.30 27.07
C ILE O 211 49.54 -26.77 27.85
N SER O 212 49.35 -27.61 28.87
CA SER O 212 50.49 -28.12 29.62
C SER O 212 51.31 -29.13 28.84
N SER O 213 50.83 -29.58 27.69
CA SER O 213 51.53 -30.56 26.86
C SER O 213 52.31 -29.92 25.72
N SER O 214 52.42 -28.60 25.71
CA SER O 214 53.17 -27.93 24.65
C SER O 214 54.65 -28.27 24.73
N SER O 215 55.33 -28.15 23.60
CA SER O 215 56.74 -28.50 23.51
C SER O 215 57.40 -27.64 22.44
N VAL O 216 58.72 -27.57 22.52
CA VAL O 216 59.53 -26.80 21.58
C VAL O 216 60.21 -27.77 20.62
N LEU O 217 60.06 -27.52 19.33
CA LEU O 217 60.63 -28.37 18.29
C LEU O 217 61.74 -27.61 17.58
N HIS O 218 62.93 -28.21 17.53
CA HIS O 218 64.08 -27.61 16.85
C HIS O 218 63.94 -27.88 15.37
N GLY O 219 63.15 -27.04 14.70
CA GLY O 219 62.83 -27.21 13.30
C GLY O 219 61.50 -26.55 13.00
N MET O 220 60.82 -27.09 12.00
CA MET O 220 59.51 -26.58 11.63
C MET O 220 58.56 -27.74 11.38
N VAL O 221 57.27 -27.45 11.48
CA VAL O 221 56.21 -28.43 11.32
C VAL O 221 55.11 -27.83 10.45
N PHE O 222 54.60 -28.65 9.52
CA PHE O 222 53.53 -28.23 8.61
C PHE O 222 52.34 -29.17 8.75
N LYS O 223 51.16 -28.60 8.87
CA LYS O 223 49.92 -29.39 8.97
C LYS O 223 49.52 -29.87 7.58
N LYS O 224 50.29 -30.81 7.06
CA LYS O 224 50.10 -31.32 5.71
C LYS O 224 50.30 -32.83 5.72
N GLU O 225 50.29 -33.42 4.53
CA GLU O 225 50.55 -34.84 4.34
C GLU O 225 51.54 -35.00 3.19
N THR O 226 52.27 -36.11 3.22
CA THR O 226 53.23 -36.40 2.16
C THR O 226 52.51 -36.75 0.87
N GLU O 227 52.92 -36.13 -0.24
CA GLU O 227 52.30 -36.42 -1.52
C GLU O 227 52.59 -37.84 -1.97
N GLY O 228 53.81 -38.33 -1.73
CA GLY O 228 54.25 -39.61 -2.24
C GLY O 228 53.94 -40.77 -1.33
N ASP O 229 54.77 -41.81 -1.42
CA ASP O 229 54.58 -43.04 -0.67
C ASP O 229 55.47 -43.13 0.56
N VAL O 230 56.64 -42.52 0.54
CA VAL O 230 57.54 -42.57 1.68
C VAL O 230 57.10 -41.55 2.71
N THR O 231 57.02 -41.97 3.97
CA THR O 231 56.52 -41.11 5.04
C THR O 231 57.51 -40.96 6.20
N SER O 232 58.77 -41.34 6.02
CA SER O 232 59.74 -41.24 7.10
C SER O 232 61.14 -41.33 6.51
N VAL O 233 61.98 -40.36 6.84
CA VAL O 233 63.38 -40.34 6.42
C VAL O 233 64.23 -39.99 7.64
N LYS O 234 65.33 -40.71 7.82
CA LYS O 234 66.16 -40.56 9.01
C LYS O 234 67.45 -39.79 8.78
N ASP O 235 67.88 -39.63 7.53
CA ASP O 235 69.09 -38.88 7.20
C ASP O 235 68.79 -37.93 6.04
N ALA O 236 67.72 -37.17 6.18
CA ALA O 236 67.14 -36.43 5.06
C ALA O 236 68.15 -35.50 4.41
N LYS O 237 68.04 -35.40 3.09
CA LYS O 237 68.91 -34.59 2.23
C LYS O 237 68.05 -33.65 1.39
N ILE O 238 67.15 -32.92 2.07
CA ILE O 238 66.11 -32.14 1.42
C ILE O 238 66.69 -31.29 0.30
N ALA O 239 66.09 -31.40 -0.88
CA ALA O 239 66.36 -30.52 -2.00
C ALA O 239 65.10 -29.71 -2.29
N VAL O 240 65.22 -28.39 -2.24
CA VAL O 240 64.07 -27.50 -2.30
C VAL O 240 63.98 -26.89 -3.69
N TYR O 241 62.83 -27.02 -4.32
CA TYR O 241 62.57 -26.46 -5.64
C TYR O 241 61.41 -25.49 -5.57
N SER O 242 61.63 -24.26 -6.04
CA SER O 242 60.53 -23.31 -6.14
C SER O 242 59.64 -23.62 -7.33
N CYS O 243 60.19 -24.24 -8.37
CA CYS O 243 59.41 -24.60 -9.54
C CYS O 243 58.51 -25.79 -9.22
N PRO O 244 57.43 -25.95 -9.98
CA PRO O 244 56.59 -27.14 -9.80
C PRO O 244 57.36 -28.41 -10.15
N PHE O 245 57.02 -29.50 -9.45
CA PHE O 245 57.66 -30.80 -9.68
C PHE O 245 57.06 -31.43 -10.93
N ASP O 246 57.41 -30.83 -12.07
CA ASP O 246 56.89 -31.27 -13.36
C ASP O 246 57.85 -30.79 -14.44
N GLY O 247 57.74 -31.40 -15.62
CA GLY O 247 58.51 -30.96 -16.76
C GLY O 247 58.19 -29.53 -17.13
N MET O 248 59.23 -28.70 -17.25
CA MET O 248 59.02 -27.28 -17.54
C MET O 248 58.48 -27.08 -18.95
N ILE O 249 57.74 -26.00 -19.13
CA ILE O 249 57.08 -25.69 -20.38
C ILE O 249 57.40 -24.25 -20.77
N THR O 250 57.18 -23.95 -22.05
CA THR O 250 57.48 -22.62 -22.56
C THR O 250 56.54 -21.58 -21.93
N GLU O 251 56.87 -20.31 -22.16
CA GLU O 251 56.07 -19.21 -21.62
C GLU O 251 55.26 -18.47 -22.68
N THR O 252 55.54 -18.65 -23.96
CA THR O 252 54.74 -17.99 -24.99
C THR O 252 53.46 -18.79 -25.25
N LYS O 253 53.61 -19.99 -25.79
CA LYS O 253 52.53 -20.93 -26.00
C LYS O 253 53.13 -22.25 -26.47
N GLY O 254 52.65 -23.36 -25.92
CA GLY O 254 53.15 -24.67 -26.25
C GLY O 254 52.18 -25.41 -27.15
N THR O 255 52.64 -25.72 -28.36
CA THR O 255 51.86 -26.50 -29.32
C THR O 255 52.72 -27.67 -29.79
N VAL O 256 52.23 -28.88 -29.56
CA VAL O 256 52.93 -30.08 -29.99
C VAL O 256 52.54 -30.34 -31.44
N LEU O 257 53.46 -30.05 -32.36
CA LEU O 257 53.20 -30.21 -33.78
C LEU O 257 53.61 -31.61 -34.21
N ILE O 258 52.63 -32.42 -34.60
CA ILE O 258 52.85 -33.78 -35.06
C ILE O 258 52.60 -33.82 -36.56
N LYS O 259 53.59 -34.29 -37.32
CA LYS O 259 53.47 -34.36 -38.77
C LYS O 259 53.51 -35.79 -39.31
N THR O 260 53.99 -36.76 -38.54
CA THR O 260 54.05 -38.14 -38.98
C THR O 260 53.56 -39.04 -37.86
N ALA O 261 53.29 -40.29 -38.20
CA ALA O 261 52.80 -41.25 -37.22
C ALA O 261 53.85 -41.56 -36.16
N GLU O 262 55.13 -41.62 -36.57
CA GLU O 262 56.19 -41.99 -35.64
C GLU O 262 56.31 -40.98 -34.50
N GLU O 263 56.21 -39.69 -34.82
CA GLU O 263 56.27 -38.67 -33.78
C GLU O 263 55.12 -38.82 -32.79
N LEU O 264 53.92 -39.05 -33.30
CA LEU O 264 52.76 -39.25 -32.43
C LEU O 264 52.96 -40.46 -31.54
N MET O 265 53.50 -41.55 -32.09
CA MET O 265 53.70 -42.76 -31.31
C MET O 265 54.75 -42.57 -30.22
N ASN O 266 55.84 -41.86 -30.54
CA ASN O 266 56.97 -41.77 -29.63
C ASN O 266 56.96 -40.56 -28.71
N PHE O 267 56.03 -39.61 -28.90
CA PHE O 267 56.09 -38.38 -28.13
C PHE O 267 55.86 -38.63 -26.64
N SER O 268 54.80 -39.37 -26.29
CA SER O 268 54.50 -39.60 -24.89
C SER O 268 55.59 -40.43 -24.22
N LYS O 269 56.11 -41.43 -24.92
CA LYS O 269 57.20 -42.23 -24.38
C LYS O 269 58.44 -41.38 -24.14
N GLY O 270 58.76 -40.48 -25.08
CA GLY O 270 59.89 -39.60 -24.88
C GLY O 270 59.71 -38.67 -23.69
N GLU O 271 58.51 -38.12 -23.54
CA GLU O 271 58.25 -37.24 -22.39
C GLU O 271 58.39 -38.00 -21.08
N GLU O 272 57.83 -39.21 -21.02
CA GLU O 272 57.94 -40.01 -19.80
C GLU O 272 59.39 -40.38 -19.51
N ASN O 273 60.15 -40.73 -20.54
CA ASN O 273 61.56 -41.05 -20.35
C ASN O 273 62.34 -39.84 -19.86
N LEU O 274 62.04 -38.66 -20.39
CA LEU O 274 62.72 -37.45 -19.93
C LEU O 274 62.41 -37.15 -18.47
N MET O 275 61.14 -37.30 -18.08
CA MET O 275 60.78 -37.10 -16.68
C MET O 275 61.49 -38.10 -15.78
N ASP O 276 61.54 -39.37 -16.21
CA ASP O 276 62.27 -40.38 -15.46
C ASP O 276 63.75 -40.04 -15.33
N ALA O 277 64.36 -39.56 -16.41
CA ALA O 277 65.77 -39.19 -16.36
C ALA O 277 66.00 -38.04 -15.40
N GLN O 278 65.13 -37.03 -15.42
CA GLN O 278 65.28 -35.91 -14.50
C GLN O 278 65.15 -36.36 -13.05
N VAL O 279 64.15 -37.19 -12.75
CA VAL O 279 63.95 -37.65 -11.38
C VAL O 279 65.12 -38.51 -10.93
N LYS O 280 65.62 -39.37 -11.81
CA LYS O 280 66.76 -40.22 -11.47
C LYS O 280 68.01 -39.38 -11.24
N ALA O 281 68.22 -38.34 -12.05
CA ALA O 281 69.36 -37.46 -11.83
C ALA O 281 69.25 -36.74 -10.50
N ILE O 282 68.04 -36.31 -10.12
CA ILE O 282 67.84 -35.70 -8.82
C ILE O 282 68.17 -36.70 -7.72
N ALA O 283 67.70 -37.94 -7.85
CA ALA O 283 67.88 -38.94 -6.81
C ALA O 283 69.32 -39.40 -6.69
N ASP O 284 70.09 -39.32 -7.78
CA ASP O 284 71.45 -39.85 -7.78
C ASP O 284 72.41 -39.03 -6.92
N THR O 285 72.02 -37.83 -6.50
CA THR O 285 72.87 -37.00 -5.67
C THR O 285 72.76 -37.32 -4.19
N GLY O 286 72.07 -38.40 -3.84
CA GLY O 286 71.84 -38.76 -2.46
C GLY O 286 70.62 -38.13 -1.83
N ALA O 287 69.92 -37.24 -2.54
CA ALA O 287 68.71 -36.64 -2.01
C ALA O 287 67.63 -37.68 -1.82
N ASN O 288 66.88 -37.56 -0.73
CA ASN O 288 65.79 -38.47 -0.42
C ASN O 288 64.51 -37.77 -0.01
N VAL O 289 64.54 -36.44 0.15
CA VAL O 289 63.35 -35.65 0.41
C VAL O 289 63.33 -34.50 -0.59
N VAL O 290 62.19 -34.32 -1.25
CA VAL O 290 62.03 -33.26 -2.24
C VAL O 290 60.86 -32.38 -1.80
N VAL O 291 61.11 -31.08 -1.71
CA VAL O 291 60.10 -30.09 -1.36
C VAL O 291 59.91 -29.16 -2.53
N THR O 292 58.67 -29.00 -2.97
CA THR O 292 58.35 -28.16 -4.11
C THR O 292 57.29 -27.14 -3.72
N GLY O 293 57.35 -25.97 -4.37
CA GLY O 293 56.39 -24.92 -4.12
C GLY O 293 55.19 -24.91 -5.04
N GLY O 294 55.24 -25.67 -6.13
CA GLY O 294 54.16 -25.74 -7.09
C GLY O 294 53.51 -27.11 -7.13
N LYS O 295 52.68 -27.28 -8.16
CA LYS O 295 51.93 -28.52 -8.32
C LYS O 295 52.88 -29.68 -8.62
N VAL O 296 52.39 -30.89 -8.38
CA VAL O 296 53.15 -32.11 -8.59
C VAL O 296 52.47 -32.91 -9.71
N ALA O 297 53.23 -33.23 -10.75
CA ALA O 297 52.70 -34.02 -11.85
C ALA O 297 52.51 -35.48 -11.42
N ASP O 298 51.63 -36.17 -12.14
CA ASP O 298 51.37 -37.57 -11.82
C ASP O 298 52.58 -38.44 -12.14
N MET O 299 53.18 -38.25 -13.32
CA MET O 299 54.36 -39.03 -13.68
C MET O 299 55.54 -38.71 -12.77
N ALA O 300 55.71 -37.43 -12.41
CA ALA O 300 56.77 -37.06 -11.49
C ALA O 300 56.58 -37.72 -10.14
N LEU O 301 55.34 -37.74 -9.63
CA LEU O 301 55.08 -38.42 -8.38
C LEU O 301 55.34 -39.92 -8.49
N HIS O 302 54.96 -40.52 -9.61
CA HIS O 302 55.20 -41.94 -9.81
C HIS O 302 56.69 -42.26 -9.77
N TYR O 303 57.50 -41.46 -10.46
CA TYR O 303 58.92 -41.74 -10.50
C TYR O 303 59.61 -41.39 -9.19
N ALA O 304 59.09 -40.41 -8.46
CA ALA O 304 59.60 -40.16 -7.11
C ALA O 304 59.30 -41.32 -6.20
N ASN O 305 58.11 -41.91 -6.31
CA ASN O 305 57.78 -43.10 -5.54
C ASN O 305 58.64 -44.28 -5.92
N LYS O 306 59.02 -44.38 -7.21
CA LYS O 306 59.86 -45.49 -7.64
C LYS O 306 61.23 -45.46 -6.99
N TYR O 307 61.77 -44.27 -6.75
CA TYR O 307 63.12 -44.13 -6.20
C TYR O 307 63.12 -43.81 -4.71
N ASN O 308 61.99 -43.97 -4.04
CA ASN O 308 61.89 -43.78 -2.59
C ASN O 308 62.32 -42.37 -2.17
N ILE O 309 61.55 -41.39 -2.64
CA ILE O 309 61.81 -39.98 -2.35
C ILE O 309 60.56 -39.38 -1.73
N MET O 310 60.72 -38.74 -0.57
CA MET O 310 59.61 -38.04 0.06
C MET O 310 59.24 -36.81 -0.77
N LEU O 311 57.94 -36.51 -0.79
CA LEU O 311 57.44 -35.36 -1.53
C LEU O 311 56.57 -34.51 -0.61
N VAL O 312 56.89 -33.22 -0.53
CA VAL O 312 56.12 -32.27 0.25
C VAL O 312 55.82 -31.07 -0.62
N ARG O 313 54.58 -30.59 -0.58
CA ARG O 313 54.11 -29.50 -1.44
C ARG O 313 53.74 -28.31 -0.56
N LEU O 314 54.70 -27.43 -0.33
CA LEU O 314 54.48 -26.20 0.43
C LEU O 314 54.00 -25.12 -0.53
N ASN O 315 52.71 -24.79 -0.46
CA ASN O 315 52.17 -23.76 -1.33
C ASN O 315 52.57 -22.35 -0.91
N SER O 316 52.80 -22.14 0.39
CA SER O 316 53.16 -20.82 0.89
C SER O 316 54.62 -20.50 0.56
N LYS O 317 54.83 -19.35 -0.08
CA LYS O 317 56.20 -18.93 -0.39
C LYS O 317 56.98 -18.63 0.88
N TRP O 318 56.33 -18.01 1.87
CA TRP O 318 57.00 -17.73 3.13
C TRP O 318 57.38 -19.01 3.85
N ASP O 319 56.50 -20.02 3.81
CA ASP O 319 56.84 -21.31 4.40
C ASP O 319 58.03 -21.94 3.70
N LEU O 320 58.09 -21.83 2.36
CA LEU O 320 59.23 -22.36 1.62
C LEU O 320 60.52 -21.65 2.01
N ARG O 321 60.47 -20.33 2.14
CA ARG O 321 61.67 -19.58 2.54
C ARG O 321 62.11 -19.97 3.94
N ARG O 322 61.15 -20.13 4.86
CA ARG O 322 61.50 -20.53 6.22
C ARG O 322 62.11 -21.93 6.24
N LEU O 323 61.56 -22.85 5.45
CA LEU O 323 62.13 -24.19 5.36
C LEU O 323 63.55 -24.13 4.81
N CYS O 324 63.78 -23.29 3.81
CA CYS O 324 65.13 -23.11 3.30
C CYS O 324 66.07 -22.59 4.38
N LYS O 325 65.57 -21.66 5.22
CA LYS O 325 66.40 -21.12 6.29
C LYS O 325 66.76 -22.20 7.31
N THR O 326 65.80 -23.05 7.69
CA THR O 326 66.09 -24.08 8.68
C THR O 326 66.99 -25.16 8.11
N VAL O 327 66.56 -25.79 7.02
CA VAL O 327 67.32 -26.91 6.46
C VAL O 327 68.65 -26.42 5.90
N GLY O 328 68.68 -25.22 5.32
CA GLY O 328 69.89 -24.68 4.75
C GLY O 328 70.04 -24.87 3.26
N ALA O 329 68.96 -25.13 2.54
CA ALA O 329 69.01 -25.36 1.10
C ALA O 329 68.67 -24.07 0.35
N THR O 330 68.87 -24.12 -0.96
CA THR O 330 68.56 -23.00 -1.85
C THR O 330 67.42 -23.40 -2.79
N ALA O 331 66.42 -22.55 -2.90
CA ALA O 331 65.26 -22.82 -3.74
C ALA O 331 65.69 -22.74 -5.20
N LEU O 332 65.91 -23.89 -5.82
CA LEU O 332 66.33 -23.92 -7.21
C LEU O 332 65.16 -23.53 -8.11
N PRO O 333 65.34 -22.54 -9.00
CA PRO O 333 64.23 -22.12 -9.87
C PRO O 333 63.87 -23.14 -10.94
N ARG O 334 64.75 -24.10 -11.22
CA ARG O 334 64.49 -25.15 -12.20
C ARG O 334 64.56 -26.51 -11.52
N LEU O 335 64.34 -27.56 -12.31
CA LEU O 335 64.32 -28.93 -11.78
C LEU O 335 65.66 -29.63 -11.95
N THR O 336 66.75 -28.87 -11.95
CA THR O 336 68.08 -29.48 -12.04
C THR O 336 68.45 -30.14 -10.72
N PRO O 337 69.26 -31.20 -10.76
CA PRO O 337 69.77 -31.79 -9.52
C PRO O 337 70.60 -30.78 -8.75
N PRO O 338 70.52 -30.79 -7.43
CA PRO O 338 71.22 -29.78 -6.63
C PRO O 338 72.65 -30.19 -6.29
N VAL O 339 73.57 -29.22 -6.41
CA VAL O 339 74.94 -29.46 -5.98
C VAL O 339 74.99 -29.50 -4.45
N LEU O 340 76.12 -29.99 -3.94
CA LEU O 340 76.26 -30.21 -2.50
C LEU O 340 76.19 -28.90 -1.72
N GLU O 341 76.53 -27.78 -2.33
CA GLU O 341 76.48 -26.49 -1.62
C GLU O 341 75.05 -26.13 -1.24
N GLU O 342 74.10 -26.37 -2.15
CA GLU O 342 72.71 -25.99 -1.93
C GLU O 342 71.84 -27.18 -1.54
N MET O 343 72.44 -28.25 -1.01
CA MET O 343 71.68 -29.40 -0.54
C MET O 343 71.42 -29.24 0.95
N GLY O 344 70.15 -29.15 1.33
CA GLY O 344 69.80 -29.03 2.72
C GLY O 344 69.85 -30.37 3.44
N HIS O 345 70.06 -30.30 4.75
CA HIS O 345 70.13 -31.48 5.60
C HIS O 345 69.29 -31.30 6.85
N CYS O 346 68.71 -32.41 7.32
CA CYS O 346 67.98 -32.43 8.57
C CYS O 346 68.24 -33.76 9.27
N ASP O 347 68.07 -33.76 10.59
CA ASP O 347 68.31 -34.97 11.37
C ASP O 347 67.24 -36.02 11.12
N SER O 348 66.02 -35.61 10.80
CA SER O 348 64.93 -36.54 10.52
C SER O 348 63.76 -35.78 9.94
N VAL O 349 63.10 -36.40 8.95
CA VAL O 349 61.84 -35.91 8.40
C VAL O 349 60.86 -37.07 8.39
N TYR O 350 59.68 -36.86 8.96
CA TYR O 350 58.72 -37.94 9.08
C TYR O 350 57.31 -37.36 9.12
N LEU O 351 56.34 -38.23 8.86
CA LEU O 351 54.92 -37.89 8.92
C LEU O 351 54.36 -38.40 10.23
N SER O 352 53.76 -37.51 11.00
CA SER O 352 53.22 -37.84 12.31
C SER O 352 51.83 -37.24 12.47
N GLU O 353 51.06 -37.82 13.37
CA GLU O 353 49.72 -37.34 13.69
C GLU O 353 49.71 -36.86 15.14
N VAL O 354 49.31 -35.60 15.34
CA VAL O 354 49.18 -35.02 16.67
C VAL O 354 47.70 -34.73 16.88
N GLY O 355 47.13 -35.33 17.92
CA GLY O 355 45.70 -35.25 18.11
C GLY O 355 44.99 -35.96 16.97
N ASP O 356 44.36 -35.19 16.07
CA ASP O 356 43.80 -35.74 14.85
C ASP O 356 44.32 -35.02 13.62
N THR O 357 45.43 -34.30 13.75
CA THR O 357 45.99 -33.51 12.65
C THR O 357 47.23 -34.21 12.12
N GLN O 358 47.26 -34.43 10.80
CA GLN O 358 48.45 -34.98 10.16
C GLN O 358 49.46 -33.86 9.91
N VAL O 359 50.68 -34.06 10.37
CA VAL O 359 51.72 -33.06 10.24
C VAL O 359 52.99 -33.69 9.69
N VAL O 360 53.82 -32.84 9.09
CA VAL O 360 55.14 -33.22 8.60
C VAL O 360 56.17 -32.44 9.41
N VAL O 361 57.13 -33.16 10.00
CA VAL O 361 58.07 -32.59 10.95
C VAL O 361 59.46 -32.61 10.34
N PHE O 362 60.14 -31.47 10.39
CA PHE O 362 61.53 -31.34 9.98
C PHE O 362 62.34 -31.12 11.25
N LYS O 363 62.83 -32.22 11.83
CA LYS O 363 63.41 -32.22 13.17
C LYS O 363 64.92 -32.21 13.12
N HIS O 364 65.53 -31.36 13.95
CA HIS O 364 66.97 -31.32 14.15
C HIS O 364 67.29 -31.88 15.54
N GLU O 365 68.26 -32.80 15.59
CA GLU O 365 68.69 -33.30 16.89
C GLU O 365 69.53 -32.29 17.64
N LYS O 366 70.29 -31.47 16.93
CA LYS O 366 71.08 -30.43 17.56
C LYS O 366 70.18 -29.39 18.20
N GLU O 367 70.70 -28.72 19.22
CA GLU O 367 69.96 -27.65 19.90
C GLU O 367 70.28 -26.29 19.26
N ASP O 368 70.15 -26.22 17.94
CA ASP O 368 70.46 -25.01 17.19
C ASP O 368 69.56 -24.96 15.96
N GLY O 369 69.91 -24.10 15.02
CA GLY O 369 69.11 -23.91 13.82
C GLY O 369 68.63 -22.48 13.68
N ALA O 370 68.28 -22.08 12.47
CA ALA O 370 67.85 -20.70 12.25
C ALA O 370 66.45 -20.45 12.76
N ILE O 371 65.60 -21.48 12.81
CA ILE O 371 64.20 -21.32 13.20
C ILE O 371 63.83 -22.43 14.17
N SER O 372 63.11 -22.06 15.23
CA SER O 372 62.57 -23.01 16.19
C SER O 372 61.05 -22.85 16.24
N THR O 373 60.36 -23.95 16.51
CA THR O 373 58.90 -23.97 16.51
C THR O 373 58.40 -24.40 17.88
N ILE O 374 57.37 -23.71 18.36
CA ILE O 374 56.70 -24.04 19.60
C ILE O 374 55.36 -24.67 19.23
N VAL O 375 55.21 -25.96 19.52
CA VAL O 375 53.97 -26.67 19.23
C VAL O 375 53.01 -26.43 20.38
N LEU O 376 51.96 -25.68 20.13
CA LEU O 376 51.00 -25.29 21.16
C LEU O 376 49.83 -26.25 21.15
N ARG O 377 49.62 -26.93 22.27
CA ARG O 377 48.44 -27.76 22.47
C ARG O 377 47.42 -27.02 23.31
N GLY O 378 46.20 -27.51 23.30
CA GLY O 378 45.13 -26.87 24.03
C GLY O 378 43.79 -27.51 23.73
N SER O 379 42.83 -27.18 24.57
CA SER O 379 41.48 -27.72 24.46
C SER O 379 40.53 -26.77 23.75
N THR O 380 40.98 -25.58 23.38
CA THR O 380 40.12 -24.61 22.70
C THR O 380 40.98 -23.75 21.80
N ASP O 381 40.43 -23.37 20.64
CA ASP O 381 41.16 -22.49 19.74
C ASP O 381 41.43 -21.13 20.37
N ASN O 382 40.47 -20.59 21.11
CA ASN O 382 40.65 -19.29 21.75
C ASN O 382 41.75 -19.34 22.80
N LEU O 383 41.80 -20.43 23.57
CA LEU O 383 42.85 -20.57 24.57
C LEU O 383 44.23 -20.61 23.93
N MET O 384 44.36 -21.35 22.82
CA MET O 384 45.65 -21.41 22.14
C MET O 384 46.00 -20.05 21.51
N ASP O 385 45.01 -19.30 21.03
CA ASP O 385 45.29 -17.97 20.51
C ASP O 385 45.82 -17.06 21.62
N ASP O 386 45.21 -17.12 22.81
CA ASP O 386 45.70 -16.33 23.93
C ASP O 386 47.11 -16.74 24.33
N ILE O 387 47.38 -18.04 24.34
CA ILE O 387 48.73 -18.51 24.65
C ILE O 387 49.72 -18.03 23.60
N GLU O 388 49.30 -17.99 22.33
CA GLU O 388 50.15 -17.49 21.27
C GLU O 388 50.45 -16.01 21.46
N ARG O 389 49.45 -15.25 21.89
CA ARG O 389 49.69 -13.83 22.19
C ARG O 389 50.68 -13.67 23.33
N ALA O 390 50.57 -14.50 24.37
CA ALA O 390 51.54 -14.47 25.45
C ALA O 390 52.94 -14.81 24.95
N VAL O 391 53.04 -15.80 24.06
CA VAL O 391 54.33 -16.18 23.49
C VAL O 391 54.91 -15.03 22.69
N ASP O 392 54.07 -14.33 21.93
CA ASP O 392 54.53 -13.17 21.19
C ASP O 392 55.05 -12.08 22.12
N ASP O 393 54.35 -11.86 23.24
CA ASP O 393 54.83 -10.88 24.22
C ASP O 393 56.18 -11.29 24.77
N GLY O 394 56.36 -12.58 25.08
CA GLY O 394 57.64 -13.03 25.60
C GLY O 394 58.78 -12.89 24.60
N VAL O 395 58.51 -13.22 23.34
CA VAL O 395 59.55 -13.10 22.32
C VAL O 395 59.91 -11.64 22.09
N ASN O 396 58.91 -10.75 22.10
CA ASN O 396 59.19 -9.33 21.96
C ASN O 396 60.00 -8.82 23.16
N THR O 397 59.71 -9.33 24.35
CA THR O 397 60.53 -8.97 25.52
C THR O 397 61.96 -9.42 25.34
N PHE O 398 62.16 -10.63 24.80
CA PHE O 398 63.52 -11.10 24.52
C PHE O 398 64.21 -10.21 23.51
N LYS O 399 63.50 -9.79 22.46
CA LYS O 399 64.08 -8.89 21.47
C LYS O 399 64.49 -7.56 22.10
N VAL O 400 63.63 -7.02 22.96
CA VAL O 400 63.96 -5.77 23.65
C VAL O 400 65.19 -5.97 24.53
N LEU O 401 65.26 -7.10 25.24
CA LEU O 401 66.43 -7.38 26.07
C LEU O 401 67.70 -7.45 25.23
N THR O 402 67.61 -8.01 24.03
CA THR O 402 68.76 -7.98 23.12
C THR O 402 69.12 -6.56 22.75
N ARG O 403 68.11 -5.71 22.50
CA ARG O 403 68.40 -4.32 22.16
C ARG O 403 68.99 -3.57 23.35
N ASP O 404 68.35 -3.67 24.52
CA ASP O 404 68.83 -3.01 25.73
C ASP O 404 68.66 -3.96 26.91
N LYS O 405 69.70 -4.08 27.73
CA LYS O 405 69.76 -5.08 28.78
C LYS O 405 69.40 -4.53 30.15
N ARG O 406 68.93 -3.29 30.25
CA ARG O 406 68.62 -2.69 31.54
C ARG O 406 67.18 -2.95 31.91
N LEU O 407 66.96 -3.18 33.22
CA LEU O 407 65.65 -3.51 33.75
C LEU O 407 65.32 -2.61 34.94
N VAL O 408 64.05 -2.30 35.10
CA VAL O 408 63.59 -1.47 36.20
C VAL O 408 62.58 -2.26 37.01
N PRO O 409 62.41 -1.98 38.31
CA PRO O 409 61.47 -2.77 39.11
C PRO O 409 60.04 -2.60 38.61
N GLY O 410 59.27 -3.69 38.70
CA GLY O 410 57.89 -3.70 38.29
C GLY O 410 56.94 -3.56 39.45
N GLY O 411 55.68 -3.89 39.20
CA GLY O 411 54.67 -3.81 40.24
C GLY O 411 54.43 -2.40 40.74
N GLY O 412 54.52 -1.42 39.86
CA GLY O 412 54.25 -0.04 40.22
C GLY O 412 55.35 0.65 40.99
N ALA O 413 56.46 -0.04 41.28
CA ALA O 413 57.55 0.60 42.00
C ALA O 413 58.17 1.73 41.18
N THR O 414 58.40 1.48 39.90
CA THR O 414 58.99 2.51 39.05
C THR O 414 58.06 3.71 38.92
N GLU O 415 56.77 3.46 38.75
CA GLU O 415 55.81 4.57 38.62
C GLU O 415 55.75 5.40 39.89
N ILE O 416 55.75 4.73 41.06
CA ILE O 416 55.69 5.46 42.32
C ILE O 416 56.95 6.29 42.52
N GLU O 417 58.12 5.70 42.24
CA GLU O 417 59.36 6.45 42.40
C GLU O 417 59.41 7.63 41.46
N LEU O 418 58.99 7.43 40.21
CA LEU O 418 58.95 8.53 39.25
C LEU O 418 58.00 9.63 39.70
N ALA O 419 56.83 9.24 40.23
CA ALA O 419 55.88 10.23 40.72
C ALA O 419 56.47 11.03 41.87
N LYS O 420 57.13 10.36 42.80
CA LYS O 420 57.74 11.06 43.93
C LYS O 420 58.80 12.05 43.46
N GLN O 421 59.68 11.59 42.55
CA GLN O 421 60.76 12.47 42.09
C GLN O 421 60.22 13.65 41.28
N ILE O 422 59.22 13.41 40.43
CA ILE O 422 58.68 14.50 39.63
C ILE O 422 57.93 15.50 40.50
N THR O 423 57.21 15.01 41.52
CA THR O 423 56.56 15.92 42.46
C THR O 423 57.59 16.77 43.19
N SER O 424 58.69 16.15 43.63
CA SER O 424 59.74 16.90 44.31
C SER O 424 60.33 17.96 43.39
N TYR O 425 60.57 17.61 42.12
CA TYR O 425 61.12 18.57 41.19
C TYR O 425 60.14 19.72 40.92
N GLY O 426 58.85 19.40 40.76
CA GLY O 426 57.88 20.43 40.47
C GLY O 426 57.59 21.33 41.64
N GLU O 427 57.81 20.84 42.86
CA GLU O 427 57.67 21.71 44.03
C GLU O 427 58.68 22.85 43.99
N THR O 428 59.92 22.56 43.57
CA THR O 428 60.94 23.60 43.50
C THR O 428 60.68 24.57 42.36
N CYS O 429 60.14 24.11 41.25
CA CYS O 429 59.99 24.94 40.07
C CYS O 429 58.89 25.98 40.28
N PRO O 430 59.19 27.27 40.18
CA PRO O 430 58.15 28.30 40.26
C PRO O 430 57.49 28.52 38.91
N GLY O 431 56.43 29.31 38.94
CA GLY O 431 55.66 29.61 37.74
C GLY O 431 54.38 28.80 37.67
N LEU O 432 53.66 29.00 36.57
CA LEU O 432 52.37 28.36 36.38
C LEU O 432 52.47 26.91 35.93
N GLU O 433 53.65 26.45 35.52
CA GLU O 433 53.81 25.07 35.08
C GLU O 433 53.99 24.09 36.23
N GLN O 434 54.12 24.58 37.46
CA GLN O 434 54.28 23.67 38.59
C GLN O 434 53.04 22.80 38.78
N TYR O 435 51.86 23.37 38.56
CA TYR O 435 50.63 22.59 38.67
C TYR O 435 50.60 21.47 37.62
N ALA O 436 51.00 21.78 36.39
CA ALA O 436 51.03 20.77 35.35
C ALA O 436 52.04 19.68 35.67
N ILE O 437 53.22 20.06 36.19
CA ILE O 437 54.23 19.07 36.53
C ILE O 437 53.73 18.17 37.65
N LYS O 438 53.10 18.75 38.67
CA LYS O 438 52.58 17.94 39.77
C LYS O 438 51.46 17.00 39.29
N LYS O 439 50.60 17.47 38.39
CA LYS O 439 49.57 16.60 37.85
C LYS O 439 50.18 15.48 37.01
N PHE O 440 51.23 15.79 36.24
CA PHE O 440 51.92 14.74 35.50
C PHE O 440 52.50 13.70 36.45
N ALA O 441 53.06 14.14 37.57
CA ALA O 441 53.58 13.20 38.56
C ALA O 441 52.45 12.34 39.14
N GLU O 442 51.32 12.96 39.45
CA GLU O 442 50.20 12.22 40.03
C GLU O 442 49.61 11.24 39.03
N ALA O 443 49.73 11.51 37.73
CA ALA O 443 49.20 10.60 36.73
C ALA O 443 49.87 9.24 36.76
N PHE O 444 51.09 9.16 37.30
CA PHE O 444 51.76 7.87 37.44
C PHE O 444 51.08 6.98 38.48
N GLU O 445 50.29 7.56 39.38
CA GLU O 445 49.60 6.78 40.40
C GLU O 445 48.54 5.87 39.80
N ALA O 446 48.13 6.10 38.55
CA ALA O 446 47.09 5.28 37.95
C ALA O 446 47.52 3.84 37.79
N ILE O 447 48.82 3.58 37.66
CA ILE O 447 49.32 2.23 37.45
C ILE O 447 49.21 1.42 38.74
N PRO O 448 49.81 1.86 39.87
CA PRO O 448 49.58 1.10 41.11
C PRO O 448 48.13 1.07 41.52
N ARG O 449 47.37 2.13 41.23
CA ARG O 449 45.94 2.12 41.54
C ARG O 449 45.22 1.05 40.75
N ALA O 450 45.53 0.94 39.45
CA ALA O 450 44.89 -0.09 38.64
C ALA O 450 45.29 -1.49 39.10
N LEU O 451 46.56 -1.68 39.43
CA LEU O 451 47.00 -2.98 39.92
C LEU O 451 46.31 -3.35 41.23
N ALA O 452 46.20 -2.40 42.15
CA ALA O 452 45.54 -2.67 43.42
C ALA O 452 44.06 -2.95 43.23
N GLU O 453 43.39 -2.20 42.34
CA GLU O 453 41.98 -2.43 42.09
C GLU O 453 41.75 -3.80 41.47
N ASN O 454 42.58 -4.19 40.52
CA ASN O 454 42.43 -5.50 39.88
C ASN O 454 42.74 -6.63 40.85
N SER O 455 43.70 -6.44 41.75
CA SER O 455 44.01 -7.48 42.72
C SER O 455 42.95 -7.62 43.80
N GLY O 456 42.01 -6.68 43.88
CA GLY O 456 40.91 -6.79 44.83
C GLY O 456 41.12 -6.09 46.16
N VAL O 457 42.11 -5.21 46.27
CA VAL O 457 42.40 -4.53 47.53
C VAL O 457 42.12 -3.05 47.39
N LYS O 458 42.27 -2.30 48.49
CA LYS O 458 42.06 -0.85 48.47
C LYS O 458 43.28 -0.15 47.89
N ALA O 459 43.06 0.66 46.86
CA ALA O 459 44.17 1.31 46.17
C ALA O 459 44.82 2.38 47.03
N ASN O 460 44.02 3.13 47.78
CA ASN O 460 44.57 4.25 48.55
C ASN O 460 45.54 3.77 49.61
N GLU O 461 45.22 2.68 50.30
CA GLU O 461 46.14 2.14 51.30
C GLU O 461 47.45 1.71 50.66
N VAL O 462 47.37 1.05 49.51
CA VAL O 462 48.59 0.61 48.81
C VAL O 462 49.43 1.80 48.41
N ILE O 463 48.80 2.85 47.88
CA ILE O 463 49.54 4.03 47.44
C ILE O 463 50.20 4.73 48.63
N SER O 464 49.47 4.85 49.74
CA SER O 464 50.06 5.46 50.92
C SER O 464 51.23 4.65 51.45
N LYS O 465 51.10 3.32 51.46
CA LYS O 465 52.21 2.47 51.89
C LYS O 465 53.41 2.62 50.96
N LEU O 466 53.15 2.70 49.66
CA LEU O 466 54.24 2.85 48.70
C LEU O 466 54.97 4.17 48.89
N TYR O 467 54.23 5.27 49.08
CA TYR O 467 54.88 6.54 49.39
C TYR O 467 55.67 6.48 50.69
N ALA O 468 55.13 5.85 51.72
CA ALA O 468 55.86 5.76 52.98
C ALA O 468 57.16 5.00 52.81
N VAL O 469 57.11 3.86 52.13
CA VAL O 469 58.31 3.04 51.95
C VAL O 469 59.32 3.76 51.07
N HIS O 470 58.87 4.41 50.00
CA HIS O 470 59.79 5.11 49.11
C HIS O 470 60.41 6.32 49.79
N GLN O 471 59.66 7.00 50.65
CA GLN O 471 60.26 8.06 51.46
C GLN O 471 61.27 7.50 52.43
N GLU O 472 61.04 6.27 52.92
CA GLU O 472 62.04 5.61 53.77
C GLU O 472 63.31 5.25 53.01
N GLY O 473 63.29 5.32 51.68
CA GLY O 473 64.49 5.12 50.88
C GLY O 473 64.48 3.91 49.97
N ASN O 474 63.49 3.02 50.07
CA ASN O 474 63.44 1.82 49.25
C ASN O 474 62.72 2.15 47.94
N LYS O 475 63.47 2.13 46.84
CA LYS O 475 62.92 2.45 45.54
C LYS O 475 62.61 1.23 44.69
N ASN O 476 62.69 0.04 45.26
CA ASN O 476 62.39 -1.21 44.57
C ASN O 476 61.27 -1.97 45.26
N VAL O 477 60.21 -1.26 45.64
CA VAL O 477 59.12 -1.83 46.43
C VAL O 477 57.82 -1.62 45.68
N GLY O 478 57.09 -2.70 45.42
CA GLY O 478 55.80 -2.64 44.77
C GLY O 478 54.77 -3.44 45.55
N LEU O 479 53.53 -3.38 45.04
CA LEU O 479 52.43 -4.03 45.73
C LEU O 479 52.53 -5.55 45.61
N ASP O 480 52.09 -6.24 46.65
CA ASP O 480 52.11 -7.69 46.69
C ASP O 480 50.79 -8.23 46.17
N ILE O 481 50.84 -8.94 45.04
CA ILE O 481 49.61 -9.47 44.44
C ILE O 481 49.02 -10.57 45.31
N GLU O 482 49.87 -11.50 45.77
CA GLU O 482 49.41 -12.66 46.53
C GLU O 482 49.20 -12.31 48.01
N ALA O 483 48.34 -11.32 48.23
CA ALA O 483 47.98 -10.89 49.58
C ALA O 483 46.51 -10.54 49.63
N GLU O 484 45.84 -11.00 50.70
CA GLU O 484 44.44 -10.69 50.89
C GLU O 484 44.21 -9.30 51.47
N VAL O 485 45.27 -8.63 51.94
CA VAL O 485 45.18 -7.28 52.46
C VAL O 485 46.24 -6.44 51.77
N PRO O 486 46.07 -5.12 51.72
CA PRO O 486 47.08 -4.26 51.10
C PRO O 486 48.44 -4.47 51.74
N ALA O 487 49.45 -4.71 50.88
CA ALA O 487 50.80 -4.97 51.36
C ALA O 487 51.78 -4.64 50.24
N VAL O 488 53.04 -4.49 50.62
CA VAL O 488 54.12 -4.18 49.68
C VAL O 488 55.30 -5.09 49.98
N LYS O 489 56.16 -5.26 48.98
CA LYS O 489 57.35 -6.08 49.13
C LYS O 489 58.39 -5.65 48.11
N ASP O 490 59.62 -6.07 48.33
CA ASP O 490 60.72 -5.74 47.42
C ASP O 490 60.54 -6.47 46.10
N MET O 491 60.42 -5.71 45.02
CA MET O 491 60.21 -6.31 43.70
C MET O 491 61.50 -6.89 43.12
N LEU O 492 62.65 -6.32 43.47
CA LEU O 492 63.91 -6.79 42.91
C LEU O 492 64.18 -8.24 43.32
N GLU O 493 63.99 -8.55 44.60
CA GLU O 493 64.24 -9.91 45.06
C GLU O 493 63.22 -10.90 44.52
N ALA O 494 62.00 -10.44 44.25
CA ALA O 494 60.97 -11.31 43.72
C ALA O 494 61.11 -11.57 42.23
N GLY O 495 61.97 -10.83 41.54
CA GLY O 495 62.14 -11.03 40.12
C GLY O 495 61.08 -10.42 39.24
N ILE O 496 60.29 -9.49 39.79
CA ILE O 496 59.21 -8.83 39.03
C ILE O 496 59.82 -7.58 38.42
N LEU O 497 60.36 -7.73 37.20
CA LEU O 497 61.06 -6.65 36.53
C LEU O 497 60.53 -6.50 35.11
N ASP O 498 60.55 -5.25 34.62
CA ASP O 498 60.13 -4.97 33.26
C ASP O 498 61.21 -4.14 32.56
N THR O 499 61.19 -4.20 31.23
CA THR O 499 62.27 -3.65 30.42
C THR O 499 62.32 -2.13 30.53
N TYR O 500 63.55 -1.59 30.49
CA TYR O 500 63.73 -0.15 30.49
C TYR O 500 63.16 0.48 29.22
N LEU O 501 63.40 -0.15 28.07
CA LEU O 501 62.88 0.38 26.82
C LEU O 501 61.35 0.44 26.83
N GLY O 502 60.72 -0.57 27.42
CA GLY O 502 59.27 -0.56 27.48
C GLY O 502 58.73 0.66 28.21
N LYS O 503 59.28 0.93 29.40
CA LYS O 503 58.84 2.09 30.16
C LYS O 503 59.16 3.38 29.43
N TYR O 504 60.36 3.48 28.87
CA TYR O 504 60.78 4.70 28.19
C TYR O 504 59.86 5.03 27.02
N TRP O 505 59.66 4.05 26.13
CA TRP O 505 58.81 4.27 24.96
C TRP O 505 57.36 4.47 25.36
N ALA O 506 56.88 3.75 26.37
CA ALA O 506 55.51 3.91 26.80
C ALA O 506 55.26 5.32 27.33
N ILE O 507 56.15 5.83 28.18
CA ILE O 507 55.99 7.18 28.70
C ILE O 507 56.06 8.19 27.57
N LYS O 508 57.03 8.03 26.67
CA LYS O 508 57.17 8.98 25.56
C LYS O 508 55.91 9.02 24.70
N LEU O 509 55.42 7.85 24.30
CA LEU O 509 54.27 7.79 23.40
C LEU O 509 52.99 8.26 24.09
N ALA O 510 52.81 7.89 25.36
CA ALA O 510 51.63 8.36 26.08
C ALA O 510 51.62 9.87 26.22
N THR O 511 52.76 10.46 26.58
CA THR O 511 52.84 11.91 26.69
C THR O 511 52.59 12.57 25.33
N ASN O 512 53.17 12.01 24.27
CA ASN O 512 52.96 12.59 22.95
C ASN O 512 51.49 12.54 22.56
N ALA O 513 50.82 11.42 22.81
CA ALA O 513 49.41 11.30 22.46
C ALA O 513 48.56 12.28 23.27
N ALA O 514 48.83 12.39 24.57
CA ALA O 514 48.05 13.31 25.39
C ALA O 514 48.24 14.76 24.93
N VAL O 515 49.49 15.15 24.66
CA VAL O 515 49.75 16.52 24.22
C VAL O 515 49.09 16.77 22.87
N THR O 516 49.19 15.81 21.94
CA THR O 516 48.58 15.99 20.63
C THR O 516 47.07 16.11 20.73
N VAL O 517 46.45 15.35 21.63
CA VAL O 517 45.01 15.50 21.86
C VAL O 517 44.71 16.89 22.41
N LEU O 518 45.52 17.35 23.36
CA LEU O 518 45.27 18.66 23.95
C LEU O 518 45.43 19.79 22.95
N ARG O 519 46.31 19.64 21.96
CA ARG O 519 46.54 20.70 20.99
C ARG O 519 45.31 21.02 20.15
N VAL O 520 44.39 20.05 20.01
CA VAL O 520 43.25 20.24 19.13
C VAL O 520 42.27 21.22 19.76
N ASP O 521 41.85 22.22 18.99
CA ASP O 521 40.89 23.22 19.46
C ASP O 521 39.58 23.19 18.69
N GLN O 522 39.60 22.91 17.40
CA GLN O 522 38.39 22.85 16.59
C GLN O 522 38.31 21.49 15.90
N ILE O 523 37.08 20.98 15.75
CA ILE O 523 36.82 19.71 15.10
C ILE O 523 35.79 19.95 14.02
N ILE O 524 36.12 19.56 12.78
CA ILE O 524 35.21 19.68 11.65
C ILE O 524 35.10 18.28 11.02
N MET O 525 34.05 17.56 11.37
CA MET O 525 33.84 16.20 10.89
C MET O 525 32.89 16.21 9.70
N ALA O 526 33.25 15.46 8.67
CA ALA O 526 32.42 15.36 7.48
C ALA O 526 31.29 14.36 7.70
N LYS O 527 30.45 14.19 6.67
CA LYS O 527 29.40 13.19 6.73
C LYS O 527 30.02 11.80 6.79
N PRO O 528 29.52 10.91 7.66
CA PRO O 528 30.17 9.59 7.81
C PRO O 528 30.24 8.78 6.54
N ALA O 529 29.25 8.87 5.66
CA ALA O 529 29.23 8.16 4.37
C ALA O 529 29.34 6.67 4.66
N GLY O 530 30.30 5.95 4.06
CA GLY O 530 30.44 4.53 4.30
C GLY O 530 31.87 4.11 4.59
N GLY O 531 32.39 3.17 3.81
CA GLY O 531 33.73 2.68 4.00
C GLY O 531 33.92 1.85 5.25
N PRO O 532 33.32 0.65 5.27
CA PRO O 532 33.44 -0.20 6.47
C PRO O 532 34.87 -0.63 6.77
N LYS O 533 35.77 -0.57 5.81
CA LYS O 533 37.16 -0.98 6.02
C LYS O 533 37.84 -0.08 7.04
N MET P 1 9.29 35.57 -9.16
CA MET P 1 9.99 36.43 -8.22
C MET P 1 11.12 37.19 -8.89
N ALA P 2 11.42 36.81 -10.14
CA ALA P 2 12.48 37.45 -10.90
C ALA P 2 12.23 37.22 -12.38
N ALA P 3 12.94 37.99 -13.21
CA ALA P 3 12.81 37.83 -14.65
C ALA P 3 13.28 36.44 -15.08
N VAL P 4 14.38 35.95 -14.51
CA VAL P 4 14.88 34.62 -14.85
C VAL P 4 13.87 33.56 -14.44
N LYS P 5 13.25 33.72 -13.27
CA LYS P 5 12.28 32.74 -12.80
C LYS P 5 11.05 32.66 -13.70
N THR P 6 10.76 33.71 -14.47
CA THR P 6 9.66 33.65 -15.41
C THR P 6 9.96 32.78 -16.62
N LEU P 7 11.20 32.33 -16.78
CA LEU P 7 11.58 31.42 -17.85
C LEU P 7 12.03 30.06 -17.34
N ASN P 8 12.76 30.02 -16.23
CA ASN P 8 13.11 28.77 -15.55
C ASN P 8 12.48 28.81 -14.17
N PRO P 9 11.32 28.16 -13.97
CA PRO P 9 10.63 28.28 -12.68
C PRO P 9 11.46 27.82 -11.50
N LYS P 10 12.25 26.76 -11.66
CA LYS P 10 13.09 26.24 -10.59
C LYS P 10 14.51 26.79 -10.69
N ALA P 11 14.60 28.12 -10.65
CA ALA P 11 15.88 28.82 -10.70
C ALA P 11 16.09 29.60 -9.41
N GLU P 12 17.35 29.74 -9.02
CA GLU P 12 17.74 30.46 -7.81
C GLU P 12 18.49 31.72 -8.21
N VAL P 13 18.00 32.87 -7.77
CA VAL P 13 18.56 34.16 -8.15
C VAL P 13 18.72 35.02 -6.90
N ALA P 14 19.87 35.69 -6.79
CA ALA P 14 20.10 36.72 -5.79
C ALA P 14 20.56 37.97 -6.53
N ARG P 15 19.87 39.09 -6.32
CA ARG P 15 20.02 40.27 -7.16
C ARG P 15 20.45 41.48 -6.33
N ALA P 16 21.42 42.22 -6.87
CA ALA P 16 21.84 43.51 -6.33
C ALA P 16 22.30 43.43 -4.89
N GLN P 17 21.55 44.07 -3.98
CA GLN P 17 21.91 44.06 -2.57
C GLN P 17 21.92 42.64 -2.02
N ALA P 18 21.00 41.80 -2.50
CA ALA P 18 20.97 40.41 -2.05
C ALA P 18 22.24 39.68 -2.42
N ALA P 19 22.68 39.84 -3.68
CA ALA P 19 23.91 39.18 -4.11
C ALA P 19 25.13 39.71 -3.35
N LEU P 20 25.19 41.03 -3.16
CA LEU P 20 26.31 41.60 -2.42
C LEU P 20 26.33 41.09 -0.98
N ALA P 21 25.16 41.02 -0.33
CA ALA P 21 25.09 40.53 1.03
C ALA P 21 25.48 39.06 1.11
N VAL P 22 25.07 38.26 0.13
CA VAL P 22 25.43 36.84 0.12
C VAL P 22 26.94 36.68 0.01
N ASN P 23 27.55 37.41 -0.93
CA ASN P 23 29.00 37.31 -1.11
C ASN P 23 29.74 37.76 0.13
N ILE P 24 29.32 38.88 0.72
CA ILE P 24 30.02 39.41 1.88
C ILE P 24 29.84 38.48 3.09
N SER P 25 28.65 37.91 3.24
CA SER P 25 28.42 36.97 4.33
C SER P 25 29.30 35.73 4.19
N ALA P 26 29.42 35.20 2.97
CA ALA P 26 30.29 34.05 2.75
C ALA P 26 31.74 34.39 3.07
N ALA P 27 32.21 35.55 2.60
CA ALA P 27 33.58 35.95 2.88
C ALA P 27 33.81 36.12 4.37
N ARG P 28 32.85 36.74 5.06
CA ARG P 28 32.98 36.93 6.51
C ARG P 28 32.99 35.60 7.24
N GLY P 29 32.17 34.64 6.81
CA GLY P 29 32.20 33.33 7.43
C GLY P 29 33.54 32.63 7.26
N LEU P 30 34.08 32.67 6.04
CA LEU P 30 35.41 32.10 5.82
C LEU P 30 36.45 32.77 6.71
N GLN P 31 36.37 34.10 6.80
CA GLN P 31 37.32 34.83 7.64
C GLN P 31 37.17 34.43 9.11
N ASP P 32 35.93 34.29 9.59
CA ASP P 32 35.73 33.89 10.98
C ASP P 32 36.31 32.53 11.25
N VAL P 33 36.20 31.59 10.30
CA VAL P 33 36.80 30.28 10.53
C VAL P 33 38.32 30.37 10.51
N LEU P 34 38.89 31.17 9.61
CA LEU P 34 40.33 31.15 9.39
C LEU P 34 41.10 32.18 10.20
N ARG P 35 40.44 32.98 11.03
CA ARG P 35 41.18 33.92 11.89
C ARG P 35 42.13 33.17 12.81
N THR P 36 41.68 32.07 13.39
CA THR P 36 42.44 31.36 14.41
C THR P 36 43.68 30.67 13.87
N ASN P 37 43.85 30.60 12.54
CA ASN P 37 45.02 29.94 11.98
C ASN P 37 46.26 30.85 11.95
N LEU P 38 46.06 32.16 11.86
CA LEU P 38 47.19 33.06 11.63
C LEU P 38 48.10 33.10 12.85
N GLY P 39 49.42 33.08 12.58
CA GLY P 39 50.40 33.23 13.62
C GLY P 39 50.81 31.91 14.25
N PRO P 40 52.03 31.88 14.81
CA PRO P 40 52.46 30.67 15.53
C PRO P 40 51.62 30.36 16.76
N LYS P 41 50.90 31.34 17.30
CA LYS P 41 50.04 31.15 18.45
C LYS P 41 48.63 30.72 18.04
N GLY P 42 48.40 30.45 16.76
CA GLY P 42 47.10 30.03 16.31
C GLY P 42 46.72 28.66 16.81
N THR P 43 45.45 28.32 16.61
CA THR P 43 44.88 27.09 17.14
C THR P 43 44.92 26.00 16.08
N MET P 44 45.36 24.81 16.48
CA MET P 44 45.37 23.67 15.58
C MET P 44 43.94 23.15 15.36
N LYS P 45 43.65 22.74 14.14
CA LYS P 45 42.35 22.20 13.78
C LYS P 45 42.46 20.72 13.45
N MET P 46 41.47 19.95 13.89
CA MET P 46 41.42 18.51 13.64
C MET P 46 40.28 18.23 12.67
N LEU P 47 40.62 17.63 11.53
CA LEU P 47 39.68 17.41 10.43
C LEU P 47 39.52 15.92 10.22
N VAL P 48 38.28 15.45 10.23
CA VAL P 48 37.96 14.03 10.07
C VAL P 48 37.19 13.87 8.77
N SER P 49 37.67 12.96 7.91
CA SER P 49 37.04 12.72 6.63
C SER P 49 35.86 11.78 6.79
N GLY P 50 35.19 11.49 5.67
CA GLY P 50 34.08 10.56 5.70
C GLY P 50 34.51 9.16 6.09
N ALA P 51 35.64 8.69 5.54
CA ALA P 51 36.16 7.37 5.87
C ALA P 51 36.70 7.29 7.28
N GLY P 52 36.84 8.42 7.98
CA GLY P 52 37.37 8.43 9.32
C GLY P 52 38.83 8.82 9.44
N ASP P 53 39.47 9.23 8.36
CA ASP P 53 40.86 9.64 8.43
C ASP P 53 41.01 10.93 9.23
N ILE P 54 41.99 10.95 10.13
CA ILE P 54 42.23 12.07 11.02
C ILE P 54 43.37 12.91 10.46
N LYS P 55 43.14 14.22 10.33
CA LYS P 55 44.14 15.14 9.82
C LYS P 55 44.23 16.34 10.74
N LEU P 56 45.46 16.66 11.15
CA LEU P 56 45.73 17.85 11.96
C LEU P 56 46.43 18.87 11.09
N THR P 57 45.93 20.11 11.11
CA THR P 57 46.53 21.12 10.24
C THR P 57 46.24 22.52 10.78
N LYS P 58 47.14 23.43 10.45
CA LYS P 58 46.92 24.86 10.62
C LYS P 58 46.99 25.60 9.29
N ASP P 59 47.37 24.92 8.21
CA ASP P 59 47.47 25.53 6.90
C ASP P 59 46.11 26.04 6.44
N GLY P 60 46.09 27.25 5.89
CA GLY P 60 44.84 27.80 5.40
C GLY P 60 44.28 27.06 4.20
N ASN P 61 45.15 26.71 3.24
CA ASN P 61 44.68 26.03 2.04
C ASN P 61 44.14 24.64 2.36
N VAL P 62 44.85 23.89 3.21
CA VAL P 62 44.37 22.56 3.60
C VAL P 62 43.04 22.66 4.30
N LEU P 63 42.91 23.61 5.23
CA LEU P 63 41.64 23.80 5.93
C LEU P 63 40.52 24.11 4.94
N LEU P 64 40.76 25.05 4.01
CA LEU P 64 39.75 25.40 3.03
C LEU P 64 39.33 24.19 2.21
N HIS P 65 40.30 23.37 1.80
CA HIS P 65 39.96 22.18 1.02
C HIS P 65 39.29 21.11 1.86
N GLU P 66 39.37 21.19 3.19
CA GLU P 66 38.77 20.18 4.05
C GLU P 66 37.62 20.67 4.92
N MET P 67 37.25 21.94 4.86
CA MET P 67 35.98 22.36 5.44
C MET P 67 34.83 21.94 4.54
N GLN P 68 33.72 21.55 5.16
CA GLN P 68 32.56 21.07 4.42
C GLN P 68 31.71 22.27 4.04
N ILE P 69 32.04 22.88 2.91
CA ILE P 69 31.40 24.09 2.43
C ILE P 69 30.96 23.88 0.99
N GLN P 70 29.75 24.35 0.67
CA GLN P 70 29.20 24.26 -0.68
C GLN P 70 28.70 25.63 -1.12
N HIS P 71 29.54 26.65 -0.94
CA HIS P 71 29.16 28.01 -1.29
C HIS P 71 29.93 28.50 -2.51
N PRO P 72 29.31 29.30 -3.37
CA PRO P 72 30.04 29.80 -4.56
C PRO P 72 31.19 30.73 -4.22
N THR P 73 30.95 31.76 -3.41
CA THR P 73 32.02 32.69 -3.06
C THR P 73 33.15 31.96 -2.33
N ALA P 74 32.80 30.99 -1.49
CA ALA P 74 33.82 30.16 -0.87
C ALA P 74 34.63 29.42 -1.92
N SER P 75 33.98 28.94 -2.98
CA SER P 75 34.71 28.27 -4.05
C SER P 75 35.68 29.23 -4.75
N LEU P 76 35.25 30.45 -5.01
CA LEU P 76 36.14 31.43 -5.65
C LEU P 76 37.34 31.73 -4.76
N ILE P 77 37.10 31.95 -3.48
CA ILE P 77 38.20 32.25 -2.57
C ILE P 77 39.13 31.03 -2.43
N ALA P 78 38.56 29.83 -2.46
CA ALA P 78 39.38 28.62 -2.42
C ALA P 78 40.25 28.51 -3.66
N LYS P 79 39.71 28.88 -4.83
CA LYS P 79 40.51 28.87 -6.04
C LYS P 79 41.66 29.86 -5.94
N VAL P 80 41.39 31.06 -5.41
CA VAL P 80 42.46 32.05 -5.25
C VAL P 80 43.53 31.52 -4.31
N ALA P 81 43.12 30.95 -3.19
CA ALA P 81 44.08 30.42 -2.22
C ALA P 81 44.87 29.26 -2.81
N THR P 82 44.22 28.42 -3.61
CA THR P 82 44.92 27.31 -4.26
C THR P 82 45.97 27.81 -5.24
N ALA P 83 45.64 28.86 -6.00
CA ALA P 83 46.64 29.45 -6.89
C ALA P 83 47.82 30.00 -6.10
N GLN P 84 47.54 30.68 -4.99
CA GLN P 84 48.60 31.16 -4.11
C GLN P 84 49.48 30.02 -3.63
N ASP P 85 48.86 28.94 -3.16
CA ASP P 85 49.63 27.81 -2.64
C ASP P 85 50.47 27.15 -3.72
N ASP P 86 49.91 27.02 -4.92
CA ASP P 86 50.65 26.40 -6.03
C ASP P 86 51.85 27.23 -6.41
N ILE P 87 51.68 28.56 -6.51
CA ILE P 87 52.78 29.39 -7.02
C ILE P 87 53.77 29.72 -5.92
N THR P 88 53.33 30.42 -4.88
CA THR P 88 54.25 30.89 -3.85
C THR P 88 54.35 29.94 -2.67
N GLY P 89 53.30 29.17 -2.38
CA GLY P 89 53.35 28.20 -1.32
C GLY P 89 53.12 28.74 0.07
N ASP P 90 52.69 29.99 0.21
CA ASP P 90 52.46 30.56 1.53
C ASP P 90 51.52 31.75 1.39
N GLY P 91 50.86 32.08 2.49
CA GLY P 91 49.98 33.22 2.54
C GLY P 91 48.51 32.96 2.28
N THR P 92 48.06 31.70 2.33
CA THR P 92 46.66 31.39 2.05
C THR P 92 45.75 32.01 3.10
N THR P 93 46.09 31.84 4.38
CA THR P 93 45.27 32.43 5.44
C THR P 93 45.25 33.94 5.33
N SER P 94 46.39 34.54 5.02
CA SER P 94 46.43 35.99 4.81
C SER P 94 45.55 36.39 3.64
N ASN P 95 45.55 35.59 2.57
CA ASN P 95 44.65 35.85 1.45
C ASN P 95 43.20 35.89 1.91
N VAL P 96 42.77 34.86 2.62
CA VAL P 96 41.37 34.79 3.03
C VAL P 96 41.02 35.96 3.96
N LEU P 97 41.90 36.25 4.92
CA LEU P 97 41.62 37.34 5.86
C LEU P 97 41.53 38.67 5.15
N ILE P 98 42.47 38.95 4.24
CA ILE P 98 42.46 40.24 3.56
C ILE P 98 41.28 40.37 2.64
N ILE P 99 40.90 39.28 1.94
CA ILE P 99 39.72 39.34 1.08
C ILE P 99 38.47 39.63 1.90
N GLY P 100 38.29 38.89 3.00
CA GLY P 100 37.12 39.11 3.83
C GLY P 100 37.06 40.50 4.41
N GLU P 101 38.20 41.00 4.89
CA GLU P 101 38.20 42.32 5.52
C GLU P 101 38.03 43.43 4.49
N LEU P 102 38.58 43.24 3.28
CA LEU P 102 38.33 44.18 2.20
C LEU P 102 36.85 44.25 1.87
N LEU P 103 36.19 43.10 1.78
CA LEU P 103 34.76 43.10 1.50
C LEU P 103 33.97 43.75 2.63
N LYS P 104 34.36 43.49 3.88
CA LYS P 104 33.67 44.09 5.01
C LYS P 104 33.81 45.61 5.01
N GLN P 105 35.03 46.10 4.78
CA GLN P 105 35.24 47.54 4.73
C GLN P 105 34.50 48.18 3.56
N ALA P 106 34.45 47.49 2.42
CA ALA P 106 33.68 48.02 1.30
C ALA P 106 32.20 48.09 1.63
N ASP P 107 31.67 47.07 2.30
CA ASP P 107 30.27 47.13 2.73
C ASP P 107 30.04 48.23 3.75
N LEU P 108 31.07 48.57 4.52
CA LEU P 108 30.92 49.62 5.53
C LEU P 108 30.56 50.96 4.89
N TYR P 109 30.93 51.18 3.63
CA TYR P 109 30.55 52.39 2.90
C TYR P 109 29.43 52.16 1.90
N ILE P 110 29.30 50.94 1.37
CA ILE P 110 28.25 50.66 0.39
C ILE P 110 26.88 50.78 1.04
N SER P 111 26.75 50.41 2.31
CA SER P 111 25.45 50.43 2.98
C SER P 111 24.88 51.84 3.08
N GLU P 112 25.69 52.87 2.88
CA GLU P 112 25.23 54.26 2.87
C GLU P 112 25.03 54.80 1.46
N GLY P 113 24.60 53.94 0.53
CA GLY P 113 24.28 54.38 -0.81
C GLY P 113 25.45 54.60 -1.73
N LEU P 114 26.66 54.28 -1.31
CA LEU P 114 27.83 54.45 -2.16
C LEU P 114 27.92 53.31 -3.15
N HIS P 115 28.13 53.64 -4.42
CA HIS P 115 28.22 52.62 -5.46
C HIS P 115 29.54 51.86 -5.34
N PRO P 116 29.54 50.55 -5.57
CA PRO P 116 30.78 49.78 -5.45
C PRO P 116 31.86 50.17 -6.43
N ARG P 117 31.51 50.82 -7.54
CA ARG P 117 32.52 51.20 -8.54
C ARG P 117 33.54 52.17 -7.96
N ILE P 118 33.07 53.13 -7.17
CA ILE P 118 33.98 54.08 -6.52
C ILE P 118 34.92 53.34 -5.57
N ILE P 119 34.39 52.39 -4.82
CA ILE P 119 35.22 51.60 -3.90
C ILE P 119 36.27 50.82 -4.68
N THR P 120 35.89 50.24 -5.82
CA THR P 120 36.85 49.50 -6.63
C THR P 120 37.94 50.42 -7.18
N GLU P 121 37.57 51.61 -7.62
CA GLU P 121 38.58 52.56 -8.10
C GLU P 121 39.54 52.95 -7.00
N GLY P 122 39.02 53.22 -5.80
CA GLY P 122 39.90 53.46 -4.66
C GLY P 122 40.78 52.27 -4.35
N PHE P 123 40.24 51.07 -4.51
CA PHE P 123 41.03 49.86 -4.29
C PHE P 123 42.20 49.78 -5.27
N GLU P 124 41.95 50.10 -6.54
CA GLU P 124 43.03 50.07 -7.53
C GLU P 124 44.11 51.09 -7.19
N ALA P 125 43.69 52.31 -6.85
CA ALA P 125 44.69 53.33 -6.51
C ALA P 125 45.49 52.94 -5.28
N ALA P 126 44.81 52.42 -4.25
CA ALA P 126 45.50 51.99 -3.04
C ALA P 126 46.43 50.82 -3.31
N LYS P 127 46.03 49.90 -4.19
CA LYS P 127 46.90 48.79 -4.55
C LYS P 127 48.16 49.29 -5.23
N GLU P 128 48.04 50.25 -6.13
CA GLU P 128 49.22 50.80 -6.78
C GLU P 128 50.15 51.44 -5.77
N LYS P 129 49.59 52.26 -4.86
CA LYS P 129 50.43 52.91 -3.86
C LYS P 129 51.07 51.90 -2.92
N ALA P 130 50.32 50.87 -2.52
CA ALA P 130 50.86 49.86 -1.63
C ALA P 130 51.98 49.07 -2.29
N LEU P 131 51.84 48.76 -3.58
CA LEU P 131 52.92 48.07 -4.29
C LEU P 131 54.15 48.95 -4.37
N GLN P 132 53.97 50.25 -4.63
CA GLN P 132 55.11 51.16 -4.61
C GLN P 132 55.81 51.13 -3.26
N PHE P 133 55.04 51.22 -2.17
CA PHE P 133 55.65 51.23 -0.85
C PHE P 133 56.34 49.90 -0.54
N LEU P 134 55.74 48.79 -0.97
CA LEU P 134 56.36 47.49 -0.74
C LEU P 134 57.68 47.38 -1.48
N GLU P 135 57.74 47.90 -2.70
CA GLU P 135 59.02 47.96 -3.41
C GLU P 135 60.02 48.81 -2.65
N GLU P 136 59.56 49.92 -2.06
CA GLU P 136 60.46 50.80 -1.34
C GLU P 136 60.98 50.18 -0.04
N VAL P 137 60.19 49.31 0.58
CA VAL P 137 60.45 48.88 1.96
C VAL P 137 61.17 47.54 2.06
N LYS P 138 61.26 46.79 0.96
CA LYS P 138 61.88 45.47 1.03
C LYS P 138 63.35 45.58 1.38
N VAL P 139 63.86 44.54 2.04
CA VAL P 139 65.25 44.48 2.48
C VAL P 139 65.97 43.48 1.60
N SER P 140 66.96 43.96 0.84
CA SER P 140 67.75 43.11 -0.03
C SER P 140 69.05 42.74 0.67
N ARG P 141 69.31 41.44 0.76
CA ARG P 141 70.48 40.93 1.46
C ARG P 141 71.10 39.80 0.67
N GLU P 142 72.34 39.47 1.02
CA GLU P 142 72.99 38.27 0.50
C GLU P 142 72.45 37.07 1.28
N MET P 143 71.77 36.17 0.59
CA MET P 143 71.05 35.07 1.24
C MET P 143 72.06 34.04 1.72
N ASP P 144 72.64 34.30 2.88
CA ASP P 144 73.54 33.35 3.53
C ASP P 144 72.70 32.31 4.27
N ARG P 145 73.36 31.47 5.06
CA ARG P 145 72.63 30.43 5.78
C ARG P 145 71.78 31.01 6.90
N GLU P 146 72.23 32.07 7.56
CA GLU P 146 71.52 32.60 8.71
C GLU P 146 70.17 33.19 8.31
N THR P 147 70.14 33.99 7.24
CA THR P 147 68.88 34.59 6.82
C THR P 147 67.88 33.53 6.37
N LEU P 148 68.35 32.52 5.64
CA LEU P 148 67.46 31.44 5.23
C LEU P 148 66.94 30.67 6.44
N ILE P 149 67.80 30.46 7.44
CA ILE P 149 67.35 29.81 8.66
C ILE P 149 66.27 30.64 9.35
N ASP P 150 66.45 31.95 9.38
CA ASP P 150 65.44 32.82 9.99
C ASP P 150 64.12 32.75 9.24
N VAL P 151 64.16 32.74 7.90
CA VAL P 151 62.93 32.64 7.12
C VAL P 151 62.24 31.30 7.38
N ALA P 152 63.03 30.22 7.38
CA ALA P 152 62.46 28.90 7.63
C ALA P 152 61.86 28.83 9.02
N ARG P 153 62.49 29.48 10.00
CA ARG P 153 61.89 29.57 11.33
C ARG P 153 60.55 30.29 11.27
N THR P 154 60.52 31.45 10.60
CA THR P 154 59.30 32.24 10.55
C THR P 154 58.16 31.46 9.91
N SER P 155 58.47 30.52 9.02
CA SER P 155 57.40 29.71 8.43
C SER P 155 57.04 28.51 9.31
N LEU P 156 58.04 27.72 9.69
CA LEU P 156 57.77 26.46 10.37
C LEU P 156 57.24 26.67 11.78
N ARG P 157 57.62 27.75 12.45
CA ARG P 157 57.05 28.04 13.76
C ARG P 157 55.54 28.25 13.66
N THR P 158 55.09 28.96 12.63
CA THR P 158 53.67 29.09 12.39
C THR P 158 53.05 27.75 12.01
N LYS P 159 53.80 26.87 11.35
CA LYS P 159 53.20 25.62 10.91
C LYS P 159 53.10 24.60 12.05
N VAL P 160 54.21 24.29 12.73
CA VAL P 160 54.27 23.15 13.63
C VAL P 160 54.81 23.56 14.98
N HIS P 161 55.01 22.55 15.83
CA HIS P 161 55.48 22.68 17.20
C HIS P 161 56.87 23.33 17.19
N ALA P 162 57.23 23.96 18.31
CA ALA P 162 58.41 24.84 18.35
C ALA P 162 59.70 24.07 18.08
N GLU P 163 60.00 23.06 18.91
CA GLU P 163 61.26 22.34 18.72
C GLU P 163 61.26 21.51 17.44
N LEU P 164 60.10 20.97 17.06
CA LEU P 164 59.99 20.30 15.77
C LEU P 164 60.28 21.28 14.64
N ALA P 165 59.76 22.51 14.75
CA ALA P 165 60.08 23.52 13.75
C ALA P 165 61.56 23.86 13.74
N ASP P 166 62.18 23.88 14.93
CA ASP P 166 63.60 24.18 15.01
C ASP P 166 64.44 23.13 14.30
N VAL P 167 64.07 21.86 14.45
CA VAL P 167 64.75 20.78 13.73
C VAL P 167 64.49 20.91 12.23
N LEU P 168 63.22 21.13 11.85
CA LEU P 168 62.87 21.21 10.45
C LEU P 168 63.53 22.38 9.75
N THR P 169 63.86 23.44 10.49
CA THR P 169 64.54 24.58 9.88
C THR P 169 65.91 24.19 9.38
N GLU P 170 66.72 23.55 10.22
CA GLU P 170 68.01 23.06 9.78
C GLU P 170 67.85 22.08 8.63
N ALA P 171 66.87 21.17 8.76
CA ALA P 171 66.64 20.20 7.68
C ALA P 171 66.39 20.89 6.34
N VAL P 172 65.44 21.83 6.31
CA VAL P 172 65.02 22.43 5.05
C VAL P 172 66.11 23.33 4.49
N VAL P 173 66.80 24.10 5.36
CA VAL P 173 67.84 24.99 4.86
C VAL P 173 68.99 24.19 4.28
N ASP P 174 69.42 23.14 4.97
CA ASP P 174 70.49 22.30 4.45
C ASP P 174 70.08 21.62 3.16
N SER P 175 68.82 21.16 3.08
CA SER P 175 68.35 20.51 1.87
C SER P 175 68.36 21.47 0.69
N ILE P 176 67.89 22.70 0.89
CA ILE P 176 67.87 23.67 -0.20
C ILE P 176 69.29 24.03 -0.62
N LEU P 177 70.18 24.26 0.35
CA LEU P 177 71.54 24.65 0.01
C LEU P 177 72.31 23.52 -0.67
N ALA P 178 71.96 22.26 -0.37
CA ALA P 178 72.67 21.13 -0.95
C ALA P 178 72.47 21.07 -2.47
N ILE P 179 71.23 21.28 -2.93
CA ILE P 179 70.92 21.12 -4.35
C ILE P 179 71.02 22.43 -5.14
N LYS P 180 71.26 23.56 -4.47
CA LYS P 180 71.26 24.84 -5.16
C LYS P 180 72.52 25.00 -6.00
N LYS P 181 72.33 25.40 -7.25
CA LYS P 181 73.42 25.73 -8.15
C LYS P 181 73.40 27.22 -8.45
N GLN P 182 74.58 27.84 -8.51
CA GLN P 182 74.67 29.28 -8.69
C GLN P 182 74.04 29.70 -10.02
N ASP P 183 73.25 30.78 -9.96
CA ASP P 183 72.62 31.36 -11.15
C ASP P 183 71.77 30.33 -11.90
N GLU P 184 71.04 29.51 -11.15
CA GLU P 184 70.17 28.51 -11.76
C GLU P 184 68.94 28.33 -10.90
N PRO P 185 67.76 28.19 -11.49
CA PRO P 185 66.55 27.99 -10.69
C PRO P 185 66.62 26.71 -9.89
N ILE P 186 66.01 26.74 -8.71
CA ILE P 186 66.02 25.59 -7.81
C ILE P 186 64.92 24.62 -8.23
N ASP P 187 65.30 23.37 -8.45
CA ASP P 187 64.35 22.32 -8.81
C ASP P 187 63.95 21.57 -7.55
N LEU P 188 62.75 21.84 -7.06
CA LEU P 188 62.28 21.20 -5.84
C LEU P 188 61.98 19.72 -6.01
N PHE P 189 61.90 19.24 -7.26
CA PHE P 189 61.68 17.82 -7.48
C PHE P 189 62.84 16.97 -7.00
N MET P 190 64.04 17.55 -6.89
CA MET P 190 65.23 16.80 -6.48
C MET P 190 65.37 16.71 -4.97
N ILE P 191 64.31 16.96 -4.22
CA ILE P 191 64.29 16.78 -2.78
C ILE P 191 63.21 15.75 -2.48
N GLU P 192 63.62 14.49 -2.38
CA GLU P 192 62.67 13.43 -2.07
C GLU P 192 62.15 13.58 -0.65
N ILE P 193 60.86 13.32 -0.47
CA ILE P 193 60.22 13.42 0.83
C ILE P 193 59.64 12.04 1.14
N MET P 194 60.42 11.22 1.83
CA MET P 194 59.99 9.89 2.25
C MET P 194 59.60 9.93 3.72
N GLU P 195 58.52 9.25 4.06
CA GLU P 195 57.98 9.25 5.41
C GLU P 195 58.05 7.85 6.01
N MET P 196 58.72 7.74 7.15
CA MET P 196 58.72 6.53 7.96
C MET P 196 57.77 6.70 9.14
N LYS P 197 57.41 5.59 9.76
CA LYS P 197 56.40 5.59 10.82
C LYS P 197 56.88 4.74 12.00
N HIS P 198 58.12 4.96 12.45
CA HIS P 198 58.68 4.14 13.52
C HIS P 198 59.38 4.92 14.62
N LYS P 199 59.63 6.22 14.47
CA LYS P 199 60.34 6.96 15.51
C LYS P 199 59.56 8.19 15.94
N SER P 200 60.19 9.03 16.77
CA SER P 200 59.54 10.24 17.23
C SER P 200 59.51 11.28 16.11
N GLU P 201 58.68 12.32 16.31
CA GLU P 201 58.53 13.36 15.30
C GLU P 201 59.79 14.20 15.15
N THR P 202 60.65 14.24 16.17
CA THR P 202 61.88 15.00 16.10
C THR P 202 63.03 14.22 15.50
N ASP P 203 62.82 12.96 15.12
CA ASP P 203 63.85 12.15 14.49
C ASP P 203 63.95 12.39 12.99
N THR P 204 63.07 13.21 12.42
CA THR P 204 63.18 13.54 11.01
C THR P 204 64.47 14.32 10.76
N SER P 205 65.11 14.02 9.64
CA SER P 205 66.42 14.58 9.34
C SER P 205 66.63 14.57 7.83
N LEU P 206 67.86 14.88 7.41
CA LEU P 206 68.22 14.95 6.00
C LEU P 206 69.31 13.93 5.72
N ILE P 207 69.12 13.15 4.66
CA ILE P 207 70.10 12.18 4.18
C ILE P 207 70.74 12.72 2.92
N ARG P 208 72.06 12.76 2.88
CA ARG P 208 72.81 13.25 1.72
C ARG P 208 72.85 12.18 0.63
N GLY P 209 71.65 11.80 0.19
CA GLY P 209 71.48 10.78 -0.83
C GLY P 209 70.03 10.54 -1.16
N LEU P 210 69.62 9.28 -1.28
CA LEU P 210 68.23 8.95 -1.54
C LEU P 210 67.78 7.83 -0.62
N VAL P 211 66.46 7.77 -0.42
CA VAL P 211 65.81 6.67 0.29
C VAL P 211 64.70 6.16 -0.62
N LEU P 212 64.72 4.86 -0.90
CA LEU P 212 63.72 4.24 -1.76
C LEU P 212 62.76 3.42 -0.92
N ASP P 213 61.51 3.35 -1.38
CA ASP P 213 60.48 2.61 -0.67
C ASP P 213 60.42 1.14 -1.05
N HIS P 214 61.53 0.59 -1.56
CA HIS P 214 61.60 -0.81 -1.92
C HIS P 214 63.02 -1.29 -1.72
N GLY P 215 63.17 -2.61 -1.58
CA GLY P 215 64.47 -3.20 -1.38
C GLY P 215 64.74 -4.35 -2.33
N ALA P 216 65.81 -5.10 -2.08
CA ALA P 216 66.12 -6.26 -2.90
C ALA P 216 65.03 -7.31 -2.77
N ARG P 217 64.68 -7.94 -3.88
CA ARG P 217 63.62 -8.94 -3.93
C ARG P 217 64.14 -10.36 -3.82
N HIS P 218 65.44 -10.55 -3.61
CA HIS P 218 66.02 -11.88 -3.46
C HIS P 218 66.61 -12.03 -2.07
N PRO P 219 66.31 -13.12 -1.36
CA PRO P 219 66.82 -13.27 0.01
C PRO P 219 68.33 -13.35 0.10
N ASP P 220 69.01 -13.80 -0.96
CA ASP P 220 70.45 -14.01 -0.91
C ASP P 220 71.25 -12.76 -1.26
N MET P 221 70.61 -11.67 -1.67
CA MET P 221 71.34 -10.46 -1.98
C MET P 221 71.86 -9.80 -0.72
N LYS P 222 72.97 -9.08 -0.86
CA LYS P 222 73.62 -8.46 0.29
C LYS P 222 72.72 -7.40 0.91
N LYS P 223 72.63 -7.42 2.25
CA LYS P 223 71.80 -6.46 2.96
C LYS P 223 72.50 -5.12 3.15
N ARG P 224 73.82 -5.05 2.99
CA ARG P 224 74.54 -3.81 3.16
C ARG P 224 75.83 -3.86 2.35
N VAL P 225 76.09 -2.79 1.60
CA VAL P 225 77.27 -2.67 0.76
C VAL P 225 78.03 -1.42 1.17
N GLU P 226 79.33 -1.57 1.44
CA GLU P 226 80.10 -0.45 1.95
C GLU P 226 80.50 0.50 0.82
N ASP P 227 81.29 0.03 -0.12
CA ASP P 227 81.69 0.83 -1.29
C ASP P 227 80.98 0.26 -2.51
N ALA P 228 80.18 1.09 -3.17
CA ALA P 228 79.25 0.61 -4.17
C ALA P 228 79.38 1.39 -5.46
N TYR P 229 79.11 0.70 -6.56
CA TYR P 229 78.92 1.31 -7.87
C TYR P 229 77.43 1.27 -8.20
N ILE P 230 76.89 2.41 -8.59
CA ILE P 230 75.45 2.54 -8.85
C ILE P 230 75.23 2.52 -10.35
N LEU P 231 74.39 1.60 -10.80
CA LEU P 231 74.01 1.49 -12.21
C LEU P 231 72.52 1.79 -12.31
N THR P 232 72.18 2.92 -12.92
CA THR P 232 70.78 3.33 -13.10
C THR P 232 70.35 2.96 -14.51
N CYS P 233 69.36 2.07 -14.61
CA CYS P 233 68.94 1.54 -15.89
C CYS P 233 67.43 1.59 -16.01
N ASN P 234 66.96 1.64 -17.26
CA ASN P 234 65.54 1.60 -17.59
C ASN P 234 65.24 0.43 -18.50
N VAL P 235 66.03 -0.63 -18.42
CA VAL P 235 65.91 -1.80 -19.27
C VAL P 235 65.16 -2.88 -18.50
N SER P 236 64.18 -3.48 -19.16
CA SER P 236 63.39 -4.54 -18.53
C SER P 236 64.21 -5.82 -18.51
N LEU P 237 64.60 -6.24 -17.32
CA LEU P 237 65.37 -7.47 -17.14
C LEU P 237 64.48 -8.67 -16.86
N GLU P 238 63.18 -8.55 -17.06
CA GLU P 238 62.26 -9.67 -16.95
C GLU P 238 61.86 -10.14 -18.35
N TYR P 239 61.21 -11.30 -18.39
CA TYR P 239 60.82 -11.90 -19.65
C TYR P 239 59.80 -11.04 -20.38
N GLU P 240 59.94 -10.93 -21.69
CA GLU P 240 59.04 -10.15 -22.53
C GLU P 240 58.61 -10.99 -23.72
N LYS P 241 57.36 -10.80 -24.15
CA LYS P 241 56.81 -11.57 -25.25
C LYS P 241 57.02 -10.84 -26.57
N THR P 242 57.03 -11.62 -27.65
CA THR P 242 57.14 -11.06 -28.99
C THR P 242 55.88 -10.28 -29.35
N GLU P 243 56.08 -9.12 -29.96
CA GLU P 243 54.97 -8.24 -30.31
C GLU P 243 54.12 -8.76 -31.46
N VAL P 244 54.54 -9.82 -32.14
CA VAL P 244 53.87 -10.24 -33.37
C VAL P 244 53.30 -11.64 -33.20
N ASN P 245 52.92 -12.00 -31.97
CA ASN P 245 52.20 -13.24 -31.69
C ASN P 245 52.99 -14.46 -32.17
N SER P 246 54.14 -14.66 -31.52
CA SER P 246 55.12 -15.62 -32.03
C SER P 246 54.63 -17.06 -31.86
N GLY P 247 54.45 -17.51 -30.62
CA GLY P 247 54.06 -18.89 -30.39
C GLY P 247 55.16 -19.90 -30.70
N PHE P 248 55.11 -21.08 -30.08
CA PHE P 248 56.11 -22.11 -30.28
C PHE P 248 55.47 -23.36 -30.85
N PHE P 249 56.27 -24.16 -31.55
CA PHE P 249 55.81 -25.40 -32.16
C PHE P 249 56.94 -26.42 -32.09
N TYR P 250 56.79 -27.42 -31.22
CA TYR P 250 57.77 -28.48 -31.08
C TYR P 250 57.11 -29.82 -31.37
N LYS P 251 57.93 -30.87 -31.43
CA LYS P 251 57.45 -32.21 -31.75
C LYS P 251 57.89 -33.27 -30.76
N SER P 252 58.68 -32.91 -29.74
CA SER P 252 59.16 -33.88 -28.77
C SER P 252 59.53 -33.15 -27.49
N ALA P 253 59.68 -33.93 -26.42
CA ALA P 253 60.03 -33.34 -25.13
C ALA P 253 61.40 -32.68 -25.16
N GLU P 254 62.36 -33.30 -25.86
CA GLU P 254 63.69 -32.71 -25.97
C GLU P 254 63.63 -31.37 -26.69
N GLU P 255 62.84 -31.29 -27.77
CA GLU P 255 62.68 -30.03 -28.47
C GLU P 255 62.03 -28.99 -27.57
N ARG P 256 61.06 -29.40 -26.76
CA ARG P 256 60.44 -28.48 -25.82
C ARG P 256 61.45 -27.95 -24.82
N GLU P 257 62.31 -28.82 -24.29
CA GLU P 257 63.35 -28.37 -23.36
C GLU P 257 64.31 -27.40 -24.03
N LYS P 258 64.71 -27.71 -25.27
CA LYS P 258 65.61 -26.81 -25.99
C LYS P 258 64.97 -25.45 -26.21
N LEU P 259 63.69 -25.43 -26.57
CA LEU P 259 63.00 -24.17 -26.78
C LEU P 259 62.86 -23.39 -25.48
N VAL P 260 62.58 -24.10 -24.37
CA VAL P 260 62.47 -23.44 -23.08
C VAL P 260 63.81 -22.80 -22.71
N LYS P 261 64.90 -23.53 -22.89
CA LYS P 261 66.22 -23.01 -22.53
C LYS P 261 66.65 -21.89 -23.47
N ALA P 262 66.18 -21.89 -24.71
CA ALA P 262 66.58 -20.91 -25.70
C ALA P 262 65.65 -19.71 -25.79
N GLU P 263 64.57 -19.68 -25.02
CA GLU P 263 63.66 -18.55 -25.06
C GLU P 263 64.02 -17.45 -24.06
N ARG P 264 64.99 -17.69 -23.19
CA ARG P 264 65.44 -16.69 -22.23
C ARG P 264 66.80 -16.10 -22.60
N LYS P 265 67.32 -16.41 -23.78
CA LYS P 265 68.65 -15.93 -24.15
C LYS P 265 68.69 -14.42 -24.31
N PHE P 266 67.58 -13.81 -24.73
CA PHE P 266 67.57 -12.36 -24.93
C PHE P 266 67.84 -11.62 -23.63
N ILE P 267 67.12 -11.98 -22.57
CA ILE P 267 67.34 -11.36 -21.27
C ILE P 267 68.67 -11.79 -20.68
N GLU P 268 69.05 -13.06 -20.92
CA GLU P 268 70.31 -13.56 -20.40
C GLU P 268 71.50 -12.80 -20.96
N ASP P 269 71.41 -12.34 -22.22
CA ASP P 269 72.49 -11.55 -22.79
C ASP P 269 72.67 -10.23 -22.06
N ARG P 270 71.58 -9.56 -21.74
CA ARG P 270 71.67 -8.30 -21.00
C ARG P 270 72.18 -8.53 -19.58
N VAL P 271 71.72 -9.61 -18.93
CA VAL P 271 72.21 -9.93 -17.60
C VAL P 271 73.71 -10.23 -17.65
N LYS P 272 74.15 -10.95 -18.69
CA LYS P 272 75.57 -11.25 -18.84
C LYS P 272 76.37 -9.98 -19.10
N LYS P 273 75.81 -9.03 -19.84
CA LYS P 273 76.49 -7.75 -20.03
C LYS P 273 76.67 -7.03 -18.69
N ILE P 274 75.63 -7.02 -17.86
CA ILE P 274 75.73 -6.39 -16.56
C ILE P 274 76.79 -7.08 -15.71
N ILE P 275 76.77 -8.41 -15.71
CA ILE P 275 77.72 -9.18 -14.89
C ILE P 275 79.15 -8.95 -15.37
N GLU P 276 79.35 -8.91 -16.69
CA GLU P 276 80.67 -8.67 -17.25
C GLU P 276 81.18 -7.28 -16.87
N LEU P 277 80.31 -6.27 -16.95
CA LEU P 277 80.72 -4.93 -16.52
C LEU P 277 81.10 -4.92 -15.05
N LYS P 278 80.30 -5.59 -14.21
CA LYS P 278 80.60 -5.64 -12.79
C LYS P 278 81.95 -6.31 -12.53
N ARG P 279 82.22 -7.43 -13.20
CA ARG P 279 83.48 -8.13 -13.01
C ARG P 279 84.66 -7.29 -13.49
N LYS P 280 84.48 -6.58 -14.61
CA LYS P 280 85.55 -5.72 -15.11
C LYS P 280 85.82 -4.57 -14.16
N VAL P 281 84.77 -4.01 -13.56
CA VAL P 281 84.94 -2.82 -12.73
C VAL P 281 85.50 -3.19 -11.36
N CYS P 282 84.80 -4.04 -10.62
CA CYS P 282 85.23 -4.47 -9.29
C CYS P 282 85.69 -5.92 -9.38
N GLY P 283 86.97 -6.11 -9.67
CA GLY P 283 87.50 -7.46 -9.78
C GLY P 283 87.43 -8.22 -8.47
N ASP P 284 87.78 -7.55 -7.37
CA ASP P 284 87.70 -8.17 -6.05
C ASP P 284 86.26 -8.12 -5.54
N SER P 285 86.07 -8.63 -4.32
CA SER P 285 84.79 -8.55 -3.63
C SER P 285 84.71 -7.36 -2.68
N ASP P 286 85.75 -6.53 -2.62
CA ASP P 286 85.74 -5.38 -1.71
C ASP P 286 84.68 -4.37 -2.13
N LYS P 287 84.68 -3.97 -3.40
CA LYS P 287 83.71 -3.01 -3.88
C LYS P 287 82.38 -3.70 -4.18
N GLY P 288 81.31 -2.91 -4.18
CA GLY P 288 79.98 -3.44 -4.41
C GLY P 288 79.33 -2.91 -5.66
N PHE P 289 78.30 -3.61 -6.13
CA PHE P 289 77.57 -3.23 -7.34
C PHE P 289 76.09 -3.18 -7.00
N VAL P 290 75.45 -2.05 -7.26
CA VAL P 290 74.03 -1.87 -7.01
C VAL P 290 73.35 -1.48 -8.32
N VAL P 291 72.28 -2.17 -8.65
CA VAL P 291 71.55 -1.98 -9.89
C VAL P 291 70.14 -1.56 -9.54
N ILE P 292 69.83 -0.27 -9.74
CA ILE P 292 68.48 0.24 -9.59
C ILE P 292 67.84 0.30 -10.97
N ASN P 293 66.73 -0.42 -11.14
CA ASN P 293 66.06 -0.53 -12.42
C ASN P 293 64.64 -0.01 -12.31
N GLN P 294 64.22 0.78 -13.30
CA GLN P 294 62.85 1.29 -13.31
C GLN P 294 61.85 0.21 -13.70
N LYS P 295 62.27 -0.77 -14.48
CA LYS P 295 61.40 -1.85 -14.92
C LYS P 295 61.69 -3.13 -14.14
N GLY P 296 60.80 -4.10 -14.28
CA GLY P 296 60.86 -5.29 -13.45
C GLY P 296 62.01 -6.21 -13.81
N ILE P 297 62.35 -7.07 -12.86
CA ILE P 297 63.37 -8.10 -13.02
C ILE P 297 62.76 -9.42 -12.56
N ASP P 298 62.77 -10.41 -13.45
CA ASP P 298 62.18 -11.71 -13.14
C ASP P 298 63.10 -12.50 -12.21
N PRO P 299 62.54 -13.49 -11.49
CA PRO P 299 63.36 -14.22 -10.50
C PRO P 299 64.60 -14.88 -11.08
N PHE P 300 64.56 -15.33 -12.33
CA PHE P 300 65.75 -15.94 -12.93
C PHE P 300 66.90 -14.95 -13.01
N SER P 301 66.62 -13.75 -13.50
CA SER P 301 67.66 -12.73 -13.57
C SER P 301 68.08 -12.27 -12.18
N LEU P 302 67.15 -12.21 -11.23
CA LEU P 302 67.51 -11.87 -9.86
C LEU P 302 68.50 -12.87 -9.30
N ASP P 303 68.24 -14.16 -9.49
CA ASP P 303 69.15 -15.19 -9.02
C ASP P 303 70.50 -15.09 -9.74
N ALA P 304 70.47 -14.86 -11.05
CA ALA P 304 71.72 -14.74 -11.80
C ALA P 304 72.57 -13.59 -11.30
N LEU P 305 71.95 -12.45 -11.00
CA LEU P 305 72.68 -11.32 -10.44
C LEU P 305 73.16 -11.63 -9.03
N SER P 306 72.36 -12.34 -8.24
CA SER P 306 72.75 -12.66 -6.87
C SER P 306 73.93 -13.60 -6.82
N LYS P 307 74.08 -14.49 -7.81
CA LYS P 307 75.23 -15.39 -7.82
C LYS P 307 76.55 -14.64 -7.92
N GLU P 308 76.54 -13.41 -8.45
CA GLU P 308 77.75 -12.61 -8.58
C GLU P 308 77.87 -11.56 -7.49
N GLY P 309 77.08 -11.65 -6.44
CA GLY P 309 77.14 -10.66 -5.37
C GLY P 309 76.69 -9.28 -5.78
N ILE P 310 75.59 -9.18 -6.51
CA ILE P 310 75.04 -7.92 -6.96
C ILE P 310 73.67 -7.73 -6.31
N VAL P 311 73.47 -6.57 -5.69
CA VAL P 311 72.17 -6.21 -5.15
C VAL P 311 71.41 -5.41 -6.21
N ALA P 312 70.20 -5.85 -6.53
CA ALA P 312 69.44 -5.29 -7.63
C ALA P 312 68.05 -4.89 -7.15
N LEU P 313 67.63 -3.68 -7.49
CA LEU P 313 66.31 -3.18 -7.17
C LEU P 313 65.54 -2.94 -8.46
N ARG P 314 64.23 -3.16 -8.39
CA ARG P 314 63.37 -3.06 -9.57
C ARG P 314 62.18 -2.17 -9.26
N ARG P 315 61.48 -1.77 -10.33
CA ARG P 315 60.23 -1.01 -10.23
C ARG P 315 60.43 0.30 -9.45
N ALA P 316 61.56 0.96 -9.68
CA ALA P 316 61.81 2.25 -9.06
C ALA P 316 60.92 3.32 -9.70
N LYS P 317 60.81 4.45 -9.01
CA LYS P 317 60.00 5.54 -9.54
C LYS P 317 60.70 6.19 -10.73
N ARG P 318 59.88 6.80 -11.60
CA ARG P 318 60.42 7.39 -12.82
C ARG P 318 61.37 8.54 -12.52
N ARG P 319 61.02 9.38 -11.54
CA ARG P 319 61.88 10.50 -11.18
C ARG P 319 63.13 10.06 -10.44
N ASN P 320 63.15 8.86 -9.89
CA ASN P 320 64.33 8.38 -9.20
C ASN P 320 65.51 8.20 -10.14
N MET P 321 65.27 8.03 -11.44
CA MET P 321 66.38 7.98 -12.39
C MET P 321 67.15 9.30 -12.37
N GLU P 322 66.44 10.41 -12.53
CA GLU P 322 67.09 11.73 -12.47
C GLU P 322 67.68 11.98 -11.09
N ARG P 323 66.95 11.60 -10.03
CA ARG P 323 67.45 11.85 -8.68
C ARG P 323 68.77 11.12 -8.42
N LEU P 324 68.83 9.84 -8.81
CA LEU P 324 70.05 9.06 -8.61
C LEU P 324 71.17 9.56 -9.50
N THR P 325 70.85 9.95 -10.74
CA THR P 325 71.87 10.48 -11.63
C THR P 325 72.49 11.75 -11.06
N LEU P 326 71.66 12.63 -10.50
CA LEU P 326 72.19 13.87 -9.93
C LEU P 326 72.91 13.64 -8.61
N ALA P 327 72.47 12.67 -7.80
CA ALA P 327 73.10 12.44 -6.52
C ALA P 327 74.35 11.57 -6.66
N CYS P 328 74.18 10.34 -7.14
CA CYS P 328 75.31 9.42 -7.23
C CYS P 328 76.33 9.88 -8.26
N GLY P 329 75.88 10.33 -9.42
CA GLY P 329 76.76 10.84 -10.44
C GLY P 329 77.03 9.91 -11.60
N GLY P 330 76.07 9.10 -11.99
CA GLY P 330 76.21 8.21 -13.13
C GLY P 330 75.44 8.69 -14.34
N VAL P 331 75.04 7.74 -15.19
CA VAL P 331 74.22 8.03 -16.37
C VAL P 331 73.11 7.01 -16.42
N ALA P 332 71.86 7.48 -16.48
CA ALA P 332 70.73 6.59 -16.65
C ALA P 332 70.77 5.96 -18.04
N LEU P 333 70.51 4.66 -18.11
CA LEU P 333 70.65 3.89 -19.33
C LEU P 333 69.31 3.29 -19.72
N ASN P 334 68.95 3.45 -21.00
CA ASN P 334 67.77 2.79 -21.55
C ASN P 334 68.13 1.54 -22.36
N SER P 335 69.43 1.23 -22.48
CA SER P 335 69.85 0.02 -23.16
C SER P 335 71.27 -0.30 -22.71
N PHE P 336 71.66 -1.56 -22.91
CA PHE P 336 73.00 -2.03 -22.58
C PHE P 336 73.84 -2.30 -23.82
N ASP P 337 73.48 -1.69 -24.95
CA ASP P 337 74.19 -1.97 -26.20
C ASP P 337 75.66 -1.63 -26.10
N ASP P 338 75.99 -0.50 -25.45
CA ASP P 338 77.38 -0.13 -25.23
C ASP P 338 77.44 0.61 -23.90
N LEU P 339 77.77 -0.12 -22.84
CA LEU P 339 77.87 0.44 -21.50
C LEU P 339 79.30 0.28 -21.01
N SER P 340 79.81 1.34 -20.40
CA SER P 340 81.19 1.43 -19.95
C SER P 340 81.21 1.92 -18.52
N PRO P 341 82.31 1.71 -17.78
CA PRO P 341 82.37 2.17 -16.38
C PRO P 341 82.13 3.67 -16.21
N ASP P 342 82.10 4.44 -17.30
CA ASP P 342 81.82 5.87 -17.19
C ASP P 342 80.36 6.16 -16.84
N CYS P 343 79.48 5.15 -16.91
CA CYS P 343 78.07 5.34 -16.59
C CYS P 343 77.71 4.86 -15.19
N LEU P 344 78.69 4.51 -14.37
CA LEU P 344 78.44 3.99 -13.03
C LEU P 344 78.53 5.12 -12.02
N GLY P 345 77.45 5.34 -11.28
CA GLY P 345 77.49 6.27 -10.17
C GLY P 345 78.24 5.69 -8.99
N HIS P 346 78.58 6.55 -8.05
CA HIS P 346 79.34 6.16 -6.87
C HIS P 346 78.55 6.53 -5.62
N ALA P 347 78.32 5.55 -4.75
CA ALA P 347 77.69 5.76 -3.47
C ALA P 347 78.60 5.18 -2.39
N GLY P 348 78.86 5.96 -1.35
CA GLY P 348 79.75 5.53 -0.30
C GLY P 348 79.16 4.61 0.74
N LEU P 349 77.85 4.32 0.66
CA LEU P 349 77.21 3.37 1.55
C LEU P 349 75.82 3.01 1.03
N VAL P 350 75.51 1.72 0.95
CA VAL P 350 74.20 1.24 0.55
C VAL P 350 73.77 0.17 1.53
N TYR P 351 72.61 0.36 2.16
CA TYR P 351 72.05 -0.61 3.08
C TYR P 351 70.54 -0.44 3.09
N GLU P 352 69.84 -1.47 3.53
CA GLU P 352 68.38 -1.43 3.56
C GLU P 352 67.89 -1.53 5.00
N TYR P 353 66.79 -0.85 5.27
CA TYR P 353 66.15 -0.82 6.58
C TYR P 353 64.78 -1.49 6.49
N THR P 354 64.54 -2.44 7.38
CA THR P 354 63.27 -3.15 7.44
C THR P 354 62.38 -2.51 8.50
N LEU P 355 61.15 -2.19 8.12
CA LEU P 355 60.17 -1.57 9.02
C LEU P 355 58.89 -2.39 8.89
N GLY P 356 58.77 -3.42 9.72
CA GLY P 356 57.61 -4.29 9.64
C GLY P 356 57.53 -4.97 8.29
N GLU P 357 56.40 -4.80 7.61
CA GLU P 357 56.25 -5.37 6.28
C GLU P 357 57.04 -4.59 5.24
N GLU P 358 57.05 -3.27 5.36
CA GLU P 358 57.68 -2.42 4.35
C GLU P 358 59.20 -2.54 4.39
N LYS P 359 59.82 -2.28 3.24
CA LYS P 359 61.27 -2.32 3.10
C LYS P 359 61.75 -1.01 2.50
N PHE P 360 62.86 -0.48 3.03
CA PHE P 360 63.44 0.75 2.56
C PHE P 360 64.91 0.53 2.25
N THR P 361 65.41 1.23 1.23
CA THR P 361 66.81 1.15 0.82
C THR P 361 67.44 2.51 0.96
N PHE P 362 68.61 2.57 1.61
CA PHE P 362 69.32 3.81 1.85
C PHE P 362 70.54 3.89 0.95
N ILE P 363 70.65 4.99 0.21
CA ILE P 363 71.82 5.29 -0.60
C ILE P 363 72.43 6.56 -0.03
N GLU P 364 73.63 6.44 0.55
CA GLU P 364 74.20 7.49 1.37
C GLU P 364 75.65 7.70 0.99
N LYS P 365 76.28 8.68 1.64
CA LYS P 365 77.71 8.93 1.53
C LYS P 365 78.13 9.21 0.08
N CYS P 366 77.29 9.95 -0.64
CA CYS P 366 77.63 10.35 -1.99
C CYS P 366 78.74 11.39 -1.96
N ASN P 367 79.42 11.54 -3.10
CA ASN P 367 80.56 12.46 -3.17
C ASN P 367 80.10 13.90 -2.96
N ASN P 368 79.07 14.33 -3.69
CA ASN P 368 78.52 15.67 -3.56
C ASN P 368 77.12 15.67 -4.13
N PRO P 369 76.12 15.21 -3.37
CA PRO P 369 74.79 15.00 -3.95
C PRO P 369 74.14 16.31 -4.36
N ARG P 370 73.65 16.34 -5.59
CA ARG P 370 72.81 17.44 -6.06
C ARG P 370 71.33 17.15 -5.92
N SER P 371 70.99 16.01 -5.31
CA SER P 371 69.60 15.66 -5.03
C SER P 371 69.59 14.87 -3.74
N VAL P 372 69.02 15.44 -2.69
CA VAL P 372 69.00 14.81 -1.38
C VAL P 372 67.57 14.45 -1.02
N THR P 373 67.38 13.78 0.12
CA THR P 373 66.06 13.35 0.55
C THR P 373 65.80 13.80 1.98
N LEU P 374 64.55 14.12 2.26
CA LEU P 374 64.09 14.49 3.59
C LEU P 374 63.26 13.34 4.15
N LEU P 375 63.76 12.72 5.22
CA LEU P 375 63.09 11.59 5.83
C LEU P 375 62.17 12.09 6.94
N ILE P 376 60.87 11.87 6.78
CA ILE P 376 59.90 12.24 7.79
C ILE P 376 59.64 11.04 8.68
N LYS P 377 59.80 11.22 9.99
CA LYS P 377 59.59 10.16 10.95
C LYS P 377 58.61 10.62 12.02
N GLY P 378 57.69 9.72 12.37
CA GLY P 378 56.69 10.02 13.38
C GLY P 378 55.93 8.78 13.80
N PRO P 379 55.24 8.86 14.93
CA PRO P 379 54.46 7.72 15.41
C PRO P 379 53.02 7.66 14.91
N ASN P 380 52.58 8.63 14.11
CA ASN P 380 51.22 8.67 13.62
C ASN P 380 51.22 9.06 12.15
N LYS P 381 50.12 8.75 11.47
CA LYS P 381 49.98 9.16 10.08
C LYS P 381 49.69 10.65 9.97
N HIS P 382 48.84 11.18 10.84
CA HIS P 382 48.52 12.61 10.78
C HIS P 382 49.73 13.46 11.12
N THR P 383 50.59 12.98 12.02
CA THR P 383 51.84 13.68 12.28
C THR P 383 52.70 13.75 11.03
N LEU P 384 52.79 12.63 10.29
CA LEU P 384 53.57 12.63 9.06
C LEU P 384 53.00 13.59 8.03
N THR P 385 51.67 13.61 7.89
CA THR P 385 51.05 14.53 6.94
C THR P 385 51.30 15.98 7.32
N GLN P 386 51.17 16.30 8.61
CA GLN P 386 51.40 17.67 9.06
C GLN P 386 52.84 18.09 8.83
N ILE P 387 53.79 17.19 9.14
CA ILE P 387 55.20 17.53 8.91
C ILE P 387 55.47 17.68 7.43
N LYS P 388 54.83 16.87 6.58
CA LYS P 388 55.02 17.01 5.15
C LYS P 388 54.53 18.37 4.65
N ASP P 389 53.36 18.80 5.11
CA ASP P 389 52.86 20.12 4.72
C ASP P 389 53.78 21.23 5.22
N ALA P 390 54.26 21.11 6.45
CA ALA P 390 55.17 22.11 6.98
C ALA P 390 56.47 22.17 6.19
N VAL P 391 57.00 21.00 5.81
CA VAL P 391 58.22 20.95 5.03
C VAL P 391 58.01 21.57 3.66
N ARG P 392 56.85 21.31 3.04
CA ARG P 392 56.55 21.94 1.76
C ARG P 392 56.53 23.45 1.89
N ASP P 393 55.86 23.97 2.93
CA ASP P 393 55.79 25.40 3.11
C ASP P 393 57.17 26.00 3.36
N GLY P 394 57.99 25.35 4.18
CA GLY P 394 59.32 25.84 4.43
C GLY P 394 60.21 25.82 3.19
N LEU P 395 60.11 24.76 2.40
CA LEU P 395 60.86 24.69 1.15
C LEU P 395 60.45 25.81 0.21
N ARG P 396 59.14 26.06 0.09
CA ARG P 396 58.69 27.17 -0.75
C ARG P 396 59.21 28.50 -0.24
N ALA P 397 59.18 28.71 1.08
CA ALA P 397 59.65 29.97 1.64
C ALA P 397 61.14 30.18 1.35
N VAL P 398 61.95 29.14 1.57
CA VAL P 398 63.39 29.28 1.34
C VAL P 398 63.68 29.48 -0.14
N LYS P 399 62.98 28.75 -1.01
CA LYS P 399 63.19 28.94 -2.44
C LYS P 399 62.81 30.35 -2.88
N ASN P 400 61.71 30.88 -2.36
CA ASN P 400 61.31 32.24 -2.69
C ASN P 400 62.34 33.25 -2.19
N ALA P 401 62.87 33.03 -0.99
CA ALA P 401 63.92 33.91 -0.48
C ALA P 401 65.14 33.87 -1.37
N ILE P 402 65.51 32.68 -1.86
CA ILE P 402 66.68 32.56 -2.73
C ILE P 402 66.42 33.24 -4.07
N ASP P 403 65.21 33.10 -4.61
CA ASP P 403 64.92 33.57 -5.97
C ASP P 403 65.21 35.06 -6.10
N ASP P 404 64.49 35.90 -5.36
CA ASP P 404 64.77 37.32 -5.29
C ASP P 404 65.46 37.65 -3.97
N GLY P 405 66.55 38.39 -4.04
CA GLY P 405 67.39 38.61 -2.88
C GLY P 405 66.74 39.48 -1.82
N CYS P 406 65.56 39.99 -2.11
CA CYS P 406 64.85 40.85 -1.17
C CYS P 406 63.98 40.01 -0.24
N VAL P 407 63.94 40.44 1.02
CA VAL P 407 63.08 39.84 2.03
C VAL P 407 62.41 40.96 2.80
N VAL P 408 61.17 40.75 3.21
CA VAL P 408 60.31 41.80 3.75
C VAL P 408 60.15 41.57 5.25
N PRO P 409 60.29 42.60 6.09
CA PRO P 409 60.05 42.42 7.53
C PRO P 409 58.63 41.97 7.79
N GLY P 410 58.46 41.07 8.75
CA GLY P 410 57.17 40.48 9.02
C GLY P 410 56.55 40.94 10.32
N ALA P 411 55.82 40.02 10.98
CA ALA P 411 55.16 40.29 12.24
C ALA P 411 54.15 41.43 12.14
N GLY P 412 53.60 41.63 10.94
CA GLY P 412 52.60 42.67 10.75
C GLY P 412 53.15 44.06 10.52
N ALA P 413 54.47 44.23 10.51
CA ALA P 413 55.03 45.57 10.37
C ALA P 413 54.74 46.19 9.00
N VAL P 414 54.90 45.40 7.94
CA VAL P 414 54.77 45.95 6.60
C VAL P 414 53.33 46.37 6.32
N GLU P 415 52.35 45.62 6.84
CA GLU P 415 50.96 46.02 6.67
C GLU P 415 50.67 47.33 7.38
N VAL P 416 51.19 47.52 8.60
CA VAL P 416 50.98 48.77 9.32
C VAL P 416 51.61 49.93 8.57
N ALA P 417 52.84 49.74 8.09
CA ALA P 417 53.51 50.80 7.36
C ALA P 417 52.77 51.13 6.06
N MET P 418 52.27 50.10 5.37
CA MET P 418 51.53 50.33 4.13
C MET P 418 50.22 51.06 4.41
N ALA P 419 49.54 50.71 5.51
CA ALA P 419 48.32 51.42 5.87
C ALA P 419 48.61 52.89 6.16
N GLU P 420 49.68 53.17 6.89
CA GLU P 420 50.03 54.56 7.15
C GLU P 420 50.36 55.30 5.86
N ALA P 421 51.11 54.67 4.96
CA ALA P 421 51.43 55.30 3.69
C ALA P 421 50.18 55.57 2.87
N LEU P 422 49.24 54.63 2.85
CA LEU P 422 47.99 54.84 2.13
C LEU P 422 47.19 55.97 2.74
N ILE P 423 47.14 56.06 4.07
CA ILE P 423 46.42 57.15 4.71
C ILE P 423 47.07 58.49 4.35
N LYS P 424 48.40 58.53 4.31
CA LYS P 424 49.09 59.76 3.92
C LYS P 424 48.81 60.12 2.46
N HIS P 425 48.74 59.11 1.59
CA HIS P 425 48.52 59.35 0.17
C HIS P 425 47.05 59.65 -0.15
N LYS P 426 46.14 59.34 0.76
CA LYS P 426 44.71 59.50 0.49
C LYS P 426 44.32 60.89 -0.02
N PRO P 427 44.82 62.00 0.51
CA PRO P 427 44.42 63.31 -0.05
C PRO P 427 44.77 63.47 -1.52
N SER P 428 45.82 62.79 -2.00
CA SER P 428 46.18 62.89 -3.41
C SER P 428 45.09 62.32 -4.31
N VAL P 429 44.39 61.28 -3.86
CA VAL P 429 43.33 60.69 -4.65
C VAL P 429 42.14 61.65 -4.69
N LYS P 430 41.70 61.98 -5.90
CA LYS P 430 40.61 62.93 -6.09
C LYS P 430 39.29 62.18 -6.28
N GLY P 431 38.22 62.75 -5.74
CA GLY P 431 36.91 62.15 -5.82
C GLY P 431 36.51 61.47 -4.53
N ARG P 432 35.53 60.57 -4.65
CA ARG P 432 35.07 59.78 -3.52
C ARG P 432 35.85 58.48 -3.35
N ALA P 433 36.86 58.26 -4.19
CA ALA P 433 37.72 57.08 -4.05
C ALA P 433 38.59 57.13 -2.81
N GLN P 434 38.65 58.27 -2.12
CA GLN P 434 39.34 58.31 -0.85
C GLN P 434 38.73 57.34 0.14
N LEU P 435 37.42 57.14 0.08
CA LEU P 435 36.77 56.14 0.93
C LEU P 435 37.27 54.74 0.60
N GLY P 436 37.43 54.43 -0.68
CA GLY P 436 37.97 53.14 -1.06
C GLY P 436 39.41 52.97 -0.59
N VAL P 437 40.21 54.03 -0.69
CA VAL P 437 41.59 53.96 -0.21
C VAL P 437 41.63 53.71 1.30
N GLN P 438 40.76 54.40 2.04
CA GLN P 438 40.69 54.17 3.49
C GLN P 438 40.26 52.75 3.80
N ALA P 439 39.29 52.22 3.04
CA ALA P 439 38.85 50.85 3.24
C ALA P 439 39.99 49.87 2.97
N PHE P 440 40.77 50.12 1.92
CA PHE P 440 41.91 49.27 1.62
C PHE P 440 42.94 49.30 2.74
N ALA P 441 43.21 50.49 3.28
CA ALA P 441 44.16 50.59 4.38
C ALA P 441 43.67 49.84 5.61
N ASP P 442 42.40 50.04 5.97
CA ASP P 442 41.85 49.35 7.13
C ASP P 442 41.79 47.84 6.92
N ALA P 443 41.65 47.40 5.68
CA ALA P 443 41.69 45.97 5.40
C ALA P 443 43.10 45.42 5.50
N LEU P 444 44.09 46.18 5.04
CA LEU P 444 45.48 45.77 5.22
C LEU P 444 45.83 45.66 6.69
N LEU P 445 45.23 46.50 7.53
CA LEU P 445 45.51 46.47 8.96
C LEU P 445 45.02 45.21 9.66
N ILE P 446 44.42 44.25 8.95
CA ILE P 446 43.83 43.10 9.63
C ILE P 446 44.91 42.17 10.19
N ILE P 447 46.07 42.07 9.54
CA ILE P 447 47.07 41.09 9.95
C ILE P 447 47.59 41.36 11.37
N PRO P 448 48.04 42.57 11.72
CA PRO P 448 48.40 42.79 13.13
C PRO P 448 47.23 42.62 14.08
N LYS P 449 46.02 42.97 13.64
CA LYS P 449 44.83 42.76 14.48
C LYS P 449 44.67 41.28 14.82
N VAL P 450 44.72 40.42 13.81
CA VAL P 450 44.52 39.00 14.04
C VAL P 450 45.68 38.42 14.84
N LEU P 451 46.90 38.88 14.59
CA LEU P 451 48.04 38.40 15.36
C LEU P 451 47.86 38.73 16.84
N ALA P 452 47.49 39.97 17.14
CA ALA P 452 47.28 40.36 18.53
C ALA P 452 46.13 39.58 19.15
N GLN P 453 45.05 39.38 18.40
CA GLN P 453 43.91 38.64 18.95
C GLN P 453 44.28 37.19 19.25
N ASN P 454 45.03 36.55 18.34
CA ASN P 454 45.44 35.17 18.57
C ASN P 454 46.40 35.06 19.74
N SER P 455 47.30 36.04 19.89
CA SER P 455 48.22 36.02 21.01
C SER P 455 47.51 36.22 22.36
N GLY P 456 46.27 36.68 22.35
CA GLY P 456 45.50 36.84 23.57
C GLY P 456 45.41 38.26 24.08
N PHE P 457 45.98 39.24 23.37
CA PHE P 457 45.96 40.62 23.82
C PHE P 457 44.71 41.32 23.34
N ASP P 458 44.63 42.63 23.61
CA ASP P 458 43.54 43.45 23.11
C ASP P 458 43.87 43.94 21.71
N LEU P 459 42.86 43.87 20.83
CA LEU P 459 43.08 44.21 19.43
C LEU P 459 43.39 45.68 19.24
N GLN P 460 42.45 46.56 19.62
CA GLN P 460 42.58 47.98 19.34
C GLN P 460 43.76 48.60 20.08
N GLU P 461 43.96 48.21 21.35
CA GLU P 461 45.06 48.79 22.13
C GLU P 461 46.41 48.42 21.52
N THR P 462 46.60 47.16 21.17
CA THR P 462 47.85 46.75 20.55
C THR P 462 48.05 47.45 19.21
N LEU P 463 47.00 47.54 18.41
CA LEU P 463 47.13 48.17 17.10
C LEU P 463 47.51 49.64 17.24
N VAL P 464 46.88 50.36 18.17
CA VAL P 464 47.21 51.78 18.30
C VAL P 464 48.60 51.96 18.89
N LYS P 465 49.03 51.06 19.77
CA LYS P 465 50.41 51.13 20.25
C LYS P 465 51.40 50.95 19.11
N ILE P 466 51.14 49.95 18.24
CA ILE P 466 52.03 49.72 17.10
C ILE P 466 52.05 50.94 16.18
N GLN P 467 50.87 51.50 15.90
CA GLN P 467 50.79 52.64 15.01
C GLN P 467 51.52 53.85 15.59
N ALA P 468 51.35 54.10 16.89
CA ALA P 468 52.03 55.22 17.51
C ALA P 468 53.54 55.03 17.48
N GLU P 469 54.02 53.82 17.78
CA GLU P 469 55.45 53.58 17.74
C GLU P 469 56.01 53.75 16.32
N HIS P 470 55.29 53.26 15.32
CA HIS P 470 55.75 53.42 13.95
C HIS P 470 55.77 54.89 13.53
N SER P 471 54.74 55.65 13.91
CA SER P 471 54.69 57.04 13.52
C SER P 471 55.75 57.87 14.24
N GLU P 472 56.10 57.51 15.47
CA GLU P 472 57.07 58.29 16.21
C GLU P 472 58.46 58.23 15.58
N SER P 473 58.88 57.05 15.13
CA SER P 473 60.25 56.85 14.65
C SER P 473 60.36 56.38 13.22
N GLY P 474 59.32 55.79 12.64
CA GLY P 474 59.42 55.25 11.31
C GLY P 474 60.00 53.85 11.23
N GLN P 475 60.37 53.25 12.36
CA GLN P 475 60.88 51.90 12.36
C GLN P 475 59.80 50.92 11.94
N LEU P 476 60.20 49.89 11.20
CA LEU P 476 59.28 48.85 10.76
C LEU P 476 58.97 47.94 11.95
N VAL P 477 58.06 48.41 12.79
CA VAL P 477 57.73 47.74 14.04
C VAL P 477 56.50 46.88 13.84
N GLY P 478 56.52 45.68 14.43
CA GLY P 478 55.42 44.75 14.34
C GLY P 478 54.99 44.26 15.71
N VAL P 479 54.01 43.37 15.70
CA VAL P 479 53.42 42.86 16.94
C VAL P 479 54.36 41.84 17.56
N ASP P 480 54.66 42.01 18.84
CA ASP P 480 55.40 41.02 19.60
C ASP P 480 54.40 40.05 20.21
N LEU P 481 54.43 38.80 19.76
CA LEU P 481 53.40 37.84 20.13
C LEU P 481 53.49 37.39 21.59
N ASN P 482 54.55 37.75 22.29
CA ASN P 482 54.69 37.39 23.70
C ASN P 482 54.25 38.50 24.65
N THR P 483 54.57 39.75 24.35
CA THR P 483 54.25 40.87 25.22
C THR P 483 53.23 41.83 24.64
N GLY P 484 53.05 41.85 23.32
CA GLY P 484 52.15 42.79 22.69
C GLY P 484 52.76 44.15 22.39
N GLU P 485 53.98 44.40 22.84
CA GLU P 485 54.65 45.65 22.58
C GLU P 485 55.15 45.70 21.14
N PRO P 486 55.42 46.90 20.61
CA PRO P 486 56.06 46.98 19.29
C PRO P 486 57.45 46.38 19.31
N MET P 487 57.83 45.80 18.18
CA MET P 487 59.14 45.18 18.03
C MET P 487 59.57 45.32 16.57
N VAL P 488 60.86 45.58 16.38
CA VAL P 488 61.41 45.71 15.03
C VAL P 488 61.60 44.31 14.47
N ALA P 489 60.85 43.97 13.41
CA ALA P 489 60.88 42.62 12.87
C ALA P 489 62.23 42.31 12.26
N ALA P 490 62.87 43.29 11.61
CA ALA P 490 64.15 43.04 10.96
C ALA P 490 65.22 42.65 11.97
N GLU P 491 65.27 43.34 13.11
CA GLU P 491 66.30 43.05 14.10
C GLU P 491 66.04 41.73 14.82
N VAL P 492 64.77 41.42 15.10
CA VAL P 492 64.44 40.18 15.79
C VAL P 492 64.68 38.98 14.88
N GLY P 493 64.29 39.09 13.61
CA GLY P 493 64.49 38.00 12.68
C GLY P 493 63.20 37.36 12.20
N VAL P 494 62.14 38.15 12.08
CA VAL P 494 60.86 37.70 11.55
C VAL P 494 60.73 38.24 10.14
N TRP P 495 60.72 37.33 9.15
CA TRP P 495 60.81 37.71 7.75
C TRP P 495 59.64 37.12 6.98
N ASP P 496 59.21 37.84 5.95
CA ASP P 496 58.24 37.35 4.99
C ASP P 496 58.81 37.46 3.58
N ASN P 497 58.32 36.61 2.69
CA ASN P 497 58.78 36.62 1.31
C ASN P 497 58.17 37.81 0.57
N TYR P 498 59.01 38.54 -0.15
CA TYR P 498 58.54 39.69 -0.92
C TYR P 498 57.55 39.27 -2.00
N CYS P 499 57.85 38.16 -2.68
CA CYS P 499 56.94 37.66 -3.71
C CYS P 499 55.60 37.28 -3.11
N VAL P 500 55.62 36.70 -1.91
CA VAL P 500 54.36 36.31 -1.26
C VAL P 500 53.51 37.55 -0.99
N LYS P 501 54.12 38.61 -0.47
CA LYS P 501 53.37 39.83 -0.19
C LYS P 501 52.83 40.46 -1.47
N LYS P 502 53.65 40.52 -2.52
CA LYS P 502 53.19 41.12 -3.78
C LYS P 502 52.03 40.33 -4.37
N GLN P 503 52.15 39.01 -4.39
CA GLN P 503 51.08 38.17 -4.90
C GLN P 503 49.83 38.31 -4.04
N LEU P 504 50.00 38.42 -2.72
CA LEU P 504 48.88 38.63 -1.83
C LEU P 504 48.13 39.90 -2.19
N LEU P 505 48.85 41.01 -2.32
CA LEU P 505 48.20 42.27 -2.66
C LEU P 505 47.48 42.17 -4.00
N HIS P 506 48.17 41.66 -5.02
CA HIS P 506 47.58 41.59 -6.36
C HIS P 506 46.31 40.74 -6.36
N SER P 507 46.41 39.51 -5.85
CA SER P 507 45.29 38.58 -5.90
C SER P 507 44.12 39.06 -5.06
N CYS P 508 44.40 39.54 -3.83
CA CYS P 508 43.32 40.02 -2.98
C CYS P 508 42.60 41.19 -3.62
N THR P 509 43.35 42.16 -4.14
CA THR P 509 42.71 43.31 -4.77
C THR P 509 41.87 42.87 -5.97
N VAL P 510 42.41 41.98 -6.81
CA VAL P 510 41.70 41.58 -8.01
C VAL P 510 40.39 40.88 -7.65
N ILE P 511 40.46 39.91 -6.73
CA ILE P 511 39.28 39.13 -6.41
C ILE P 511 38.24 39.97 -5.68
N ALA P 512 38.69 40.85 -4.77
CA ALA P 512 37.74 41.71 -4.07
C ALA P 512 37.06 42.67 -5.04
N THR P 513 37.83 43.27 -5.94
CA THR P 513 37.25 44.19 -6.93
C THR P 513 36.25 43.46 -7.81
N ASN P 514 36.58 42.24 -8.26
CA ASN P 514 35.66 41.50 -9.10
C ASN P 514 34.38 41.13 -8.34
N ILE P 515 34.51 40.68 -7.08
CA ILE P 515 33.34 40.28 -6.31
C ILE P 515 32.44 41.49 -6.04
N LEU P 516 33.04 42.64 -5.74
CA LEU P 516 32.25 43.83 -5.42
C LEU P 516 31.37 44.26 -6.58
N LEU P 517 31.76 43.93 -7.81
CA LEU P 517 31.02 44.35 -8.99
C LEU P 517 29.93 43.36 -9.40
N VAL P 518 29.73 42.29 -8.63
CA VAL P 518 28.70 41.31 -8.94
C VAL P 518 27.35 41.86 -8.48
N ASP P 519 26.39 41.91 -9.41
CA ASP P 519 25.07 42.41 -9.11
C ASP P 519 23.97 41.36 -9.19
N GLU P 520 24.28 40.15 -9.64
CA GLU P 520 23.26 39.11 -9.76
C GLU P 520 23.93 37.75 -9.84
N ILE P 521 23.37 36.78 -9.12
CA ILE P 521 23.86 35.41 -9.11
C ILE P 521 22.74 34.51 -9.61
N MET P 522 23.05 33.67 -10.60
CA MET P 522 22.06 32.82 -11.23
C MET P 522 22.40 31.35 -11.07
N ARG P 523 21.37 30.51 -11.13
CA ARG P 523 21.54 29.07 -11.30
C ARG P 523 20.36 28.60 -12.14
N ALA P 524 20.57 28.55 -13.45
CA ALA P 524 19.50 28.26 -14.40
C ALA P 524 19.91 27.17 -15.38
N GLY P 525 20.85 26.32 -15.00
CA GLY P 525 21.25 25.21 -15.85
C GLY P 525 20.35 24.00 -15.79
N MET P 526 19.45 23.95 -14.81
CA MET P 526 18.54 22.81 -14.70
C MET P 526 17.46 22.89 -15.77
N SER P 527 16.77 21.76 -15.96
CA SER P 527 15.73 21.63 -16.97
C SER P 527 16.23 22.00 -18.36
N LEU Q 48 -22.04 -30.18 -3.86
CA LEU Q 48 -20.66 -30.37 -3.46
C LEU Q 48 -20.04 -31.57 -4.18
N ALA Q 49 -20.66 -31.96 -5.30
CA ALA Q 49 -20.22 -33.09 -6.09
C ALA Q 49 -20.02 -32.63 -7.54
N GLY Q 50 -19.78 -33.59 -8.43
CA GLY Q 50 -19.48 -33.27 -9.81
C GLY Q 50 -18.18 -32.52 -10.00
N GLU Q 51 -17.12 -32.98 -9.32
CA GLU Q 51 -15.82 -32.31 -9.43
C GLU Q 51 -15.29 -32.34 -10.85
N GLY Q 52 -15.57 -33.41 -11.59
CA GLY Q 52 -15.25 -33.45 -13.01
C GLY Q 52 -16.23 -32.60 -13.79
N ILE Q 53 -16.13 -31.28 -13.61
CA ILE Q 53 -17.15 -30.36 -14.13
C ILE Q 53 -17.18 -30.41 -15.65
N SER Q 54 -16.02 -30.41 -16.30
CA SER Q 54 -15.93 -30.35 -17.76
C SER Q 54 -16.74 -29.16 -18.28
N VAL Q 55 -16.27 -27.97 -17.92
CA VAL Q 55 -17.06 -26.75 -18.04
C VAL Q 55 -17.56 -26.57 -19.47
N ASN Q 56 -18.79 -26.10 -19.59
CA ASN Q 56 -19.49 -25.98 -20.86
C ASN Q 56 -19.02 -24.71 -21.59
N THR Q 57 -19.79 -24.31 -22.60
CA THR Q 57 -19.49 -23.10 -23.38
C THR Q 57 -19.64 -21.82 -22.57
N GLY Q 58 -19.89 -21.91 -21.27
CA GLY Q 58 -20.02 -20.74 -20.43
C GLY Q 58 -18.82 -19.80 -20.49
N PRO Q 59 -17.61 -20.34 -20.24
CA PRO Q 59 -16.41 -19.50 -20.41
C PRO Q 59 -16.25 -18.93 -21.80
N LYS Q 60 -16.72 -19.65 -22.83
CA LYS Q 60 -16.73 -19.09 -24.17
C LYS Q 60 -17.65 -17.87 -24.24
N GLY Q 61 -18.80 -17.93 -23.57
CA GLY Q 61 -19.70 -16.80 -23.56
C GLY Q 61 -19.16 -15.59 -22.82
N VAL Q 62 -18.23 -15.80 -21.88
CA VAL Q 62 -17.66 -14.71 -21.11
C VAL Q 62 -16.17 -14.63 -21.40
N ILE Q 63 -15.76 -15.01 -22.61
CA ILE Q 63 -14.35 -14.91 -22.98
C ILE Q 63 -13.92 -13.46 -23.10
N ASN Q 64 -14.84 -12.57 -23.50
CA ASN Q 64 -14.50 -11.15 -23.61
C ASN Q 64 -14.14 -10.56 -22.25
N ASP Q 65 -14.93 -10.88 -21.23
CA ASP Q 65 -14.65 -10.36 -19.90
C ASP Q 65 -13.34 -10.89 -19.35
N TRP Q 66 -13.02 -12.15 -19.64
CA TRP Q 66 -11.75 -12.71 -19.21
C TRP Q 66 -10.58 -12.03 -19.92
N ARG Q 67 -10.66 -11.90 -21.24
CA ARG Q 67 -9.56 -11.34 -22.03
C ARG Q 67 -9.34 -9.87 -21.71
N ARG Q 68 -10.41 -9.11 -21.44
CA ARG Q 68 -10.27 -7.69 -21.16
C ARG Q 68 -9.37 -7.44 -19.95
N PHE Q 69 -9.59 -8.20 -18.88
CA PHE Q 69 -8.73 -8.09 -17.71
C PHE Q 69 -7.39 -8.79 -17.91
N LYS Q 70 -7.37 -9.87 -18.69
CA LYS Q 70 -6.15 -10.64 -18.86
C LYS Q 70 -5.09 -9.84 -19.61
N GLN Q 71 -5.49 -9.07 -20.62
CA GLN Q 71 -4.51 -8.27 -21.37
C GLN Q 71 -3.89 -7.20 -20.48
N LEU Q 72 -4.71 -6.50 -19.69
CA LEU Q 72 -4.18 -5.49 -18.78
C LEU Q 72 -3.27 -6.12 -17.73
N GLU Q 73 -3.67 -7.28 -17.20
CA GLU Q 73 -2.82 -7.97 -16.23
C GLU Q 73 -1.50 -8.38 -16.86
N THR Q 74 -1.53 -8.87 -18.09
CA THR Q 74 -0.30 -9.24 -18.78
C THR Q 74 0.62 -8.03 -18.95
N GLU Q 75 0.05 -6.90 -19.39
CA GLU Q 75 0.84 -5.68 -19.55
C GLU Q 75 1.47 -5.27 -18.21
N GLN Q 76 0.70 -5.36 -17.13
CA GLN Q 76 1.25 -5.10 -15.81
C GLN Q 76 2.37 -6.09 -15.49
N ARG Q 77 2.25 -7.33 -15.96
CA ARG Q 77 3.33 -8.30 -15.75
C ARG Q 77 4.60 -7.90 -16.47
N GLU Q 78 4.51 -7.44 -17.73
CA GLU Q 78 5.75 -7.01 -18.40
C GLU Q 78 6.32 -5.76 -17.73
N GLU Q 79 5.45 -4.85 -17.27
CA GLU Q 79 5.95 -3.68 -16.54
C GLU Q 79 6.68 -4.11 -15.26
N GLN Q 80 6.10 -5.06 -14.53
CA GLN Q 80 6.73 -5.55 -13.31
C GLN Q 80 8.06 -6.24 -13.62
N CYS Q 81 8.10 -7.04 -14.69
CA CYS Q 81 9.34 -7.70 -15.07
C CYS Q 81 10.41 -6.68 -15.44
N ARG Q 82 10.02 -5.62 -16.13
CA ARG Q 82 10.97 -4.57 -16.46
C ARG Q 82 11.50 -3.88 -15.21
N GLU Q 83 10.64 -3.63 -14.22
CA GLU Q 83 11.11 -2.93 -13.04
C GLU Q 83 11.93 -3.83 -12.11
N MET Q 84 11.65 -5.13 -12.05
CA MET Q 84 12.38 -6.02 -11.14
C MET Q 84 13.35 -6.93 -11.87
N GLU Q 85 13.67 -6.67 -13.14
CA GLU Q 85 14.70 -7.46 -13.80
C GLU Q 85 16.05 -7.29 -13.10
N ARG Q 86 16.24 -6.18 -12.39
CA ARG Q 86 17.39 -6.02 -11.50
C ARG Q 86 17.02 -6.47 -10.09
N LEU Q 87 15.93 -5.92 -9.54
CA LEU Q 87 15.38 -6.28 -8.24
C LEU Q 87 16.35 -6.00 -7.09
N ILE Q 88 17.47 -5.33 -7.37
CA ILE Q 88 18.53 -5.08 -6.40
C ILE Q 88 18.99 -6.40 -5.82
N LYS Q 89 19.68 -7.21 -6.64
CA LYS Q 89 20.17 -8.51 -6.18
C LYS Q 89 21.35 -8.38 -5.23
N LYS Q 90 21.98 -7.21 -5.17
CA LYS Q 90 23.13 -6.99 -4.29
C LYS Q 90 22.71 -6.57 -2.88
N LEU Q 91 21.48 -6.88 -2.47
CA LEU Q 91 21.01 -6.56 -1.13
C LEU Q 91 21.81 -7.33 -0.08
N PHE Q 136 54.43 7.89 -11.89
CA PHE Q 136 53.14 8.01 -11.21
C PHE Q 136 51.98 7.93 -12.20
N LEU Q 137 52.04 6.92 -13.06
CA LEU Q 137 50.98 6.72 -14.06
C LEU Q 137 49.62 6.48 -13.41
N GLN Q 138 49.61 5.92 -12.20
CA GLN Q 138 48.36 5.64 -11.52
C GLN Q 138 47.61 6.90 -11.10
N GLN Q 139 48.24 8.07 -11.18
CA GLN Q 139 47.60 9.32 -10.80
C GLN Q 139 46.45 9.71 -11.73
N TYR Q 140 46.32 9.04 -12.88
CA TYR Q 140 45.34 9.40 -13.90
C TYR Q 140 45.58 10.83 -14.39
N ARG Q 141 46.74 11.02 -15.02
CA ARG Q 141 47.18 12.35 -15.41
C ARG Q 141 46.26 12.96 -16.47
N LYS Q 142 45.67 12.13 -17.34
CA LYS Q 142 44.84 12.63 -18.42
C LYS Q 142 43.55 13.30 -17.95
N GLN Q 143 43.30 13.32 -16.64
CA GLN Q 143 42.02 13.80 -16.13
C GLN Q 143 41.76 15.25 -16.53
N ARG Q 144 42.70 16.15 -16.22
CA ARG Q 144 42.44 17.56 -16.44
C ARG Q 144 42.50 17.92 -17.93
N MET Q 145 43.37 17.27 -18.70
CA MET Q 145 43.39 17.56 -20.13
C MET Q 145 42.12 17.09 -20.81
N GLU Q 146 41.59 15.92 -20.42
CA GLU Q 146 40.32 15.48 -20.97
C GLU Q 146 39.17 16.37 -20.49
N GLU Q 147 39.26 16.87 -19.26
CA GLU Q 147 38.27 17.82 -18.77
C GLU Q 147 38.26 19.09 -19.61
N MET Q 148 39.44 19.62 -19.92
CA MET Q 148 39.54 20.81 -20.76
C MET Q 148 39.02 20.52 -22.17
N ARG Q 149 39.33 19.33 -22.70
CA ARG Q 149 38.78 18.91 -23.98
C ARG Q 149 37.26 18.84 -23.96
N GLN Q 150 36.68 18.51 -22.80
CA GLN Q 150 35.22 18.41 -22.70
C GLN Q 150 34.53 19.75 -22.90
N GLN Q 151 35.13 20.84 -22.41
CA GLN Q 151 34.53 22.16 -22.58
C GLN Q 151 34.47 22.60 -24.03
N LEU Q 152 35.29 21.99 -24.91
CA LEU Q 152 35.23 22.30 -26.35
C LEU Q 152 34.10 21.49 -26.98
N HIS Q 153 32.88 21.81 -26.56
CA HIS Q 153 31.69 21.14 -27.03
C HIS Q 153 31.28 21.64 -28.41
N PHE Q 158 22.76 23.23 -24.72
CA PHE Q 158 23.44 21.97 -24.46
C PHE Q 158 22.45 20.89 -24.06
N LYS Q 159 21.16 21.15 -24.33
CA LYS Q 159 20.04 20.25 -24.06
C LYS Q 159 20.00 19.83 -22.59
N GLN Q 160 19.09 18.91 -22.24
CA GLN Q 160 18.95 18.42 -20.88
C GLN Q 160 18.72 16.92 -20.91
N VAL Q 161 19.16 16.25 -19.84
CA VAL Q 161 18.97 14.81 -19.74
C VAL Q 161 17.48 14.50 -19.69
N PHE Q 162 17.08 13.43 -20.39
CA PHE Q 162 15.67 13.13 -20.56
C PHE Q 162 15.03 12.72 -19.24
N GLU Q 163 13.73 13.02 -19.11
CA GLU Q 163 12.92 12.62 -17.98
C GLU Q 163 11.69 11.89 -18.49
N ILE Q 164 11.41 10.72 -17.93
CA ILE Q 164 10.26 9.93 -18.35
C ILE Q 164 9.28 9.78 -17.20
N SER Q 166 6.50 8.18 -17.06
CA SER Q 166 5.41 7.22 -17.11
C SER Q 166 5.94 5.80 -17.26
N GLY Q 167 5.19 4.83 -16.73
CA GLY Q 167 5.59 3.44 -16.89
C GLY Q 167 5.61 2.99 -18.33
N GLU Q 168 4.58 3.37 -19.10
CA GLU Q 168 4.57 3.06 -20.53
C GLU Q 168 5.72 3.76 -21.25
N GLY Q 169 6.11 4.95 -20.78
CA GLY Q 169 7.29 5.60 -21.33
C GLY Q 169 8.55 4.78 -21.10
N PHE Q 170 8.70 4.24 -19.89
CA PHE Q 170 9.83 3.35 -19.62
C PHE Q 170 9.78 2.12 -20.51
N LEU Q 171 8.59 1.55 -20.69
CA LEU Q 171 8.46 0.35 -21.51
C LEU Q 171 8.86 0.60 -22.96
N ASP Q 172 8.29 1.63 -23.59
CA ASP Q 172 8.59 1.88 -25.00
C ASP Q 172 9.91 2.62 -25.19
N MET Q 173 10.55 3.06 -24.11
CA MET Q 173 11.89 3.61 -24.21
C MET Q 173 12.94 2.52 -24.42
N ILE Q 174 12.63 1.29 -24.01
CA ILE Q 174 13.48 0.14 -24.28
C ILE Q 174 12.96 -0.68 -25.45
N ASP Q 175 11.63 -0.79 -25.57
CA ASP Q 175 11.05 -1.60 -26.63
C ASP Q 175 11.38 -1.06 -28.02
N LYS Q 176 11.32 0.27 -28.18
CA LYS Q 176 11.55 0.86 -29.49
C LYS Q 176 13.03 0.74 -29.87
N GLU Q 177 13.29 -0.01 -30.94
CA GLU Q 177 14.63 -0.28 -31.47
C GLU Q 177 15.70 -0.44 -30.38
N ILE Q 181 23.47 1.06 -30.12
CA ILE Q 181 22.59 1.96 -29.41
C ILE Q 181 22.62 1.63 -27.91
N VAL Q 182 23.46 2.34 -27.17
CA VAL Q 182 23.62 2.12 -25.74
C VAL Q 182 22.71 3.08 -24.99
N ILE Q 183 22.08 2.58 -23.91
CA ILE Q 183 21.10 3.34 -23.14
C ILE Q 183 21.58 3.43 -21.70
N MET Q 184 21.44 4.63 -21.12
CA MET Q 184 21.75 4.87 -19.71
C MET Q 184 20.48 5.26 -18.98
N VAL Q 185 20.18 4.55 -17.88
CA VAL Q 185 18.99 4.80 -17.09
C VAL Q 185 19.42 5.01 -15.64
N HIS Q 186 18.92 6.08 -15.03
CA HIS Q 186 19.27 6.44 -13.66
C HIS Q 186 18.01 6.69 -12.84
N ILE Q 187 17.99 6.17 -11.62
CA ILE Q 187 16.88 6.32 -10.69
C ILE Q 187 17.29 7.28 -9.59
N TYR Q 188 16.52 8.35 -9.41
CA TYR Q 188 16.85 9.39 -8.46
C TYR Q 188 15.60 9.88 -7.75
N GLU Q 189 15.81 10.56 -6.64
CA GLU Q 189 14.74 11.20 -5.89
C GLU Q 189 15.24 12.52 -5.30
N ASP Q 190 14.31 13.46 -5.13
CA ASP Q 190 14.65 14.77 -4.58
C ASP Q 190 14.83 14.69 -3.06
N GLY Q 194 24.67 11.61 -3.89
CA GLY Q 194 25.24 12.30 -5.03
C GLY Q 194 24.41 12.19 -6.28
N THR Q 195 23.48 13.13 -6.46
CA THR Q 195 22.59 13.13 -7.61
C THR Q 195 22.92 14.23 -8.61
N GLU Q 196 23.05 15.48 -8.15
CA GLU Q 196 23.32 16.58 -9.07
C GLU Q 196 24.70 16.44 -9.71
N ALA Q 197 25.68 15.96 -8.95
CA ALA Q 197 27.03 15.80 -9.49
C ALA Q 197 27.04 14.82 -10.66
N MET Q 198 26.44 13.65 -10.48
CA MET Q 198 26.41 12.68 -11.57
C MET Q 198 25.46 13.10 -12.68
N ASN Q 199 24.43 13.87 -12.35
CA ASN Q 199 23.59 14.45 -13.38
C ASN Q 199 24.40 15.33 -14.32
N GLY Q 200 25.20 16.23 -13.75
CA GLY Q 200 26.08 17.05 -14.56
C GLY Q 200 27.13 16.22 -15.29
N CYS Q 201 27.63 15.17 -14.64
CA CYS Q 201 28.61 14.29 -15.28
C CYS Q 201 28.04 13.66 -16.55
N MET Q 202 26.86 13.05 -16.45
CA MET Q 202 26.28 12.41 -17.62
C MET Q 202 25.80 13.44 -18.65
N ILE Q 203 25.40 14.63 -18.21
CA ILE Q 203 25.10 15.69 -19.16
C ILE Q 203 26.33 16.04 -19.98
N CYS Q 204 27.49 16.17 -19.31
CA CYS Q 204 28.73 16.44 -20.04
C CYS Q 204 29.10 15.29 -20.96
N LEU Q 205 28.93 14.05 -20.49
CA LEU Q 205 29.24 12.88 -21.33
C LEU Q 205 28.32 12.80 -22.55
N ALA Q 206 27.09 13.29 -22.43
CA ALA Q 206 26.17 13.25 -23.56
C ALA Q 206 26.72 14.00 -24.77
N ALA Q 207 27.48 15.07 -24.54
CA ALA Q 207 28.11 15.78 -25.64
C ALA Q 207 29.20 14.95 -26.30
N GLU Q 208 29.97 14.21 -25.48
CA GLU Q 208 31.08 13.43 -26.02
C GLU Q 208 30.60 12.25 -26.84
N TYR Q 209 29.51 11.61 -26.42
CA TYR Q 209 29.01 10.38 -27.04
C TYR Q 209 27.56 10.59 -27.49
N PRO Q 210 27.35 11.09 -28.70
CA PRO Q 210 25.97 11.29 -29.18
C PRO Q 210 25.17 10.01 -29.29
N ALA Q 211 25.82 8.87 -29.54
CA ALA Q 211 25.10 7.62 -29.75
C ALA Q 211 24.42 7.11 -28.49
N VAL Q 212 24.75 7.65 -27.32
CA VAL Q 212 24.17 7.20 -26.07
C VAL Q 212 22.87 7.95 -25.83
N LYS Q 213 22.00 7.39 -24.99
CA LYS Q 213 20.67 7.90 -24.73
C LYS Q 213 20.48 8.12 -23.23
N PHE Q 214 21.39 8.88 -22.63
CA PHE Q 214 21.27 9.28 -21.23
C PHE Q 214 19.86 9.77 -20.92
N CYS Q 215 19.28 9.26 -19.84
CA CYS Q 215 17.94 9.65 -19.42
C CYS Q 215 17.81 9.45 -17.93
N LYS Q 216 16.67 9.89 -17.38
CA LYS Q 216 16.38 9.80 -15.97
C LYS Q 216 15.02 9.17 -15.76
N VAL Q 217 14.78 8.71 -14.53
CA VAL Q 217 13.48 8.15 -14.15
C VAL Q 217 13.36 8.23 -12.63
N LYS Q 218 12.17 8.55 -12.16
CA LYS Q 218 11.90 8.59 -10.73
C LYS Q 218 11.72 7.19 -10.18
N SER Q 219 11.96 7.04 -8.87
CA SER Q 219 11.75 5.74 -8.23
C SER Q 219 10.28 5.48 -7.97
N SER Q 220 9.49 6.52 -7.74
CA SER Q 220 8.06 6.33 -7.45
C SER Q 220 7.25 6.02 -8.70
N VAL Q 221 7.62 6.59 -9.85
CA VAL Q 221 6.84 6.39 -11.06
C VAL Q 221 6.90 4.95 -11.56
N ILE Q 222 7.91 4.19 -11.15
CA ILE Q 222 8.03 2.80 -11.57
C ILE Q 222 7.45 1.88 -10.50
N SER Q 226 10.14 0.93 -0.06
CA SER Q 226 10.84 2.06 0.54
C SER Q 226 12.35 1.89 0.44
N GLN Q 227 12.81 0.64 0.48
CA GLN Q 227 14.23 0.34 0.37
C GLN Q 227 14.80 0.64 -1.01
N PHE Q 228 13.94 0.91 -2.00
CA PHE Q 228 14.42 1.11 -3.36
C PHE Q 228 15.33 2.33 -3.47
N THR Q 229 14.98 3.42 -2.81
CA THR Q 229 15.72 4.67 -2.92
C THR Q 229 16.86 4.77 -1.92
N ARG Q 230 16.58 4.51 -0.64
CA ARG Q 230 17.60 4.68 0.39
C ARG Q 230 18.76 3.72 0.20
N ASN Q 231 18.46 2.47 -0.14
CA ASN Q 231 19.51 1.46 -0.33
C ASN Q 231 19.13 0.47 -1.41
N LEU Q 236 22.72 3.37 -12.25
CA LEU Q 236 23.03 3.42 -13.68
C LEU Q 236 22.66 2.10 -14.34
N LEU Q 237 21.49 2.06 -14.99
CA LEU Q 237 21.03 0.88 -15.69
C LEU Q 237 21.40 1.01 -17.16
N ILE Q 238 22.28 0.13 -17.64
CA ILE Q 238 22.79 0.18 -19.00
C ILE Q 238 22.02 -0.83 -19.84
N TYR Q 239 21.43 -0.36 -20.92
CA TYR Q 239 20.68 -1.20 -21.86
C TYR Q 239 21.28 -1.08 -23.25
N LYS Q 240 21.41 -2.22 -23.92
CA LYS Q 240 21.92 -2.25 -25.29
C LYS Q 240 21.13 -3.30 -26.05
N GLY Q 241 20.36 -2.87 -27.05
CA GLY Q 241 19.55 -3.79 -27.82
C GLY Q 241 18.32 -4.31 -27.12
N GLY Q 242 17.96 -3.73 -25.97
CA GLY Q 242 16.78 -4.15 -25.24
C GLY Q 242 17.05 -5.06 -24.06
N GLU Q 243 18.30 -5.42 -23.79
CA GLU Q 243 18.66 -6.27 -22.67
C GLU Q 243 19.65 -5.54 -21.76
N LEU Q 244 19.59 -5.87 -20.47
CA LEU Q 244 20.49 -5.26 -19.50
C LEU Q 244 21.92 -5.71 -19.75
N ILE Q 245 22.85 -4.76 -19.72
CA ILE Q 245 24.26 -5.05 -19.94
C ILE Q 245 25.05 -4.66 -18.69
N GLY Q 246 25.01 -3.37 -18.35
CA GLY Q 246 25.65 -2.88 -17.13
C GLY Q 246 24.63 -2.81 -16.00
N ASN Q 247 25.08 -3.16 -14.80
CA ASN Q 247 24.20 -3.30 -13.64
C ASN Q 247 24.81 -2.63 -12.43
N PHE Q 248 25.28 -1.39 -12.60
CA PHE Q 248 25.92 -0.64 -11.53
C PHE Q 248 24.94 0.38 -10.96
N VAL Q 249 24.72 0.31 -9.64
CA VAL Q 249 23.96 1.32 -8.92
C VAL Q 249 24.80 1.76 -7.73
N ARG Q 250 24.39 2.89 -7.14
CA ARG Q 250 25.12 3.48 -6.02
C ARG Q 250 26.57 3.75 -6.41
N VAL Q 251 26.76 4.27 -7.62
CA VAL Q 251 28.10 4.51 -8.15
C VAL Q 251 28.82 5.64 -7.44
N THR Q 252 28.13 6.41 -6.59
CA THR Q 252 28.81 7.42 -5.79
C THR Q 252 29.81 6.78 -4.83
N ASP Q 253 29.54 5.55 -4.38
CA ASP Q 253 30.47 4.84 -3.52
C ASP Q 253 31.76 4.52 -4.27
N GLN Q 254 31.65 4.11 -5.54
CA GLN Q 254 32.83 3.78 -6.34
C GLN Q 254 33.13 4.89 -7.34
N PHE Q 259 31.94 14.03 -7.51
CA PHE Q 259 32.86 13.54 -8.53
C PHE Q 259 32.57 14.17 -9.88
N PHE Q 260 33.58 14.21 -10.74
CA PHE Q 260 33.53 14.90 -12.02
C PHE Q 260 33.46 13.91 -13.18
N ALA Q 261 33.24 14.46 -14.37
CA ALA Q 261 32.75 13.68 -15.50
C ALA Q 261 33.74 12.62 -15.95
N VAL Q 262 35.02 13.00 -16.15
CA VAL Q 262 35.97 12.06 -16.74
C VAL Q 262 36.22 10.88 -15.82
N ASP Q 263 35.99 11.03 -14.51
CA ASP Q 263 36.07 9.87 -13.63
C ASP Q 263 35.01 8.84 -13.97
N LEU Q 264 33.77 9.29 -14.19
CA LEU Q 264 32.71 8.37 -14.63
C LEU Q 264 33.01 7.81 -16.01
N GLU Q 265 33.58 8.64 -16.90
CA GLU Q 265 33.97 8.17 -18.22
C GLU Q 265 34.96 7.01 -18.13
N ALA Q 266 36.00 7.17 -17.31
CA ALA Q 266 36.97 6.11 -17.13
C ALA Q 266 36.35 4.89 -16.45
N PHE Q 267 35.46 5.12 -15.48
CA PHE Q 267 34.80 4.03 -14.79
C PHE Q 267 33.99 3.17 -15.75
N LEU Q 268 33.27 3.79 -16.68
CA LEU Q 268 32.50 3.03 -17.64
C LEU Q 268 33.38 2.45 -18.75
N GLN Q 269 34.45 3.14 -19.14
CA GLN Q 269 35.30 2.66 -20.22
C GLN Q 269 36.19 1.49 -19.80
N GLU Q 270 36.52 1.39 -18.52
CA GLU Q 270 37.40 0.32 -18.05
C GLU Q 270 36.79 -1.06 -18.25
N PHE Q 271 35.47 -1.14 -18.43
CA PHE Q 271 34.77 -2.42 -18.52
C PHE Q 271 34.24 -2.69 -19.93
N GLY Q 272 34.72 -1.93 -20.92
CA GLY Q 272 34.28 -2.14 -22.30
C GLY Q 272 32.81 -1.87 -22.51
N LEU Q 273 32.25 -0.90 -21.79
CA LEU Q 273 30.84 -0.57 -21.90
C LEU Q 273 30.61 0.69 -22.74
N LEU Q 274 31.30 1.77 -22.42
CA LEU Q 274 31.17 2.99 -23.21
C LEU Q 274 31.78 2.79 -24.59
N PRO Q 275 31.09 3.17 -25.67
CA PRO Q 275 31.67 3.04 -27.00
C PRO Q 275 32.88 3.96 -27.16
N GLU Q 276 33.81 3.53 -28.02
CA GLU Q 276 34.99 4.32 -28.30
C GLU Q 276 34.61 5.63 -28.98
N LYS Q 277 35.26 6.71 -28.55
CA LYS Q 277 34.98 8.05 -29.09
C LYS Q 277 35.25 8.12 -30.58
N LEU Q 280 35.72 13.91 -35.56
CA LEU Q 280 34.52 14.74 -35.58
C LEU Q 280 34.90 16.22 -35.69
N VAL Q 281 34.28 16.91 -36.64
CA VAL Q 281 34.49 18.33 -36.84
C VAL Q 281 33.13 19.02 -36.84
N LEU Q 282 33.06 20.18 -36.19
CA LEU Q 282 31.81 20.92 -36.06
C LEU Q 282 31.59 21.74 -37.33
N THR Q 283 30.56 21.38 -38.10
CA THR Q 283 30.30 22.03 -39.37
C THR Q 283 29.64 23.39 -39.13
N SER Q 284 29.18 24.04 -40.19
CA SER Q 284 28.58 25.37 -40.06
C SER Q 284 27.31 25.29 -39.21
N VAL Q 285 26.26 24.66 -39.73
CA VAL Q 285 25.15 24.20 -38.91
C VAL Q 285 24.83 22.76 -39.28
N ARG Q 286 24.57 22.53 -40.57
CA ARG Q 286 24.29 21.20 -41.12
C ARG Q 286 24.20 21.37 -42.63
N ASN Q 287 24.06 20.24 -43.33
CA ASN Q 287 24.02 20.17 -44.78
C ASN Q 287 22.79 19.40 -45.28
N SER Q 288 22.34 18.39 -44.55
CA SER Q 288 21.34 17.45 -45.06
C SER Q 288 20.09 18.16 -45.53
N ALA Q 289 19.62 17.77 -46.71
CA ALA Q 289 18.38 18.28 -47.30
C ALA Q 289 17.34 17.21 -47.49
N THR Q 290 17.70 16.11 -48.16
CA THR Q 290 16.76 15.02 -48.44
C THR Q 290 17.55 13.81 -48.90
N CYS Q 291 16.88 12.65 -48.91
CA CYS Q 291 17.45 11.39 -49.40
C CYS Q 291 16.34 10.63 -50.12
N HIS Q 292 16.24 10.83 -51.43
CA HIS Q 292 15.21 10.19 -52.24
C HIS Q 292 15.73 10.12 -53.67
N SER Q 293 14.83 9.87 -54.62
CA SER Q 293 15.20 9.77 -56.02
C SER Q 293 15.63 11.16 -56.50
N GLU Q 294 16.94 11.39 -56.53
CA GLU Q 294 17.48 12.69 -56.85
C GLU Q 294 17.36 13.03 -58.34
N ASP Q 295 17.21 12.02 -59.20
CA ASP Q 295 17.32 12.10 -60.65
C ASP Q 295 18.75 12.39 -61.10
N SER Q 296 19.69 12.55 -60.16
CA SER Q 296 21.11 12.76 -60.44
C SER Q 296 21.35 14.04 -61.23
N ASP Q 297 22.62 14.39 -61.41
CA ASP Q 297 23.00 15.56 -62.20
C ASP Q 297 23.40 15.15 -63.62
N LEU Q 298 22.43 14.59 -64.34
CA LEU Q 298 22.68 14.15 -65.70
C LEU Q 298 23.19 15.31 -66.56
N GLU Q 299 24.24 15.04 -67.34
CA GLU Q 299 24.94 16.11 -68.03
C GLU Q 299 24.29 16.45 -69.39
N ILE Q 300 24.11 15.47 -70.26
CA ILE Q 300 23.46 15.68 -71.55
C ILE Q 300 23.06 14.33 -72.12
N ASP Q 301 22.11 14.35 -73.04
CA ASP Q 301 21.69 13.15 -73.77
C ASP Q 301 21.20 12.05 -72.84
N LYS R 96 -30.70 22.40 13.26
CA LYS R 96 -30.18 23.68 13.71
C LYS R 96 -29.59 23.56 15.11
N THR R 97 -28.37 23.04 15.19
CA THR R 97 -27.72 22.86 16.48
C THR R 97 -27.36 24.21 17.09
N ARG R 98 -27.47 24.29 18.42
CA ARG R 98 -27.07 25.48 19.16
C ARG R 98 -25.84 25.27 20.02
N ARG R 99 -25.46 24.02 20.28
CA ARG R 99 -24.31 23.72 21.11
C ARG R 99 -23.84 22.30 20.78
N THR R 100 -22.64 21.99 21.26
CA THR R 100 -22.05 20.66 21.06
C THR R 100 -21.46 20.17 22.37
N LEU R 101 -21.37 18.85 22.50
CA LEU R 101 -20.83 18.22 23.69
C LEU R 101 -19.75 17.23 23.29
N LYS R 102 -18.65 17.21 24.05
CA LYS R 102 -17.53 16.33 23.76
C LYS R 102 -17.15 15.52 25.00
N SER R 172 -27.78 8.22 32.65
CA SER R 172 -27.34 6.95 32.10
C SER R 172 -27.69 5.81 33.05
N VAL R 173 -27.47 4.57 32.60
CA VAL R 173 -27.69 3.40 33.45
C VAL R 173 -26.39 2.62 33.58
N TYR R 174 -25.93 2.04 32.48
CA TYR R 174 -24.68 1.29 32.48
C TYR R 174 -23.44 2.17 32.27
N PRO R 175 -23.41 3.06 31.25
CA PRO R 175 -22.21 3.89 31.06
C PRO R 175 -22.23 5.16 31.89
N LEU R 176 -21.25 6.04 31.65
CA LEU R 176 -21.13 7.34 32.35
C LEU R 176 -21.01 7.12 33.87
N THR R 177 -19.90 6.50 34.24
CA THR R 177 -19.65 6.13 35.62
C THR R 177 -19.68 7.34 36.55
N PHE R 178 -20.00 7.09 37.82
CA PHE R 178 -20.09 8.12 38.84
C PHE R 178 -18.69 8.46 39.35
N ASP R 179 -18.61 9.29 40.38
CA ASP R 179 -17.35 9.54 41.07
C ASP R 179 -17.36 9.04 42.51
N LYS R 180 -18.25 9.55 43.36
CA LYS R 180 -18.36 9.17 44.76
C LYS R 180 -19.49 9.98 45.39
N ASN R 181 -19.95 9.52 46.55
CA ASN R 181 -20.79 10.31 47.45
C ASN R 181 -22.16 10.66 46.87
N GLU R 182 -22.67 11.83 47.25
CA GLU R 182 -24.02 12.30 46.93
C GLU R 182 -25.09 11.36 47.48
N ASN R 183 -26.35 11.75 47.30
CA ASN R 183 -27.49 10.98 47.77
C ASN R 183 -28.23 10.40 46.58
N MET R 184 -28.53 9.10 46.64
CA MET R 184 -29.21 8.39 45.57
C MET R 184 -28.38 8.48 44.28
N ALA R 185 -28.93 8.05 43.15
CA ALA R 185 -28.23 8.01 41.87
C ALA R 185 -26.92 7.23 41.97
N ALA R 186 -26.87 6.25 42.87
CA ALA R 186 -25.71 5.39 42.98
C ALA R 186 -25.52 4.53 41.74
N LYS R 187 -26.59 4.27 40.99
CA LYS R 187 -26.53 3.58 39.70
C LYS R 187 -25.88 2.21 39.84
N LYS R 188 -26.18 1.52 40.94
CA LYS R 188 -25.71 0.15 41.13
C LYS R 188 -26.46 -0.75 40.17
N LYS R 189 -25.81 -1.10 39.06
CA LYS R 189 -26.49 -1.77 37.96
C LYS R 189 -25.88 -3.13 37.65
N SER R 190 -25.66 -3.95 38.68
CA SER R 190 -25.17 -5.31 38.50
C SER R 190 -26.17 -6.17 37.74
N VAL R 191 -27.29 -5.57 37.35
CA VAL R 191 -28.31 -6.28 36.57
C VAL R 191 -27.76 -6.74 35.23
N ALA R 192 -26.78 -6.04 34.68
CA ALA R 192 -26.31 -6.38 33.34
C ALA R 192 -25.49 -7.66 33.40
N MET R 193 -26.20 -8.80 33.39
CA MET R 193 -25.61 -10.13 33.44
C MET R 193 -26.26 -10.92 32.32
N HIS R 194 -25.49 -11.30 31.30
CA HIS R 194 -26.08 -11.95 30.15
C HIS R 194 -25.04 -12.81 29.45
N THR R 195 -25.52 -13.76 28.68
CA THR R 195 -24.65 -14.66 27.90
C THR R 195 -24.08 -13.98 26.66
N ASN R 196 -24.62 -12.84 26.24
CA ASN R 196 -24.15 -12.14 25.05
C ASN R 196 -24.16 -10.65 25.34
N TYR R 197 -23.98 -9.84 24.29
CA TYR R 197 -23.94 -8.40 24.45
C TYR R 197 -25.35 -7.82 24.53
N LEU R 198 -25.51 -6.80 25.38
CA LEU R 198 -26.77 -6.10 25.45
C LEU R 198 -26.90 -5.13 24.28
N SER R 199 -28.08 -5.10 23.66
CA SER R 199 -28.32 -4.19 22.55
C SER R 199 -28.94 -2.87 23.02
N ALA R 200 -30.10 -2.94 23.66
CA ALA R 200 -30.78 -1.75 24.15
C ALA R 200 -31.38 -2.04 25.52
N CYS R 201 -31.49 -0.99 26.34
CA CYS R 201 -32.12 -1.07 27.64
C CYS R 201 -33.00 0.15 27.84
N SER R 202 -34.05 -0.02 28.65
CA SER R 202 -34.97 1.07 28.90
C SER R 202 -35.68 0.83 30.24
N PHE R 203 -35.91 1.92 30.97
CA PHE R 203 -36.65 1.85 32.21
C PHE R 203 -38.16 1.92 31.96
N THR R 204 -38.92 1.17 32.75
CA THR R 204 -40.36 1.28 32.72
C THR R 204 -40.78 2.64 33.28
N ASN R 205 -41.97 3.10 32.88
CA ASN R 205 -42.49 4.38 33.36
C ASN R 205 -42.44 4.43 34.88
N SER R 206 -42.80 3.34 35.54
CA SER R 206 -42.49 3.15 36.94
C SER R 206 -41.06 2.64 37.05
N ASP R 207 -40.21 3.38 37.76
CA ASP R 207 -38.78 3.10 37.72
C ASP R 207 -38.38 1.95 38.63
N MET R 208 -39.04 0.80 38.48
CA MET R 208 -38.64 -0.42 39.17
C MET R 208 -38.39 -1.59 38.25
N GLN R 209 -38.69 -1.47 36.96
CA GLN R 209 -38.45 -2.54 36.00
C GLN R 209 -37.67 -1.99 34.81
N ILE R 210 -36.78 -2.82 34.25
CA ILE R 210 -36.03 -2.49 33.06
C ILE R 210 -36.11 -3.65 32.09
N LEU R 211 -35.90 -3.35 30.81
CA LEU R 211 -35.95 -4.33 29.75
C LEU R 211 -34.58 -4.45 29.09
N THR R 212 -34.10 -5.67 28.91
CA THR R 212 -32.81 -5.93 28.31
C THR R 212 -33.00 -6.75 27.04
N ALA R 213 -32.43 -6.27 25.94
CA ALA R 213 -32.44 -6.98 24.66
C ALA R 213 -31.00 -7.26 24.27
N SER R 214 -30.71 -8.52 23.97
CA SER R 214 -29.35 -8.96 23.67
C SER R 214 -29.31 -9.65 22.32
N GLY R 215 -28.10 -10.09 21.95
CA GLY R 215 -27.89 -10.78 20.68
C GLY R 215 -28.38 -12.21 20.65
N ASP R 216 -28.78 -12.76 21.79
CA ASP R 216 -29.35 -14.11 21.81
C ASP R 216 -30.74 -14.17 21.19
N GLY R 217 -31.34 -13.03 20.90
CA GLY R 217 -32.66 -12.99 20.31
C GLY R 217 -33.81 -13.02 21.30
N THR R 218 -33.53 -12.94 22.60
CA THR R 218 -34.56 -12.97 23.63
C THR R 218 -34.51 -11.68 24.42
N CYS R 219 -35.68 -11.05 24.59
CA CYS R 219 -35.81 -9.90 25.47
C CYS R 219 -36.09 -10.37 26.89
N ALA R 220 -35.55 -9.66 27.87
CA ALA R 220 -35.70 -10.02 29.27
C ALA R 220 -36.20 -8.82 30.05
N LEU R 221 -37.08 -9.08 31.01
CA LEU R 221 -37.63 -8.06 31.89
C LEU R 221 -37.10 -8.30 33.30
N TRP R 222 -36.52 -7.26 33.90
CA TRP R 222 -35.90 -7.37 35.21
C TRP R 222 -36.55 -6.41 36.18
N ASP R 223 -36.59 -6.81 37.45
CA ASP R 223 -37.10 -5.96 38.52
C ASP R 223 -35.92 -5.29 39.21
N VAL R 224 -35.91 -3.96 39.21
CA VAL R 224 -34.77 -3.22 39.75
C VAL R 224 -34.63 -3.46 41.25
N GLU R 225 -35.75 -3.43 41.98
CA GLU R 225 -35.71 -3.59 43.43
C GLU R 225 -35.15 -4.96 43.81
N SER R 226 -35.85 -6.03 43.42
CA SER R 226 -35.39 -7.37 43.76
C SER R 226 -34.08 -7.71 43.08
N GLY R 227 -33.92 -7.30 41.82
CA GLY R 227 -32.72 -7.61 41.07
C GLY R 227 -32.74 -8.94 40.36
N GLN R 228 -33.89 -9.60 40.27
CA GLN R 228 -34.00 -10.90 39.62
C GLN R 228 -34.86 -10.80 38.38
N LEU R 229 -34.64 -11.73 37.46
CA LEU R 229 -35.37 -11.75 36.20
C LEU R 229 -36.84 -12.03 36.46
N LEU R 230 -37.71 -11.34 35.72
CA LEU R 230 -39.15 -11.54 35.84
C LEU R 230 -39.65 -12.56 34.83
N GLN R 231 -39.45 -12.30 33.54
CA GLN R 231 -39.87 -13.23 32.50
C GLN R 231 -39.10 -12.94 31.22
N SER R 232 -38.67 -14.00 30.56
CA SER R 232 -37.97 -13.87 29.29
C SER R 232 -38.98 -13.87 28.14
N PHE R 233 -38.56 -13.34 27.00
CA PHE R 233 -39.42 -13.16 25.84
C PHE R 233 -38.80 -13.90 24.65
N HIS R 234 -39.14 -15.18 24.52
CA HIS R 234 -38.75 -15.93 23.33
C HIS R 234 -39.48 -15.37 22.11
N GLY R 235 -38.78 -15.34 20.98
CA GLY R 235 -39.24 -14.56 19.85
C GLY R 235 -38.24 -14.49 18.73
N HIS R 236 -37.90 -13.26 18.31
CA HIS R 236 -36.97 -13.01 17.21
C HIS R 236 -35.80 -13.99 17.23
N GLY R 237 -35.57 -14.62 16.08
CA GLY R 237 -34.45 -15.54 15.95
C GLY R 237 -33.11 -14.89 15.78
N ALA R 238 -33.07 -13.56 15.63
CA ALA R 238 -31.82 -12.85 15.45
C ALA R 238 -31.69 -11.75 16.49
N ASP R 239 -30.68 -10.89 16.35
CA ASP R 239 -30.43 -9.84 17.31
C ASP R 239 -31.61 -8.87 17.38
N VAL R 240 -32.01 -8.53 18.59
CA VAL R 240 -33.08 -7.56 18.84
C VAL R 240 -32.39 -6.22 19.10
N LEU R 241 -32.30 -5.40 18.06
CA LEU R 241 -31.56 -4.14 18.17
C LEU R 241 -32.41 -3.06 18.84
N CYS R 242 -33.54 -2.71 18.23
CA CYS R 242 -34.39 -1.65 18.75
C CYS R 242 -35.30 -2.18 19.85
N LEU R 243 -35.67 -1.29 20.76
CA LEU R 243 -36.51 -1.66 21.90
C LEU R 243 -37.13 -0.39 22.46
N ASP R 244 -38.45 -0.29 22.40
CA ASP R 244 -39.17 0.89 22.87
C ASP R 244 -40.24 0.46 23.86
N LEU R 245 -40.95 1.45 24.40
CA LEU R 245 -41.99 1.22 25.40
C LEU R 245 -43.20 2.09 25.08
N ALA R 246 -44.37 1.64 25.51
CA ALA R 246 -45.60 2.36 25.22
C ALA R 246 -45.60 3.70 25.96
N PRO R 247 -46.03 4.79 25.29
CA PRO R 247 -46.11 6.08 25.97
C PRO R 247 -47.20 6.07 27.03
N SER R 248 -48.40 5.65 26.64
CA SER R 248 -49.42 5.28 27.61
C SER R 248 -48.99 3.95 28.20
N GLU R 249 -48.33 4.01 29.36
CA GLU R 249 -47.55 2.89 29.86
C GLU R 249 -48.39 1.62 29.95
N THR R 250 -49.41 1.63 30.81
CA THR R 250 -50.34 0.54 31.05
C THR R 250 -49.62 -0.69 31.63
N GLY R 251 -48.29 -0.66 31.74
CA GLY R 251 -47.53 -1.78 32.25
C GLY R 251 -47.71 -3.05 31.46
N ASN R 252 -48.06 -2.94 30.18
CA ASN R 252 -48.40 -4.10 29.38
C ASN R 252 -47.47 -4.32 28.20
N THR R 253 -47.27 -3.32 27.35
CA THR R 253 -46.77 -3.53 26.00
C THR R 253 -45.45 -2.81 25.78
N PHE R 254 -44.50 -3.51 25.17
CA PHE R 254 -43.30 -2.91 24.62
C PHE R 254 -43.06 -3.54 23.25
N VAL R 255 -42.56 -2.75 22.31
CA VAL R 255 -42.31 -3.23 20.97
C VAL R 255 -40.84 -3.59 20.85
N SER R 256 -40.55 -4.55 19.97
CA SER R 256 -39.18 -5.02 19.77
C SER R 256 -38.95 -5.27 18.28
N GLY R 257 -37.68 -5.28 17.90
CA GLY R 257 -37.31 -5.55 16.52
C GLY R 257 -35.80 -5.51 16.38
N GLY R 258 -35.35 -5.91 15.20
CA GLY R 258 -33.93 -5.94 14.92
C GLY R 258 -33.56 -6.63 13.63
N CYS R 259 -32.55 -7.49 13.69
CA CYS R 259 -32.10 -8.22 12.51
C CYS R 259 -33.10 -9.27 12.05
N ASP R 260 -34.12 -9.56 12.85
CA ASP R 260 -35.12 -10.58 12.55
C ASP R 260 -36.11 -10.14 11.48
N LYS R 261 -35.89 -9.00 10.83
CA LYS R 261 -36.67 -8.53 9.68
C LYS R 261 -38.11 -8.19 10.04
N LYS R 262 -38.45 -8.11 11.33
CA LYS R 262 -39.84 -7.90 11.72
C LYS R 262 -39.88 -7.22 13.08
N ALA R 263 -41.04 -6.62 13.37
CA ALA R 263 -41.30 -5.96 14.64
C ALA R 263 -42.45 -6.66 15.34
N MET R 264 -42.24 -7.03 16.60
CA MET R 264 -43.21 -7.81 17.36
C MET R 264 -43.54 -7.09 18.66
N VAL R 265 -44.82 -7.14 19.04
CA VAL R 265 -45.33 -6.47 20.24
C VAL R 265 -45.68 -7.53 21.28
N TRP R 266 -45.35 -7.25 22.53
CA TRP R 266 -45.49 -8.20 23.62
C TRP R 266 -46.46 -7.67 24.67
N ASP R 267 -46.72 -8.50 25.68
CA ASP R 267 -47.60 -8.16 26.79
C ASP R 267 -47.06 -8.83 28.04
N MET R 268 -46.53 -8.04 28.98
CA MET R 268 -45.99 -8.61 30.21
C MET R 268 -47.06 -9.30 31.04
N ARG R 269 -48.33 -8.91 30.90
CA ARG R 269 -49.39 -9.54 31.68
C ARG R 269 -49.69 -10.95 31.21
N SER R 270 -49.22 -11.34 30.03
CA SER R 270 -49.42 -12.69 29.52
C SER R 270 -48.16 -13.33 28.94
N GLY R 271 -47.11 -12.56 28.68
CA GLY R 271 -45.90 -13.12 28.11
C GLY R 271 -46.09 -13.70 26.73
N GLN R 272 -46.80 -12.99 25.85
CA GLN R 272 -47.11 -13.47 24.52
C GLN R 272 -46.84 -12.38 23.50
N CYS R 273 -46.52 -12.80 22.28
CA CYS R 273 -46.36 -11.87 21.16
C CYS R 273 -47.74 -11.55 20.61
N VAL R 274 -48.31 -10.43 21.06
CA VAL R 274 -49.68 -10.10 20.70
C VAL R 274 -49.78 -9.70 19.23
N GLN R 275 -48.78 -8.98 18.73
CA GLN R 275 -48.82 -8.45 17.37
C GLN R 275 -47.46 -8.66 16.72
N ALA R 276 -47.48 -8.77 15.39
CA ALA R 276 -46.25 -9.00 14.62
C ALA R 276 -46.37 -8.34 13.26
N PHE R 277 -45.37 -7.54 12.91
CA PHE R 277 -45.33 -6.83 11.64
C PHE R 277 -44.03 -7.17 10.92
N GLU R 278 -44.12 -7.53 9.65
CA GLU R 278 -42.94 -7.88 8.85
C GLU R 278 -43.11 -7.30 7.45
N THR R 279 -42.60 -6.10 7.23
CA THR R 279 -42.62 -5.49 5.91
C THR R 279 -41.32 -4.78 5.56
N HIS R 280 -40.33 -4.74 6.44
CA HIS R 280 -39.06 -4.11 6.15
C HIS R 280 -38.07 -5.16 5.64
N GLU R 281 -37.44 -4.88 4.50
CA GLU R 281 -36.49 -5.80 3.90
C GLU R 281 -35.05 -5.51 4.32
N SER R 282 -34.83 -5.39 5.63
CA SER R 282 -33.49 -5.26 6.21
C SER R 282 -33.64 -5.37 7.72
N ASP R 283 -32.53 -5.16 8.42
CA ASP R 283 -32.53 -5.19 9.87
C ASP R 283 -33.16 -3.93 10.42
N ILE R 284 -34.06 -4.07 11.39
CA ILE R 284 -34.64 -2.93 12.07
C ILE R 284 -33.63 -2.34 13.03
N ASN R 285 -33.43 -1.02 12.97
CA ASN R 285 -32.43 -0.36 13.79
C ASN R 285 -33.03 0.37 14.98
N SER R 286 -34.03 1.21 14.75
CA SER R 286 -34.65 1.98 15.81
C SER R 286 -36.17 1.91 15.69
N VAL R 287 -36.85 2.09 16.82
CA VAL R 287 -38.30 2.04 16.87
C VAL R 287 -38.76 2.97 17.98
N ARG R 288 -39.94 3.55 17.80
CA ARG R 288 -40.50 4.45 18.79
C ARG R 288 -42.01 4.56 18.57
N TYR R 289 -42.76 4.60 19.66
CA TYR R 289 -44.21 4.74 19.57
C TYR R 289 -44.60 6.15 19.17
N TYR R 290 -45.70 6.25 18.43
CA TYR R 290 -46.31 7.56 18.20
C TYR R 290 -46.77 8.13 19.55
N PRO R 291 -46.69 9.44 19.73
CA PRO R 291 -47.03 10.03 21.04
C PRO R 291 -48.44 9.66 21.52
N SER R 292 -49.40 9.49 20.62
CA SER R 292 -50.72 9.03 21.05
C SER R 292 -50.66 7.63 21.63
N GLY R 293 -49.87 6.75 21.02
CA GLY R 293 -49.66 5.41 21.52
C GLY R 293 -50.30 4.29 20.71
N ASP R 294 -51.12 4.62 19.73
CA ASP R 294 -51.77 3.62 18.90
C ASP R 294 -51.00 3.33 17.60
N ALA R 295 -49.83 3.95 17.42
CA ALA R 295 -49.03 3.75 16.22
C ALA R 295 -47.57 3.86 16.61
N PHE R 296 -46.70 3.41 15.69
CA PHE R 296 -45.28 3.43 15.95
C PHE R 296 -44.52 3.20 14.65
N ALA R 297 -43.43 3.96 14.47
CA ALA R 297 -42.58 3.88 13.29
C ALA R 297 -41.26 3.21 13.65
N SER R 298 -40.57 2.71 12.62
CA SER R 298 -39.31 2.02 12.82
C SER R 298 -38.42 2.23 11.61
N GLY R 299 -37.16 2.61 11.86
CA GLY R 299 -36.17 2.69 10.80
C GLY R 299 -35.54 1.34 10.52
N SER R 300 -34.71 1.31 9.49
CA SER R 300 -34.06 0.07 9.09
C SER R 300 -32.81 0.37 8.30
N ASP R 301 -32.06 -0.69 7.99
CA ASP R 301 -30.80 -0.55 7.27
C ASP R 301 -30.99 -0.28 5.79
N ASP R 302 -32.17 -0.58 5.24
CA ASP R 302 -32.42 -0.33 3.82
C ASP R 302 -32.79 1.12 3.53
N ALA R 303 -32.55 2.02 4.49
CA ALA R 303 -32.91 3.44 4.35
C ALA R 303 -34.39 3.63 4.11
N THR R 304 -35.22 2.75 4.66
CA THR R 304 -36.67 2.85 4.55
C THR R 304 -37.26 2.99 5.95
N CYS R 305 -38.12 4.00 6.13
CA CYS R 305 -38.81 4.23 7.38
C CYS R 305 -40.30 4.33 7.11
N ARG R 306 -41.10 3.62 7.91
CA ARG R 306 -42.54 3.61 7.69
C ARG R 306 -43.26 3.45 9.03
N LEU R 307 -44.54 3.78 9.01
CA LEU R 307 -45.36 3.84 10.22
C LEU R 307 -46.27 2.62 10.29
N TYR R 308 -46.34 2.03 11.48
CA TYR R 308 -47.20 0.88 11.75
C TYR R 308 -48.41 1.33 12.55
N ASP R 309 -49.59 0.83 12.19
CA ASP R 309 -50.83 1.18 12.86
C ASP R 309 -51.33 -0.04 13.62
N LEU R 310 -51.50 0.11 14.94
CA LEU R 310 -51.97 -1.00 15.76
C LEU R 310 -53.47 -1.24 15.61
N ARG R 311 -54.25 -0.17 15.47
CA ARG R 311 -55.70 -0.33 15.37
C ARG R 311 -56.09 -1.08 14.11
N ALA R 312 -55.46 -0.76 12.98
CA ALA R 312 -55.74 -1.45 11.73
C ALA R 312 -54.84 -2.65 11.49
N ASP R 313 -53.82 -2.86 12.32
CA ASP R 313 -52.91 -4.00 12.21
C ASP R 313 -52.23 -4.08 10.86
N ARG R 314 -52.11 -2.95 10.15
CA ARG R 314 -51.57 -2.94 8.79
C ARG R 314 -50.70 -1.70 8.64
N GLU R 315 -50.34 -1.41 7.39
CA GLU R 315 -49.48 -0.27 7.07
C GLU R 315 -50.33 0.96 6.75
N VAL R 316 -49.73 2.14 6.92
CA VAL R 316 -50.38 3.40 6.60
C VAL R 316 -49.59 4.20 5.57
N ALA R 317 -48.27 4.27 5.72
CA ALA R 317 -47.45 5.03 4.79
C ALA R 317 -46.00 4.59 4.95
N ILE R 318 -45.20 4.88 3.92
CA ILE R 318 -43.76 4.62 3.91
C ILE R 318 -43.05 5.92 3.56
N TYR R 319 -42.02 6.26 4.34
CA TYR R 319 -41.28 7.50 4.16
C TYR R 319 -39.85 7.16 3.74
N SER R 320 -39.45 7.65 2.57
CA SER R 320 -38.11 7.40 2.05
C SER R 320 -37.76 8.39 0.94
N SER R 329 -29.91 5.62 12.05
CA SER R 329 -30.05 4.47 12.93
C SER R 329 -30.92 4.79 14.14
N SER R 330 -31.47 6.00 14.16
CA SER R 330 -32.35 6.45 15.23
C SER R 330 -33.60 7.07 14.63
N VAL R 331 -34.74 6.86 15.30
CA VAL R 331 -36.02 7.41 14.88
C VAL R 331 -36.67 8.08 16.07
N ASP R 332 -37.44 9.13 15.79
CA ASP R 332 -38.09 9.90 16.84
C ASP R 332 -39.27 10.65 16.26
N PHE R 333 -40.17 11.04 17.16
CA PHE R 333 -41.29 11.92 16.85
C PHE R 333 -41.08 13.26 17.53
N SER R 334 -41.86 14.25 17.10
CA SER R 334 -41.80 15.56 17.71
C SER R 334 -42.52 15.57 19.07
N LEU R 335 -42.33 16.65 19.82
CA LEU R 335 -43.12 16.85 21.02
C LEU R 335 -44.61 16.90 20.69
N SER R 336 -44.95 17.60 19.60
CA SER R 336 -46.32 17.55 19.09
C SER R 336 -46.61 16.20 18.45
N GLY R 337 -45.61 15.53 17.90
CA GLY R 337 -45.77 14.26 17.24
C GLY R 337 -46.02 14.32 15.75
N ARG R 338 -46.18 15.52 15.19
CA ARG R 338 -46.43 15.66 13.76
C ARG R 338 -45.16 15.59 12.92
N LEU R 339 -43.99 15.56 13.55
CA LEU R 339 -42.72 15.42 12.85
C LEU R 339 -42.08 14.08 13.18
N LEU R 340 -41.15 13.67 12.33
CA LEU R 340 -40.59 12.32 12.33
C LEU R 340 -39.06 12.37 12.23
N PHE R 341 -38.44 13.15 13.11
CA PHE R 341 -36.99 13.22 13.17
C PHE R 341 -36.37 11.83 13.17
N ALA R 342 -35.57 11.55 12.15
CA ALA R 342 -34.93 10.25 12.01
C ALA R 342 -33.49 10.42 11.56
N GLY R 343 -32.59 9.61 12.14
CA GLY R 343 -31.20 9.63 11.75
C GLY R 343 -30.93 8.58 10.69
N TYR R 344 -30.26 9.00 9.61
CA TYR R 344 -29.98 8.15 8.47
C TYR R 344 -28.48 7.87 8.37
N ASN R 345 -28.11 7.09 7.35
CA ASN R 345 -26.73 6.71 7.11
C ASN R 345 -25.96 7.72 6.27
N ASP R 346 -26.62 8.78 5.80
CA ASP R 346 -26.00 9.78 4.95
C ASP R 346 -25.41 10.94 5.75
N TYR R 347 -25.02 10.70 7.00
CA TYR R 347 -24.42 11.70 7.88
C TYR R 347 -25.36 12.86 8.18
N THR R 348 -26.64 12.70 7.90
CA THR R 348 -27.62 13.75 8.10
C THR R 348 -28.86 13.18 8.76
N ILE R 349 -29.62 14.06 9.41
CA ILE R 349 -30.89 13.70 10.03
C ILE R 349 -32.01 14.15 9.12
N ASN R 350 -32.99 13.27 8.89
CA ASN R 350 -34.09 13.53 7.97
C ASN R 350 -35.36 13.74 8.76
N VAL R 351 -36.10 14.79 8.41
CA VAL R 351 -37.37 15.12 9.03
C VAL R 351 -38.48 14.80 8.04
N TRP R 352 -39.44 13.98 8.47
CA TRP R 352 -40.50 13.50 7.60
C TRP R 352 -41.86 13.96 8.13
N ASP R 353 -42.77 14.21 7.20
CA ASP R 353 -44.14 14.61 7.52
C ASP R 353 -44.98 13.36 7.74
N VAL R 354 -45.50 13.20 8.96
CA VAL R 354 -46.30 12.01 9.26
C VAL R 354 -47.60 12.01 8.46
N LEU R 355 -48.18 13.19 8.22
CA LEU R 355 -49.45 13.24 7.51
C LEU R 355 -49.28 12.84 6.05
N LYS R 356 -48.29 13.41 5.37
CA LYS R 356 -48.08 13.16 3.95
C LYS R 356 -46.77 12.47 3.65
N GLY R 357 -45.65 13.00 4.14
CA GLY R 357 -44.35 12.48 3.79
C GLY R 357 -43.70 13.30 2.68
N SER R 358 -43.75 14.62 2.82
CA SER R 358 -43.26 15.53 1.79
C SER R 358 -41.82 15.97 2.01
N ARG R 359 -41.13 15.43 3.02
CA ARG R 359 -39.75 15.79 3.32
C ARG R 359 -39.62 17.29 3.57
N VAL R 360 -40.27 17.71 4.66
CA VAL R 360 -40.44 19.14 4.94
C VAL R 360 -39.09 19.83 5.07
N SER R 361 -38.12 19.19 5.70
CA SER R 361 -36.82 19.81 5.88
C SER R 361 -35.74 18.74 6.00
N ILE R 362 -34.50 19.14 5.73
CA ILE R 362 -33.33 18.30 5.92
C ILE R 362 -32.30 19.11 6.70
N LEU R 363 -31.63 18.43 7.64
CA LEU R 363 -30.63 19.08 8.47
C LEU R 363 -29.33 18.30 8.41
N PHE R 364 -28.26 18.93 8.88
CA PHE R 364 -26.93 18.34 8.82
C PHE R 364 -26.12 18.88 10.00
N GLY R 365 -24.84 18.53 10.04
CA GLY R 365 -23.97 19.01 11.09
C GLY R 365 -23.01 17.95 11.61
N HIS R 366 -23.41 16.69 11.54
CA HIS R 366 -22.56 15.59 12.00
C HIS R 366 -21.75 15.04 10.83
N GLU R 367 -20.43 14.99 11.00
CA GLU R 367 -19.53 14.53 9.96
C GLU R 367 -19.26 13.03 10.02
N ASN R 368 -20.17 12.26 10.62
CA ASN R 368 -20.02 10.81 10.69
C ASN R 368 -21.43 10.22 10.78
N ARG R 369 -21.50 8.91 11.06
CA ARG R 369 -22.78 8.24 11.18
C ARG R 369 -23.57 8.82 12.35
N VAL R 370 -24.84 9.11 12.10
CA VAL R 370 -25.72 9.69 13.11
C VAL R 370 -26.41 8.56 13.86
N SER R 371 -26.25 8.52 15.17
CA SER R 371 -26.86 7.49 16.00
C SER R 371 -27.46 8.07 17.26
N ALA R 381 -37.53 20.57 20.44
CA ALA R 381 -36.11 20.29 20.30
C ALA R 381 -35.78 18.91 20.84
N PHE R 382 -34.77 18.26 20.24
CA PHE R 382 -34.35 16.94 20.66
C PHE R 382 -32.85 16.80 20.48
N CYS R 383 -32.27 15.85 21.20
CA CYS R 383 -30.84 15.57 21.15
C CYS R 383 -30.60 14.15 20.67
N SER R 384 -29.67 13.99 19.74
CA SER R 384 -29.30 12.68 19.23
C SER R 384 -27.80 12.64 18.98
N GLY R 385 -27.17 11.54 19.35
CA GLY R 385 -25.73 11.40 19.21
C GLY R 385 -25.33 11.00 17.80
N SER R 386 -24.04 10.79 17.64
CA SER R 386 -23.46 10.40 16.36
C SER R 386 -22.09 9.79 16.60
N TRP R 387 -21.46 9.32 15.53
CA TRP R 387 -20.15 8.68 15.61
C TRP R 387 -19.00 9.66 15.39
N ASP R 388 -19.28 10.95 15.26
CA ASP R 388 -18.24 11.96 15.13
C ASP R 388 -17.79 12.53 16.47
N HIS R 389 -18.03 11.80 17.56
CA HIS R 389 -17.59 12.19 18.90
C HIS R 389 -18.17 13.54 19.33
N THR R 390 -19.38 13.85 18.87
CA THR R 390 -20.07 15.07 19.26
C THR R 390 -21.52 14.74 19.59
N LEU R 391 -22.11 15.57 20.46
CA LEU R 391 -23.47 15.37 20.97
C LEU R 391 -24.30 16.63 20.73
N ARG R 392 -24.25 17.15 19.50
CA ARG R 392 -24.96 18.38 19.17
C ARG R 392 -26.46 18.24 19.43
N VAL R 393 -27.06 19.31 19.95
CA VAL R 393 -28.50 19.36 20.22
C VAL R 393 -29.10 20.44 19.34
N TRP R 394 -30.09 20.07 18.54
CA TRP R 394 -30.69 20.98 17.58
C TRP R 394 -31.89 21.68 18.21
N ALA R 395 -32.05 22.97 17.87
CA ALA R 395 -33.16 23.76 18.37
C ALA R 395 -33.44 24.94 17.44
PB ADP S . 13.80 -3.71 54.86
O1B ADP S . 14.11 -5.18 54.67
O2B ADP S . 14.04 -2.86 53.63
O3B ADP S . 12.50 -3.42 55.56
PA ADP S . 16.45 -3.07 55.41
O1A ADP S . 16.58 -3.77 54.08
O2A ADP S . 16.86 -1.63 55.50
O3A ADP S . 14.93 -3.22 55.89
O5' ADP S . 17.25 -3.95 56.48
C5' ADP S . 18.19 -4.90 55.99
C4' ADP S . 18.90 -5.58 57.14
O4' ADP S . 19.98 -4.77 57.59
C3' ADP S . 18.00 -5.81 58.34
O3' ADP S . 17.64 -7.19 58.41
C2' ADP S . 18.83 -5.44 59.55
O2' ADP S . 19.02 -6.59 60.37
C1' ADP S . 20.17 -4.98 58.99
N9 ADP S . 20.59 -3.71 59.64
C8 ADP S . 19.83 -2.62 59.81
N7 ADP S . 20.53 -1.64 60.44
C5 ADP S . 21.77 -2.11 60.68
C6 ADP S . 23.01 -1.59 61.30
N6 ADP S . 23.06 -0.35 61.82
N1 ADP S . 24.08 -2.42 61.33
C2 ADP S . 24.04 -3.66 60.82
N3 ADP S . 22.95 -4.19 60.24
C4 ADP S . 21.81 -3.47 60.14
MG MG T . 13.97 -1.67 56.81
AL AF3 U . 11.57 -1.46 54.14
F1 AF3 U . 12.68 -0.89 55.35
F2 AF3 U . 9.82 -1.07 54.32
F3 AF3 U . 12.31 -2.02 52.70
PB ADP V . -37.17 -42.37 13.51
O1B ADP V . -35.92 -42.80 12.77
O2B ADP V . -37.20 -40.91 13.88
O3B ADP V . -38.44 -42.91 12.91
PA ADP V . -36.34 -44.52 15.15
O1A ADP V . -34.91 -44.44 14.69
O2A ADP V . -36.64 -44.94 16.57
O3A ADP V . -37.06 -43.11 14.93
O5' ADP V . -37.12 -45.56 14.19
C5' ADP V . -36.60 -45.86 12.90
C4' ADP V . -37.05 -47.25 12.47
O4' ADP V . -36.48 -48.26 13.32
C3' ADP V . -38.56 -47.42 12.57
O3' ADP V . -39.13 -47.38 11.25
C2' ADP V . -38.77 -48.79 13.18
O2' ADP V . -39.50 -49.62 12.27
C1' ADP V . -37.38 -49.36 13.40
N9 ADP V . -37.33 -50.02 14.73
C8 ADP V . -37.33 -49.39 15.92
N7 ADP V . -37.28 -50.29 16.93
C5 ADP V . -37.24 -51.51 16.40
C6 ADP V . -37.17 -52.90 16.91
N6 ADP V . -37.14 -53.16 18.23
N1 ADP V . -37.15 -53.90 16.00
C2 ADP V . -37.18 -53.66 14.68
N3 ADP V . -37.25 -52.43 14.15
C4 ADP V . -37.28 -51.33 14.95
MG MG W . -38.04 -43.24 16.68
AL AF3 X . -36.38 -40.24 15.21
F1 AF3 X . -36.78 -41.51 16.33
F2 AF3 X . -37.27 -38.69 15.34
F3 AF3 X . -34.85 -40.44 14.47
PB ADP Y . -8.94 -37.48 43.37
O1B ADP Y . -7.65 -37.39 42.58
O2B ADP Y . -9.98 -36.48 42.95
O3B ADP Y . -9.45 -38.89 43.56
PA ADP Y . -7.13 -37.37 45.54
O1A ADP Y . -5.99 -36.96 44.65
O2A ADP Y . -7.18 -36.82 46.96
O3A ADP Y . -8.54 -37.01 44.85
O5' ADP Y . -7.10 -38.97 45.66
C5' ADP Y . -6.54 -39.77 44.63
C4' ADP Y . -6.15 -41.14 45.18
O4' ADP Y . -5.03 -41.04 46.05
C3' ADP Y . -7.28 -41.77 45.99
O3' ADP Y . -7.83 -42.86 45.25
C2' ADP Y . -6.62 -42.31 47.25
O2' ADP Y . -6.85 -43.72 47.34
C1' ADP Y . -5.13 -42.03 47.07
N9 ADP Y . -4.52 -41.58 48.34
C8 ADP Y . -4.84 -40.47 49.03
N7 ADP Y . -4.09 -40.35 50.15
C5 ADP Y . -3.25 -41.40 50.18
C6 ADP Y . -2.18 -41.89 51.09
N6 ADP Y . -1.85 -41.20 52.21
N1 ADP Y . -1.56 -43.03 50.76
C2 ADP Y . -1.87 -43.71 49.65
N3 ADP Y . -2.82 -43.34 48.79
C4 ADP Y . -3.54 -42.21 49.00
MG MG Z . -9.51 -36.68 46.64
AL AF3 AA . -10.14 -34.14 43.95
F1 AF3 AA . -9.45 -34.46 42.40
F2 AF3 AA . -9.81 -35.27 45.31
F3 AF3 AA . -11.19 -32.79 44.00
PB ADP BA . -51.28 -19.96 -17.02
O1B ADP BA . -50.01 -20.61 -17.49
O2B ADP BA . -52.28 -19.69 -18.11
O3B ADP BA . -51.07 -18.82 -16.06
PA ADP BA . -51.96 -22.66 -16.44
O1A ADP BA . -50.53 -23.12 -16.57
O2A ADP BA . -52.87 -23.33 -15.45
O3A ADP BA . -51.99 -21.08 -16.10
O5' ADP BA . -52.66 -22.80 -17.88
C5' ADP BA . -51.89 -22.76 -19.08
C4' ADP BA . -52.67 -23.34 -20.25
O4' ADP BA . -52.89 -24.74 -20.07
C3' ADP BA . -54.04 -22.71 -20.40
O3' ADP BA . -54.05 -21.87 -21.56
C2' ADP BA . -55.00 -23.86 -20.62
O2' ADP BA . -55.69 -23.70 -21.85
C1' ADP BA . -54.12 -25.10 -20.66
N9 ADP BA . -54.75 -26.23 -19.94
C8 ADP BA . -55.10 -26.24 -18.63
N7 ADP BA . -55.66 -27.42 -18.28
C5 ADP BA . -55.69 -28.19 -19.38
C6 ADP BA . -56.15 -29.55 -19.71
N6 ADP BA . -56.71 -30.35 -18.77
N1 ADP BA . -56.00 -29.98 -20.98
C2 ADP BA . -55.45 -29.21 -21.92
N3 ADP BA . -55.00 -27.96 -21.69
C4 ADP BA . -55.10 -27.41 -20.47
MG MG CA . -53.81 -20.82 -15.20
AL AF3 DA . -51.03 -19.08 -13.52
F1 AF3 DA . -52.41 -19.97 -14.08
F2 AF3 DA . -51.29 -17.69 -12.42
F3 AF3 DA . -49.58 -19.45 -14.35
PB ADP EA . 21.77 34.34 42.65
O1B ADP EA . 22.21 32.92 42.93
O2B ADP EA . 20.59 34.47 41.72
O3B ADP EA . 21.72 35.22 43.87
PA ADP EA . 23.02 36.44 41.26
O1A ADP EA . 22.97 36.45 39.75
O2A ADP EA . 22.02 37.23 42.08
O3A ADP EA . 23.00 34.92 41.78
O5' ADP EA . 24.49 36.82 41.76
C5' ADP EA . 24.64 37.22 43.11
C4' ADP EA . 26.03 36.84 43.60
O4' ADP EA . 26.97 37.79 43.09
C3' ADP EA . 26.10 36.90 45.12
O3' ADP EA . 26.56 35.64 45.61
C2' ADP EA . 27.11 37.97 45.45
O2' ADP EA . 28.06 37.43 46.38
C1' ADP EA . 27.77 38.32 44.14
N9 ADP EA . 27.85 39.79 43.98
C8 ADP EA . 26.83 40.64 43.96
N7 ADP EA . 27.25 41.92 43.80
C5 ADP EA . 28.59 41.89 43.70
C6 ADP EA . 29.67 42.88 43.52
N6 ADP EA . 29.40 44.20 43.40
N1 ADP EA . 30.94 42.43 43.47
C2 ADP EA . 31.22 41.12 43.59
N3 ADP EA . 30.30 40.17 43.76
C4 ADP EA . 28.98 40.49 43.83
MG MG FA . 20.65 37.26 43.67
AL AF3 GA . 18.43 35.50 41.29
F1 AF3 GA . 19.00 34.15 40.37
F2 AF3 GA . 19.63 36.60 42.06
F3 AF3 GA . 16.76 35.41 41.70
PB ADP HA . -43.62 17.93 -31.50
O1B ADP HA . -42.51 17.26 -32.27
O2B ADP HA . -44.26 19.08 -32.23
O3B ADP HA . -43.30 18.20 -30.05
PA ADP HA . -44.70 15.39 -32.20
O1A ADP HA . -43.39 14.76 -31.80
O2A ADP HA . -45.99 14.68 -31.92
O3A ADP HA . -44.79 16.82 -31.44
O5' ADP HA . -44.66 15.72 -33.77
C5' ADP HA . -45.26 16.90 -34.30
C4' ADP HA . -45.11 16.95 -35.81
O4' ADP HA . -45.73 15.80 -36.41
C3' ADP HA . -45.81 18.16 -36.37
O3' ADP HA . -44.85 19.03 -37.00
C2' ADP HA . -46.78 17.66 -37.41
O2' ADP HA . -46.59 18.37 -38.63
C1' ADP HA . -46.44 16.18 -37.58
N9 ADP HA . -47.68 15.38 -37.72
C8 ADP HA . -48.56 15.11 -36.74
N7 ADP HA . -49.58 14.34 -37.20
C5 ADP HA . -49.36 14.12 -38.51
C6 ADP HA . -50.06 13.40 -39.59
N6 ADP HA . -51.22 12.74 -39.37
N1 ADP HA . -49.49 13.41 -40.82
C2 ADP HA . -48.34 14.06 -41.05
N3 ADP HA . -47.66 14.73 -40.12
C4 ADP HA . -48.11 14.80 -38.85
MG MG IA . -46.80 17.03 -30.85
AL AF3 JA . -44.04 16.24 -28.65
F1 AF3 JA . -42.77 15.50 -29.59
F2 AF3 JA . -45.69 16.38 -29.37
F3 AF3 JA . -43.50 17.04 -27.24
PB ADP KA . -20.78 50.61 -19.95
O1B ADP KA . -19.55 50.41 -19.10
O2B ADP KA . -21.96 49.74 -19.56
O3B ADP KA . -21.13 52.06 -20.20
PA ADP KA . -21.48 49.99 -22.56
O1A ADP KA . -21.48 48.62 -23.18
O2A ADP KA . -22.74 50.60 -22.02
O3A ADP KA . -20.36 50.06 -21.41
O5' ADP KA . -20.88 51.04 -23.61
C5' ADP KA . -21.59 52.26 -23.79
C4' ADP KA . -20.92 53.11 -24.85
O4' ADP KA . -21.44 52.76 -26.13
C3' ADP KA . -21.22 54.58 -24.63
O3' ADP KA . -20.01 55.28 -24.37
C2' ADP KA . -21.84 55.08 -25.92
O2' ADP KA . -21.13 56.24 -26.35
C1' ADP KA . -21.64 53.95 -26.91
N9 ADP KA . -22.83 53.81 -27.78
C8 ADP KA . -24.07 53.47 -27.42
N7 ADP KA . -24.91 53.44 -28.48
C5 ADP KA . -24.19 53.78 -29.57
C6 ADP KA . -24.45 53.96 -31.01
N6 ADP KA . -25.68 53.75 -31.54
N1 ADP KA . -23.42 54.32 -31.80
C2 ADP KA . -22.19 54.52 -31.30
N3 ADP KA . -21.88 54.39 -30.00
C4 ADP KA . -22.82 54.03 -29.10
MG MG LA . -23.50 51.16 -20.19
AL AF3 MA . -22.00 48.39 -17.61
F1 AF3 MA . -21.14 49.74 -16.95
F2 AF3 MA . -21.39 47.67 -19.13
F3 AF3 MA . -23.61 48.28 -17.05
PB ADP NA . 6.63 57.33 12.24
O1B ADP NA . 7.26 56.09 12.81
O2B ADP NA . 5.28 57.09 11.59
O3B ADP NA . 6.68 58.53 13.13
PA ADP NA . 7.17 58.91 10.02
O1A ADP NA . 7.00 58.36 8.63
O2A ADP NA . 6.06 59.72 10.66
O3A ADP NA . 7.58 57.72 11.01
O5' ADP NA . 8.50 59.80 10.05
C5' ADP NA . 8.50 61.08 9.43
C4' ADP NA . 9.79 61.82 9.76
O4' ADP NA . 10.09 62.70 8.69
C3' ADP NA . 9.64 62.64 11.02
O3' ADP NA . 10.67 62.29 11.95
C2' ADP NA . 9.82 64.09 10.61
O2' ADP NA . 10.85 64.70 11.39
C1' ADP NA . 10.23 64.05 9.14
N9 ADP NA . 9.32 64.90 8.34
C8 ADP NA . 7.98 64.85 8.39
N7 ADP NA . 7.43 65.75 7.53
C5 ADP NA . 8.45 66.40 6.92
C6 ADP NA . 8.56 67.47 5.92
N6 ADP NA . 7.46 68.05 5.37
N1 ADP NA . 9.81 67.85 5.55
C2 ADP NA . 10.90 67.28 6.08
N3 ADP NA . 10.87 66.31 7.00
C4 ADP NA . 9.68 65.83 7.46
MG MG OA . 4.83 59.01 12.05
AL AF3 PA . 4.05 55.26 12.82
F1 AF3 PA . 4.82 54.97 11.30
F2 AF3 PA . 2.29 55.55 12.87
F3 AF3 PA . 5.14 55.40 14.14
PB ADP QA . 1.20 25.94 -50.36
O1B ADP QA . 2.23 25.17 -51.13
O2B ADP QA . 1.57 26.16 -48.91
O3B ADP QA . -0.23 25.51 -50.58
PA ADP QA . 0.57 28.64 -50.23
O1A ADP QA . 1.65 29.58 -49.72
O2A ADP QA . -0.40 28.07 -49.24
O3A ADP QA . 1.25 27.42 -51.01
O5' ADP QA . -0.29 29.38 -51.37
C5' ADP QA . -1.65 29.70 -51.08
C4' ADP QA . -2.31 30.43 -52.23
O4' ADP QA . -1.97 31.82 -52.21
C3' ADP QA . -1.91 29.91 -53.59
O3' ADP QA . -2.99 29.17 -54.16
C2' ADP QA . -1.64 31.14 -54.44
O2' ADP QA . -2.49 31.12 -55.59
C1' ADP QA . -2.00 32.32 -53.54
N9 ADP QA . -1.05 33.44 -53.71
C8 ADP QA . 0.29 33.37 -53.65
N7 ADP QA . 0.84 34.59 -53.85
C5 ADP QA . -0.16 35.47 -54.03
C6 ADP QA . -0.28 36.92 -54.28
N6 ADP QA . 0.83 37.71 -54.39
N1 ADP QA . -1.52 37.44 -54.41
C2 ADP QA . -2.62 36.68 -54.30
N3 ADP QA . -2.59 35.35 -54.08
C4 ADP QA . -1.40 34.71 -53.95
MG MG RA . 3.12 27.03 -51.66
AL AF3 SA . 3.80 24.57 -49.17
F1 AF3 SA . 4.22 26.14 -49.76
F2 AF3 SA . 4.75 23.16 -49.74
F3 AF3 SA . 2.68 24.57 -47.89
PB ADP TA . -16.58 -46.12 -31.74
O1B ADP TA . -16.63 -47.63 -31.76
O2B ADP TA . -15.20 -45.52 -31.66
O3B ADP TA . -17.59 -45.48 -30.83
PA ADP TA . -18.60 -45.49 -33.64
O1A ADP TA . -18.61 -45.34 -35.14
O2A ADP TA . -19.19 -44.40 -32.78
O3A ADP TA . -17.06 -45.70 -33.23
O5' ADP TA . -19.35 -46.86 -33.30
C5' ADP TA . -20.02 -47.03 -32.05
C4' ADP TA . -21.05 -48.15 -32.16
O4' ADP TA . -22.06 -47.82 -33.11
C3' ADP TA . -20.45 -49.46 -32.60
O3' ADP TA . -20.37 -50.36 -31.49
C2' ADP TA . -21.41 -50.01 -33.63
O2' ADP TA . -21.90 -51.28 -33.19
C1' ADP TA . -22.55 -49.01 -33.71
N9 ADP TA . -22.94 -48.81 -35.13
C8 ADP TA . -22.19 -48.19 -36.07
N7 ADP TA . -22.85 -48.17 -37.25
C5 ADP TA . -24.04 -48.78 -37.08
C6 ADP TA . -25.21 -49.10 -37.93
N6 ADP TA . -25.24 -48.75 -39.23
N1 ADP TA . -26.23 -49.75 -37.35
C2 ADP TA . -26.21 -50.11 -36.06
N3 ADP TA . -25.18 -49.85 -35.23
C4 ADP TA . -24.09 -49.19 -35.68
MG MG UA . -16.41 -46.03 -35.16
AL AF3 VA . -15.02 -44.08 -32.53
F1 AF3 VA . -15.48 -44.51 -34.14
F2 AF3 VA . -13.36 -43.44 -32.29
F3 AF3 VA . -16.35 -43.74 -31.50
PB ADP WA . -19.62 -10.88 -53.59
O1B ADP WA . -19.18 -10.90 -55.03
O2B ADP WA . -18.57 -11.35 -52.63
O3B ADP WA . -20.98 -11.49 -53.34
PA ADP WA . -20.35 -8.27 -54.33
O1A ADP WA . -19.23 -7.96 -55.30
O2A ADP WA . -21.02 -7.15 -53.57
O3A ADP WA . -19.78 -9.32 -53.26
O5' ADP WA . -21.51 -9.04 -55.14
C5' ADP WA . -22.79 -9.20 -54.53
C4' ADP WA . -23.90 -9.27 -55.56
O4' ADP WA . -24.15 -8.00 -56.16
C3' ADP WA . -23.64 -10.24 -56.70
O3' ADP WA . -24.37 -11.44 -56.47
C2' ADP WA . -24.16 -9.55 -57.94
O2' ADP WA . -25.20 -10.34 -58.53
C1' ADP WA . -24.73 -8.23 -57.45
N9 ADP WA . -24.42 -7.12 -58.39
C8 ADP WA . -23.20 -6.71 -58.76
N7 ADP WA . -23.27 -5.68 -59.63
C5 ADP WA . -24.57 -5.41 -59.83
C6 ADP WA . -25.36 -4.43 -60.63
N6 ADP WA . -24.75 -3.52 -61.42
N1 ADP WA . -26.70 -4.49 -60.55
C2 ADP WA . -27.33 -5.40 -59.78
N3 ADP WA . -26.68 -6.31 -59.03
C4 ADP WA . -25.33 -6.37 -59.01
MG MG XA . -18.14 -9.69 -56.28
AL AF3 YA . -16.23 -10.30 -53.11
F1 AF3 YA . -16.88 -9.80 -54.63
F2 AF3 YA . -14.56 -10.93 -53.05
F3 AF3 YA . -17.19 -9.88 -51.76
PB ADP ZA . 4.07 -58.13 1.12
O1B ADP ZA . 4.57 -59.25 1.99
O2B ADP ZA . 2.80 -57.49 1.60
O3B ADP ZA . 5.11 -57.14 0.68
PA ADP ZA . 2.18 -59.52 -0.49
O1A ADP ZA . 2.27 -60.28 -1.78
O2A ADP ZA . 1.12 -58.46 -0.32
O3A ADP ZA . 3.64 -58.86 -0.25
O5' ADP ZA . 1.99 -60.59 0.69
C5' ADP ZA . 1.34 -60.24 1.90
C4' ADP ZA . 0.94 -61.49 2.68
O4' ADP ZA . -0.11 -62.19 2.00
C3' ADP ZA . 2.08 -62.47 2.84
O3' ADP ZA . 2.54 -62.43 4.20
C2' ADP ZA . 1.49 -63.84 2.55
O2' ADP ZA . 1.67 -64.70 3.69
C1' ADP ZA . 0.02 -63.58 2.31
N9 ADP ZA . -0.51 -64.43 1.22
C8 ADP ZA . -0.12 -64.37 -0.08
N7 ADP ZA . -0.79 -65.29 -0.82
C5 ADP ZA . -1.62 -65.95 0.01
C6 ADP ZA . -2.61 -67.05 -0.12
N6 ADP ZA . -2.84 -67.64 -1.32
N1 ADP ZA . -3.25 -67.45 0.99
C2 ADP ZA . -3.02 -66.87 2.19
N3 ADP ZA . -2.15 -65.87 2.37
C4 ADP ZA . -1.42 -65.38 1.34
MG MG AB . 4.34 -60.16 -1.62
AL AF3 BB . 4.95 -56.51 -1.76
F1 AF3 BB . 4.86 -58.23 -1.93
F2 AF3 BB . 6.47 -55.67 -2.20
F3 AF3 BB . 3.63 -55.80 -0.93
PB ADP CB . 28.66 44.07 -26.18
O1B ADP CB . 29.44 43.21 -25.23
O2B ADP CB . 27.39 43.44 -26.69
O3B ADP CB . 29.50 44.71 -27.26
PA ADP CB . 29.24 46.19 -24.49
O1A ADP CB . 30.59 45.94 -25.10
O2A ADP CB . 29.01 46.06 -23.00
O3A ADP CB . 28.17 45.29 -25.28
O5' ADP CB . 28.75 47.64 -24.97
C5' ADP CB . 29.40 48.21 -26.10
C4' ADP CB . 28.72 49.53 -26.47
O4' ADP CB . 29.02 50.49 -25.47
C3' ADP CB . 29.25 50.03 -27.79
O3' ADP CB . 28.18 50.26 -28.69
C2' ADP CB . 29.94 51.35 -27.47
O2' ADP CB . 29.49 52.35 -28.40
C1' ADP CB . 29.49 51.69 -26.07
N9 ADP CB . 30.63 52.23 -25.28
C8 ADP CB . 31.79 51.60 -25.04
N7 ADP CB . 32.61 52.37 -24.29
C5 ADP CB . 31.98 53.53 -24.04
C6 ADP CB . 32.27 54.78 -23.31
N6 ADP CB . 33.45 54.96 -22.68
N1 ADP CB . 31.32 55.73 -23.31
C2 ADP CB . 30.14 55.57 -23.94
N3 ADP CB . 29.81 54.46 -24.61
C4 ADP CB . 30.67 53.42 -24.71
MG MG DB . 31.57 44.90 -26.72
AL AF3 EB . 30.58 41.08 -25.90
F1 AF3 EB . 31.41 42.61 -25.87
F2 AF3 EB . 31.47 39.61 -26.45
F3 AF3 EB . 29.03 41.11 -25.19
PB ADP FB . 30.69 -40.77 26.43
O1B ADP FB . 31.77 -41.15 27.40
O2B ADP FB . 31.18 -40.08 25.18
O3B ADP FB . 29.47 -40.15 27.06
PA ADP FB . 29.24 -43.20 26.72
O1A ADP FB . 29.35 -44.54 26.06
O2A ADP FB . 27.88 -42.56 26.91
O3A ADP FB . 30.16 -42.18 25.86
O5' ADP FB . 29.93 -43.32 28.17
C5' ADP FB . 29.46 -42.51 29.24
C4' ADP FB . 29.65 -43.24 30.56
O4' ADP FB . 28.92 -44.47 30.59
C3' ADP FB . 31.10 -43.59 30.85
O3' ADP FB . 31.62 -42.72 31.85
C2' ADP FB . 31.07 -45.01 31.39
O2' ADP FB . 31.65 -45.05 32.70
C1' ADP FB . 29.60 -45.37 31.47
N9 ADP FB . 29.36 -46.78 31.10
C8 ADP FB . 29.63 -47.35 29.91
N7 ADP FB . 29.32 -48.67 29.90
C5 ADP FB . 28.84 -48.96 31.13
C6 ADP FB . 28.31 -50.17 31.80
N6 ADP FB . 28.24 -51.36 31.15
N1 ADP FB . 27.91 -50.06 33.09
C2 ADP FB . 27.97 -48.88 33.73
N3 ADP FB . 28.43 -47.75 33.18
C4 ADP FB . 28.87 -47.73 31.90
MG MG GB . 31.62 -43.39 25.26
AL AF3 HB . 30.22 -40.45 23.84
F1 AF3 HB . 31.13 -41.91 23.97
F2 AF3 HB . 30.42 -39.45 22.37
F3 AF3 HB . 28.86 -40.39 24.90
PB ADP IB . 50.88 -4.26 29.24
O1B ADP IB . 52.34 -4.20 29.62
O2B ADP IB . 50.35 -3.00 28.63
O3B ADP IB . 50.49 -5.52 28.52
PA ADP IB . 50.29 -5.72 31.52
O1A ADP IB . 51.43 -6.51 30.94
O2A ADP IB . 48.93 -6.35 31.73
O3A ADP IB . 50.14 -4.38 30.65
O5' ADP IB . 50.82 -5.13 32.91
C5' ADP IB . 52.15 -5.42 33.31
C4' ADP IB . 52.44 -4.79 34.66
O4' ADP IB . 52.07 -5.70 35.70
C3' ADP IB . 53.93 -4.52 34.81
O3' ADP IB . 54.15 -3.11 34.89
C2' ADP IB . 54.34 -5.17 36.12
O2' ADP IB . 54.94 -4.20 36.98
C1' ADP IB . 53.05 -5.68 36.73
N9 ADP IB . 53.24 -7.04 37.30
C8 ADP IB . 53.49 -8.16 36.61
N7 ADP IB . 53.61 -9.22 37.45
C5 ADP IB . 53.44 -8.77 38.70
C6 ADP IB . 53.44 -9.36 40.06
N6 ADP IB . 53.65 -10.68 40.26
N1 ADP IB . 53.22 -8.53 41.10
C2 ADP IB . 53.00 -7.22 40.93
N3 ADP IB . 52.99 -6.63 39.73
C4 ADP IB . 53.20 -7.33 38.60
MG MG JB . 52.29 -6.26 29.19
AL AF3 KB . 50.07 -5.47 26.10
F1 AF3 KB . 51.02 -4.03 26.06
F2 AF3 KB . 48.75 -5.60 27.30
F3 AF3 KB . 50.76 -6.78 25.24
PB ADP LB . 49.79 31.57 5.88
O1B ADP LB . 49.86 30.14 6.36
O2B ADP LB . 48.54 31.89 5.10
O3B ADP LB . 51.06 32.09 5.27
PA ADP LB . 50.71 32.21 8.42
O1A ADP LB . 52.01 31.71 7.83
O2A ADP LB . 50.04 31.44 9.53
O3A ADP LB . 49.66 32.43 7.23
O5' ADP LB . 50.93 33.71 8.90
C5' ADP LB . 51.79 33.98 10.01
C4' ADP LB . 52.00 35.48 10.13
O4' ADP LB . 52.46 35.76 11.45
C3' ADP LB . 53.05 35.98 9.16
O3' ADP LB . 52.46 36.96 8.29
C2' ADP LB . 54.14 36.61 9.99
O2' ADP LB . 54.31 37.97 9.60
C1' ADP LB . 53.65 36.55 11.43
N9 ADP LB . 54.66 35.89 12.27
C8 ADP LB . 55.25 34.71 12.01
N7 ADP LB . 56.13 34.37 12.98
C5 ADP LB . 56.11 35.36 13.90
C6 ADP LB . 56.81 35.64 15.18
N6 ADP LB . 57.72 34.77 15.68
N1 ADP LB . 56.50 36.78 15.81
C2 ADP LB . 55.59 37.64 15.32
N3 ADP LB . 54.93 37.46 14.18
C4 ADP LB . 55.14 36.35 13.42
MG MG MB . 52.83 30.65 6.23
AL AF3 NB . 50.43 28.47 4.54
F1 AF3 NB . 51.63 29.07 5.65
F2 AF3 NB . 50.94 27.32 3.26
F3 AF3 NB . 48.81 28.81 5.00
#